data_7Q6I
#
_entry.id   7Q6I
#
_cell.length_a   98.692
_cell.length_b   119.993
_cell.length_c   329.788
_cell.angle_alpha   90.000
_cell.angle_beta   93.760
_cell.angle_gamma   90.000
#
_symmetry.space_group_name_H-M   'P 1 21 1'
#
loop_
_entity.id
_entity.type
_entity.pdbx_description
1 polymer 'Cell division protein FtsA'
2 polymer 'Cell division protein FtsN (polyAla model)'
3 non-polymer "ADENOSINE-5'-TRIPHOSPHATE"
4 non-polymer 'MAGNESIUM ION'
#
loop_
_entity_poly.entity_id
_entity_poly.type
_entity_poly.pdbx_seq_one_letter_code
_entity_poly.pdbx_strand_id
1 'polypeptide(L)'
;MTKTTDDNIIVGLDIGTATVSALVGEVLPDGQVNIIGAGSSPSRGMDKGGVNDLESVVKSVQRAVDQAELMAECQISSVF
ISLSGKHIASRIEKGMGTISEEEVSQDDMDRAIHTAKSIKIGDEQRILHVIPQEFTIDYQEGIKNPLGLSGVRMEVSVHL
ISCHNDMARNIIKAVERCGLKVEQLVFSGLASSNAVITEDERELGVCVVDIGAGTMDISIWTGGALRHTEVFSYAGNAVT
SDIAFAFGTPLSDAEEIKVKYGCALSELVSKDDTVNVPSVGGRPSRSLQRQTLAEVIEPRYTELMGLVNQTIDNVQAKLR
ENGVKHHLAAGVVLTGGAAQIEGVVECAERVFRNQVRVGKPLEVSGLTDYVKEPYHSTAVGLLHYARDSQDNDDND
;
A,B,C,D,E,F,G,H,I,J,K,L,M,N,O,P
2 'polypeptide(L)' MANRDYVRRGKGTSRRPAKKKTSGKKPWR(UNK)(UNK)(UNK)(UNK)(UNK)(UNK)(UNK)(UNK) X,Y
#
# COMPACT_ATOMS: atom_id res chain seq x y z
N ASN A 8 -10.55 12.47 42.15
CA ASN A 8 -9.64 13.30 41.37
C ASN A 8 -10.38 14.02 40.24
N ILE A 9 -10.77 13.26 39.21
CA ILE A 9 -11.48 13.80 38.06
C ILE A 9 -12.83 13.12 37.94
N ILE A 10 -13.84 13.90 37.56
CA ILE A 10 -15.21 13.41 37.44
C ILE A 10 -15.75 13.81 36.07
N VAL A 11 -16.59 12.95 35.50
CA VAL A 11 -17.08 13.12 34.13
C VAL A 11 -18.58 12.83 34.13
N GLY A 12 -19.34 13.70 33.48
CA GLY A 12 -20.76 13.49 33.29
C GLY A 12 -21.07 13.08 31.85
N LEU A 13 -22.33 12.69 31.64
CA LEU A 13 -22.76 12.21 30.32
C LEU A 13 -24.29 12.24 30.28
N ASP A 14 -24.84 13.40 29.93
CA ASP A 14 -26.30 13.54 29.77
C ASP A 14 -26.63 13.17 28.33
N ILE A 15 -26.92 11.90 28.11
CA ILE A 15 -27.31 11.41 26.79
C ILE A 15 -28.78 11.79 26.58
N GLY A 16 -29.02 12.99 26.06
CA GLY A 16 -30.36 13.49 25.90
C GLY A 16 -31.03 13.04 24.62
N THR A 17 -32.34 13.28 24.55
CA THR A 17 -33.12 12.92 23.37
C THR A 17 -32.76 13.76 22.16
N ALA A 18 -32.23 14.98 22.36
CA ALA A 18 -31.84 15.85 21.26
C ALA A 18 -30.34 16.13 21.24
N THR A 19 -29.77 16.59 22.34
CA THR A 19 -28.34 16.90 22.43
C THR A 19 -27.69 16.06 23.51
N VAL A 20 -26.45 15.64 23.25
CA VAL A 20 -25.65 14.88 24.22
C VAL A 20 -24.63 15.82 24.84
N SER A 21 -24.72 15.99 26.16
CA SER A 21 -23.80 16.83 26.91
C SER A 21 -22.81 15.95 27.67
N ALA A 22 -21.57 16.43 27.77
CA ALA A 22 -20.51 15.68 28.43
C ALA A 22 -19.57 16.67 29.10
N LEU A 23 -19.57 16.69 30.43
CA LEU A 23 -18.76 17.62 31.20
C LEU A 23 -17.69 16.87 31.99
N VAL A 24 -16.54 17.53 32.15
CA VAL A 24 -15.43 17.01 32.95
C VAL A 24 -15.05 18.07 33.96
N GLY A 25 -14.70 17.62 35.17
CA GLY A 25 -14.29 18.53 36.22
C GLY A 25 -13.37 17.82 37.19
N GLU A 26 -12.72 18.62 38.04
CA GLU A 26 -11.83 18.09 39.07
C GLU A 26 -12.34 18.50 40.44
N VAL A 27 -12.25 17.57 41.38
CA VAL A 27 -12.70 17.83 42.75
C VAL A 27 -11.59 18.56 43.50
N LEU A 28 -11.89 19.76 43.98
CA LEU A 28 -10.92 20.50 44.77
C LEU A 28 -10.97 20.02 46.22
N PRO A 29 -9.87 20.18 46.96
CA PRO A 29 -9.81 19.61 48.33
C PRO A 29 -10.96 20.05 49.24
N ASP A 30 -11.44 21.29 49.11
CA ASP A 30 -12.52 21.73 49.97
C ASP A 30 -13.85 21.08 49.58
N GLY A 31 -14.05 20.87 48.28
CA GLY A 31 -15.27 20.25 47.81
C GLY A 31 -15.80 20.86 46.52
N GLN A 32 -15.61 22.18 46.36
CA GLN A 32 -16.08 22.87 45.17
C GLN A 32 -15.48 22.26 43.91
N VAL A 33 -16.35 21.86 42.98
CA VAL A 33 -15.93 21.29 41.70
C VAL A 33 -15.93 22.37 40.63
N ASN A 34 -14.82 22.53 39.93
CA ASN A 34 -14.73 23.44 38.80
C ASN A 34 -14.65 22.64 37.50
N ILE A 35 -15.33 23.12 36.48
CA ILE A 35 -15.42 22.39 35.22
C ILE A 35 -14.20 22.71 34.36
N ILE A 36 -13.60 21.67 33.79
CA ILE A 36 -12.35 21.81 33.03
C ILE A 36 -12.68 21.86 31.55
N GLY A 37 -13.73 21.16 31.13
CA GLY A 37 -14.10 21.10 29.74
C GLY A 37 -15.52 20.66 29.48
N ALA A 38 -16.16 21.25 28.47
CA ALA A 38 -17.52 20.92 28.09
C ALA A 38 -17.51 20.11 26.79
N GLY A 39 -18.70 19.76 26.32
CA GLY A 39 -18.84 18.97 25.12
C GLY A 39 -20.29 18.73 24.76
N SER A 40 -20.65 18.98 23.51
CA SER A 40 -22.02 18.84 23.06
C SER A 40 -22.05 18.30 21.63
N SER A 41 -23.12 17.59 21.31
CA SER A 41 -23.29 17.00 19.98
C SER A 41 -24.74 16.57 19.78
N PRO A 42 -25.32 16.84 18.62
CA PRO A 42 -26.70 16.40 18.37
C PRO A 42 -26.78 14.88 18.37
N SER A 43 -27.84 14.35 18.98
CA SER A 43 -28.00 12.92 19.17
C SER A 43 -29.01 12.39 18.16
N ARG A 44 -28.56 11.47 17.31
CA ARG A 44 -29.45 10.75 16.41
C ARG A 44 -29.67 9.35 16.95
N GLY A 45 -30.88 8.83 16.78
CA GLY A 45 -31.21 7.51 17.28
C GLY A 45 -31.73 7.50 18.69
N MET A 46 -32.43 8.54 19.12
CA MET A 46 -32.97 8.63 20.46
C MET A 46 -34.43 9.03 20.42
N ASP A 47 -35.20 8.50 21.36
CA ASP A 47 -36.63 8.80 21.46
C ASP A 47 -37.09 8.53 22.88
N LYS A 48 -37.73 9.53 23.49
CA LYS A 48 -38.28 9.42 24.83
C LYS A 48 -37.23 8.94 25.83
N GLY A 49 -36.04 9.54 25.75
CA GLY A 49 -34.98 9.22 26.67
C GLY A 49 -34.38 7.84 26.53
N GLY A 50 -34.86 7.02 25.59
CA GLY A 50 -34.35 5.68 25.39
C GLY A 50 -33.69 5.53 24.03
N VAL A 51 -32.98 4.42 23.87
CA VAL A 51 -32.26 4.15 22.63
C VAL A 51 -33.24 3.71 21.57
N ASN A 52 -33.05 4.21 20.34
CA ASN A 52 -33.88 3.85 19.20
C ASN A 52 -33.07 3.41 18.00
N ASP A 53 -31.80 3.80 17.90
CA ASP A 53 -30.91 3.35 16.83
C ASP A 53 -29.52 3.32 17.44
N LEU A 54 -29.07 2.12 17.84
CA LEU A 54 -27.88 1.98 18.67
C LEU A 54 -26.64 2.56 18.00
N GLU A 55 -26.48 2.34 16.69
CA GLU A 55 -25.27 2.79 16.03
C GLU A 55 -25.22 4.31 15.92
N SER A 56 -26.37 4.97 15.87
CA SER A 56 -26.37 6.43 15.74
C SER A 56 -26.06 7.12 17.06
N VAL A 57 -26.51 6.57 18.17
CA VAL A 57 -26.22 7.18 19.47
C VAL A 57 -24.76 6.95 19.86
N VAL A 58 -24.19 5.82 19.47
CA VAL A 58 -22.79 5.53 19.77
C VAL A 58 -21.88 6.57 19.11
N LYS A 59 -22.18 6.96 17.86
CA LYS A 59 -21.43 8.02 17.22
C LYS A 59 -21.61 9.35 17.96
N SER A 60 -22.83 9.61 18.46
CA SER A 60 -23.09 10.86 19.16
C SER A 60 -22.34 10.93 20.48
N VAL A 61 -22.29 9.81 21.22
CA VAL A 61 -21.58 9.81 22.49
C VAL A 61 -20.09 10.01 22.27
N GLN A 62 -19.55 9.49 21.18
CA GLN A 62 -18.13 9.69 20.90
C GLN A 62 -17.85 11.11 20.45
N ARG A 63 -18.81 11.76 19.78
CA ARG A 63 -18.62 13.13 19.34
C ARG A 63 -18.42 14.07 20.52
N ALA A 64 -19.21 13.90 21.58
CA ALA A 64 -19.13 14.76 22.74
C ALA A 64 -17.97 14.36 23.66
N VAL A 65 -17.74 13.07 23.82
CA VAL A 65 -16.67 12.62 24.72
C VAL A 65 -15.29 12.93 24.15
N ASP A 66 -15.17 12.96 22.82
CA ASP A 66 -13.88 13.30 22.22
C ASP A 66 -13.60 14.79 22.29
N GLN A 67 -14.60 15.62 22.01
CA GLN A 67 -14.39 17.06 22.12
C GLN A 67 -14.26 17.53 23.57
N ALA A 68 -14.86 16.80 24.52
CA ALA A 68 -14.68 17.16 25.92
C ALA A 68 -13.33 16.71 26.46
N GLU A 69 -12.84 15.53 26.02
CA GLU A 69 -11.52 15.08 26.44
C GLU A 69 -10.43 15.99 25.90
N LEU A 70 -10.72 16.73 24.83
CA LEU A 70 -9.82 17.67 24.18
C LEU A 70 -9.87 19.04 24.84
N MET A 71 -11.06 19.50 25.22
CA MET A 71 -11.18 20.78 25.89
C MET A 71 -10.72 20.72 27.35
N ALA A 72 -10.27 19.55 27.82
CA ALA A 72 -9.79 19.41 29.18
C ALA A 72 -8.38 18.85 29.30
N GLU A 73 -7.72 18.55 28.18
CA GLU A 73 -6.34 18.06 28.17
C GLU A 73 -6.16 16.86 29.10
N CYS A 74 -7.08 15.90 28.98
CA CYS A 74 -7.04 14.71 29.81
C CYS A 74 -7.81 13.60 29.12
N GLN A 75 -7.45 12.36 29.43
CA GLN A 75 -8.09 11.19 28.84
C GLN A 75 -9.28 10.76 29.71
N ILE A 76 -10.41 10.53 29.06
CA ILE A 76 -11.63 10.10 29.74
C ILE A 76 -11.63 8.58 29.83
N SER A 77 -11.98 8.05 30.99
CA SER A 77 -11.98 6.60 31.21
C SER A 77 -13.25 6.09 31.86
N SER A 78 -13.83 6.85 32.78
CA SER A 78 -15.06 6.47 33.47
C SER A 78 -16.01 7.65 33.50
N VAL A 79 -17.30 7.36 33.39
CA VAL A 79 -18.32 8.39 33.25
C VAL A 79 -19.49 8.09 34.17
N PHE A 80 -20.18 9.15 34.59
CA PHE A 80 -21.47 9.05 35.26
C PHE A 80 -22.53 9.46 34.25
N ILE A 81 -23.46 8.54 33.97
CA ILE A 81 -24.45 8.76 32.92
C ILE A 81 -25.82 8.94 33.53
N SER A 82 -26.64 9.74 32.86
CA SER A 82 -28.02 9.98 33.28
C SER A 82 -28.95 8.94 32.66
N LEU A 83 -30.17 8.88 33.19
CA LEU A 83 -31.16 7.93 32.72
C LEU A 83 -32.56 8.46 33.01
N SER A 84 -33.45 8.30 32.05
CA SER A 84 -34.83 8.73 32.19
C SER A 84 -35.73 7.83 31.36
N GLY A 85 -37.02 8.10 31.43
CA GLY A 85 -38.02 7.36 30.67
C GLY A 85 -39.27 7.14 31.50
N LYS A 86 -40.38 6.86 30.80
CA LYS A 86 -41.64 6.60 31.48
C LYS A 86 -41.54 5.41 32.41
N HIS A 87 -40.62 4.49 32.14
CA HIS A 87 -40.50 3.28 32.95
C HIS A 87 -39.95 3.53 34.34
N ILE A 88 -39.41 4.72 34.61
CA ILE A 88 -38.87 5.02 35.93
C ILE A 88 -40.01 5.13 36.94
N ALA A 89 -39.87 4.41 38.05
CA ALA A 89 -40.89 4.38 39.08
C ALA A 89 -40.22 4.51 40.44
N SER A 90 -41.01 4.95 41.43
CA SER A 90 -40.52 5.19 42.77
C SER A 90 -41.33 4.40 43.78
N ARG A 91 -40.65 3.87 44.80
CA ARG A 91 -41.28 3.10 45.86
C ARG A 91 -40.75 3.61 47.20
N ILE A 92 -41.58 3.47 48.23
CA ILE A 92 -41.23 3.88 49.59
C ILE A 92 -41.45 2.69 50.50
N GLU A 93 -40.38 2.25 51.15
CA GLU A 93 -40.40 1.08 52.03
C GLU A 93 -39.73 1.42 53.34
N LYS A 94 -40.34 0.98 54.43
CA LYS A 94 -39.82 1.23 55.77
C LYS A 94 -38.96 0.05 56.23
N GLY A 95 -38.12 0.30 57.23
CA GLY A 95 -37.22 -0.69 57.76
C GLY A 95 -37.00 -0.45 59.24
N MET A 96 -36.24 -1.35 59.85
CA MET A 96 -36.05 -1.31 61.29
C MET A 96 -34.64 -1.74 61.63
N GLY A 97 -34.20 -1.39 62.84
CA GLY A 97 -32.89 -1.80 63.30
C GLY A 97 -32.62 -1.46 64.75
N THR A 98 -31.83 -2.29 65.41
CA THR A 98 -31.45 -2.04 66.80
C THR A 98 -30.30 -1.04 66.86
N ILE A 99 -30.25 -0.28 67.96
CA ILE A 99 -29.17 0.67 68.19
C ILE A 99 -28.23 0.09 69.22
N SER A 100 -27.15 -0.55 68.77
CA SER A 100 -26.21 -1.18 69.69
C SER A 100 -25.50 -0.14 70.54
N GLU A 101 -25.26 -0.50 71.81
CA GLU A 101 -24.57 0.35 72.80
C GLU A 101 -25.14 1.77 72.84
N GLU A 102 -26.46 1.87 72.70
CA GLU A 102 -27.24 3.10 72.83
C GLU A 102 -26.62 4.31 72.13
N GLU A 103 -25.94 4.07 71.00
CA GLU A 103 -25.39 5.15 70.20
C GLU A 103 -25.55 4.77 68.73
N VAL A 104 -26.21 5.63 67.97
CA VAL A 104 -26.53 5.34 66.57
C VAL A 104 -25.30 5.56 65.70
N SER A 105 -24.40 4.59 65.72
CA SER A 105 -23.23 4.65 64.86
C SER A 105 -23.63 4.40 63.41
N GLN A 106 -22.75 4.81 62.49
CA GLN A 106 -23.02 4.63 61.06
C GLN A 106 -23.26 3.18 60.71
N ASP A 107 -22.58 2.25 61.39
CA ASP A 107 -22.83 0.82 61.19
C ASP A 107 -24.26 0.45 61.57
N ASP A 108 -24.85 1.17 62.52
CA ASP A 108 -26.26 0.97 62.81
C ASP A 108 -27.15 1.59 61.73
N MET A 109 -26.70 2.68 61.10
CA MET A 109 -27.54 3.37 60.13
C MET A 109 -27.67 2.63 58.81
N ASP A 110 -26.64 1.92 58.35
CA ASP A 110 -26.76 1.21 57.09
C ASP A 110 -27.52 -0.10 57.25
N ARG A 111 -27.53 -0.66 58.46
CA ARG A 111 -28.29 -1.89 58.70
C ARG A 111 -29.79 -1.62 58.58
N ALA A 112 -30.26 -0.51 59.15
CA ALA A 112 -31.67 -0.17 59.06
C ALA A 112 -32.06 0.11 57.60
N ILE A 113 -31.14 0.71 56.83
CA ILE A 113 -31.42 0.98 55.43
C ILE A 113 -31.44 -0.32 54.65
N HIS A 114 -30.52 -1.24 54.97
CA HIS A 114 -30.47 -2.52 54.29
C HIS A 114 -31.78 -3.29 54.46
N THR A 115 -32.39 -3.21 55.64
CA THR A 115 -33.64 -3.93 55.89
C THR A 115 -34.76 -3.38 55.01
N ALA A 116 -34.90 -2.06 54.97
CA ALA A 116 -35.93 -1.45 54.12
C ALA A 116 -35.63 -1.62 52.65
N LYS A 117 -34.37 -1.81 52.28
CA LYS A 117 -33.97 -1.92 50.88
C LYS A 117 -34.20 -3.31 50.32
N SER A 118 -34.04 -4.35 51.13
CA SER A 118 -34.16 -5.73 50.68
C SER A 118 -35.63 -6.08 50.45
N ILE A 119 -36.06 -6.07 49.18
CA ILE A 119 -37.41 -6.45 48.79
C ILE A 119 -37.32 -7.29 47.54
N LYS A 120 -38.48 -7.82 47.12
CA LYS A 120 -38.60 -8.61 45.89
C LYS A 120 -39.21 -7.73 44.80
N ILE A 121 -38.47 -7.54 43.71
CA ILE A 121 -38.92 -6.66 42.64
C ILE A 121 -39.00 -7.40 41.31
N GLY A 122 -38.16 -8.41 41.12
CA GLY A 122 -38.06 -9.08 39.85
C GLY A 122 -36.84 -8.65 39.05
N ASP A 123 -36.71 -9.25 37.87
CA ASP A 123 -35.56 -8.97 37.03
C ASP A 123 -35.78 -7.78 36.11
N GLU A 124 -37.02 -7.53 35.70
CA GLU A 124 -37.31 -6.39 34.83
C GLU A 124 -37.01 -5.08 35.52
N GLN A 125 -37.03 -5.04 36.84
CA GLN A 125 -36.77 -3.83 37.59
C GLN A 125 -35.33 -3.82 38.09
N ARG A 126 -34.71 -2.65 38.01
CA ARG A 126 -33.32 -2.45 38.42
C ARG A 126 -33.29 -1.33 39.45
N ILE A 127 -32.69 -1.61 40.62
CA ILE A 127 -32.62 -0.59 41.65
C ILE A 127 -31.66 0.50 41.18
N LEU A 128 -32.05 1.74 41.41
CA LEU A 128 -31.27 2.88 40.92
C LEU A 128 -30.84 3.83 42.02
N HIS A 129 -31.73 4.13 42.96
CA HIS A 129 -31.41 5.03 44.06
C HIS A 129 -32.12 4.56 45.32
N VAL A 130 -31.42 4.61 46.43
CA VAL A 130 -31.99 4.36 47.76
C VAL A 130 -31.74 5.63 48.55
N ILE A 131 -32.78 6.42 48.76
CA ILE A 131 -32.65 7.75 49.35
C ILE A 131 -33.38 7.74 50.69
N PRO A 132 -32.66 7.74 51.82
CA PRO A 132 -33.33 7.85 53.12
C PRO A 132 -33.99 9.20 53.28
N GLN A 133 -35.29 9.17 53.59
CA GLN A 133 -36.05 10.41 53.76
C GLN A 133 -35.92 10.93 55.18
N GLU A 134 -36.88 10.59 56.04
CA GLU A 134 -36.89 11.05 57.42
C GLU A 134 -36.72 9.85 58.35
N PHE A 135 -35.78 9.96 59.28
CA PHE A 135 -35.49 8.92 60.27
C PHE A 135 -36.48 9.02 61.44
N THR A 136 -36.43 8.00 62.31
CA THR A 136 -37.22 8.01 63.54
C THR A 136 -36.51 7.19 64.61
N ILE A 137 -36.42 7.75 65.81
CA ILE A 137 -35.64 7.17 66.90
C ILE A 137 -36.44 7.23 68.21
N ASP A 138 -37.32 6.25 68.43
CA ASP A 138 -38.07 6.16 69.69
C ASP A 138 -38.98 7.36 69.91
N TYR A 139 -40.11 7.40 69.22
CA TYR A 139 -41.14 8.44 69.35
C TYR A 139 -40.67 9.78 68.78
N GLN A 140 -39.39 9.89 68.42
CA GLN A 140 -38.88 11.09 67.78
C GLN A 140 -38.81 10.79 66.29
N GLU A 141 -39.63 11.48 65.51
CA GLU A 141 -39.70 11.23 64.08
C GLU A 141 -39.14 12.43 63.32
N GLY A 142 -38.94 12.20 62.01
CA GLY A 142 -38.46 13.27 61.14
C GLY A 142 -37.09 13.81 61.47
N ILE A 143 -36.18 12.96 61.95
CA ILE A 143 -34.82 13.41 62.24
C ILE A 143 -33.94 13.18 61.02
N LYS A 144 -33.04 14.13 60.78
CA LYS A 144 -32.11 14.08 59.66
C LYS A 144 -30.69 13.98 60.22
N ASN A 145 -29.91 13.02 59.72
CA ASN A 145 -28.55 12.76 60.17
C ASN A 145 -28.49 12.66 61.68
N PRO A 146 -29.01 11.60 62.29
CA PRO A 146 -28.96 11.48 63.76
C PRO A 146 -27.62 10.97 64.29
N LEU A 147 -26.56 11.01 63.49
CA LEU A 147 -25.25 10.47 63.84
C LEU A 147 -24.75 10.87 65.23
N GLY A 148 -25.33 10.28 66.27
CA GLY A 148 -24.89 10.58 67.63
C GLY A 148 -26.02 10.80 68.61
N LEU A 149 -27.20 10.29 68.30
CA LEU A 149 -28.38 10.45 69.13
C LEU A 149 -28.63 9.16 69.90
N SER A 150 -28.62 9.25 71.23
CA SER A 150 -28.79 8.07 72.06
C SER A 150 -30.24 7.57 71.97
N GLY A 151 -30.41 6.31 71.59
CA GLY A 151 -31.71 5.69 71.46
C GLY A 151 -31.58 4.20 71.69
N VAL A 152 -32.71 3.49 71.53
CA VAL A 152 -32.73 2.05 71.72
C VAL A 152 -33.18 1.29 70.48
N ARG A 153 -33.77 1.97 69.49
CA ARG A 153 -34.15 1.33 68.24
C ARG A 153 -34.58 2.42 67.28
N MET A 154 -34.38 2.18 65.97
CA MET A 154 -34.69 3.20 64.98
C MET A 154 -35.29 2.56 63.74
N GLU A 155 -36.18 3.31 63.10
CA GLU A 155 -36.83 2.91 61.87
C GLU A 155 -36.55 3.96 60.80
N VAL A 156 -36.38 3.52 59.56
CA VAL A 156 -36.09 4.41 58.46
C VAL A 156 -37.21 4.31 57.44
N SER A 157 -37.34 5.35 56.61
CA SER A 157 -38.31 5.40 55.53
C SER A 157 -37.55 5.72 54.25
N VAL A 158 -37.06 4.68 53.58
CA VAL A 158 -36.19 4.86 52.42
C VAL A 158 -37.04 5.09 51.19
N HIS A 159 -36.51 5.91 50.26
CA HIS A 159 -37.12 6.15 48.98
C HIS A 159 -36.35 5.37 47.92
N LEU A 160 -37.06 4.56 47.15
CA LEU A 160 -36.43 3.67 46.18
C LEU A 160 -36.79 4.13 44.77
N ILE A 161 -35.77 4.39 43.96
CA ILE A 161 -35.95 4.71 42.55
C ILE A 161 -35.54 3.50 41.72
N SER A 162 -36.41 3.09 40.81
CA SER A 162 -36.16 1.91 39.98
C SER A 162 -36.56 2.22 38.54
N CYS A 163 -35.91 1.51 37.61
CA CYS A 163 -36.16 1.69 36.19
C CYS A 163 -36.14 0.32 35.52
N HIS A 164 -36.69 0.27 34.32
CA HIS A 164 -36.68 -0.97 33.55
C HIS A 164 -35.23 -1.35 33.23
N ASN A 165 -34.89 -2.61 33.50
CA ASN A 165 -33.50 -3.05 33.36
C ASN A 165 -33.04 -3.00 31.90
N ASP A 166 -33.84 -3.55 30.99
CA ASP A 166 -33.43 -3.63 29.59
C ASP A 166 -33.14 -2.25 29.01
N MET A 167 -34.02 -1.28 29.25
CA MET A 167 -33.79 0.07 28.75
C MET A 167 -32.52 0.69 29.34
N ALA A 168 -32.03 0.17 30.47
CA ALA A 168 -30.77 0.63 31.03
C ALA A 168 -29.58 -0.07 30.37
N ARG A 169 -29.73 -1.35 30.02
CA ARG A 169 -28.65 -2.08 29.37
C ARG A 169 -28.27 -1.42 28.05
N ASN A 170 -29.25 -0.89 27.31
CA ASN A 170 -28.97 -0.25 26.04
C ASN A 170 -28.11 0.99 26.23
N ILE A 171 -28.46 1.82 27.20
CA ILE A 171 -27.67 3.02 27.48
C ILE A 171 -26.27 2.64 27.93
N ILE A 172 -26.15 1.59 28.73
CA ILE A 172 -24.84 1.10 29.14
C ILE A 172 -24.06 0.58 27.94
N LYS A 173 -24.73 -0.23 27.09
CA LYS A 173 -24.06 -0.76 25.91
C LYS A 173 -23.53 0.35 25.01
N ALA A 174 -24.27 1.45 24.88
CA ALA A 174 -23.82 2.55 24.02
C ALA A 174 -22.52 3.15 24.54
N VAL A 175 -22.47 3.43 25.84
CA VAL A 175 -21.28 4.05 26.42
C VAL A 175 -20.10 3.06 26.43
N GLU A 176 -20.37 1.79 26.71
CA GLU A 176 -19.30 0.81 26.78
C GLU A 176 -18.64 0.56 25.43
N ARG A 177 -19.36 0.78 24.33
CA ARG A 177 -18.78 0.58 23.01
C ARG A 177 -17.81 1.69 22.61
N CYS A 178 -17.68 2.74 23.42
CA CYS A 178 -16.73 3.82 23.16
C CYS A 178 -15.48 3.71 24.03
N GLY A 179 -15.25 2.55 24.64
CA GLY A 179 -14.10 2.38 25.51
C GLY A 179 -14.26 2.92 26.91
N LEU A 180 -15.46 3.38 27.28
CA LEU A 180 -15.71 3.97 28.58
C LEU A 180 -16.31 2.95 29.54
N LYS A 181 -16.10 3.19 30.83
CA LYS A 181 -16.68 2.38 31.89
C LYS A 181 -17.71 3.23 32.64
N VAL A 182 -18.90 2.66 32.84
CA VAL A 182 -19.95 3.38 33.55
C VAL A 182 -19.75 3.21 35.05
N GLU A 183 -19.85 4.32 35.78
CA GLU A 183 -19.72 4.27 37.24
C GLU A 183 -21.05 3.99 37.91
N GLN A 184 -22.06 4.79 37.60
CA GLN A 184 -23.39 4.60 38.16
C GLN A 184 -24.41 5.26 37.24
N LEU A 185 -25.62 4.71 37.24
CA LEU A 185 -26.73 5.32 36.52
C LEU A 185 -27.48 6.24 37.47
N VAL A 186 -27.90 7.39 36.96
CA VAL A 186 -28.53 8.42 37.76
C VAL A 186 -29.82 8.86 37.08
N PHE A 187 -30.89 8.94 37.86
CA PHE A 187 -32.16 9.44 37.34
C PHE A 187 -31.99 10.89 36.92
N SER A 188 -32.48 11.21 35.71
CA SER A 188 -32.25 12.53 35.14
C SER A 188 -32.82 13.63 36.03
N GLY A 189 -34.08 13.49 36.46
CA GLY A 189 -34.70 14.51 37.28
C GLY A 189 -34.03 14.71 38.62
N LEU A 190 -33.36 13.68 39.13
CA LEU A 190 -32.62 13.81 40.38
C LEU A 190 -31.40 14.70 40.19
N ALA A 191 -30.63 14.46 39.13
CA ALA A 191 -29.51 15.35 38.83
C ALA A 191 -29.99 16.73 38.39
N SER A 192 -31.09 16.78 37.60
CA SER A 192 -31.68 18.05 37.21
C SER A 192 -32.17 18.86 38.40
N SER A 193 -32.31 18.23 39.56
CA SER A 193 -32.73 18.93 40.77
C SER A 193 -31.56 19.31 41.67
N ASN A 194 -30.50 18.49 41.68
CA ASN A 194 -29.34 18.77 42.50
C ASN A 194 -28.57 20.01 42.07
N ALA A 195 -28.76 20.47 40.84
CA ALA A 195 -27.98 21.58 40.29
C ALA A 195 -28.80 22.84 40.05
N VAL A 196 -30.08 22.84 40.43
CA VAL A 196 -30.95 24.00 40.23
C VAL A 196 -31.57 24.49 41.54
N ILE A 197 -31.52 23.69 42.59
CA ILE A 197 -32.20 23.97 43.85
C ILE A 197 -31.21 24.43 44.90
N THR A 198 -31.68 25.35 45.75
CA THR A 198 -30.97 25.71 46.96
C THR A 198 -31.52 24.88 48.12
N GLU A 199 -30.65 24.63 49.12
CA GLU A 199 -31.08 23.82 50.26
C GLU A 199 -32.29 24.40 50.96
N ASP A 200 -32.43 25.73 50.96
CA ASP A 200 -33.63 26.35 51.53
C ASP A 200 -34.89 25.90 50.81
N GLU A 201 -34.89 25.93 49.48
CA GLU A 201 -36.08 25.55 48.73
C GLU A 201 -36.49 24.12 49.01
N ARG A 202 -35.51 23.24 49.22
CA ARG A 202 -35.79 21.84 49.50
C ARG A 202 -36.67 21.67 50.73
N GLU A 203 -36.34 22.38 51.82
CA GLU A 203 -37.08 22.22 53.06
C GLU A 203 -38.49 22.80 53.01
N LEU A 204 -38.69 23.90 52.27
CA LEU A 204 -40.03 24.46 52.17
C LEU A 204 -40.95 23.59 51.33
N GLY A 205 -40.44 22.99 50.27
CA GLY A 205 -41.28 22.19 49.40
C GLY A 205 -41.25 22.70 47.97
N VAL A 206 -40.74 21.87 47.06
CA VAL A 206 -40.52 22.27 45.67
C VAL A 206 -40.97 21.16 44.73
N CYS A 207 -41.25 21.55 43.49
CA CYS A 207 -41.46 20.61 42.38
C CYS A 207 -40.57 21.02 41.22
N VAL A 208 -39.66 20.14 40.82
CA VAL A 208 -38.80 20.40 39.67
C VAL A 208 -39.28 19.54 38.51
N VAL A 209 -38.98 19.99 37.29
CA VAL A 209 -39.36 19.30 36.06
C VAL A 209 -38.36 19.59 34.95
N ASP A 210 -37.64 18.56 34.51
CA ASP A 210 -36.68 18.69 33.42
C ASP A 210 -37.46 18.61 32.12
N ILE A 211 -37.99 19.75 31.68
CA ILE A 211 -38.68 19.81 30.39
C ILE A 211 -37.63 19.75 29.29
N GLY A 212 -37.76 18.76 28.41
CA GLY A 212 -36.72 18.56 27.43
C GLY A 212 -37.22 18.20 26.06
N ALA A 213 -36.43 17.42 25.31
CA ALA A 213 -36.85 17.02 23.97
C ALA A 213 -37.94 15.96 24.02
N GLY A 214 -37.74 14.91 24.81
CA GLY A 214 -38.65 13.79 24.83
C GLY A 214 -39.06 13.29 26.20
N THR A 215 -38.57 13.93 27.27
CA THR A 215 -38.84 13.44 28.61
C THR A 215 -39.22 14.59 29.54
N MET A 216 -40.13 14.31 30.45
CA MET A 216 -40.61 15.25 31.47
C MET A 216 -40.27 14.66 32.84
N ASP A 217 -39.06 14.95 33.32
CA ASP A 217 -38.55 14.35 34.55
C ASP A 217 -39.00 15.17 35.75
N ILE A 218 -39.96 14.64 36.51
CA ILE A 218 -40.54 15.33 37.66
C ILE A 218 -39.90 14.78 38.94
N SER A 219 -39.57 15.69 39.86
CA SER A 219 -39.10 15.30 41.19
C SER A 219 -39.77 16.22 42.21
N ILE A 220 -40.30 15.64 43.28
CA ILE A 220 -41.05 16.37 44.30
C ILE A 220 -40.29 16.29 45.61
N TRP A 221 -40.06 17.44 46.24
CA TRP A 221 -39.34 17.52 47.51
C TRP A 221 -40.20 18.27 48.51
N THR A 222 -40.40 17.69 49.69
CA THR A 222 -40.99 18.38 50.83
C THR A 222 -40.21 18.02 52.08
N GLY A 223 -40.05 18.99 52.98
CA GLY A 223 -39.33 18.75 54.22
C GLY A 223 -37.89 18.35 54.04
N GLY A 224 -37.26 18.77 52.95
CA GLY A 224 -35.87 18.45 52.72
C GLY A 224 -35.58 17.03 52.32
N ALA A 225 -36.56 16.31 51.78
CA ALA A 225 -36.36 14.94 51.35
C ALA A 225 -37.14 14.69 50.06
N LEU A 226 -36.55 13.89 49.17
CA LEU A 226 -37.21 13.54 47.91
C LEU A 226 -38.36 12.59 48.21
N ARG A 227 -39.59 13.00 47.84
CA ARG A 227 -40.78 12.22 48.15
C ARG A 227 -41.25 11.35 46.97
N HIS A 228 -41.26 11.88 45.76
CA HIS A 228 -41.79 11.13 44.63
C HIS A 228 -41.06 11.53 43.35
N THR A 229 -41.04 10.61 42.39
CA THR A 229 -40.44 10.84 41.08
C THR A 229 -41.32 10.19 40.01
N GLU A 230 -41.64 10.95 38.97
CA GLU A 230 -42.45 10.44 37.87
C GLU A 230 -41.97 11.10 36.58
N VAL A 231 -42.07 10.36 35.49
CA VAL A 231 -41.57 10.81 34.19
C VAL A 231 -42.65 10.60 33.14
N PHE A 232 -42.78 11.57 32.23
CA PHE A 232 -43.69 11.48 31.10
C PHE A 232 -42.90 11.58 29.81
N SER A 233 -43.47 11.02 28.74
CA SER A 233 -42.78 10.93 27.47
C SER A 233 -43.18 12.00 26.47
N TYR A 234 -44.07 12.92 26.83
CA TYR A 234 -44.47 14.01 25.97
C TYR A 234 -43.73 15.27 26.39
N ALA A 235 -42.88 15.80 25.50
CA ALA A 235 -42.05 16.95 25.85
C ALA A 235 -41.95 17.94 24.70
N GLY A 236 -40.78 18.57 24.56
CA GLY A 236 -40.59 19.61 23.55
C GLY A 236 -40.79 19.13 22.13
N ASN A 237 -40.49 17.85 21.86
CA ASN A 237 -40.71 17.33 20.52
C ASN A 237 -42.20 17.23 20.17
N ALA A 238 -43.08 17.33 21.15
CA ALA A 238 -44.52 17.29 20.87
C ALA A 238 -45.00 18.63 20.32
N VAL A 239 -44.60 19.73 20.93
CA VAL A 239 -45.01 21.04 20.43
C VAL A 239 -44.30 21.36 19.12
N THR A 240 -43.07 20.87 18.94
CA THR A 240 -42.40 21.03 17.65
C THR A 240 -43.21 20.38 16.53
N SER A 241 -43.71 19.18 16.76
CA SER A 241 -44.53 18.50 15.75
C SER A 241 -45.85 19.23 15.53
N ASP A 242 -46.46 19.75 16.59
CA ASP A 242 -47.72 20.46 16.45
C ASP A 242 -47.60 21.66 15.51
N ILE A 243 -46.47 22.37 15.60
CA ILE A 243 -46.26 23.50 14.69
C ILE A 243 -46.15 23.00 13.26
N ALA A 244 -45.40 21.92 13.04
CA ALA A 244 -45.25 21.38 11.70
C ALA A 244 -46.56 20.85 11.15
N PHE A 245 -47.30 20.08 11.96
CA PHE A 245 -48.50 19.42 11.49
C PHE A 245 -49.69 20.37 11.31
N ALA A 246 -49.61 21.59 11.85
CA ALA A 246 -50.71 22.53 11.74
C ALA A 246 -50.50 23.59 10.67
N PHE A 247 -49.26 23.78 10.21
CA PHE A 247 -48.96 24.79 9.21
C PHE A 247 -48.43 24.22 7.91
N GLY A 248 -48.24 22.90 7.82
CA GLY A 248 -47.68 22.31 6.62
C GLY A 248 -46.23 22.68 6.37
N THR A 249 -45.43 22.75 7.42
CA THR A 249 -44.03 23.13 7.34
C THR A 249 -43.15 21.96 7.76
N PRO A 250 -42.00 21.76 7.12
CA PRO A 250 -41.12 20.66 7.51
C PRO A 250 -40.69 20.76 8.96
N LEU A 251 -40.42 19.59 9.56
CA LEU A 251 -39.99 19.54 10.96
C LEU A 251 -38.72 20.35 11.19
N SER A 252 -37.77 20.28 10.24
CA SER A 252 -36.55 21.04 10.37
C SER A 252 -36.83 22.54 10.50
N ASP A 253 -37.79 23.05 9.74
CA ASP A 253 -38.13 24.47 9.80
C ASP A 253 -39.06 24.78 10.96
N ALA A 254 -39.95 23.84 11.31
CA ALA A 254 -40.87 24.08 12.42
C ALA A 254 -40.14 24.23 13.74
N GLU A 255 -39.02 23.53 13.91
CA GLU A 255 -38.24 23.67 15.13
C GLU A 255 -37.65 25.08 15.26
N GLU A 256 -37.13 25.63 14.16
CA GLU A 256 -36.54 26.96 14.20
C GLU A 256 -37.59 28.02 14.52
N ILE A 257 -38.80 27.87 13.97
CA ILE A 257 -39.87 28.81 14.27
C ILE A 257 -40.25 28.75 15.74
N LYS A 258 -40.17 27.56 16.34
CA LYS A 258 -40.47 27.40 17.76
C LYS A 258 -39.44 28.13 18.62
N VAL A 259 -38.15 27.93 18.33
CA VAL A 259 -37.11 28.47 19.18
C VAL A 259 -36.98 29.98 19.01
N LYS A 260 -37.29 30.51 17.82
CA LYS A 260 -37.05 31.93 17.54
C LYS A 260 -38.27 32.81 17.77
N TYR A 261 -39.49 32.29 17.58
CA TYR A 261 -40.69 33.11 17.71
C TYR A 261 -41.76 32.46 18.57
N GLY A 262 -41.45 31.38 19.28
CA GLY A 262 -42.46 30.67 20.05
C GLY A 262 -42.79 31.40 21.35
N CYS A 263 -44.06 31.35 21.72
CA CYS A 263 -44.55 31.91 22.97
C CYS A 263 -45.55 30.95 23.58
N ALA A 264 -45.44 30.75 24.89
CA ALA A 264 -46.31 29.82 25.60
C ALA A 264 -47.67 30.42 25.97
N LEU A 265 -47.92 31.68 25.64
CA LEU A 265 -49.19 32.32 25.94
C LEU A 265 -49.61 33.19 24.78
N SER A 266 -50.82 32.97 24.26
CA SER A 266 -51.29 33.62 23.05
C SER A 266 -51.81 35.03 23.33
N GLU A 267 -51.31 35.67 24.38
CA GLU A 267 -51.68 37.04 24.69
C GLU A 267 -50.48 37.95 24.97
N LEU A 268 -49.28 37.40 25.13
CA LEU A 268 -48.09 38.23 25.29
C LEU A 268 -47.52 38.72 23.96
N VAL A 269 -47.98 38.19 22.85
CA VAL A 269 -47.52 38.60 21.52
C VAL A 269 -48.51 39.60 20.94
N SER A 270 -47.98 40.60 20.24
CA SER A 270 -48.82 41.62 19.61
C SER A 270 -49.38 41.12 18.28
N LYS A 271 -50.51 41.69 17.88
CA LYS A 271 -51.11 41.33 16.61
C LYS A 271 -50.28 41.80 15.43
N ASP A 272 -49.46 42.83 15.61
CA ASP A 272 -48.62 43.37 14.54
C ASP A 272 -47.27 42.66 14.45
N ASP A 273 -47.20 41.41 14.88
CA ASP A 273 -45.99 40.60 14.75
C ASP A 273 -46.25 39.47 13.77
N THR A 274 -45.29 39.24 12.88
CA THR A 274 -45.44 38.26 11.81
C THR A 274 -44.17 37.44 11.70
N VAL A 275 -44.32 36.21 11.23
CA VAL A 275 -43.22 35.28 11.05
C VAL A 275 -43.31 34.67 9.66
N ASN A 276 -42.16 34.31 9.11
CA ASN A 276 -42.07 33.70 7.79
C ASN A 276 -42.03 32.19 7.96
N VAL A 277 -43.18 31.54 7.79
CA VAL A 277 -43.25 30.08 7.87
C VAL A 277 -43.16 29.56 6.44
N PRO A 278 -42.25 28.62 6.17
CA PRO A 278 -42.10 28.10 4.81
C PRO A 278 -43.21 27.10 4.48
N SER A 279 -43.16 26.59 3.25
CA SER A 279 -44.12 25.59 2.79
C SER A 279 -43.35 24.44 2.15
N VAL A 280 -44.10 23.44 1.70
CA VAL A 280 -43.53 22.25 1.10
C VAL A 280 -44.15 22.09 -0.28
N GLY A 281 -43.47 21.35 -1.15
CA GLY A 281 -43.93 21.13 -2.51
C GLY A 281 -43.30 22.02 -3.54
N GLY A 282 -42.79 23.19 -3.13
CA GLY A 282 -42.33 24.19 -4.08
C GLY A 282 -43.25 25.39 -4.08
N ARG A 283 -43.82 25.67 -2.93
CA ARG A 283 -44.74 26.77 -2.70
C ARG A 283 -44.00 27.95 -2.08
N PRO A 284 -44.52 29.17 -2.23
CA PRO A 284 -43.85 30.33 -1.64
C PRO A 284 -44.05 30.36 -0.14
N SER A 285 -43.03 30.86 0.56
CA SER A 285 -43.10 30.96 2.01
C SER A 285 -44.08 32.05 2.41
N ARG A 286 -45.14 31.67 3.12
CA ARG A 286 -46.15 32.63 3.54
C ARG A 286 -45.73 33.33 4.82
N SER A 287 -46.10 34.60 4.94
CA SER A 287 -45.90 35.37 6.16
C SER A 287 -47.12 35.18 7.05
N LEU A 288 -46.91 34.63 8.23
CA LEU A 288 -48.00 34.21 9.10
C LEU A 288 -47.94 34.97 10.42
N GLN A 289 -49.11 35.16 11.02
CA GLN A 289 -49.23 35.90 12.27
C GLN A 289 -48.46 35.20 13.39
N ARG A 290 -47.65 35.97 14.11
CA ARG A 290 -46.93 35.43 15.25
C ARG A 290 -47.89 35.00 16.36
N GLN A 291 -49.06 35.64 16.45
CA GLN A 291 -50.06 35.22 17.41
C GLN A 291 -50.57 33.82 17.10
N THR A 292 -50.81 33.53 15.82
CA THR A 292 -51.30 32.20 15.44
C THR A 292 -50.31 31.11 15.85
N LEU A 293 -49.02 31.39 15.76
CA LEU A 293 -48.02 30.42 16.19
C LEU A 293 -48.14 30.13 17.68
N ALA A 294 -48.27 31.17 18.50
CA ALA A 294 -48.43 30.99 19.93
C ALA A 294 -49.75 30.31 20.28
N GLU A 295 -50.77 30.46 19.43
CA GLU A 295 -52.05 29.82 19.69
C GLU A 295 -51.99 28.30 19.56
N VAL A 296 -50.94 27.77 18.93
CA VAL A 296 -50.75 26.33 18.88
C VAL A 296 -49.85 25.84 20.02
N ILE A 297 -48.88 26.65 20.43
CA ILE A 297 -47.97 26.24 21.50
C ILE A 297 -48.66 26.31 22.86
N GLU A 298 -49.59 27.25 23.04
CA GLU A 298 -50.25 27.40 24.34
C GLU A 298 -51.00 26.16 24.79
N PRO A 299 -51.86 25.53 23.97
CA PRO A 299 -52.62 24.38 24.49
C PRO A 299 -51.74 23.20 24.91
N ARG A 300 -50.65 22.94 24.19
CA ARG A 300 -49.79 21.83 24.55
C ARG A 300 -49.10 22.05 25.88
N TYR A 301 -48.56 23.25 26.10
CA TYR A 301 -47.88 23.53 27.37
C TYR A 301 -48.84 23.44 28.55
N THR A 302 -50.07 23.89 28.37
CA THR A 302 -51.07 23.77 29.44
C THR A 302 -51.32 22.29 29.77
N GLU A 303 -51.50 21.47 28.73
CA GLU A 303 -51.70 20.05 28.94
C GLU A 303 -50.48 19.40 29.59
N LEU A 304 -49.28 19.80 29.16
CA LEU A 304 -48.06 19.23 29.74
C LEU A 304 -47.97 19.57 31.23
N MET A 305 -48.15 20.84 31.57
CA MET A 305 -48.15 21.22 32.99
C MET A 305 -49.35 20.64 33.71
N GLY A 306 -50.45 20.40 32.99
CA GLY A 306 -51.58 19.72 33.61
C GLY A 306 -51.22 18.34 34.14
N LEU A 307 -50.32 17.65 33.43
CA LEU A 307 -49.84 16.36 33.93
C LEU A 307 -49.05 16.53 35.23
N VAL A 308 -48.23 17.58 35.32
CA VAL A 308 -47.49 17.83 36.56
C VAL A 308 -48.44 18.25 37.66
N ASN A 309 -49.47 19.05 37.32
CA ASN A 309 -50.43 19.46 38.33
C ASN A 309 -51.19 18.26 38.87
N GLN A 310 -51.64 17.39 37.96
CA GLN A 310 -52.33 16.17 38.39
C GLN A 310 -51.41 15.29 39.21
N THR A 311 -50.11 15.28 38.90
CA THR A 311 -49.16 14.51 39.67
C THR A 311 -48.95 15.10 41.06
N ILE A 312 -48.83 16.43 41.15
CA ILE A 312 -48.68 17.09 42.45
C ILE A 312 -49.89 16.82 43.32
N ASP A 313 -51.09 16.98 42.76
CA ASP A 313 -52.31 16.77 43.54
C ASP A 313 -52.42 15.35 44.05
N ASN A 314 -52.11 14.36 43.21
CA ASN A 314 -52.17 12.98 43.66
C ASN A 314 -51.11 12.66 44.70
N VAL A 315 -49.92 13.27 44.57
CA VAL A 315 -48.89 13.08 45.59
C VAL A 315 -49.24 13.89 46.83
N GLN A 316 -49.76 15.11 46.65
CA GLN A 316 -50.14 15.94 47.80
C GLN A 316 -51.22 15.27 48.63
N ALA A 317 -52.21 14.64 47.98
CA ALA A 317 -53.27 13.97 48.71
C ALA A 317 -52.73 12.81 49.54
N LYS A 318 -52.01 11.90 48.89
CA LYS A 318 -51.42 10.74 49.56
C LYS A 318 -50.29 11.11 50.51
N LEU A 319 -49.90 12.38 50.56
CA LEU A 319 -48.84 12.83 51.46
C LEU A 319 -49.41 13.28 52.79
N ARG A 320 -50.42 14.17 52.76
CA ARG A 320 -51.07 14.60 53.99
C ARG A 320 -51.83 13.46 54.65
N GLU A 321 -52.33 12.51 53.86
CA GLU A 321 -53.06 11.36 54.36
C GLU A 321 -52.17 10.38 55.12
N ASN A 322 -50.87 10.64 55.22
CA ASN A 322 -49.95 9.79 55.96
C ASN A 322 -49.20 10.51 57.08
N GLY A 323 -49.30 11.83 57.17
CA GLY A 323 -48.71 12.55 58.28
C GLY A 323 -47.30 13.03 58.03
N VAL A 324 -47.12 13.87 57.01
CA VAL A 324 -45.83 14.47 56.71
C VAL A 324 -46.10 15.77 55.97
N LYS A 325 -45.07 16.61 55.81
CA LYS A 325 -45.24 17.87 55.08
C LYS A 325 -45.78 17.59 53.69
N HIS A 326 -46.88 18.26 53.34
CA HIS A 326 -47.59 18.01 52.10
C HIS A 326 -47.54 19.17 51.12
N HIS A 327 -47.74 20.40 51.57
CA HIS A 327 -47.76 21.54 50.67
C HIS A 327 -46.33 21.93 50.31
N LEU A 328 -46.05 22.01 49.01
CA LEU A 328 -44.77 22.51 48.53
C LEU A 328 -44.80 24.04 48.51
N ALA A 329 -44.02 24.65 49.40
CA ALA A 329 -44.06 26.09 49.60
C ALA A 329 -43.30 26.84 48.51
N ALA A 330 -42.05 26.44 48.25
CA ALA A 330 -41.21 27.15 47.29
C ALA A 330 -41.74 27.08 45.87
N GLY A 331 -42.69 26.20 45.60
CA GLY A 331 -43.37 26.16 44.32
C GLY A 331 -42.77 25.22 43.31
N VAL A 332 -42.87 25.57 42.03
CA VAL A 332 -42.42 24.72 40.94
C VAL A 332 -41.22 25.37 40.27
N VAL A 333 -40.22 24.56 39.95
CA VAL A 333 -39.00 25.05 39.31
C VAL A 333 -38.88 24.35 37.96
N LEU A 334 -38.85 25.14 36.89
CA LEU A 334 -38.76 24.63 35.54
C LEU A 334 -37.31 24.65 35.05
N THR A 335 -36.93 23.61 34.30
CA THR A 335 -35.58 23.53 33.76
C THR A 335 -35.61 22.75 32.46
N GLY A 336 -34.43 22.61 31.85
CA GLY A 336 -34.30 21.92 30.58
C GLY A 336 -34.46 22.86 29.40
N GLY A 337 -34.34 22.26 28.21
CA GLY A 337 -34.35 23.06 26.99
C GLY A 337 -35.69 23.69 26.68
N ALA A 338 -36.75 22.89 26.63
CA ALA A 338 -38.05 23.41 26.25
C ALA A 338 -38.68 24.31 27.30
N ALA A 339 -38.04 24.47 28.45
CA ALA A 339 -38.48 25.45 29.44
C ALA A 339 -38.04 26.87 29.09
N GLN A 340 -37.24 27.03 28.04
CA GLN A 340 -36.66 28.32 27.68
C GLN A 340 -37.57 29.18 26.81
N ILE A 341 -38.73 28.69 26.38
CA ILE A 341 -39.59 29.48 25.51
C ILE A 341 -40.15 30.67 26.28
N GLU A 342 -40.40 31.77 25.56
CA GLU A 342 -40.88 32.99 26.19
C GLU A 342 -42.30 32.79 26.71
N GLY A 343 -42.49 33.00 28.01
CA GLY A 343 -43.81 32.94 28.61
C GLY A 343 -44.17 31.66 29.32
N VAL A 344 -43.19 30.82 29.68
CA VAL A 344 -43.51 29.61 30.43
C VAL A 344 -44.06 29.95 31.79
N VAL A 345 -43.44 30.91 32.48
CA VAL A 345 -43.84 31.26 33.85
C VAL A 345 -45.28 31.78 33.86
N GLU A 346 -45.74 32.34 32.74
CA GLU A 346 -47.09 32.87 32.68
C GLU A 346 -48.10 31.74 32.48
N CYS A 347 -47.83 30.84 31.53
CA CYS A 347 -48.74 29.72 31.30
C CYS A 347 -48.68 28.70 32.42
N ALA A 348 -47.55 28.63 33.14
CA ALA A 348 -47.46 27.74 34.29
C ALA A 348 -48.27 28.27 35.46
N GLU A 349 -48.13 29.56 35.77
CA GLU A 349 -48.89 30.18 36.85
C GLU A 349 -50.40 30.13 36.62
N ARG A 350 -50.85 29.73 35.43
CA ARG A 350 -52.27 29.60 35.17
C ARG A 350 -52.76 28.20 35.55
N VAL A 351 -52.03 27.18 35.09
CA VAL A 351 -52.35 25.79 35.37
C VAL A 351 -51.96 25.43 36.80
N PHE A 352 -50.78 25.87 37.24
CA PHE A 352 -50.38 25.71 38.63
C PHE A 352 -50.79 26.96 39.42
N ARG A 353 -50.76 26.82 40.74
CA ARG A 353 -50.94 27.96 41.63
C ARG A 353 -49.84 27.93 42.69
N ASN A 354 -48.60 27.76 42.24
CA ASN A 354 -47.43 27.78 43.10
C ASN A 354 -46.33 28.56 42.39
N GLN A 355 -45.30 28.92 43.14
CA GLN A 355 -44.25 29.79 42.63
C GLN A 355 -43.48 29.11 41.49
N VAL A 356 -43.57 29.67 40.29
CA VAL A 356 -42.90 29.12 39.11
C VAL A 356 -41.70 30.00 38.75
N ARG A 357 -40.60 29.34 38.42
CA ARG A 357 -39.40 30.01 37.93
C ARG A 357 -38.74 29.12 36.90
N VAL A 358 -37.70 29.63 36.25
CA VAL A 358 -37.03 28.90 35.19
C VAL A 358 -35.55 28.74 35.58
N GLY A 359 -35.32 28.17 36.76
CA GLY A 359 -34.00 28.03 37.34
C GLY A 359 -32.91 27.44 36.45
N LYS A 360 -31.73 28.05 36.48
CA LYS A 360 -30.55 27.58 35.77
C LYS A 360 -29.62 26.88 36.74
N PRO A 361 -28.54 26.27 36.25
CA PRO A 361 -27.53 25.72 37.17
C PRO A 361 -26.95 26.79 38.06
N LEU A 362 -26.56 26.39 39.27
CA LEU A 362 -26.13 27.33 40.29
C LEU A 362 -24.69 27.08 40.70
N GLU A 363 -24.03 28.15 41.13
CA GLU A 363 -22.67 28.10 41.68
C GLU A 363 -21.71 27.29 40.80
N VAL A 364 -21.85 27.43 39.49
CA VAL A 364 -20.92 26.80 38.57
C VAL A 364 -19.59 27.55 38.63
N SER A 365 -18.49 26.80 38.77
CA SER A 365 -17.17 27.37 39.00
C SER A 365 -16.28 27.14 37.79
N GLY A 366 -15.82 28.22 37.17
CA GLY A 366 -14.91 28.15 36.04
C GLY A 366 -15.58 27.65 34.78
N LEU A 367 -15.23 28.23 33.63
CA LEU A 367 -15.81 27.82 32.35
C LEU A 367 -17.32 27.90 32.42
N THR A 368 -17.81 29.03 32.92
CA THR A 368 -19.22 29.27 33.22
C THR A 368 -20.05 29.59 31.98
N ASP A 369 -19.43 29.80 30.82
CA ASP A 369 -20.19 30.18 29.63
C ASP A 369 -20.84 29.00 28.94
N TYR A 370 -20.48 27.78 29.29
CA TYR A 370 -21.10 26.59 28.72
C TYR A 370 -22.10 25.92 29.63
N VAL A 371 -22.20 26.37 30.89
CA VAL A 371 -23.11 25.76 31.86
C VAL A 371 -23.97 26.89 32.42
N LYS A 372 -24.45 27.77 31.55
CA LYS A 372 -25.28 28.90 31.95
C LYS A 372 -26.77 28.64 31.74
N GLU A 373 -27.15 27.96 30.65
CA GLU A 373 -28.54 27.77 30.29
C GLU A 373 -29.12 26.53 30.96
N PRO A 374 -30.44 26.51 31.19
CA PRO A 374 -31.04 25.39 31.96
C PRO A 374 -30.89 24.03 31.29
N TYR A 375 -30.70 23.96 29.97
CA TYR A 375 -30.55 22.65 29.35
C TYR A 375 -29.23 21.97 29.70
N HIS A 376 -28.40 22.60 30.54
CA HIS A 376 -27.18 22.01 31.04
C HIS A 376 -27.32 21.49 32.47
N SER A 377 -28.47 21.73 33.10
CA SER A 377 -28.65 21.38 34.51
C SER A 377 -28.45 19.89 34.75
N THR A 378 -29.07 19.04 33.91
CA THR A 378 -28.93 17.60 34.08
C THR A 378 -27.48 17.16 33.98
N ALA A 379 -26.69 17.83 33.12
CA ALA A 379 -25.30 17.45 32.96
C ALA A 379 -24.47 17.81 34.19
N VAL A 380 -24.60 19.05 34.68
CA VAL A 380 -23.83 19.45 35.85
C VAL A 380 -24.35 18.74 37.10
N GLY A 381 -25.62 18.36 37.10
CA GLY A 381 -26.14 17.58 38.22
C GLY A 381 -25.48 16.22 38.35
N LEU A 382 -25.06 15.64 37.23
CA LEU A 382 -24.29 14.39 37.28
C LEU A 382 -22.96 14.62 37.98
N LEU A 383 -22.38 15.81 37.85
CA LEU A 383 -21.14 16.12 38.56
C LEU A 383 -21.37 16.25 40.05
N HIS A 384 -22.47 16.90 40.44
CA HIS A 384 -22.81 17.02 41.86
C HIS A 384 -23.02 15.66 42.50
N TYR A 385 -23.71 14.76 41.79
CA TYR A 385 -23.90 13.41 42.33
C TYR A 385 -22.58 12.68 42.40
N ALA A 386 -21.74 12.80 41.38
CA ALA A 386 -20.47 12.08 41.37
C ALA A 386 -19.51 12.67 42.39
N ARG A 387 -19.69 13.94 42.74
CA ARG A 387 -18.83 14.56 43.75
C ARG A 387 -18.97 13.91 45.12
N ASP A 388 -20.06 13.16 45.33
CA ASP A 388 -20.34 12.55 46.62
C ASP A 388 -20.00 11.06 46.56
N SER A 389 -19.27 10.58 47.55
CA SER A 389 -18.86 9.19 47.58
C SER A 389 -18.51 8.76 49.00
N ASP B 7 -20.73 1.46 -17.56
CA ASP B 7 -21.85 1.15 -18.45
C ASP B 7 -22.96 0.41 -17.71
N ASN B 8 -23.65 1.11 -16.81
CA ASN B 8 -24.80 0.56 -16.11
C ASN B 8 -26.03 1.38 -16.50
N ILE B 9 -26.91 0.77 -17.29
CA ILE B 9 -28.12 1.41 -17.77
C ILE B 9 -29.33 0.85 -17.01
N ILE B 10 -30.41 1.64 -17.02
CA ILE B 10 -31.65 1.30 -16.35
C ILE B 10 -32.79 1.73 -17.25
N VAL B 11 -33.83 0.89 -17.35
CA VAL B 11 -34.92 1.11 -18.29
C VAL B 11 -36.24 0.91 -17.56
N GLY B 12 -37.22 1.76 -17.91
CA GLY B 12 -38.58 1.64 -17.41
C GLY B 12 -39.56 1.36 -18.54
N LEU B 13 -40.80 1.03 -18.15
CA LEU B 13 -41.81 0.68 -19.13
C LEU B 13 -43.22 0.86 -18.57
N ASP B 14 -43.72 2.09 -18.61
CA ASP B 14 -45.08 2.40 -18.16
C ASP B 14 -46.04 2.10 -19.30
N ILE B 15 -46.44 0.84 -19.40
CA ILE B 15 -47.39 0.40 -20.42
C ILE B 15 -48.79 0.89 -20.02
N GLY B 16 -49.13 2.10 -20.44
CA GLY B 16 -50.39 2.68 -20.03
C GLY B 16 -51.56 2.19 -20.85
N THR B 17 -52.76 2.55 -20.39
CA THR B 17 -53.98 2.20 -21.12
C THR B 17 -54.13 2.97 -22.42
N ALA B 18 -53.43 4.09 -22.56
CA ALA B 18 -53.52 4.93 -23.74
C ALA B 18 -52.17 5.14 -24.39
N THR B 19 -51.16 5.56 -23.63
CA THR B 19 -49.83 5.85 -24.15
C THR B 19 -48.79 5.02 -23.40
N VAL B 20 -48.00 4.27 -24.15
CA VAL B 20 -46.89 3.50 -23.58
C VAL B 20 -45.68 4.41 -23.44
N SER B 21 -45.03 4.39 -22.28
CA SER B 21 -43.83 5.16 -22.02
C SER B 21 -42.66 4.22 -21.80
N ALA B 22 -41.50 4.60 -22.34
CA ALA B 22 -40.29 3.78 -22.21
C ALA B 22 -39.10 4.72 -22.15
N LEU B 23 -38.45 4.78 -21.00
CA LEU B 23 -37.33 5.68 -20.78
C LEU B 23 -36.04 4.90 -20.53
N VAL B 24 -34.95 5.45 -21.03
CA VAL B 24 -33.62 4.87 -20.86
C VAL B 24 -32.74 5.92 -20.20
N GLY B 25 -31.93 5.49 -19.23
CA GLY B 25 -31.07 6.40 -18.51
C GLY B 25 -29.82 5.71 -18.03
N GLU B 26 -28.92 6.50 -17.44
CA GLU B 26 -27.69 6.01 -16.85
C GLU B 26 -27.64 6.39 -15.39
N VAL B 27 -27.16 5.46 -14.57
CA VAL B 27 -26.98 5.72 -13.14
C VAL B 27 -25.67 6.45 -12.95
N LEU B 28 -25.74 7.65 -12.40
CA LEU B 28 -24.46 8.32 -12.25
C LEU B 28 -23.74 7.82 -11.00
N PRO B 29 -22.42 7.64 -11.07
CA PRO B 29 -21.66 7.18 -9.91
C PRO B 29 -21.74 8.12 -8.72
N ASP B 30 -22.13 9.39 -8.92
CA ASP B 30 -22.11 10.38 -7.86
C ASP B 30 -23.44 10.60 -7.15
N GLY B 31 -24.57 10.16 -7.71
CA GLY B 31 -25.80 10.36 -6.98
C GLY B 31 -27.12 10.44 -7.73
N GLN B 32 -27.20 11.23 -8.79
CA GLN B 32 -28.46 11.48 -9.47
C GLN B 32 -28.56 10.64 -10.75
N VAL B 33 -29.74 10.65 -11.35
CA VAL B 33 -30.04 9.85 -12.54
C VAL B 33 -30.14 10.78 -13.74
N ASN B 34 -29.38 10.47 -14.79
CA ASN B 34 -29.47 11.16 -16.07
C ASN B 34 -30.18 10.27 -17.08
N ILE B 35 -31.21 10.80 -17.72
CA ILE B 35 -31.95 10.06 -18.74
C ILE B 35 -31.33 10.35 -20.10
N ILE B 36 -31.05 9.28 -20.85
CA ILE B 36 -30.33 9.42 -22.11
C ILE B 36 -31.28 9.28 -23.31
N GLY B 37 -32.34 8.49 -23.14
CA GLY B 37 -33.26 8.28 -24.25
C GLY B 37 -34.70 8.06 -23.83
N ALA B 38 -35.63 8.65 -24.58
CA ALA B 38 -37.06 8.50 -24.35
C ALA B 38 -37.68 7.67 -25.47
N GLY B 39 -38.95 7.32 -25.28
CA GLY B 39 -39.69 6.54 -26.25
C GLY B 39 -41.16 6.46 -25.90
N SER B 40 -42.02 6.80 -26.85
CA SER B 40 -43.46 6.82 -26.62
C SER B 40 -44.19 6.26 -27.84
N SER B 41 -45.39 5.74 -27.59
CA SER B 41 -46.22 5.17 -28.64
C SER B 41 -47.63 4.93 -28.11
N PRO B 42 -48.67 5.37 -28.82
CA PRO B 42 -50.03 5.05 -28.40
C PRO B 42 -50.25 3.55 -28.36
N SER B 43 -51.01 3.09 -27.37
CA SER B 43 -51.22 1.68 -27.11
C SER B 43 -52.64 1.29 -27.43
N ARG B 44 -52.81 0.38 -28.37
CA ARG B 44 -54.11 -0.20 -28.69
C ARG B 44 -54.22 -1.56 -28.01
N GLY B 45 -55.45 -1.94 -27.67
CA GLY B 45 -55.67 -3.20 -26.98
C GLY B 45 -55.32 -3.13 -25.51
N MET B 46 -55.94 -2.20 -24.80
CA MET B 46 -55.69 -2.00 -23.38
C MET B 46 -57.00 -1.65 -22.69
N ASP B 47 -57.25 -2.28 -21.55
CA ASP B 47 -58.51 -2.09 -20.83
C ASP B 47 -58.23 -2.05 -19.32
N LYS B 48 -58.45 -0.89 -18.71
CA LYS B 48 -58.39 -0.73 -17.26
C LYS B 48 -57.07 -1.25 -16.69
N GLY B 49 -55.97 -0.84 -17.31
CA GLY B 49 -54.66 -1.24 -16.86
C GLY B 49 -54.25 -2.64 -17.25
N GLY B 50 -55.17 -3.47 -17.72
CA GLY B 50 -54.85 -4.82 -18.12
C GLY B 50 -54.92 -5.03 -19.62
N VAL B 51 -54.28 -6.11 -20.08
CA VAL B 51 -54.24 -6.41 -21.51
C VAL B 51 -55.59 -6.89 -21.99
N ASN B 52 -55.89 -6.62 -23.26
CA ASN B 52 -57.13 -7.08 -23.86
C ASN B 52 -56.81 -7.83 -25.15
N ASP B 53 -55.98 -7.24 -26.00
CA ASP B 53 -55.53 -7.87 -27.24
C ASP B 53 -54.02 -7.98 -27.16
N LEU B 54 -53.51 -9.20 -26.92
CA LEU B 54 -52.08 -9.39 -26.70
C LEU B 54 -51.26 -8.96 -27.92
N GLU B 55 -51.82 -9.10 -29.13
CA GLU B 55 -51.08 -8.73 -30.32
C GLU B 55 -50.91 -7.22 -30.43
N SER B 56 -51.97 -6.46 -30.18
CA SER B 56 -51.89 -5.01 -30.32
C SER B 56 -50.91 -4.40 -29.32
N VAL B 57 -50.90 -4.92 -28.09
CA VAL B 57 -50.04 -4.32 -27.06
C VAL B 57 -48.57 -4.62 -27.33
N VAL B 58 -48.24 -5.84 -27.76
CA VAL B 58 -46.84 -6.15 -28.06
C VAL B 58 -46.35 -5.30 -29.22
N LYS B 59 -47.21 -5.04 -30.21
CA LYS B 59 -46.86 -4.13 -31.27
C LYS B 59 -46.71 -2.69 -30.76
N SER B 60 -47.56 -2.31 -29.81
CA SER B 60 -47.50 -0.95 -29.29
C SER B 60 -46.27 -0.75 -28.40
N VAL B 61 -45.94 -1.74 -27.57
CA VAL B 61 -44.74 -1.63 -26.75
C VAL B 61 -43.49 -1.72 -27.61
N GLN B 62 -43.54 -2.51 -28.70
CA GLN B 62 -42.38 -2.62 -29.58
C GLN B 62 -42.05 -1.28 -30.24
N ARG B 63 -43.08 -0.47 -30.50
CA ARG B 63 -42.84 0.85 -31.10
C ARG B 63 -42.04 1.74 -30.16
N ALA B 64 -42.42 1.79 -28.89
CA ALA B 64 -41.75 2.68 -27.94
C ALA B 64 -40.34 2.20 -27.63
N VAL B 65 -40.16 0.89 -27.41
CA VAL B 65 -38.84 0.39 -27.06
C VAL B 65 -37.89 0.50 -28.25
N ASP B 66 -38.41 0.43 -29.47
CA ASP B 66 -37.57 0.60 -30.65
C ASP B 66 -37.15 2.06 -30.81
N GLN B 67 -38.11 2.97 -30.69
CA GLN B 67 -37.78 4.40 -30.79
C GLN B 67 -36.88 4.83 -29.64
N ALA B 68 -36.97 4.18 -28.49
CA ALA B 68 -36.05 4.44 -27.40
C ALA B 68 -34.68 3.81 -27.67
N GLU B 69 -34.66 2.64 -28.31
CA GLU B 69 -33.40 1.99 -28.66
C GLU B 69 -32.57 2.88 -29.58
N LEU B 70 -33.20 3.54 -30.54
CA LEU B 70 -32.49 4.40 -31.47
C LEU B 70 -31.93 5.64 -30.76
N MET B 71 -32.80 6.37 -30.07
CA MET B 71 -32.40 7.62 -29.44
C MET B 71 -31.40 7.43 -28.31
N ALA B 72 -31.29 6.23 -27.76
CA ALA B 72 -30.33 5.94 -26.70
C ALA B 72 -29.01 5.38 -27.21
N GLU B 73 -28.93 5.01 -28.48
CA GLU B 73 -27.73 4.41 -29.09
C GLU B 73 -27.31 3.13 -28.40
N CYS B 74 -28.22 2.47 -27.68
CA CYS B 74 -27.97 1.18 -27.07
C CYS B 74 -29.15 0.26 -27.34
N GLN B 75 -28.99 -1.02 -27.00
CA GLN B 75 -30.02 -2.02 -27.19
C GLN B 75 -30.65 -2.37 -25.85
N ILE B 76 -31.98 -2.46 -25.83
CA ILE B 76 -32.69 -2.72 -24.59
C ILE B 76 -32.60 -4.21 -24.27
N SER B 77 -32.22 -4.51 -23.02
CA SER B 77 -32.08 -5.88 -22.57
C SER B 77 -33.13 -6.23 -21.54
N SER B 78 -32.96 -5.74 -20.31
CA SER B 78 -33.90 -5.98 -19.22
C SER B 78 -34.58 -4.67 -18.83
N VAL B 79 -35.86 -4.77 -18.48
CA VAL B 79 -36.68 -3.59 -18.21
C VAL B 79 -37.40 -3.75 -16.89
N PHE B 80 -37.79 -2.61 -16.32
CA PHE B 80 -38.67 -2.55 -15.17
C PHE B 80 -40.03 -2.07 -15.66
N ILE B 81 -41.06 -2.88 -15.44
CA ILE B 81 -42.39 -2.61 -15.98
C ILE B 81 -43.31 -2.18 -14.84
N SER B 82 -44.31 -1.38 -15.19
CA SER B 82 -45.32 -0.94 -14.25
C SER B 82 -46.57 -1.82 -14.36
N LEU B 83 -47.37 -1.79 -13.30
CA LEU B 83 -48.59 -2.59 -13.25
C LEU B 83 -49.60 -1.89 -12.37
N SER B 84 -50.86 -1.90 -12.79
CA SER B 84 -51.94 -1.29 -12.02
C SER B 84 -53.23 -2.01 -12.36
N GLY B 85 -54.31 -1.59 -11.70
CA GLY B 85 -55.62 -2.18 -11.93
C GLY B 85 -56.44 -2.32 -10.66
N LYS B 86 -57.75 -2.57 -10.83
CA LYS B 86 -58.63 -2.69 -9.68
C LYS B 86 -58.21 -3.82 -8.76
N HIS B 87 -57.51 -4.83 -9.30
CA HIS B 87 -57.07 -5.98 -8.52
C HIS B 87 -55.97 -5.65 -7.52
N ILE B 88 -55.39 -4.45 -7.58
CA ILE B 88 -54.33 -4.08 -6.63
C ILE B 88 -54.94 -3.91 -5.25
N ALA B 89 -54.34 -4.56 -4.26
CA ALA B 89 -54.81 -4.50 -2.89
C ALA B 89 -53.62 -4.38 -1.94
N SER B 90 -53.87 -3.82 -0.76
CA SER B 90 -52.85 -3.59 0.24
C SER B 90 -53.19 -4.33 1.52
N ARG B 91 -52.16 -4.93 2.13
CA ARG B 91 -52.31 -5.69 3.36
C ARG B 91 -51.28 -5.24 4.38
N ILE B 92 -51.68 -5.26 5.64
CA ILE B 92 -50.79 -4.98 6.76
C ILE B 92 -50.73 -6.24 7.60
N GLU B 93 -49.56 -6.87 7.63
CA GLU B 93 -49.38 -8.14 8.32
C GLU B 93 -48.36 -8.00 9.43
N LYS B 94 -48.60 -8.69 10.53
CA LYS B 94 -47.72 -8.66 11.69
C LYS B 94 -47.09 -10.02 11.91
N GLY B 95 -45.85 -10.00 12.41
CA GLY B 95 -45.16 -11.23 12.76
C GLY B 95 -44.37 -11.03 14.03
N MET B 96 -43.97 -12.15 14.64
CA MET B 96 -43.20 -12.12 15.87
C MET B 96 -42.05 -13.12 15.78
N GLY B 97 -41.13 -13.01 16.74
CA GLY B 97 -39.96 -13.86 16.79
C GLY B 97 -39.18 -13.65 18.07
N THR B 98 -38.50 -14.70 18.54
CA THR B 98 -37.78 -14.64 19.80
C THR B 98 -36.38 -14.08 19.60
N ILE B 99 -35.91 -13.36 20.62
CA ILE B 99 -34.60 -12.72 20.61
C ILE B 99 -33.58 -13.67 21.24
N SER B 100 -32.66 -14.17 20.43
CA SER B 100 -31.65 -15.10 20.91
C SER B 100 -30.62 -14.39 21.79
N GLU B 101 -30.26 -15.03 22.90
CA GLU B 101 -29.23 -14.54 23.83
C GLU B 101 -29.50 -13.10 24.25
N GLU B 102 -30.78 -12.76 24.38
CA GLU B 102 -31.22 -11.43 24.85
C GLU B 102 -30.59 -10.30 24.05
N GLU B 103 -30.14 -10.56 22.83
CA GLU B 103 -29.67 -9.52 21.95
C GLU B 103 -30.21 -9.76 20.56
N VAL B 104 -30.45 -8.67 19.84
CA VAL B 104 -31.04 -8.71 18.50
C VAL B 104 -29.93 -8.71 17.45
N SER B 105 -29.99 -9.68 16.55
CA SER B 105 -29.11 -9.74 15.39
C SER B 105 -29.95 -9.61 14.12
N GLN B 106 -29.24 -9.53 12.98
CA GLN B 106 -29.95 -9.47 11.70
C GLN B 106 -30.75 -10.75 11.46
N ASP B 107 -30.30 -11.87 12.01
CA ASP B 107 -31.03 -13.12 11.81
C ASP B 107 -32.38 -13.09 12.52
N ASP B 108 -32.43 -12.59 13.75
CA ASP B 108 -33.71 -12.42 14.43
C ASP B 108 -34.61 -11.46 13.67
N MET B 109 -34.02 -10.42 13.07
CA MET B 109 -34.79 -9.47 12.27
C MET B 109 -35.42 -10.16 11.07
N ASP B 110 -34.63 -10.90 10.30
CA ASP B 110 -35.14 -11.58 9.11
C ASP B 110 -36.21 -12.60 9.49
N ARG B 111 -35.99 -13.33 10.59
CA ARG B 111 -36.97 -14.30 11.06
C ARG B 111 -38.31 -13.62 11.34
N ALA B 112 -38.28 -12.46 12.00
CA ALA B 112 -39.52 -11.74 12.28
C ALA B 112 -40.20 -11.25 11.01
N ILE B 113 -39.42 -10.74 10.06
CA ILE B 113 -39.99 -10.30 8.79
C ILE B 113 -40.55 -11.49 8.02
N HIS B 114 -39.83 -12.62 8.03
CA HIS B 114 -40.29 -13.80 7.30
C HIS B 114 -41.62 -14.31 7.84
N THR B 115 -41.82 -14.19 9.16
CA THR B 115 -43.08 -14.65 9.75
C THR B 115 -44.25 -13.76 9.36
N ALA B 116 -44.01 -12.46 9.21
CA ALA B 116 -45.08 -11.55 8.82
C ALA B 116 -45.31 -11.57 7.31
N LYS B 117 -44.28 -11.86 6.53
CA LYS B 117 -44.41 -11.85 5.07
C LYS B 117 -45.20 -13.06 4.58
N SER B 118 -44.75 -14.26 4.95
CA SER B 118 -45.36 -15.49 4.45
C SER B 118 -46.79 -15.64 4.97
N ILE B 119 -47.76 -15.50 4.07
CA ILE B 119 -49.18 -15.70 4.38
C ILE B 119 -49.85 -16.42 3.22
N LYS B 120 -51.07 -16.86 3.45
CA LYS B 120 -51.90 -17.47 2.42
C LYS B 120 -52.83 -16.41 1.84
N ILE B 121 -52.69 -16.13 0.55
CA ILE B 121 -53.47 -15.08 -0.11
C ILE B 121 -54.45 -15.67 -1.12
N GLY B 122 -54.29 -16.94 -1.47
CA GLY B 122 -55.06 -17.55 -2.54
C GLY B 122 -54.24 -17.62 -3.81
N ASP B 123 -54.70 -18.48 -4.74
CA ASP B 123 -53.96 -18.68 -5.97
C ASP B 123 -54.23 -17.63 -7.02
N GLU B 124 -55.28 -16.81 -6.88
CA GLU B 124 -55.55 -15.79 -7.88
C GLU B 124 -54.66 -14.57 -7.70
N GLN B 125 -54.26 -14.26 -6.47
CA GLN B 125 -53.40 -13.12 -6.19
C GLN B 125 -51.95 -13.53 -6.07
N ARG B 126 -51.08 -12.52 -6.03
CA ARG B 126 -49.64 -12.70 -5.93
C ARG B 126 -49.04 -11.45 -5.29
N ILE B 127 -48.10 -11.65 -4.37
CA ILE B 127 -47.49 -10.51 -3.70
C ILE B 127 -46.61 -9.74 -4.68
N LEU B 128 -46.55 -8.43 -4.51
CA LEU B 128 -45.80 -7.55 -5.38
C LEU B 128 -44.71 -6.77 -4.66
N HIS B 129 -44.99 -6.24 -3.47
CA HIS B 129 -44.01 -5.48 -2.71
C HIS B 129 -44.11 -5.86 -1.23
N VAL B 130 -42.95 -5.90 -0.59
CA VAL B 130 -42.84 -6.14 0.85
C VAL B 130 -42.12 -4.96 1.46
N ILE B 131 -42.81 -4.22 2.33
CA ILE B 131 -42.30 -3.00 2.93
C ILE B 131 -42.35 -3.16 4.45
N PRO B 132 -41.21 -3.42 5.08
CA PRO B 132 -41.19 -3.48 6.55
C PRO B 132 -41.40 -2.10 7.16
N GLN B 133 -42.23 -2.06 8.20
CA GLN B 133 -42.56 -0.84 8.91
C GLN B 133 -41.94 -0.87 10.32
N GLU B 134 -42.59 -0.21 11.27
CA GLU B 134 -42.06 -0.09 12.62
C GLU B 134 -41.97 -1.44 13.33
N PHE B 135 -40.86 -1.64 14.04
CA PHE B 135 -40.66 -2.83 14.86
C PHE B 135 -41.31 -2.63 16.23
N THR B 136 -41.22 -3.65 17.08
CA THR B 136 -41.77 -3.55 18.43
C THR B 136 -41.09 -4.61 19.31
N ILE B 137 -40.29 -4.17 20.28
CA ILE B 137 -39.59 -5.07 21.19
C ILE B 137 -40.20 -4.91 22.58
N ASP B 138 -40.71 -6.02 23.14
CA ASP B 138 -41.30 -6.09 24.47
C ASP B 138 -41.96 -4.79 24.93
N TYR B 139 -43.07 -4.41 24.29
CA TYR B 139 -43.86 -3.24 24.68
C TYR B 139 -43.07 -1.95 24.47
N GLN B 140 -42.49 -1.80 23.28
CA GLN B 140 -41.86 -0.55 22.90
C GLN B 140 -42.08 -0.33 21.42
N GLU B 141 -42.77 0.74 21.08
CA GLU B 141 -43.27 1.02 19.73
C GLU B 141 -42.36 1.96 18.96
N GLY B 142 -42.46 1.88 17.63
CA GLY B 142 -41.82 2.81 16.73
C GLY B 142 -40.31 2.74 16.73
N ILE B 143 -39.78 1.58 16.35
CA ILE B 143 -38.36 1.39 16.17
C ILE B 143 -38.12 1.17 14.68
N LYS B 144 -37.14 1.86 14.13
CA LYS B 144 -36.85 1.71 12.70
C LYS B 144 -35.73 0.72 12.45
N ASN B 145 -34.72 0.71 13.32
CA ASN B 145 -33.57 -0.19 13.19
C ASN B 145 -33.15 -0.61 14.58
N PRO B 146 -33.77 -1.66 15.12
CA PRO B 146 -33.37 -2.14 16.45
C PRO B 146 -32.27 -3.18 16.35
N LEU B 147 -31.09 -2.76 15.89
CA LEU B 147 -29.93 -3.63 15.83
C LEU B 147 -29.11 -3.40 17.11
N GLY B 148 -28.73 -4.48 17.77
CA GLY B 148 -27.93 -4.39 18.97
C GLY B 148 -28.72 -4.19 20.25
N LEU B 149 -30.01 -3.88 20.16
CA LEU B 149 -30.82 -3.59 21.33
C LEU B 149 -31.09 -4.87 22.13
N SER B 150 -31.72 -4.70 23.28
CA SER B 150 -31.98 -5.80 24.20
C SER B 150 -33.49 -6.05 24.32
N GLY B 151 -33.84 -7.31 24.53
CA GLY B 151 -35.23 -7.68 24.68
C GLY B 151 -35.36 -9.20 24.80
N VAL B 152 -36.60 -9.67 24.65
CA VAL B 152 -36.91 -11.08 24.71
C VAL B 152 -37.61 -11.56 23.45
N ARG B 153 -38.58 -10.80 22.96
CA ARG B 153 -39.28 -11.13 21.72
C ARG B 153 -39.78 -9.84 21.09
N MET B 154 -39.84 -9.83 19.77
CA MET B 154 -40.20 -8.62 19.05
C MET B 154 -41.34 -8.90 18.07
N GLU B 155 -41.91 -7.81 17.54
CA GLU B 155 -42.97 -7.89 16.55
C GLU B 155 -42.73 -6.85 15.47
N VAL B 156 -43.19 -7.17 14.27
CA VAL B 156 -43.00 -6.31 13.10
C VAL B 156 -44.35 -6.20 12.39
N SER B 157 -44.60 -5.04 11.80
CA SER B 157 -45.72 -4.83 10.91
C SER B 157 -45.19 -4.58 9.51
N VAL B 158 -45.65 -5.36 8.53
CA VAL B 158 -45.16 -5.29 7.17
C VAL B 158 -46.33 -4.94 6.25
N HIS B 159 -46.07 -4.05 5.29
CA HIS B 159 -47.07 -3.65 4.31
C HIS B 159 -46.90 -4.51 3.06
N LEU B 160 -48.00 -5.13 2.63
CA LEU B 160 -48.01 -6.06 1.50
C LEU B 160 -48.88 -5.51 0.38
N ILE B 161 -48.32 -5.45 -0.83
CA ILE B 161 -49.04 -5.09 -2.04
C ILE B 161 -49.23 -6.34 -2.88
N SER B 162 -50.49 -6.63 -3.23
CA SER B 162 -50.81 -7.84 -3.98
C SER B 162 -51.66 -7.47 -5.19
N CYS B 163 -51.61 -8.34 -6.20
CA CYS B 163 -52.35 -8.12 -7.44
C CYS B 163 -52.81 -9.46 -7.99
N HIS B 164 -53.80 -9.40 -8.87
CA HIS B 164 -54.26 -10.60 -9.56
C HIS B 164 -53.13 -11.17 -10.40
N ASN B 165 -52.88 -12.48 -10.25
CA ASN B 165 -51.75 -13.11 -10.92
C ASN B 165 -51.91 -13.09 -12.44
N ASP B 166 -53.13 -13.32 -12.94
CA ASP B 166 -53.35 -13.37 -14.38
C ASP B 166 -52.95 -12.05 -15.05
N MET B 167 -53.34 -10.92 -14.45
CA MET B 167 -52.96 -9.64 -15.02
C MET B 167 -51.46 -9.41 -15.00
N ALA B 168 -50.75 -10.07 -14.07
CA ALA B 168 -49.30 -9.93 -14.06
C ALA B 168 -48.63 -10.86 -15.07
N ARG B 169 -49.17 -12.07 -15.25
CA ARG B 169 -48.58 -13.00 -16.20
C ARG B 169 -48.63 -12.46 -17.62
N ASN B 170 -49.77 -11.89 -18.02
CA ASN B 170 -49.91 -11.41 -19.39
C ASN B 170 -49.04 -10.18 -19.65
N ILE B 171 -48.92 -9.29 -18.66
CA ILE B 171 -48.06 -8.11 -18.85
C ILE B 171 -46.62 -8.54 -19.02
N ILE B 172 -46.18 -9.53 -18.24
CA ILE B 172 -44.85 -10.10 -18.47
C ILE B 172 -44.80 -10.79 -19.82
N LYS B 173 -45.88 -11.49 -20.18
CA LYS B 173 -45.93 -12.19 -21.46
C LYS B 173 -45.76 -11.21 -22.62
N ALA B 174 -46.38 -10.03 -22.53
CA ALA B 174 -46.26 -9.04 -23.58
C ALA B 174 -44.83 -8.53 -23.72
N VAL B 175 -44.20 -8.21 -22.58
CA VAL B 175 -42.82 -7.71 -22.61
C VAL B 175 -41.86 -8.81 -23.03
N GLU B 176 -42.10 -10.04 -22.55
CA GLU B 176 -41.25 -11.17 -22.90
C GLU B 176 -41.26 -11.43 -24.40
N ARG B 177 -42.38 -11.13 -25.08
CA ARG B 177 -42.48 -11.37 -26.52
C ARG B 177 -41.55 -10.49 -27.34
N CYS B 178 -41.07 -9.38 -26.79
CA CYS B 178 -40.16 -8.49 -27.49
C CYS B 178 -38.69 -8.82 -27.24
N GLY B 179 -38.37 -10.04 -26.83
CA GLY B 179 -37.00 -10.38 -26.55
C GLY B 179 -36.44 -9.78 -25.29
N LEU B 180 -37.28 -9.15 -24.47
CA LEU B 180 -36.85 -8.50 -23.25
C LEU B 180 -37.20 -9.37 -22.04
N LYS B 181 -36.45 -9.18 -20.96
CA LYS B 181 -36.67 -9.88 -19.71
C LYS B 181 -37.00 -8.88 -18.62
N VAL B 182 -38.04 -9.16 -17.85
CA VAL B 182 -38.43 -8.26 -16.76
C VAL B 182 -37.60 -8.60 -15.53
N GLU B 183 -37.14 -7.56 -14.83
CA GLU B 183 -36.40 -7.73 -13.59
C GLU B 183 -37.33 -7.70 -12.37
N GLN B 184 -38.22 -6.72 -12.32
CA GLN B 184 -39.15 -6.62 -11.21
C GLN B 184 -40.39 -5.84 -11.66
N LEU B 185 -41.55 -6.25 -11.15
CA LEU B 185 -42.79 -5.52 -11.36
C LEU B 185 -42.98 -4.52 -10.22
N VAL B 186 -43.43 -3.33 -10.56
CA VAL B 186 -43.59 -2.24 -9.60
C VAL B 186 -45.00 -1.72 -9.71
N PHE B 187 -45.66 -1.53 -8.57
CA PHE B 187 -46.98 -0.93 -8.57
C PHE B 187 -46.87 0.51 -9.05
N SER B 188 -47.71 0.87 -10.02
CA SER B 188 -47.60 2.19 -10.65
C SER B 188 -47.71 3.31 -9.61
N GLY B 189 -48.74 3.26 -8.76
CA GLY B 189 -48.93 4.31 -7.77
C GLY B 189 -47.75 4.48 -6.84
N LEU B 190 -47.01 3.40 -6.58
CA LEU B 190 -45.81 3.53 -5.75
C LEU B 190 -44.69 4.21 -6.52
N ALA B 191 -44.47 3.80 -7.77
CA ALA B 191 -43.45 4.43 -8.59
C ALA B 191 -43.81 5.86 -8.95
N SER B 192 -45.09 6.11 -9.27
CA SER B 192 -45.53 7.47 -9.57
C SER B 192 -45.38 8.40 -8.38
N SER B 193 -45.36 7.86 -7.16
CA SER B 193 -45.10 8.67 -5.98
C SER B 193 -43.62 8.82 -5.68
N ASN B 194 -42.79 7.90 -6.16
CA ASN B 194 -41.37 7.89 -5.82
C ASN B 194 -40.57 8.99 -6.53
N ALA B 195 -41.18 9.71 -7.48
CA ALA B 195 -40.47 10.76 -8.21
C ALA B 195 -41.31 12.02 -8.33
N VAL B 196 -42.26 12.22 -7.41
CA VAL B 196 -43.12 13.39 -7.37
C VAL B 196 -43.14 13.90 -5.93
N ILE B 197 -42.59 13.12 -5.01
CA ILE B 197 -42.65 13.38 -3.59
C ILE B 197 -41.27 13.77 -3.09
N THR B 198 -41.21 14.82 -2.26
CA THR B 198 -40.03 15.15 -1.50
C THR B 198 -40.10 14.50 -0.11
N GLU B 199 -38.94 14.21 0.46
CA GLU B 199 -38.89 13.51 1.74
C GLU B 199 -39.73 14.22 2.80
N ASP B 200 -39.72 15.56 2.78
CA ASP B 200 -40.55 16.32 3.71
C ASP B 200 -42.04 16.06 3.49
N GLU B 201 -42.46 15.79 2.26
CA GLU B 201 -43.89 15.60 2.00
C GLU B 201 -44.42 14.33 2.65
N ARG B 202 -43.68 13.21 2.56
CA ARG B 202 -44.12 11.99 3.22
C ARG B 202 -44.08 12.14 4.73
N GLU B 203 -43.05 12.80 5.26
CA GLU B 203 -42.92 12.95 6.70
C GLU B 203 -44.04 13.80 7.28
N LEU B 204 -44.57 14.75 6.51
CA LEU B 204 -45.70 15.55 6.96
C LEU B 204 -47.03 14.88 6.70
N GLY B 205 -47.09 14.02 5.67
CA GLY B 205 -48.29 13.32 5.30
C GLY B 205 -48.85 13.83 3.98
N VAL B 206 -48.77 13.00 2.93
CA VAL B 206 -49.22 13.36 1.60
C VAL B 206 -49.95 12.17 1.00
N CYS B 207 -50.84 12.46 0.05
CA CYS B 207 -51.55 11.44 -0.72
C CYS B 207 -51.45 11.77 -2.20
N VAL B 208 -50.71 10.94 -2.95
CA VAL B 208 -50.64 11.10 -4.40
C VAL B 208 -51.76 10.29 -5.05
N VAL B 209 -52.04 10.60 -6.31
CA VAL B 209 -53.05 9.87 -7.07
C VAL B 209 -52.82 10.08 -8.56
N ASP B 210 -52.36 9.04 -9.24
CA ASP B 210 -52.07 9.06 -10.67
C ASP B 210 -53.38 8.95 -11.45
N ILE B 211 -53.94 10.09 -11.83
CA ILE B 211 -55.16 10.13 -12.65
C ILE B 211 -54.72 9.88 -14.09
N GLY B 212 -54.81 8.63 -14.54
CA GLY B 212 -54.42 8.27 -15.88
C GLY B 212 -55.60 8.24 -16.82
N ALA B 213 -55.49 7.43 -17.88
CA ALA B 213 -56.56 7.23 -18.84
C ALA B 213 -57.43 6.02 -18.52
N GLY B 214 -57.19 5.36 -17.40
CA GLY B 214 -57.90 4.14 -17.10
C GLY B 214 -57.87 3.75 -15.64
N THR B 215 -56.78 4.08 -14.95
CA THR B 215 -56.61 3.67 -13.56
C THR B 215 -56.35 4.88 -12.68
N MET B 216 -56.92 4.85 -11.47
CA MET B 216 -56.70 5.87 -10.45
C MET B 216 -55.79 5.25 -9.39
N ASP B 217 -54.49 5.47 -9.55
CA ASP B 217 -53.49 4.84 -8.69
C ASP B 217 -53.28 5.73 -7.47
N ILE B 218 -53.86 5.32 -6.34
CA ILE B 218 -53.84 6.11 -5.11
C ILE B 218 -52.79 5.53 -4.16
N SER B 219 -51.98 6.41 -3.58
CA SER B 219 -51.01 6.03 -2.56
C SER B 219 -51.08 7.04 -1.43
N ILE B 220 -51.12 6.55 -0.20
CA ILE B 220 -51.25 7.38 1.00
C ILE B 220 -50.00 7.20 1.83
N TRP B 221 -49.38 8.33 2.22
CA TRP B 221 -48.16 8.32 3.01
C TRP B 221 -48.36 9.17 4.26
N THR B 222 -48.05 8.60 5.42
CA THR B 222 -47.97 9.35 6.66
C THR B 222 -46.77 8.88 7.46
N GLY B 223 -46.08 9.81 8.10
CA GLY B 223 -44.91 9.47 8.89
C GLY B 223 -43.76 8.88 8.10
N GLY B 224 -43.69 9.15 6.80
CA GLY B 224 -42.60 8.63 6.01
C GLY B 224 -42.73 7.18 5.63
N ALA B 225 -43.94 6.63 5.65
CA ALA B 225 -44.17 5.23 5.31
C ALA B 225 -45.44 5.11 4.48
N LEU B 226 -45.46 4.09 3.62
CA LEU B 226 -46.62 3.81 2.79
C LEU B 226 -47.70 3.16 3.66
N ARG B 227 -48.83 3.84 3.81
CA ARG B 227 -49.88 3.39 4.72
C ARG B 227 -51.02 2.67 4.02
N HIS B 228 -51.47 3.15 2.86
CA HIS B 228 -52.57 2.52 2.15
C HIS B 228 -52.33 2.58 0.65
N THR B 229 -53.01 1.68 -0.06
CA THR B 229 -52.96 1.60 -1.52
C THR B 229 -54.33 1.25 -2.05
N GLU B 230 -54.84 2.06 -2.98
CA GLU B 230 -56.15 1.85 -3.57
C GLU B 230 -56.09 2.22 -5.05
N VAL B 231 -56.87 1.52 -5.87
CA VAL B 231 -56.91 1.76 -7.31
C VAL B 231 -58.36 1.71 -7.79
N PHE B 232 -58.75 2.71 -8.57
CA PHE B 232 -60.06 2.75 -9.22
C PHE B 232 -59.88 2.80 -10.73
N SER B 233 -60.77 2.13 -11.45
CA SER B 233 -60.81 2.25 -12.91
C SER B 233 -61.63 3.44 -13.37
N TYR B 234 -61.69 4.50 -12.56
CA TYR B 234 -62.43 5.72 -12.84
C TYR B 234 -61.39 6.79 -13.19
N ALA B 235 -61.09 6.94 -14.47
CA ALA B 235 -60.11 7.95 -14.82
C ALA B 235 -60.41 8.71 -16.11
N GLY B 236 -59.39 8.90 -16.93
CA GLY B 236 -59.43 9.61 -18.20
C GLY B 236 -60.66 9.35 -19.03
N ASN B 237 -60.83 8.10 -19.44
CA ASN B 237 -61.85 7.73 -20.41
C ASN B 237 -63.25 8.05 -19.93
N ALA B 238 -63.47 8.16 -18.62
CA ALA B 238 -64.81 8.48 -18.10
C ALA B 238 -65.27 9.84 -18.60
N VAL B 239 -64.46 10.87 -18.38
CA VAL B 239 -64.84 12.21 -18.82
C VAL B 239 -64.80 12.30 -20.34
N THR B 240 -63.92 11.54 -20.98
CA THR B 240 -63.92 11.46 -22.44
C THR B 240 -65.26 10.95 -22.96
N SER B 241 -65.74 9.85 -22.37
CA SER B 241 -67.03 9.29 -22.80
C SER B 241 -68.18 10.24 -22.49
N ASP B 242 -68.10 10.98 -21.38
CA ASP B 242 -69.19 11.89 -21.02
C ASP B 242 -69.40 12.96 -22.07
N ILE B 243 -68.30 13.55 -22.55
CA ILE B 243 -68.41 14.57 -23.60
C ILE B 243 -69.01 13.99 -24.86
N ALA B 244 -68.55 12.79 -25.27
CA ALA B 244 -69.06 12.16 -26.48
C ALA B 244 -70.52 11.77 -26.33
N PHE B 245 -70.92 11.32 -25.14
CA PHE B 245 -72.29 10.84 -24.95
C PHE B 245 -73.29 11.98 -24.85
N ALA B 246 -72.86 13.15 -24.39
CA ALA B 246 -73.78 14.27 -24.16
C ALA B 246 -73.87 15.23 -25.33
N PHE B 247 -72.98 15.11 -26.32
CA PHE B 247 -72.96 16.04 -27.45
C PHE B 247 -73.19 15.36 -28.79
N GLY B 248 -73.32 14.03 -28.82
CA GLY B 248 -73.46 13.34 -30.09
C GLY B 248 -72.20 13.37 -30.93
N THR B 249 -71.03 13.35 -30.28
CA THR B 249 -69.69 13.44 -30.86
C THR B 249 -69.01 12.08 -30.81
N PRO B 250 -68.22 11.72 -31.80
CA PRO B 250 -67.41 10.49 -31.69
C PRO B 250 -66.28 10.65 -30.69
N LEU B 251 -65.82 9.51 -30.19
CA LEU B 251 -64.73 9.49 -29.19
C LEU B 251 -63.47 10.16 -29.73
N SER B 252 -63.09 9.87 -30.97
CA SER B 252 -61.87 10.42 -31.53
C SER B 252 -61.90 11.95 -31.53
N ASP B 253 -63.09 12.54 -31.63
CA ASP B 253 -63.24 14.00 -31.60
C ASP B 253 -63.44 14.52 -30.19
N ALA B 254 -64.19 13.78 -29.36
CA ALA B 254 -64.44 14.22 -27.99
C ALA B 254 -63.15 14.35 -27.20
N GLU B 255 -62.16 13.50 -27.48
CA GLU B 255 -60.86 13.65 -26.84
C GLU B 255 -60.20 14.97 -27.23
N GLU B 256 -60.21 15.29 -28.52
CA GLU B 256 -59.48 16.47 -29.00
C GLU B 256 -60.05 17.77 -28.42
N ILE B 257 -61.38 17.86 -28.27
CA ILE B 257 -61.94 19.07 -27.68
C ILE B 257 -61.61 19.15 -26.19
N LYS B 258 -61.69 18.01 -25.49
CA LYS B 258 -61.37 18.00 -24.06
C LYS B 258 -59.92 18.40 -23.81
N VAL B 259 -58.99 17.87 -24.61
CA VAL B 259 -57.57 18.14 -24.37
C VAL B 259 -57.24 19.60 -24.64
N LYS B 260 -57.99 20.25 -25.53
CA LYS B 260 -57.66 21.60 -25.97
C LYS B 260 -58.57 22.68 -25.40
N TYR B 261 -59.77 22.32 -24.92
CA TYR B 261 -60.70 23.30 -24.40
C TYR B 261 -61.34 22.87 -23.08
N GLY B 262 -60.93 21.74 -22.50
CA GLY B 262 -61.57 21.26 -21.30
C GLY B 262 -61.15 22.04 -20.06
N CYS B 263 -62.07 22.11 -19.11
CA CYS B 263 -61.82 22.77 -17.84
C CYS B 263 -62.51 21.98 -16.72
N ALA B 264 -61.80 21.83 -15.60
CA ALA B 264 -62.34 21.06 -14.48
C ALA B 264 -63.25 21.88 -13.59
N LEU B 265 -63.29 23.20 -13.74
CA LEU B 265 -64.19 24.06 -13.00
C LEU B 265 -64.98 24.91 -13.98
N SER B 266 -66.31 24.84 -13.89
CA SER B 266 -67.19 25.55 -14.81
C SER B 266 -67.32 27.03 -14.51
N GLU B 267 -66.40 27.60 -13.74
CA GLU B 267 -66.44 29.02 -13.41
C GLU B 267 -65.20 29.79 -13.83
N LEU B 268 -64.07 29.12 -14.08
CA LEU B 268 -62.87 29.83 -14.51
C LEU B 268 -62.94 30.25 -15.97
N VAL B 269 -63.81 29.66 -16.76
CA VAL B 269 -63.97 30.00 -18.17
C VAL B 269 -64.99 31.13 -18.28
N SER B 270 -64.85 31.92 -19.34
CA SER B 270 -65.77 33.02 -19.60
C SER B 270 -66.80 32.60 -20.65
N LYS B 271 -67.90 33.35 -20.69
CA LYS B 271 -68.95 33.09 -21.67
C LYS B 271 -68.60 33.58 -23.07
N ASP B 272 -67.47 34.27 -23.23
CA ASP B 272 -67.01 34.65 -24.55
C ASP B 272 -66.25 33.51 -25.23
N ASP B 273 -65.57 32.67 -24.46
CA ASP B 273 -64.86 31.54 -25.03
C ASP B 273 -65.84 30.56 -25.65
N THR B 274 -65.60 30.17 -26.90
CA THR B 274 -66.48 29.27 -27.61
C THR B 274 -65.67 28.27 -28.41
N VAL B 275 -66.26 27.07 -28.58
CA VAL B 275 -65.67 26.01 -29.38
C VAL B 275 -66.71 25.55 -30.39
N ASN B 276 -66.29 24.66 -31.28
CA ASN B 276 -67.18 24.07 -32.27
C ASN B 276 -66.95 22.56 -32.29
N VAL B 277 -68.04 21.81 -32.19
CA VAL B 277 -67.97 20.35 -32.21
C VAL B 277 -68.49 19.84 -33.55
N PRO B 278 -67.86 18.84 -34.15
CA PRO B 278 -68.34 18.32 -35.44
C PRO B 278 -69.42 17.27 -35.28
N SER B 279 -70.68 17.68 -35.50
CA SER B 279 -71.78 16.73 -35.41
C SER B 279 -71.74 15.75 -36.58
N VAL B 280 -71.84 14.46 -36.27
CA VAL B 280 -71.79 13.45 -37.31
C VAL B 280 -73.11 13.43 -38.08
N GLY B 281 -73.07 12.85 -39.27
CA GLY B 281 -74.25 12.74 -40.12
C GLY B 281 -74.17 13.64 -41.33
N GLY B 282 -75.35 13.95 -41.87
CA GLY B 282 -75.44 14.78 -43.05
C GLY B 282 -75.22 16.25 -42.76
N ARG B 283 -75.73 16.72 -41.62
CA ARG B 283 -75.59 18.12 -41.27
C ARG B 283 -74.15 18.43 -40.86
N PRO B 284 -73.72 19.69 -40.98
CA PRO B 284 -72.35 20.04 -40.59
C PRO B 284 -72.14 20.08 -39.09
N SER B 285 -71.44 21.10 -38.62
CA SER B 285 -71.07 21.23 -37.21
C SER B 285 -71.90 22.31 -36.54
N ARG B 286 -71.68 22.46 -35.23
CA ARG B 286 -72.41 23.42 -34.41
C ARG B 286 -71.45 24.09 -33.44
N SER B 287 -71.68 25.37 -33.19
CA SER B 287 -70.90 26.08 -32.19
C SER B 287 -71.35 25.69 -30.79
N LEU B 288 -70.43 25.80 -29.84
CA LEU B 288 -70.71 25.44 -28.45
C LEU B 288 -70.03 26.42 -27.51
N GLN B 289 -70.78 26.84 -26.49
CA GLN B 289 -70.22 27.63 -25.41
C GLN B 289 -69.19 26.81 -24.65
N ARG B 290 -67.96 27.34 -24.54
CA ARG B 290 -66.91 26.62 -23.82
C ARG B 290 -67.29 26.37 -22.37
N GLN B 291 -68.17 27.22 -21.81
CA GLN B 291 -68.64 27.00 -20.44
C GLN B 291 -69.51 25.75 -20.35
N THR B 292 -70.33 25.51 -21.37
CA THR B 292 -71.18 24.31 -21.38
C THR B 292 -70.34 23.05 -21.38
N LEU B 293 -69.19 23.06 -22.06
CA LEU B 293 -68.30 21.91 -22.04
C LEU B 293 -67.74 21.66 -20.65
N ALA B 294 -67.28 22.72 -19.99
CA ALA B 294 -66.77 22.57 -18.63
C ALA B 294 -67.86 22.19 -17.65
N GLU B 295 -69.11 22.54 -17.95
CA GLU B 295 -70.24 22.14 -17.11
C GLU B 295 -70.48 20.64 -17.13
N VAL B 296 -69.90 19.91 -18.07
CA VAL B 296 -70.01 18.47 -18.13
C VAL B 296 -68.77 17.85 -17.51
N ILE B 297 -67.63 18.51 -17.67
CA ILE B 297 -66.37 17.98 -17.14
C ILE B 297 -66.27 18.22 -15.63
N GLU B 298 -66.83 19.32 -15.12
CA GLU B 298 -66.75 19.62 -13.70
C GLU B 298 -67.38 18.54 -12.83
N PRO B 299 -68.64 18.12 -13.05
CA PRO B 299 -69.23 17.13 -12.15
C PRO B 299 -68.48 15.81 -12.13
N ARG B 300 -67.83 15.43 -13.23
CA ARG B 300 -67.08 14.17 -13.25
C ARG B 300 -65.86 14.26 -12.35
N TYR B 301 -65.09 15.34 -12.45
CA TYR B 301 -63.92 15.51 -11.60
C TYR B 301 -64.29 15.63 -10.13
N THR B 302 -65.43 16.25 -9.82
CA THR B 302 -65.87 16.30 -8.43
C THR B 302 -66.15 14.90 -7.90
N GLU B 303 -66.77 14.06 -8.72
CA GLU B 303 -66.98 12.68 -8.33
C GLU B 303 -65.66 11.91 -8.31
N LEU B 304 -64.80 12.20 -9.28
CA LEU B 304 -63.51 11.52 -9.36
C LEU B 304 -62.69 11.74 -8.09
N MET B 305 -62.64 12.99 -7.63
CA MET B 305 -61.93 13.29 -6.38
C MET B 305 -62.69 12.81 -5.16
N GLY B 306 -64.02 12.74 -5.23
CA GLY B 306 -64.79 12.26 -4.09
C GLY B 306 -64.44 10.85 -3.68
N LEU B 307 -64.08 9.99 -4.65
CA LEU B 307 -63.61 8.65 -4.31
C LEU B 307 -62.29 8.69 -3.56
N VAL B 308 -61.40 9.62 -3.91
CA VAL B 308 -60.15 9.76 -3.20
C VAL B 308 -60.39 10.27 -1.79
N ASN B 309 -61.25 11.29 -1.65
CA ASN B 309 -61.55 11.84 -0.33
C ASN B 309 -62.16 10.78 0.59
N GLN B 310 -63.11 10.01 0.07
CA GLN B 310 -63.72 8.95 0.88
C GLN B 310 -62.67 7.92 1.30
N THR B 311 -61.71 7.63 0.42
CA THR B 311 -60.63 6.72 0.78
C THR B 311 -59.77 7.30 1.89
N ILE B 312 -59.45 8.60 1.81
CA ILE B 312 -58.63 9.23 2.85
C ILE B 312 -59.32 9.15 4.21
N ASP B 313 -60.63 9.43 4.25
CA ASP B 313 -61.33 9.41 5.53
C ASP B 313 -61.34 8.02 6.14
N ASN B 314 -61.55 6.99 5.32
CA ASN B 314 -61.57 5.63 5.84
C ASN B 314 -60.18 5.16 6.27
N VAL B 315 -59.12 5.64 5.60
CA VAL B 315 -57.77 5.29 6.01
C VAL B 315 -57.36 6.08 7.25
N GLN B 316 -57.70 7.37 7.29
CA GLN B 316 -57.40 8.18 8.47
C GLN B 316 -58.14 7.66 9.69
N ALA B 317 -59.35 7.13 9.49
CA ALA B 317 -60.11 6.57 10.62
C ALA B 317 -59.38 5.37 11.21
N LYS B 318 -59.00 4.41 10.38
CA LYS B 318 -58.25 3.26 10.86
C LYS B 318 -56.89 3.67 11.39
N LEU B 319 -56.31 4.75 10.85
CA LEU B 319 -55.00 5.20 11.31
C LEU B 319 -55.08 5.90 12.66
N ARG B 320 -56.20 6.53 12.97
CA ARG B 320 -56.37 7.18 14.27
C ARG B 320 -56.87 6.21 15.33
N GLU B 321 -57.73 5.27 14.93
CA GLU B 321 -58.24 4.20 15.78
C GLU B 321 -57.22 3.07 15.89
N ASN B 322 -55.96 3.42 16.19
CA ASN B 322 -54.83 2.48 16.15
C ASN B 322 -53.52 3.21 16.33
N GLY B 323 -53.57 4.38 16.96
CA GLY B 323 -52.44 5.28 17.15
C GLY B 323 -51.28 5.28 16.17
N VAL B 324 -51.37 6.13 15.15
CA VAL B 324 -50.26 6.37 14.24
C VAL B 324 -50.59 7.69 13.54
N LYS B 325 -49.57 8.32 12.96
CA LYS B 325 -49.76 9.63 12.34
C LYS B 325 -50.90 9.59 11.33
N HIS B 326 -51.96 10.34 11.61
CA HIS B 326 -53.18 10.29 10.83
C HIS B 326 -53.39 11.55 9.99
N HIS B 327 -52.49 12.53 10.05
CA HIS B 327 -52.71 13.80 9.37
C HIS B 327 -52.01 13.80 8.03
N LEU B 328 -52.63 14.48 7.06
CA LEU B 328 -52.04 14.75 5.75
C LEU B 328 -51.70 16.24 5.75
N ALA B 329 -50.45 16.56 6.10
CA ALA B 329 -50.07 17.96 6.19
C ALA B 329 -49.84 18.54 4.80
N ALA B 330 -49.05 17.85 3.97
CA ALA B 330 -48.76 18.31 2.62
C ALA B 330 -49.94 18.15 1.68
N GLY B 331 -51.04 17.53 2.12
CA GLY B 331 -52.24 17.48 1.31
C GLY B 331 -52.20 16.41 0.23
N VAL B 332 -52.82 16.71 -0.91
CA VAL B 332 -53.00 15.77 -2.00
C VAL B 332 -52.19 16.25 -3.20
N VAL B 333 -51.58 15.32 -3.92
CA VAL B 333 -50.76 15.62 -5.09
C VAL B 333 -51.35 14.88 -6.29
N LEU B 334 -51.83 15.64 -7.27
CA LEU B 334 -52.34 15.08 -8.50
C LEU B 334 -51.22 14.87 -9.50
N THR B 335 -51.27 13.77 -10.23
CA THR B 335 -50.29 13.47 -11.26
C THR B 335 -50.95 12.64 -12.35
N GLY B 336 -50.18 12.31 -13.38
CA GLY B 336 -50.72 11.58 -14.49
C GLY B 336 -51.19 12.48 -15.62
N GLY B 337 -51.80 11.84 -16.61
CA GLY B 337 -52.24 12.58 -17.79
C GLY B 337 -53.46 13.44 -17.52
N ALA B 338 -54.51 12.85 -16.97
CA ALA B 338 -55.75 13.59 -16.75
C ALA B 338 -55.62 14.67 -15.68
N ALA B 339 -54.47 14.76 -15.00
CA ALA B 339 -54.20 15.84 -14.08
C ALA B 339 -53.74 17.11 -14.80
N GLN B 340 -53.70 17.09 -16.13
CA GLN B 340 -53.23 18.22 -16.92
C GLN B 340 -54.34 19.18 -17.33
N ILE B 341 -55.62 18.80 -17.14
CA ILE B 341 -56.70 19.68 -17.54
C ILE B 341 -56.70 20.94 -16.68
N GLU B 342 -57.20 22.03 -17.26
CA GLU B 342 -57.19 23.32 -16.57
C GLU B 342 -58.22 23.33 -15.45
N GLY B 343 -57.78 23.71 -14.26
CA GLY B 343 -58.67 23.84 -13.13
C GLY B 343 -58.75 22.64 -12.20
N VAL B 344 -57.80 21.72 -12.25
CA VAL B 344 -57.80 20.58 -11.32
C VAL B 344 -57.63 21.07 -9.88
N VAL B 345 -56.62 21.89 -9.63
CA VAL B 345 -56.33 22.34 -8.28
C VAL B 345 -57.48 23.15 -7.70
N GLU B 346 -58.23 23.84 -8.56
CA GLU B 346 -59.31 24.69 -8.07
C GLU B 346 -60.50 23.86 -7.62
N CYS B 347 -60.89 22.86 -8.40
CA CYS B 347 -62.02 22.01 -8.06
C CYS B 347 -61.63 20.84 -7.16
N ALA B 348 -60.35 20.66 -6.87
CA ALA B 348 -59.92 19.64 -5.92
C ALA B 348 -59.86 20.17 -4.49
N GLU B 349 -59.41 21.41 -4.31
CA GLU B 349 -59.39 22.00 -2.98
C GLU B 349 -60.79 22.16 -2.39
N ARG B 350 -61.83 22.11 -3.23
CA ARG B 350 -63.20 22.23 -2.73
C ARG B 350 -63.71 20.91 -2.16
N VAL B 351 -63.22 19.79 -2.68
CA VAL B 351 -63.68 18.48 -2.25
C VAL B 351 -62.81 17.88 -1.15
N PHE B 352 -61.50 18.15 -1.18
CA PHE B 352 -60.58 17.65 -0.17
C PHE B 352 -60.43 18.61 1.00
N ARG B 353 -60.46 19.91 0.74
CA ARG B 353 -60.31 20.97 1.74
C ARG B 353 -58.90 21.04 2.29
N ASN B 354 -57.94 20.36 1.67
CA ASN B 354 -56.55 20.33 2.07
C ASN B 354 -55.71 20.95 0.96
N GLN B 355 -54.40 21.01 1.19
CA GLN B 355 -53.51 21.57 0.18
C GLN B 355 -53.44 20.63 -1.02
N VAL B 356 -53.48 21.22 -2.22
CA VAL B 356 -53.51 20.45 -3.46
C VAL B 356 -52.54 21.06 -4.45
N ARG B 357 -51.79 20.22 -5.14
CA ARG B 357 -50.88 20.66 -6.19
C ARG B 357 -50.86 19.62 -7.29
N VAL B 358 -50.25 19.99 -8.42
CA VAL B 358 -50.06 19.08 -9.55
C VAL B 358 -48.57 18.81 -9.68
N GLY B 359 -48.16 17.61 -9.29
CA GLY B 359 -46.76 17.27 -9.24
C GLY B 359 -46.23 16.75 -10.57
N LYS B 360 -45.05 17.21 -10.93
CA LYS B 360 -44.32 16.74 -12.09
C LYS B 360 -43.09 15.96 -11.64
N PRO B 361 -42.50 15.15 -12.51
CA PRO B 361 -41.32 14.36 -12.11
C PRO B 361 -40.21 15.24 -11.53
N LEU B 362 -39.61 14.76 -10.45
CA LEU B 362 -38.56 15.45 -9.74
C LEU B 362 -37.25 14.68 -9.83
N GLU B 363 -36.18 15.35 -9.41
CA GLU B 363 -34.82 14.80 -9.45
C GLU B 363 -34.50 14.18 -10.82
N VAL B 364 -34.58 15.02 -11.84
CA VAL B 364 -34.25 14.62 -13.20
C VAL B 364 -33.12 15.50 -13.69
N SER B 365 -32.24 14.91 -14.51
CA SER B 365 -31.09 15.63 -15.05
C SER B 365 -30.89 15.22 -16.50
N GLY B 366 -30.64 16.20 -17.37
CA GLY B 366 -30.36 15.91 -18.76
C GLY B 366 -31.60 15.48 -19.53
N LEU B 367 -31.76 15.99 -20.75
CA LEU B 367 -32.89 15.64 -21.60
C LEU B 367 -34.21 15.87 -20.88
N THR B 368 -34.30 16.99 -20.16
CA THR B 368 -35.47 17.34 -19.37
C THR B 368 -36.64 17.83 -20.22
N ASP B 369 -36.62 17.57 -21.52
CA ASP B 369 -37.70 18.00 -22.41
C ASP B 369 -38.75 16.93 -22.63
N TYR B 370 -38.36 15.65 -22.62
CA TYR B 370 -39.30 14.55 -22.73
C TYR B 370 -39.66 13.96 -21.37
N VAL B 371 -39.21 14.60 -20.28
CA VAL B 371 -39.54 14.14 -18.94
C VAL B 371 -39.92 15.34 -18.08
N LYS B 372 -40.96 16.05 -18.49
CA LYS B 372 -41.42 17.21 -17.73
C LYS B 372 -42.89 17.13 -17.37
N GLU B 373 -43.73 16.64 -18.27
CA GLU B 373 -45.17 16.63 -18.07
C GLU B 373 -45.58 15.52 -17.09
N PRO B 374 -46.69 15.70 -16.38
CA PRO B 374 -47.04 14.75 -15.32
C PRO B 374 -47.28 13.33 -15.79
N TYR B 375 -47.68 13.11 -17.05
CA TYR B 375 -47.96 11.75 -17.48
C TYR B 375 -46.71 10.88 -17.58
N HIS B 376 -45.52 11.48 -17.44
CA HIS B 376 -44.27 10.72 -17.41
C HIS B 376 -43.87 10.32 -16.00
N SER B 377 -44.60 10.78 -14.97
CA SER B 377 -44.20 10.53 -13.59
C SER B 377 -44.13 9.04 -13.29
N THR B 378 -45.17 8.29 -13.67
CA THR B 378 -45.17 6.86 -13.42
C THR B 378 -43.99 6.16 -14.07
N ALA B 379 -43.55 6.64 -15.23
CA ALA B 379 -42.43 6.01 -15.93
C ALA B 379 -41.11 6.28 -15.21
N VAL B 380 -40.87 7.52 -14.80
CA VAL B 380 -39.60 7.86 -14.15
C VAL B 380 -39.49 7.23 -12.77
N GLY B 381 -40.63 6.90 -12.14
CA GLY B 381 -40.57 6.19 -10.88
C GLY B 381 -39.99 4.80 -11.03
N LEU B 382 -40.19 4.18 -12.19
CA LEU B 382 -39.53 2.91 -12.47
C LEU B 382 -38.02 3.07 -12.49
N LEU B 383 -37.53 4.22 -12.97
CA LEU B 383 -36.09 4.48 -12.94
C LEU B 383 -35.59 4.67 -11.51
N HIS B 384 -36.38 5.37 -10.68
CA HIS B 384 -36.00 5.52 -9.28
C HIS B 384 -35.94 4.17 -8.59
N TYR B 385 -36.96 3.33 -8.81
CA TYR B 385 -37.00 2.01 -8.20
C TYR B 385 -35.83 1.16 -8.69
N ALA B 386 -35.58 1.17 -10.01
CA ALA B 386 -34.51 0.38 -10.59
C ALA B 386 -33.13 0.85 -10.13
N ARG B 387 -33.01 2.08 -9.65
CA ARG B 387 -31.73 2.57 -9.15
C ARG B 387 -31.38 1.91 -7.83
N ASP B 388 -32.28 1.98 -6.85
CA ASP B 388 -32.03 1.43 -5.53
C ASP B 388 -32.06 -0.09 -5.55
N SER B 389 -31.02 -0.70 -6.14
CA SER B 389 -30.94 -2.14 -6.23
C SER B 389 -29.51 -2.63 -5.99
N ASN C 8 28.16 1.36 -20.63
CA ASN C 8 28.35 0.14 -19.85
C ASN C 8 27.37 0.10 -18.67
N ILE C 9 27.63 0.93 -17.67
CA ILE C 9 26.80 1.03 -16.47
C ILE C 9 26.27 2.46 -16.37
N ILE C 10 25.04 2.59 -15.90
CA ILE C 10 24.37 3.89 -15.80
C ILE C 10 23.83 4.05 -14.38
N VAL C 11 23.95 5.26 -13.85
CA VAL C 11 23.60 5.53 -12.45
C VAL C 11 22.94 6.89 -12.34
N GLY C 12 21.86 6.96 -11.56
CA GLY C 12 21.21 8.21 -11.25
C GLY C 12 21.53 8.66 -9.82
N LEU C 13 21.10 9.90 -9.51
CA LEU C 13 21.36 10.47 -8.19
C LEU C 13 20.45 11.66 -7.93
N ASP C 14 19.24 11.40 -7.44
CA ASP C 14 18.29 12.45 -7.08
C ASP C 14 18.52 12.85 -5.63
N ILE C 15 19.38 13.83 -5.41
CA ILE C 15 19.64 14.34 -4.07
C ILE C 15 18.50 15.28 -3.68
N GLY C 16 17.44 14.71 -3.10
CA GLY C 16 16.26 15.48 -2.79
C GLY C 16 16.34 16.20 -1.45
N THR C 17 15.36 17.08 -1.23
CA THR C 17 15.29 17.84 0.01
C THR C 17 14.97 16.95 1.21
N ALA C 18 14.32 15.80 0.99
CA ALA C 18 13.98 14.87 2.07
C ALA C 18 14.70 13.54 1.94
N THR C 19 14.56 12.86 0.80
CA THR C 19 15.18 11.57 0.57
C THR C 19 16.11 11.65 -0.64
N VAL C 20 17.23 10.95 -0.56
CA VAL C 20 18.19 10.85 -1.64
C VAL C 20 18.01 9.50 -2.31
N SER C 21 17.71 9.50 -3.60
CA SER C 21 17.55 8.29 -4.37
C SER C 21 18.77 8.05 -5.24
N ALA C 22 19.16 6.79 -5.39
CA ALA C 22 20.35 6.42 -6.14
C ALA C 22 20.10 5.09 -6.83
N LEU C 23 20.03 5.12 -8.17
CA LEU C 23 19.75 3.94 -8.96
C LEU C 23 20.96 3.55 -9.79
N VAL C 24 21.07 2.25 -10.06
CA VAL C 24 22.11 1.70 -10.90
C VAL C 24 21.42 0.95 -12.02
N GLY C 25 21.96 1.04 -13.23
CA GLY C 25 21.35 0.35 -14.35
C GLY C 25 22.38 -0.05 -15.38
N GLU C 26 21.94 -0.91 -16.29
CA GLU C 26 22.78 -1.42 -17.36
C GLU C 26 22.18 -1.03 -18.70
N VAL C 27 23.05 -0.62 -19.63
CA VAL C 27 22.60 -0.26 -20.97
C VAL C 27 22.51 -1.54 -21.81
N LEU C 28 21.31 -1.84 -22.28
CA LEU C 28 21.19 -3.01 -23.16
C LEU C 28 21.56 -2.61 -24.58
N PRO C 29 22.01 -3.57 -25.40
CA PRO C 29 22.46 -3.23 -26.76
C PRO C 29 21.43 -2.47 -27.57
N ASP C 30 20.14 -2.81 -27.41
CA ASP C 30 19.10 -2.12 -28.17
C ASP C 30 18.86 -0.71 -27.65
N GLY C 31 18.98 -0.52 -26.34
CA GLY C 31 18.76 0.80 -25.76
C GLY C 31 18.01 0.75 -24.44
N GLN C 32 17.10 -0.21 -24.30
CA GLN C 32 16.32 -0.34 -23.08
C GLN C 32 17.23 -0.48 -21.87
N VAL C 33 17.02 0.36 -20.87
CA VAL C 33 17.81 0.35 -19.64
C VAL C 33 17.07 -0.46 -18.58
N ASN C 34 17.76 -1.43 -18.00
CA ASN C 34 17.25 -2.24 -16.91
C ASN C 34 17.95 -1.84 -15.61
N ILE C 35 17.17 -1.74 -14.53
CA ILE C 35 17.72 -1.30 -13.25
C ILE C 35 18.33 -2.50 -12.54
N ILE C 36 19.55 -2.34 -12.05
CA ILE C 36 20.28 -3.42 -11.42
C ILE C 36 20.16 -3.30 -9.91
N GLY C 37 20.12 -2.07 -9.41
CA GLY C 37 20.01 -1.83 -7.98
C GLY C 37 19.56 -0.43 -7.64
N ALA C 38 18.71 -0.30 -6.63
CA ALA C 38 18.24 0.99 -6.16
C ALA C 38 18.89 1.32 -4.82
N GLY C 39 18.53 2.48 -4.28
CA GLY C 39 19.10 2.92 -3.03
C GLY C 39 18.52 4.24 -2.57
N SER C 40 18.10 4.30 -1.30
CA SER C 40 17.46 5.47 -0.75
C SER C 40 17.88 5.66 0.70
N SER C 41 17.85 6.92 1.14
CA SER C 41 18.22 7.28 2.50
C SER C 41 17.72 8.70 2.75
N PRO C 42 17.12 8.99 3.91
CA PRO C 42 16.66 10.35 4.17
C PRO C 42 17.82 11.33 4.24
N SER C 43 17.62 12.51 3.65
CA SER C 43 18.66 13.52 3.53
C SER C 43 18.39 14.65 4.52
N ARG C 44 19.34 14.86 5.43
CA ARG C 44 19.33 16.00 6.33
C ARG C 44 20.35 17.02 5.85
N GLY C 45 20.03 18.30 6.06
CA GLY C 45 20.87 19.36 5.58
C GLY C 45 20.49 19.85 4.19
N MET C 46 19.21 19.81 3.85
CA MET C 46 18.70 20.23 2.56
C MET C 46 17.53 21.18 2.77
N ASP C 47 17.40 22.15 1.87
CA ASP C 47 16.30 23.11 1.96
C ASP C 47 16.03 23.70 0.59
N LYS C 48 14.78 23.60 0.13
CA LYS C 48 14.34 24.18 -1.13
C LYS C 48 15.24 23.74 -2.29
N GLY C 49 15.54 22.45 -2.32
CA GLY C 49 16.35 21.88 -3.38
C GLY C 49 17.81 22.27 -3.36
N GLY C 50 18.25 23.07 -2.40
CA GLY C 50 19.64 23.49 -2.30
C GLY C 50 20.27 22.99 -1.01
N VAL C 51 21.60 23.07 -0.99
CA VAL C 51 22.37 22.59 0.16
C VAL C 51 22.28 23.59 1.30
N ASN C 52 22.14 23.08 2.51
CA ASN C 52 22.07 23.89 3.72
C ASN C 52 23.07 23.47 4.79
N ASP C 53 23.53 22.22 4.78
CA ASP C 53 24.53 21.74 5.73
C ASP C 53 25.37 20.70 5.00
N LEU C 54 26.55 21.12 4.53
CA LEU C 54 27.34 20.29 3.61
C LEU C 54 27.71 18.95 4.23
N GLU C 55 28.05 18.94 5.52
CA GLU C 55 28.49 17.70 6.15
C GLU C 55 27.36 16.69 6.29
N SER C 56 26.11 17.16 6.45
CA SER C 56 25.00 16.25 6.61
C SER C 56 24.54 15.66 5.28
N VAL C 57 24.60 16.44 4.19
CA VAL C 57 24.18 15.90 2.90
C VAL C 57 25.24 14.94 2.36
N VAL C 58 26.52 15.18 2.67
CA VAL C 58 27.56 14.24 2.26
C VAL C 58 27.32 12.89 2.91
N LYS C 59 26.93 12.88 4.18
CA LYS C 59 26.56 11.63 4.83
C LYS C 59 25.33 11.01 4.18
N SER C 60 24.35 11.84 3.82
CA SER C 60 23.12 11.33 3.22
C SER C 60 23.39 10.78 1.81
N VAL C 61 24.19 11.50 1.01
CA VAL C 61 24.51 11.04 -0.33
C VAL C 61 25.32 9.76 -0.29
N GLN C 62 26.20 9.61 0.71
CA GLN C 62 26.99 8.39 0.82
C GLN C 62 26.14 7.22 1.31
N ARG C 63 25.13 7.51 2.14
CA ARG C 63 24.26 6.45 2.64
C ARG C 63 23.50 5.78 1.50
N ALA C 64 23.01 6.55 0.54
CA ALA C 64 22.23 5.99 -0.55
C ALA C 64 23.10 5.34 -1.62
N VAL C 65 24.26 5.95 -1.94
CA VAL C 65 25.09 5.39 -3.00
C VAL C 65 25.73 4.09 -2.55
N ASP C 66 25.96 3.92 -1.24
CA ASP C 66 26.54 2.68 -0.75
C ASP C 66 25.50 1.57 -0.72
N GLN C 67 24.27 1.88 -0.33
CA GLN C 67 23.21 0.88 -0.34
C GLN C 67 22.82 0.47 -1.74
N ALA C 68 22.97 1.38 -2.72
CA ALA C 68 22.73 1.03 -4.11
C ALA C 68 23.91 0.29 -4.72
N GLU C 69 25.12 0.61 -4.29
CA GLU C 69 26.32 -0.07 -4.78
C GLU C 69 26.33 -1.55 -4.41
N LEU C 70 25.59 -1.93 -3.38
CA LEU C 70 25.53 -3.33 -2.93
C LEU C 70 24.47 -4.14 -3.66
N MET C 71 23.31 -3.55 -3.93
CA MET C 71 22.23 -4.24 -4.62
C MET C 71 22.52 -4.45 -6.10
N ALA C 72 23.67 -3.99 -6.60
CA ALA C 72 24.02 -4.17 -8.00
C ALA C 72 25.37 -4.85 -8.22
N GLU C 73 26.09 -5.20 -7.15
CA GLU C 73 27.36 -5.92 -7.26
C GLU C 73 28.34 -5.22 -8.19
N CYS C 74 28.46 -3.90 -8.02
CA CYS C 74 29.38 -3.12 -8.85
C CYS C 74 29.73 -1.82 -8.14
N GLN C 75 30.91 -1.29 -8.47
CA GLN C 75 31.41 -0.05 -7.88
C GLN C 75 30.98 1.15 -8.70
N ILE C 76 30.50 2.19 -8.01
CA ILE C 76 30.05 3.42 -8.66
C ILE C 76 31.24 4.36 -8.80
N SER C 77 31.36 5.00 -9.97
CA SER C 77 32.51 5.88 -10.20
C SER C 77 32.13 7.26 -10.73
N SER C 78 31.14 7.34 -11.62
CA SER C 78 30.68 8.61 -12.16
C SER C 78 29.16 8.60 -12.15
N VAL C 79 28.54 9.75 -11.87
CA VAL C 79 27.10 9.82 -11.65
C VAL C 79 26.50 11.02 -12.39
N PHE C 80 25.20 10.89 -12.69
CA PHE C 80 24.38 11.99 -13.18
C PHE C 80 23.50 12.46 -12.03
N ILE C 81 23.62 13.74 -11.67
CA ILE C 81 22.90 14.28 -10.51
C ILE C 81 21.83 15.25 -11.00
N SER C 82 20.74 15.31 -10.24
CA SER C 82 19.66 16.25 -10.51
C SER C 82 19.91 17.57 -9.77
N LEU C 83 19.16 18.60 -10.17
CA LEU C 83 19.30 19.90 -9.56
C LEU C 83 18.00 20.68 -9.75
N SER C 84 17.60 21.40 -8.70
CA SER C 84 16.40 22.23 -8.73
C SER C 84 16.61 23.42 -7.82
N GLY C 85 15.62 24.28 -7.76
CA GLY C 85 15.66 25.46 -6.92
C GLY C 85 15.03 26.66 -7.62
N LYS C 86 14.67 27.66 -6.83
CA LYS C 86 14.07 28.88 -7.36
C LYS C 86 14.97 29.56 -8.38
N HIS C 87 16.28 29.33 -8.30
CA HIS C 87 17.22 29.98 -9.22
C HIS C 87 17.12 29.44 -10.63
N ILE C 88 16.39 28.35 -10.85
CA ILE C 88 16.27 27.78 -12.19
C ILE C 88 15.46 28.73 -13.07
N ALA C 89 16.01 29.04 -14.24
CA ALA C 89 15.35 29.93 -15.19
C ALA C 89 15.47 29.35 -16.59
N SER C 90 14.56 29.78 -17.47
CA SER C 90 14.51 29.28 -18.83
C SER C 90 14.57 30.44 -19.80
N ARG C 91 15.28 30.26 -20.90
CA ARG C 91 15.42 31.28 -21.92
C ARG C 91 15.23 30.65 -23.29
N ILE C 92 14.76 31.46 -24.24
CA ILE C 92 14.55 31.05 -25.61
C ILE C 92 15.31 32.00 -26.52
N GLU C 93 16.26 31.47 -27.28
CA GLU C 93 17.11 32.27 -28.17
C GLU C 93 17.11 31.62 -29.54
N LYS C 94 16.95 32.45 -30.58
CA LYS C 94 16.92 31.97 -31.94
C LYS C 94 18.28 32.10 -32.61
N GLY C 95 18.50 31.29 -33.64
CA GLY C 95 19.74 31.31 -34.39
C GLY C 95 19.48 30.85 -35.82
N MET C 96 20.52 30.97 -36.64
CA MET C 96 20.41 30.58 -38.04
C MET C 96 21.75 30.07 -38.52
N GLY C 97 21.73 29.42 -39.68
CA GLY C 97 22.94 28.88 -40.27
C GLY C 97 22.72 28.40 -41.70
N THR C 98 23.78 28.40 -42.49
CA THR C 98 23.68 27.94 -43.87
C THR C 98 23.61 26.43 -43.91
N ILE C 99 22.95 25.91 -44.95
CA ILE C 99 22.82 24.47 -45.17
C ILE C 99 23.79 24.15 -46.30
N SER C 100 25.00 23.74 -45.93
CA SER C 100 26.04 23.47 -46.90
C SER C 100 25.67 22.27 -47.78
N GLU C 101 26.00 22.37 -49.06
CA GLU C 101 25.74 21.32 -50.05
C GLU C 101 24.29 20.85 -50.01
N GLU C 102 23.38 21.80 -49.72
CA GLU C 102 21.93 21.57 -49.73
C GLU C 102 21.55 20.27 -49.04
N GLU C 103 22.29 19.91 -47.98
CA GLU C 103 22.03 18.70 -47.21
C GLU C 103 22.28 19.02 -45.74
N VAL C 104 21.28 18.74 -44.90
CA VAL C 104 21.35 19.08 -43.49
C VAL C 104 22.25 18.10 -42.75
N SER C 105 23.56 18.25 -42.94
CA SER C 105 24.52 17.46 -42.20
C SER C 105 24.57 17.92 -40.75
N GLN C 106 25.17 17.07 -39.89
CA GLN C 106 25.25 17.38 -38.47
C GLN C 106 25.96 18.71 -38.23
N ASP C 107 26.93 19.07 -39.07
CA ASP C 107 27.55 20.39 -38.94
C ASP C 107 26.54 21.51 -39.17
N ASP C 108 25.55 21.29 -40.04
CA ASP C 108 24.50 22.29 -40.20
C ASP C 108 23.54 22.29 -39.02
N MET C 109 23.28 21.11 -38.43
CA MET C 109 22.42 21.06 -37.27
C MET C 109 23.11 21.62 -36.04
N ASP C 110 24.43 21.45 -35.95
CA ASP C 110 25.19 21.97 -34.82
C ASP C 110 25.52 23.45 -34.96
N ARG C 111 25.63 23.94 -36.20
CA ARG C 111 25.99 25.34 -36.42
C ARG C 111 24.87 26.28 -35.95
N ALA C 112 23.63 25.96 -36.31
CA ALA C 112 22.51 26.82 -35.93
C ALA C 112 22.33 26.86 -34.42
N ILE C 113 22.59 25.75 -33.73
CA ILE C 113 22.45 25.74 -32.28
C ILE C 113 23.55 26.56 -31.63
N HIS C 114 24.78 26.44 -32.15
CA HIS C 114 25.91 27.17 -31.57
C HIS C 114 25.67 28.69 -31.60
N THR C 115 25.11 29.20 -32.69
CA THR C 115 24.85 30.63 -32.78
C THR C 115 23.78 31.06 -31.77
N ALA C 116 22.68 30.31 -31.70
CA ALA C 116 21.62 30.62 -30.75
C ALA C 116 22.05 30.40 -29.31
N LYS C 117 23.05 29.55 -29.07
CA LYS C 117 23.50 29.25 -27.72
C LYS C 117 24.46 30.30 -27.19
N SER C 118 25.30 30.88 -28.05
CA SER C 118 26.30 31.86 -27.63
C SER C 118 25.61 33.18 -27.35
N ILE C 119 25.39 33.48 -26.07
CA ILE C 119 24.80 34.74 -25.63
C ILE C 119 25.58 35.22 -24.40
N LYS C 120 25.24 36.43 -23.95
CA LYS C 120 25.82 37.01 -22.75
C LYS C 120 24.80 36.93 -21.62
N ILE C 121 25.14 36.18 -20.57
CA ILE C 121 24.23 35.95 -19.45
C ILE C 121 24.91 36.38 -18.15
N GLY C 122 26.24 36.33 -18.14
CA GLY C 122 27.06 36.55 -16.97
C GLY C 122 27.61 35.26 -16.41
N ASP C 123 28.51 35.39 -15.43
CA ASP C 123 29.15 34.20 -14.86
C ASP C 123 28.38 33.65 -13.67
N GLU C 124 27.65 34.51 -12.95
CA GLU C 124 26.86 34.05 -11.82
C GLU C 124 25.80 33.05 -12.25
N GLN C 125 25.39 33.11 -13.52
CA GLN C 125 24.43 32.17 -14.08
C GLN C 125 25.19 31.14 -14.91
N ARG C 126 24.76 29.89 -14.82
CA ARG C 126 25.43 28.78 -15.51
C ARG C 126 24.43 28.04 -16.38
N ILE C 127 24.78 27.87 -17.65
CA ILE C 127 23.92 27.16 -18.59
C ILE C 127 23.86 25.68 -18.21
N LEU C 128 22.68 25.09 -18.32
CA LEU C 128 22.44 23.71 -17.90
C LEU C 128 21.96 22.82 -19.03
N HIS C 129 21.07 23.32 -19.88
CA HIS C 129 20.53 22.52 -20.98
C HIS C 129 20.36 23.42 -22.20
N VAL C 130 20.68 22.88 -23.36
CA VAL C 130 20.44 23.53 -24.64
C VAL C 130 19.50 22.63 -25.41
N ILE C 131 18.22 22.98 -25.45
CA ILE C 131 17.20 22.11 -26.02
C ILE C 131 16.56 22.76 -27.23
N PRO C 132 16.87 22.28 -28.44
CA PRO C 132 16.18 22.78 -29.63
C PRO C 132 14.70 22.42 -29.60
N GLN C 133 13.84 23.42 -29.79
CA GLN C 133 12.40 23.19 -29.78
C GLN C 133 11.99 22.68 -31.16
N GLU C 134 11.53 23.58 -32.02
CA GLU C 134 11.17 23.24 -33.39
C GLU C 134 12.10 23.99 -34.33
N PHE C 135 12.64 23.27 -35.31
CA PHE C 135 13.49 23.92 -36.29
C PHE C 135 12.62 24.62 -37.34
N THR C 136 13.29 25.39 -38.19
CA THR C 136 12.63 26.05 -39.32
C THR C 136 13.69 26.23 -40.40
N ILE C 137 13.35 25.85 -41.63
CA ILE C 137 14.35 25.83 -42.69
C ILE C 137 14.22 27.07 -43.56
N ASP C 138 13.70 26.91 -44.78
CA ASP C 138 13.54 28.02 -45.70
C ASP C 138 12.23 28.76 -45.49
N TYR C 139 11.11 28.11 -45.81
CA TYR C 139 9.78 28.70 -45.65
C TYR C 139 8.82 27.79 -44.90
N GLN C 140 9.24 26.58 -44.53
CA GLN C 140 8.41 25.63 -43.80
C GLN C 140 8.64 25.76 -42.30
N GLU C 141 7.57 26.01 -41.55
CA GLU C 141 7.66 26.24 -40.11
C GLU C 141 7.25 24.99 -39.34
N GLY C 142 7.59 24.98 -38.06
CA GLY C 142 7.22 23.89 -37.18
C GLY C 142 7.75 22.54 -37.58
N ILE C 143 8.92 22.49 -38.20
CA ILE C 143 9.50 21.20 -38.59
C ILE C 143 10.41 20.67 -37.50
N LYS C 144 10.35 19.37 -37.28
CA LYS C 144 11.18 18.67 -36.32
C LYS C 144 12.04 17.66 -37.06
N ASN C 145 13.14 17.26 -36.42
CA ASN C 145 14.13 16.34 -36.94
C ASN C 145 14.41 16.59 -38.42
N PRO C 146 15.04 17.70 -38.79
CA PRO C 146 15.36 17.93 -40.20
C PRO C 146 16.66 17.24 -40.58
N LEU C 147 16.56 16.01 -41.08
CA LEU C 147 17.73 15.18 -41.34
C LEU C 147 17.57 14.43 -42.67
N GLY C 148 17.74 15.16 -43.76
CA GLY C 148 17.65 14.61 -45.10
C GLY C 148 16.88 15.50 -46.04
N LEU C 149 16.78 16.78 -45.69
CA LEU C 149 16.07 17.77 -46.49
C LEU C 149 17.06 18.67 -47.22
N SER C 150 16.57 19.28 -48.29
CA SER C 150 17.37 20.17 -49.14
C SER C 150 16.97 21.61 -48.86
N GLY C 151 17.94 22.43 -48.46
CA GLY C 151 17.68 23.84 -48.21
C GLY C 151 18.92 24.67 -48.40
N VAL C 152 18.80 25.96 -48.15
CA VAL C 152 19.91 26.89 -48.25
C VAL C 152 20.14 27.69 -46.97
N ARG C 153 19.21 27.65 -46.02
CA ARG C 153 19.38 28.34 -44.74
C ARG C 153 18.28 27.85 -43.80
N MET C 154 18.60 27.84 -42.50
CA MET C 154 17.71 27.29 -41.49
C MET C 154 17.75 28.15 -40.24
N GLU C 155 16.61 28.23 -39.55
CA GLU C 155 16.47 28.98 -38.30
C GLU C 155 15.98 28.06 -37.19
N VAL C 156 16.53 28.25 -35.99
CA VAL C 156 16.16 27.46 -34.83
C VAL C 156 15.65 28.37 -33.72
N SER C 157 14.86 27.79 -32.82
CA SER C 157 14.33 28.46 -31.63
C SER C 157 14.68 27.55 -30.45
N VAL C 158 15.86 27.74 -29.88
CA VAL C 158 16.39 26.86 -28.85
C VAL C 158 15.83 27.23 -27.48
N HIS C 159 15.65 26.22 -26.63
CA HIS C 159 15.27 26.40 -25.23
C HIS C 159 16.49 26.21 -24.34
N LEU C 160 16.77 27.20 -23.51
CA LEU C 160 17.95 27.21 -22.64
C LEU C 160 17.53 27.12 -21.19
N ILE C 161 18.07 26.14 -20.47
CA ILE C 161 17.87 25.99 -19.04
C ILE C 161 19.14 26.45 -18.34
N SER C 162 18.98 27.32 -17.34
CA SER C 162 20.12 27.88 -16.61
C SER C 162 19.82 27.87 -15.13
N CYS C 163 20.89 27.82 -14.33
CA CYS C 163 20.78 27.78 -12.88
C CYS C 163 21.87 28.62 -12.25
N HIS C 164 21.66 28.98 -10.98
CA HIS C 164 22.66 29.71 -10.23
C HIS C 164 23.92 28.86 -10.05
N ASN C 165 25.08 29.45 -10.36
CA ASN C 165 26.32 28.70 -10.32
C ASN C 165 26.66 28.27 -8.89
N ASP C 166 26.56 29.20 -7.94
CA ASP C 166 26.94 28.89 -6.56
C ASP C 166 26.10 27.76 -5.98
N MET C 167 24.78 27.82 -6.16
CA MET C 167 23.92 26.75 -5.66
C MET C 167 24.21 25.43 -6.35
N ALA C 168 24.81 25.46 -7.54
CA ALA C 168 25.23 24.24 -8.22
C ALA C 168 26.58 23.75 -7.72
N ARG C 169 27.47 24.68 -7.38
CA ARG C 169 28.78 24.31 -6.85
C ARG C 169 28.64 23.47 -5.58
N ASN C 170 27.66 23.81 -4.75
CA ASN C 170 27.46 23.08 -3.50
C ASN C 170 27.06 21.63 -3.76
N ILE C 171 26.10 21.42 -4.67
CA ILE C 171 25.65 20.06 -4.99
C ILE C 171 26.79 19.26 -5.59
N ILE C 172 27.59 19.88 -6.45
CA ILE C 172 28.77 19.20 -7.00
C ILE C 172 29.77 18.91 -5.89
N LYS C 173 30.04 19.90 -5.04
CA LYS C 173 30.99 19.72 -3.95
C LYS C 173 30.58 18.55 -3.04
N ALA C 174 29.27 18.40 -2.81
CA ALA C 174 28.80 17.31 -1.96
C ALA C 174 29.13 15.95 -2.57
N VAL C 175 28.84 15.77 -3.86
CA VAL C 175 29.08 14.49 -4.50
C VAL C 175 30.57 14.20 -4.61
N GLU C 176 31.37 15.24 -4.90
CA GLU C 176 32.81 15.04 -5.05
C GLU C 176 33.46 14.63 -3.73
N ARG C 177 32.86 15.00 -2.59
CA ARG C 177 33.40 14.60 -1.30
C ARG C 177 33.18 13.14 -0.98
N CYS C 178 32.44 12.41 -1.81
CA CYS C 178 32.24 10.98 -1.64
C CYS C 178 33.11 10.15 -2.59
N GLY C 179 34.12 10.77 -3.20
CA GLY C 179 34.99 10.10 -4.14
C GLY C 179 34.41 9.94 -5.54
N LEU C 180 33.23 10.51 -5.80
CA LEU C 180 32.58 10.37 -7.09
C LEU C 180 32.82 11.59 -7.95
N LYS C 181 32.74 11.40 -9.26
CA LYS C 181 32.85 12.48 -10.24
C LYS C 181 31.48 12.67 -10.89
N VAL C 182 31.04 13.92 -10.98
CA VAL C 182 29.75 14.23 -11.59
C VAL C 182 29.92 14.28 -13.10
N GLU C 183 28.98 13.66 -13.81
CA GLU C 183 29.02 13.66 -15.27
C GLU C 183 28.30 14.88 -15.84
N GLN C 184 27.06 15.10 -15.42
CA GLN C 184 26.28 16.24 -15.88
C GLN C 184 25.20 16.56 -14.87
N LEU C 185 24.83 17.82 -14.79
CA LEU C 185 23.69 18.24 -13.99
C LEU C 185 22.45 18.25 -14.87
N VAL C 186 21.33 17.82 -14.30
CA VAL C 186 20.08 17.67 -15.04
C VAL C 186 18.99 18.37 -14.26
N PHE C 187 18.20 19.20 -14.93
CA PHE C 187 17.06 19.82 -14.27
C PHE C 187 16.08 18.74 -13.84
N SER C 188 15.66 18.82 -12.57
CA SER C 188 14.80 17.78 -12.01
C SER C 188 13.51 17.64 -12.79
N GLY C 189 12.81 18.75 -13.03
CA GLY C 189 11.54 18.70 -13.74
C GLY C 189 11.67 18.18 -15.16
N LEU C 190 12.84 18.32 -15.76
CA LEU C 190 13.08 17.75 -17.08
C LEU C 190 13.16 16.23 -17.00
N ALA C 191 13.89 15.71 -16.00
CA ALA C 191 13.91 14.28 -15.76
C ALA C 191 12.57 13.79 -15.23
N SER C 192 11.91 14.59 -14.39
CA SER C 192 10.58 14.25 -13.90
C SER C 192 9.55 14.17 -15.02
N SER C 193 9.87 14.73 -16.19
CA SER C 193 8.97 14.65 -17.34
C SER C 193 9.36 13.58 -18.33
N ASN C 194 10.66 13.28 -18.44
CA ASN C 194 11.14 12.27 -19.37
C ASN C 194 10.67 10.86 -19.01
N ALA C 195 10.28 10.63 -17.76
CA ALA C 195 9.92 9.31 -17.28
C ALA C 195 8.44 9.16 -16.95
N VAL C 196 7.64 10.19 -17.18
CA VAL C 196 6.21 10.13 -16.88
C VAL C 196 5.34 10.44 -18.09
N ILE C 197 5.87 11.03 -19.15
CA ILE C 197 5.10 11.48 -20.30
C ILE C 197 5.37 10.53 -21.46
N THR C 198 4.33 10.23 -22.23
CA THR C 198 4.48 9.51 -23.48
C THR C 198 4.59 10.50 -24.64
N GLU C 199 5.29 10.07 -25.70
CA GLU C 199 5.51 10.95 -26.84
C GLU C 199 4.19 11.48 -27.41
N ASP C 200 3.12 10.69 -27.35
CA ASP C 200 1.81 11.17 -27.76
C ASP C 200 1.40 12.38 -26.94
N GLU C 201 1.57 12.30 -25.62
CA GLU C 201 1.21 13.42 -24.75
C GLU C 201 2.03 14.66 -25.05
N ARG C 202 3.30 14.49 -25.45
CA ARG C 202 4.18 15.63 -25.70
C ARG C 202 3.59 16.56 -26.74
N GLU C 203 3.15 16.01 -27.87
CA GLU C 203 2.61 16.84 -28.95
C GLU C 203 1.25 17.42 -28.60
N LEU C 204 0.44 16.70 -27.83
CA LEU C 204 -0.88 17.21 -27.47
C LEU C 204 -0.77 18.40 -26.53
N GLY C 205 0.16 18.35 -25.59
CA GLY C 205 0.33 19.44 -24.65
C GLY C 205 0.13 19.01 -23.21
N VAL C 206 1.20 19.04 -22.41
CA VAL C 206 1.16 18.58 -21.03
C VAL C 206 1.91 19.59 -20.16
N CYS C 207 1.52 19.64 -18.89
CA CYS C 207 2.27 20.37 -17.87
C CYS C 207 2.53 19.41 -16.72
N VAL C 208 3.81 19.15 -16.43
CA VAL C 208 4.17 18.31 -15.31
C VAL C 208 4.70 19.19 -14.19
N VAL C 209 4.58 18.69 -12.96
CA VAL C 209 5.06 19.42 -11.79
C VAL C 209 5.41 18.42 -10.70
N ASP C 210 6.71 18.32 -10.41
CA ASP C 210 7.20 17.42 -9.36
C ASP C 210 7.06 18.11 -8.01
N ILE C 211 5.85 18.00 -7.44
CA ILE C 211 5.66 18.50 -6.08
C ILE C 211 6.35 17.54 -5.12
N GLY C 212 7.25 18.07 -4.31
CA GLY C 212 8.09 17.23 -3.48
C GLY C 212 8.29 17.78 -2.10
N ALA C 213 9.47 17.59 -1.53
CA ALA C 213 9.73 18.08 -0.18
C ALA C 213 9.85 19.60 -0.17
N GLY C 214 10.68 20.14 -1.05
CA GLY C 214 10.95 21.57 -1.03
C GLY C 214 10.90 22.29 -2.36
N THR C 215 10.63 21.57 -3.45
CA THR C 215 10.68 22.18 -4.78
C THR C 215 9.49 21.76 -5.62
N MET C 216 9.04 22.70 -6.46
CA MET C 216 7.95 22.49 -7.42
C MET C 216 8.52 22.67 -8.83
N ASP C 217 9.01 21.58 -9.40
CA ASP C 217 9.69 21.62 -10.69
C ASP C 217 8.63 21.53 -11.78
N ILE C 218 8.33 22.66 -12.42
CA ILE C 218 7.30 22.73 -13.46
C ILE C 218 7.96 22.66 -14.82
N SER C 219 7.37 21.87 -15.72
CA SER C 219 7.80 21.82 -17.11
C SER C 219 6.56 21.82 -17.99
N ILE C 220 6.55 22.67 -19.01
CA ILE C 220 5.40 22.84 -19.90
C ILE C 220 5.82 22.39 -21.29
N TRP C 221 5.02 21.51 -21.89
CA TRP C 221 5.30 20.97 -23.22
C TRP C 221 4.10 21.22 -24.11
N THR C 222 4.34 21.83 -25.27
CA THR C 222 3.33 21.94 -26.32
C THR C 222 3.99 21.63 -27.66
N GLY C 223 3.26 20.94 -28.53
CA GLY C 223 3.78 20.60 -29.84
C GLY C 223 5.02 19.73 -29.82
N GLY C 224 5.20 18.94 -28.76
CA GLY C 224 6.36 18.06 -28.70
C GLY C 224 7.67 18.76 -28.41
N ALA C 225 7.63 19.94 -27.80
CA ALA C 225 8.85 20.68 -27.49
C ALA C 225 8.69 21.35 -26.13
N LEU C 226 9.79 21.41 -25.38
CA LEU C 226 9.78 22.06 -24.08
C LEU C 226 9.62 23.57 -24.26
N ARG C 227 8.55 24.13 -23.70
CA ARG C 227 8.24 25.54 -23.87
C ARG C 227 8.70 26.41 -22.71
N HIS C 228 8.52 25.98 -21.46
CA HIS C 228 8.85 26.81 -20.33
C HIS C 228 9.29 25.94 -19.15
N THR C 229 10.07 26.54 -18.26
CA THR C 229 10.55 25.88 -17.05
C THR C 229 10.51 26.87 -15.90
N GLU C 230 9.87 26.47 -14.80
CA GLU C 230 9.76 27.33 -13.62
C GLU C 230 9.73 26.44 -12.38
N VAL C 231 10.32 26.94 -11.29
CA VAL C 231 10.41 26.20 -10.04
C VAL C 231 9.96 27.11 -8.89
N PHE C 232 9.23 26.54 -7.95
CA PHE C 232 8.80 27.24 -6.75
C PHE C 232 9.36 26.55 -5.51
N SER C 233 9.44 27.31 -4.42
CA SER C 233 10.03 26.84 -3.18
C SER C 233 9.01 26.39 -2.15
N TYR C 234 7.72 26.44 -2.48
CA TYR C 234 6.66 25.97 -1.60
C TYR C 234 6.27 24.55 -2.02
N ALA C 235 6.48 23.59 -1.13
CA ALA C 235 6.20 22.20 -1.47
C ALA C 235 5.56 21.43 -0.32
N GLY C 236 5.85 20.13 -0.24
CA GLY C 236 5.23 19.29 0.78
C GLY C 236 5.55 19.70 2.19
N ASN C 237 6.75 20.24 2.42
CA ASN C 237 7.11 20.70 3.76
C ASN C 237 6.34 21.95 4.18
N ALA C 238 5.67 22.63 3.24
CA ALA C 238 4.88 23.79 3.60
C ALA C 238 3.57 23.36 4.25
N VAL C 239 2.89 22.38 3.66
CA VAL C 239 1.67 21.86 4.26
C VAL C 239 1.99 21.04 5.50
N THR C 240 3.15 20.37 5.53
CA THR C 240 3.58 19.68 6.74
C THR C 240 3.69 20.63 7.92
N SER C 241 4.28 21.81 7.69
CA SER C 241 4.40 22.81 8.75
C SER C 241 3.04 23.33 9.18
N ASP C 242 2.11 23.49 8.23
CA ASP C 242 0.79 24.01 8.55
C ASP C 242 0.07 23.11 9.55
N ILE C 243 0.21 21.79 9.40
CA ILE C 243 -0.44 20.86 10.32
C ILE C 243 0.14 21.00 11.72
N ALA C 244 1.46 21.06 11.82
CA ALA C 244 2.11 21.16 13.12
C ALA C 244 1.78 22.48 13.80
N PHE C 245 1.89 23.58 13.06
CA PHE C 245 1.75 24.91 13.62
C PHE C 245 0.30 25.26 13.93
N ALA C 246 -0.67 24.49 13.42
CA ALA C 246 -2.08 24.76 13.67
C ALA C 246 -2.69 23.85 14.73
N PHE C 247 -2.03 22.75 15.08
CA PHE C 247 -2.55 21.81 16.04
C PHE C 247 -1.69 21.67 17.28
N GLY C 248 -0.57 22.38 17.36
CA GLY C 248 0.33 22.22 18.49
C GLY C 248 0.99 20.86 18.52
N THR C 249 1.41 20.36 17.36
CA THR C 249 2.01 19.06 17.18
C THR C 249 3.45 19.21 16.72
N PRO C 250 4.38 18.36 17.20
CA PRO C 250 5.75 18.43 16.69
C PRO C 250 5.78 18.15 15.19
N LEU C 251 6.79 18.73 14.53
CA LEU C 251 6.93 18.53 13.09
C LEU C 251 7.11 17.05 12.76
N SER C 252 7.87 16.33 13.60
CA SER C 252 8.08 14.90 13.36
C SER C 252 6.77 14.14 13.30
N ASP C 253 5.83 14.46 14.20
CA ASP C 253 4.56 13.75 14.22
C ASP C 253 3.59 14.29 13.18
N ALA C 254 3.64 15.60 12.89
CA ALA C 254 2.73 16.17 11.90
C ALA C 254 3.00 15.62 10.51
N GLU C 255 4.25 15.27 10.19
CA GLU C 255 4.55 14.67 8.91
C GLU C 255 3.91 13.30 8.77
N GLU C 256 3.97 12.48 9.84
CA GLU C 256 3.39 11.15 9.79
C GLU C 256 1.87 11.20 9.64
N ILE C 257 1.22 12.14 10.34
CA ILE C 257 -0.23 12.27 10.23
C ILE C 257 -0.63 12.73 8.84
N LYS C 258 0.20 13.57 8.22
CA LYS C 258 -0.10 14.03 6.86
C LYS C 258 -0.01 12.90 5.85
N VAL C 259 1.04 12.08 5.95
CA VAL C 259 1.25 11.02 4.96
C VAL C 259 0.23 9.90 5.14
N LYS C 260 -0.25 9.68 6.36
CA LYS C 260 -1.13 8.55 6.65
C LYS C 260 -2.61 8.91 6.58
N TYR C 261 -2.98 10.14 6.91
CA TYR C 261 -4.38 10.54 6.97
C TYR C 261 -4.66 11.85 6.25
N GLY C 262 -3.72 12.35 5.46
CA GLY C 262 -3.90 13.63 4.81
C GLY C 262 -4.81 13.52 3.59
N CYS C 263 -5.61 14.56 3.38
CA CYS C 263 -6.50 14.66 2.23
C CYS C 263 -6.43 16.07 1.67
N ALA C 264 -6.36 16.17 0.34
CA ALA C 264 -6.25 17.46 -0.32
C ALA C 264 -7.60 18.14 -0.51
N LEU C 265 -8.70 17.51 -0.11
CA LEU C 265 -10.02 18.10 -0.25
C LEU C 265 -10.83 17.77 0.99
N SER C 266 -11.37 18.80 1.64
CA SER C 266 -12.01 18.65 2.94
C SER C 266 -13.44 18.15 2.83
N GLU C 267 -13.77 17.43 1.76
CA GLU C 267 -15.09 16.85 1.60
C GLU C 267 -15.08 15.38 1.19
N LEU C 268 -13.93 14.81 0.84
CA LEU C 268 -13.86 13.38 0.53
C LEU C 268 -13.77 12.51 1.78
N VAL C 269 -13.51 13.09 2.94
CA VAL C 269 -13.43 12.38 4.21
C VAL C 269 -14.74 12.54 4.96
N SER C 270 -15.14 11.48 5.67
CA SER C 270 -16.37 11.53 6.44
C SER C 270 -16.14 12.24 7.77
N LYS C 271 -17.22 12.81 8.31
CA LYS C 271 -17.12 13.55 9.57
C LYS C 271 -16.80 12.64 10.75
N ASP C 272 -17.18 11.36 10.67
CA ASP C 272 -16.97 10.40 11.75
C ASP C 272 -15.63 9.69 11.68
N ASP C 273 -14.61 10.33 11.12
CA ASP C 273 -13.26 9.79 11.07
C ASP C 273 -12.37 10.61 11.99
N THR C 274 -11.54 9.92 12.77
CA THR C 274 -10.71 10.57 13.77
C THR C 274 -9.28 10.07 13.72
N VAL C 275 -8.36 10.95 14.11
CA VAL C 275 -6.93 10.66 14.16
C VAL C 275 -6.39 11.15 15.50
N ASN C 276 -5.33 10.50 15.97
CA ASN C 276 -4.71 10.85 17.24
C ASN C 276 -3.52 11.77 16.99
N VAL C 277 -3.73 13.06 17.21
CA VAL C 277 -2.66 14.05 17.09
C VAL C 277 -2.07 14.28 18.48
N PRO C 278 -0.76 14.22 18.65
CA PRO C 278 -0.15 14.40 19.97
C PRO C 278 -0.12 15.88 20.34
N SER C 279 0.42 16.16 21.53
CA SER C 279 0.54 17.52 22.04
C SER C 279 1.97 17.74 22.52
N VAL C 280 2.22 18.96 23.02
CA VAL C 280 3.55 19.35 23.46
C VAL C 280 3.48 19.77 24.93
N GLY C 281 4.64 19.72 25.58
CA GLY C 281 4.74 20.07 26.98
C GLY C 281 4.64 18.84 27.85
N GLY C 282 3.50 18.16 27.77
CA GLY C 282 3.19 17.06 28.65
C GLY C 282 1.70 16.79 28.67
N ARG C 283 1.04 17.05 27.56
CA ARG C 283 -0.39 16.86 27.43
C ARG C 283 -0.70 15.56 26.70
N PRO C 284 -1.89 15.00 26.91
CA PRO C 284 -2.23 13.72 26.28
C PRO C 284 -2.50 13.85 24.79
N SER C 285 -2.31 12.74 24.09
CA SER C 285 -2.52 12.70 22.64
C SER C 285 -4.00 12.91 22.34
N ARG C 286 -4.28 13.95 21.54
CA ARG C 286 -5.64 14.36 21.25
C ARG C 286 -6.27 13.51 20.16
N SER C 287 -7.55 13.21 20.31
CA SER C 287 -8.32 12.58 19.25
C SER C 287 -9.02 13.67 18.44
N LEU C 288 -8.64 13.80 17.18
CA LEU C 288 -9.11 14.90 16.34
C LEU C 288 -9.80 14.38 15.10
N GLN C 289 -10.78 15.15 14.62
CA GLN C 289 -11.50 14.78 13.40
C GLN C 289 -10.57 14.80 12.20
N ARG C 290 -10.61 13.72 11.42
CA ARG C 290 -9.81 13.67 10.19
C ARG C 290 -10.24 14.75 9.20
N GLN C 291 -11.51 15.15 9.25
CA GLN C 291 -11.97 16.23 8.39
C GLN C 291 -11.27 17.54 8.73
N THR C 292 -11.10 17.83 10.03
CA THR C 292 -10.41 19.04 10.43
C THR C 292 -8.99 19.07 9.90
N LEU C 293 -8.32 17.91 9.87
CA LEU C 293 -6.97 17.84 9.32
C LEU C 293 -6.96 18.22 7.85
N ALA C 294 -7.90 17.67 7.07
CA ALA C 294 -7.97 18.01 5.64
C ALA C 294 -8.35 19.47 5.42
N GLU C 295 -9.05 20.08 6.39
CA GLU C 295 -9.41 21.49 6.25
C GLU C 295 -8.18 22.40 6.34
N VAL C 296 -7.07 21.90 6.87
CA VAL C 296 -5.82 22.66 6.87
C VAL C 296 -4.98 22.31 5.65
N ILE C 297 -5.03 21.07 5.19
CA ILE C 297 -4.23 20.65 4.05
C ILE C 297 -4.81 21.18 2.73
N GLU C 298 -6.14 21.31 2.65
CA GLU C 298 -6.76 21.76 1.40
C GLU C 298 -6.32 23.16 0.98
N PRO C 299 -6.37 24.19 1.83
CA PRO C 299 -6.04 25.55 1.33
C PRO C 299 -4.62 25.67 0.81
N ARG C 300 -3.66 24.96 1.44
CA ARG C 300 -2.29 25.04 0.97
C ARG C 300 -2.16 24.45 -0.44
N TYR C 301 -2.79 23.31 -0.68
CA TYR C 301 -2.70 22.68 -2.00
C TYR C 301 -3.33 23.56 -3.09
N THR C 302 -4.44 24.23 -2.79
CA THR C 302 -5.04 25.12 -3.78
C THR C 302 -4.10 26.28 -4.11
N GLU C 303 -3.50 26.89 -3.09
CA GLU C 303 -2.52 27.94 -3.33
C GLU C 303 -1.32 27.39 -4.10
N LEU C 304 -0.90 26.18 -3.76
CA LEU C 304 0.22 25.54 -4.44
C LEU C 304 -0.06 25.35 -5.93
N MET C 305 -1.22 24.75 -6.25
CA MET C 305 -1.60 24.59 -7.64
C MET C 305 -1.95 25.92 -8.30
N GLY C 306 -2.37 26.91 -7.50
CA GLY C 306 -2.63 28.22 -8.05
C GLY C 306 -1.42 28.84 -8.71
N LEU C 307 -0.22 28.58 -8.18
CA LEU C 307 1.00 29.04 -8.82
C LEU C 307 1.19 28.37 -10.17
N VAL C 308 0.88 27.08 -10.27
CA VAL C 308 0.99 26.39 -11.55
C VAL C 308 -0.07 26.89 -12.52
N ASN C 309 -1.26 27.19 -12.03
CA ASN C 309 -2.32 27.71 -12.89
C ASN C 309 -1.94 29.09 -13.44
N GLN C 310 -1.45 29.98 -12.56
CA GLN C 310 -1.03 31.30 -13.00
C GLN C 310 0.12 31.23 -13.99
N THR C 311 1.01 30.24 -13.83
CA THR C 311 2.11 30.07 -14.76
C THR C 311 1.62 29.62 -16.14
N ILE C 312 0.67 28.68 -16.17
CA ILE C 312 0.15 28.20 -17.45
C ILE C 312 -0.49 29.35 -18.22
N ASP C 313 -1.31 30.17 -17.54
CA ASP C 313 -1.97 31.28 -18.20
C ASP C 313 -0.96 32.26 -18.77
N ASN C 314 0.09 32.59 -18.01
CA ASN C 314 1.11 33.51 -18.49
C ASN C 314 1.94 32.92 -19.61
N VAL C 315 2.21 31.61 -19.57
CA VAL C 315 2.98 30.98 -20.64
C VAL C 315 2.12 30.83 -21.90
N GLN C 316 0.85 30.44 -21.74
CA GLN C 316 -0.02 30.32 -22.89
C GLN C 316 -0.20 31.66 -23.61
N ALA C 317 -0.28 32.75 -22.84
CA ALA C 317 -0.42 34.08 -23.45
C ALA C 317 0.78 34.40 -24.33
N LYS C 318 1.99 34.28 -23.78
CA LYS C 318 3.20 34.57 -24.56
C LYS C 318 3.43 33.56 -25.67
N LEU C 319 2.64 32.49 -25.73
CA LEU C 319 2.75 31.48 -26.78
C LEU C 319 1.81 31.80 -27.95
N ARG C 320 0.53 32.04 -27.67
CA ARG C 320 -0.40 32.39 -28.73
C ARG C 320 -0.09 33.74 -29.34
N GLU C 321 0.43 34.68 -28.56
CA GLU C 321 0.80 36.00 -29.05
C GLU C 321 2.02 35.99 -29.98
N ASN C 322 2.65 34.82 -30.17
CA ASN C 322 3.81 34.72 -31.05
C ASN C 322 3.64 33.70 -32.16
N GLY C 323 2.58 32.90 -32.16
CA GLY C 323 2.31 32.00 -33.27
C GLY C 323 2.89 30.62 -33.09
N VAL C 324 2.43 29.91 -32.06
CA VAL C 324 2.84 28.52 -31.83
C VAL C 324 1.71 27.84 -31.07
N LYS C 325 1.74 26.50 -31.05
CA LYS C 325 0.73 25.74 -30.33
C LYS C 325 0.74 26.15 -28.86
N HIS C 326 -0.43 26.54 -28.36
CA HIS C 326 -0.55 27.09 -27.01
C HIS C 326 -1.35 26.22 -26.06
N HIS C 327 -2.45 25.62 -26.50
CA HIS C 327 -3.31 24.86 -25.61
C HIS C 327 -2.71 23.48 -25.31
N LEU C 328 -2.59 23.17 -24.02
CA LEU C 328 -2.18 21.85 -23.58
C LEU C 328 -3.40 20.91 -23.59
N ALA C 329 -3.39 19.94 -24.51
CA ALA C 329 -4.55 19.06 -24.67
C ALA C 329 -4.61 17.98 -23.60
N ALA C 330 -3.51 17.24 -23.40
CA ALA C 330 -3.50 16.13 -22.47
C ALA C 330 -3.63 16.58 -21.01
N GLY C 331 -3.43 17.86 -20.72
CA GLY C 331 -3.68 18.37 -19.38
C GLY C 331 -2.46 18.41 -18.47
N VAL C 332 -2.70 18.19 -17.17
CA VAL C 332 -1.67 18.30 -16.14
C VAL C 332 -1.38 16.91 -15.59
N VAL C 333 -0.09 16.64 -15.35
CA VAL C 333 0.35 15.37 -14.79
C VAL C 333 1.10 15.69 -13.49
N LEU C 334 0.63 15.11 -12.38
CA LEU C 334 1.25 15.32 -11.08
C LEU C 334 2.25 14.21 -10.78
N THR C 335 3.35 14.59 -10.13
CA THR C 335 4.40 13.64 -9.80
C THR C 335 5.06 14.10 -8.50
N GLY C 336 6.02 13.32 -8.01
CA GLY C 336 6.70 13.63 -6.78
C GLY C 336 6.01 13.04 -5.56
N GLY C 337 6.62 13.31 -4.40
CA GLY C 337 6.12 12.75 -3.17
C GLY C 337 4.75 13.27 -2.78
N ALA C 338 4.59 14.59 -2.76
CA ALA C 338 3.35 15.22 -2.31
C ALA C 338 2.20 14.98 -3.26
N ALA C 339 2.42 14.32 -4.40
CA ALA C 339 1.32 13.95 -5.29
C ALA C 339 0.58 12.71 -4.83
N GLN C 340 1.07 12.03 -3.79
CA GLN C 340 0.45 10.81 -3.32
C GLN C 340 -0.68 11.04 -2.32
N ILE C 341 -0.91 12.28 -1.90
CA ILE C 341 -1.94 12.54 -0.91
C ILE C 341 -3.32 12.29 -1.51
N GLU C 342 -4.25 11.90 -0.65
CA GLU C 342 -5.61 11.59 -1.08
C GLU C 342 -6.30 12.86 -1.54
N GLY C 343 -6.75 12.88 -2.79
CA GLY C 343 -7.50 14.01 -3.31
C GLY C 343 -6.71 14.99 -4.16
N VAL C 344 -5.53 14.60 -4.66
CA VAL C 344 -4.80 15.49 -5.56
C VAL C 344 -5.56 15.71 -6.86
N VAL C 345 -6.06 14.62 -7.45
CA VAL C 345 -6.73 14.72 -8.75
C VAL C 345 -8.00 15.54 -8.63
N GLU C 346 -8.62 15.60 -7.46
CA GLU C 346 -9.86 16.34 -7.30
C GLU C 346 -9.60 17.83 -7.15
N CYS C 347 -8.68 18.23 -6.27
CA CYS C 347 -8.37 19.64 -6.10
C CYS C 347 -7.59 20.20 -7.28
N ALA C 348 -6.86 19.37 -8.01
CA ALA C 348 -6.18 19.86 -9.20
C ALA C 348 -7.17 20.14 -10.31
N GLU C 349 -8.06 19.18 -10.58
CA GLU C 349 -9.12 19.38 -11.56
C GLU C 349 -10.05 20.53 -11.18
N ARG C 350 -9.94 21.05 -9.96
CA ARG C 350 -10.75 22.15 -9.46
C ARG C 350 -10.12 23.52 -9.73
N VAL C 351 -8.82 23.67 -9.45
CA VAL C 351 -8.20 24.98 -9.59
C VAL C 351 -7.97 25.31 -11.07
N PHE C 352 -7.35 24.40 -11.81
CA PHE C 352 -7.35 24.50 -13.26
C PHE C 352 -8.39 23.52 -13.80
N ARG C 353 -8.67 23.64 -15.10
CA ARG C 353 -9.72 22.82 -15.69
C ARG C 353 -9.24 21.98 -16.86
N ASN C 354 -8.27 21.11 -16.60
CA ASN C 354 -7.74 20.19 -17.60
C ASN C 354 -7.64 18.80 -16.98
N GLN C 355 -7.46 17.80 -17.84
CA GLN C 355 -7.40 16.41 -17.40
C GLN C 355 -6.17 16.17 -16.54
N VAL C 356 -6.38 15.81 -15.27
CA VAL C 356 -5.31 15.63 -14.30
C VAL C 356 -5.10 14.14 -14.05
N ARG C 357 -3.84 13.74 -13.91
CA ARG C 357 -3.47 12.38 -13.54
C ARG C 357 -2.26 12.44 -12.61
N VAL C 358 -1.90 11.29 -12.06
CA VAL C 358 -0.80 11.20 -11.10
C VAL C 358 0.25 10.22 -11.59
N GLY C 359 0.74 10.45 -12.81
CA GLY C 359 1.67 9.55 -13.48
C GLY C 359 2.87 9.08 -12.69
N LYS C 360 3.17 7.78 -12.79
CA LYS C 360 4.33 7.14 -12.19
C LYS C 360 5.38 6.91 -13.27
N PRO C 361 6.58 6.43 -12.95
CA PRO C 361 7.54 6.08 -14.00
C PRO C 361 6.99 5.03 -14.96
N LEU C 362 7.44 5.12 -16.21
CA LEU C 362 6.90 4.30 -17.30
C LEU C 362 7.99 3.44 -17.91
N GLU C 363 7.56 2.31 -18.49
CA GLU C 363 8.44 1.38 -19.21
C GLU C 363 9.69 1.03 -18.42
N VAL C 364 9.53 0.88 -17.11
CA VAL C 364 10.64 0.45 -16.27
C VAL C 364 10.93 -1.02 -16.52
N SER C 365 12.21 -1.35 -16.73
CA SER C 365 12.64 -2.71 -17.06
C SER C 365 13.46 -3.26 -15.90
N GLY C 366 12.99 -4.34 -15.31
CA GLY C 366 13.72 -5.01 -14.24
C GLY C 366 13.70 -4.24 -12.93
N LEU C 367 13.57 -4.98 -11.82
CA LEU C 367 13.54 -4.39 -10.48
C LEU C 367 12.48 -3.31 -10.39
N THR C 368 11.29 -3.64 -10.89
CA THR C 368 10.19 -2.67 -10.95
C THR C 368 9.48 -2.51 -9.61
N ASP C 369 9.80 -3.32 -8.60
CA ASP C 369 9.09 -3.26 -7.34
C ASP C 369 9.60 -2.15 -6.42
N TYR C 370 10.77 -1.58 -6.69
CA TYR C 370 11.29 -0.47 -5.89
C TYR C 370 11.19 0.87 -6.61
N VAL C 371 10.84 0.88 -7.89
CA VAL C 371 10.81 2.11 -8.67
C VAL C 371 9.43 2.26 -9.34
N LYS C 372 8.39 1.94 -8.58
CA LYS C 372 7.02 2.04 -9.07
C LYS C 372 6.31 3.32 -8.66
N GLU C 373 6.63 3.87 -7.49
CA GLU C 373 5.88 4.99 -6.96
C GLU C 373 6.34 6.30 -7.57
N PRO C 374 5.46 7.31 -7.63
CA PRO C 374 5.78 8.54 -8.36
C PRO C 374 6.96 9.32 -7.79
N TYR C 375 7.29 9.16 -6.51
CA TYR C 375 8.43 9.89 -5.97
C TYR C 375 9.77 9.40 -6.49
N HIS C 376 9.78 8.40 -7.37
CA HIS C 376 11.00 7.93 -8.00
C HIS C 376 11.19 8.44 -9.42
N SER C 377 10.18 9.13 -9.98
CA SER C 377 10.25 9.55 -11.37
C SER C 377 11.45 10.45 -11.63
N THR C 378 11.65 11.46 -10.77
CA THR C 378 12.79 12.34 -10.95
C THR C 378 14.10 11.56 -10.89
N ALA C 379 14.14 10.52 -10.06
CA ALA C 379 15.34 9.71 -9.93
C ALA C 379 15.56 8.85 -11.18
N VAL C 380 14.51 8.13 -11.61
CA VAL C 380 14.64 7.27 -12.79
C VAL C 380 14.77 8.09 -14.07
N GLY C 381 14.28 9.33 -14.07
CA GLY C 381 14.47 10.20 -15.22
C GLY C 381 15.93 10.50 -15.49
N LEU C 382 16.76 10.52 -14.45
CA LEU C 382 18.20 10.68 -14.65
C LEU C 382 18.77 9.53 -15.46
N LEU C 383 18.19 8.33 -15.34
CA LEU C 383 18.66 7.20 -16.15
C LEU C 383 18.27 7.38 -17.61
N HIS C 384 17.03 7.84 -17.86
CA HIS C 384 16.60 8.06 -19.23
C HIS C 384 17.44 9.13 -19.92
N TYR C 385 17.73 10.22 -19.21
CA TYR C 385 18.54 11.28 -19.82
C TYR C 385 19.97 10.82 -20.08
N ALA C 386 20.55 10.09 -19.13
CA ALA C 386 21.95 9.68 -19.28
C ALA C 386 22.14 8.66 -20.38
N ARG C 387 21.08 7.93 -20.75
CA ARG C 387 21.14 6.90 -21.79
C ARG C 387 21.50 7.48 -23.15
N ASP C 388 21.71 8.79 -23.25
CA ASP C 388 21.92 9.42 -24.53
C ASP C 388 23.41 9.64 -24.74
N SER C 389 23.90 9.23 -25.92
CA SER C 389 25.31 9.31 -26.27
C SER C 389 25.49 9.33 -27.78
N ASN D 8 34.07 17.54 36.44
CA ASN D 8 33.64 16.51 37.37
C ASN D 8 32.39 16.96 38.15
N ILE D 9 32.56 18.01 38.95
CA ILE D 9 31.46 18.54 39.74
C ILE D 9 30.93 19.81 39.08
N ILE D 10 29.68 20.14 39.36
CA ILE D 10 28.99 21.28 38.78
C ILE D 10 28.09 21.90 39.84
N VAL D 11 28.08 23.22 39.93
CA VAL D 11 27.35 23.93 40.98
C VAL D 11 26.58 25.10 40.37
N GLY D 12 25.38 25.34 40.89
CA GLY D 12 24.58 26.49 40.51
C GLY D 12 24.35 27.41 41.70
N LEU D 13 23.82 28.60 41.40
CA LEU D 13 23.63 29.61 42.44
C LEU D 13 22.56 30.64 42.05
N ASP D 14 21.30 30.31 42.27
CA ASP D 14 20.19 31.23 42.00
C ASP D 14 20.01 32.13 43.21
N ILE D 15 20.78 33.23 43.25
CA ILE D 15 20.66 34.22 44.32
C ILE D 15 19.39 35.04 44.11
N GLY D 16 18.28 34.56 44.65
CA GLY D 16 17.00 35.20 44.43
C GLY D 16 16.75 36.39 45.34
N THR D 17 15.65 37.10 45.04
CA THR D 17 15.24 38.24 45.84
C THR D 17 14.70 37.80 47.20
N ALA D 18 14.29 36.54 47.34
CA ALA D 18 13.74 36.03 48.58
C ALA D 18 14.50 34.83 49.11
N THR D 19 14.69 33.79 48.29
CA THR D 19 15.36 32.58 48.71
C THR D 19 16.54 32.30 47.78
N VAL D 20 17.73 32.15 48.36
CA VAL D 20 18.91 31.77 47.59
C VAL D 20 18.94 30.25 47.46
N SER D 21 19.13 29.76 46.23
CA SER D 21 19.22 28.33 45.96
C SER D 21 20.61 28.00 45.43
N ALA D 22 21.12 26.84 45.83
CA ALA D 22 22.46 26.41 45.43
C ALA D 22 22.44 24.89 45.26
N LEU D 23 22.62 24.44 44.03
CA LEU D 23 22.55 23.02 43.70
C LEU D 23 23.91 22.52 43.24
N VAL D 24 24.19 21.27 43.58
CA VAL D 24 25.45 20.59 43.26
C VAL D 24 25.11 19.34 42.48
N GLY D 25 25.92 19.02 41.46
CA GLY D 25 25.64 17.87 40.63
C GLY D 25 26.89 17.19 40.12
N GLU D 26 26.67 16.07 39.44
CA GLU D 26 27.72 15.26 38.85
C GLU D 26 27.50 15.14 37.35
N VAL D 27 28.58 15.19 36.58
CA VAL D 27 28.50 15.00 35.14
C VAL D 27 28.51 13.50 34.86
N LEU D 28 27.40 12.98 34.34
CA LEU D 28 27.40 11.57 34.01
C LEU D 28 27.94 11.35 32.61
N PRO D 29 28.66 10.23 32.40
CA PRO D 29 29.18 9.93 31.06
C PRO D 29 28.10 9.81 30.00
N ASP D 30 26.83 9.66 30.38
CA ASP D 30 25.76 9.46 29.42
C ASP D 30 25.05 10.74 29.03
N GLY D 31 25.06 11.77 29.86
CA GLY D 31 24.43 13.01 29.46
C GLY D 31 23.78 13.79 30.58
N GLN D 32 22.94 13.10 31.35
CA GLN D 32 22.12 13.73 32.36
C GLN D 32 22.98 14.23 33.52
N VAL D 33 22.34 15.05 34.37
CA VAL D 33 22.97 15.61 35.56
C VAL D 33 22.34 14.95 36.76
N ASN D 34 23.16 14.42 37.66
CA ASN D 34 22.69 13.86 38.91
C ASN D 34 22.99 14.87 40.01
N ILE D 35 21.97 15.22 40.79
CA ILE D 35 22.11 16.21 41.85
C ILE D 35 22.52 15.49 43.12
N ILE D 36 23.56 16.00 43.77
CA ILE D 36 24.11 15.34 44.96
C ILE D 36 23.69 16.10 46.21
N GLY D 37 23.58 17.42 46.10
CA GLY D 37 23.24 18.24 47.24
C GLY D 37 22.45 19.49 46.92
N ALA D 38 21.47 19.79 47.76
CA ALA D 38 20.64 20.99 47.66
C ALA D 38 20.98 21.96 48.78
N GLY D 39 20.43 23.17 48.67
CA GLY D 39 20.68 24.20 49.66
C GLY D 39 19.80 25.42 49.49
N SER D 40 19.15 25.84 50.58
CA SER D 40 18.25 26.99 50.55
C SER D 40 18.46 27.82 51.80
N SER D 41 18.15 29.13 51.68
CA SER D 41 18.28 30.08 52.77
C SER D 41 17.59 31.39 52.40
N PRO D 42 16.73 31.93 53.27
CA PRO D 42 16.14 33.25 52.98
C PRO D 42 17.21 34.31 52.84
N SER D 43 16.97 35.24 51.89
CA SER D 43 17.95 36.26 51.53
C SER D 43 17.45 37.63 51.97
N ARG D 44 18.22 38.28 52.84
CA ARG D 44 17.96 39.65 53.24
C ARG D 44 18.87 40.61 52.45
N GLY D 45 18.36 41.81 52.21
CA GLY D 45 19.11 42.79 51.47
C GLY D 45 19.11 42.52 49.97
N MET D 46 17.92 42.40 49.39
CA MET D 46 17.78 42.10 47.97
C MET D 46 16.62 42.91 47.43
N ASP D 47 16.81 43.52 46.27
CA ASP D 47 15.81 44.39 45.66
C ASP D 47 15.78 44.13 44.16
N LYS D 48 14.67 43.56 43.69
CA LYS D 48 14.39 43.40 42.26
C LYS D 48 15.55 42.70 41.54
N GLY D 49 15.99 41.58 42.10
CA GLY D 49 17.03 40.76 41.50
C GLY D 49 18.45 41.26 41.69
N GLY D 50 18.64 42.50 42.15
CA GLY D 50 19.98 43.03 42.35
C GLY D 50 20.33 43.21 43.81
N VAL D 51 21.63 43.35 44.10
CA VAL D 51 22.07 43.51 45.48
C VAL D 51 21.73 44.90 45.97
N ASN D 52 21.43 45.01 47.27
CA ASN D 52 21.13 46.30 47.89
C ASN D 52 21.97 46.48 49.14
N ASP D 53 22.01 45.44 49.99
CA ASP D 53 22.82 45.43 51.21
C ASP D 53 23.85 44.32 51.03
N LEU D 54 25.08 44.70 50.69
CA LEU D 54 26.10 43.73 50.32
C LEU D 54 26.42 42.74 51.43
N GLU D 55 26.35 43.19 52.70
CA GLU D 55 26.73 42.31 53.80
C GLU D 55 25.71 41.21 54.01
N SER D 56 24.42 41.57 53.99
CA SER D 56 23.37 40.60 54.31
C SER D 56 23.34 39.46 53.31
N VAL D 57 23.60 39.75 52.03
CA VAL D 57 23.54 38.70 51.01
C VAL D 57 24.71 37.73 51.17
N VAL D 58 25.90 38.25 51.52
CA VAL D 58 27.06 37.37 51.70
C VAL D 58 26.82 36.41 52.84
N LYS D 59 26.18 36.87 53.92
CA LYS D 59 25.81 35.97 54.99
C LYS D 59 24.72 35.00 54.54
N SER D 60 23.79 35.48 53.72
CA SER D 60 22.70 34.61 53.26
C SER D 60 23.17 33.60 52.22
N VAL D 61 24.03 34.01 51.30
CA VAL D 61 24.51 33.07 50.29
C VAL D 61 25.41 32.03 50.93
N GLN D 62 26.18 32.42 51.94
CA GLN D 62 27.03 31.47 52.64
C GLN D 62 26.19 30.42 53.36
N ARG D 63 24.99 30.79 53.80
CA ARG D 63 24.12 29.83 54.47
C ARG D 63 23.72 28.71 53.51
N ALA D 64 23.27 29.07 52.32
CA ALA D 64 22.80 28.05 51.37
C ALA D 64 23.96 27.22 50.83
N VAL D 65 25.07 27.86 50.48
CA VAL D 65 26.20 27.13 49.91
C VAL D 65 26.85 26.23 50.96
N ASP D 66 26.76 26.60 52.24
CA ASP D 66 27.30 25.74 53.29
C ASP D 66 26.46 24.49 53.49
N GLN D 67 25.13 24.66 53.56
CA GLN D 67 24.24 23.52 53.69
C GLN D 67 24.32 22.60 52.47
N ALA D 68 24.64 23.17 51.30
CA ALA D 68 24.87 22.33 50.13
C ALA D 68 26.20 21.58 50.23
N GLU D 69 27.22 22.23 50.80
CA GLU D 69 28.51 21.56 50.99
C GLU D 69 28.36 20.32 51.88
N LEU D 70 27.55 20.43 52.93
CA LEU D 70 27.36 19.30 53.84
C LEU D 70 26.61 18.17 53.16
N MET D 71 25.45 18.47 52.58
CA MET D 71 24.60 17.44 51.99
C MET D 71 25.25 16.82 50.75
N ALA D 72 26.21 17.49 50.14
CA ALA D 72 26.91 16.96 48.97
C ALA D 72 28.22 16.24 49.33
N GLU D 73 28.69 16.36 50.56
CA GLU D 73 29.94 15.76 51.03
C GLU D 73 31.15 16.19 50.21
N CYS D 74 31.08 17.33 49.53
CA CYS D 74 32.23 17.89 48.83
C CYS D 74 32.36 19.37 49.15
N GLN D 75 33.45 19.96 48.67
CA GLN D 75 33.74 21.37 48.89
C GLN D 75 33.47 22.15 47.61
N ILE D 76 32.84 23.31 47.75
CA ILE D 76 32.45 24.11 46.60
C ILE D 76 33.67 24.84 46.05
N SER D 77 33.89 24.74 44.75
CA SER D 77 35.04 25.37 44.11
C SER D 77 34.60 26.52 43.22
N SER D 78 34.07 26.20 42.04
CA SER D 78 33.58 27.18 41.10
C SER D 78 32.08 27.04 40.94
N VAL D 79 31.40 28.17 40.76
CA VAL D 79 29.94 28.20 40.70
C VAL D 79 29.50 28.97 39.47
N PHE D 80 28.28 28.66 39.02
CA PHE D 80 27.59 29.41 37.99
C PHE D 80 26.45 30.17 38.66
N ILE D 81 26.46 31.49 38.53
CA ILE D 81 25.49 32.34 39.23
C ILE D 81 24.49 32.88 38.23
N SER D 82 23.28 33.14 38.74
CA SER D 82 22.22 33.73 37.94
C SER D 82 22.16 35.24 38.16
N LEU D 83 21.54 35.93 37.20
CA LEU D 83 21.43 37.38 37.26
C LEU D 83 20.17 37.80 36.53
N SER D 84 19.45 38.77 37.09
CA SER D 84 18.25 39.30 36.48
C SER D 84 18.04 40.74 36.94
N GLY D 85 16.99 41.37 36.40
CA GLY D 85 16.68 42.74 36.73
C GLY D 85 16.20 43.55 35.55
N LYS D 86 15.61 44.72 35.82
CA LYS D 86 15.07 45.57 34.76
C LYS D 86 16.15 45.98 33.76
N HIS D 87 17.41 46.00 34.18
CA HIS D 87 18.51 46.42 33.32
C HIS D 87 18.80 45.43 32.21
N ILE D 88 18.22 44.23 32.24
CA ILE D 88 18.46 43.25 31.20
C ILE D 88 17.79 43.69 29.90
N ALA D 89 18.55 43.67 28.82
CA ALA D 89 18.05 44.07 27.50
C ALA D 89 18.59 43.12 26.45
N SER D 90 17.85 42.99 25.35
CA SER D 90 18.20 42.10 24.26
C SER D 90 18.40 42.89 22.98
N ARG D 91 19.43 42.53 22.22
CA ARG D 91 19.74 43.20 20.97
C ARG D 91 19.97 42.18 19.86
N ILE D 92 19.60 42.56 18.65
CA ILE D 92 19.87 41.77 17.45
C ILE D 92 20.77 42.63 16.57
N GLU D 93 22.02 42.20 16.40
CA GLU D 93 23.02 42.95 15.66
C GLU D 93 23.49 42.14 14.47
N LYS D 94 23.76 42.84 13.36
CA LYS D 94 24.19 42.20 12.13
C LYS D 94 25.63 42.57 11.81
N GLY D 95 26.34 41.64 11.16
CA GLY D 95 27.71 41.86 10.75
C GLY D 95 27.94 41.26 9.38
N MET D 96 29.06 41.66 8.77
CA MET D 96 29.41 41.20 7.44
C MET D 96 30.86 40.72 7.43
N GLY D 97 31.21 40.01 6.36
CA GLY D 97 32.54 39.49 6.20
C GLY D 97 32.73 38.83 4.85
N THR D 98 33.94 38.88 4.32
CA THR D 98 34.23 38.32 3.00
C THR D 98 34.58 36.85 3.10
N ILE D 99 34.20 36.09 2.08
CA ILE D 99 34.50 34.67 2.01
C ILE D 99 35.83 34.52 1.29
N SER D 100 36.87 34.09 2.00
CA SER D 100 38.19 34.01 1.43
C SER D 100 38.31 32.89 0.40
N GLU D 101 38.92 33.22 -0.75
CA GLU D 101 39.24 32.26 -1.80
C GLU D 101 38.04 31.39 -2.20
N GLU D 102 36.86 32.02 -2.28
CA GLU D 102 35.60 31.41 -2.74
C GLU D 102 35.26 30.13 -1.98
N GLU D 103 35.81 29.95 -0.79
CA GLU D 103 35.42 28.85 0.08
C GLU D 103 35.32 29.39 1.50
N VAL D 104 34.26 29.00 2.19
CA VAL D 104 34.00 29.49 3.54
C VAL D 104 34.68 28.54 4.54
N SER D 105 35.48 29.11 5.42
CA SER D 105 36.13 28.41 6.52
C SER D 105 35.63 28.95 7.86
N GLN D 106 36.07 28.30 8.94
CA GLN D 106 35.72 28.76 10.27
C GLN D 106 36.26 30.15 10.55
N ASP D 107 37.37 30.53 9.92
CA ASP D 107 37.92 31.86 10.14
C ASP D 107 36.97 32.94 9.61
N ASP D 108 36.39 32.71 8.43
CA ASP D 108 35.38 33.63 7.91
C ASP D 108 34.19 33.70 8.85
N MET D 109 33.85 32.57 9.48
CA MET D 109 32.76 32.55 10.46
C MET D 109 33.06 33.45 11.66
N ASP D 110 34.24 33.27 12.26
CA ASP D 110 34.58 34.03 13.45
C ASP D 110 34.65 35.54 13.16
N ARG D 111 35.28 35.92 12.04
CA ARG D 111 35.37 37.33 11.69
C ARG D 111 33.99 37.95 11.50
N ALA D 112 33.09 37.24 10.83
CA ALA D 112 31.74 37.77 10.63
C ALA D 112 31.01 37.93 11.95
N ILE D 113 31.13 36.95 12.84
CA ILE D 113 30.53 37.06 14.16
C ILE D 113 31.21 38.18 14.94
N HIS D 114 32.53 38.31 14.80
CA HIS D 114 33.29 39.33 15.51
C HIS D 114 32.81 40.72 15.12
N THR D 115 32.43 40.91 13.86
CA THR D 115 31.95 42.23 13.43
C THR D 115 30.57 42.53 13.98
N ALA D 116 29.73 41.50 14.12
CA ALA D 116 28.40 41.72 14.68
C ALA D 116 28.43 41.76 16.20
N LYS D 117 29.40 41.06 16.81
CA LYS D 117 29.50 41.04 18.26
C LYS D 117 30.04 42.36 18.79
N SER D 118 31.20 42.79 18.27
CA SER D 118 31.86 44.00 18.74
C SER D 118 31.02 45.23 18.41
N ILE D 119 30.48 45.88 19.45
CA ILE D 119 29.72 47.10 19.31
C ILE D 119 30.10 48.03 20.44
N LYS D 120 29.65 49.29 20.34
CA LYS D 120 29.83 50.27 21.40
C LYS D 120 28.56 50.27 22.25
N ILE D 121 28.68 49.86 23.50
CA ILE D 121 27.53 49.70 24.40
C ILE D 121 27.52 50.73 25.51
N GLY D 122 28.60 51.47 25.72
CA GLY D 122 28.74 52.38 26.83
C GLY D 122 29.54 51.76 27.96
N ASP D 123 30.04 52.61 28.85
CA ASP D 123 30.87 52.13 29.93
C ASP D 123 30.08 51.58 31.10
N GLU D 124 28.79 51.90 31.21
CA GLU D 124 27.96 51.38 32.30
C GLU D 124 27.38 50.00 31.99
N GLN D 125 27.16 49.68 30.73
CA GLN D 125 26.58 48.39 30.37
C GLN D 125 27.67 47.36 30.06
N ARG D 126 27.24 46.10 29.96
CA ARG D 126 28.17 45.00 29.73
C ARG D 126 27.43 43.85 29.06
N ILE D 127 28.06 43.26 28.05
CA ILE D 127 27.46 42.15 27.31
C ILE D 127 27.44 40.91 28.20
N LEU D 128 26.38 40.12 28.07
CA LEU D 128 26.19 38.92 28.88
C LEU D 128 26.12 37.64 28.06
N HIS D 129 25.42 37.65 26.93
CA HIS D 129 25.27 36.46 26.09
C HIS D 129 25.42 36.85 24.63
N VAL D 130 26.05 35.97 23.86
CA VAL D 130 26.19 36.12 22.42
C VAL D 130 25.59 34.86 21.79
N ILE D 131 24.52 35.05 21.01
CA ILE D 131 23.79 33.95 20.41
C ILE D 131 23.77 34.15 18.90
N PRO D 132 24.60 33.42 18.16
CA PRO D 132 24.56 33.51 16.69
C PRO D 132 23.28 32.92 16.15
N GLN D 133 22.71 33.58 15.15
CA GLN D 133 21.47 33.13 14.54
C GLN D 133 21.78 32.58 13.14
N GLU D 134 20.76 32.59 12.27
CA GLU D 134 20.93 32.08 10.92
C GLU D 134 21.84 32.99 10.11
N PHE D 135 22.72 32.39 9.31
CA PHE D 135 23.61 33.16 8.46
C PHE D 135 22.90 33.57 7.16
N THR D 136 23.62 34.25 6.28
CA THR D 136 23.08 34.67 4.99
C THR D 136 24.25 34.83 4.03
N ILE D 137 24.33 33.94 3.04
CA ILE D 137 25.41 33.93 2.05
C ILE D 137 24.83 34.33 0.70
N ASP D 138 25.40 35.39 0.10
CA ASP D 138 25.06 35.88 -1.23
C ASP D 138 23.64 35.57 -1.68
N TYR D 139 22.66 36.31 -1.18
CA TYR D 139 21.25 36.18 -1.53
C TYR D 139 20.68 34.79 -1.24
N GLN D 140 21.38 33.95 -0.48
CA GLN D 140 20.81 32.70 -0.01
C GLN D 140 20.47 32.91 1.46
N GLU D 141 19.19 32.83 1.80
CA GLU D 141 18.72 33.21 3.12
C GLU D 141 18.52 32.01 4.02
N GLY D 142 18.78 32.22 5.32
CA GLY D 142 18.49 31.24 6.35
C GLY D 142 19.28 29.95 6.32
N ILE D 143 20.59 30.07 6.51
CA ILE D 143 21.48 28.93 6.66
C ILE D 143 21.99 28.94 8.09
N LYS D 144 22.04 27.76 8.71
CA LYS D 144 22.46 27.69 10.11
C LYS D 144 23.96 27.45 10.23
N ASN D 145 24.48 26.43 9.55
CA ASN D 145 25.91 26.11 9.59
C ASN D 145 26.38 26.02 8.15
N PRO D 146 26.75 27.15 7.54
CA PRO D 146 27.22 27.13 6.15
C PRO D 146 28.74 26.92 6.06
N LEU D 147 29.19 25.73 6.47
CA LEU D 147 30.60 25.37 6.35
C LEU D 147 30.83 24.66 5.03
N GLY D 148 31.86 25.08 4.31
CA GLY D 148 32.19 24.48 3.04
C GLY D 148 31.47 25.06 1.84
N LEU D 149 30.46 25.89 2.05
CA LEU D 149 29.69 26.44 0.95
C LEU D 149 30.52 27.48 0.18
N SER D 150 29.95 27.96 -0.92
CA SER D 150 30.65 28.88 -1.80
C SER D 150 29.95 30.24 -1.83
N GLY D 151 30.76 31.28 -1.99
CA GLY D 151 30.24 32.63 -2.06
C GLY D 151 31.37 33.62 -2.13
N VAL D 152 31.03 34.89 -1.94
CA VAL D 152 32.03 35.96 -1.94
C VAL D 152 31.91 36.75 -0.63
N ARG D 153 30.68 37.00 -0.20
CA ARG D 153 30.46 37.75 1.03
C ARG D 153 29.18 37.27 1.72
N MET D 154 29.20 37.30 3.05
CA MET D 154 28.12 36.77 3.88
C MET D 154 27.68 37.80 4.90
N GLU D 155 26.57 37.48 5.58
CA GLU D 155 26.02 38.31 6.65
C GLU D 155 25.61 37.41 7.80
N VAL D 156 25.67 37.96 9.01
CA VAL D 156 25.39 37.21 10.23
C VAL D 156 24.43 38.00 11.11
N SER D 157 23.57 37.28 11.81
CA SER D 157 22.71 37.86 12.85
C SER D 157 23.08 37.24 14.19
N VAL D 158 23.42 38.07 15.17
CA VAL D 158 23.80 37.61 16.49
C VAL D 158 22.86 38.23 17.52
N HIS D 159 22.40 37.43 18.47
CA HIS D 159 21.55 37.90 19.55
C HIS D 159 22.39 38.27 20.76
N LEU D 160 22.20 39.48 21.28
CA LEU D 160 22.99 40.01 22.38
C LEU D 160 22.10 40.27 23.59
N ILE D 161 22.49 39.71 24.73
CA ILE D 161 21.87 39.99 26.03
C ILE D 161 22.84 40.85 26.82
N SER D 162 22.37 42.01 27.28
CA SER D 162 23.22 42.94 28.01
C SER D 162 22.56 43.32 29.33
N CYS D 163 23.40 43.73 30.28
CA CYS D 163 22.92 44.10 31.61
C CYS D 163 23.77 45.23 32.15
N HIS D 164 23.20 45.94 33.13
CA HIS D 164 23.96 46.97 33.83
C HIS D 164 25.14 46.33 34.54
N ASN D 165 26.34 46.88 34.31
CA ASN D 165 27.54 46.26 34.85
C ASN D 165 27.58 46.35 36.38
N ASP D 166 27.15 47.47 36.94
CA ASP D 166 27.21 47.66 38.38
C ASP D 166 26.40 46.60 39.12
N MET D 167 25.19 46.32 38.66
CA MET D 167 24.39 45.27 39.29
C MET D 167 25.01 43.89 39.09
N ALA D 168 25.82 43.72 38.05
CA ALA D 168 26.54 42.45 37.87
C ALA D 168 27.78 42.40 38.76
N ARG D 169 28.45 43.54 38.95
CA ARG D 169 29.63 43.58 39.79
C ARG D 169 29.31 43.19 41.23
N ASN D 170 28.18 43.68 41.75
CA ASN D 170 27.84 43.39 43.15
C ASN D 170 27.53 41.91 43.36
N ILE D 171 26.86 41.28 42.40
CA ILE D 171 26.60 39.84 42.51
C ILE D 171 27.90 39.06 42.47
N ILE D 172 28.84 39.49 41.63
CA ILE D 172 30.16 38.85 41.62
C ILE D 172 30.88 39.13 42.94
N LYS D 173 30.79 40.36 43.45
CA LYS D 173 31.43 40.71 44.70
C LYS D 173 30.92 39.86 45.86
N ALA D 174 29.62 39.59 45.89
CA ALA D 174 29.04 38.79 46.97
C ALA D 174 29.56 37.36 46.92
N VAL D 175 29.58 36.76 45.73
CA VAL D 175 30.02 35.36 45.61
C VAL D 175 31.52 35.25 45.84
N GLU D 176 32.30 36.18 45.28
CA GLU D 176 33.75 36.12 45.46
C GLU D 176 34.16 36.29 46.92
N ARG D 177 33.40 37.09 47.68
CA ARG D 177 33.73 37.30 49.09
C ARG D 177 33.55 36.04 49.92
N CYS D 178 32.82 35.04 49.40
CA CYS D 178 32.63 33.77 50.08
C CYS D 178 33.69 32.75 49.70
N GLY D 179 34.86 33.19 49.23
CA GLY D 179 35.91 32.28 48.82
C GLY D 179 35.66 31.52 47.55
N LEU D 180 34.61 31.87 46.81
CA LEU D 180 34.25 31.19 45.58
C LEU D 180 34.67 32.02 44.36
N LYS D 181 34.82 31.33 43.24
CA LYS D 181 35.14 31.97 41.97
C LYS D 181 34.00 31.72 41.00
N VAL D 182 33.54 32.77 40.33
CA VAL D 182 32.43 32.66 39.39
C VAL D 182 32.94 32.21 38.03
N GLU D 183 32.20 31.32 37.39
CA GLU D 183 32.53 30.85 36.06
C GLU D 183 31.84 31.67 34.97
N GLN D 184 30.54 31.88 35.10
CA GLN D 184 29.78 32.64 34.12
C GLN D 184 28.51 33.19 34.76
N LEU D 185 28.13 34.38 34.33
CA LEU D 185 26.85 34.97 34.70
C LEU D 185 25.81 34.55 33.66
N VAL D 186 24.61 34.20 34.14
CA VAL D 186 23.56 33.67 33.28
C VAL D 186 22.30 34.46 33.51
N PHE D 187 21.64 34.86 32.42
CA PHE D 187 20.35 35.51 32.53
C PHE D 187 19.32 34.51 33.07
N SER D 188 18.57 34.94 34.10
CA SER D 188 17.65 34.04 34.77
C SER D 188 16.63 33.43 33.81
N GLY D 189 15.98 34.28 33.01
CA GLY D 189 14.98 33.79 32.08
C GLY D 189 15.52 32.80 31.06
N LEU D 190 16.81 32.91 30.72
CA LEU D 190 17.42 31.96 29.80
C LEU D 190 17.62 30.61 30.47
N ALA D 191 18.14 30.61 31.70
CA ALA D 191 18.31 29.35 32.43
C ALA D 191 16.95 28.75 32.80
N SER D 192 15.99 29.58 33.21
CA SER D 192 14.66 29.07 33.52
C SER D 192 13.98 28.51 32.27
N SER D 193 14.37 28.98 31.09
CA SER D 193 13.85 28.40 29.85
C SER D 193 14.65 27.20 29.39
N ASN D 194 15.92 27.10 29.79
CA ASN D 194 16.79 26.04 29.32
C ASN D 194 16.50 24.71 30.00
N ALA D 195 15.67 24.70 31.04
CA ALA D 195 15.39 23.46 31.77
C ALA D 195 13.91 23.28 32.07
N VAL D 196 13.03 23.90 31.29
CA VAL D 196 11.59 23.77 31.48
C VAL D 196 10.97 23.48 30.12
N ILE D 197 11.75 23.67 29.06
CA ILE D 197 11.27 23.55 27.68
C ILE D 197 11.92 22.33 27.04
N THR D 198 11.12 21.57 26.30
CA THR D 198 11.63 20.50 25.46
C THR D 198 11.87 21.01 24.04
N GLU D 199 12.84 20.40 23.36
CA GLU D 199 13.23 20.86 22.03
C GLU D 199 12.05 20.93 21.07
N ASP D 200 11.12 19.99 21.17
CA ASP D 200 9.92 20.05 20.33
C ASP D 200 9.14 21.34 20.57
N GLU D 201 9.15 21.85 21.80
CA GLU D 201 8.43 23.08 22.08
C GLU D 201 9.10 24.28 21.42
N ARG D 202 10.42 24.31 21.38
CA ARG D 202 11.13 25.45 20.79
C ARG D 202 10.77 25.63 19.32
N GLU D 203 10.69 24.54 18.56
CA GLU D 203 10.42 24.64 17.14
C GLU D 203 9.03 25.19 16.86
N LEU D 204 8.07 24.93 17.75
CA LEU D 204 6.72 25.44 17.57
C LEU D 204 6.54 26.86 18.11
N GLY D 205 7.34 27.25 19.10
CA GLY D 205 7.24 28.59 19.65
C GLY D 205 6.66 28.63 21.05
N VAL D 206 7.48 29.01 22.03
CA VAL D 206 7.07 29.05 23.43
C VAL D 206 7.56 30.36 24.04
N CYS D 207 6.85 30.81 25.08
CA CYS D 207 7.24 31.97 25.86
C CYS D 207 7.24 31.57 27.34
N VAL D 208 8.41 31.50 27.95
CA VAL D 208 8.50 31.23 29.37
C VAL D 208 8.47 32.57 30.10
N VAL D 209 8.19 32.50 31.41
CA VAL D 209 8.15 33.68 32.25
C VAL D 209 8.31 33.25 33.70
N ASP D 210 9.53 33.37 34.21
CA ASP D 210 9.84 32.99 35.59
C ASP D 210 9.32 34.08 36.52
N ILE D 211 8.09 33.90 36.98
CA ILE D 211 7.48 34.83 37.94
C ILE D 211 8.03 34.46 39.31
N GLY D 212 9.07 35.17 39.74
CA GLY D 212 9.72 34.96 41.00
C GLY D 212 9.17 35.89 42.07
N ALA D 213 10.03 36.23 43.02
CA ALA D 213 9.63 37.18 44.06
C ALA D 213 9.95 38.61 43.70
N GLY D 214 11.04 38.84 42.95
CA GLY D 214 11.44 40.19 42.64
C GLY D 214 11.40 40.54 41.17
N THR D 215 11.72 39.59 40.29
CA THR D 215 11.80 39.84 38.86
C THR D 215 10.93 38.86 38.08
N MET D 216 10.31 39.37 37.02
CA MET D 216 9.50 38.60 36.08
C MET D 216 10.32 38.45 34.79
N ASP D 217 11.03 37.32 34.68
CA ASP D 217 11.99 37.08 33.61
C ASP D 217 11.29 36.45 32.40
N ILE D 218 11.09 37.23 31.34
CA ILE D 218 10.35 36.80 30.16
C ILE D 218 11.34 36.41 29.07
N SER D 219 11.10 35.26 28.43
CA SER D 219 11.90 34.81 27.30
C SER D 219 10.96 34.27 26.23
N ILE D 220 11.15 34.71 24.99
CA ILE D 220 10.29 34.32 23.87
C ILE D 220 11.14 33.57 22.85
N TRP D 221 10.66 32.39 22.44
CA TRP D 221 11.35 31.56 21.47
C TRP D 221 10.41 31.23 20.33
N THR D 222 10.88 31.41 19.09
CA THR D 222 10.18 30.97 17.90
C THR D 222 11.19 30.36 16.94
N GLY D 223 10.79 29.27 16.28
CA GLY D 223 11.67 28.59 15.35
C GLY D 223 12.91 28.00 15.97
N GLY D 224 12.90 27.71 17.27
CA GLY D 224 14.05 27.13 17.93
C GLY D 224 15.17 28.09 18.23
N ALA D 225 14.88 29.39 18.32
CA ALA D 225 15.90 30.39 18.60
C ALA D 225 15.34 31.44 19.56
N LEU D 226 16.24 32.02 20.35
CA LEU D 226 15.88 33.08 21.28
C LEU D 226 15.65 34.38 20.52
N ARG D 227 14.42 34.88 20.55
CA ARG D 227 14.05 36.05 19.76
C ARG D 227 14.00 37.34 20.58
N HIS D 228 13.48 37.31 21.79
CA HIS D 228 13.39 38.50 22.62
C HIS D 228 13.64 38.16 24.08
N THR D 229 14.01 39.18 24.84
CA THR D 229 14.26 39.05 26.28
C THR D 229 13.79 40.33 26.97
N GLU D 230 12.92 40.17 27.97
CA GLU D 230 12.37 41.30 28.72
C GLU D 230 12.20 40.92 30.17
N VAL D 231 12.38 41.89 31.06
CA VAL D 231 12.29 41.67 32.51
C VAL D 231 11.49 42.79 33.16
N PHE D 232 10.55 42.42 34.03
CA PHE D 232 9.77 43.36 34.82
C PHE D 232 10.01 43.11 36.31
N SER D 233 10.04 44.19 37.10
CA SER D 233 10.18 44.06 38.55
C SER D 233 8.86 43.85 39.28
N TYR D 234 7.76 43.57 38.57
CA TYR D 234 6.45 43.37 39.17
C TYR D 234 6.16 41.88 39.20
N ALA D 235 6.41 41.25 40.35
CA ALA D 235 6.17 39.81 40.46
C ALA D 235 5.57 39.43 41.82
N GLY D 236 6.13 38.37 42.42
CA GLY D 236 5.63 37.87 43.69
C GLY D 236 5.22 38.95 44.66
N ASN D 237 6.16 39.80 45.04
CA ASN D 237 5.98 40.76 46.13
C ASN D 237 4.81 41.71 45.89
N ALA D 238 4.42 41.93 44.63
CA ALA D 238 3.31 42.84 44.33
C ALA D 238 2.01 42.34 44.95
N VAL D 239 1.64 41.09 44.67
CA VAL D 239 0.39 40.55 45.21
C VAL D 239 0.49 40.34 46.72
N THR D 240 1.70 40.02 47.22
CA THR D 240 1.89 39.93 48.66
C THR D 240 1.60 41.26 49.34
N SER D 241 2.17 42.34 48.81
CA SER D 241 1.92 43.67 49.36
C SER D 241 0.45 44.08 49.21
N ASP D 242 -0.20 43.67 48.13
CA ASP D 242 -1.59 44.04 47.91
C ASP D 242 -2.49 43.51 49.02
N ILE D 243 -2.29 42.25 49.41
CA ILE D 243 -3.09 41.66 50.48
C ILE D 243 -2.88 42.44 51.78
N ALA D 244 -1.62 42.74 52.10
CA ALA D 244 -1.32 43.46 53.34
C ALA D 244 -1.88 44.88 53.33
N PHE D 245 -1.85 45.54 52.17
CA PHE D 245 -2.27 46.93 52.13
C PHE D 245 -3.79 47.05 52.16
N ALA D 246 -4.51 46.04 51.67
CA ALA D 246 -5.96 46.09 51.58
C ALA D 246 -6.65 45.45 52.77
N PHE D 247 -5.92 44.75 53.64
CA PHE D 247 -6.51 44.05 54.77
C PHE D 247 -6.02 44.54 56.12
N GLY D 248 -5.08 45.49 56.15
CA GLY D 248 -4.53 45.94 57.42
C GLY D 248 -3.68 44.91 58.12
N THR D 249 -2.97 44.08 57.36
CA THR D 249 -2.12 42.99 57.82
C THR D 249 -0.65 43.36 57.64
N PRO D 250 0.24 42.94 58.54
CA PRO D 250 1.67 43.13 58.29
C PRO D 250 2.16 42.22 57.17
N LEU D 251 3.25 42.65 56.54
CA LEU D 251 3.82 41.91 55.41
C LEU D 251 4.22 40.50 55.80
N SER D 252 4.88 40.35 56.95
CA SER D 252 5.34 39.03 57.38
C SER D 252 4.20 38.05 57.52
N ASP D 253 3.00 38.55 57.84
CA ASP D 253 1.83 37.69 57.99
C ASP D 253 1.06 37.52 56.69
N ALA D 254 0.94 38.59 55.89
CA ALA D 254 0.17 38.52 54.65
C ALA D 254 0.71 37.47 53.69
N GLU D 255 2.02 37.23 53.72
CA GLU D 255 2.61 36.17 52.91
C GLU D 255 2.05 34.80 53.28
N GLU D 256 1.96 34.52 54.58
CA GLU D 256 1.53 33.19 55.02
C GLU D 256 0.11 32.86 54.56
N ILE D 257 -0.80 33.85 54.56
CA ILE D 257 -2.15 33.57 54.08
C ILE D 257 -2.14 33.32 52.57
N LYS D 258 -1.37 34.11 51.83
CA LYS D 258 -1.28 33.96 50.39
C LYS D 258 -0.72 32.59 50.01
N VAL D 259 0.36 32.17 50.66
CA VAL D 259 1.02 30.92 50.29
C VAL D 259 0.16 29.71 50.67
N LYS D 260 -0.67 29.84 51.71
CA LYS D 260 -1.41 28.70 52.22
C LYS D 260 -2.90 28.73 51.90
N TYR D 261 -3.45 29.89 51.54
CA TYR D 261 -4.86 30.01 51.24
C TYR D 261 -5.16 30.80 49.97
N GLY D 262 -4.13 31.22 49.23
CA GLY D 262 -4.35 32.08 48.08
C GLY D 262 -4.84 31.31 46.86
N CYS D 263 -5.61 32.02 46.04
CA CYS D 263 -6.10 31.50 44.77
C CYS D 263 -6.09 32.63 43.75
N ALA D 264 -5.63 32.31 42.52
CA ALA D 264 -5.49 33.32 41.49
C ALA D 264 -6.78 33.58 40.71
N LEU D 265 -7.81 32.75 40.88
CA LEU D 265 -9.10 32.96 40.23
C LEU D 265 -10.20 32.93 41.29
N SER D 266 -11.03 33.96 41.31
CA SER D 266 -12.08 34.13 42.31
C SER D 266 -13.27 33.20 42.09
N GLU D 267 -13.11 32.09 41.36
CA GLU D 267 -14.19 31.15 41.14
C GLU D 267 -13.92 29.77 41.71
N LEU D 268 -12.67 29.42 42.01
CA LEU D 268 -12.36 28.13 42.61
C LEU D 268 -12.71 28.09 44.09
N VAL D 269 -12.87 29.25 44.73
CA VAL D 269 -13.20 29.32 46.14
C VAL D 269 -14.72 29.30 46.35
N ARG D 290 -13.32 34.33 53.21
CA ARG D 290 -12.26 33.47 52.71
C ARG D 290 -12.13 33.64 51.19
N GLN D 291 -13.26 33.90 50.54
CA GLN D 291 -13.25 34.19 49.11
C GLN D 291 -12.70 35.59 48.82
N THR D 292 -12.91 36.53 49.74
CA THR D 292 -12.49 37.92 49.55
C THR D 292 -10.99 38.04 49.29
N LEU D 293 -10.18 37.15 49.85
CA LEU D 293 -8.75 37.19 49.56
C LEU D 293 -8.46 36.96 48.09
N ALA D 294 -9.12 35.98 47.47
CA ALA D 294 -8.91 35.74 46.05
C ALA D 294 -9.35 36.92 45.20
N GLU D 295 -10.29 37.73 45.70
CA GLU D 295 -10.71 38.93 44.98
C GLU D 295 -9.62 40.00 44.92
N VAL D 296 -8.57 39.87 45.73
CA VAL D 296 -7.44 40.80 45.72
C VAL D 296 -6.32 40.22 44.87
N ILE D 297 -6.21 38.89 44.87
CA ILE D 297 -5.14 38.23 44.12
C ILE D 297 -5.46 38.22 42.62
N GLU D 298 -6.74 38.15 42.25
CA GLU D 298 -7.11 38.11 40.84
C GLU D 298 -6.63 39.31 40.05
N PRO D 299 -6.92 40.56 40.43
CA PRO D 299 -6.49 41.70 39.59
C PRO D 299 -4.99 41.81 39.43
N ARG D 300 -4.21 41.40 40.42
CA ARG D 300 -2.75 41.51 40.29
C ARG D 300 -2.21 40.49 39.30
N TYR D 301 -2.60 39.23 39.45
CA TYR D 301 -2.10 38.19 38.54
C TYR D 301 -2.58 38.42 37.11
N THR D 302 -3.82 38.89 36.94
CA THR D 302 -4.29 39.19 35.59
C THR D 302 -3.48 40.34 34.98
N GLU D 303 -3.07 41.32 35.80
CA GLU D 303 -2.25 42.41 35.31
C GLU D 303 -0.85 41.93 34.94
N LEU D 304 -0.28 41.02 35.74
CA LEU D 304 1.04 40.51 35.45
C LEU D 304 1.10 39.85 34.08
N MET D 305 0.08 39.07 33.74
CA MET D 305 0.03 38.46 32.41
C MET D 305 -0.23 39.49 31.33
N GLY D 306 -0.99 40.56 31.65
CA GLY D 306 -1.24 41.60 30.66
C GLY D 306 0.04 42.26 30.20
N LEU D 307 1.01 42.43 31.11
CA LEU D 307 2.31 42.95 30.70
C LEU D 307 3.04 41.95 29.82
N VAL D 308 2.90 40.65 30.13
CA VAL D 308 3.50 39.63 29.28
C VAL D 308 2.79 39.57 27.93
N ASN D 309 1.46 39.64 27.94
CA ASN D 309 0.69 39.57 26.70
C ASN D 309 1.06 40.73 25.77
N GLN D 310 1.13 41.94 26.31
CA GLN D 310 1.52 43.08 25.47
C GLN D 310 2.93 42.90 24.94
N THR D 311 3.82 42.32 25.75
CA THR D 311 5.17 42.05 25.27
C THR D 311 5.14 41.05 24.11
N ILE D 312 4.30 40.03 24.21
CA ILE D 312 4.16 39.07 23.12
C ILE D 312 3.72 39.76 21.85
N ASP D 313 2.73 40.67 21.96
CA ASP D 313 2.21 41.35 20.78
C ASP D 313 3.28 42.24 20.14
N ASN D 314 4.06 42.95 20.97
CA ASN D 314 5.08 43.83 20.43
C ASN D 314 6.22 43.06 19.79
N VAL D 315 6.51 41.86 20.28
CA VAL D 315 7.55 41.04 19.65
C VAL D 315 6.99 40.36 18.40
N GLN D 316 5.76 39.84 18.48
CA GLN D 316 5.15 39.21 17.32
C GLN D 316 4.94 40.19 16.17
N ALA D 317 4.63 41.45 16.49
CA ALA D 317 4.44 42.46 15.45
C ALA D 317 5.74 42.68 14.68
N LYS D 318 6.84 42.96 15.39
CA LYS D 318 8.12 43.15 14.73
C LYS D 318 8.60 41.87 14.06
N LEU D 319 8.21 40.71 14.59
CA LEU D 319 8.65 39.45 13.99
C LEU D 319 7.89 39.13 12.70
N ARG D 320 6.66 39.60 12.57
CA ARG D 320 5.90 39.34 11.35
C ARG D 320 6.19 40.38 10.27
N GLU D 321 6.39 41.64 10.67
CA GLU D 321 6.77 42.71 9.75
C GLU D 321 8.27 42.70 9.48
N ASN D 322 8.81 41.53 9.13
CA ASN D 322 10.25 41.32 8.99
C ASN D 322 10.54 39.86 8.69
N GLY D 323 9.54 39.17 8.15
CA GLY D 323 9.56 37.75 7.85
C GLY D 323 10.39 36.79 8.69
N VAL D 324 9.82 36.31 9.78
CA VAL D 324 10.40 35.23 10.59
C VAL D 324 9.24 34.62 11.37
N LYS D 325 9.45 33.41 11.87
CA LYS D 325 8.38 32.69 12.56
C LYS D 325 7.81 33.56 13.67
N HIS D 326 6.53 33.92 13.52
CA HIS D 326 5.92 34.92 14.39
C HIS D 326 4.94 34.36 15.41
N HIS D 327 4.44 33.15 15.22
CA HIS D 327 3.39 32.61 16.07
C HIS D 327 3.95 31.66 17.12
N LEU D 328 3.27 31.65 18.26
CA LEU D 328 3.65 30.82 19.41
C LEU D 328 2.68 29.65 19.46
N ALA D 329 3.11 28.49 18.93
CA ALA D 329 2.20 27.35 18.85
C ALA D 329 2.01 26.68 20.21
N ALA D 330 3.11 26.36 20.89
CA ALA D 330 3.04 25.69 22.18
C ALA D 330 2.59 26.60 23.31
N GLY D 331 2.37 27.89 23.06
CA GLY D 331 1.80 28.77 24.05
C GLY D 331 2.81 29.26 25.08
N VAL D 332 2.33 29.46 26.31
CA VAL D 332 3.09 30.08 27.39
C VAL D 332 3.30 29.06 28.50
N VAL D 333 4.48 29.09 29.10
CA VAL D 333 4.83 28.18 30.19
C VAL D 333 5.21 29.02 31.40
N LEU D 334 4.42 28.91 32.46
CA LEU D 334 4.69 29.62 33.71
C LEU D 334 5.65 28.82 34.57
N THR D 335 6.56 29.53 35.24
CA THR D 335 7.50 28.89 36.14
C THR D 335 7.87 29.90 37.23
N GLY D 336 8.71 29.46 38.16
CA GLY D 336 9.07 30.28 39.29
C GLY D 336 8.21 30.00 40.50
N GLY D 337 8.42 30.81 41.54
CA GLY D 337 7.72 30.59 42.79
C GLY D 337 6.25 31.01 42.72
N ALA D 338 6.00 32.25 42.30
CA ALA D 338 4.64 32.76 42.28
C ALA D 338 3.76 32.08 41.25
N ALA D 339 4.32 31.21 40.42
CA ALA D 339 3.53 30.39 39.50
C ALA D 339 2.92 29.18 40.18
N GLN D 340 3.10 29.04 41.49
CA GLN D 340 2.63 27.88 42.23
C GLN D 340 1.23 28.06 42.82
N ILE D 341 0.70 29.28 42.87
CA ILE D 341 -0.61 29.48 43.47
C ILE D 341 -1.67 28.79 42.62
N GLU D 342 -2.75 28.35 43.27
CA GLU D 342 -3.79 27.62 42.55
C GLU D 342 -4.57 28.57 41.67
N GLY D 343 -4.71 28.21 40.40
CA GLY D 343 -5.46 28.99 39.44
C GLY D 343 -4.65 29.94 38.59
N VAL D 344 -3.34 29.74 38.48
CA VAL D 344 -2.53 30.55 37.57
C VAL D 344 -2.97 30.32 36.13
N VAL D 345 -3.06 29.05 35.72
CA VAL D 345 -3.43 28.72 34.35
C VAL D 345 -4.82 29.22 34.03
N GLU D 346 -5.69 29.33 35.04
CA GLU D 346 -7.07 29.73 34.78
C GLU D 346 -7.16 31.22 34.46
N CYS D 347 -6.46 32.06 35.23
CA CYS D 347 -6.46 33.49 34.94
C CYS D 347 -5.41 33.88 33.91
N ALA D 348 -4.57 32.94 33.48
CA ALA D 348 -3.66 33.20 32.37
C ALA D 348 -4.29 32.83 31.05
N GLU D 349 -4.99 31.71 30.99
CA GLU D 349 -5.74 31.35 29.78
C GLU D 349 -6.87 32.34 29.50
N ARG D 350 -7.27 33.14 30.49
CA ARG D 350 -8.29 34.15 30.26
C ARG D 350 -7.69 35.39 29.63
N VAL D 351 -6.43 35.67 29.93
CA VAL D 351 -5.71 36.82 29.39
C VAL D 351 -4.91 36.45 28.15
N PHE D 352 -4.35 35.25 28.14
CA PHE D 352 -3.65 34.72 26.98
C PHE D 352 -4.61 33.88 26.17
N ARG D 353 -4.36 33.78 24.88
CA ARG D 353 -5.21 33.01 23.98
C ARG D 353 -4.56 31.71 23.53
N ASN D 354 -3.47 31.31 24.17
CA ASN D 354 -2.74 30.10 23.81
C ASN D 354 -2.74 29.12 24.98
N GLN D 355 -2.10 27.97 24.75
CA GLN D 355 -1.97 26.95 25.77
C GLN D 355 -1.06 27.44 26.89
N VAL D 356 -1.43 27.12 28.13
CA VAL D 356 -0.72 27.59 29.31
C VAL D 356 -0.50 26.42 30.26
N ARG D 357 0.70 26.32 30.82
CA ARG D 357 1.02 25.29 31.80
C ARG D 357 1.98 25.87 32.82
N VAL D 358 2.23 25.09 33.88
CA VAL D 358 3.21 25.44 34.90
C VAL D 358 4.37 24.45 34.78
N GLY D 359 5.50 24.94 34.28
CA GLY D 359 6.62 24.08 33.99
C GLY D 359 7.50 23.84 35.21
N LYS D 360 7.89 22.59 35.39
CA LYS D 360 8.81 22.17 36.43
C LYS D 360 10.14 21.75 35.81
N PRO D 361 11.21 21.67 36.62
CA PRO D 361 12.51 21.24 36.08
C PRO D 361 12.41 19.89 35.40
N LEU D 362 13.07 19.76 34.25
CA LEU D 362 13.03 18.53 33.47
C LEU D 362 14.42 17.92 33.40
N GLU D 363 14.44 16.65 32.99
CA GLU D 363 15.65 15.83 32.84
C GLU D 363 16.62 16.04 34.00
N VAL D 364 16.12 15.75 35.20
CA VAL D 364 16.88 15.83 36.44
C VAL D 364 16.91 14.45 37.06
N SER D 365 18.00 14.12 37.74
CA SER D 365 18.18 12.80 38.33
C SER D 365 18.75 12.89 39.73
N GLY D 366 18.22 12.06 40.63
CA GLY D 366 18.68 11.99 42.00
C GLY D 366 18.20 13.14 42.85
N LEU D 367 17.77 12.82 44.08
CA LEU D 367 17.24 13.82 45.01
C LEU D 367 16.12 14.62 44.36
N THR D 368 15.24 13.92 43.62
CA THR D 368 14.16 14.57 42.89
C THR D 368 13.05 15.00 43.84
N ASP D 369 13.33 15.05 45.13
CA ASP D 369 12.39 15.53 46.13
C ASP D 369 12.64 16.98 46.50
N TYR D 370 13.90 17.43 46.46
CA TYR D 370 14.24 18.82 46.72
C TYR D 370 14.42 19.64 45.45
N VAL D 371 14.17 19.06 44.28
CA VAL D 371 14.25 19.77 43.01
C VAL D 371 13.05 19.40 42.16
N LYS D 372 11.86 19.69 42.66
CA LYS D 372 10.61 19.36 41.98
C LYS D 372 9.74 20.57 41.70
N GLU D 373 9.68 21.52 42.63
CA GLU D 373 8.81 22.66 42.48
C GLU D 373 9.39 23.66 41.47
N PRO D 374 8.54 24.46 40.82
CA PRO D 374 9.04 25.32 39.73
C PRO D 374 10.05 26.35 40.17
N TYR D 375 10.06 26.77 41.44
CA TYR D 375 11.02 27.79 41.85
C TYR D 375 12.46 27.29 41.82
N HIS D 376 12.67 26.00 41.59
CA HIS D 376 14.00 25.44 41.40
C HIS D 376 14.47 25.49 39.95
N SER D 377 13.59 25.90 39.03
CA SER D 377 13.92 25.89 37.61
C SER D 377 15.14 26.75 37.32
N THR D 378 15.15 27.98 37.85
CA THR D 378 16.28 28.87 37.63
C THR D 378 17.57 28.26 38.15
N ALA D 379 17.49 27.49 39.24
CA ALA D 379 18.70 26.84 39.78
C ALA D 379 19.14 25.69 38.89
N VAL D 380 18.21 24.83 38.50
CA VAL D 380 18.58 23.69 37.66
C VAL D 380 18.96 24.13 36.26
N GLY D 381 18.47 25.29 35.82
CA GLY D 381 18.89 25.83 34.54
C GLY D 381 20.36 26.23 34.53
N LEU D 382 20.87 26.68 35.69
CA LEU D 382 22.30 26.95 35.80
C LEU D 382 23.11 25.68 35.61
N LEU D 383 22.60 24.54 36.09
CA LEU D 383 23.28 23.27 35.87
C LEU D 383 23.22 22.86 34.40
N HIS D 384 22.09 23.08 33.75
CA HIS D 384 21.96 22.76 32.33
C HIS D 384 22.95 23.56 31.51
N TYR D 385 23.00 24.87 31.74
CA TYR D 385 23.91 25.73 30.98
C TYR D 385 25.37 25.36 31.24
N ALA D 386 25.73 25.12 32.50
CA ALA D 386 27.11 24.84 32.84
C ALA D 386 27.63 23.56 32.20
N ARG D 387 26.75 22.66 31.79
CA ARG D 387 27.17 21.48 31.03
C ARG D 387 27.50 21.92 29.62
N ASP D 388 28.78 22.14 29.33
CA ASP D 388 29.20 22.62 28.02
C ASP D 388 30.60 22.12 27.69
N SER D 389 30.78 21.64 26.48
CA SER D 389 32.07 21.15 26.03
C SER D 389 32.33 21.55 24.57
N ASN E 8 -24.47 100.52 -12.09
CA ASN E 8 -25.10 100.85 -10.81
C ASN E 8 -24.10 100.72 -9.66
N ILE E 9 -24.39 99.80 -8.74
CA ILE E 9 -23.55 99.55 -7.57
C ILE E 9 -23.06 98.12 -7.63
N ILE E 10 -21.81 97.89 -7.21
CA ILE E 10 -21.17 96.59 -7.27
C ILE E 10 -20.59 96.27 -5.90
N VAL E 11 -20.69 95.00 -5.50
CA VAL E 11 -20.30 94.56 -4.15
C VAL E 11 -19.54 93.25 -4.26
N GLY E 12 -18.41 93.17 -3.56
CA GLY E 12 -17.63 91.94 -3.47
C GLY E 12 -17.81 91.28 -2.11
N LEU E 13 -17.23 90.08 -2.01
CA LEU E 13 -17.36 89.30 -0.77
C LEU E 13 -16.27 88.22 -0.76
N ASP E 14 -15.09 88.60 -0.26
CA ASP E 14 -13.98 87.67 -0.10
C ASP E 14 -14.11 87.03 1.27
N ILE E 15 -14.81 85.90 1.33
CA ILE E 15 -14.96 85.15 2.57
C ILE E 15 -13.68 84.35 2.80
N GLY E 16 -12.71 84.97 3.47
CA GLY E 16 -11.42 84.35 3.65
C GLY E 16 -11.36 83.39 4.83
N THR E 17 -10.26 82.65 4.89
CA THR E 17 -10.07 81.66 5.95
C THR E 17 -9.85 82.33 7.31
N ALA E 18 -9.36 83.57 7.34
CA ALA E 18 -9.12 84.29 8.58
C ALA E 18 -10.01 85.53 8.71
N THR E 19 -9.97 86.42 7.72
CA THR E 19 -10.76 87.64 7.73
C THR E 19 -11.68 87.66 6.52
N VAL E 20 -12.88 88.21 6.70
CA VAL E 20 -13.86 88.35 5.63
C VAL E 20 -13.84 89.80 5.17
N SER E 21 -13.54 90.00 3.89
CA SER E 21 -13.50 91.32 3.29
C SER E 21 -14.74 91.53 2.43
N ALA E 22 -15.27 92.75 2.45
CA ALA E 22 -16.49 93.08 1.71
C ALA E 22 -16.37 94.53 1.24
N LEU E 23 -16.24 94.72 -0.07
CA LEU E 23 -16.08 96.05 -0.64
C LEU E 23 -17.29 96.41 -1.48
N VAL E 24 -17.61 97.70 -1.50
CA VAL E 24 -18.73 98.23 -2.28
C VAL E 24 -18.19 99.32 -3.19
N GLY E 25 -18.70 99.36 -4.42
CA GLY E 25 -18.29 100.36 -5.38
C GLY E 25 -19.38 100.62 -6.40
N GLU E 26 -19.18 101.68 -7.18
CA GLU E 26 -20.08 102.03 -8.27
C GLU E 26 -19.28 102.08 -9.57
N VAL E 27 -19.89 101.60 -10.65
CA VAL E 27 -19.23 101.61 -11.95
C VAL E 27 -19.38 103.00 -12.57
N LEU E 28 -18.25 103.64 -12.84
CA LEU E 28 -18.28 104.95 -13.46
C LEU E 28 -18.40 104.81 -14.98
N PRO E 29 -18.97 105.81 -15.66
CA PRO E 29 -19.21 105.68 -17.11
C PRO E 29 -17.96 105.35 -17.91
N ASP E 30 -16.80 105.89 -17.53
CA ASP E 30 -15.58 105.62 -18.29
C ASP E 30 -15.10 104.19 -18.09
N GLY E 31 -15.29 103.64 -16.89
CA GLY E 31 -14.88 102.27 -16.62
C GLY E 31 -14.28 102.09 -15.25
N GLN E 32 -13.55 103.10 -14.78
CA GLN E 32 -12.92 103.04 -13.46
C GLN E 32 -13.97 102.84 -12.38
N VAL E 33 -13.77 101.81 -11.56
CA VAL E 33 -14.65 101.54 -10.43
C VAL E 33 -14.02 102.16 -9.20
N ASN E 34 -14.77 102.99 -8.49
CA ASN E 34 -14.31 103.60 -7.25
C ASN E 34 -15.03 102.98 -6.06
N ILE E 35 -14.29 102.75 -4.99
CA ILE E 35 -14.84 102.07 -3.82
C ILE E 35 -15.53 103.09 -2.94
N ILE E 36 -16.74 102.74 -2.48
CA ILE E 36 -17.57 103.65 -1.69
C ILE E 36 -17.44 103.28 -0.21
N GLY E 37 -17.26 102.00 0.07
CA GLY E 37 -17.15 101.55 1.44
C GLY E 37 -16.50 100.18 1.58
N ALA E 38 -15.69 100.02 2.63
CA ALA E 38 -15.00 98.78 2.92
C ALA E 38 -15.64 98.11 4.14
N GLY E 39 -15.08 96.97 4.53
CA GLY E 39 -15.59 96.22 5.66
C GLY E 39 -14.77 94.97 5.93
N SER E 40 -14.39 94.77 7.20
CA SER E 40 -13.57 93.64 7.59
C SER E 40 -13.99 93.14 8.95
N SER E 41 -13.79 91.84 9.17
CA SER E 41 -14.13 91.19 10.43
C SER E 41 -13.47 89.82 10.49
N PRO E 42 -12.89 89.43 11.62
CA PRO E 42 -12.30 88.09 11.72
C PRO E 42 -13.35 87.01 11.56
N SER E 43 -13.00 85.96 10.83
CA SER E 43 -13.93 84.91 10.46
C SER E 43 -13.66 83.66 11.30
N ARG E 44 -14.69 83.22 12.04
CA ARG E 44 -14.66 81.94 12.73
C ARG E 44 -15.48 80.93 11.94
N GLY E 45 -15.05 79.68 11.97
CA GLY E 45 -15.72 78.64 11.22
C GLY E 45 -15.21 78.45 9.82
N MET E 46 -13.92 78.66 9.59
CA MET E 46 -13.32 78.53 8.26
C MET E 46 -12.08 77.65 8.36
N ASP E 47 -11.84 76.86 7.32
CA ASP E 47 -10.68 75.99 7.28
C ASP E 47 -10.38 75.64 5.83
N LYS E 48 -9.13 75.87 5.41
CA LYS E 48 -8.67 75.53 4.06
C LYS E 48 -9.59 76.13 3.00
N GLY E 49 -9.94 77.40 3.19
CA GLY E 49 -10.76 78.12 2.23
C GLY E 49 -12.20 77.67 2.12
N GLY E 50 -12.61 76.65 2.90
CA GLY E 50 -13.96 76.14 2.86
C GLY E 50 -14.68 76.34 4.18
N VAL E 51 -15.99 76.13 4.15
CA VAL E 51 -16.82 76.31 5.33
C VAL E 51 -16.64 75.11 6.25
N ASN E 52 -16.54 75.39 7.55
CA ASN E 52 -16.38 74.35 8.56
C ASN E 52 -17.39 74.46 9.70
N ASP E 53 -17.96 75.63 9.96
CA ASP E 53 -18.98 75.80 10.99
C ASP E 53 -19.90 76.91 10.49
N LEU E 54 -21.05 76.51 9.91
CA LEU E 54 -21.89 77.47 9.21
C LEU E 54 -22.36 78.60 10.11
N GLU E 55 -22.67 78.28 11.37
CA GLU E 55 -23.20 79.31 12.26
C GLU E 55 -22.15 80.38 12.57
N SER E 56 -20.87 80.00 12.59
CA SER E 56 -19.82 80.97 12.88
C SER E 56 -19.46 81.81 11.67
N VAL E 57 -19.47 81.22 10.48
CA VAL E 57 -19.15 81.99 9.28
C VAL E 57 -20.31 82.90 8.91
N VAL E 58 -21.56 82.46 9.16
CA VAL E 58 -22.71 83.32 8.92
C VAL E 58 -22.64 84.55 9.83
N LYS E 59 -22.21 84.36 11.07
CA LYS E 59 -21.99 85.49 11.96
C LYS E 59 -20.87 86.39 11.46
N SER E 60 -19.79 85.79 10.93
CA SER E 60 -18.66 86.57 10.46
C SER E 60 -18.99 87.35 9.19
N VAL E 61 -19.67 86.69 8.23
CA VAL E 61 -20.00 87.36 6.98
C VAL E 61 -21.00 88.49 7.21
N GLN E 62 -21.88 88.34 8.19
CA GLN E 62 -22.83 89.42 8.48
C GLN E 62 -22.14 90.59 9.17
N ARG E 63 -21.10 90.32 9.96
CA ARG E 63 -20.36 91.40 10.61
C ARG E 63 -19.70 92.31 9.59
N ALA E 64 -19.13 91.73 8.53
CA ALA E 64 -18.44 92.53 7.52
C ALA E 64 -19.42 93.23 6.58
N VAL E 65 -20.51 92.56 6.21
CA VAL E 65 -21.47 93.18 5.30
C VAL E 65 -22.22 94.30 6.01
N ASP E 66 -22.32 94.23 7.34
CA ASP E 66 -22.99 95.29 8.09
C ASP E 66 -22.10 96.53 8.19
N GLN E 67 -20.81 96.35 8.43
CA GLN E 67 -19.89 97.49 8.47
C GLN E 67 -19.74 98.13 7.10
N ALA E 68 -19.88 97.35 6.02
CA ALA E 68 -19.85 97.92 4.68
C ALA E 68 -21.18 98.58 4.33
N GLU E 69 -22.29 98.05 4.85
CA GLU E 69 -23.59 98.67 4.62
C GLU E 69 -23.65 100.06 5.22
N LEU E 70 -22.86 100.32 6.26
CA LEU E 70 -22.87 101.61 6.93
C LEU E 70 -21.87 102.59 6.33
N MET E 71 -20.67 102.13 5.99
CA MET E 71 -19.68 103.04 5.41
C MET E 71 -19.98 103.44 3.97
N ALA E 72 -21.08 102.93 3.39
CA ALA E 72 -21.45 103.31 2.04
C ALA E 72 -22.86 103.88 1.94
N GLU E 73 -23.59 103.95 3.06
CA GLU E 73 -24.92 104.56 3.12
C GLU E 73 -25.85 103.97 2.04
N CYS E 74 -25.83 102.65 1.93
CA CYS E 74 -26.67 101.94 0.97
C CYS E 74 -26.82 100.50 1.43
N GLN E 75 -27.94 99.89 1.05
CA GLN E 75 -28.24 98.51 1.43
C GLN E 75 -27.69 97.55 0.39
N ILE E 76 -27.04 96.49 0.86
CA ILE E 76 -26.46 95.48 0.00
C ILE E 76 -27.53 94.44 -0.31
N SER E 77 -27.61 94.03 -1.57
CA SER E 77 -28.63 93.08 -2.01
C SER E 77 -28.06 91.92 -2.80
N SER E 78 -27.04 92.16 -3.62
CA SER E 78 -26.40 91.12 -4.41
C SER E 78 -24.89 91.27 -4.28
N VAL E 79 -24.19 90.14 -4.24
CA VAL E 79 -22.76 90.13 -3.99
C VAL E 79 -22.08 89.18 -4.96
N PHE E 80 -20.81 89.48 -5.25
CA PHE E 80 -19.92 88.57 -5.95
C PHE E 80 -18.94 88.01 -4.93
N ILE E 81 -18.93 86.69 -4.78
CA ILE E 81 -18.15 86.03 -3.75
C ILE E 81 -17.01 85.26 -4.38
N SER E 82 -15.91 85.18 -3.63
CA SER E 82 -14.76 84.39 -4.04
C SER E 82 -14.92 82.96 -3.54
N LEU E 83 -14.09 82.06 -4.08
CA LEU E 83 -14.15 80.65 -3.70
C LEU E 83 -12.79 80.02 -3.95
N SER E 84 -12.35 79.20 -3.01
CA SER E 84 -11.07 78.52 -3.13
C SER E 84 -11.15 77.17 -2.43
N GLY E 85 -10.07 76.42 -2.50
CA GLY E 85 -9.96 75.11 -1.89
C GLY E 85 -9.22 74.15 -2.81
N LYS E 86 -8.72 73.07 -2.21
CA LYS E 86 -7.99 72.06 -2.96
C LYS E 86 -8.84 71.47 -4.08
N HIS E 87 -10.17 71.52 -3.96
CA HIS E 87 -11.06 70.95 -4.95
C HIS E 87 -11.06 71.70 -6.27
N ILE E 88 -10.44 72.88 -6.33
CA ILE E 88 -10.42 73.65 -7.58
C ILE E 88 -9.54 72.92 -8.60
N ALA E 89 -10.07 72.72 -9.80
CA ALA E 89 -9.35 72.03 -10.85
C ALA E 89 -9.55 72.77 -12.17
N SER E 90 -8.61 72.56 -13.09
CA SER E 90 -8.64 73.21 -14.39
C SER E 90 -8.54 72.17 -15.50
N ARG E 91 -9.31 72.38 -16.56
CA ARG E 91 -9.33 71.49 -17.72
C ARG E 91 -9.31 72.32 -18.99
N ILE E 92 -8.81 71.72 -20.07
CA ILE E 92 -8.72 72.37 -21.37
C ILE E 92 -9.46 71.49 -22.38
N GLU E 93 -10.49 72.05 -23.02
CA GLU E 93 -11.34 71.32 -23.95
C GLU E 93 -11.49 72.13 -25.24
N LYS E 94 -11.37 71.45 -26.37
CA LYS E 94 -11.49 72.07 -27.67
C LYS E 94 -12.89 71.89 -28.24
N GLY E 95 -13.23 72.75 -29.19
CA GLY E 95 -14.54 72.73 -29.82
C GLY E 95 -14.43 73.24 -31.24
N MET E 96 -15.55 73.18 -31.96
CA MET E 96 -15.58 73.59 -33.36
C MET E 96 -16.91 74.26 -33.67
N GLY E 97 -16.93 74.96 -34.80
CA GLY E 97 -18.14 75.62 -35.26
C GLY E 97 -17.95 76.23 -36.65
N THR E 98 -19.04 76.30 -37.42
CA THR E 98 -18.97 76.90 -38.74
C THR E 98 -18.99 78.43 -38.63
N ILE E 99 -18.33 79.07 -39.58
CA ILE E 99 -18.33 80.53 -39.64
C ILE E 99 -19.21 81.00 -40.80
N SER E 100 -20.46 81.32 -40.49
CA SER E 100 -21.42 81.71 -41.51
C SER E 100 -21.05 83.05 -42.16
N GLU E 101 -21.34 83.13 -43.47
CA GLU E 101 -21.11 84.34 -44.28
C GLU E 101 -19.68 84.86 -44.19
N GLU E 102 -18.72 83.93 -44.09
CA GLU E 102 -17.30 84.22 -44.17
C GLU E 102 -16.83 85.45 -43.40
N GLU E 103 -17.46 85.76 -42.28
CA GLU E 103 -17.06 86.88 -41.44
C GLU E 103 -17.24 86.50 -39.97
N VAL E 104 -16.18 86.66 -39.18
CA VAL E 104 -16.16 86.18 -37.80
C VAL E 104 -17.00 87.09 -36.91
N SER E 105 -18.32 86.95 -37.01
CA SER E 105 -19.23 87.66 -36.14
C SER E 105 -19.25 87.03 -34.75
N GLN E 106 -19.72 87.82 -33.78
CA GLN E 106 -19.79 87.34 -32.40
C GLN E 106 -20.73 86.15 -32.25
N ASP E 107 -21.81 86.10 -33.04
CA ASP E 107 -22.73 84.97 -32.97
C ASP E 107 -22.05 83.66 -33.34
N ASP E 108 -21.10 83.71 -34.28
CA ASP E 108 -20.33 82.52 -34.60
C ASP E 108 -19.29 82.21 -33.53
N MET E 109 -18.73 83.26 -32.89
CA MET E 109 -17.72 83.03 -31.88
C MET E 109 -18.30 82.43 -30.61
N ASP E 110 -19.56 82.74 -30.29
CA ASP E 110 -20.17 82.18 -29.10
C ASP E 110 -20.62 80.73 -29.31
N ARG E 111 -21.00 80.38 -30.53
CA ARG E 111 -21.44 79.02 -30.81
C ARG E 111 -20.26 78.04 -30.78
N ALA E 112 -19.13 78.41 -31.37
CA ALA E 112 -17.98 77.52 -31.38
C ALA E 112 -17.45 77.29 -29.96
N ILE E 113 -17.52 78.32 -29.11
CA ILE E 113 -17.07 78.17 -27.73
C ILE E 113 -18.05 77.31 -26.94
N HIS E 114 -19.34 77.49 -27.16
CA HIS E 114 -20.36 76.71 -26.45
C HIS E 114 -20.16 75.22 -26.68
N THR E 115 -19.77 74.84 -27.89
CA THR E 115 -19.57 73.42 -28.20
C THR E 115 -18.44 72.84 -27.36
N ALA E 116 -17.34 73.59 -27.22
CA ALA E 116 -16.21 73.13 -26.42
C ALA E 116 -16.57 73.03 -24.94
N LYS E 117 -17.58 73.76 -24.48
CA LYS E 117 -17.93 73.75 -23.07
C LYS E 117 -18.77 72.54 -22.68
N SER E 118 -19.62 72.07 -23.59
CA SER E 118 -20.49 70.92 -23.32
C SER E 118 -19.63 69.67 -23.35
N ILE E 119 -19.28 69.16 -22.18
CA ILE E 119 -18.48 67.95 -22.02
C ILE E 119 -19.10 67.11 -20.92
N LYS E 120 -18.53 65.92 -20.72
CA LYS E 120 -18.96 65.01 -19.67
C LYS E 120 -18.03 65.14 -18.47
N ILE E 121 -18.61 65.53 -17.33
CA ILE E 121 -17.85 65.76 -16.12
C ILE E 121 -18.30 64.88 -14.97
N GLY E 122 -19.53 64.37 -15.01
CA GLY E 122 -20.12 63.64 -13.90
C GLY E 122 -21.13 64.48 -13.17
N ASP E 123 -20.82 64.86 -11.93
CA ASP E 123 -21.75 65.63 -11.12
C ASP E 123 -20.97 66.33 -10.00
N GLU E 124 -19.86 65.70 -9.60
CA GLU E 124 -19.03 66.26 -8.53
C GLU E 124 -18.42 67.60 -8.91
N GLN E 125 -18.30 67.89 -10.21
CA GLN E 125 -17.69 69.11 -10.69
C GLN E 125 -18.75 70.13 -11.09
N ARG E 126 -18.49 71.39 -10.76
CA ARG E 126 -19.36 72.51 -11.09
C ARG E 126 -18.52 73.52 -11.85
N ILE E 127 -18.97 73.89 -13.05
CA ILE E 127 -18.21 74.83 -13.87
C ILE E 127 -18.22 76.20 -13.22
N LEU E 128 -17.07 76.87 -13.27
CA LEU E 128 -16.89 78.17 -12.62
C LEU E 128 -16.47 79.27 -13.59
N HIS E 129 -15.57 78.96 -14.52
CA HIS E 129 -15.09 79.94 -15.49
C HIS E 129 -14.83 79.25 -16.81
N VAL E 130 -15.19 79.92 -17.91
CA VAL E 130 -14.88 79.45 -19.26
C VAL E 130 -14.01 80.51 -19.91
N ILE E 131 -12.71 80.23 -20.04
CA ILE E 131 -11.74 81.22 -20.49
C ILE E 131 -11.16 80.79 -21.83
N PRO E 132 -11.53 81.45 -22.93
CA PRO E 132 -10.94 81.14 -24.23
C PRO E 132 -9.45 81.48 -24.25
N GLN E 133 -8.64 80.48 -24.61
CA GLN E 133 -7.19 80.66 -24.67
C GLN E 133 -6.78 81.22 -26.04
N GLU E 134 -6.41 80.33 -26.95
CA GLU E 134 -6.02 80.72 -28.31
C GLU E 134 -7.03 80.17 -29.30
N PHE E 135 -7.50 81.02 -30.21
CA PHE E 135 -8.41 80.63 -31.25
C PHE E 135 -7.63 79.96 -32.40
N THR E 136 -8.36 79.37 -33.34
CA THR E 136 -7.74 78.79 -34.52
C THR E 136 -8.76 78.79 -35.65
N ILE E 137 -8.35 79.27 -36.82
CA ILE E 137 -9.27 79.45 -37.95
C ILE E 137 -8.67 78.96 -39.27
N ASP E 138 -9.00 77.73 -39.65
CA ASP E 138 -8.61 77.17 -40.94
C ASP E 138 -7.11 77.10 -41.13
N TYR E 139 -6.47 76.12 -40.50
CA TYR E 139 -5.06 75.83 -40.63
C TYR E 139 -4.19 76.89 -39.96
N GLN E 140 -4.79 78.01 -39.55
CA GLN E 140 -4.07 79.05 -38.81
C GLN E 140 -4.44 78.94 -37.34
N GLU E 141 -3.48 78.54 -36.51
CA GLU E 141 -3.68 78.36 -35.09
C GLU E 141 -2.92 79.43 -34.31
N GLY E 142 -3.15 79.45 -32.99
CA GLY E 142 -2.48 80.41 -32.14
C GLY E 142 -2.90 81.85 -32.35
N ILE E 143 -4.17 82.08 -32.66
CA ILE E 143 -4.69 83.44 -32.82
C ILE E 143 -5.21 83.92 -31.47
N LYS E 144 -5.09 85.22 -31.22
CA LYS E 144 -5.47 85.78 -29.92
C LYS E 144 -6.98 85.99 -29.83
N ASN E 145 -7.53 86.81 -30.72
CA ASN E 145 -8.96 87.12 -30.67
C ASN E 145 -9.39 87.63 -32.04
N PRO E 146 -9.55 86.73 -33.01
CA PRO E 146 -9.95 87.16 -34.37
C PRO E 146 -11.45 87.39 -34.47
N LEU E 147 -11.83 88.58 -34.96
CA LEU E 147 -13.24 88.99 -35.06
C LEU E 147 -13.46 89.81 -36.34
N GLY E 148 -13.51 89.12 -37.47
CA GLY E 148 -13.73 89.80 -38.73
C GLY E 148 -12.88 89.31 -39.89
N LEU E 149 -12.44 88.06 -39.80
CA LEU E 149 -11.59 87.43 -40.79
C LEU E 149 -12.41 86.48 -41.66
N SER E 150 -11.85 86.12 -42.81
CA SER E 150 -12.55 85.26 -43.77
C SER E 150 -12.04 83.84 -43.62
N GLY E 151 -12.94 82.93 -43.29
CA GLY E 151 -12.63 81.52 -43.16
C GLY E 151 -13.88 80.70 -43.38
N VAL E 152 -13.73 79.38 -43.22
CA VAL E 152 -14.84 78.45 -43.37
C VAL E 152 -15.10 77.60 -42.14
N ARG E 153 -14.19 77.59 -41.16
CA ARG E 153 -14.39 76.87 -39.91
C ARG E 153 -13.29 77.25 -38.93
N MET E 154 -13.63 77.24 -37.64
CA MET E 154 -12.71 77.65 -36.60
C MET E 154 -12.87 76.77 -35.37
N GLU E 155 -11.76 76.55 -34.67
CA GLU E 155 -11.74 75.76 -33.45
C GLU E 155 -11.12 76.59 -32.32
N VAL E 156 -11.67 76.42 -31.11
CA VAL E 156 -11.21 77.15 -29.94
C VAL E 156 -10.71 76.14 -28.90
N SER E 157 -9.89 76.64 -27.97
CA SER E 157 -9.36 75.84 -26.86
C SER E 157 -9.66 76.59 -25.56
N VAL E 158 -10.82 76.33 -24.96
CA VAL E 158 -11.27 77.07 -23.79
C VAL E 158 -10.64 76.49 -22.54
N HIS E 159 -10.45 77.36 -21.55
CA HIS E 159 -9.94 76.98 -20.23
C HIS E 159 -11.10 76.90 -19.25
N LEU E 160 -11.25 75.76 -18.58
CA LEU E 160 -12.38 75.49 -17.71
C LEU E 160 -11.93 75.41 -16.25
N ILE E 161 -12.55 76.21 -15.40
CA ILE E 161 -12.33 76.15 -13.96
C ILE E 161 -13.52 75.45 -13.32
N SER E 162 -13.24 74.44 -12.49
CA SER E 162 -14.28 73.65 -11.85
C SER E 162 -13.93 73.41 -10.39
N CYS E 163 -14.96 73.22 -9.58
CA CYS E 163 -14.81 72.99 -8.15
C CYS E 163 -15.82 71.95 -7.69
N HIS E 164 -15.55 71.40 -6.50
CA HIS E 164 -16.49 70.46 -5.90
C HIS E 164 -17.79 71.20 -5.58
N ASN E 165 -18.92 70.60 -5.99
CA ASN E 165 -20.20 71.29 -5.86
C ASN E 165 -20.56 71.51 -4.39
N ASP E 166 -20.42 70.47 -3.57
CA ASP E 166 -20.82 70.57 -2.15
C ASP E 166 -20.06 71.67 -1.45
N MET E 167 -18.74 71.74 -1.66
CA MET E 167 -17.95 72.80 -1.04
C MET E 167 -18.35 74.19 -1.54
N ALA E 168 -19.00 74.27 -2.70
CA ALA E 168 -19.49 75.56 -3.19
C ALA E 168 -20.86 75.89 -2.61
N ARG E 169 -21.72 74.90 -2.43
CA ARG E 169 -23.03 75.15 -1.84
C ARG E 169 -22.90 75.73 -0.44
N ASN E 170 -21.90 75.29 0.32
CA ASN E 170 -21.73 75.78 1.69
C ASN E 170 -21.44 77.28 1.69
N ILE E 171 -20.55 77.73 0.81
CA ILE E 171 -20.22 79.15 0.73
C ILE E 171 -21.46 79.95 0.34
N ILE E 172 -22.24 79.42 -0.60
CA ILE E 172 -23.49 80.08 -0.99
C ILE E 172 -24.48 80.07 0.17
N LYS E 173 -24.63 78.91 0.83
CA LYS E 173 -25.57 78.79 1.94
C LYS E 173 -25.27 79.81 3.03
N ALA E 174 -23.99 80.08 3.29
CA ALA E 174 -23.64 81.08 4.30
C ALA E 174 -24.15 82.46 3.91
N VAL E 175 -23.95 82.84 2.65
CA VAL E 175 -24.37 84.18 2.20
C VAL E 175 -25.89 84.28 2.16
N GLU E 176 -26.56 83.20 1.74
CA GLU E 176 -28.02 83.23 1.62
C GLU E 176 -28.70 83.41 2.97
N ARG E 177 -28.08 82.98 4.05
CA ARG E 177 -28.68 83.14 5.37
C ARG E 177 -28.60 84.57 5.88
N CYS E 178 -27.92 85.46 5.16
CA CYS E 178 -27.84 86.87 5.52
C CYS E 178 -28.75 87.74 4.67
N GLY E 179 -29.70 87.12 3.95
CA GLY E 179 -30.59 87.87 3.09
C GLY E 179 -30.00 88.29 1.76
N LEU E 180 -28.79 87.86 1.45
CA LEU E 180 -28.12 88.25 0.21
C LEU E 180 -28.26 87.16 -0.85
N LYS E 181 -28.21 87.59 -2.10
CA LYS E 181 -28.23 86.68 -3.25
C LYS E 181 -26.89 86.75 -3.96
N VAL E 182 -26.32 85.58 -4.26
CA VAL E 182 -25.05 85.52 -4.97
C VAL E 182 -25.30 85.65 -6.47
N GLU E 183 -24.48 86.47 -7.13
CA GLU E 183 -24.57 86.65 -8.57
C GLU E 183 -23.74 85.62 -9.32
N GLN E 184 -22.47 85.48 -8.95
CA GLN E 184 -21.59 84.50 -9.58
C GLN E 184 -20.48 84.14 -8.62
N LEU E 185 -19.98 82.91 -8.75
CA LEU E 185 -18.82 82.46 -7.99
C LEU E 185 -17.56 82.72 -8.79
N VAL E 186 -16.51 83.15 -8.10
CA VAL E 186 -15.26 83.54 -8.73
C VAL E 186 -14.12 82.82 -8.03
N PHE E 187 -13.24 82.21 -8.82
CA PHE E 187 -12.04 81.59 -8.26
C PHE E 187 -11.15 82.65 -7.64
N SER E 188 -10.67 82.38 -6.42
CA SER E 188 -9.90 83.37 -5.67
C SER E 188 -8.68 83.85 -6.45
N GLY E 189 -7.89 82.90 -6.96
CA GLY E 189 -6.66 83.28 -7.66
C GLY E 189 -6.90 84.10 -8.91
N LEU E 190 -8.08 83.95 -9.53
CA LEU E 190 -8.39 84.77 -10.69
C LEU E 190 -8.64 86.22 -10.29
N ALA E 191 -9.41 86.44 -9.22
CA ALA E 191 -9.61 87.78 -8.72
C ALA E 191 -8.34 88.35 -8.12
N SER E 192 -7.56 87.52 -7.42
CA SER E 192 -6.28 87.96 -6.89
C SER E 192 -5.30 88.36 -7.99
N SER E 193 -5.58 87.97 -9.24
CA SER E 193 -4.73 88.32 -10.37
C SER E 193 -5.27 89.51 -11.16
N ASN E 194 -6.59 89.66 -11.22
CA ASN E 194 -7.18 90.76 -11.98
C ASN E 194 -6.84 92.12 -11.39
N ALA E 195 -6.47 92.18 -10.11
CA ALA E 195 -6.22 93.43 -9.42
C ALA E 195 -4.76 93.62 -9.02
N VAL E 196 -3.88 92.69 -9.38
CA VAL E 196 -2.47 92.80 -9.02
C VAL E 196 -1.54 92.77 -10.23
N ILE E 197 -2.01 92.29 -11.37
CA ILE E 197 -1.19 92.10 -12.56
C ILE E 197 -1.52 93.21 -13.56
N THR E 198 -0.50 93.67 -14.27
CA THR E 198 -0.70 94.60 -15.37
C THR E 198 -0.82 93.82 -16.68
N GLU E 199 -1.59 94.38 -17.63
CA GLU E 199 -1.78 93.72 -18.92
C GLU E 199 -0.45 93.47 -19.61
N ASP E 200 0.52 94.36 -19.42
CA ASP E 200 1.86 94.12 -19.97
C ASP E 200 2.44 92.83 -19.43
N GLU E 201 2.33 92.62 -18.11
CA GLU E 201 2.88 91.42 -17.49
C GLU E 201 2.22 90.17 -18.06
N ARG E 202 0.92 90.24 -18.36
CA ARG E 202 0.20 89.08 -18.87
C ARG E 202 0.85 88.52 -20.13
N GLU E 203 1.23 89.39 -21.06
CA GLU E 203 1.79 88.94 -22.33
C GLU E 203 3.17 88.34 -22.16
N LEU E 204 3.98 88.85 -21.22
CA LEU E 204 5.30 88.28 -20.99
C LEU E 204 5.22 86.93 -20.31
N GLY E 205 4.32 86.78 -19.34
CA GLY E 205 4.20 85.54 -18.61
C GLY E 205 4.46 85.67 -17.13
N VAL E 206 3.42 85.48 -16.31
CA VAL E 206 3.50 85.65 -14.86
C VAL E 206 2.78 84.52 -14.16
N CYS E 207 3.18 84.27 -12.93
CA CYS E 207 2.46 83.36 -12.02
C CYS E 207 2.19 84.12 -10.73
N VAL E 208 0.91 84.29 -10.40
CA VAL E 208 0.53 84.93 -9.16
C VAL E 208 0.06 83.85 -8.20
N VAL E 209 0.16 84.15 -6.90
CA VAL E 209 -0.26 83.20 -5.87
C VAL E 209 -0.69 83.95 -4.61
N ASP E 210 -1.99 83.87 -4.30
CA ASP E 210 -2.55 84.54 -3.12
C ASP E 210 -2.28 83.64 -1.93
N ILE E 211 -1.09 83.77 -1.33
CA ILE E 211 -0.78 83.06 -0.11
C ILE E 211 -1.55 83.70 1.04
N GLY E 212 -2.32 82.90 1.75
CA GLY E 212 -3.23 83.45 2.74
C GLY E 212 -3.28 82.66 4.03
N ALA E 213 -4.45 82.63 4.67
CA ALA E 213 -4.57 81.91 5.93
C ALA E 213 -4.57 80.41 5.73
N GLY E 214 -5.40 79.91 4.81
CA GLY E 214 -5.53 78.47 4.66
C GLY E 214 -5.48 77.95 3.23
N THR E 215 -5.34 78.82 2.25
CA THR E 215 -5.34 78.39 0.85
C THR E 215 -4.24 79.11 0.09
N MET E 216 -3.65 78.40 -0.87
CA MET E 216 -2.58 78.90 -1.73
C MET E 216 -3.06 78.87 -3.19
N ASP E 217 -3.69 79.97 -3.61
CA ASP E 217 -4.35 80.05 -4.92
C ASP E 217 -3.32 80.46 -5.98
N ILE E 218 -2.93 79.51 -6.84
CA ILE E 218 -1.94 79.74 -7.88
C ILE E 218 -2.65 79.99 -9.20
N SER E 219 -2.17 80.98 -9.96
CA SER E 219 -2.67 81.26 -11.31
C SER E 219 -1.49 81.55 -12.22
N ILE E 220 -1.45 80.91 -13.38
CA ILE E 220 -0.35 81.01 -14.32
C ILE E 220 -0.85 81.64 -15.62
N TRP E 221 -0.17 82.67 -16.09
CA TRP E 221 -0.53 83.38 -17.31
C TRP E 221 0.66 83.40 -18.26
N THR E 222 0.43 82.99 -19.51
CA THR E 222 1.39 83.18 -20.58
C THR E 222 0.66 83.64 -21.83
N GLY E 223 1.28 84.54 -22.57
CA GLY E 223 0.67 85.05 -23.80
C GLY E 223 -0.64 85.78 -23.59
N GLY E 224 -0.85 86.36 -22.41
CA GLY E 224 -2.06 87.11 -22.14
C GLY E 224 -3.30 86.26 -21.90
N ALA E 225 -3.13 85.00 -21.52
CA ALA E 225 -4.26 84.12 -21.26
C ALA E 225 -3.95 83.23 -20.06
N LEU E 226 -4.98 82.93 -19.27
CA LEU E 226 -4.82 82.04 -18.12
C LEU E 226 -4.56 80.63 -18.61
N ARG E 227 -3.42 80.07 -18.21
CA ARG E 227 -2.99 78.75 -18.67
C ARG E 227 -3.34 77.63 -17.69
N HIS E 228 -3.13 77.84 -16.40
CA HIS E 228 -3.33 76.78 -15.42
C HIS E 228 -3.81 77.38 -14.10
N THR E 229 -4.47 76.54 -13.31
CA THR E 229 -4.97 76.90 -12.00
C THR E 229 -4.70 75.75 -11.05
N GLU E 230 -4.11 76.06 -9.89
CA GLU E 230 -3.79 75.06 -8.90
C GLU E 230 -3.93 75.68 -7.52
N VAL E 231 -4.39 74.88 -6.56
CA VAL E 231 -4.63 75.35 -5.20
C VAL E 231 -4.03 74.35 -4.22
N PHE E 232 -3.40 74.86 -3.17
CA PHE E 232 -2.87 74.05 -2.08
C PHE E 232 -3.50 74.48 -0.76
N SER E 233 -3.50 73.57 0.20
CA SER E 233 -4.14 73.78 1.49
C SER E 233 -3.17 74.17 2.59
N TYR E 234 -1.88 74.31 2.28
CA TYR E 234 -0.88 74.74 3.25
C TYR E 234 -0.63 76.23 3.05
N ALA E 235 -0.94 77.02 4.08
CA ALA E 235 -0.80 78.47 3.97
C ALA E 235 -0.25 79.09 5.24
N GLY E 236 -0.70 80.32 5.55
CA GLY E 236 -0.17 81.02 6.72
C GLY E 236 -0.43 80.30 8.03
N ASN E 237 -1.55 79.59 8.14
CA ASN E 237 -1.84 78.85 9.35
C ASN E 237 -0.93 77.64 9.53
N ALA E 238 -0.21 77.22 8.49
CA ALA E 238 0.73 76.12 8.62
C ALA E 238 2.02 76.57 9.31
N VAL E 239 2.57 77.70 8.89
CA VAL E 239 3.78 78.21 9.54
C VAL E 239 3.45 78.74 10.93
N THR E 240 2.25 79.31 11.11
CA THR E 240 1.82 79.72 12.45
C THR E 240 1.82 78.53 13.41
N SER E 241 1.30 77.39 12.95
CA SER E 241 1.31 76.19 13.78
C SER E 241 2.74 75.70 14.03
N ASP E 242 3.61 75.83 13.04
CA ASP E 242 5.00 75.39 13.21
C ASP E 242 5.68 76.14 14.34
N ILE E 243 5.42 77.44 14.46
CA ILE E 243 6.02 78.23 15.53
C ILE E 243 5.50 77.74 16.88
N ALA E 244 4.19 77.55 16.99
CA ALA E 244 3.60 77.09 18.26
C ALA E 244 4.08 75.69 18.61
N PHE E 245 4.09 74.79 17.61
CA PHE E 245 4.39 73.39 17.86
C PHE E 245 5.87 73.15 18.13
N ALA E 246 6.73 74.12 17.81
CA ALA E 246 8.17 73.97 18.02
C ALA E 246 8.69 74.70 19.25
N PHE E 247 7.93 75.64 19.80
CA PHE E 247 8.38 76.43 20.94
C PHE E 247 7.53 76.24 22.20
N GLY E 248 6.47 75.43 22.13
CA GLY E 248 5.61 75.30 23.28
C GLY E 248 4.84 76.57 23.58
N THR E 249 4.34 77.24 22.55
CA THR E 249 3.66 78.52 22.62
C THR E 249 2.20 78.38 22.21
N PRO E 250 1.28 79.07 22.88
CA PRO E 250 -0.12 79.01 22.45
C PRO E 250 -0.29 79.52 21.03
N LEU E 251 -1.31 78.99 20.35
CA LEU E 251 -1.58 79.42 18.98
C LEU E 251 -1.87 80.92 18.91
N SER E 252 -2.63 81.43 19.89
CA SER E 252 -2.93 82.86 19.92
C SER E 252 -1.66 83.69 19.99
N ASP E 253 -0.68 83.27 20.79
CA ASP E 253 0.55 84.03 20.93
C ASP E 253 1.53 83.76 19.80
N ALA E 254 1.58 82.54 19.27
CA ALA E 254 2.50 82.23 18.19
C ALA E 254 2.18 83.01 16.92
N GLU E 255 0.90 83.30 16.68
CA GLU E 255 0.52 84.09 15.52
C GLU E 255 1.03 85.53 15.64
N GLU E 256 0.90 86.12 16.83
CA GLU E 256 1.33 87.51 17.02
C GLU E 256 2.83 87.66 16.84
N ILE E 257 3.61 86.71 17.36
CA ILE E 257 5.06 86.77 17.20
C ILE E 257 5.45 86.60 15.73
N LYS E 258 4.67 85.81 14.98
CA LYS E 258 4.96 85.62 13.56
C LYS E 258 4.75 86.92 12.78
N VAL E 259 3.65 87.61 13.03
CA VAL E 259 3.33 88.80 12.24
C VAL E 259 4.26 89.96 12.57
N LYS E 260 4.75 90.03 13.80
CA LYS E 260 5.56 91.17 14.23
C LYS E 260 7.05 90.95 14.14
N TYR E 261 7.54 89.71 14.26
CA TYR E 261 8.97 89.44 14.26
C TYR E 261 9.35 88.30 13.32
N GLY E 262 8.45 87.86 12.46
CA GLY E 262 8.74 86.73 11.58
C GLY E 262 9.58 87.15 10.39
N CYS E 263 10.47 86.25 9.98
CA CYS E 263 11.30 86.43 8.80
C CYS E 263 11.35 85.14 8.01
N ALA E 264 11.22 85.26 6.70
CA ALA E 264 11.21 84.09 5.82
C ALA E 264 12.61 83.60 5.47
N LEU E 265 13.66 84.27 5.95
CA LEU E 265 15.03 83.85 5.69
C LEU E 265 15.84 84.01 6.96
N SER E 266 16.50 82.94 7.39
CA SER E 266 17.17 82.92 8.68
C SER E 266 18.55 83.58 8.64
N GLU E 267 18.75 84.51 7.71
CA GLU E 267 20.00 85.25 7.63
C GLU E 267 19.83 86.76 7.49
N LEU E 268 18.60 87.24 7.25
CA LEU E 268 18.35 88.66 7.19
C LEU E 268 18.16 89.28 8.58
N VAL E 269 18.01 88.46 9.61
CA VAL E 269 17.85 88.94 10.98
C VAL E 269 19.19 88.91 11.69
N SER E 270 19.44 89.92 12.52
CA SER E 270 20.67 90.00 13.27
C SER E 270 20.62 89.12 14.51
N LYS E 271 21.79 88.69 14.96
CA LYS E 271 21.86 87.87 16.16
C LYS E 271 21.49 88.64 17.42
N ASP E 272 21.58 89.97 17.39
CA ASP E 272 21.28 90.81 18.55
C ASP E 272 19.80 91.16 18.62
N ASP E 273 18.92 90.33 18.08
CA ASP E 273 17.48 90.52 18.17
C ASP E 273 16.88 89.41 19.01
N THR E 274 15.98 89.78 19.92
CA THR E 274 15.37 88.83 20.84
C THR E 274 13.87 89.11 20.92
N VAL E 275 13.11 88.06 21.20
CA VAL E 275 11.66 88.15 21.33
C VAL E 275 11.24 87.43 22.60
N ASN E 276 10.13 87.88 23.17
CA ASN E 276 9.58 87.29 24.39
C ASN E 276 8.52 86.28 23.99
N VAL E 277 8.90 85.01 23.96
CA VAL E 277 7.98 83.91 23.65
C VAL E 277 7.47 83.33 24.97
N PRO E 278 6.16 83.22 25.16
CA PRO E 278 5.62 82.71 26.42
C PRO E 278 5.68 81.18 26.47
N SER E 279 5.22 80.64 27.59
CA SER E 279 5.13 79.21 27.82
C SER E 279 3.74 78.87 28.34
N VAL E 280 3.52 77.58 28.60
CA VAL E 280 2.22 77.09 29.05
C VAL E 280 2.40 76.37 30.37
N GLY E 281 1.29 76.24 31.12
CA GLY E 281 1.29 75.60 32.40
C GLY E 281 1.41 76.53 33.58
N GLY E 282 1.96 77.72 33.38
CA GLY E 282 2.31 78.60 34.48
C GLY E 282 3.81 78.69 34.61
N ARG E 283 4.50 78.61 33.48
CA ARG E 283 5.94 78.64 33.34
C ARG E 283 6.39 80.04 32.96
N PRO E 284 7.65 80.40 33.24
CA PRO E 284 8.10 81.76 32.96
C PRO E 284 8.30 81.99 31.47
N SER E 285 8.01 83.22 31.04
CA SER E 285 8.18 83.59 29.64
C SER E 285 9.65 83.75 29.32
N ARG E 286 10.16 82.91 28.42
CA ARG E 286 11.57 82.95 28.04
C ARG E 286 11.80 83.97 26.94
N SER E 287 12.94 84.65 27.00
CA SER E 287 13.39 85.54 25.94
C SER E 287 14.29 84.75 25.00
N LEU E 288 13.89 84.64 23.75
CA LEU E 288 14.57 83.78 22.78
C LEU E 288 15.07 84.61 21.61
N GLN E 289 16.18 84.16 21.02
CA GLN E 289 16.75 84.87 19.87
C GLN E 289 15.79 84.84 18.69
N ARG E 290 15.58 86.02 18.10
CA ARG E 290 14.70 86.14 16.94
C ARG E 290 15.21 85.37 15.72
N GLN E 291 16.53 85.15 15.64
CA GLN E 291 17.06 84.37 14.52
C GLN E 291 16.56 82.93 14.55
N THR E 292 16.52 82.31 15.73
CA THR E 292 16.04 80.93 15.84
C THR E 292 14.59 80.83 15.39
N LEU E 293 13.77 81.85 15.69
CA LEU E 293 12.39 81.86 15.22
C LEU E 293 12.33 81.85 13.70
N ALA E 294 13.15 82.66 13.05
CA ALA E 294 13.21 82.66 11.59
C ALA E 294 13.74 81.35 11.05
N GLU E 295 14.54 80.62 11.84
CA GLU E 295 15.03 79.32 11.42
C GLU E 295 13.93 78.28 11.34
N VAL E 296 12.78 78.53 11.99
CA VAL E 296 11.64 77.65 11.88
C VAL E 296 10.70 78.09 10.75
N ILE E 297 10.59 79.40 10.52
CA ILE E 297 9.70 79.91 9.49
C ILE E 297 10.28 79.67 8.11
N GLU E 298 11.61 79.68 7.98
CA GLU E 298 12.24 79.54 6.67
C GLU E 298 11.91 78.21 5.98
N PRO E 299 12.04 77.04 6.63
CA PRO E 299 11.75 75.80 5.89
C PRO E 299 10.32 75.67 5.41
N ARG E 300 9.35 76.15 6.18
CA ARG E 300 7.95 76.05 5.77
C ARG E 300 7.68 76.92 4.55
N TYR E 301 8.16 78.17 4.56
CA TYR E 301 7.97 79.05 3.41
C TYR E 301 8.70 78.53 2.18
N THR E 302 9.90 77.99 2.37
CA THR E 302 10.65 77.42 1.25
C THR E 302 9.90 76.26 0.63
N GLU E 303 9.36 75.36 1.46
CA GLU E 303 8.55 74.26 0.95
C GLU E 303 7.33 74.77 0.21
N LEU E 304 6.71 75.84 0.73
CA LEU E 304 5.55 76.41 0.07
C LEU E 304 5.89 76.88 -1.34
N MET E 305 6.98 77.64 -1.48
CA MET E 305 7.41 78.06 -2.81
C MET E 305 7.88 76.87 -3.64
N GLY E 306 8.37 75.80 -3.00
CA GLY E 306 8.71 74.60 -3.73
C GLY E 306 7.50 73.98 -4.41
N LEU E 307 6.34 74.06 -3.78
CA LEU E 307 5.11 73.58 -4.40
C LEU E 307 4.74 74.44 -5.61
N VAL E 308 4.91 75.76 -5.50
CA VAL E 308 4.65 76.63 -6.63
C VAL E 308 5.68 76.42 -7.72
N ASN E 309 6.92 76.17 -7.33
CA ASN E 309 7.98 75.90 -8.31
C ASN E 309 7.71 74.61 -9.06
N GLN E 310 7.33 73.55 -8.34
CA GLN E 310 7.03 72.27 -8.97
C GLN E 310 5.85 72.40 -9.93
N THR E 311 4.89 73.28 -9.61
CA THR E 311 3.75 73.47 -10.50
C THR E 311 4.17 74.17 -11.80
N ILE E 312 5.04 75.17 -11.70
CA ILE E 312 5.50 75.87 -12.89
C ILE E 312 6.22 74.91 -13.84
N ASP E 313 7.11 74.08 -13.30
CA ASP E 313 7.86 73.14 -14.13
C ASP E 313 6.93 72.17 -14.86
N ASN E 314 5.91 71.66 -14.16
CA ASN E 314 4.97 70.75 -14.80
C ASN E 314 4.12 71.46 -15.83
N VAL E 315 3.75 72.72 -15.57
CA VAL E 315 2.97 73.47 -16.55
C VAL E 315 3.84 73.92 -17.72
N GLN E 316 5.07 74.40 -17.43
CA GLN E 316 5.97 74.82 -18.49
C GLN E 316 6.30 73.67 -19.44
N ALA E 317 6.52 72.47 -18.89
CA ALA E 317 6.81 71.31 -19.73
C ALA E 317 5.64 71.00 -20.66
N LYS E 318 4.45 70.86 -20.10
CA LYS E 318 3.26 70.55 -20.88
C LYS E 318 2.86 71.71 -21.80
N LEU E 319 3.49 72.87 -21.66
CA LEU E 319 3.17 74.01 -22.51
C LEU E 319 4.06 74.08 -23.74
N ARG E 320 5.38 74.04 -23.56
CA ARG E 320 6.28 74.07 -24.71
C ARG E 320 6.18 72.79 -25.53
N GLU E 321 5.91 71.65 -24.88
CA GLU E 321 5.73 70.39 -25.59
C GLU E 321 4.42 70.36 -26.39
N ASN E 322 3.63 71.42 -26.32
CA ASN E 322 2.37 71.52 -27.06
C ASN E 322 2.33 72.72 -27.98
N GLY E 323 3.31 73.62 -27.92
CA GLY E 323 3.40 74.72 -28.85
C GLY E 323 2.73 75.99 -28.39
N VAL E 324 3.22 76.56 -27.29
CA VAL E 324 2.72 77.83 -26.77
C VAL E 324 3.85 78.47 -25.95
N LYS E 325 3.67 79.76 -25.65
CA LYS E 325 4.64 80.47 -24.83
C LYS E 325 4.81 79.77 -23.48
N HIS E 326 6.06 79.50 -23.13
CA HIS E 326 6.38 78.70 -21.95
C HIS E 326 7.06 79.49 -20.84
N HIS E 327 8.02 80.35 -21.18
CA HIS E 327 8.82 81.04 -20.18
C HIS E 327 8.01 82.18 -19.55
N LEU E 328 7.97 82.19 -18.22
CA LEU E 328 7.37 83.30 -17.48
C LEU E 328 8.41 84.41 -17.39
N ALA E 329 8.21 85.49 -18.15
CA ALA E 329 9.20 86.56 -18.18
C ALA E 329 9.10 87.46 -16.96
N ALA E 330 7.90 87.99 -16.69
CA ALA E 330 7.74 88.89 -15.56
C ALA E 330 7.88 88.18 -14.22
N GLY E 331 7.84 86.86 -14.21
CA GLY E 331 8.14 86.10 -13.00
C GLY E 331 6.96 85.74 -12.12
N VAL E 332 7.20 85.73 -10.81
CA VAL E 332 6.23 85.32 -9.81
C VAL E 332 5.82 86.54 -9.00
N VAL E 333 4.53 86.66 -8.71
CA VAL E 333 4.00 87.76 -7.92
C VAL E 333 3.33 87.19 -6.68
N LEU E 334 3.78 87.61 -5.51
CA LEU E 334 3.22 87.15 -4.25
C LEU E 334 2.14 88.14 -3.80
N THR E 335 1.07 87.60 -3.22
CA THR E 335 -0.02 88.43 -2.74
C THR E 335 -0.67 87.72 -1.56
N GLY E 336 -1.67 88.36 -0.96
CA GLY E 336 -2.33 87.79 0.20
C GLY E 336 -1.68 88.20 1.50
N GLY E 337 -2.25 87.69 2.58
CA GLY E 337 -1.78 88.07 3.91
C GLY E 337 -0.37 87.58 4.19
N ALA E 338 -0.13 86.29 4.00
CA ALA E 338 1.16 85.71 4.36
C ALA E 338 2.29 86.17 3.45
N ALA E 339 2.00 86.97 2.42
CA ALA E 339 3.06 87.56 1.61
C ALA E 339 3.69 88.79 2.26
N GLN E 340 3.15 89.25 3.39
CA GLN E 340 3.64 90.44 4.05
C GLN E 340 4.81 90.19 4.99
N ILE E 341 5.18 88.92 5.22
CA ILE E 341 6.27 88.63 6.13
C ILE E 341 7.60 89.08 5.54
N GLU E 342 8.52 89.46 6.41
CA GLU E 342 9.83 89.95 5.99
C GLU E 342 10.64 88.83 5.36
N GLY E 343 11.06 89.03 4.11
CA GLY E 343 11.90 88.07 3.43
C GLY E 343 11.20 87.16 2.43
N VAL E 344 9.99 87.51 1.99
CA VAL E 344 9.33 86.72 0.95
C VAL E 344 10.10 86.79 -0.35
N VAL E 345 10.54 88.00 -0.72
CA VAL E 345 11.25 88.21 -1.99
C VAL E 345 12.57 87.45 -2.00
N GLU E 346 13.17 87.21 -0.83
CA GLU E 346 14.48 86.56 -0.78
C GLU E 346 14.38 85.04 -0.91
N CYS E 347 13.51 84.40 -0.12
CA CYS E 347 13.39 82.96 -0.21
C CYS E 347 12.69 82.51 -1.48
N ALA E 348 11.87 83.37 -2.09
CA ALA E 348 11.26 83.01 -3.37
C ALA E 348 12.30 83.06 -4.48
N GLU E 349 13.06 84.15 -4.56
CA GLU E 349 14.13 84.27 -5.54
C GLU E 349 15.22 83.23 -5.36
N ARG E 350 15.17 82.44 -4.29
CA ARG E 350 16.18 81.40 -4.06
C ARG E 350 15.83 80.08 -4.75
N VAL E 351 14.58 79.63 -4.63
CA VAL E 351 14.23 78.33 -5.20
C VAL E 351 14.11 78.42 -6.72
N PHE E 352 13.33 79.36 -7.22
CA PHE E 352 13.34 79.72 -8.64
C PHE E 352 14.08 81.04 -8.82
N ARG E 353 14.35 81.39 -10.09
CA ARG E 353 15.03 82.65 -10.40
C ARG E 353 14.22 83.47 -11.41
N ASN E 354 13.16 84.10 -10.92
CA ASN E 354 12.42 85.07 -11.69
C ASN E 354 12.23 86.27 -10.79
N GLN E 355 11.96 87.43 -11.39
CA GLN E 355 11.81 88.62 -10.59
C GLN E 355 10.50 88.52 -9.83
N VAL E 356 10.57 88.41 -8.51
CA VAL E 356 9.39 88.25 -7.67
C VAL E 356 9.13 89.56 -6.95
N ARG E 357 7.84 89.87 -6.79
CA ARG E 357 7.41 91.08 -6.11
C ARG E 357 6.19 90.74 -5.26
N VAL E 358 5.74 91.72 -4.48
CA VAL E 358 4.64 91.54 -3.56
C VAL E 358 3.51 92.49 -3.95
N GLY E 359 3.08 92.38 -5.20
CA GLY E 359 2.10 93.28 -5.78
C GLY E 359 0.86 93.54 -4.93
N LYS E 360 0.48 94.81 -4.85
CA LYS E 360 -0.69 95.25 -4.13
C LYS E 360 -1.82 95.49 -5.14
N PRO E 361 -3.04 95.80 -4.70
CA PRO E 361 -4.07 96.17 -5.67
C PRO E 361 -3.65 97.38 -6.48
N LEU E 362 -4.10 97.42 -7.74
CA LEU E 362 -3.67 98.43 -8.69
C LEU E 362 -4.87 99.25 -9.15
N GLU E 363 -4.59 100.50 -9.55
CA GLU E 363 -5.60 101.41 -10.09
C GLU E 363 -6.82 101.48 -9.18
N VAL E 364 -6.59 101.46 -7.87
CA VAL E 364 -7.67 101.62 -6.91
C VAL E 364 -8.13 103.07 -6.94
N SER E 365 -9.44 103.27 -7.05
CA SER E 365 -10.03 104.60 -7.19
C SER E 365 -10.86 104.91 -5.95
N GLY E 366 -10.49 105.96 -5.24
CA GLY E 366 -11.26 106.40 -4.09
C GLY E 366 -11.14 105.49 -2.89
N LEU E 367 -11.05 106.08 -1.69
CA LEU E 367 -10.95 105.34 -0.44
C LEU E 367 -9.79 104.33 -0.53
N THR E 368 -8.65 104.82 -1.02
CA THR E 368 -7.49 103.97 -1.25
C THR E 368 -6.71 103.65 0.03
N ASP E 369 -7.08 104.26 1.15
CA ASP E 369 -6.34 104.04 2.38
C ASP E 369 -6.71 102.74 3.09
N TYR E 370 -7.81 102.10 2.71
CA TYR E 370 -8.20 100.82 3.30
C TYR E 370 -7.98 99.63 2.38
N VAL E 371 -7.66 99.86 1.10
CA VAL E 371 -7.53 98.76 0.14
C VAL E 371 -6.17 98.87 -0.52
N LYS E 372 -5.14 99.14 0.28
CA LYS E 372 -3.78 99.28 -0.24
C LYS E 372 -2.94 98.03 -0.06
N GLU E 373 -3.14 97.28 1.03
CA GLU E 373 -2.25 96.18 1.35
C GLU E 373 -2.63 94.91 0.57
N PRO E 374 -1.66 94.02 0.33
CA PRO E 374 -1.91 92.87 -0.57
C PRO E 374 -3.00 91.92 -0.08
N TYR E 375 -3.29 91.86 1.22
CA TYR E 375 -4.34 90.96 1.68
C TYR E 375 -5.74 91.41 1.27
N HIS E 376 -5.86 92.52 0.54
CA HIS E 376 -7.12 93.01 0.02
C HIS E 376 -7.34 92.68 -1.44
N SER E 377 -6.34 92.10 -2.11
CA SER E 377 -6.40 91.88 -3.56
C SER E 377 -7.61 91.05 -3.95
N THR E 378 -7.83 89.92 -3.25
CA THR E 378 -8.97 89.06 -3.60
C THR E 378 -10.29 89.81 -3.50
N ALA E 379 -10.41 90.75 -2.55
CA ALA E 379 -11.65 91.50 -2.41
C ALA E 379 -11.84 92.48 -3.55
N VAL E 380 -10.82 93.29 -3.85
CA VAL E 380 -10.95 94.27 -4.92
C VAL E 380 -10.94 93.57 -6.27
N GLY E 381 -10.30 92.40 -6.37
CA GLY E 381 -10.35 91.63 -7.60
C GLY E 381 -11.75 91.17 -7.94
N LEU E 382 -12.57 90.90 -6.93
CA LEU E 382 -13.97 90.57 -7.18
C LEU E 382 -14.71 91.74 -7.82
N LEU E 383 -14.29 92.96 -7.53
CA LEU E 383 -14.91 94.13 -8.17
C LEU E 383 -14.51 94.23 -9.63
N HIS E 384 -13.25 93.95 -9.94
CA HIS E 384 -12.80 94.00 -11.33
C HIS E 384 -13.56 93.00 -12.21
N TYR E 385 -13.75 91.78 -11.70
CA TYR E 385 -14.43 90.76 -12.50
C TYR E 385 -15.89 91.09 -12.72
N ALA E 386 -16.59 91.56 -11.69
CA ALA E 386 -18.03 91.79 -11.81
C ALA E 386 -18.35 92.98 -12.72
N ARG E 387 -17.41 93.90 -12.89
CA ARG E 387 -17.58 95.08 -13.74
C ARG E 387 -17.82 94.69 -15.21
N ASP E 388 -17.81 93.39 -15.51
CA ASP E 388 -17.89 92.90 -16.88
C ASP E 388 -19.32 92.47 -17.19
N SER E 389 -19.81 92.87 -18.36
CA SER E 389 -21.16 92.55 -18.79
C SER E 389 -21.28 92.58 -20.31
N ASN F 8 -26.72 76.05 42.51
CA ASN F 8 -26.71 76.20 43.95
C ASN F 8 -25.39 75.72 44.56
N ILE F 9 -25.45 74.61 45.27
CA ILE F 9 -24.28 74.03 45.92
C ILE F 9 -23.80 72.85 45.09
N ILE F 10 -22.51 72.52 45.22
CA ILE F 10 -21.88 71.46 44.44
C ILE F 10 -20.89 70.73 45.35
N VAL F 11 -20.87 69.41 45.25
CA VAL F 11 -20.07 68.55 46.13
C VAL F 11 -19.35 67.51 45.29
N GLY F 12 -18.11 67.20 45.67
CA GLY F 12 -17.34 66.13 45.06
C GLY F 12 -17.05 65.02 46.05
N LEU F 13 -16.51 63.91 45.52
CA LEU F 13 -16.24 62.75 46.35
C LEU F 13 -15.17 61.84 45.72
N ASP F 14 -13.91 62.18 45.94
CA ASP F 14 -12.79 61.36 45.47
C ASP F 14 -12.51 60.26 46.49
N ILE F 15 -13.23 59.14 46.35
CA ILE F 15 -13.02 57.98 47.22
C ILE F 15 -11.73 57.30 46.81
N GLY F 16 -10.61 57.73 47.39
CA GLY F 16 -9.33 57.22 47.00
C GLY F 16 -8.98 55.88 47.64
N THR F 17 -7.87 55.30 47.16
CA THR F 17 -7.38 54.05 47.72
C THR F 17 -6.77 54.25 49.10
N ALA F 18 -6.39 55.47 49.45
CA ALA F 18 -5.78 55.77 50.74
C ALA F 18 -6.54 56.83 51.52
N THR F 19 -6.80 57.99 50.91
CA THR F 19 -7.49 59.08 51.58
C THR F 19 -8.72 59.48 50.78
N VAL F 20 -9.87 59.50 51.45
CA VAL F 20 -11.11 59.98 50.83
C VAL F 20 -11.16 61.49 50.94
N SER F 21 -11.45 62.15 49.83
CA SER F 21 -11.57 63.60 49.79
C SER F 21 -13.00 64.00 49.42
N ALA F 22 -13.48 65.07 50.05
CA ALA F 22 -14.85 65.54 49.83
C ALA F 22 -14.85 67.06 49.94
N LEU F 23 -15.09 67.75 48.83
CA LEU F 23 -15.06 69.20 48.77
C LEU F 23 -16.44 69.73 48.45
N VAL F 24 -16.79 70.87 49.04
CA VAL F 24 -18.08 71.51 48.84
C VAL F 24 -17.88 72.94 48.35
N GLY F 25 -18.70 73.34 47.37
CA GLY F 25 -18.63 74.68 46.82
C GLY F 25 -19.99 75.11 46.30
N GLU F 26 -20.06 76.37 45.89
CA GLU F 26 -21.25 76.93 45.26
C GLU F 26 -20.88 77.47 43.89
N VAL F 27 -21.80 77.32 42.93
CA VAL F 27 -21.57 77.82 41.58
C VAL F 27 -21.84 79.32 41.54
N LEU F 28 -20.81 80.07 41.17
CA LEU F 28 -20.91 81.52 41.06
C LEU F 28 -21.55 81.91 39.73
N PRO F 29 -22.32 82.99 39.72
CA PRO F 29 -23.03 83.40 38.49
C PRO F 29 -22.14 83.65 37.28
N ASP F 30 -20.83 83.85 37.46
CA ASP F 30 -19.97 84.19 36.33
C ASP F 30 -19.25 83.01 35.71
N GLY F 31 -19.13 81.88 36.41
CA GLY F 31 -18.38 80.81 35.80
C GLY F 31 -17.67 79.87 36.76
N GLN F 32 -17.03 80.46 37.76
CA GLN F 32 -16.09 79.76 38.62
C GLN F 32 -16.77 79.27 39.90
N VAL F 33 -16.08 78.34 40.57
CA VAL F 33 -16.55 77.74 41.82
C VAL F 33 -15.63 78.18 42.95
N ASN F 34 -16.20 78.69 44.03
CA ASN F 34 -15.46 78.96 45.25
C ASN F 34 -15.79 77.86 46.26
N ILE F 35 -14.76 77.33 46.91
CA ILE F 35 -14.93 76.19 47.80
C ILE F 35 -15.28 76.68 49.19
N ILE F 36 -16.31 76.07 49.78
CA ILE F 36 -16.85 76.50 51.07
C ILE F 36 -16.39 75.54 52.16
N GLY F 37 -16.24 74.27 51.81
CA GLY F 37 -15.84 73.27 52.79
C GLY F 37 -15.02 72.13 52.24
N ALA F 38 -14.01 71.72 53.00
CA ALA F 38 -13.15 70.59 52.65
C ALA F 38 -13.42 69.42 53.59
N GLY F 39 -12.83 68.27 53.26
CA GLY F 39 -12.99 67.08 54.07
C GLY F 39 -12.06 65.96 53.66
N SER F 40 -11.36 65.39 54.64
CA SER F 40 -10.39 64.33 54.38
C SER F 40 -10.51 63.26 55.46
N SER F 41 -10.16 62.04 55.08
CA SER F 41 -10.19 60.89 55.98
C SER F 41 -9.50 59.69 55.33
N PRO F 42 -8.58 59.03 56.04
CA PRO F 42 -7.99 57.81 55.50
C PRO F 42 -9.06 56.74 55.26
N SER F 43 -8.90 55.98 54.19
CA SER F 43 -9.90 55.02 53.74
C SER F 43 -9.38 53.61 53.96
N ARG F 44 -10.09 52.83 54.78
CA ARG F 44 -9.82 51.42 54.98
C ARG F 44 -10.77 50.60 54.11
N GLY F 45 -10.30 49.42 53.69
CA GLY F 45 -11.10 48.58 52.82
C GLY F 45 -11.12 49.07 51.39
N MET F 46 -9.94 49.24 50.82
CA MET F 46 -9.78 49.74 49.46
C MET F 46 -8.63 49.01 48.80
N ASP F 47 -8.83 48.61 47.54
CA ASP F 47 -7.82 47.86 46.81
C ASP F 47 -7.79 48.36 45.37
N LYS F 48 -6.70 49.03 45.00
CA LYS F 48 -6.43 49.44 43.62
C LYS F 48 -7.61 50.21 43.02
N GLY F 49 -8.08 51.21 43.76
CA GLY F 49 -9.16 52.06 43.31
C GLY F 49 -10.55 51.49 43.44
N GLY F 50 -10.69 50.18 43.67
CA GLY F 50 -12.00 49.57 43.78
C GLY F 50 -12.30 49.14 45.21
N VAL F 51 -13.58 48.89 45.51
CA VAL F 51 -13.96 48.51 46.85
C VAL F 51 -13.51 47.08 47.14
N ASN F 52 -13.14 46.82 48.39
CA ASN F 52 -12.73 45.49 48.82
C ASN F 52 -13.48 45.07 50.06
N ASP F 53 -13.56 45.96 51.05
CA ASP F 53 -14.29 45.74 52.28
C ASP F 53 -15.39 46.80 52.33
N LEU F 54 -16.62 46.41 52.02
CA LEU F 54 -17.71 47.37 51.90
C LEU F 54 -17.97 48.10 53.20
N GLU F 55 -17.75 47.45 54.35
CA GLU F 55 -18.03 48.08 55.63
C GLU F 55 -17.04 49.20 55.93
N SER F 56 -15.75 48.93 55.75
CA SER F 56 -14.73 49.91 56.11
C SER F 56 -14.81 51.18 55.27
N VAL F 57 -15.13 51.03 53.98
CA VAL F 57 -15.15 52.20 53.10
C VAL F 57 -16.32 53.12 53.46
N VAL F 58 -17.48 52.52 53.80
CA VAL F 58 -18.63 53.34 54.17
C VAL F 58 -18.33 54.16 55.42
N LYS F 59 -17.59 53.57 56.36
CA LYS F 59 -17.16 54.33 57.54
C LYS F 59 -16.18 55.43 57.15
N SER F 60 -15.31 55.17 56.18
CA SER F 60 -14.31 56.16 55.79
C SER F 60 -14.95 57.31 55.03
N VAL F 61 -15.89 57.02 54.14
CA VAL F 61 -16.55 58.11 53.41
C VAL F 61 -17.44 58.91 54.35
N GLN F 62 -18.09 58.24 55.31
CA GLN F 62 -18.88 58.96 56.31
C GLN F 62 -18.00 59.85 57.17
N ARG F 63 -16.75 59.43 57.40
CA ARG F 63 -15.83 60.23 58.19
C ARG F 63 -15.54 61.55 57.50
N ALA F 64 -15.20 61.49 56.21
CA ALA F 64 -14.86 62.70 55.46
C ALA F 64 -16.09 63.55 55.17
N VAL F 65 -17.20 62.92 54.77
CA VAL F 65 -18.38 63.69 54.40
C VAL F 65 -19.00 64.40 55.61
N ASP F 66 -18.80 63.85 56.80
CA ASP F 66 -19.28 64.53 58.01
C ASP F 66 -18.43 65.75 58.31
N GLN F 67 -17.10 65.61 58.24
CA GLN F 67 -16.21 66.73 58.47
C GLN F 67 -16.37 67.81 57.40
N ALA F 68 -16.76 67.42 56.18
CA ALA F 68 -17.08 68.41 55.16
C ALA F 68 -18.44 69.06 55.41
N GLU F 69 -19.40 68.28 55.94
CA GLU F 69 -20.70 68.82 56.27
C GLU F 69 -20.59 69.94 57.31
N LEU F 70 -19.71 69.76 58.29
CA LEU F 70 -19.53 70.79 59.32
C LEU F 70 -18.87 72.05 58.75
N MET F 71 -17.73 71.87 58.07
CA MET F 71 -16.96 73.01 57.58
C MET F 71 -17.72 73.81 56.52
N ALA F 72 -18.73 73.21 55.89
CA ALA F 72 -19.54 73.92 54.90
C ALA F 72 -20.81 74.51 55.50
N GLU F 73 -21.16 74.16 56.73
CA GLU F 73 -22.36 74.63 57.43
C GLU F 73 -23.64 74.33 56.65
N CYS F 74 -23.61 73.33 55.75
CA CYS F 74 -24.78 72.87 55.04
C CYS F 74 -24.81 71.34 55.09
N GLN F 75 -25.90 70.76 54.61
CA GLN F 75 -26.06 69.32 54.60
C GLN F 75 -25.84 68.80 53.19
N ILE F 76 -25.07 67.72 53.08
CA ILE F 76 -24.75 67.16 51.77
C ILE F 76 -25.90 66.28 51.31
N SER F 77 -26.35 66.48 50.08
CA SER F 77 -27.47 65.73 49.51
C SER F 77 -26.97 64.81 48.39
N SER F 78 -26.66 65.36 47.23
CA SER F 78 -26.16 64.59 46.09
C SER F 78 -24.71 64.97 45.81
N VAL F 79 -23.92 63.98 45.41
CA VAL F 79 -22.48 64.15 45.24
C VAL F 79 -22.08 63.61 43.88
N PHE F 80 -20.94 64.11 43.39
CA PHE F 80 -20.28 63.57 42.21
C PHE F 80 -19.06 62.80 42.67
N ILE F 81 -19.00 61.52 42.33
CA ILE F 81 -17.95 60.63 42.81
C ILE F 81 -17.01 60.30 41.66
N SER F 82 -15.76 60.02 42.02
CA SER F 82 -14.74 59.60 41.08
C SER F 82 -14.62 58.08 41.09
N LEU F 83 -14.04 57.55 40.00
CA LEU F 83 -13.89 56.11 39.85
C LEU F 83 -12.65 55.84 39.01
N SER F 84 -11.89 54.82 39.41
CA SER F 84 -10.69 54.44 38.67
C SER F 84 -10.42 52.97 38.91
N GLY F 85 -9.39 52.46 38.24
CA GLY F 85 -8.99 51.07 38.36
C GLY F 85 -8.56 50.51 37.01
N LYS F 86 -7.90 49.35 37.03
CA LYS F 86 -7.43 48.75 35.79
C LYS F 86 -8.58 48.43 34.83
N HIS F 87 -9.78 48.24 35.35
CA HIS F 87 -10.91 47.89 34.50
C HIS F 87 -11.34 49.03 33.58
N ILE F 88 -10.81 50.24 33.79
CA ILE F 88 -11.13 51.36 32.92
C ILE F 88 -10.47 51.14 31.56
N ALA F 89 -11.26 51.24 30.49
CA ALA F 89 -10.76 51.05 29.15
C ALA F 89 -11.39 52.09 28.23
N SER F 90 -10.69 52.41 27.14
CA SER F 90 -11.14 53.39 26.17
C SER F 90 -11.27 52.75 24.81
N ARG F 91 -12.37 53.05 24.12
CA ARG F 91 -12.64 52.55 22.78
C ARG F 91 -13.08 53.68 21.88
N ILE F 92 -12.73 53.56 20.60
CA ILE F 92 -13.14 54.50 19.56
C ILE F 92 -14.03 53.73 18.60
N GLU F 93 -15.30 54.10 18.55
CA GLU F 93 -16.29 53.41 17.74
C GLU F 93 -16.85 54.38 16.70
N LYS F 94 -17.13 53.88 15.52
CA LYS F 94 -17.61 54.68 14.41
C LYS F 94 -19.05 54.33 14.07
N GLY F 95 -19.80 55.33 13.61
CA GLY F 95 -21.17 55.14 13.22
C GLY F 95 -21.48 55.91 11.95
N MET F 96 -22.62 55.58 11.36
CA MET F 96 -23.06 56.20 10.12
C MET F 96 -24.52 56.63 10.26
N GLY F 97 -24.94 57.45 9.31
CA GLY F 97 -26.30 57.95 9.24
C GLY F 97 -26.49 58.77 7.99
N THR F 98 -27.69 58.75 7.43
CA THR F 98 -27.95 59.48 6.20
C THR F 98 -28.37 60.90 6.54
N ILE F 99 -27.99 61.83 5.66
CA ILE F 99 -28.35 63.22 5.83
C ILE F 99 -29.66 63.43 5.09
N SER F 100 -30.74 63.63 5.85
CA SER F 100 -32.06 63.77 5.27
C SER F 100 -32.20 65.11 4.56
N GLU F 101 -32.80 65.07 3.37
CA GLU F 101 -33.11 66.26 2.59
C GLU F 101 -31.89 67.17 2.41
N GLU F 102 -30.71 66.56 2.27
CA GLU F 102 -29.47 67.27 1.99
C GLU F 102 -29.18 68.38 3.00
N GLU F 103 -29.71 68.24 4.22
CA GLU F 103 -29.40 69.17 5.28
C GLU F 103 -29.09 68.40 6.56
N VAL F 104 -28.21 68.98 7.38
CA VAL F 104 -27.82 68.35 8.63
C VAL F 104 -28.73 68.90 9.73
N SER F 105 -29.43 68.01 10.43
CA SER F 105 -30.23 68.37 11.58
C SER F 105 -29.68 67.69 12.82
N GLN F 106 -30.24 68.05 13.98
CA GLN F 106 -29.86 67.39 15.21
C GLN F 106 -30.21 65.92 15.17
N ASP F 107 -31.29 65.57 14.44
CA ASP F 107 -31.68 64.16 14.33
C ASP F 107 -30.66 63.37 13.52
N ASP F 108 -30.20 63.92 12.38
CA ASP F 108 -29.16 63.24 11.62
C ASP F 108 -27.90 63.08 12.44
N MET F 109 -27.55 64.09 13.23
CA MET F 109 -26.43 63.97 14.16
C MET F 109 -26.72 62.93 15.23
N ASP F 110 -27.90 62.99 15.84
CA ASP F 110 -28.25 62.06 16.90
C ASP F 110 -28.25 60.62 16.39
N ARG F 111 -28.82 60.39 15.20
CA ARG F 111 -28.81 59.03 14.64
C ARG F 111 -27.39 58.53 14.43
N ALA F 112 -26.51 59.39 13.90
CA ALA F 112 -25.13 58.99 13.68
C ALA F 112 -24.41 58.72 15.00
N ILE F 113 -24.63 59.57 16.00
CA ILE F 113 -24.04 59.34 17.31
C ILE F 113 -24.63 58.09 17.96
N HIS F 114 -25.96 57.91 17.83
CA HIS F 114 -26.61 56.76 18.45
C HIS F 114 -26.09 55.44 17.85
N THR F 115 -25.78 55.44 16.54
CA THR F 115 -25.27 54.24 15.91
C THR F 115 -23.86 53.91 16.38
N ALA F 116 -23.05 54.94 16.64
CA ALA F 116 -21.69 54.71 17.12
C ALA F 116 -21.65 54.43 18.61
N LYS F 117 -22.61 54.98 19.37
CA LYS F 117 -22.63 54.77 20.81
C LYS F 117 -23.07 53.35 21.15
N SER F 118 -24.23 52.94 20.64
CA SER F 118 -24.77 51.61 20.91
C SER F 118 -23.86 50.55 20.33
N ILE F 119 -23.19 49.78 21.18
CA ILE F 119 -22.28 48.72 20.75
C ILE F 119 -22.46 47.49 21.63
N LYS F 120 -21.79 46.42 21.24
CA LYS F 120 -21.81 45.14 21.95
C LYS F 120 -20.63 45.12 22.92
N ILE F 121 -20.88 45.41 24.19
CA ILE F 121 -19.82 45.56 25.17
C ILE F 121 -19.78 44.42 26.19
N GLY F 122 -20.86 43.66 26.36
CA GLY F 122 -20.88 42.62 27.37
C GLY F 122 -21.51 43.10 28.67
N ASP F 123 -21.91 42.12 29.49
CA ASP F 123 -22.55 42.44 30.76
C ASP F 123 -21.55 42.76 31.88
N GLU F 124 -20.28 42.41 31.71
CA GLU F 124 -19.30 42.68 32.76
C GLU F 124 -18.82 44.12 32.75
N GLN F 125 -18.78 44.75 31.58
CA GLN F 125 -18.37 46.14 31.45
C GLN F 125 -19.60 47.06 31.42
N ARG F 126 -19.34 48.35 31.53
CA ARG F 126 -20.40 49.36 31.57
C ARG F 126 -19.84 50.68 31.08
N ILE F 127 -20.61 51.35 30.22
CA ILE F 127 -20.16 52.61 29.64
C ILE F 127 -20.12 53.70 30.71
N LEU F 128 -19.14 54.59 30.58
CA LEU F 128 -18.95 55.69 31.53
C LEU F 128 -19.00 57.07 30.89
N HIS F 129 -18.38 57.24 29.73
CA HIS F 129 -18.33 58.54 29.07
C HIS F 129 -18.53 58.38 27.57
N VAL F 130 -19.22 59.35 26.97
CA VAL F 130 -19.41 59.42 25.53
C VAL F 130 -18.85 60.76 25.07
N ILE F 131 -17.79 60.70 24.26
CA ILE F 131 -17.09 61.88 23.80
C ILE F 131 -17.08 61.87 22.28
N PRO F 132 -17.91 62.69 21.63
CA PRO F 132 -17.85 62.77 20.17
C PRO F 132 -16.56 63.44 19.71
N GLN F 133 -15.95 62.84 18.69
CA GLN F 133 -14.69 63.31 18.12
C GLN F 133 -14.94 63.85 16.71
N GLU F 134 -13.95 63.71 15.84
CA GLU F 134 -14.02 64.24 14.49
C GLU F 134 -15.14 63.57 13.69
N PHE F 135 -15.92 64.38 12.97
CA PHE F 135 -16.97 63.92 12.07
C PHE F 135 -16.37 63.64 10.69
N THR F 136 -17.20 63.14 9.78
CA THR F 136 -16.75 62.83 8.44
C THR F 136 -17.97 62.74 7.53
N ILE F 137 -18.06 63.66 6.56
CA ILE F 137 -19.14 63.71 5.58
C ILE F 137 -18.53 63.31 4.24
N ASP F 138 -19.15 62.35 3.55
CA ASP F 138 -18.71 61.79 2.26
C ASP F 138 -17.34 62.28 1.77
N TYR F 139 -16.27 61.89 2.48
CA TYR F 139 -14.86 62.16 2.14
C TYR F 139 -14.44 63.57 2.58
N GLN F 140 -15.41 64.42 2.89
CA GLN F 140 -15.15 65.73 3.47
C GLN F 140 -14.76 65.50 4.93
N GLU F 141 -13.49 65.23 5.20
CA GLU F 141 -13.10 64.81 6.53
C GLU F 141 -12.71 66.03 7.37
N GLY F 142 -12.42 65.77 8.64
CA GLY F 142 -11.97 66.79 9.56
C GLY F 142 -13.05 67.83 9.79
N ILE F 143 -14.21 67.38 10.26
CA ILE F 143 -15.30 68.27 10.65
C ILE F 143 -15.53 68.10 12.14
N LYS F 144 -15.69 69.22 12.85
CA LYS F 144 -15.95 69.18 14.28
C LYS F 144 -17.45 69.29 14.53
N ASN F 145 -18.02 70.45 14.21
CA ASN F 145 -19.44 70.79 14.41
C ASN F 145 -20.04 71.00 13.03
N PRO F 146 -20.58 69.96 12.37
CA PRO F 146 -21.12 70.12 11.01
C PRO F 146 -22.56 70.58 11.05
N LEU F 147 -22.75 71.80 11.55
CA LEU F 147 -24.06 72.41 11.59
C LEU F 147 -24.25 73.21 10.30
N GLY F 148 -25.36 72.98 9.61
CA GLY F 148 -25.67 73.71 8.40
C GLY F 148 -25.04 73.18 7.13
N LEU F 149 -24.09 72.25 7.21
CA LEU F 149 -23.37 71.82 6.02
C LEU F 149 -24.26 70.93 5.14
N SER F 150 -23.73 70.61 3.95
CA SER F 150 -24.44 69.84 2.93
C SER F 150 -23.71 68.53 2.67
N GLY F 151 -24.47 67.52 2.28
CA GLY F 151 -23.88 66.22 2.00
C GLY F 151 -24.95 65.21 1.65
N VAL F 152 -24.56 63.93 1.67
CA VAL F 152 -25.46 62.81 1.40
C VAL F 152 -25.51 61.85 2.56
N ARG F 153 -24.35 61.50 3.13
CA ARG F 153 -24.29 60.63 4.30
C ARG F 153 -23.03 60.97 5.07
N MET F 154 -23.09 60.81 6.39
CA MET F 154 -21.99 61.23 7.25
C MET F 154 -21.56 60.07 8.15
N GLU F 155 -20.40 60.26 8.78
CA GLU F 155 -19.86 59.29 9.72
C GLU F 155 -19.25 60.01 10.92
N VAL F 156 -19.25 59.33 12.07
CA VAL F 156 -18.76 59.87 13.33
C VAL F 156 -17.81 58.87 13.96
N SER F 157 -16.79 59.38 14.63
CA SER F 157 -15.93 58.62 15.52
C SER F 157 -16.13 59.13 16.93
N VAL F 158 -16.48 58.25 17.85
CA VAL F 158 -16.78 58.60 19.23
C VAL F 158 -15.80 57.86 20.14
N HIS F 159 -15.29 58.58 21.15
CA HIS F 159 -14.41 58.00 22.14
C HIS F 159 -15.26 57.52 23.31
N LEU F 160 -15.08 56.25 23.69
CA LEU F 160 -15.90 55.61 24.69
C LEU F 160 -15.04 55.21 25.88
N ILE F 161 -15.46 55.63 27.08
CA ILE F 161 -14.82 55.20 28.33
C ILE F 161 -15.75 54.21 29.00
N SER F 162 -15.23 53.03 29.31
CA SER F 162 -16.01 51.97 29.91
C SER F 162 -15.29 51.42 31.14
N CYS F 163 -16.07 50.82 32.03
CA CYS F 163 -15.53 50.27 33.26
C CYS F 163 -16.29 49.01 33.64
N HIS F 164 -15.66 48.18 34.47
CA HIS F 164 -16.32 47.00 35.01
C HIS F 164 -17.52 47.44 35.84
N ASN F 165 -18.68 46.85 35.54
CA ASN F 165 -19.90 47.27 36.22
C ASN F 165 -19.85 46.93 37.71
N ASP F 166 -19.34 45.74 38.06
CA ASP F 166 -19.29 45.33 39.46
C ASP F 166 -18.47 46.30 40.30
N MET F 167 -17.29 46.70 39.79
CA MET F 167 -16.48 47.66 40.53
C MET F 167 -17.15 49.02 40.63
N ALA F 168 -18.05 49.34 39.69
CA ALA F 168 -18.80 50.59 39.75
C ALA F 168 -19.98 50.47 40.71
N ARG F 169 -20.63 49.30 40.75
CA ARG F 169 -21.77 49.10 41.64
C ARG F 169 -21.38 49.28 43.10
N ASN F 170 -20.20 48.76 43.49
CA ASN F 170 -19.79 48.84 44.89
C ASN F 170 -19.51 50.28 45.30
N ILE F 171 -18.92 51.08 44.41
CA ILE F 171 -18.65 52.47 44.73
C ILE F 171 -19.97 53.23 44.93
N ILE F 172 -20.97 52.97 44.10
CA ILE F 172 -22.28 53.57 44.29
C ILE F 172 -22.93 53.04 45.55
N LYS F 173 -22.81 51.72 45.80
CA LYS F 173 -23.44 51.12 46.97
C LYS F 173 -22.93 51.74 48.27
N ALA F 174 -21.63 52.03 48.34
CA ALA F 174 -21.07 52.64 49.53
C ALA F 174 -21.65 54.03 49.77
N VAL F 175 -21.73 54.85 48.73
CA VAL F 175 -22.25 56.20 48.88
C VAL F 175 -23.74 56.20 49.16
N GLU F 176 -24.50 55.34 48.47
CA GLU F 176 -25.94 55.28 48.69
C GLU F 176 -26.29 54.86 50.11
N ARG F 177 -25.48 53.98 50.71
CA ARG F 177 -25.73 53.56 52.08
C ARG F 177 -25.50 54.69 53.08
N CYS F 178 -24.83 55.77 52.66
CA CYS F 178 -24.57 56.92 53.51
C CYS F 178 -25.66 57.98 53.39
N GLY F 179 -26.85 57.59 52.94
CA GLY F 179 -27.94 58.53 52.76
C GLY F 179 -27.77 59.49 51.61
N LEU F 180 -26.74 59.32 50.79
CA LEU F 180 -26.47 60.19 49.66
C LEU F 180 -26.87 59.50 48.35
N LYS F 181 -27.13 60.32 47.34
CA LYS F 181 -27.45 59.83 46.00
C LYS F 181 -26.38 60.33 45.04
N VAL F 182 -25.88 59.43 44.21
CA VAL F 182 -24.85 59.80 43.24
C VAL F 182 -25.51 60.40 42.00
N GLU F 183 -24.89 61.44 41.46
CA GLU F 183 -25.37 62.08 40.25
C GLU F 183 -24.74 61.47 39.00
N GLN F 184 -23.42 61.35 38.99
CA GLN F 184 -22.71 60.76 37.86
C GLN F 184 -21.36 60.26 38.33
N LEU F 185 -20.92 59.14 37.76
CA LEU F 185 -19.58 58.63 37.98
C LEU F 185 -18.65 59.23 36.94
N VAL F 186 -17.45 59.63 37.39
CA VAL F 186 -16.49 60.30 36.54
C VAL F 186 -15.16 59.55 36.63
N PHE F 187 -14.54 59.30 35.50
CA PHE F 187 -13.23 58.69 35.48
C PHE F 187 -12.21 59.61 36.13
N SER F 188 -11.40 59.06 37.04
CA SER F 188 -10.48 59.86 37.82
C SER F 188 -9.54 60.67 36.93
N GLY F 189 -8.91 60.01 35.96
CA GLY F 189 -7.98 60.71 35.07
C GLY F 189 -8.64 61.83 34.30
N LEU F 190 -9.94 61.72 34.02
CA LEU F 190 -10.65 62.80 33.34
C LEU F 190 -10.84 63.99 34.26
N ALA F 191 -11.26 63.75 35.49
CA ALA F 191 -11.41 64.83 36.45
C ALA F 191 -10.06 65.42 36.83
N SER F 192 -9.05 64.57 37.02
CA SER F 192 -7.71 65.07 37.31
C SER F 192 -7.14 65.87 36.15
N SER F 193 -7.62 65.63 34.93
CA SER F 193 -7.20 66.43 33.79
C SER F 193 -8.02 67.71 33.66
N ASN F 194 -9.23 67.73 34.21
CA ASN F 194 -10.13 68.87 34.05
C ASN F 194 -9.77 70.05 34.94
N ALA F 195 -8.83 69.88 35.87
CA ALA F 195 -8.48 70.97 36.77
C ALA F 195 -6.97 71.11 36.97
N VAL F 196 -6.17 70.61 36.02
CA VAL F 196 -4.71 70.72 36.09
C VAL F 196 -4.22 71.23 34.74
N ILE F 197 -5.10 71.19 33.74
CA ILE F 197 -4.76 71.56 32.37
C ILE F 197 -5.50 72.84 32.01
N THR F 198 -4.79 73.75 31.35
CA THR F 198 -5.43 74.90 30.73
C THR F 198 -5.76 74.59 29.27
N GLU F 199 -6.82 75.22 28.77
CA GLU F 199 -7.30 74.93 27.43
C GLU F 199 -6.20 75.11 26.38
N ASP F 200 -5.32 76.09 26.58
CA ASP F 200 -4.19 76.28 25.69
C ASP F 200 -3.31 75.05 25.62
N GLU F 201 -3.19 74.31 26.73
CA GLU F 201 -2.38 73.10 26.74
C GLU F 201 -3.02 71.99 25.93
N ARG F 202 -4.35 71.88 25.98
CA ARG F 202 -5.03 70.78 25.29
C ARG F 202 -4.77 70.81 23.78
N GLU F 203 -4.80 72.00 23.17
CA GLU F 203 -4.60 72.10 21.73
C GLU F 203 -3.17 71.75 21.33
N LEU F 204 -2.21 71.95 22.23
CA LEU F 204 -0.81 71.63 21.92
C LEU F 204 -0.50 70.15 22.14
N GLY F 205 -1.22 69.50 23.05
CA GLY F 205 -0.99 68.09 23.32
C GLY F 205 -0.36 67.86 24.68
N VAL F 206 -1.11 67.25 25.60
CA VAL F 206 -0.64 67.01 26.96
C VAL F 206 -1.01 65.59 27.36
N CYS F 207 -0.23 65.04 28.28
CA CYS F 207 -0.54 63.76 28.92
C CYS F 207 -0.43 63.93 30.42
N VAL F 208 -1.57 63.91 31.10
CA VAL F 208 -1.59 63.95 32.56
C VAL F 208 -1.59 62.52 33.08
N VAL F 209 -1.25 62.39 34.36
CA VAL F 209 -1.23 61.09 35.01
C VAL F 209 -1.33 61.26 36.52
N ASP F 210 -2.52 61.01 37.06
CA ASP F 210 -2.76 61.15 38.50
C ASP F 210 -2.17 59.92 39.18
N ILE F 211 -0.92 60.06 39.60
CA ILE F 211 -0.23 58.99 40.33
C ILE F 211 -0.71 59.04 41.77
N GLY F 212 -1.69 58.21 42.10
CA GLY F 212 -2.27 58.16 43.42
C GLY F 212 -1.62 57.10 44.29
N ALA F 213 -2.39 56.58 45.23
CA ALA F 213 -1.92 55.52 46.12
C ALA F 213 -2.29 54.14 45.63
N GLY F 214 -2.85 54.00 44.43
CA GLY F 214 -3.29 52.70 43.97
C GLY F 214 -3.48 52.60 42.48
N THR F 215 -3.89 53.70 41.84
CA THR F 215 -4.17 53.69 40.41
C THR F 215 -3.36 54.79 39.73
N MET F 216 -2.87 54.47 38.53
CA MET F 216 -2.17 55.43 37.69
C MET F 216 -3.11 55.84 36.57
N ASP F 217 -3.83 56.93 36.79
CA ASP F 217 -4.88 57.38 35.87
C ASP F 217 -4.24 58.23 34.79
N ILE F 218 -4.08 57.66 33.61
CA ILE F 218 -3.39 58.30 32.49
C ILE F 218 -4.44 58.85 31.52
N SER F 219 -4.24 60.09 31.09
CA SER F 219 -5.10 60.72 30.09
C SER F 219 -4.24 61.44 29.06
N ILE F 220 -4.51 61.20 27.79
CA ILE F 220 -3.73 61.77 26.68
C ILE F 220 -4.65 62.68 25.89
N TRP F 221 -4.19 63.91 25.63
CA TRP F 221 -4.94 64.90 24.88
C TRP F 221 -4.11 65.41 23.72
N THR F 222 -4.70 65.42 22.53
CA THR F 222 -4.09 66.06 21.36
C THR F 222 -5.19 66.81 20.62
N GLY F 223 -4.85 67.99 20.12
CA GLY F 223 -5.80 68.80 19.38
C GLY F 223 -7.01 69.23 20.18
N GLY F 224 -6.89 69.27 21.52
CA GLY F 224 -8.00 69.68 22.34
C GLY F 224 -9.06 68.63 22.55
N ALA F 225 -8.73 67.34 22.35
CA ALA F 225 -9.68 66.26 22.52
C ALA F 225 -9.00 65.09 23.22
N LEU F 226 -9.80 64.35 23.97
CA LEU F 226 -9.32 63.16 24.68
C LEU F 226 -9.12 62.01 23.71
N ARG F 227 -7.89 61.56 23.56
CA ARG F 227 -7.54 60.56 22.56
C ARG F 227 -7.40 59.15 23.13
N HIS F 228 -6.79 59.01 24.32
CA HIS F 228 -6.61 57.69 24.92
C HIS F 228 -6.79 57.78 26.43
N THR F 229 -7.09 56.64 27.03
CA THR F 229 -7.26 56.51 28.48
C THR F 229 -6.71 55.16 28.91
N GLU F 230 -5.81 55.17 29.89
CA GLU F 230 -5.18 53.95 30.39
C GLU F 230 -4.97 54.08 31.89
N VAL F 231 -5.06 52.95 32.60
CA VAL F 231 -4.91 52.92 34.05
C VAL F 231 -4.04 51.74 34.46
N PHE F 232 -3.08 51.97 35.34
CA PHE F 232 -2.25 50.94 35.92
C PHE F 232 -2.43 50.92 37.44
N SER F 233 -2.41 49.72 38.03
CA SER F 233 -2.50 49.60 39.49
C SER F 233 -1.15 49.73 40.19
N TYR F 234 -0.13 50.24 39.49
CA TYR F 234 1.21 50.40 40.04
C TYR F 234 1.39 51.88 40.34
N ALA F 235 1.16 52.26 41.60
CA ALA F 235 1.33 53.65 41.98
C ALA F 235 2.00 53.77 43.35
N GLY F 236 1.47 54.64 44.20
CA GLY F 236 1.97 54.91 45.53
C GLY F 236 2.49 53.72 46.31
N ASN F 237 1.59 52.79 46.59
CA ASN F 237 1.88 51.68 47.50
C ASN F 237 3.02 50.81 47.01
N ALA F 238 3.27 50.79 45.70
CA ALA F 238 4.33 49.95 45.16
C ALA F 238 5.69 50.33 45.72
N VAL F 239 6.05 51.62 45.60
CA VAL F 239 7.34 52.06 46.12
C VAL F 239 7.38 52.04 47.63
N THR F 240 6.23 52.26 48.28
CA THR F 240 6.16 52.13 49.73
C THR F 240 6.51 50.71 50.15
N SER F 241 5.94 49.71 49.47
CA SER F 241 6.25 48.33 49.76
C SER F 241 7.70 47.98 49.48
N ASP F 242 8.30 48.60 48.47
CA ASP F 242 9.69 48.30 48.13
C ASP F 242 10.64 48.66 49.27
N ILE F 243 10.45 49.84 49.88
CA ILE F 243 11.29 50.25 50.99
C ILE F 243 11.19 49.26 52.14
N ALA F 244 9.97 48.84 52.47
CA ALA F 244 9.77 47.93 53.59
C ALA F 244 10.39 46.56 53.31
N PHE F 245 10.33 46.11 52.05
CA PHE F 245 10.81 44.76 51.75
C PHE F 245 12.33 44.70 51.73
N ALA F 246 13.00 45.79 51.40
CA ALA F 246 14.45 45.79 51.27
C ALA F 246 15.17 46.25 52.54
N PHE F 247 14.45 46.82 53.50
CA PHE F 247 15.06 47.35 54.71
C PHE F 247 14.57 46.69 55.99
N GLY F 248 13.61 45.77 55.91
CA GLY F 248 13.07 45.15 57.10
C GLY F 248 12.25 46.08 57.97
N THR F 249 11.55 47.04 57.36
CA THR F 249 10.76 48.05 58.03
C THR F 249 9.26 47.74 57.88
N PRO F 250 8.45 48.05 58.88
CA PRO F 250 7.00 47.93 58.69
C PRO F 250 6.47 49.00 57.75
N LEU F 251 5.33 48.70 57.11
CA LEU F 251 4.72 49.64 56.19
C LEU F 251 4.36 50.96 56.88
N SER F 252 3.79 50.88 58.09
CA SER F 252 3.40 52.09 58.80
C SER F 252 4.60 53.02 59.02
N ASP F 253 5.80 52.46 59.12
CA ASP F 253 7.01 53.24 59.26
C ASP F 253 7.66 53.54 57.91
N ALA F 254 7.65 52.57 56.99
CA ALA F 254 8.25 52.78 55.68
C ALA F 254 7.55 53.89 54.91
N GLU F 255 6.23 54.05 55.09
CA GLU F 255 5.51 55.13 54.45
C GLU F 255 6.03 56.49 54.92
N GLU F 256 6.20 56.64 56.24
CA GLU F 256 6.65 57.91 56.79
C GLU F 256 8.06 58.27 56.30
N ILE F 257 8.91 57.27 56.12
CA ILE F 257 10.26 57.51 55.61
C ILE F 257 10.21 58.02 54.18
N LYS F 258 9.34 57.43 53.36
CA LYS F 258 9.19 57.86 51.98
C LYS F 258 8.70 59.31 51.89
N VAL F 259 7.71 59.67 52.71
CA VAL F 259 7.10 60.99 52.60
C VAL F 259 8.06 62.09 53.01
N LYS F 260 8.97 61.80 53.95
CA LYS F 260 9.84 62.85 54.50
C LYS F 260 11.29 62.77 54.03
N TYR F 261 11.74 61.63 53.52
CA TYR F 261 13.13 61.50 53.10
C TYR F 261 13.28 60.83 51.74
N GLY F 262 12.20 60.51 51.04
CA GLY F 262 12.30 59.81 49.79
C GLY F 262 12.73 60.71 48.65
N CYS F 263 13.44 60.12 47.68
CA CYS F 263 13.86 60.84 46.50
C CYS F 263 13.77 59.91 45.30
N ALA F 264 13.27 60.44 44.18
CA ALA F 264 13.09 59.65 42.97
C ALA F 264 14.35 59.53 42.13
N LEU F 265 15.38 60.31 42.44
CA LEU F 265 16.68 60.22 41.75
C LEU F 265 17.76 60.03 42.80
N SER F 266 18.55 58.96 42.65
CA SER F 266 19.57 58.61 43.63
C SER F 266 20.82 59.46 43.53
N GLU F 267 20.77 60.63 42.89
CA GLU F 267 21.92 61.51 42.80
C GLU F 267 21.69 62.89 43.40
N LEU F 268 20.44 63.30 43.61
CA LEU F 268 20.16 64.59 44.21
C LEU F 268 20.40 64.60 45.71
N VAL F 269 20.47 63.44 46.33
CA VAL F 269 20.71 63.33 47.77
C VAL F 269 22.21 63.28 48.02
N SER F 270 22.64 63.87 49.12
CA SER F 270 24.05 63.86 49.48
C SER F 270 24.39 62.57 50.20
N LYS F 271 25.66 62.17 50.10
CA LYS F 271 26.15 61.02 50.84
C LYS F 271 26.32 61.30 52.32
N ASP F 272 26.07 62.54 52.75
CA ASP F 272 26.24 62.92 54.15
C ASP F 272 24.96 62.78 54.96
N ASP F 273 23.81 63.08 54.36
CA ASP F 273 22.55 62.96 55.07
C ASP F 273 22.23 61.49 55.35
N THR F 274 21.61 61.26 56.51
CA THR F 274 21.23 59.91 56.92
C THR F 274 19.85 59.96 57.55
N VAL F 275 19.20 58.80 57.56
CA VAL F 275 17.86 58.66 58.12
C VAL F 275 17.89 57.54 59.16
N ASN F 276 16.83 57.47 59.95
CA ASN F 276 16.70 56.49 61.04
C ASN F 276 15.55 55.56 60.70
N VAL F 277 15.84 54.48 59.98
CA VAL F 277 14.79 53.53 59.60
C VAL F 277 14.56 52.55 60.75
N PRO F 278 13.33 52.40 61.23
CA PRO F 278 13.09 51.48 62.35
C PRO F 278 12.87 50.04 61.91
N SER F 279 12.75 49.12 62.86
CA SER F 279 12.38 47.73 62.57
C SER F 279 11.15 47.38 63.41
N VAL F 280 10.70 46.12 63.29
CA VAL F 280 9.57 45.68 64.09
C VAL F 280 9.93 45.74 65.57
N GLY F 281 8.94 46.07 66.40
CA GLY F 281 9.14 46.25 67.83
C GLY F 281 9.94 45.15 68.51
N GLY F 282 11.23 45.42 68.75
CA GLY F 282 12.11 44.45 69.36
C GLY F 282 13.57 44.73 69.05
N ARG F 283 13.87 45.05 67.79
CA ARG F 283 15.22 45.38 67.36
C ARG F 283 15.40 46.89 67.26
N PRO F 284 16.61 47.40 67.45
CA PRO F 284 16.83 48.85 67.33
C PRO F 284 16.86 49.29 65.88
N SER F 285 16.63 50.58 65.69
CA SER F 285 16.55 51.14 64.35
C SER F 285 17.93 51.22 63.70
N ARG F 286 17.95 51.19 62.37
CA ARG F 286 19.17 51.35 61.61
C ARG F 286 19.37 52.82 61.25
N SER F 287 20.63 53.27 61.33
CA SER F 287 20.99 54.61 60.87
C SER F 287 21.48 54.49 59.44
N LEU F 288 20.52 54.41 58.52
CA LEU F 288 20.79 54.08 57.13
C LEU F 288 21.00 55.34 56.30
N GLN F 289 21.79 55.20 55.24
CA GLN F 289 22.09 56.31 54.34
C GLN F 289 20.83 56.75 53.61
N ARG F 290 20.67 58.07 53.47
CA ARG F 290 19.54 58.59 52.71
C ARG F 290 19.70 58.30 51.22
N GLN F 291 20.93 58.18 50.74
CA GLN F 291 21.16 57.82 49.34
C GLN F 291 20.74 56.39 49.08
N THR F 292 21.00 55.49 50.03
CA THR F 292 20.57 54.10 49.88
C THR F 292 19.06 54.01 49.75
N LEU F 293 18.33 54.88 50.46
CA LEU F 293 16.89 54.92 50.35
C LEU F 293 16.44 55.32 48.95
N ALA F 294 17.06 56.37 48.38
CA ALA F 294 16.72 56.80 47.03
C ALA F 294 17.10 55.76 45.99
N GLU F 295 18.10 54.93 46.28
CA GLU F 295 18.50 53.87 45.35
C GLU F 295 17.45 52.77 45.22
N VAL F 296 16.46 52.72 46.10
CA VAL F 296 15.38 51.75 46.02
C VAL F 296 14.17 52.44 45.37
N ILE F 297 14.00 53.73 45.67
CA ILE F 297 12.86 54.47 45.14
C ILE F 297 13.06 54.84 43.68
N GLU F 298 14.31 55.08 43.26
CA GLU F 298 14.57 55.47 41.87
C GLU F 298 14.12 54.41 40.86
N PRO F 299 14.50 53.14 40.98
CA PRO F 299 14.08 52.18 39.94
C PRO F 299 12.57 52.03 39.82
N ARG F 300 11.82 52.22 40.91
CA ARG F 300 10.37 52.09 40.83
C ARG F 300 9.76 53.25 40.06
N TYR F 301 10.15 54.48 40.39
CA TYR F 301 9.62 55.65 39.68
C TYR F 301 10.04 55.65 38.22
N THR F 302 11.26 55.18 37.92
CA THR F 302 11.69 55.09 36.53
C THR F 302 10.84 54.11 35.75
N GLU F 303 10.49 52.98 36.37
CA GLU F 303 9.61 52.02 35.72
C GLU F 303 8.18 52.57 35.63
N LEU F 304 7.73 53.28 36.67
CA LEU F 304 6.39 53.83 36.67
C LEU F 304 6.18 54.78 35.50
N MET F 305 7.17 55.63 35.22
CA MET F 305 7.09 56.51 34.06
C MET F 305 7.28 55.74 32.77
N GLY F 306 8.07 54.66 32.81
CA GLY F 306 8.27 53.84 31.61
C GLY F 306 6.98 53.26 31.07
N LEU F 307 6.05 52.89 31.94
CA LEU F 307 4.74 52.44 31.48
C LEU F 307 3.99 53.57 30.80
N VAL F 308 4.14 54.79 31.30
CA VAL F 308 3.54 55.95 30.65
C VAL F 308 4.21 56.22 29.30
N ASN F 309 5.54 56.10 29.25
CA ASN F 309 6.28 56.36 28.02
C ASN F 309 5.82 55.43 26.89
N GLN F 310 5.71 54.13 27.18
CA GLN F 310 5.26 53.18 26.15
C GLN F 310 3.83 53.47 25.72
N THR F 311 2.98 53.91 26.65
CA THR F 311 1.62 54.26 26.28
C THR F 311 1.59 55.43 25.30
N ILE F 312 2.44 56.44 25.55
CA ILE F 312 2.52 57.57 24.63
C ILE F 312 2.97 57.10 23.24
N ASP F 313 3.97 56.24 23.18
CA ASP F 313 4.49 55.78 21.90
C ASP F 313 3.45 54.98 21.13
N ASN F 314 2.71 54.10 21.83
CA ASN F 314 1.71 53.28 21.14
C ASN F 314 0.52 54.11 20.69
N VAL F 315 0.18 55.17 21.44
CA VAL F 315 -0.91 56.04 21.01
C VAL F 315 -0.44 56.98 19.90
N GLN F 316 0.76 57.53 20.02
CA GLN F 316 1.27 58.42 18.99
C GLN F 316 1.44 57.69 17.67
N ALA F 317 1.79 56.40 17.71
CA ALA F 317 1.93 55.63 16.48
C ALA F 317 0.58 55.51 15.77
N LYS F 318 -0.44 55.07 16.51
CA LYS F 318 -1.78 54.96 15.93
C LYS F 318 -2.34 56.33 15.55
N LEU F 319 -1.90 57.39 16.22
CA LEU F 319 -2.43 58.73 15.93
C LEU F 319 -1.86 59.30 14.64
N ARG F 320 -0.64 58.91 14.26
CA ARG F 320 -0.07 59.41 13.01
C ARG F 320 -0.45 58.53 11.83
N GLU F 321 -0.63 57.23 12.06
CA GLU F 321 -1.08 56.29 11.05
C GLU F 321 -2.60 56.41 10.92
N ASN F 322 -3.10 57.64 10.77
CA ASN F 322 -4.53 57.95 10.80
C ASN F 322 -4.73 59.46 10.86
N GLY F 323 -3.74 60.21 10.40
CA GLY F 323 -3.68 61.67 10.42
C GLY F 323 -4.47 62.40 11.48
N VAL F 324 -3.79 62.75 12.58
CA VAL F 324 -4.34 63.60 13.62
C VAL F 324 -3.13 64.07 14.43
N LYS F 325 -3.32 65.04 15.32
CA LYS F 325 -2.21 65.65 16.06
C LYS F 325 -1.30 64.58 16.64
N HIS F 326 -0.02 64.65 16.30
CA HIS F 326 0.95 63.59 16.53
C HIS F 326 1.85 63.84 17.73
N HIS F 327 2.25 65.08 18.00
CA HIS F 327 3.19 65.36 19.08
C HIS F 327 2.48 66.03 20.26
N LEU F 328 3.04 65.80 21.44
CA LEU F 328 2.56 66.41 22.68
C LEU F 328 3.50 67.56 23.00
N ALA F 329 3.08 68.79 22.67
CA ALA F 329 3.96 69.94 22.82
C ALA F 329 4.15 70.32 24.28
N ALA F 330 3.04 70.43 25.02
CA ALA F 330 3.13 70.81 26.43
C ALA F 330 3.69 69.70 27.31
N GLY F 331 3.94 68.51 26.75
CA GLY F 331 4.62 67.46 27.50
C GLY F 331 3.71 66.71 28.46
N VAL F 332 4.30 66.30 29.58
CA VAL F 332 3.65 65.44 30.57
C VAL F 332 3.48 66.23 31.86
N VAL F 333 2.35 66.02 32.52
CA VAL F 333 2.02 66.71 33.77
C VAL F 333 1.76 65.65 34.83
N LEU F 334 2.59 65.64 35.88
CA LEU F 334 2.41 64.74 37.00
C LEU F 334 1.44 65.34 38.02
N THR F 335 0.61 64.48 38.59
CA THR F 335 -0.35 64.92 39.60
C THR F 335 -0.59 63.76 40.55
N GLY F 336 -1.39 63.98 41.57
CA GLY F 336 -1.65 62.98 42.58
C GLY F 336 -0.72 63.11 43.78
N GLY F 337 -0.84 62.14 44.68
CA GLY F 337 -0.07 62.20 45.91
C GLY F 337 1.40 61.88 45.68
N ALA F 338 1.69 60.76 45.03
CA ALA F 338 3.06 60.30 44.82
C ALA F 338 3.85 61.18 43.87
N ALA F 339 3.22 62.18 43.25
CA ALA F 339 3.94 63.15 42.44
C ALA F 339 4.62 64.23 43.28
N GLN F 340 4.54 64.14 44.60
CA GLN F 340 5.11 65.13 45.50
C GLN F 340 6.52 64.78 45.96
N ILE F 341 6.97 63.55 45.73
CA ILE F 341 8.30 63.14 46.19
C ILE F 341 9.36 63.94 45.44
N GLU F 342 10.51 64.13 46.08
CA GLU F 342 11.58 64.93 45.50
C GLU F 342 12.21 64.19 44.33
N GLY F 343 12.30 64.86 43.18
CA GLY F 343 12.93 64.31 42.01
C GLY F 343 12.02 63.65 41.00
N VAL F 344 10.71 63.93 41.04
CA VAL F 344 9.80 63.38 40.03
C VAL F 344 10.16 63.91 38.65
N VAL F 345 10.32 65.23 38.53
CA VAL F 345 10.60 65.85 37.24
C VAL F 345 11.92 65.36 36.66
N GLU F 346 12.87 64.98 37.52
CA GLU F 346 14.19 64.58 37.03
C GLU F 346 14.14 63.20 36.38
N CYS F 347 13.50 62.23 37.03
CA CYS F 347 13.41 60.89 36.45
C CYS F 347 12.24 60.74 35.50
N ALA F 348 11.40 61.77 35.34
CA ALA F 348 10.38 61.73 34.31
C ALA F 348 10.92 62.31 33.01
N GLU F 349 11.66 63.42 33.10
CA GLU F 349 12.36 63.95 31.94
C GLU F 349 13.42 62.99 31.45
N ARG F 350 13.79 62.00 32.27
CA ARG F 350 14.82 61.05 31.88
C ARG F 350 14.29 59.96 30.94
N VAL F 351 13.03 59.57 31.05
CA VAL F 351 12.48 58.50 30.22
C VAL F 351 11.75 59.06 29.00
N PHE F 352 10.90 60.07 29.17
CA PHE F 352 10.31 60.79 28.05
C PHE F 352 10.97 62.17 28.00
N ARG F 353 11.71 62.44 26.92
CA ARG F 353 12.42 63.70 26.78
C ARG F 353 11.51 64.82 26.30
N ASN F 354 10.44 65.03 27.05
CA ASN F 354 9.44 66.06 26.79
C ASN F 354 9.40 67.03 27.97
N GLN F 355 8.55 68.05 27.85
CA GLN F 355 8.37 68.99 28.93
C GLN F 355 7.64 68.31 30.09
N VAL F 356 8.09 68.57 31.31
CA VAL F 356 7.55 67.90 32.49
C VAL F 356 7.33 68.92 33.59
N ARG F 357 6.17 68.83 34.26
CA ARG F 357 5.87 69.68 35.39
C ARG F 357 5.03 68.89 36.38
N VAL F 358 4.82 69.46 37.56
CA VAL F 358 3.97 68.90 38.60
C VAL F 358 2.76 69.82 38.73
N GLY F 359 1.61 69.36 38.23
CA GLY F 359 0.43 70.21 38.17
C GLY F 359 -0.38 70.19 39.45
N LYS F 360 -0.82 71.37 39.86
CA LYS F 360 -1.70 71.59 41.00
C LYS F 360 -3.07 72.06 40.52
N PRO F 361 -4.10 71.94 41.38
CA PRO F 361 -5.43 72.42 40.99
C PRO F 361 -5.40 73.89 40.60
N LEU F 362 -6.15 74.22 39.54
CA LEU F 362 -6.18 75.57 39.00
C LEU F 362 -7.56 76.18 39.20
N GLU F 363 -7.62 77.49 38.98
CA GLU F 363 -8.84 78.30 39.10
C GLU F 363 -9.63 77.97 40.36
N VAL F 364 -8.99 78.20 41.51
CA VAL F 364 -9.60 77.97 42.81
C VAL F 364 -9.70 79.30 43.54
N SER F 365 -10.79 79.47 44.29
CA SER F 365 -11.05 80.69 45.04
C SER F 365 -11.64 80.33 46.40
N GLY F 366 -11.15 80.96 47.45
CA GLY F 366 -11.66 80.73 48.79
C GLY F 366 -11.23 79.40 49.35
N LEU F 367 -10.79 79.38 50.60
CA LEU F 367 -10.33 78.16 51.26
C LEU F 367 -9.25 77.49 50.43
N THR F 368 -8.38 78.30 49.84
CA THR F 368 -7.30 77.82 48.98
C THR F 368 -6.12 77.25 49.76
N ASP F 369 -6.29 76.93 51.04
CA ASP F 369 -5.24 76.33 51.85
C ASP F 369 -5.34 74.81 51.93
N TYR F 370 -6.56 74.27 51.87
CA TYR F 370 -6.78 72.83 51.84
C TYR F 370 -6.96 72.32 50.42
N VAL F 371 -6.74 73.17 49.42
CA VAL F 371 -6.82 72.79 48.02
C VAL F 371 -5.59 73.38 47.33
N LYS F 372 -4.41 72.94 47.74
CA LYS F 372 -3.15 73.43 47.21
C LYS F 372 -2.29 72.34 46.61
N GLU F 373 -2.19 71.21 47.28
CA GLU F 373 -1.33 70.11 46.86
C GLU F 373 -1.99 69.30 45.75
N PRO F 374 -1.18 68.65 44.90
CA PRO F 374 -1.75 67.96 43.72
C PRO F 374 -2.70 66.83 44.05
N TYR F 375 -2.61 66.20 45.23
CA TYR F 375 -3.48 65.07 45.53
C TYR F 375 -4.94 65.46 45.67
N HIS F 376 -5.26 66.76 45.64
CA HIS F 376 -6.64 67.22 45.64
C HIS F 376 -7.23 67.36 44.25
N SER F 377 -6.43 67.15 43.21
CA SER F 377 -6.88 67.38 41.84
C SER F 377 -8.09 66.52 41.49
N THR F 378 -8.04 65.23 41.80
CA THR F 378 -9.14 64.34 41.49
C THR F 378 -10.44 64.81 42.14
N ALA F 379 -10.35 65.41 43.33
CA ALA F 379 -11.54 65.91 43.99
C ALA F 379 -12.04 67.19 43.33
N VAL F 380 -11.13 68.14 43.06
CA VAL F 380 -11.53 69.41 42.48
C VAL F 380 -11.97 69.24 41.02
N GLY F 381 -11.46 68.20 40.35
CA GLY F 381 -11.92 67.91 39.00
C GLY F 381 -13.37 67.48 38.96
N LEU F 382 -13.83 66.81 40.00
CA LEU F 382 -15.24 66.46 40.11
C LEU F 382 -16.11 67.72 40.19
N LEU F 383 -15.60 68.77 40.84
CA LEU F 383 -16.34 70.03 40.89
C LEU F 383 -16.39 70.69 39.52
N HIS F 384 -15.27 70.64 38.77
CA HIS F 384 -15.26 71.20 37.42
C HIS F 384 -16.26 70.49 36.53
N TYR F 385 -16.26 69.16 36.55
CA TYR F 385 -17.18 68.39 35.70
C TYR F 385 -18.63 68.66 36.08
N ALA F 386 -18.93 68.61 37.39
CA ALA F 386 -20.30 68.82 37.85
C ALA F 386 -20.77 70.26 37.64
N ARG F 387 -19.85 71.20 37.47
CA ARG F 387 -20.24 72.60 37.24
C ARG F 387 -20.83 72.77 35.84
N ASP F 388 -20.37 71.99 34.87
CA ASP F 388 -20.83 72.14 33.50
C ASP F 388 -22.23 71.55 33.34
N SER F 389 -22.82 71.84 32.18
CA SER F 389 -24.15 71.35 31.86
C SER F 389 -24.25 70.91 30.40
N ASN G 8 14.32 -70.97 -60.77
CA ASN G 8 15.33 -72.00 -60.59
C ASN G 8 14.85 -73.08 -59.63
N ILE G 9 14.80 -72.73 -58.34
CA ILE G 9 14.37 -73.64 -57.29
C ILE G 9 13.15 -73.03 -56.61
N ILE G 10 12.19 -73.88 -56.24
CA ILE G 10 10.94 -73.46 -55.63
C ILE G 10 10.72 -74.29 -54.36
N VAL G 11 10.21 -73.64 -53.31
CA VAL G 11 10.10 -74.25 -51.99
C VAL G 11 8.74 -73.88 -51.40
N GLY G 12 8.05 -74.89 -50.83
CA GLY G 12 6.81 -74.68 -50.12
C GLY G 12 6.99 -74.78 -48.61
N LEU G 13 5.91 -74.47 -47.89
CA LEU G 13 5.94 -74.47 -46.43
C LEU G 13 4.49 -74.50 -45.92
N ASP G 14 3.93 -75.70 -45.80
CA ASP G 14 2.58 -75.88 -45.24
C ASP G 14 2.71 -76.04 -43.73
N ILE G 15 2.67 -74.92 -43.02
CA ILE G 15 2.72 -74.94 -41.56
C ILE G 15 1.32 -75.30 -41.05
N GLY G 16 1.07 -76.60 -40.91
CA GLY G 16 -0.25 -77.07 -40.52
C GLY G 16 -0.46 -77.07 -39.02
N THR G 17 -1.72 -77.29 -38.63
CA THR G 17 -2.09 -77.32 -37.22
C THR G 17 -1.50 -78.52 -36.50
N ALA G 18 -1.19 -79.59 -37.22
CA ALA G 18 -0.60 -80.79 -36.64
C ALA G 18 0.79 -81.08 -37.17
N THR G 19 0.96 -81.15 -38.49
CA THR G 19 2.24 -81.43 -39.12
C THR G 19 2.63 -80.27 -40.02
N VAL G 20 3.93 -79.98 -40.07
CA VAL G 20 4.48 -78.95 -40.93
C VAL G 20 5.13 -79.63 -42.13
N SER G 21 4.65 -79.28 -43.33
CA SER G 21 5.18 -79.83 -44.56
C SER G 21 6.07 -78.80 -45.25
N ALA G 22 7.15 -79.27 -45.86
CA ALA G 22 8.10 -78.40 -46.53
C ALA G 22 8.67 -79.15 -47.73
N LEU G 23 8.31 -78.72 -48.93
CA LEU G 23 8.73 -79.38 -50.16
C LEU G 23 9.63 -78.47 -50.97
N VAL G 24 10.55 -79.09 -51.71
CA VAL G 24 11.48 -78.38 -52.59
C VAL G 24 11.33 -78.95 -53.99
N GLY G 25 11.40 -78.06 -54.99
CA GLY G 25 11.25 -78.47 -56.37
C GLY G 25 11.96 -77.52 -57.31
N GLU G 26 12.05 -77.96 -58.57
CA GLU G 26 12.62 -77.16 -59.65
C GLU G 26 11.55 -76.98 -60.73
N VAL G 27 11.52 -75.81 -61.34
CA VAL G 27 10.49 -75.48 -62.31
C VAL G 27 10.82 -76.11 -63.66
N LEU G 28 9.93 -76.99 -64.14
CA LEU G 28 10.05 -77.57 -65.46
C LEU G 28 9.45 -76.62 -66.50
N PRO G 29 9.96 -76.65 -67.74
CA PRO G 29 9.48 -75.68 -68.75
C PRO G 29 7.98 -75.75 -69.02
N ASP G 30 7.42 -76.96 -69.07
CA ASP G 30 6.00 -77.10 -69.37
C ASP G 30 5.12 -76.70 -68.20
N GLY G 31 5.56 -76.96 -66.96
CA GLY G 31 4.78 -76.55 -65.81
C GLY G 31 4.74 -77.55 -64.66
N GLN G 32 4.71 -78.84 -64.99
CA GLN G 32 4.71 -79.87 -63.97
C GLN G 32 5.94 -79.74 -63.07
N VAL G 33 5.71 -79.76 -61.76
CA VAL G 33 6.77 -79.55 -60.78
C VAL G 33 7.40 -80.89 -60.42
N ASN G 34 8.73 -80.93 -60.46
CA ASN G 34 9.48 -82.10 -60.05
C ASN G 34 10.05 -81.85 -58.67
N ILE G 35 9.84 -82.79 -57.76
CA ILE G 35 10.22 -82.64 -56.36
C ILE G 35 11.63 -83.17 -56.15
N ILE G 36 12.46 -82.39 -55.46
CA ILE G 36 13.86 -82.77 -55.22
C ILE G 36 13.98 -83.33 -53.80
N GLY G 37 13.18 -82.80 -52.88
CA GLY G 37 13.22 -83.25 -51.50
C GLY G 37 11.99 -82.86 -50.70
N ALA G 38 11.54 -83.75 -49.83
CA ALA G 38 10.39 -83.51 -48.97
C ALA G 38 10.85 -83.27 -47.54
N GLY G 39 9.88 -83.06 -46.65
CA GLY G 39 10.17 -82.80 -45.26
C GLY G 39 8.93 -82.63 -44.40
N SER G 40 8.88 -83.33 -43.26
CA SER G 40 7.72 -83.31 -42.38
C SER G 40 8.18 -83.39 -40.94
N SER G 41 7.36 -82.81 -40.05
CA SER G 41 7.62 -82.80 -38.63
C SER G 41 6.37 -82.40 -37.87
N PRO G 42 6.01 -83.09 -36.78
CA PRO G 42 4.84 -82.69 -36.00
C PRO G 42 5.04 -81.30 -35.41
N SER G 43 3.97 -80.51 -35.45
CA SER G 43 4.03 -79.10 -35.04
C SER G 43 3.36 -78.94 -33.68
N ARG G 44 4.12 -78.44 -32.72
CA ARG G 44 3.59 -78.03 -31.44
C ARG G 44 3.47 -76.51 -31.41
N GLY G 45 2.44 -76.02 -30.73
CA GLY G 45 2.20 -74.59 -30.69
C GLY G 45 1.31 -74.07 -31.80
N MET G 46 0.36 -74.86 -32.27
CA MET G 46 -0.53 -74.47 -33.34
C MET G 46 -1.97 -74.70 -32.94
N ASP G 47 -2.86 -73.82 -33.39
CA ASP G 47 -4.28 -73.94 -33.10
C ASP G 47 -5.07 -73.15 -34.13
N LYS G 48 -6.02 -73.82 -34.78
CA LYS G 48 -6.93 -73.19 -35.73
C LYS G 48 -6.16 -72.40 -36.80
N GLY G 49 -5.13 -73.02 -37.33
CA GLY G 49 -4.33 -72.41 -38.39
C GLY G 49 -3.52 -71.21 -38.00
N GLY G 50 -3.55 -70.80 -36.73
CA GLY G 50 -2.81 -69.65 -36.27
C GLY G 50 -1.76 -70.06 -35.24
N VAL G 51 -0.85 -69.13 -34.97
CA VAL G 51 0.24 -69.38 -34.03
C VAL G 51 -0.29 -69.29 -32.61
N ASN G 52 0.16 -70.22 -31.77
CA ASN G 52 -0.23 -70.26 -30.36
C ASN G 52 0.96 -70.32 -29.41
N ASP G 53 2.12 -70.79 -29.85
CA ASP G 53 3.32 -70.82 -29.02
C ASP G 53 4.50 -70.64 -29.99
N LEU G 54 5.01 -69.41 -30.07
CA LEU G 54 5.97 -69.06 -31.10
C LEU G 54 7.23 -69.91 -31.02
N GLU G 55 7.70 -70.20 -29.80
CA GLU G 55 8.94 -70.94 -29.64
C GLU G 55 8.80 -72.40 -30.10
N SER G 56 7.61 -72.97 -29.95
CA SER G 56 7.41 -74.36 -30.35
C SER G 56 7.23 -74.50 -31.86
N VAL G 57 6.55 -73.55 -32.49
CA VAL G 57 6.35 -73.63 -33.93
C VAL G 57 7.65 -73.30 -34.68
N VAL G 58 8.47 -72.40 -34.13
CA VAL G 58 9.75 -72.08 -34.75
C VAL G 58 10.65 -73.31 -34.78
N LYS G 59 10.67 -74.08 -33.69
CA LYS G 59 11.41 -75.34 -33.69
C LYS G 59 10.80 -76.34 -34.67
N SER G 60 9.47 -76.37 -34.77
CA SER G 60 8.81 -77.33 -35.65
C SER G 60 9.06 -77.02 -37.12
N VAL G 61 8.98 -75.73 -37.51
CA VAL G 61 9.23 -75.39 -38.90
C VAL G 61 10.68 -75.64 -39.26
N GLN G 62 11.60 -75.45 -38.31
CA GLN G 62 13.00 -75.72 -38.58
C GLN G 62 13.27 -77.21 -38.66
N ARG G 63 12.51 -78.02 -37.91
CA ARG G 63 12.69 -79.47 -37.95
C ARG G 63 12.41 -80.02 -39.34
N ALA G 64 11.37 -79.51 -40.00
CA ALA G 64 11.01 -80.00 -41.33
C ALA G 64 11.91 -79.41 -42.41
N VAL G 65 12.27 -78.13 -42.28
CA VAL G 65 13.10 -77.50 -43.31
C VAL G 65 14.52 -78.04 -43.27
N ASP G 66 14.98 -78.51 -42.10
CA ASP G 66 16.32 -79.09 -42.02
C ASP G 66 16.37 -80.47 -42.67
N GLN G 67 15.35 -81.30 -42.42
CA GLN G 67 15.29 -82.61 -43.08
C GLN G 67 15.01 -82.46 -44.57
N ALA G 68 14.36 -81.37 -44.98
CA ALA G 68 14.18 -81.09 -46.39
C ALA G 68 15.44 -80.52 -47.01
N GLU G 69 16.22 -79.76 -46.23
CA GLU G 69 17.49 -79.24 -46.73
C GLU G 69 18.47 -80.36 -47.04
N LEU G 70 18.32 -81.50 -46.37
CA LEU G 70 19.20 -82.64 -46.57
C LEU G 70 18.71 -83.58 -47.67
N MET G 71 17.39 -83.81 -47.75
CA MET G 71 16.84 -84.67 -48.78
C MET G 71 16.86 -84.03 -50.16
N ALA G 72 17.33 -82.79 -50.27
CA ALA G 72 17.43 -82.10 -51.55
C ALA G 72 18.82 -81.56 -51.83
N GLU G 73 19.77 -81.74 -50.90
CA GLU G 73 21.17 -81.33 -51.08
C GLU G 73 21.26 -79.85 -51.50
N CYS G 74 20.51 -79.00 -50.82
CA CYS G 74 20.53 -77.58 -51.12
C CYS G 74 20.04 -76.81 -49.90
N GLN G 75 20.49 -75.57 -49.78
CA GLN G 75 20.11 -74.70 -48.67
C GLN G 75 18.87 -73.90 -49.05
N ILE G 76 17.91 -73.86 -48.14
CA ILE G 76 16.67 -73.12 -48.37
C ILE G 76 16.87 -71.68 -47.93
N SER G 77 16.39 -70.74 -48.74
CA SER G 77 16.55 -69.32 -48.48
C SER G 77 15.26 -68.54 -48.55
N SER G 78 14.35 -68.90 -49.46
CA SER G 78 13.06 -68.24 -49.59
C SER G 78 11.98 -69.30 -49.71
N VAL G 79 10.83 -69.03 -49.12
CA VAL G 79 9.75 -70.01 -49.02
C VAL G 79 8.42 -69.34 -49.32
N PHE G 80 7.49 -70.14 -49.81
CA PHE G 80 6.08 -69.76 -49.94
C PHE G 80 5.32 -70.49 -48.84
N ILE G 81 4.65 -69.73 -47.98
CA ILE G 81 3.99 -70.30 -46.81
C ILE G 81 2.48 -70.21 -46.99
N SER G 82 1.79 -71.19 -46.42
CA SER G 82 0.33 -71.20 -46.43
C SER G 82 -0.21 -70.47 -45.21
N LEU G 83 -1.51 -70.16 -45.26
CA LEU G 83 -2.15 -69.46 -44.16
C LEU G 83 -3.64 -69.77 -44.18
N SER G 84 -4.21 -69.99 -42.99
CA SER G 84 -5.63 -70.28 -42.86
C SER G 84 -6.13 -69.74 -41.52
N GLY G 85 -7.41 -69.90 -41.29
CA GLY G 85 -8.05 -69.45 -40.06
C GLY G 85 -9.42 -68.86 -40.36
N LYS G 86 -10.24 -68.77 -39.31
CA LYS G 86 -11.57 -68.19 -39.45
C LYS G 86 -11.51 -66.74 -39.94
N HIS G 87 -10.40 -66.05 -39.71
CA HIS G 87 -10.29 -64.65 -40.10
C HIS G 87 -10.22 -64.45 -41.61
N ILE G 88 -10.09 -65.53 -42.39
CA ILE G 88 -10.04 -65.40 -43.84
C ILE G 88 -11.40 -64.94 -44.35
N ALA G 89 -11.41 -63.90 -45.18
CA ALA G 89 -12.65 -63.36 -45.70
C ALA G 89 -12.49 -63.09 -47.19
N SER G 90 -13.62 -63.05 -47.89
CA SER G 90 -13.65 -62.85 -49.33
C SER G 90 -14.55 -61.67 -49.67
N ARG G 91 -14.11 -60.88 -50.67
CA ARG G 91 -14.85 -59.72 -51.12
C ARG G 91 -14.90 -59.72 -52.64
N ILE G 92 -15.95 -59.09 -53.17
CA ILE G 92 -16.14 -58.95 -54.61
C ILE G 92 -16.32 -57.46 -54.93
N GLU G 93 -15.42 -56.92 -55.74
CA GLU G 93 -15.42 -55.50 -56.09
C GLU G 93 -15.29 -55.33 -57.60
N LYS G 94 -16.09 -54.44 -58.16
CA LYS G 94 -16.09 -54.17 -59.59
C LYS G 94 -15.23 -52.94 -59.91
N GLY G 95 -14.82 -52.85 -61.17
CA GLY G 95 -13.98 -51.76 -61.62
C GLY G 95 -14.23 -51.41 -63.06
N MET G 96 -13.55 -50.37 -63.53
CA MET G 96 -13.73 -49.89 -64.89
C MET G 96 -12.39 -49.40 -65.44
N GLY G 97 -12.34 -49.24 -66.76
CA GLY G 97 -11.15 -48.73 -67.40
C GLY G 97 -11.31 -48.45 -68.88
N THR G 98 -10.56 -47.46 -69.38
CA THR G 98 -10.59 -47.13 -70.80
C THR G 98 -9.73 -48.11 -71.57
N ILE G 99 -10.07 -48.29 -72.85
CA ILE G 99 -9.31 -49.17 -73.73
C ILE G 99 -8.47 -48.28 -74.64
N SER G 100 -7.23 -48.03 -74.22
CA SER G 100 -6.32 -47.21 -75.00
C SER G 100 -5.96 -47.90 -76.30
N GLU G 101 -5.85 -47.12 -77.38
CA GLU G 101 -5.52 -47.62 -78.71
C GLU G 101 -6.42 -48.79 -79.12
N GLU G 102 -7.68 -48.73 -78.66
CA GLU G 102 -8.76 -49.64 -79.00
C GLU G 102 -8.39 -51.12 -79.03
N GLU G 103 -7.47 -51.54 -78.16
CA GLU G 103 -7.08 -52.94 -78.06
C GLU G 103 -6.85 -53.30 -76.60
N VAL G 104 -7.48 -54.37 -76.14
CA VAL G 104 -7.43 -54.77 -74.73
C VAL G 104 -6.07 -55.41 -74.43
N SER G 105 -5.04 -54.57 -74.36
CA SER G 105 -3.70 -55.01 -73.99
C SER G 105 -3.60 -55.28 -72.49
N GLN G 106 -2.54 -56.01 -72.12
CA GLN G 106 -2.31 -56.34 -70.70
C GLN G 106 -2.22 -55.07 -69.86
N ASP G 107 -1.58 -54.02 -70.37
CA ASP G 107 -1.57 -52.75 -69.66
C ASP G 107 -2.96 -52.13 -69.62
N ASP G 108 -3.75 -52.31 -70.68
CA ASP G 108 -5.11 -51.78 -70.68
C ASP G 108 -6.04 -52.59 -69.78
N MET G 109 -5.87 -53.91 -69.73
CA MET G 109 -6.71 -54.70 -68.84
C MET G 109 -6.29 -54.57 -67.38
N ASP G 110 -5.03 -54.23 -67.12
CA ASP G 110 -4.56 -54.07 -65.75
C ASP G 110 -5.09 -52.78 -65.11
N ARG G 111 -5.44 -51.78 -65.92
CA ARG G 111 -5.95 -50.53 -65.37
C ARG G 111 -7.28 -50.75 -64.67
N ALA G 112 -8.17 -51.54 -65.27
CA ALA G 112 -9.46 -51.83 -64.65
C ALA G 112 -9.28 -52.60 -63.34
N ILE G 113 -8.24 -53.42 -63.24
CA ILE G 113 -8.00 -54.19 -62.03
C ILE G 113 -7.62 -53.26 -60.88
N HIS G 114 -6.79 -52.24 -61.15
CA HIS G 114 -6.36 -51.32 -60.11
C HIS G 114 -7.56 -50.61 -59.47
N THR G 115 -8.55 -50.22 -60.28
CA THR G 115 -9.71 -49.52 -59.75
C THR G 115 -10.53 -50.42 -58.82
N ALA G 116 -10.81 -51.65 -59.26
CA ALA G 116 -11.60 -52.56 -58.43
C ALA G 116 -10.87 -52.98 -57.17
N LYS G 117 -9.54 -52.96 -57.19
CA LYS G 117 -8.77 -53.41 -56.03
C LYS G 117 -8.63 -52.31 -54.98
N SER G 118 -8.53 -51.06 -55.41
CA SER G 118 -8.34 -49.93 -54.50
C SER G 118 -9.63 -49.64 -53.76
N ILE G 119 -9.71 -50.07 -52.50
CA ILE G 119 -10.87 -49.84 -51.65
C ILE G 119 -10.37 -49.42 -50.26
N LYS G 120 -11.33 -49.07 -49.41
CA LYS G 120 -11.05 -48.70 -48.02
C LYS G 120 -11.36 -49.92 -47.15
N ILE G 121 -10.34 -50.46 -46.49
CA ILE G 121 -10.48 -51.70 -45.74
C ILE G 121 -10.07 -51.55 -44.27
N GLY G 122 -9.10 -50.72 -43.98
CA GLY G 122 -8.53 -50.56 -42.67
C GLY G 122 -7.25 -51.36 -42.52
N ASP G 123 -6.60 -51.17 -41.37
CA ASP G 123 -5.27 -51.77 -41.18
C ASP G 123 -5.39 -53.17 -40.62
N GLU G 124 -6.46 -53.42 -39.86
CA GLU G 124 -6.64 -54.74 -39.25
C GLU G 124 -6.75 -55.84 -40.30
N GLN G 125 -7.26 -55.51 -41.49
CA GLN G 125 -7.43 -56.50 -42.55
C GLN G 125 -6.31 -56.34 -43.57
N ARG G 126 -5.79 -57.46 -44.07
CA ARG G 126 -4.69 -57.47 -45.02
C ARG G 126 -5.09 -58.26 -46.26
N ILE G 127 -4.95 -57.64 -47.43
CA ILE G 127 -5.30 -58.30 -48.68
C ILE G 127 -4.31 -59.43 -48.96
N LEU G 128 -4.82 -60.53 -49.47
CA LEU G 128 -4.03 -61.75 -49.69
C LEU G 128 -3.99 -62.19 -51.13
N HIS G 129 -5.11 -62.12 -51.85
CA HIS G 129 -5.17 -62.54 -53.23
C HIS G 129 -6.09 -61.62 -54.02
N VAL G 130 -5.69 -61.31 -55.25
CA VAL G 130 -6.49 -60.54 -56.19
C VAL G 130 -6.76 -61.44 -57.40
N ILE G 131 -7.99 -61.94 -57.50
CA ILE G 131 -8.35 -62.94 -58.49
C ILE G 131 -9.34 -62.32 -59.47
N PRO G 132 -8.92 -62.01 -60.70
CA PRO G 132 -9.88 -61.53 -61.71
C PRO G 132 -10.86 -62.64 -62.07
N GLN G 133 -12.15 -62.36 -61.94
CA GLN G 133 -13.16 -63.37 -62.23
C GLN G 133 -13.52 -63.38 -63.71
N GLU G 134 -14.62 -62.73 -64.07
CA GLU G 134 -15.06 -62.64 -65.47
C GLU G 134 -15.08 -61.19 -65.92
N PHE G 135 -14.51 -60.94 -67.09
CA PHE G 135 -14.49 -59.60 -67.68
C PHE G 135 -15.82 -59.29 -68.38
N THR G 136 -15.97 -58.03 -68.79
CA THR G 136 -17.12 -57.59 -69.57
C THR G 136 -16.70 -56.39 -70.40
N ILE G 137 -17.04 -56.40 -71.69
CA ILE G 137 -16.55 -55.41 -72.66
C ILE G 137 -17.73 -54.92 -73.48
N ASP G 138 -18.42 -53.89 -72.98
CA ASP G 138 -19.55 -53.23 -73.67
C ASP G 138 -20.72 -54.20 -73.83
N TYR G 139 -21.35 -54.50 -72.68
CA TYR G 139 -22.57 -55.29 -72.59
C TYR G 139 -22.33 -56.73 -73.04
N GLN G 140 -21.11 -57.06 -73.45
CA GLN G 140 -20.81 -58.44 -73.82
C GLN G 140 -20.30 -59.13 -72.58
N GLU G 141 -21.06 -60.11 -72.09
CA GLU G 141 -20.82 -60.76 -70.82
C GLU G 141 -20.25 -62.15 -71.03
N GLY G 142 -19.86 -62.78 -69.93
CA GLY G 142 -19.26 -64.10 -69.99
C GLY G 142 -17.91 -64.10 -70.65
N ILE G 143 -17.13 -63.03 -70.46
CA ILE G 143 -15.78 -62.93 -71.00
C ILE G 143 -14.82 -63.49 -69.97
N LYS G 144 -13.75 -64.11 -70.45
CA LYS G 144 -12.77 -64.78 -69.59
C LYS G 144 -11.43 -64.08 -69.61
N ASN G 145 -10.74 -64.06 -70.75
CA ASN G 145 -9.39 -63.49 -70.86
C ASN G 145 -9.23 -62.86 -72.22
N PRO G 146 -9.82 -61.68 -72.45
CA PRO G 146 -9.74 -61.03 -73.77
C PRO G 146 -8.40 -60.34 -73.98
N LEU G 147 -7.75 -60.65 -75.13
CA LEU G 147 -6.43 -60.14 -75.47
C LEU G 147 -6.34 -59.84 -76.98
N GLY G 148 -7.02 -58.78 -77.42
CA GLY G 148 -6.93 -58.40 -78.81
C GLY G 148 -8.25 -58.07 -79.48
N LEU G 149 -9.27 -57.73 -78.70
CA LEU G 149 -10.59 -57.41 -79.20
C LEU G 149 -10.81 -55.91 -79.21
N SER G 150 -11.79 -55.47 -79.99
CA SER G 150 -12.09 -54.06 -80.17
C SER G 150 -13.30 -53.69 -79.32
N GLY G 151 -13.10 -52.73 -78.42
CA GLY G 151 -14.13 -52.20 -77.54
C GLY G 151 -13.77 -50.79 -77.19
N VAL G 152 -14.58 -50.18 -76.32
CA VAL G 152 -14.32 -48.81 -75.89
C VAL G 152 -14.16 -48.68 -74.38
N ARG G 153 -14.59 -49.65 -73.58
CA ARG G 153 -14.40 -49.66 -72.15
C ARG G 153 -14.85 -50.99 -71.60
N MET G 154 -14.29 -51.40 -70.46
CA MET G 154 -14.57 -52.72 -69.94
C MET G 154 -14.71 -52.66 -68.42
N GLU G 155 -15.52 -53.57 -67.88
CA GLU G 155 -15.74 -53.68 -66.45
C GLU G 155 -15.34 -55.07 -65.97
N VAL G 156 -14.74 -55.12 -64.78
CA VAL G 156 -14.26 -56.36 -64.19
C VAL G 156 -14.96 -56.55 -62.85
N SER G 157 -15.01 -57.80 -62.39
CA SER G 157 -15.55 -58.16 -61.08
C SER G 157 -14.49 -59.00 -60.36
N VAL G 158 -13.60 -58.33 -59.64
CA VAL G 158 -12.45 -58.99 -59.04
C VAL G 158 -12.85 -59.66 -57.73
N HIS G 159 -12.17 -60.76 -57.41
CA HIS G 159 -12.34 -61.49 -56.16
C HIS G 159 -11.19 -61.16 -55.23
N LEU G 160 -11.51 -60.72 -54.02
CA LEU G 160 -10.53 -60.25 -53.04
C LEU G 160 -10.49 -61.22 -51.87
N ILE G 161 -9.30 -61.74 -51.58
CA ILE G 161 -9.06 -62.58 -50.41
C ILE G 161 -8.31 -61.76 -49.37
N SER G 162 -8.80 -61.76 -48.13
CA SER G 162 -8.21 -60.98 -47.07
C SER G 162 -8.10 -61.81 -45.80
N CYS G 163 -7.13 -61.47 -44.97
CA CYS G 163 -6.88 -62.18 -43.72
C CYS G 163 -6.52 -61.17 -42.63
N HIS G 164 -6.65 -61.60 -41.39
CA HIS G 164 -6.26 -60.76 -40.26
C HIS G 164 -4.75 -60.52 -40.30
N ASN G 165 -4.37 -59.25 -40.19
CA ASN G 165 -2.96 -58.89 -40.32
C ASN G 165 -2.14 -59.50 -39.19
N ASP G 166 -2.62 -59.35 -37.95
CA ASP G 166 -1.87 -59.87 -36.80
C ASP G 166 -1.66 -61.37 -36.91
N MET G 167 -2.72 -62.10 -37.25
CA MET G 167 -2.60 -63.55 -37.42
C MET G 167 -1.66 -63.92 -38.56
N ALA G 168 -1.44 -63.01 -39.51
CA ALA G 168 -0.48 -63.23 -40.58
C ALA G 168 0.94 -62.87 -40.18
N ARG G 169 1.09 -61.80 -39.39
CA ARG G 169 2.42 -61.40 -38.91
C ARG G 169 3.07 -62.51 -38.09
N ASN G 170 2.26 -63.23 -37.31
CA ASN G 170 2.80 -64.29 -36.47
C ASN G 170 3.41 -65.41 -37.30
N ILE G 171 2.70 -65.85 -38.35
CA ILE G 171 3.22 -66.91 -39.20
C ILE G 171 4.51 -66.46 -39.88
N ILE G 172 4.56 -65.21 -40.31
CA ILE G 172 5.79 -64.67 -40.90
C ILE G 172 6.90 -64.60 -39.86
N LYS G 173 6.58 -64.13 -38.66
CA LYS G 173 7.57 -64.01 -37.60
C LYS G 173 8.21 -65.37 -37.29
N ALA G 174 7.42 -66.44 -37.32
CA ALA G 174 7.96 -67.77 -37.07
C ALA G 174 8.98 -68.17 -38.14
N VAL G 175 8.62 -67.96 -39.41
CA VAL G 175 9.51 -68.34 -40.51
C VAL G 175 10.73 -67.44 -40.54
N GLU G 176 10.54 -66.14 -40.25
CA GLU G 176 11.65 -65.20 -40.32
C GLU G 176 12.73 -65.51 -39.30
N ARG G 177 12.36 -66.13 -38.18
CA ARG G 177 13.35 -66.51 -37.17
C ARG G 177 14.17 -67.73 -37.56
N CYS G 178 13.88 -68.35 -38.71
CA CYS G 178 14.62 -69.49 -39.20
C CYS G 178 15.59 -69.11 -40.30
N GLY G 179 15.88 -67.82 -40.46
CA GLY G 179 16.78 -67.34 -41.48
C GLY G 179 16.17 -67.27 -42.87
N LEU G 180 14.88 -67.55 -43.01
CA LEU G 180 14.21 -67.57 -44.29
C LEU G 180 13.43 -66.28 -44.51
N LYS G 181 13.24 -65.93 -45.76
CA LYS G 181 12.41 -64.79 -46.15
C LYS G 181 11.18 -65.31 -46.88
N VAL G 182 10.02 -64.83 -46.49
CA VAL G 182 8.77 -65.24 -47.13
C VAL G 182 8.57 -64.45 -48.41
N GLU G 183 8.17 -65.14 -49.48
CA GLU G 183 7.91 -64.49 -50.74
C GLU G 183 6.49 -63.95 -50.82
N GLN G 184 5.50 -64.81 -50.54
CA GLN G 184 4.11 -64.39 -50.53
C GLN G 184 3.33 -65.36 -49.64
N LEU G 185 2.25 -64.85 -49.06
CA LEU G 185 1.33 -65.67 -48.28
C LEU G 185 0.22 -66.16 -49.21
N VAL G 186 -0.17 -67.42 -49.02
CA VAL G 186 -1.13 -68.07 -49.89
C VAL G 186 -2.20 -68.71 -49.02
N PHE G 187 -3.47 -68.48 -49.37
CA PHE G 187 -4.56 -69.13 -48.66
C PHE G 187 -4.46 -70.64 -48.88
N SER G 188 -4.55 -71.39 -47.78
CA SER G 188 -4.35 -72.84 -47.83
C SER G 188 -5.35 -73.50 -48.78
N GLY G 189 -6.63 -73.20 -48.62
CA GLY G 189 -7.65 -73.83 -49.45
C GLY G 189 -7.50 -73.52 -50.92
N LEU G 190 -6.91 -72.37 -51.25
CA LEU G 190 -6.64 -72.06 -52.65
C LEU G 190 -5.53 -72.95 -53.19
N ALA G 191 -4.47 -73.12 -52.40
CA ALA G 191 -3.42 -74.06 -52.78
C ALA G 191 -3.94 -75.50 -52.74
N SER G 192 -4.77 -75.81 -51.75
CA SER G 192 -5.41 -77.13 -51.70
C SER G 192 -6.33 -77.35 -52.90
N SER G 193 -6.68 -76.30 -53.62
CA SER G 193 -7.52 -76.42 -54.82
C SER G 193 -6.70 -76.41 -56.11
N ASN G 194 -5.56 -75.71 -56.11
CA ASN G 194 -4.72 -75.66 -57.31
C ASN G 194 -4.09 -77.01 -57.64
N ALA G 195 -4.01 -77.92 -56.67
CA ALA G 195 -3.33 -79.19 -56.85
C ALA G 195 -4.26 -80.39 -56.80
N VAL G 196 -5.57 -80.18 -56.69
CA VAL G 196 -6.52 -81.28 -56.61
C VAL G 196 -7.58 -81.22 -57.71
N ILE G 197 -7.79 -80.07 -58.34
CA ILE G 197 -8.86 -79.89 -59.32
C ILE G 197 -8.24 -79.84 -60.70
N THR G 198 -8.92 -80.45 -61.67
CA THR G 198 -8.55 -80.32 -63.07
C THR G 198 -9.35 -79.19 -63.71
N GLU G 199 -8.74 -78.56 -64.72
CA GLU G 199 -9.38 -77.41 -65.38
C GLU G 199 -10.77 -77.75 -65.90
N ASP G 200 -10.99 -79.00 -66.31
CA ASP G 200 -12.33 -79.42 -66.72
C ASP G 200 -13.32 -79.26 -65.58
N GLU G 201 -12.95 -79.69 -64.37
CA GLU G 201 -13.83 -79.59 -63.22
C GLU G 201 -14.14 -78.13 -62.88
N ARG G 202 -13.16 -77.24 -63.05
CA ARG G 202 -13.35 -75.84 -62.67
C ARG G 202 -14.55 -75.22 -63.38
N GLU G 203 -14.64 -75.43 -64.70
CA GLU G 203 -15.74 -74.82 -65.45
C GLU G 203 -17.07 -75.48 -65.12
N LEU G 204 -17.06 -76.77 -64.78
CA LEU G 204 -18.31 -77.45 -64.43
C LEU G 204 -18.85 -76.97 -63.08
N GLY G 205 -17.97 -76.74 -62.12
CA GLY G 205 -18.39 -76.31 -60.80
C GLY G 205 -17.99 -77.29 -59.71
N VAL G 206 -17.09 -76.87 -58.82
CA VAL G 206 -16.56 -77.74 -57.78
C VAL G 206 -16.50 -76.97 -56.46
N CYS G 207 -16.57 -77.70 -55.36
CA CYS G 207 -16.30 -77.18 -54.03
C CYS G 207 -15.28 -78.08 -53.36
N VAL G 208 -14.12 -77.53 -53.03
CA VAL G 208 -13.09 -78.28 -52.32
C VAL G 208 -13.07 -77.81 -50.88
N VAL G 209 -12.57 -78.68 -50.00
CA VAL G 209 -12.45 -78.36 -48.59
C VAL G 209 -11.30 -79.15 -47.98
N ASP G 210 -10.25 -78.43 -47.57
CA ASP G 210 -9.07 -79.07 -46.99
C ASP G 210 -9.37 -79.33 -45.52
N ILE G 211 -9.99 -80.48 -45.26
CA ILE G 211 -10.23 -80.91 -43.88
C ILE G 211 -8.92 -81.35 -43.27
N GLY G 212 -8.56 -80.76 -42.13
CA GLY G 212 -7.26 -81.00 -41.55
C GLY G 212 -7.32 -81.12 -40.04
N ALA G 213 -6.24 -80.69 -39.38
CA ALA G 213 -6.21 -80.80 -37.92
C ALA G 213 -7.11 -79.75 -37.28
N GLY G 214 -6.98 -78.50 -37.69
CA GLY G 214 -7.70 -77.42 -37.03
C GLY G 214 -8.42 -76.44 -37.93
N THR G 215 -8.37 -76.63 -39.25
CA THR G 215 -8.95 -75.69 -40.19
C THR G 215 -9.75 -76.42 -41.25
N MET G 216 -10.87 -75.81 -41.65
CA MET G 216 -11.78 -76.31 -42.66
C MET G 216 -11.84 -75.28 -43.79
N ASP G 217 -10.90 -75.38 -44.73
CA ASP G 217 -10.71 -74.39 -45.78
C ASP G 217 -11.61 -74.72 -46.97
N ILE G 218 -12.68 -73.95 -47.16
CA ILE G 218 -13.64 -74.15 -48.23
C ILE G 218 -13.33 -73.22 -49.39
N SER G 219 -13.39 -73.74 -50.61
CA SER G 219 -13.24 -72.95 -51.82
C SER G 219 -14.29 -73.39 -52.83
N ILE G 220 -15.00 -72.43 -53.41
CA ILE G 220 -16.10 -72.69 -54.33
C ILE G 220 -15.73 -72.15 -55.70
N TRP G 221 -15.86 -73.00 -56.72
CA TRP G 221 -15.54 -72.63 -58.10
C TRP G 221 -16.73 -72.90 -59.00
N THR G 222 -17.13 -71.91 -59.78
CA THR G 222 -18.09 -72.10 -60.85
C THR G 222 -17.60 -71.33 -62.07
N GLY G 223 -17.80 -71.92 -63.25
CA GLY G 223 -17.38 -71.28 -64.49
C GLY G 223 -15.89 -71.01 -64.58
N GLY G 224 -15.07 -71.82 -63.90
CA GLY G 224 -13.64 -71.63 -63.97
C GLY G 224 -13.11 -70.43 -63.22
N ALA G 225 -13.85 -69.94 -62.23
CA ALA G 225 -13.43 -68.79 -61.45
C ALA G 225 -13.81 -68.99 -59.99
N LEU G 226 -12.95 -68.51 -59.10
CA LEU G 226 -13.19 -68.62 -57.67
C LEU G 226 -14.34 -67.70 -57.26
N ARG G 227 -15.41 -68.28 -56.72
CA ARG G 227 -16.60 -67.52 -56.37
C ARG G 227 -16.64 -67.10 -54.91
N HIS G 228 -16.28 -67.99 -53.98
CA HIS G 228 -16.39 -67.69 -52.56
C HIS G 228 -15.29 -68.41 -51.79
N THR G 229 -14.98 -67.87 -50.62
CA THR G 229 -13.99 -68.44 -49.73
C THR G 229 -14.47 -68.32 -48.29
N GLU G 230 -14.47 -69.44 -47.56
CA GLU G 230 -14.89 -69.44 -46.18
C GLU G 230 -14.12 -70.53 -45.43
N VAL G 231 -13.82 -70.26 -44.16
CA VAL G 231 -13.04 -71.16 -43.34
C VAL G 231 -13.73 -71.37 -41.99
N PHE G 232 -13.70 -72.60 -41.50
CA PHE G 232 -14.21 -72.95 -40.18
C PHE G 232 -13.09 -73.53 -39.32
N SER G 233 -13.28 -73.44 -38.01
CA SER G 233 -12.26 -73.83 -37.06
C SER G 233 -12.49 -75.22 -36.45
N TYR G 234 -13.53 -75.92 -36.86
CA TYR G 234 -13.80 -77.27 -36.39
C TYR G 234 -13.28 -78.28 -37.42
N ALA G 235 -12.31 -79.10 -37.02
CA ALA G 235 -11.69 -80.03 -37.94
C ALA G 235 -11.41 -81.38 -37.29
N GLY G 236 -10.31 -82.02 -37.70
CA GLY G 236 -10.00 -83.35 -37.19
C GLY G 236 -9.77 -83.40 -35.70
N ASN G 237 -9.25 -82.32 -35.12
CA ASN G 237 -9.05 -82.30 -33.67
C ASN G 237 -10.36 -82.24 -32.90
N ALA G 238 -11.48 -81.92 -33.56
CA ALA G 238 -12.76 -81.89 -32.88
C ALA G 238 -13.30 -83.30 -32.68
N VAL G 239 -13.24 -84.13 -33.71
CA VAL G 239 -13.69 -85.52 -33.57
C VAL G 239 -12.71 -86.32 -32.73
N THR G 240 -11.41 -85.99 -32.81
CA THR G 240 -10.43 -86.64 -31.93
C THR G 240 -10.77 -86.42 -30.47
N SER G 241 -11.14 -85.19 -30.11
CA SER G 241 -11.55 -84.91 -28.73
C SER G 241 -12.84 -85.63 -28.37
N ASP G 242 -13.77 -85.73 -29.32
CA ASP G 242 -15.03 -86.42 -29.06
C ASP G 242 -14.81 -87.87 -28.65
N ILE G 243 -13.86 -88.54 -29.31
CA ILE G 243 -13.57 -89.93 -28.97
C ILE G 243 -13.01 -90.03 -27.55
N ALA G 244 -12.07 -89.14 -27.21
CA ALA G 244 -11.45 -89.17 -25.90
C ALA G 244 -12.46 -88.87 -24.79
N PHE G 245 -13.26 -87.82 -24.97
CA PHE G 245 -14.16 -87.36 -23.92
C PHE G 245 -15.37 -88.27 -23.73
N ALA G 246 -15.64 -89.18 -24.66
CA ALA G 246 -16.78 -90.07 -24.56
C ALA G 246 -16.42 -91.47 -24.09
N PHE G 247 -15.14 -91.85 -24.16
CA PHE G 247 -14.70 -93.18 -23.80
C PHE G 247 -13.75 -93.21 -22.62
N GLY G 248 -13.38 -92.06 -22.06
CA GLY G 248 -12.41 -92.04 -20.98
C GLY G 248 -11.03 -92.44 -21.43
N THR G 249 -10.61 -92.00 -22.61
CA THR G 249 -9.34 -92.34 -23.23
C THR G 249 -8.49 -91.09 -23.35
N PRO G 250 -7.17 -91.19 -23.13
CA PRO G 250 -6.31 -90.01 -23.32
C PRO G 250 -6.36 -89.55 -24.77
N LEU G 251 -6.15 -88.23 -24.95
CA LEU G 251 -6.14 -87.67 -26.29
C LEU G 251 -5.07 -88.32 -27.16
N SER G 252 -3.91 -88.60 -26.56
CA SER G 252 -2.82 -89.26 -27.30
C SER G 252 -3.28 -90.60 -27.85
N ASP G 253 -4.01 -91.38 -27.05
CA ASP G 253 -4.48 -92.68 -27.50
C ASP G 253 -5.73 -92.60 -28.36
N ALA G 254 -6.62 -91.64 -28.07
CA ALA G 254 -7.84 -91.52 -28.86
C ALA G 254 -7.55 -91.14 -30.31
N GLU G 255 -6.49 -90.38 -30.55
CA GLU G 255 -6.10 -90.05 -31.90
C GLU G 255 -5.66 -91.29 -32.67
N GLU G 256 -4.90 -92.18 -32.02
CA GLU G 256 -4.38 -93.36 -32.69
C GLU G 256 -5.51 -94.29 -33.14
N ILE G 257 -6.51 -94.51 -32.29
CA ILE G 257 -7.62 -95.36 -32.66
C ILE G 257 -8.47 -94.73 -33.76
N LYS G 258 -8.53 -93.40 -33.81
CA LYS G 258 -9.29 -92.73 -34.86
C LYS G 258 -8.67 -92.98 -36.23
N VAL G 259 -7.34 -92.85 -36.31
CA VAL G 259 -6.65 -92.99 -37.60
C VAL G 259 -6.65 -94.45 -38.06
N LYS G 260 -6.66 -95.39 -37.11
CA LYS G 260 -6.53 -96.80 -37.45
C LYS G 260 -7.86 -97.53 -37.57
N TYR G 261 -8.89 -97.12 -36.82
CA TYR G 261 -10.16 -97.83 -36.81
C TYR G 261 -11.36 -96.91 -36.96
N GLY G 262 -11.15 -95.64 -37.31
CA GLY G 262 -12.26 -94.71 -37.38
C GLY G 262 -13.07 -94.87 -38.66
N CYS G 263 -14.38 -94.67 -38.53
CA CYS G 263 -15.28 -94.71 -39.67
C CYS G 263 -16.28 -93.57 -39.56
N ALA G 264 -16.54 -92.90 -40.68
CA ALA G 264 -17.45 -91.76 -40.71
C ALA G 264 -18.91 -92.17 -40.82
N LEU G 265 -19.21 -93.46 -40.88
CA LEU G 265 -20.58 -93.94 -40.96
C LEU G 265 -20.70 -95.18 -40.08
N SER G 266 -21.66 -95.18 -39.16
CA SER G 266 -21.76 -96.23 -38.16
C SER G 266 -22.44 -97.48 -38.69
N GLU G 267 -22.38 -97.68 -40.01
CA GLU G 267 -22.93 -98.88 -40.63
C GLU G 267 -21.97 -99.53 -41.62
N LEU G 268 -20.86 -98.87 -41.96
CA LEU G 268 -19.84 -99.45 -42.81
C LEU G 268 -18.89 -100.36 -42.05
N VAL G 269 -18.96 -100.36 -40.72
CA VAL G 269 -18.13 -101.21 -39.89
C VAL G 269 -18.91 -102.47 -39.55
N SER G 270 -18.21 -103.60 -39.53
CA SER G 270 -18.85 -104.88 -39.23
C SER G 270 -19.00 -105.07 -37.73
N LYS G 271 -20.00 -105.89 -37.36
CA LYS G 271 -20.20 -106.23 -35.97
C LYS G 271 -19.05 -107.06 -35.42
N ASP G 272 -18.32 -107.75 -36.30
CA ASP G 272 -17.20 -108.62 -35.92
C ASP G 272 -15.88 -107.88 -35.80
N ASP G 273 -15.91 -106.58 -35.55
CA ASP G 273 -14.71 -105.78 -35.31
C ASP G 273 -14.71 -105.24 -33.89
N THR G 274 -13.56 -105.33 -33.23
CA THR G 274 -13.40 -104.88 -31.86
C THR G 274 -12.10 -104.10 -31.76
N VAL G 275 -12.06 -103.15 -30.85
CA VAL G 275 -10.88 -102.32 -30.65
C VAL G 275 -10.54 -102.26 -29.17
N ASN G 276 -9.24 -102.10 -28.90
CA ASN G 276 -8.73 -102.00 -27.54
C ASN G 276 -8.54 -100.52 -27.22
N VAL G 277 -9.50 -99.94 -26.51
CA VAL G 277 -9.41 -98.55 -26.07
C VAL G 277 -8.86 -98.53 -24.64
N PRO G 278 -7.82 -97.76 -24.37
CA PRO G 278 -7.23 -97.74 -23.02
C PRO G 278 -8.06 -96.86 -22.10
N SER G 279 -7.61 -96.77 -20.85
CA SER G 279 -8.25 -95.95 -19.84
C SER G 279 -7.20 -95.10 -19.12
N VAL G 280 -7.68 -94.32 -18.16
CA VAL G 280 -6.85 -93.41 -17.36
C VAL G 280 -7.02 -93.79 -15.90
N GLY G 281 -6.04 -93.40 -15.09
CA GLY G 281 -6.05 -93.71 -13.68
C GLY G 281 -5.24 -94.92 -13.30
N GLY G 282 -5.03 -95.85 -14.24
CA GLY G 282 -4.43 -97.13 -13.94
C GLY G 282 -5.42 -98.27 -14.04
N ARG G 283 -6.39 -98.13 -14.94
CA ARG G 283 -7.42 -99.13 -15.18
C ARG G 283 -7.07 -99.96 -16.41
N PRO G 284 -7.60 -101.18 -16.51
CA PRO G 284 -7.28 -102.01 -17.67
C PRO G 284 -8.00 -101.52 -18.92
N SER G 285 -7.35 -101.73 -20.06
CA SER G 285 -7.89 -101.29 -21.35
C SER G 285 -9.10 -102.12 -21.73
N ARG G 286 -10.24 -101.45 -21.92
CA ARG G 286 -11.48 -102.12 -22.25
C ARG G 286 -11.52 -102.48 -23.73
N SER G 287 -12.10 -103.64 -24.04
CA SER G 287 -12.35 -104.04 -25.42
C SER G 287 -13.74 -103.55 -25.83
N LEU G 288 -13.78 -102.67 -26.83
CA LEU G 288 -15.00 -101.99 -27.21
C LEU G 288 -15.33 -102.28 -28.68
N GLN G 289 -16.63 -102.27 -28.98
CA GLN G 289 -17.09 -102.51 -30.34
C GLN G 289 -16.60 -101.40 -31.27
N ARG G 290 -16.02 -101.80 -32.40
CA ARG G 290 -15.57 -100.81 -33.38
C ARG G 290 -16.76 -100.05 -33.96
N GLN G 291 -17.94 -100.68 -33.99
CA GLN G 291 -19.13 -99.96 -34.43
C GLN G 291 -19.47 -98.82 -33.47
N THR G 292 -19.32 -99.05 -32.17
CA THR G 292 -19.58 -97.99 -31.20
C THR G 292 -18.65 -96.81 -31.41
N LEU G 293 -17.40 -97.08 -31.78
CA LEU G 293 -16.45 -95.99 -32.07
C LEU G 293 -16.93 -95.15 -33.24
N ALA G 294 -17.38 -95.81 -34.32
CA ALA G 294 -17.90 -95.09 -35.48
C ALA G 294 -19.18 -94.33 -35.14
N GLU G 295 -19.92 -94.76 -34.11
CA GLU G 295 -21.13 -94.07 -33.71
C GLU G 295 -20.84 -92.71 -33.09
N VAL G 296 -19.60 -92.47 -32.66
CA VAL G 296 -19.22 -91.16 -32.15
C VAL G 296 -18.63 -90.28 -33.25
N ILE G 297 -17.92 -90.88 -34.21
CA ILE G 297 -17.29 -90.12 -35.27
C ILE G 297 -18.31 -89.64 -36.30
N GLU G 298 -19.39 -90.40 -36.49
CA GLU G 298 -20.39 -90.04 -37.50
C GLU G 298 -21.04 -88.68 -37.26
N PRO G 299 -21.57 -88.36 -36.06
CA PRO G 299 -22.26 -87.07 -35.91
C PRO G 299 -21.37 -85.86 -36.12
N ARG G 300 -20.11 -85.92 -35.69
CA ARG G 300 -19.22 -84.77 -35.87
C ARG G 300 -18.94 -84.52 -37.35
N TYR G 301 -18.64 -85.57 -38.10
CA TYR G 301 -18.38 -85.41 -39.53
C TYR G 301 -19.64 -84.91 -40.26
N THR G 302 -20.80 -85.42 -39.87
CA THR G 302 -22.06 -84.97 -40.47
C THR G 302 -22.29 -83.48 -40.22
N GLU G 303 -22.08 -83.04 -38.98
CA GLU G 303 -22.21 -81.62 -38.68
C GLU G 303 -21.20 -80.80 -39.47
N LEU G 304 -19.97 -81.31 -39.59
CA LEU G 304 -18.95 -80.59 -40.35
C LEU G 304 -19.35 -80.42 -41.81
N MET G 305 -19.78 -81.52 -42.44
CA MET G 305 -20.24 -81.43 -43.82
C MET G 305 -21.51 -80.59 -43.92
N GLY G 306 -22.32 -80.56 -42.87
CA GLY G 306 -23.48 -79.69 -42.85
C GLY G 306 -23.13 -78.22 -43.00
N LEU G 307 -21.98 -77.82 -42.46
CA LEU G 307 -21.51 -76.45 -42.63
C LEU G 307 -21.19 -76.15 -44.09
N VAL G 308 -20.59 -77.12 -44.80
CA VAL G 308 -20.28 -76.90 -46.21
C VAL G 308 -21.57 -76.84 -47.02
N ASN G 309 -22.57 -77.65 -46.66
CA ASN G 309 -23.84 -77.62 -47.37
C ASN G 309 -24.53 -76.28 -47.21
N GLN G 310 -24.58 -75.78 -45.97
CA GLN G 310 -25.20 -74.47 -45.73
C GLN G 310 -24.44 -73.36 -46.44
N THR G 311 -23.12 -73.51 -46.57
CA THR G 311 -22.32 -72.51 -47.28
C THR G 311 -22.61 -72.54 -48.78
N ILE G 312 -22.68 -73.75 -49.36
CA ILE G 312 -22.99 -73.87 -50.78
C ILE G 312 -24.36 -73.30 -51.08
N ASP G 313 -25.35 -73.62 -50.26
CA ASP G 313 -26.71 -73.13 -50.48
C ASP G 313 -26.76 -71.60 -50.45
N ASN G 314 -26.06 -70.99 -49.49
CA ASN G 314 -26.03 -69.53 -49.41
C ASN G 314 -25.26 -68.91 -50.57
N VAL G 315 -24.20 -69.57 -51.04
CA VAL G 315 -23.45 -69.04 -52.18
C VAL G 315 -24.22 -69.25 -53.48
N GLN G 316 -24.84 -70.41 -53.64
CA GLN G 316 -25.65 -70.67 -54.84
C GLN G 316 -26.80 -69.68 -54.95
N ALA G 317 -27.41 -69.32 -53.82
CA ALA G 317 -28.49 -68.34 -53.84
C ALA G 317 -27.99 -67.00 -54.37
N LYS G 318 -26.91 -66.47 -53.78
CA LYS G 318 -26.35 -65.21 -54.22
C LYS G 318 -25.74 -65.28 -55.61
N LEU G 319 -25.66 -66.47 -56.20
CA LEU G 319 -25.12 -66.64 -57.55
C LEU G 319 -26.22 -66.58 -58.61
N ARG G 320 -27.29 -67.37 -58.44
CA ARG G 320 -28.40 -67.31 -59.38
C ARG G 320 -29.14 -65.97 -59.29
N GLU G 321 -29.19 -65.37 -58.10
CA GLU G 321 -29.83 -64.07 -57.93
C GLU G 321 -29.04 -62.93 -58.56
N ASN G 322 -27.86 -63.22 -59.12
CA ASN G 322 -27.05 -62.21 -59.78
C ASN G 322 -26.73 -62.55 -61.22
N GLY G 323 -27.01 -63.78 -61.68
CA GLY G 323 -26.83 -64.11 -63.07
C GLY G 323 -25.48 -64.70 -63.44
N VAL G 324 -25.17 -65.88 -62.90
CA VAL G 324 -23.93 -66.59 -63.23
C VAL G 324 -24.17 -68.08 -63.00
N LYS G 325 -23.25 -68.91 -63.51
CA LYS G 325 -23.34 -70.35 -63.34
C LYS G 325 -23.43 -70.69 -61.85
N HIS G 326 -24.42 -71.49 -61.48
CA HIS G 326 -24.73 -71.77 -60.09
C HIS G 326 -24.50 -73.21 -59.66
N HIS G 327 -24.90 -74.19 -60.46
CA HIS G 327 -24.82 -75.59 -60.05
C HIS G 327 -23.39 -76.11 -60.17
N LEU G 328 -22.91 -76.72 -59.08
CA LEU G 328 -21.62 -77.41 -59.10
C LEU G 328 -21.81 -78.78 -59.73
N ALA G 329 -21.27 -78.95 -60.93
CA ALA G 329 -21.48 -80.20 -61.66
C ALA G 329 -20.58 -81.30 -61.12
N ALA G 330 -19.27 -81.04 -61.06
CA ALA G 330 -18.34 -82.07 -60.59
C ALA G 330 -18.49 -82.35 -59.10
N GLY G 331 -19.18 -81.49 -58.36
CA GLY G 331 -19.51 -81.77 -56.97
C GLY G 331 -18.51 -81.28 -55.95
N VAL G 332 -18.36 -82.03 -54.87
CA VAL G 332 -17.51 -81.67 -53.74
C VAL G 332 -16.31 -82.61 -53.71
N VAL G 333 -15.13 -82.05 -53.43
CA VAL G 333 -13.90 -82.82 -53.36
C VAL G 333 -13.29 -82.65 -51.97
N LEU G 334 -13.07 -83.77 -51.28
CA LEU G 334 -12.48 -83.76 -49.95
C LEU G 334 -10.98 -83.99 -50.04
N THR G 335 -10.23 -83.31 -49.18
CA THR G 335 -8.78 -83.45 -49.13
C THR G 335 -8.31 -83.16 -47.71
N GLY G 336 -7.00 -83.27 -47.50
CA GLY G 336 -6.42 -83.08 -46.19
C GLY G 336 -6.33 -84.35 -45.38
N GLY G 337 -5.80 -84.20 -44.17
CA GLY G 337 -5.54 -85.36 -43.32
C GLY G 337 -6.80 -86.06 -42.87
N ALA G 338 -7.73 -85.32 -42.23
CA ALA G 338 -8.92 -85.95 -41.69
C ALA G 338 -9.89 -86.43 -42.76
N ALA G 339 -9.61 -86.16 -44.04
CA ALA G 339 -10.39 -86.71 -45.13
C ALA G 339 -10.01 -88.15 -45.45
N GLN G 340 -8.98 -88.68 -44.79
CA GLN G 340 -8.50 -90.04 -45.06
C GLN G 340 -9.27 -91.10 -44.30
N ILE G 341 -10.19 -90.71 -43.40
CA ILE G 341 -10.93 -91.70 -42.63
C ILE G 341 -11.88 -92.46 -43.55
N GLU G 342 -12.10 -93.74 -43.22
CA GLU G 342 -12.94 -94.59 -44.04
C GLU G 342 -14.40 -94.15 -43.93
N GLY G 343 -15.02 -93.83 -45.07
CA GLY G 343 -16.41 -93.45 -45.11
C GLY G 343 -16.71 -91.98 -45.25
N VAL G 344 -15.73 -91.17 -45.69
CA VAL G 344 -16.00 -89.75 -45.93
C VAL G 344 -16.99 -89.58 -47.07
N VAL G 345 -16.79 -90.32 -48.17
CA VAL G 345 -17.65 -90.17 -49.34
C VAL G 345 -19.09 -90.56 -49.01
N GLU G 346 -19.28 -91.43 -48.03
CA GLU G 346 -20.62 -91.90 -47.69
C GLU G 346 -21.36 -90.86 -46.85
N CYS G 347 -20.70 -90.35 -45.80
CA CYS G 347 -21.34 -89.34 -44.96
C CYS G 347 -21.47 -88.02 -45.68
N ALA G 348 -20.61 -87.75 -46.67
CA ALA G 348 -20.74 -86.55 -47.47
C ALA G 348 -21.90 -86.66 -48.45
N GLU G 349 -21.98 -87.78 -49.17
CA GLU G 349 -23.08 -88.02 -50.11
C GLU G 349 -24.44 -88.08 -49.43
N ARG G 350 -24.50 -88.08 -48.10
CA ARG G 350 -25.77 -88.09 -47.39
C ARG G 350 -26.27 -86.66 -47.18
N VAL G 351 -25.39 -85.79 -46.72
CA VAL G 351 -25.73 -84.39 -46.48
C VAL G 351 -25.79 -83.62 -47.80
N PHE G 352 -24.87 -83.91 -48.72
CA PHE G 352 -24.89 -83.32 -50.05
C PHE G 352 -25.65 -84.22 -51.02
N ARG G 353 -25.94 -83.68 -52.20
CA ARG G 353 -26.62 -84.40 -53.26
C ARG G 353 -25.80 -84.37 -54.54
N ASN G 354 -24.48 -84.40 -54.43
CA ASN G 354 -23.58 -84.42 -55.57
C ASN G 354 -22.49 -85.46 -55.38
N GLN G 355 -21.81 -85.77 -56.49
CA GLN G 355 -20.76 -86.78 -56.48
C GLN G 355 -19.56 -86.27 -55.69
N VAL G 356 -19.22 -86.98 -54.62
CA VAL G 356 -18.14 -86.61 -53.72
C VAL G 356 -16.94 -87.50 -54.00
N ARG G 357 -15.74 -86.93 -53.92
CA ARG G 357 -14.51 -87.68 -54.10
C ARG G 357 -13.47 -87.20 -53.10
N VAL G 358 -12.33 -87.89 -53.07
CA VAL G 358 -11.27 -87.61 -52.10
C VAL G 358 -9.96 -87.31 -52.83
N GLY G 359 -9.99 -86.31 -53.71
CA GLY G 359 -8.86 -85.95 -54.54
C GLY G 359 -7.52 -85.82 -53.83
N LYS G 360 -6.48 -86.41 -54.42
CA LYS G 360 -5.10 -86.35 -53.95
C LYS G 360 -4.34 -85.34 -54.80
N PRO G 361 -3.08 -85.03 -54.48
CA PRO G 361 -2.29 -84.19 -55.38
C PRO G 361 -2.18 -84.82 -56.77
N LEU G 362 -2.10 -83.97 -57.78
CA LEU G 362 -2.17 -84.39 -59.17
C LEU G 362 -0.89 -84.03 -59.91
N GLU G 363 -0.61 -84.82 -60.96
CA GLU G 363 0.55 -84.63 -61.85
C GLU G 363 1.84 -84.41 -61.08
N VAL G 364 1.99 -85.10 -59.95
CA VAL G 364 3.23 -85.04 -59.19
C VAL G 364 4.31 -85.80 -59.95
N SER G 365 5.46 -85.16 -60.14
CA SER G 365 6.56 -85.70 -60.92
C SER G 365 7.74 -85.95 -60.00
N GLY G 366 8.18 -87.20 -59.90
CA GLY G 366 9.33 -87.54 -59.10
C GLY G 366 9.07 -87.48 -57.60
N LEU G 367 9.64 -88.44 -56.86
CA LEU G 367 9.48 -88.51 -55.41
C LEU G 367 8.00 -88.52 -55.04
N THR G 368 7.24 -89.36 -55.76
CA THR G 368 5.80 -89.44 -55.58
C THR G 368 5.38 -90.28 -54.38
N ASP G 369 6.32 -90.95 -53.71
CA ASP G 369 5.96 -91.82 -52.59
C ASP G 369 5.73 -91.05 -51.30
N TYR G 370 6.15 -89.79 -51.23
CA TYR G 370 5.91 -88.93 -50.08
C TYR G 370 4.83 -87.89 -50.35
N VAL G 371 4.34 -87.78 -51.58
CA VAL G 371 3.40 -86.74 -51.96
C VAL G 371 2.17 -87.42 -52.57
N LYS G 372 1.74 -88.52 -51.96
CA LYS G 372 0.56 -89.24 -52.46
C LYS G 372 -0.71 -88.93 -51.68
N GLU G 373 -0.61 -88.75 -50.35
CA GLU G 373 -1.81 -88.66 -49.53
C GLU G 373 -2.36 -87.24 -49.53
N PRO G 374 -3.68 -87.10 -49.32
CA PRO G 374 -4.31 -85.77 -49.43
C PRO G 374 -3.81 -84.74 -48.43
N TYR G 375 -3.25 -85.16 -47.29
CA TYR G 375 -2.77 -84.17 -46.34
C TYR G 375 -1.52 -83.43 -46.84
N HIS G 376 -1.06 -83.76 -48.04
CA HIS G 376 0.04 -83.07 -48.68
C HIS G 376 -0.42 -82.10 -49.77
N SER G 377 -1.73 -82.10 -50.09
CA SER G 377 -2.24 -81.28 -51.17
C SER G 377 -1.95 -79.80 -50.95
N THR G 378 -2.21 -79.32 -49.73
CA THR G 378 -1.96 -77.92 -49.41
C THR G 378 -0.49 -77.55 -49.61
N ALA G 379 0.42 -78.48 -49.32
CA ALA G 379 1.84 -78.19 -49.46
C ALA G 379 2.23 -78.05 -50.93
N VAL G 380 1.82 -79.00 -51.77
CA VAL G 380 2.15 -78.94 -53.19
C VAL G 380 1.39 -77.82 -53.89
N GLY G 381 0.24 -77.43 -53.36
CA GLY G 381 -0.46 -76.27 -53.91
C GLY G 381 0.35 -75.00 -53.76
N LEU G 382 1.17 -74.91 -52.71
CA LEU G 382 2.08 -73.78 -52.58
C LEU G 382 3.09 -73.75 -53.72
N LEU G 383 3.46 -74.93 -54.24
CA LEU G 383 4.34 -74.98 -55.41
C LEU G 383 3.60 -74.51 -56.66
N HIS G 384 2.33 -74.91 -56.79
CA HIS G 384 1.53 -74.50 -57.94
C HIS G 384 1.35 -72.99 -57.99
N TYR G 385 1.12 -72.35 -56.84
CA TYR G 385 0.92 -70.90 -56.84
C TYR G 385 2.18 -70.15 -57.25
N ALA G 386 3.34 -70.59 -56.76
CA ALA G 386 4.60 -69.92 -57.03
C ALA G 386 5.01 -70.03 -58.50
N ARG G 387 4.25 -70.77 -59.29
CA ARG G 387 4.55 -70.97 -60.71
C ARG G 387 4.66 -69.64 -61.45
N ASP G 388 3.83 -68.68 -61.09
CA ASP G 388 3.74 -67.43 -61.84
C ASP G 388 5.01 -66.60 -61.71
N SER G 389 5.50 -66.10 -62.83
CA SER G 389 6.72 -65.29 -62.87
C SER G 389 6.42 -63.85 -62.49
N ASN H 8 19.12 -79.32 -5.42
CA ASN H 8 19.82 -79.76 -4.22
C ASN H 8 19.06 -80.89 -3.55
N ILE H 9 18.88 -80.78 -2.25
CA ILE H 9 18.13 -81.75 -1.48
C ILE H 9 16.76 -81.13 -1.28
N ILE H 10 15.77 -81.98 -1.04
CA ILE H 10 14.39 -81.51 -0.98
C ILE H 10 13.68 -82.21 0.16
N VAL H 11 12.90 -81.45 0.92
CA VAL H 11 12.24 -81.93 2.12
C VAL H 11 10.80 -81.44 2.10
N GLY H 12 9.88 -82.28 2.57
CA GLY H 12 8.49 -81.91 2.72
C GLY H 12 8.09 -81.94 4.19
N LEU H 13 6.90 -81.41 4.45
CA LEU H 13 6.42 -81.32 5.83
C LEU H 13 4.90 -81.23 5.86
N ASP H 14 4.23 -82.37 5.75
CA ASP H 14 2.77 -82.42 5.87
C ASP H 14 2.45 -82.52 7.36
N ILE H 15 2.42 -81.36 8.00
CA ILE H 15 2.07 -81.30 9.42
C ILE H 15 0.56 -81.51 9.51
N GLY H 16 0.14 -82.77 9.60
CA GLY H 16 -1.26 -83.10 9.55
C GLY H 16 -1.97 -82.91 10.88
N THR H 17 -3.30 -83.05 10.82
CA THR H 17 -4.12 -82.95 12.02
C THR H 17 -3.93 -84.14 12.95
N ALA H 18 -3.41 -85.26 12.42
CA ALA H 18 -3.18 -86.46 13.22
C ALA H 18 -1.74 -86.93 13.17
N THR H 19 -1.17 -87.10 11.98
CA THR H 19 0.19 -87.59 11.81
C THR H 19 1.00 -86.62 10.98
N VAL H 20 2.14 -86.19 11.51
CA VAL H 20 3.06 -85.34 10.77
C VAL H 20 3.94 -86.21 9.90
N SER H 21 4.06 -85.84 8.62
CA SER H 21 4.91 -86.56 7.67
C SER H 21 6.02 -85.64 7.21
N ALA H 22 7.22 -86.19 7.06
CA ALA H 22 8.38 -85.43 6.63
C ALA H 22 9.27 -86.35 5.82
N LEU H 23 9.38 -86.08 4.52
CA LEU H 23 10.15 -86.92 3.61
C LEU H 23 11.33 -86.13 3.06
N VAL H 24 12.45 -86.81 2.87
CA VAL H 24 13.67 -86.21 2.35
C VAL H 24 14.09 -86.98 1.11
N GLY H 25 14.46 -86.26 0.06
CA GLY H 25 14.88 -86.90 -1.18
C GLY H 25 15.85 -86.05 -1.97
N GLU H 26 16.35 -86.62 -3.05
CA GLU H 26 17.19 -85.92 -4.01
C GLU H 26 16.55 -86.01 -5.38
N VAL H 27 16.64 -84.91 -6.13
CA VAL H 27 16.09 -84.84 -7.48
C VAL H 27 17.04 -85.48 -8.47
N LEU H 28 16.54 -86.47 -9.22
CA LEU H 28 17.35 -87.12 -10.23
C LEU H 28 17.44 -86.20 -11.46
N PRO H 29 18.59 -86.15 -12.13
CA PRO H 29 18.76 -85.20 -13.24
C PRO H 29 17.76 -85.34 -14.37
N ASP H 30 17.76 -86.46 -15.08
CA ASP H 30 16.87 -86.63 -16.22
C ASP H 30 15.64 -87.46 -15.88
N GLY H 31 15.65 -88.19 -14.76
CA GLY H 31 14.54 -89.03 -14.33
C GLY H 31 13.60 -88.31 -13.39
N GLN H 32 13.19 -89.01 -12.33
CA GLN H 32 12.19 -88.51 -11.40
C GLN H 32 12.82 -88.05 -10.09
N VAL H 33 12.12 -88.26 -8.98
CA VAL H 33 12.58 -87.87 -7.65
C VAL H 33 12.95 -89.13 -6.89
N ASN H 34 14.14 -89.15 -6.30
CA ASN H 34 14.58 -90.25 -5.44
C ASN H 34 14.49 -89.82 -3.98
N ILE H 35 13.81 -90.65 -3.18
CA ILE H 35 13.59 -90.36 -1.77
C ILE H 35 14.70 -91.00 -0.94
N ILE H 36 15.27 -90.22 -0.03
CA ILE H 36 16.41 -90.67 0.78
C ILE H 36 15.98 -90.99 2.20
N GLY H 37 15.00 -90.22 2.71
CA GLY H 37 14.59 -90.42 4.09
C GLY H 37 13.13 -90.11 4.39
N ALA H 38 12.52 -90.93 5.24
CA ALA H 38 11.13 -90.76 5.66
C ALA H 38 11.07 -90.36 7.12
N GLY H 39 9.87 -89.98 7.55
CA GLY H 39 9.65 -89.54 8.92
C GLY H 39 8.19 -89.37 9.29
N SER H 40 7.78 -89.97 10.41
CA SER H 40 6.38 -89.90 10.86
C SER H 40 6.34 -89.69 12.36
N SER H 41 5.26 -89.06 12.82
CA SER H 41 5.04 -88.77 14.24
C SER H 41 3.63 -88.27 14.48
N PRO H 42 2.90 -88.84 15.44
CA PRO H 42 1.58 -88.31 15.78
C PRO H 42 1.69 -86.86 16.26
N SER H 43 0.69 -86.06 15.89
CA SER H 43 0.69 -84.63 16.14
C SER H 43 -0.38 -84.29 17.16
N ARG H 44 0.04 -83.73 18.29
CA ARG H 44 -0.88 -83.19 19.29
C ARG H 44 -0.99 -81.68 19.13
N GLY H 45 -2.16 -81.14 19.48
CA GLY H 45 -2.38 -79.72 19.36
C GLY H 45 -2.62 -79.28 17.93
N MET H 46 -3.62 -79.88 17.28
CA MET H 46 -3.94 -79.55 15.90
C MET H 46 -5.45 -79.58 15.70
N ASP H 47 -5.97 -78.58 14.99
CA ASP H 47 -7.40 -78.43 14.78
C ASP H 47 -7.64 -77.99 13.34
N LYS H 48 -8.31 -78.84 12.57
CA LYS H 48 -8.76 -78.51 11.22
C LYS H 48 -7.59 -78.05 10.34
N GLY H 49 -6.50 -78.79 10.39
CA GLY H 49 -5.33 -78.48 9.60
C GLY H 49 -4.49 -77.33 10.12
N GLY H 50 -5.00 -76.55 11.06
CA GLY H 50 -4.28 -75.41 11.61
C GLY H 50 -3.82 -75.62 13.04
N VAL H 51 -2.89 -74.78 13.50
CA VAL H 51 -2.33 -74.95 14.83
C VAL H 51 -3.35 -74.56 15.89
N ASN H 52 -3.29 -75.24 17.03
CA ASN H 52 -4.17 -74.97 18.16
C ASN H 52 -3.37 -74.78 19.43
N ASP H 53 -2.43 -75.70 19.68
CA ASP H 53 -1.53 -75.64 20.83
C ASP H 53 -0.12 -75.53 20.26
N LEU H 54 0.44 -74.31 20.29
CA LEU H 54 1.72 -74.06 19.65
C LEU H 54 2.84 -74.90 20.24
N GLU H 55 2.77 -75.19 21.54
CA GLU H 55 3.86 -75.95 22.17
C GLU H 55 3.86 -77.40 21.73
N SER H 56 2.69 -78.04 21.73
CA SER H 56 2.62 -79.47 21.40
C SER H 56 3.02 -79.75 19.96
N VAL H 57 2.63 -78.87 19.03
CA VAL H 57 2.90 -79.14 17.62
C VAL H 57 4.40 -79.02 17.33
N VAL H 58 5.07 -78.04 17.93
CA VAL H 58 6.51 -77.88 17.70
C VAL H 58 7.26 -79.13 18.16
N LYS H 59 6.81 -79.72 19.27
CA LYS H 59 7.38 -80.99 19.70
C LYS H 59 7.03 -82.11 18.72
N SER H 60 5.83 -82.07 18.14
CA SER H 60 5.42 -83.13 17.22
C SER H 60 6.17 -83.04 15.90
N VAL H 61 6.38 -81.82 15.39
CA VAL H 61 7.16 -81.68 14.16
C VAL H 61 8.62 -82.04 14.42
N GLN H 62 9.13 -81.73 15.62
CA GLN H 62 10.50 -82.06 15.95
C GLN H 62 10.73 -83.56 15.96
N ARG H 63 9.72 -84.35 16.33
CA ARG H 63 9.87 -85.80 16.34
C ARG H 63 10.06 -86.35 14.93
N ALA H 64 9.21 -85.93 13.99
CA ALA H 64 9.27 -86.48 12.63
C ALA H 64 10.52 -86.01 11.90
N VAL H 65 10.84 -84.72 12.01
CA VAL H 65 12.01 -84.20 11.29
C VAL H 65 13.30 -84.78 11.86
N ASP H 66 13.32 -85.16 13.14
CA ASP H 66 14.51 -85.76 13.72
C ASP H 66 14.74 -87.17 13.18
N GLN H 67 13.70 -88.00 13.20
CA GLN H 67 13.83 -89.35 12.65
C GLN H 67 14.07 -89.32 11.14
N ALA H 68 13.62 -88.25 10.47
CA ALA H 68 13.94 -88.08 9.06
C ALA H 68 15.39 -87.67 8.87
N GLU H 69 15.92 -86.88 9.80
CA GLU H 69 17.33 -86.51 9.76
C GLU H 69 18.22 -87.74 9.83
N LEU H 70 17.83 -88.73 10.64
CA LEU H 70 18.64 -89.94 10.78
C LEU H 70 18.64 -90.74 9.48
N MET H 71 17.47 -91.06 8.95
CA MET H 71 17.37 -91.89 7.76
C MET H 71 17.94 -91.20 6.52
N ALA H 72 18.07 -89.88 6.55
CA ALA H 72 18.64 -89.12 5.44
C ALA H 72 20.13 -88.89 5.56
N GLU H 73 20.72 -89.18 6.73
CA GLU H 73 22.15 -89.00 7.03
C GLU H 73 22.65 -87.59 6.69
N CYS H 74 21.73 -86.63 6.63
CA CYS H 74 22.06 -85.23 6.44
C CYS H 74 21.24 -84.39 7.41
N GLN H 75 21.54 -83.10 7.44
CA GLN H 75 20.85 -82.17 8.33
C GLN H 75 19.84 -81.34 7.54
N ILE H 76 18.66 -81.15 8.12
CA ILE H 76 17.57 -80.46 7.45
C ILE H 76 17.85 -78.96 7.46
N SER H 77 17.70 -78.33 6.30
CA SER H 77 17.97 -76.90 6.20
C SER H 77 16.67 -76.14 5.99
N SER H 78 16.16 -76.14 4.76
CA SER H 78 14.92 -75.47 4.43
C SER H 78 13.90 -76.50 3.95
N VAL H 79 12.63 -76.27 4.29
CA VAL H 79 11.57 -77.24 4.02
C VAL H 79 10.42 -76.57 3.30
N PHE H 80 9.63 -77.38 2.61
CA PHE H 80 8.37 -76.96 2.00
C PHE H 80 7.24 -77.56 2.83
N ILE H 81 6.38 -76.69 3.35
CA ILE H 81 5.32 -77.11 4.25
C ILE H 81 3.98 -77.01 3.54
N SER H 82 3.04 -77.86 3.96
CA SER H 82 1.69 -77.84 3.44
C SER H 82 0.78 -77.06 4.38
N LEU H 83 -0.35 -76.62 3.85
CA LEU H 83 -1.30 -75.83 4.64
C LEU H 83 -2.71 -76.05 4.10
N SER H 84 -3.66 -76.19 5.01
CA SER H 84 -5.06 -76.36 4.65
C SER H 84 -5.93 -75.84 5.80
N GLY H 85 -7.22 -75.87 5.57
CA GLY H 85 -8.21 -75.43 6.55
C GLY H 85 -9.29 -74.64 5.83
N LYS H 86 -10.44 -74.50 6.50
CA LYS H 86 -11.62 -73.92 5.87
C LYS H 86 -11.36 -72.55 5.26
N HIS H 87 -10.35 -71.83 5.74
CA HIS H 87 -10.03 -70.50 5.24
C HIS H 87 -9.49 -70.48 3.81
N ILE H 88 -9.18 -71.64 3.22
CA ILE H 88 -8.66 -71.67 1.86
C ILE H 88 -9.76 -71.29 0.88
N ALA H 89 -9.46 -70.35 -0.01
CA ALA H 89 -10.42 -69.88 -1.00
C ALA H 89 -9.72 -69.65 -2.33
N SER H 90 -10.49 -69.74 -3.42
CA SER H 90 -9.98 -69.57 -4.77
C SER H 90 -10.70 -68.42 -5.45
N ARG H 91 -9.93 -67.59 -6.16
CA ARG H 91 -10.47 -66.43 -6.87
C ARG H 91 -9.91 -66.39 -8.29
N ILE H 92 -10.72 -65.87 -9.21
CA ILE H 92 -10.33 -65.67 -10.60
C ILE H 92 -10.36 -64.17 -10.86
N GLU H 93 -9.20 -63.57 -11.10
CA GLU H 93 -9.07 -62.13 -11.31
C GLU H 93 -8.46 -61.85 -12.66
N LYS H 94 -8.92 -60.76 -13.29
CA LYS H 94 -8.46 -60.38 -14.62
C LYS H 94 -7.67 -59.08 -14.59
N GLY H 95 -6.71 -58.97 -15.51
CA GLY H 95 -5.89 -57.78 -15.63
C GLY H 95 -5.63 -57.44 -17.09
N MET H 96 -5.11 -56.24 -17.31
CA MET H 96 -4.82 -55.74 -18.65
C MET H 96 -3.42 -55.15 -18.69
N GLY H 97 -2.93 -54.92 -19.90
CA GLY H 97 -1.61 -54.36 -20.11
C GLY H 97 -1.30 -54.06 -21.57
N THR H 98 -0.47 -53.04 -21.80
CA THR H 98 -0.13 -52.61 -23.16
C THR H 98 1.07 -53.40 -23.68
N ILE H 99 1.08 -53.63 -24.99
CA ILE H 99 2.14 -54.38 -25.64
C ILE H 99 3.20 -53.39 -26.15
N SER H 100 4.38 -53.44 -25.56
CA SER H 100 5.48 -52.55 -25.95
C SER H 100 6.04 -52.96 -27.31
N GLU H 101 6.34 -51.94 -28.13
CA GLU H 101 6.98 -52.12 -29.45
C GLU H 101 6.26 -53.14 -30.33
N GLU H 102 4.93 -53.21 -30.18
CA GLU H 102 4.05 -54.07 -30.96
C GLU H 102 4.51 -55.52 -30.98
N GLU H 103 5.34 -55.91 -30.03
CA GLU H 103 5.72 -57.30 -29.83
C GLU H 103 5.75 -57.54 -28.34
N VAL H 104 5.19 -58.66 -27.90
CA VAL H 104 5.08 -58.90 -26.47
C VAL H 104 6.44 -59.30 -25.92
N SER H 105 6.86 -58.60 -24.87
CA SER H 105 8.10 -58.89 -24.17
C SER H 105 7.81 -59.44 -22.79
N GLN H 106 8.87 -59.87 -22.11
CA GLN H 106 8.72 -60.42 -20.77
C GLN H 106 8.20 -59.37 -19.80
N ASP H 107 8.54 -58.09 -20.01
CA ASP H 107 8.03 -57.05 -19.14
C ASP H 107 6.52 -56.88 -19.31
N ASP H 108 6.05 -56.88 -20.55
CA ASP H 108 4.61 -56.81 -20.80
C ASP H 108 3.89 -58.01 -20.19
N MET H 109 4.52 -59.18 -20.25
CA MET H 109 3.93 -60.39 -19.68
C MET H 109 3.76 -60.26 -18.18
N ASP H 110 4.84 -59.89 -17.47
CA ASP H 110 4.76 -59.77 -16.02
C ASP H 110 3.82 -58.65 -15.59
N ARG H 111 3.88 -57.51 -16.27
CA ARG H 111 3.02 -56.39 -15.93
C ARG H 111 1.54 -56.75 -16.03
N ALA H 112 1.16 -57.46 -17.09
CA ALA H 112 -0.24 -57.84 -17.26
C ALA H 112 -0.70 -58.76 -16.13
N ILE H 113 0.15 -59.73 -15.74
CA ILE H 113 -0.18 -60.57 -14.60
C ILE H 113 -0.21 -59.75 -13.32
N HIS H 114 0.73 -58.80 -13.19
CA HIS H 114 0.82 -57.99 -11.98
C HIS H 114 -0.45 -57.19 -11.76
N THR H 115 -1.09 -56.72 -12.84
CA THR H 115 -2.33 -55.98 -12.70
C THR H 115 -3.47 -56.89 -12.27
N ALA H 116 -3.47 -58.14 -12.74
CA ALA H 116 -4.51 -59.09 -12.34
C ALA H 116 -4.23 -59.67 -10.97
N LYS H 117 -2.96 -59.79 -10.60
CA LYS H 117 -2.61 -60.35 -9.30
C LYS H 117 -2.89 -59.35 -8.18
N SER H 118 -2.31 -58.16 -8.29
CA SER H 118 -2.43 -57.15 -7.23
C SER H 118 -3.87 -56.69 -7.12
N ILE H 119 -4.52 -57.09 -6.03
CA ILE H 119 -5.88 -56.64 -5.68
C ILE H 119 -5.88 -56.49 -4.16
N LYS H 120 -6.92 -55.85 -3.63
CA LYS H 120 -7.06 -55.68 -2.19
C LYS H 120 -7.91 -56.79 -1.62
N ILE H 121 -7.35 -57.56 -0.68
CA ILE H 121 -8.04 -58.69 -0.07
C ILE H 121 -8.33 -58.46 1.41
N GLY H 122 -7.75 -57.44 2.01
CA GLY H 122 -7.82 -57.20 3.44
C GLY H 122 -6.56 -57.68 4.14
N ASP H 123 -6.38 -57.20 5.37
CA ASP H 123 -5.18 -57.54 6.12
C ASP H 123 -5.26 -58.90 6.79
N GLU H 124 -6.46 -59.46 6.92
CA GLU H 124 -6.61 -60.79 7.52
C GLU H 124 -6.32 -61.91 6.54
N GLN H 125 -6.52 -61.67 5.25
CA GLN H 125 -6.31 -62.68 4.22
C GLN H 125 -4.89 -62.55 3.66
N ARG H 126 -4.47 -63.58 2.93
CA ARG H 126 -3.12 -63.61 2.36
C ARG H 126 -3.11 -64.53 1.15
N ILE H 127 -2.50 -64.08 0.06
CA ILE H 127 -2.41 -64.89 -1.14
C ILE H 127 -1.44 -66.05 -0.93
N LEU H 128 -1.73 -67.18 -1.56
CA LEU H 128 -0.90 -68.37 -1.43
C LEU H 128 -0.33 -68.85 -2.75
N HIS H 129 -1.12 -68.84 -3.83
CA HIS H 129 -0.67 -69.31 -5.13
C HIS H 129 -1.21 -68.40 -6.22
N VAL H 130 -0.40 -68.16 -7.24
CA VAL H 130 -0.78 -67.39 -8.42
C VAL H 130 -0.60 -68.28 -9.63
N ILE H 131 -1.70 -68.57 -10.32
CA ILE H 131 -1.70 -69.50 -11.45
C ILE H 131 -2.24 -68.77 -12.68
N PRO H 132 -1.39 -68.41 -13.63
CA PRO H 132 -1.90 -67.80 -14.87
C PRO H 132 -2.70 -68.80 -15.66
N GLN H 133 -3.83 -68.33 -16.19
CA GLN H 133 -4.75 -69.14 -16.97
C GLN H 133 -4.66 -68.70 -18.43
N GLU H 134 -5.76 -68.83 -19.17
CA GLU H 134 -5.75 -68.48 -20.58
C GLU H 134 -5.49 -66.99 -20.76
N PHE H 135 -4.62 -66.66 -21.71
CA PHE H 135 -4.31 -65.29 -22.08
C PHE H 135 -5.33 -64.83 -23.12
N THR H 136 -5.19 -63.58 -23.55
CA THR H 136 -6.08 -63.01 -24.57
C THR H 136 -5.38 -61.82 -25.19
N ILE H 137 -5.08 -61.90 -26.50
CA ILE H 137 -4.39 -60.83 -27.20
C ILE H 137 -5.40 -60.09 -28.05
N ASP H 138 -5.56 -58.79 -27.78
CA ASP H 138 -6.42 -57.91 -28.56
C ASP H 138 -7.76 -58.49 -28.98
N TYR H 139 -8.32 -59.42 -28.20
CA TYR H 139 -9.65 -59.99 -28.41
C TYR H 139 -9.57 -61.22 -29.30
N GLN H 140 -8.42 -61.89 -29.26
CA GLN H 140 -8.25 -63.16 -29.94
C GLN H 140 -8.55 -64.29 -28.96
N GLU H 141 -8.37 -65.53 -29.40
CA GLU H 141 -8.84 -66.67 -28.64
C GLU H 141 -7.76 -67.19 -27.69
N GLY H 142 -8.19 -67.62 -26.51
CA GLY H 142 -7.38 -68.26 -25.48
C GLY H 142 -5.95 -68.70 -25.76
N ILE H 143 -5.08 -67.76 -26.10
CA ILE H 143 -3.65 -68.05 -26.23
C ILE H 143 -3.04 -68.31 -24.86
N LYS H 144 -2.16 -69.30 -24.77
CA LYS H 144 -1.40 -69.54 -23.55
C LYS H 144 0.07 -69.25 -23.81
N ASN H 145 0.67 -68.38 -22.98
CA ASN H 145 2.04 -67.89 -23.10
C ASN H 145 2.29 -67.42 -24.53
N PRO H 146 1.86 -66.21 -24.88
CA PRO H 146 2.11 -65.68 -26.22
C PRO H 146 3.35 -64.81 -26.25
N LEU H 147 4.55 -65.38 -26.10
CA LEU H 147 5.76 -64.58 -26.14
C LEU H 147 6.22 -64.49 -27.59
N GLY H 148 6.53 -63.26 -28.03
CA GLY H 148 6.93 -63.01 -29.40
C GLY H 148 5.78 -62.74 -30.34
N LEU H 149 4.54 -62.96 -29.91
CA LEU H 149 3.38 -62.76 -30.76
C LEU H 149 3.13 -61.27 -30.96
N SER H 150 2.14 -60.95 -31.79
CA SER H 150 1.85 -59.56 -32.15
C SER H 150 0.49 -59.12 -31.62
N GLY H 151 0.41 -57.85 -31.25
CA GLY H 151 -0.82 -57.28 -30.77
C GLY H 151 -0.61 -55.85 -30.31
N VAL H 152 -1.63 -55.32 -29.63
CA VAL H 152 -1.58 -53.97 -29.07
C VAL H 152 -1.90 -54.02 -27.57
N ARG H 153 -2.88 -54.84 -27.20
CA ARG H 153 -3.30 -54.95 -25.81
C ARG H 153 -3.76 -56.36 -25.50
N MET H 154 -3.54 -56.78 -24.26
CA MET H 154 -3.86 -58.13 -23.83
C MET H 154 -4.67 -58.11 -22.54
N GLU H 155 -5.20 -59.27 -22.20
CA GLU H 155 -5.95 -59.49 -20.96
C GLU H 155 -5.53 -60.83 -20.38
N VAL H 156 -5.65 -60.95 -19.06
CA VAL H 156 -5.18 -62.12 -18.33
C VAL H 156 -6.29 -62.64 -17.43
N SER H 157 -6.33 -63.96 -17.28
CA SER H 157 -7.12 -64.62 -16.26
C SER H 157 -6.14 -65.34 -15.34
N VAL H 158 -6.18 -65.02 -14.06
CA VAL H 158 -5.26 -65.61 -13.09
C VAL H 158 -6.07 -66.29 -11.99
N HIS H 159 -5.62 -67.48 -11.59
CA HIS H 159 -6.23 -68.21 -10.49
C HIS H 159 -5.51 -67.85 -9.20
N LEU H 160 -6.27 -67.44 -8.19
CA LEU H 160 -5.72 -66.98 -6.93
C LEU H 160 -6.15 -67.93 -5.83
N ILE H 161 -5.18 -68.46 -5.08
CA ILE H 161 -5.42 -69.26 -3.90
C ILE H 161 -5.05 -68.40 -2.70
N SER H 162 -5.98 -68.24 -1.77
CA SER H 162 -5.74 -67.39 -0.61
C SER H 162 -6.09 -68.16 0.65
N CYS H 163 -5.48 -67.75 1.76
CA CYS H 163 -5.68 -68.38 3.05
C CYS H 163 -5.63 -67.33 4.15
N HIS H 164 -6.22 -67.66 5.28
CA HIS H 164 -6.16 -66.78 6.44
C HIS H 164 -4.71 -66.60 6.88
N ASN H 165 -4.29 -65.34 7.03
CA ASN H 165 -2.90 -65.06 7.37
C ASN H 165 -2.53 -65.61 8.74
N ASP H 166 -3.44 -65.50 9.71
CA ASP H 166 -3.17 -65.98 11.05
C ASP H 166 -2.88 -67.48 11.05
N MET H 167 -3.70 -68.26 10.33
CA MET H 167 -3.46 -69.69 10.25
C MET H 167 -2.16 -70.01 9.50
N ALA H 168 -1.72 -69.10 8.63
CA ALA H 168 -0.44 -69.28 7.97
C ALA H 168 0.72 -68.86 8.87
N ARG H 169 0.50 -67.81 9.67
CA ARG H 169 1.54 -67.35 10.60
C ARG H 169 1.91 -68.44 11.60
N ASN H 170 0.90 -69.14 12.14
CA ASN H 170 1.17 -70.15 13.16
C ASN H 170 1.92 -71.35 12.58
N ILE H 171 1.58 -71.75 11.35
CA ILE H 171 2.28 -72.87 10.73
C ILE H 171 3.75 -72.53 10.48
N ILE H 172 4.02 -71.30 10.03
CA ILE H 172 5.41 -70.87 9.88
C ILE H 172 6.08 -70.75 11.25
N LYS H 173 5.37 -70.22 12.24
CA LYS H 173 5.93 -70.05 13.57
C LYS H 173 6.38 -71.39 14.16
N ALA H 174 5.59 -72.45 13.96
CA ALA H 174 5.94 -73.76 14.49
C ALA H 174 7.20 -74.30 13.84
N VAL H 175 7.29 -74.20 12.50
CA VAL H 175 8.45 -74.74 11.79
C VAL H 175 9.68 -73.87 12.07
N GLU H 176 9.50 -72.55 12.11
CA GLU H 176 10.62 -71.65 12.38
C GLU H 176 11.20 -71.89 13.78
N ARG H 177 10.36 -72.30 14.73
CA ARG H 177 10.83 -72.56 16.08
C ARG H 177 11.76 -73.77 16.17
N CYS H 178 11.77 -74.63 15.15
CA CYS H 178 12.65 -75.78 15.11
C CYS H 178 13.96 -75.49 14.38
N GLY H 179 14.35 -74.22 14.29
CA GLY H 179 15.56 -73.85 13.58
C GLY H 179 15.50 -73.97 12.08
N LEU H 180 14.32 -74.25 11.51
CA LEU H 180 14.16 -74.40 10.08
C LEU H 180 13.52 -73.16 9.48
N LYS H 181 13.77 -72.96 8.19
CA LYS H 181 13.19 -71.86 7.43
C LYS H 181 12.32 -72.42 6.32
N VAL H 182 11.11 -71.88 6.18
CA VAL H 182 10.18 -72.34 5.15
C VAL H 182 10.49 -71.62 3.84
N GLU H 183 10.37 -72.35 2.73
CA GLU H 183 10.56 -71.78 1.41
C GLU H 183 9.26 -71.22 0.84
N GLN H 184 8.19 -72.02 0.88
CA GLN H 184 6.89 -71.61 0.37
C GLN H 184 5.82 -72.43 1.06
N LEU H 185 4.68 -71.80 1.29
CA LEU H 185 3.52 -72.51 1.81
C LEU H 185 2.71 -73.04 0.63
N VAL H 186 2.23 -74.27 0.75
CA VAL H 186 1.58 -74.96 -0.35
C VAL H 186 0.21 -75.45 0.11
N PHE H 187 -0.81 -75.22 -0.71
CA PHE H 187 -2.13 -75.75 -0.45
C PHE H 187 -2.10 -77.27 -0.56
N SER H 188 -2.66 -77.94 0.45
CA SER H 188 -2.61 -79.40 0.52
C SER H 188 -3.20 -80.04 -0.74
N GLY H 189 -4.41 -79.61 -1.12
CA GLY H 189 -5.05 -80.20 -2.29
C GLY H 189 -4.26 -80.04 -3.57
N LEU H 190 -3.45 -78.98 -3.66
CA LEU H 190 -2.60 -78.81 -4.83
C LEU H 190 -1.46 -79.82 -4.82
N ALA H 191 -0.82 -79.99 -3.66
CA ALA H 191 0.24 -81.01 -3.56
C ALA H 191 -0.34 -82.41 -3.67
N SER H 192 -1.48 -82.66 -3.03
CA SER H 192 -2.12 -83.97 -3.14
C SER H 192 -2.56 -84.26 -4.57
N SER H 193 -2.80 -83.24 -5.38
CA SER H 193 -3.12 -83.44 -6.78
C SER H 193 -1.89 -83.58 -7.64
N ASN H 194 -0.74 -83.03 -7.20
CA ASN H 194 0.47 -83.04 -8.00
C ASN H 194 1.16 -84.40 -8.02
N ALA H 195 0.72 -85.34 -7.18
CA ALA H 195 1.36 -86.65 -7.12
C ALA H 195 0.34 -87.79 -7.09
N VAL H 196 -0.88 -87.56 -7.57
CA VAL H 196 -1.91 -88.58 -7.59
C VAL H 196 -2.52 -88.60 -8.99
N ILE H 197 -2.24 -87.56 -9.77
CA ILE H 197 -2.81 -87.37 -11.10
C ILE H 197 -1.72 -87.52 -12.14
N THR H 198 -2.03 -88.23 -13.22
CA THR H 198 -1.17 -88.25 -14.40
C THR H 198 -1.60 -87.17 -15.38
N GLU H 199 -0.63 -86.67 -16.16
CA GLU H 199 -0.88 -85.55 -17.05
C GLU H 199 -2.06 -85.82 -17.99
N ASP H 200 -2.20 -87.05 -18.47
CA ASP H 200 -3.34 -87.38 -19.32
C ASP H 200 -4.65 -87.16 -18.60
N GLU H 201 -4.70 -87.43 -17.28
CA GLU H 201 -5.94 -87.26 -16.54
C GLU H 201 -6.37 -85.80 -16.47
N ARG H 202 -5.39 -84.89 -16.34
CA ARG H 202 -5.70 -83.47 -16.22
C ARG H 202 -6.46 -82.96 -17.45
N GLU H 203 -6.08 -83.42 -18.64
CA GLU H 203 -6.68 -82.90 -19.86
C GLU H 203 -8.16 -83.27 -19.99
N LEU H 204 -8.57 -84.43 -19.48
CA LEU H 204 -9.99 -84.79 -19.54
C LEU H 204 -10.81 -84.26 -18.38
N GLY H 205 -10.18 -83.98 -17.23
CA GLY H 205 -10.91 -83.48 -16.09
C GLY H 205 -11.02 -84.44 -14.93
N VAL H 206 -10.39 -84.08 -13.81
CA VAL H 206 -10.35 -84.91 -12.61
C VAL H 206 -10.65 -84.02 -11.40
N CYS H 207 -11.16 -84.64 -10.34
CA CYS H 207 -11.37 -83.99 -9.06
C CYS H 207 -10.75 -84.85 -7.96
N VAL H 208 -9.67 -84.36 -7.36
CA VAL H 208 -9.06 -85.04 -6.23
C VAL H 208 -9.67 -84.52 -4.94
N VAL H 209 -9.49 -85.28 -3.87
CA VAL H 209 -10.00 -84.91 -2.55
C VAL H 209 -9.27 -85.70 -1.48
N ASP H 210 -8.29 -85.07 -0.85
CA ASP H 210 -7.48 -85.68 0.20
C ASP H 210 -8.29 -85.67 1.50
N ILE H 211 -8.99 -86.77 1.77
CA ILE H 211 -9.74 -86.92 3.01
C ILE H 211 -8.74 -87.29 4.10
N GLY H 212 -8.32 -86.31 4.89
CA GLY H 212 -7.38 -86.51 5.96
C GLY H 212 -8.10 -86.77 7.25
N ALA H 213 -7.48 -86.41 8.37
CA ALA H 213 -8.10 -86.57 9.67
C ALA H 213 -8.84 -85.32 10.13
N GLY H 214 -8.97 -84.31 9.28
CA GLY H 214 -9.56 -83.06 9.71
C GLY H 214 -10.06 -82.18 8.58
N THR H 215 -9.38 -82.21 7.44
CA THR H 215 -9.70 -81.33 6.33
C THR H 215 -9.96 -82.16 5.07
N MET H 216 -10.95 -81.71 4.30
CA MET H 216 -11.29 -82.31 3.00
C MET H 216 -10.78 -81.38 1.92
N ASP H 217 -9.58 -81.65 1.43
CA ASP H 217 -8.91 -80.78 0.47
C ASP H 217 -9.35 -81.17 -0.94
N ILE H 218 -10.25 -80.38 -1.52
CA ILE H 218 -10.83 -80.67 -2.82
C ILE H 218 -10.15 -79.79 -3.87
N SER H 219 -9.77 -80.40 -4.99
CA SER H 219 -9.20 -79.66 -6.12
C SER H 219 -9.84 -80.18 -7.40
N ILE H 220 -10.29 -79.27 -8.25
CA ILE H 220 -10.98 -79.62 -9.49
C ILE H 220 -10.13 -79.15 -10.65
N TRP H 221 -9.89 -80.05 -11.59
CA TRP H 221 -9.07 -79.77 -12.76
C TRP H 221 -9.87 -80.11 -14.01
N THR H 222 -9.92 -79.18 -14.96
CA THR H 222 -10.48 -79.44 -16.27
C THR H 222 -9.61 -78.74 -17.32
N GLY H 223 -9.43 -79.41 -18.45
CA GLY H 223 -8.61 -78.86 -19.51
C GLY H 223 -7.16 -78.66 -19.13
N GLY H 224 -6.67 -79.40 -18.13
CA GLY H 224 -5.29 -79.30 -17.70
C GLY H 224 -4.97 -78.08 -16.86
N ALA H 225 -5.96 -77.47 -16.23
CA ALA H 225 -5.73 -76.29 -15.40
C ALA H 225 -6.57 -76.37 -14.13
N LEU H 226 -6.05 -75.78 -13.06
CA LEU H 226 -6.76 -75.73 -11.79
C LEU H 226 -7.83 -74.65 -11.88
N ARG H 227 -9.09 -75.07 -11.86
CA ARG H 227 -10.21 -74.14 -12.06
C ARG H 227 -10.93 -73.78 -10.76
N HIS H 228 -11.06 -74.72 -9.83
CA HIS H 228 -11.70 -74.42 -8.56
C HIS H 228 -10.94 -75.11 -7.44
N THR H 229 -11.07 -74.53 -6.25
CA THR H 229 -10.43 -75.06 -5.05
C THR H 229 -11.38 -74.84 -3.89
N GLU H 230 -11.70 -75.93 -3.18
CA GLU H 230 -12.58 -75.87 -2.03
C GLU H 230 -12.06 -76.85 -1.00
N VAL H 231 -12.24 -76.50 0.27
CA VAL H 231 -11.75 -77.29 1.39
C VAL H 231 -12.83 -77.33 2.46
N PHE H 232 -13.05 -78.50 3.03
CA PHE H 232 -13.98 -78.65 4.13
C PHE H 232 -13.24 -79.17 5.36
N SER H 233 -13.52 -78.57 6.52
CA SER H 233 -13.06 -79.12 7.79
C SER H 233 -14.03 -80.15 8.33
N TYR H 234 -14.69 -80.84 7.41
CA TYR H 234 -15.75 -81.80 7.68
C TYR H 234 -15.37 -83.11 7.01
N ALA H 235 -14.67 -83.97 7.76
CA ALA H 235 -14.21 -85.29 7.29
C ALA H 235 -13.36 -85.96 8.36
N GLY H 236 -12.59 -86.99 7.98
CA GLY H 236 -11.73 -87.75 8.88
C GLY H 236 -12.26 -88.11 10.25
N ASN H 237 -11.82 -87.35 11.27
CA ASN H 237 -12.11 -87.68 12.67
C ASN H 237 -13.61 -87.73 12.92
N ALA H 238 -14.39 -87.15 12.02
CA ALA H 238 -15.84 -87.11 12.16
C ALA H 238 -16.43 -88.52 12.29
N VAL H 239 -16.05 -89.43 11.39
CA VAL H 239 -16.62 -90.78 11.45
C VAL H 239 -16.13 -91.53 12.69
N THR H 240 -14.93 -91.21 13.18
CA THR H 240 -14.46 -91.76 14.45
C THR H 240 -15.42 -91.40 15.58
N SER H 241 -15.88 -90.14 15.59
CA SER H 241 -16.84 -89.69 16.60
C SER H 241 -18.14 -90.48 16.55
N ASP H 242 -18.52 -90.96 15.36
CA ASP H 242 -19.76 -91.71 15.23
C ASP H 242 -19.74 -92.99 16.04
N ILE H 243 -18.64 -93.75 15.93
CA ILE H 243 -18.53 -95.03 16.64
C ILE H 243 -18.57 -94.80 18.14
N ALA H 244 -17.82 -93.80 18.61
CA ALA H 244 -17.80 -93.51 20.05
C ALA H 244 -19.13 -92.97 20.54
N PHE H 245 -19.80 -92.14 19.74
CA PHE H 245 -21.03 -91.51 20.20
C PHE H 245 -22.22 -92.46 20.16
N ALA H 246 -22.22 -93.42 19.24
CA ALA H 246 -23.37 -94.31 19.06
C ALA H 246 -23.22 -95.64 19.79
N PHE H 247 -22.04 -95.96 20.30
CA PHE H 247 -21.80 -97.24 20.94
C PHE H 247 -21.37 -97.11 22.40
N GLY H 248 -21.21 -95.90 22.92
CA GLY H 248 -20.73 -95.72 24.28
C GLY H 248 -19.28 -96.10 24.46
N THR H 249 -18.46 -95.89 23.45
CA THR H 249 -17.05 -96.22 23.35
C THR H 249 -16.18 -94.97 23.47
N PRO H 250 -14.99 -95.07 24.05
CA PRO H 250 -14.06 -93.94 23.99
C PRO H 250 -13.50 -93.76 22.59
N LEU H 251 -13.06 -92.53 22.32
CA LEU H 251 -12.50 -92.20 21.00
C LEU H 251 -11.29 -93.08 20.67
N SER H 252 -10.40 -93.27 21.64
CA SER H 252 -9.18 -94.04 21.39
C SER H 252 -9.49 -95.46 20.89
N ASP H 253 -10.64 -96.01 21.26
CA ASP H 253 -11.02 -97.33 20.77
C ASP H 253 -11.79 -97.26 19.47
N ALA H 254 -12.65 -96.25 19.33
CA ALA H 254 -13.44 -96.11 18.10
C ALA H 254 -12.55 -95.94 16.89
N GLU H 255 -11.40 -95.29 17.05
CA GLU H 255 -10.45 -95.18 15.95
C GLU H 255 -9.93 -96.55 15.55
N GLU H 256 -9.54 -97.36 16.53
CA GLU H 256 -9.00 -98.69 16.23
C GLU H 256 -10.07 -99.59 15.62
N ILE H 257 -11.32 -99.45 16.04
CA ILE H 257 -12.40 -100.23 15.45
C ILE H 257 -12.63 -99.83 14.01
N LYS H 258 -12.60 -98.53 13.72
CA LYS H 258 -12.79 -98.05 12.36
C LYS H 258 -11.71 -98.56 11.43
N VAL H 259 -10.45 -98.47 11.86
CA VAL H 259 -9.33 -98.82 10.99
C VAL H 259 -9.28 -100.31 10.72
N LYS H 260 -9.77 -101.13 11.66
CA LYS H 260 -9.62 -102.57 11.55
C LYS H 260 -10.92 -103.30 11.21
N TYR H 261 -12.08 -102.68 11.43
CA TYR H 261 -13.35 -103.33 11.11
C TYR H 261 -14.34 -102.44 10.38
N GLY H 262 -13.97 -101.21 10.01
CA GLY H 262 -14.91 -100.30 9.39
C GLY H 262 -15.14 -100.61 7.92
N CYS H 263 -16.34 -100.29 7.45
CA CYS H 263 -16.71 -100.43 6.06
C CYS H 263 -17.61 -99.27 5.65
N ALA H 264 -17.37 -98.74 4.46
CA ALA H 264 -18.12 -97.59 3.96
C ALA H 264 -19.44 -97.97 3.31
N LEU H 265 -19.69 -99.26 3.07
CA LEU H 265 -20.96 -99.73 2.53
C LEU H 265 -21.48 -100.83 3.45
N SER H 266 -22.71 -100.66 3.95
CA SER H 266 -23.29 -101.59 4.91
C SER H 266 -23.81 -102.87 4.28
N GLU H 267 -23.39 -103.20 3.05
CA GLU H 267 -23.81 -104.44 2.41
C GLU H 267 -22.65 -105.36 2.04
N LEU H 268 -21.41 -104.85 2.01
CA LEU H 268 -20.27 -105.70 1.72
C LEU H 268 -19.88 -106.58 2.89
N VAL H 269 -20.34 -106.26 4.09
CA VAL H 269 -20.05 -107.05 5.29
C VAL H 269 -21.12 -108.12 5.44
N SER H 270 -20.71 -109.27 5.96
CA SER H 270 -21.65 -110.36 6.19
C SER H 270 -22.36 -110.18 7.54
N LYS H 271 -23.34 -111.05 7.79
CA LYS H 271 -24.09 -111.01 9.03
C LYS H 271 -23.47 -111.88 10.12
N ASP H 272 -22.43 -112.65 9.80
CA ASP H 272 -21.72 -113.44 10.79
C ASP H 272 -20.52 -112.72 11.39
N ASP H 273 -20.03 -111.68 10.71
CA ASP H 273 -18.88 -110.93 11.23
C ASP H 273 -19.28 -110.18 12.49
N THR H 274 -18.50 -110.36 13.56
CA THR H 274 -18.77 -109.73 14.83
C THR H 274 -17.47 -109.16 15.40
N VAL H 275 -17.60 -108.07 16.17
CA VAL H 275 -16.46 -107.40 16.77
C VAL H 275 -16.74 -107.24 18.27
N ASN H 276 -15.66 -107.01 19.01
CA ASN H 276 -15.71 -106.82 20.46
C ASN H 276 -15.45 -105.35 20.76
N VAL H 277 -16.53 -104.58 20.92
CA VAL H 277 -16.40 -103.17 21.23
C VAL H 277 -16.18 -103.01 22.73
N PRO H 278 -15.08 -102.40 23.15
CA PRO H 278 -14.82 -102.21 24.59
C PRO H 278 -15.64 -101.03 25.12
N SER H 279 -15.46 -100.77 26.41
CA SER H 279 -16.11 -99.65 27.08
C SER H 279 -15.13 -99.10 28.12
N VAL H 280 -15.66 -98.34 29.08
CA VAL H 280 -14.84 -97.76 30.15
C VAL H 280 -14.41 -98.87 31.10
N GLY H 281 -13.63 -98.52 32.12
CA GLY H 281 -13.08 -99.52 33.02
C GLY H 281 -14.11 -100.25 33.86
N GLY H 282 -15.29 -99.65 34.03
CA GLY H 282 -16.30 -100.24 34.87
C GLY H 282 -17.55 -100.68 34.13
N ARG H 283 -17.42 -100.91 32.82
CA ARG H 283 -18.55 -101.35 32.01
C ARG H 283 -18.13 -102.52 31.13
N PRO H 284 -18.96 -103.55 31.02
CA PRO H 284 -18.59 -104.73 30.24
C PRO H 284 -18.68 -104.50 28.75
N SER H 285 -17.75 -105.10 28.01
CA SER H 285 -17.78 -105.04 26.56
C SER H 285 -18.89 -105.95 26.03
N ARG H 286 -19.49 -105.52 24.92
CA ARG H 286 -20.58 -106.25 24.28
C ARG H 286 -20.16 -106.68 22.88
N SER H 287 -20.38 -107.95 22.56
CA SER H 287 -20.10 -108.46 21.22
C SER H 287 -21.14 -107.89 20.26
N LEU H 288 -20.73 -106.90 19.47
CA LEU H 288 -21.61 -106.20 18.56
C LEU H 288 -21.35 -106.64 17.12
N GLN H 289 -22.39 -106.58 16.30
CA GLN H 289 -22.28 -107.03 14.92
C GLN H 289 -21.42 -106.07 14.11
N ARG H 290 -20.63 -106.63 13.18
CA ARG H 290 -19.81 -105.79 12.32
C ARG H 290 -20.64 -105.06 11.28
N GLN H 291 -21.79 -105.62 10.90
CA GLN H 291 -22.67 -104.93 9.95
C GLN H 291 -23.28 -103.68 10.59
N THR H 292 -23.61 -103.76 11.87
CA THR H 292 -24.15 -102.58 12.56
C THR H 292 -23.14 -101.44 12.58
N LEU H 293 -21.86 -101.76 12.67
CA LEU H 293 -20.83 -100.73 12.61
C LEU H 293 -20.82 -100.07 11.23
N ALA H 294 -20.87 -100.89 10.17
CA ALA H 294 -20.90 -100.33 8.82
C ALA H 294 -22.20 -99.56 8.55
N GLU H 295 -23.28 -99.90 9.25
CA GLU H 295 -24.51 -99.14 9.11
C GLU H 295 -24.39 -97.73 9.67
N VAL H 296 -23.33 -97.45 10.44
CA VAL H 296 -23.07 -96.12 10.95
C VAL H 296 -22.08 -95.36 10.07
N ILE H 297 -21.10 -96.07 9.51
CA ILE H 297 -20.09 -95.46 8.66
C ILE H 297 -20.61 -95.22 7.24
N GLU H 298 -21.51 -96.07 6.75
CA GLU H 298 -21.97 -95.95 5.36
C GLU H 298 -22.67 -94.63 5.06
N PRO H 299 -23.70 -94.20 5.79
CA PRO H 299 -24.36 -92.94 5.42
C PRO H 299 -23.43 -91.74 5.52
N ARG H 300 -22.47 -91.81 6.44
CA ARG H 300 -21.56 -90.70 6.68
C ARG H 300 -20.59 -90.51 5.52
N TYR H 301 -19.96 -91.59 5.07
CA TYR H 301 -19.09 -91.51 3.91
C TYR H 301 -19.86 -91.11 2.67
N THR H 302 -21.11 -91.56 2.56
CA THR H 302 -21.96 -91.17 1.44
C THR H 302 -22.23 -89.67 1.49
N GLU H 303 -22.46 -89.12 2.69
CA GLU H 303 -22.72 -87.70 2.81
C GLU H 303 -21.46 -86.88 2.56
N LEU H 304 -20.30 -87.37 3.00
CA LEU H 304 -19.05 -86.67 2.75
C LEU H 304 -18.83 -86.48 1.25
N MET H 305 -19.16 -87.51 0.46
CA MET H 305 -19.06 -87.39 -0.98
C MET H 305 -20.15 -86.47 -1.53
N GLY H 306 -21.30 -86.40 -0.85
CA GLY H 306 -22.36 -85.51 -1.29
C GLY H 306 -21.94 -84.06 -1.32
N LEU H 307 -21.08 -83.65 -0.37
CA LEU H 307 -20.53 -82.30 -0.42
C LEU H 307 -19.62 -82.13 -1.62
N VAL H 308 -18.86 -83.17 -1.97
CA VAL H 308 -18.03 -83.11 -3.16
C VAL H 308 -18.89 -83.07 -4.43
N ASN H 309 -19.93 -83.91 -4.47
CA ASN H 309 -20.81 -83.94 -5.64
C ASN H 309 -21.48 -82.59 -5.86
N GLN H 310 -22.00 -81.99 -4.79
CA GLN H 310 -22.62 -80.68 -4.91
C GLN H 310 -21.60 -79.63 -5.36
N THR H 311 -20.36 -79.73 -4.87
CA THR H 311 -19.31 -78.82 -5.30
C THR H 311 -19.03 -78.97 -6.79
N ILE H 312 -18.97 -80.21 -7.28
CA ILE H 312 -18.76 -80.44 -8.71
C ILE H 312 -19.88 -79.82 -9.53
N ASP H 313 -21.12 -80.01 -9.08
CA ASP H 313 -22.26 -79.47 -9.82
C ASP H 313 -22.23 -77.95 -9.86
N ASN H 314 -21.89 -77.31 -8.74
CA ASN H 314 -21.84 -75.86 -8.71
C ASN H 314 -20.68 -75.31 -9.53
N VAL H 315 -19.57 -76.04 -9.60
CA VAL H 315 -18.44 -75.60 -10.42
C VAL H 315 -18.70 -75.90 -11.88
N GLN H 316 -19.24 -77.09 -12.19
CA GLN H 316 -19.53 -77.45 -13.58
C GLN H 316 -20.56 -76.52 -14.19
N ALA H 317 -21.53 -76.05 -13.39
CA ALA H 317 -22.55 -75.14 -13.91
C ALA H 317 -21.92 -73.82 -14.35
N LYS H 318 -21.16 -73.18 -13.45
CA LYS H 318 -20.50 -71.93 -13.81
C LYS H 318 -19.46 -72.11 -14.90
N LEU H 319 -18.88 -73.30 -15.02
CA LEU H 319 -17.85 -73.49 -16.04
C LEU H 319 -18.43 -73.64 -17.43
N ARG H 320 -19.64 -74.17 -17.56
CA ARG H 320 -20.27 -74.26 -18.88
C ARG H 320 -21.06 -73.01 -19.21
N GLU H 321 -21.65 -72.36 -18.19
CA GLU H 321 -22.35 -71.10 -18.34
C GLU H 321 -21.33 -69.96 -18.40
N ASN H 322 -20.33 -70.11 -19.27
CA ASN H 322 -19.16 -69.25 -19.37
C ASN H 322 -18.15 -69.89 -20.31
N GLY H 323 -18.66 -70.72 -21.20
CA GLY H 323 -17.90 -71.54 -22.14
C GLY H 323 -16.49 -71.96 -21.81
N VAL H 324 -16.35 -73.13 -21.19
CA VAL H 324 -15.05 -73.76 -20.98
C VAL H 324 -15.32 -75.22 -20.66
N LYS H 325 -14.28 -76.05 -20.77
CA LYS H 325 -14.44 -77.48 -20.59
C LYS H 325 -15.09 -77.77 -19.24
N HIS H 326 -16.28 -78.37 -19.29
CA HIS H 326 -17.11 -78.54 -18.11
C HIS H 326 -17.19 -79.97 -17.59
N HIS H 327 -16.77 -80.97 -18.38
CA HIS H 327 -16.97 -82.36 -18.01
C HIS H 327 -15.71 -82.95 -17.40
N LEU H 328 -15.92 -83.85 -16.44
CA LEU H 328 -14.85 -84.59 -15.77
C LEU H 328 -14.88 -86.02 -16.29
N ALA H 329 -14.03 -86.32 -17.27
CA ALA H 329 -14.07 -87.66 -17.86
C ALA H 329 -13.44 -88.69 -16.93
N ALA H 330 -12.25 -88.40 -16.40
CA ALA H 330 -11.58 -89.35 -15.52
C ALA H 330 -12.21 -89.43 -14.14
N GLY H 331 -13.20 -88.59 -13.83
CA GLY H 331 -13.95 -88.75 -12.59
C GLY H 331 -13.24 -88.20 -11.37
N VAL H 332 -13.46 -88.88 -10.24
CA VAL H 332 -13.00 -88.44 -8.92
C VAL H 332 -11.96 -89.43 -8.41
N VAL H 333 -10.94 -88.91 -7.74
CA VAL H 333 -9.86 -89.73 -7.19
C VAL H 333 -9.79 -89.48 -5.69
N LEU H 334 -9.99 -90.52 -4.90
CA LEU H 334 -9.90 -90.45 -3.45
C LEU H 334 -8.47 -90.66 -2.99
N THR H 335 -8.06 -89.90 -1.99
CA THR H 335 -6.72 -90.01 -1.43
C THR H 335 -6.79 -89.61 0.03
N GLY H 336 -5.66 -89.70 0.72
CA GLY H 336 -5.61 -89.40 2.13
C GLY H 336 -5.79 -90.64 2.99
N GLY H 337 -5.88 -90.39 4.31
CA GLY H 337 -5.99 -91.48 5.25
C GLY H 337 -7.36 -92.13 5.21
N ALA H 338 -8.42 -91.33 5.33
CA ALA H 338 -9.77 -91.86 5.39
C ALA H 338 -10.22 -92.52 4.10
N ALA H 339 -9.42 -92.45 3.03
CA ALA H 339 -9.70 -93.18 1.81
C ALA H 339 -9.29 -94.65 1.89
N GLN H 340 -8.79 -95.11 3.03
CA GLN H 340 -8.31 -96.48 3.17
C GLN H 340 -9.37 -97.44 3.70
N ILE H 341 -10.50 -96.93 4.21
CA ILE H 341 -11.52 -97.82 4.76
C ILE H 341 -12.12 -98.64 3.61
N GLU H 342 -12.63 -99.82 3.95
CA GLU H 342 -13.17 -100.71 2.94
C GLU H 342 -14.49 -100.17 2.40
N GLY H 343 -14.57 -100.06 1.07
CA GLY H 343 -15.80 -99.64 0.43
C GLY H 343 -15.91 -98.16 0.11
N VAL H 344 -14.81 -97.42 0.08
CA VAL H 344 -14.88 -96.01 -0.33
C VAL H 344 -15.30 -95.92 -1.77
N VAL H 345 -14.63 -96.68 -2.64
CA VAL H 345 -14.90 -96.65 -4.08
C VAL H 345 -16.33 -97.09 -4.36
N GLU H 346 -16.88 -97.97 -3.52
CA GLU H 346 -18.21 -98.51 -3.78
C GLU H 346 -19.31 -97.50 -3.46
N CYS H 347 -19.23 -96.84 -2.30
CA CYS H 347 -20.25 -95.88 -1.93
C CYS H 347 -19.99 -94.47 -2.45
N ALA H 348 -18.85 -94.23 -3.09
CA ALA H 348 -18.61 -92.95 -3.74
C ALA H 348 -19.09 -92.96 -5.18
N GLU H 349 -18.86 -94.07 -5.88
CA GLU H 349 -19.37 -94.24 -7.24
C GLU H 349 -20.89 -94.22 -7.28
N ARG H 350 -21.55 -94.42 -6.12
CA ARG H 350 -23.00 -94.44 -6.08
C ARG H 350 -23.62 -93.05 -6.06
N VAL H 351 -22.94 -92.05 -5.50
CA VAL H 351 -23.55 -90.73 -5.37
C VAL H 351 -23.19 -89.81 -6.54
N PHE H 352 -21.91 -89.70 -6.90
CA PHE H 352 -21.52 -88.98 -8.12
C PHE H 352 -21.13 -90.01 -9.17
N ARG H 353 -22.15 -90.64 -9.77
CA ARG H 353 -21.94 -91.69 -10.76
C ARG H 353 -20.96 -91.28 -11.85
N ASN H 354 -19.70 -91.65 -11.66
CA ASN H 354 -18.61 -91.34 -12.58
C ASN H 354 -17.48 -92.31 -12.25
N GLN H 355 -16.38 -92.23 -13.00
CA GLN H 355 -15.25 -93.08 -12.71
C GLN H 355 -14.62 -92.63 -11.40
N VAL H 356 -14.32 -93.58 -10.52
CA VAL H 356 -13.79 -93.27 -9.19
C VAL H 356 -12.70 -94.27 -8.84
N ARG H 357 -11.61 -93.78 -8.25
CA ARG H 357 -10.52 -94.63 -7.82
C ARG H 357 -9.91 -94.07 -6.53
N VAL H 358 -9.03 -94.86 -5.93
CA VAL H 358 -8.27 -94.46 -4.76
C VAL H 358 -6.82 -94.33 -5.19
N GLY H 359 -6.35 -93.09 -5.30
CA GLY H 359 -5.03 -92.81 -5.85
C GLY H 359 -3.93 -92.91 -4.82
N LYS H 360 -2.84 -93.54 -5.22
CA LYS H 360 -1.62 -93.63 -4.44
C LYS H 360 -0.53 -92.77 -5.07
N PRO H 361 0.50 -92.39 -4.32
CA PRO H 361 1.57 -91.57 -4.90
C PRO H 361 2.23 -92.22 -6.11
N LEU H 362 2.44 -91.41 -7.14
CA LEU H 362 3.07 -91.82 -8.39
C LEU H 362 4.38 -91.06 -8.56
N GLU H 363 5.15 -91.48 -9.56
CA GLU H 363 6.46 -90.91 -9.87
C GLU H 363 7.33 -90.86 -8.62
N VAL H 364 7.53 -92.04 -8.04
CA VAL H 364 8.38 -92.21 -6.86
C VAL H 364 9.50 -93.18 -7.19
N SER H 365 10.67 -92.94 -6.64
CA SER H 365 11.83 -93.80 -6.86
C SER H 365 12.60 -93.92 -5.55
N GLY H 366 12.99 -95.14 -5.20
CA GLY H 366 13.78 -95.35 -4.00
C GLY H 366 12.98 -95.20 -2.71
N LEU H 367 13.20 -96.12 -1.77
CA LEU H 367 12.50 -96.09 -0.48
C LEU H 367 10.99 -96.05 -0.69
N THR H 368 10.53 -96.82 -1.67
CA THR H 368 9.11 -96.90 -2.02
C THR H 368 8.29 -97.75 -1.06
N ASP H 369 8.82 -98.04 0.14
CA ASP H 369 8.09 -98.82 1.14
C ASP H 369 7.36 -97.93 2.14
N TYR H 370 7.90 -96.75 2.44
CA TYR H 370 7.24 -95.78 3.30
C TYR H 370 6.47 -94.75 2.50
N VAL H 371 6.34 -94.95 1.18
CA VAL H 371 5.62 -94.06 0.29
C VAL H 371 4.73 -94.91 -0.60
N LYS H 372 3.80 -95.64 0.01
CA LYS H 372 2.89 -96.51 -0.73
C LYS H 372 1.43 -96.20 -0.47
N GLU H 373 1.07 -95.93 0.78
CA GLU H 373 -0.32 -95.69 1.14
C GLU H 373 -0.74 -94.27 0.79
N PRO H 374 -2.04 -94.06 0.54
CA PRO H 374 -2.47 -92.74 0.05
C PRO H 374 -2.23 -91.58 1.01
N TYR H 375 -2.14 -91.84 2.32
CA TYR H 375 -1.97 -90.75 3.27
C TYR H 375 -0.61 -90.06 3.15
N HIS H 376 0.30 -90.59 2.34
CA HIS H 376 1.58 -89.94 2.08
C HIS H 376 1.53 -88.99 0.89
N SER H 377 0.40 -88.93 0.17
CA SER H 377 0.33 -88.14 -1.06
C SER H 377 0.61 -86.66 -0.80
N THR H 378 -0.02 -86.09 0.23
CA THR H 378 0.17 -84.67 0.50
C THR H 378 1.64 -84.36 0.77
N ALA H 379 2.38 -85.29 1.38
CA ALA H 379 3.79 -85.07 1.64
C ALA H 379 4.61 -85.14 0.36
N VAL H 380 4.37 -86.18 -0.46
CA VAL H 380 5.14 -86.32 -1.69
C VAL H 380 4.75 -85.26 -2.71
N GLY H 381 3.54 -84.71 -2.61
CA GLY H 381 3.17 -83.61 -3.47
C GLY H 381 3.98 -82.36 -3.20
N LEU H 382 4.40 -82.17 -1.95
CA LEU H 382 5.31 -81.07 -1.62
C LEU H 382 6.63 -81.25 -2.35
N LEU H 383 7.08 -82.49 -2.53
CA LEU H 383 8.29 -82.75 -3.30
C LEU H 383 8.09 -82.44 -4.79
N HIS H 384 6.91 -82.79 -5.33
CA HIS H 384 6.63 -82.51 -6.73
C HIS H 384 6.62 -81.00 -7.01
N TYR H 385 5.93 -80.23 -6.16
CA TYR H 385 5.82 -78.79 -6.37
C TYR H 385 7.19 -78.11 -6.28
N ALA H 386 8.00 -78.51 -5.31
CA ALA H 386 9.31 -77.89 -5.09
C ALA H 386 10.25 -78.05 -6.27
N ARG H 387 9.93 -78.91 -7.24
CA ARG H 387 10.75 -79.07 -8.43
C ARG H 387 10.67 -77.79 -9.26
N ASP H 388 11.81 -77.09 -9.35
CA ASP H 388 11.90 -75.83 -10.07
C ASP H 388 13.10 -75.87 -11.01
N SER H 389 13.15 -74.92 -11.94
CA SER H 389 14.24 -74.82 -12.89
C SER H 389 15.56 -74.48 -12.19
N ASN I 8 69.97 -0.92 72.57
CA ASN I 8 69.93 0.48 72.93
C ASN I 8 68.61 1.03 72.44
N ILE I 9 68.30 0.77 71.17
CA ILE I 9 67.08 1.23 70.52
C ILE I 9 66.27 0.00 70.11
N ILE I 10 64.95 0.10 70.21
CA ILE I 10 64.03 -1.00 69.89
C ILE I 10 63.00 -0.48 68.90
N VAL I 11 62.63 -1.33 67.93
CA VAL I 11 61.79 -0.94 66.81
C VAL I 11 60.77 -2.03 66.54
N GLY I 12 59.51 -1.61 66.31
CA GLY I 12 58.46 -2.53 65.93
C GLY I 12 58.13 -2.43 64.45
N LEU I 13 57.27 -3.36 64.01
CA LEU I 13 56.90 -3.44 62.59
C LEU I 13 55.62 -4.27 62.46
N ASP I 14 54.47 -3.60 62.59
CA ASP I 14 53.19 -4.27 62.40
C ASP I 14 52.83 -4.17 60.92
N ILE I 15 53.26 -5.18 60.15
CA ILE I 15 52.95 -5.25 58.73
C ILE I 15 51.53 -5.78 58.58
N GLY I 16 50.55 -4.86 58.60
CA GLY I 16 49.16 -5.25 58.55
C GLY I 16 48.65 -5.47 57.15
N THR I 17 47.45 -6.04 57.06
CA THR I 17 46.83 -6.30 55.77
C THR I 17 46.40 -5.02 55.06
N ALA I 18 46.17 -3.94 55.80
CA ALA I 18 45.77 -2.66 55.21
C ALA I 18 46.80 -1.57 55.41
N THR I 19 47.21 -1.31 56.65
CA THR I 19 48.21 -0.30 56.96
C THR I 19 49.40 -0.94 57.65
N VAL I 20 50.59 -0.44 57.34
CA VAL I 20 51.83 -0.91 57.96
C VAL I 20 52.25 0.12 59.00
N SER I 21 52.34 -0.31 60.25
CA SER I 21 52.78 0.56 61.34
C SER I 21 54.22 0.21 61.70
N ALA I 22 55.00 1.24 62.02
CA ALA I 22 56.41 1.05 62.36
C ALA I 22 56.77 2.08 63.41
N LEU I 23 57.05 1.62 64.63
CA LEU I 23 57.37 2.50 65.73
C LEU I 23 58.81 2.29 66.18
N VAL I 24 59.43 3.36 66.65
CA VAL I 24 60.78 3.34 67.19
C VAL I 24 60.75 3.89 68.60
N GLY I 25 61.54 3.27 69.48
CA GLY I 25 61.62 3.72 70.86
C GLY I 25 62.96 3.35 71.45
N GLU I 26 63.24 3.94 72.61
CA GLU I 26 64.47 3.66 73.34
C GLU I 26 64.12 3.14 74.73
N VAL I 27 64.91 2.19 75.21
CA VAL I 27 64.67 1.61 76.53
C VAL I 27 65.24 2.57 77.58
N LEU I 28 64.37 3.07 78.45
CA LEU I 28 64.79 3.96 79.52
C LEU I 28 65.33 3.14 80.69
N PRO I 29 66.21 3.72 81.51
CA PRO I 29 66.83 2.94 82.59
C PRO I 29 65.85 2.23 83.51
N ASP I 30 64.71 2.85 83.80
CA ASP I 30 63.74 2.19 84.69
C ASP I 30 63.03 1.04 83.99
N GLY I 31 62.74 1.19 82.69
CA GLY I 31 62.09 0.13 81.95
C GLY I 31 61.04 0.64 80.97
N GLN I 32 60.34 1.70 81.34
CA GLN I 32 59.33 2.28 80.46
C GLN I 32 59.95 2.72 79.14
N VAL I 33 59.35 2.26 78.04
CA VAL I 33 59.82 2.60 76.70
C VAL I 33 59.02 3.79 76.19
N ASN I 34 59.73 4.83 75.77
CA ASN I 34 59.13 6.01 75.17
C ASN I 34 59.39 6.02 73.67
N ILE I 35 58.40 6.44 72.90
CA ILE I 35 58.48 6.38 71.44
C ILE I 35 59.23 7.61 70.93
N ILE I 36 60.16 7.38 70.00
CA ILE I 36 61.01 8.44 69.46
C ILE I 36 60.45 8.87 68.11
N GLY I 37 59.86 7.92 67.38
CA GLY I 37 59.32 8.20 66.07
C GLY I 37 58.34 7.16 65.59
N ALA I 38 57.28 7.60 64.92
CA ALA I 38 56.25 6.73 64.38
C ALA I 38 56.38 6.64 62.87
N GLY I 39 55.48 5.87 62.26
CA GLY I 39 55.50 5.69 60.82
C GLY I 39 54.36 4.83 60.32
N SER I 40 53.67 5.31 59.30
CA SER I 40 52.51 4.61 58.76
C SER I 40 52.46 4.81 57.25
N SER I 41 51.88 3.82 56.56
CA SER I 41 51.71 3.85 55.11
C SER I 41 50.72 2.75 54.71
N PRO I 42 49.76 3.05 53.85
CA PRO I 42 48.84 2.00 53.40
C PRO I 42 49.57 0.92 52.63
N SER I 43 49.26 -0.34 52.92
CA SER I 43 49.95 -1.49 52.36
C SER I 43 49.07 -2.20 51.34
N ARG I 44 49.54 -2.28 50.11
CA ARG I 44 48.93 -3.13 49.10
C ARG I 44 49.80 -4.37 48.91
N GLY I 45 49.17 -5.48 48.57
CA GLY I 45 49.86 -6.75 48.45
C GLY I 45 49.83 -7.59 49.70
N MET I 46 48.76 -7.51 50.49
CA MET I 46 48.58 -8.30 51.69
C MET I 46 47.19 -8.89 51.67
N ASP I 47 47.06 -10.11 52.20
CA ASP I 47 45.77 -10.78 52.24
C ASP I 47 45.81 -11.83 53.35
N LYS I 48 44.83 -11.77 54.26
CA LYS I 48 44.71 -12.73 55.36
C LYS I 48 46.01 -12.81 56.14
N GLY I 49 46.58 -11.64 56.45
CA GLY I 49 47.80 -11.57 57.21
C GLY I 49 49.03 -12.10 56.51
N GLY I 50 48.90 -12.56 55.27
CA GLY I 50 50.01 -13.10 54.51
C GLY I 50 50.30 -12.26 53.28
N VAL I 51 51.46 -12.52 52.68
CA VAL I 51 51.91 -11.78 51.51
C VAL I 51 51.13 -12.23 50.29
N ASN I 52 50.78 -11.27 49.44
CA ASN I 52 50.05 -11.53 48.20
C ASN I 52 50.73 -10.91 46.98
N ASP I 53 51.54 -9.87 47.16
CA ASP I 53 52.30 -9.28 46.06
C ASP I 53 53.58 -8.74 46.69
N LEU I 54 54.67 -9.50 46.55
CA LEU I 54 55.89 -9.20 47.28
C LEU I 54 56.42 -7.81 46.96
N GLU I 55 56.33 -7.39 45.70
CA GLU I 55 56.89 -6.10 45.32
C GLU I 55 56.10 -4.94 45.93
N SER I 56 54.80 -5.11 46.14
CA SER I 56 54.00 -4.03 46.71
C SER I 56 54.15 -3.93 48.23
N VAL I 57 54.29 -5.07 48.91
CA VAL I 57 54.45 -5.03 50.36
C VAL I 57 55.84 -4.54 50.73
N VAL I 58 56.84 -4.85 49.93
CA VAL I 58 58.19 -4.35 50.18
C VAL I 58 58.21 -2.82 50.10
N LYS I 59 57.49 -2.26 49.13
CA LYS I 59 57.36 -0.80 49.06
C LYS I 59 56.62 -0.25 50.26
N SER I 60 55.58 -0.96 50.73
CA SER I 60 54.79 -0.46 51.85
C SER I 60 55.58 -0.47 53.14
N VAL I 61 56.32 -1.55 53.41
CA VAL I 61 57.12 -1.62 54.62
C VAL I 61 58.27 -0.61 54.57
N GLN I 62 58.81 -0.36 53.37
CA GLN I 62 59.87 0.63 53.24
C GLN I 62 59.33 2.06 53.37
N ARG I 63 58.10 2.30 52.92
CA ARG I 63 57.51 3.62 53.02
C ARG I 63 57.36 4.05 54.48
N ALA I 64 56.95 3.13 55.36
CA ALA I 64 56.76 3.46 56.76
C ALA I 64 58.08 3.52 57.51
N VAL I 65 59.01 2.61 57.20
CA VAL I 65 60.28 2.59 57.91
C VAL I 65 61.13 3.79 57.52
N ASP I 66 60.93 4.34 56.33
CA ASP I 66 61.68 5.52 55.92
C ASP I 66 61.16 6.78 56.60
N GLN I 67 59.84 6.93 56.69
CA GLN I 67 59.28 8.09 57.39
C GLN I 67 59.55 8.00 58.89
N ALA I 68 59.69 6.79 59.42
CA ALA I 68 60.08 6.64 60.82
C ALA I 68 61.58 6.87 61.02
N GLU I 69 62.39 6.53 60.01
CA GLU I 69 63.83 6.74 60.10
C GLU I 69 64.17 8.23 60.20
N LEU I 70 63.33 9.10 59.65
CA LEU I 70 63.58 10.53 59.68
C LEU I 70 62.96 11.20 60.90
N MET I 71 61.77 10.77 61.32
CA MET I 71 61.11 11.36 62.48
C MET I 71 61.79 10.95 63.80
N ALA I 72 62.81 10.10 63.75
CA ALA I 72 63.51 9.68 64.96
C ALA I 72 65.00 9.98 64.90
N GLU I 73 65.48 10.56 63.80
CA GLU I 73 66.88 10.96 63.65
C GLU I 73 67.82 9.79 63.94
N CYS I 74 67.49 8.63 63.38
CA CYS I 74 68.29 7.44 63.57
C CYS I 74 67.98 6.45 62.45
N GLN I 75 68.98 5.62 62.13
CA GLN I 75 68.83 4.60 61.09
C GLN I 75 68.34 3.30 61.72
N ILE I 76 67.35 2.69 61.08
CA ILE I 76 66.80 1.43 61.57
C ILE I 76 67.62 0.29 60.97
N SER I 77 67.95 -0.69 61.81
CA SER I 77 68.78 -1.82 61.41
C SER I 77 68.16 -3.16 61.78
N SER I 78 67.51 -3.25 62.94
CA SER I 78 66.86 -4.47 63.38
C SER I 78 65.46 -4.14 63.89
N VAL I 79 64.52 -5.04 63.63
CA VAL I 79 63.11 -4.79 63.92
C VAL I 79 62.49 -6.04 64.52
N PHE I 80 61.44 -5.82 65.31
CA PHE I 80 60.57 -6.90 65.77
C PHE I 80 59.27 -6.82 64.96
N ILE I 81 58.95 -7.89 64.26
CA ILE I 81 57.83 -7.91 63.34
C ILE I 81 56.73 -8.80 63.88
N SER I 82 55.48 -8.43 63.56
CA SER I 82 54.32 -9.22 63.93
C SER I 82 54.00 -10.24 62.83
N LEU I 83 53.15 -11.20 63.18
CA LEU I 83 52.75 -12.24 62.24
C LEU I 83 51.39 -12.77 62.64
N SER I 84 50.53 -13.00 61.65
CA SER I 84 49.19 -13.53 61.90
C SER I 84 48.78 -14.35 60.68
N GLY I 85 47.60 -14.95 60.76
CA GLY I 85 47.07 -15.77 59.68
C GLY I 85 46.38 -17.00 60.23
N LYS I 86 45.54 -17.60 59.39
CA LYS I 86 44.82 -18.81 59.77
C LYS I 86 45.74 -19.95 60.17
N HIS I 87 46.99 -19.93 59.69
CA HIS I 87 47.94 -21.01 59.97
C HIS I 87 48.43 -21.01 61.42
N ILE I 88 48.12 -19.97 62.19
CA ILE I 88 48.58 -19.92 63.58
C ILE I 88 47.82 -20.97 64.40
N ALA I 89 48.57 -21.78 65.14
CA ALA I 89 47.98 -22.84 65.96
C ALA I 89 48.66 -22.85 67.32
N SER I 90 47.96 -23.42 68.31
CA SER I 90 48.44 -23.49 69.68
C SER I 90 48.42 -24.93 70.17
N ARG I 91 49.45 -25.31 70.91
CA ARG I 91 49.58 -26.65 71.44
C ARG I 91 50.05 -26.58 72.89
N ILE I 92 49.70 -27.61 73.67
CA ILE I 92 50.10 -27.74 75.07
C ILE I 92 50.80 -29.08 75.25
N GLU I 93 52.06 -29.03 75.70
CA GLU I 93 52.88 -30.22 75.87
C GLU I 93 53.55 -30.18 77.23
N LYS I 94 53.53 -31.29 77.94
CA LYS I 94 54.13 -31.42 79.26
C LYS I 94 55.51 -32.05 79.19
N GLY I 95 56.29 -31.83 80.25
CA GLY I 95 57.63 -32.34 80.35
C GLY I 95 58.00 -32.61 81.80
N MET I 96 59.20 -33.17 81.99
CA MET I 96 59.68 -33.54 83.32
C MET I 96 61.17 -33.30 83.41
N GLY I 97 61.68 -33.29 84.63
CA GLY I 97 63.10 -33.08 84.85
C GLY I 97 63.54 -33.29 86.29
N THR I 98 64.80 -33.68 86.47
CA THR I 98 65.37 -33.90 87.79
C THR I 98 65.70 -32.56 88.43
N ILE I 99 65.66 -32.52 89.76
CA ILE I 99 65.99 -31.32 90.52
C ILE I 99 67.37 -31.55 91.12
N SER I 100 68.40 -31.10 90.39
CA SER I 100 69.78 -31.28 90.85
C SER I 100 70.04 -30.42 92.08
N GLU I 101 70.85 -30.96 93.00
CA GLU I 101 71.22 -30.28 94.24
C GLU I 101 69.99 -29.79 95.01
N GLU I 102 68.90 -30.57 94.91
CA GLU I 102 67.65 -30.34 95.65
C GLU I 102 67.23 -28.88 95.70
N GLU I 103 67.52 -28.12 94.65
CA GLU I 103 67.15 -26.72 94.56
C GLU I 103 66.75 -26.40 93.13
N VAL I 104 65.55 -25.82 92.97
CA VAL I 104 65.01 -25.54 91.65
C VAL I 104 65.65 -24.29 91.06
N SER I 105 66.91 -24.40 90.67
CA SER I 105 67.60 -23.32 89.98
C SER I 105 67.10 -23.23 88.53
N GLN I 106 67.39 -22.09 87.90
CA GLN I 106 66.96 -21.90 86.51
C GLN I 106 67.54 -22.98 85.61
N ASP I 107 68.74 -23.47 85.92
CA ASP I 107 69.27 -24.61 85.17
C ASP I 107 68.38 -25.84 85.33
N ASP I 108 67.77 -26.01 86.51
CA ASP I 108 66.79 -27.07 86.69
C ASP I 108 65.48 -26.73 85.99
N MET I 109 65.14 -25.45 85.94
CA MET I 109 63.91 -25.02 85.26
C MET I 109 64.05 -25.13 83.75
N ASP I 110 65.27 -25.03 83.22
CA ASP I 110 65.47 -25.12 81.79
C ASP I 110 65.37 -26.55 81.27
N ARG I 111 65.71 -27.54 82.10
CA ARG I 111 65.61 -28.92 81.63
C ARG I 111 64.16 -29.35 81.46
N ALA I 112 63.30 -29.02 82.42
CA ALA I 112 61.90 -29.41 82.31
C ALA I 112 61.22 -28.75 81.13
N ILE I 113 61.55 -27.48 80.87
CA ILE I 113 60.95 -26.79 79.73
C ILE I 113 61.53 -27.31 78.42
N HIS I 114 62.86 -27.51 78.39
CA HIS I 114 63.49 -28.03 77.18
C HIS I 114 62.93 -29.39 76.81
N THR I 115 62.68 -30.23 77.80
CA THR I 115 62.13 -31.56 77.54
C THR I 115 60.72 -31.45 76.96
N ALA I 116 59.88 -30.61 77.56
CA ALA I 116 58.53 -30.43 77.05
C ALA I 116 58.53 -29.75 75.69
N LYS I 117 59.58 -28.98 75.38
CA LYS I 117 59.61 -28.28 74.10
C LYS I 117 60.11 -29.18 72.98
N SER I 118 61.07 -30.06 73.28
CA SER I 118 61.64 -30.94 72.25
C SER I 118 60.62 -32.02 71.95
N ILE I 119 59.85 -31.83 70.88
CA ILE I 119 58.86 -32.78 70.42
C ILE I 119 58.96 -32.87 68.90
N LYS I 120 58.16 -33.74 68.32
CA LYS I 120 58.09 -33.88 66.87
C LYS I 120 56.89 -33.08 66.38
N ILE I 121 57.15 -32.08 65.56
CA ILE I 121 56.12 -31.16 65.08
C ILE I 121 56.05 -31.23 63.56
N GLY I 122 57.14 -31.57 62.90
CA GLY I 122 57.23 -31.57 61.46
C GLY I 122 57.96 -30.35 60.92
N ASP I 123 58.13 -30.36 59.60
CA ASP I 123 58.86 -29.29 58.93
C ASP I 123 57.93 -28.17 58.47
N GLU I 124 56.69 -28.50 58.13
CA GLU I 124 55.75 -27.50 57.65
C GLU I 124 55.43 -26.46 58.70
N GLN I 125 55.54 -26.81 59.98
CA GLN I 125 55.22 -25.92 61.08
C GLN I 125 56.49 -25.36 61.71
N ARG I 126 56.42 -24.10 62.13
CA ARG I 126 57.55 -23.37 62.71
C ARG I 126 57.21 -22.91 64.11
N ILE I 127 58.08 -23.23 65.07
CA ILE I 127 57.86 -22.82 66.46
C ILE I 127 57.97 -21.31 66.55
N LEU I 128 57.06 -20.71 67.31
CA LEU I 128 56.99 -19.25 67.41
C LEU I 128 57.14 -18.73 68.84
N HIS I 129 56.53 -19.40 69.81
CA HIS I 129 56.58 -18.97 71.20
C HIS I 129 56.64 -20.19 72.10
N VAL I 130 57.45 -20.10 73.14
CA VAL I 130 57.53 -21.12 74.19
C VAL I 130 57.10 -20.42 75.47
N ILE I 131 55.89 -20.70 75.92
CA ILE I 131 55.30 -20.00 77.05
C ILE I 131 55.09 -20.97 78.21
N PRO I 132 55.89 -20.93 79.26
CA PRO I 132 55.61 -21.78 80.43
C PRO I 132 54.30 -21.35 81.06
N GLN I 133 53.34 -22.27 81.09
CA GLN I 133 52.02 -21.96 81.63
C GLN I 133 51.89 -22.26 83.12
N GLU I 134 52.23 -23.48 83.53
CA GLU I 134 52.10 -23.86 84.94
C GLU I 134 53.14 -24.91 85.30
N PHE I 135 53.86 -24.67 86.39
CA PHE I 135 54.83 -25.62 86.91
C PHE I 135 54.15 -26.69 87.77
N THR I 136 54.89 -27.74 88.09
CA THR I 136 54.42 -28.77 89.02
C THR I 136 55.62 -29.51 89.57
N ILE I 137 55.67 -29.70 90.89
CA ILE I 137 56.81 -30.33 91.55
C ILE I 137 56.30 -31.39 92.51
N ASP I 138 56.83 -32.60 92.37
CA ASP I 138 56.54 -33.75 93.24
C ASP I 138 55.04 -34.06 93.19
N TYR I 139 54.50 -34.55 94.31
CA TYR I 139 53.07 -34.83 94.44
C TYR I 139 52.23 -33.56 94.52
N GLN I 140 52.84 -32.39 94.55
CA GLN I 140 52.10 -31.13 94.66
C GLN I 140 51.82 -30.62 93.25
N GLU I 141 50.54 -30.50 92.91
CA GLU I 141 50.11 -30.08 91.60
C GLU I 141 49.61 -28.65 91.67
N GLY I 142 49.42 -28.04 90.50
CA GLY I 142 48.96 -26.66 90.47
C GLY I 142 49.94 -25.69 91.08
N ILE I 143 51.24 -25.93 90.92
CA ILE I 143 52.31 -25.09 91.43
C ILE I 143 52.71 -24.06 90.37
N LYS I 144 53.16 -22.90 90.84
CA LYS I 144 53.54 -21.81 89.96
C LYS I 144 54.76 -21.08 90.51
N ASN I 145 55.73 -20.81 89.64
CA ASN I 145 56.96 -20.09 89.99
C ASN I 145 57.67 -20.69 91.20
N PRO I 146 58.34 -21.83 91.06
CA PRO I 146 59.03 -22.44 92.20
C PRO I 146 60.37 -21.82 92.54
N LEU I 147 60.73 -20.67 91.93
CA LEU I 147 62.05 -20.06 92.11
C LEU I 147 62.46 -19.90 93.57
N GLY I 148 62.79 -21.01 94.23
CA GLY I 148 63.21 -20.98 95.62
C GLY I 148 62.56 -22.08 96.44
N LEU I 149 62.13 -23.14 95.76
CA LEU I 149 61.40 -24.24 96.38
C LEU I 149 62.31 -25.45 96.55
N SER I 150 61.74 -26.52 97.12
CA SER I 150 62.47 -27.76 97.38
C SER I 150 61.65 -28.93 96.86
N GLY I 151 62.24 -29.73 95.97
CA GLY I 151 61.58 -30.89 95.41
C GLY I 151 62.58 -31.94 94.99
N VAL I 152 62.04 -33.01 94.39
CA VAL I 152 62.86 -34.10 93.88
C VAL I 152 62.67 -34.33 92.39
N ARG I 153 61.63 -33.79 91.78
CA ARG I 153 61.41 -33.84 90.34
C ARG I 153 60.22 -32.94 90.03
N MET I 154 60.20 -32.39 88.82
CA MET I 154 59.21 -31.37 88.48
C MET I 154 58.67 -31.57 87.07
N GLU I 155 57.40 -31.21 86.90
CA GLU I 155 56.70 -31.30 85.62
C GLU I 155 56.18 -29.93 85.21
N VAL I 156 56.22 -29.65 83.90
CA VAL I 156 55.78 -28.38 83.34
C VAL I 156 54.65 -28.64 82.36
N SER I 157 53.87 -27.59 82.10
CA SER I 157 52.81 -27.61 81.09
C SER I 157 53.03 -26.40 80.19
N VAL I 158 53.84 -26.57 79.13
CA VAL I 158 54.24 -25.46 78.28
C VAL I 158 53.18 -25.19 77.23
N HIS I 159 53.06 -23.93 76.83
CA HIS I 159 52.19 -23.49 75.75
C HIS I 159 53.02 -23.20 74.51
N LEU I 160 52.67 -23.83 73.40
CA LEU I 160 53.43 -23.73 72.16
C LEU I 160 52.62 -23.00 71.10
N ILE I 161 53.20 -21.94 70.53
CA ILE I 161 52.62 -21.22 69.40
C ILE I 161 53.40 -21.60 68.15
N SER I 162 52.69 -21.96 67.09
CA SER I 162 53.31 -22.39 65.85
C SER I 162 52.59 -21.77 64.66
N CYS I 163 53.34 -21.60 63.57
CA CYS I 163 52.81 -21.00 62.35
C CYS I 163 53.40 -21.74 61.15
N HIS I 164 52.73 -21.59 60.00
CA HIS I 164 53.24 -22.19 58.78
C HIS I 164 54.56 -21.53 58.38
N ASN I 165 55.55 -22.36 58.07
CA ASN I 165 56.89 -21.85 57.78
C ASN I 165 56.89 -21.01 56.52
N ASP I 166 56.24 -21.51 55.46
CA ASP I 166 56.24 -20.79 54.18
C ASP I 166 55.65 -19.40 54.32
N MET I 167 54.50 -19.29 54.99
CA MET I 167 53.90 -17.98 55.21
C MET I 167 54.75 -17.08 56.08
N ALA I 168 55.67 -17.65 56.86
CA ALA I 168 56.58 -16.84 57.65
C ALA I 168 57.79 -16.40 56.83
N ARG I 169 58.27 -17.26 55.93
CA ARG I 169 59.40 -16.90 55.07
C ARG I 169 59.08 -15.68 54.23
N ASN I 170 57.84 -15.54 53.78
CA ASN I 170 57.47 -14.43 52.91
C ASN I 170 57.62 -13.08 53.63
N ILE I 171 57.09 -12.99 54.86
CA ILE I 171 57.21 -11.74 55.61
C ILE I 171 58.67 -11.43 55.93
N ILE I 172 59.45 -12.45 56.27
CA ILE I 172 60.87 -12.25 56.48
C ILE I 172 61.55 -11.80 55.19
N LYS I 173 61.22 -12.45 54.07
CA LYS I 173 61.79 -12.06 52.78
C LYS I 173 61.48 -10.60 52.46
N ALA I 174 60.29 -10.14 52.80
CA ALA I 174 59.92 -8.75 52.55
C ALA I 174 60.79 -7.79 53.37
N VAL I 175 60.94 -8.08 54.66
CA VAL I 175 61.71 -7.19 55.52
C VAL I 175 63.19 -7.24 55.16
N GLU I 176 63.70 -8.42 54.81
CA GLU I 176 65.10 -8.55 54.46
C GLU I 176 65.44 -7.80 53.18
N ARG I 177 64.45 -7.60 52.29
CA ARG I 177 64.67 -6.87 51.05
C ARG I 177 64.81 -5.36 51.25
N CYS I 178 64.60 -4.87 52.47
CA CYS I 178 64.76 -3.45 52.77
C CYS I 178 66.05 -3.16 53.53
N GLY I 179 66.99 -4.11 53.55
CA GLY I 179 68.22 -3.93 54.29
C GLY I 179 68.09 -4.16 55.78
N LEU I 180 66.93 -4.59 56.25
CA LEU I 180 66.69 -4.81 57.67
C LEU I 180 66.85 -6.28 58.02
N LYS I 181 67.20 -6.54 59.28
CA LYS I 181 67.30 -7.89 59.81
C LYS I 181 66.22 -8.08 60.87
N VAL I 182 65.51 -9.20 60.79
CA VAL I 182 64.45 -9.50 61.74
C VAL I 182 65.05 -10.07 63.02
N GLU I 183 64.56 -9.59 64.16
CA GLU I 183 65.02 -10.08 65.46
C GLU I 183 64.25 -11.32 65.90
N GLN I 184 62.93 -11.23 65.90
CA GLN I 184 62.08 -12.36 66.27
C GLN I 184 60.70 -12.13 65.67
N LEU I 185 60.02 -13.23 65.38
CA LEU I 185 58.64 -13.17 64.93
C LEU I 185 57.73 -13.27 66.14
N VAL I 186 56.67 -12.47 66.14
CA VAL I 186 55.77 -12.36 67.28
C VAL I 186 54.34 -12.52 66.79
N PHE I 187 53.56 -13.37 67.47
CA PHE I 187 52.15 -13.51 67.15
C PHE I 187 51.44 -12.19 67.39
N SER I 188 50.62 -11.78 66.41
CA SER I 188 49.97 -10.47 66.47
C SER I 188 49.10 -10.34 67.72
N GLY I 189 48.24 -11.33 67.97
CA GLY I 189 47.34 -11.24 69.11
C GLY I 189 48.06 -11.21 70.45
N LEU I 190 49.26 -11.79 70.50
CA LEU I 190 50.06 -11.74 71.72
C LEU I 190 50.59 -10.33 71.96
N ALA I 191 51.13 -9.70 70.92
CA ALA I 191 51.56 -8.31 71.04
C ALA I 191 50.38 -7.38 71.24
N SER I 192 49.27 -7.64 70.54
CA SER I 192 48.06 -6.85 70.74
C SER I 192 47.51 -6.93 72.15
N SER I 193 48.01 -7.87 72.97
CA SER I 193 47.58 -8.06 74.34
C SER I 193 48.51 -7.44 75.37
N ASN I 194 49.81 -7.41 75.11
CA ASN I 194 50.75 -6.89 76.09
C ASN I 194 50.58 -5.40 76.35
N ALA I 195 49.94 -4.67 75.44
CA ALA I 195 49.78 -3.23 75.56
C ALA I 195 48.35 -2.80 75.78
N VAL I 196 47.42 -3.75 75.93
CA VAL I 196 46.02 -3.42 76.14
C VAL I 196 45.47 -4.01 77.43
N ILE I 197 46.12 -5.02 78.00
CA ILE I 197 45.63 -5.72 79.18
C ILE I 197 46.48 -5.28 80.37
N THR I 198 45.84 -5.09 81.52
CA THR I 198 46.54 -4.86 82.78
C THR I 198 46.72 -6.18 83.52
N GLU I 199 47.79 -6.25 84.32
CA GLU I 199 48.09 -7.47 85.06
C GLU I 199 46.92 -7.91 85.93
N ASP I 200 46.15 -6.96 86.46
CA ASP I 200 44.95 -7.30 87.21
C ASP I 200 43.97 -8.10 86.35
N GLU I 201 43.74 -7.65 85.11
CA GLU I 201 42.82 -8.34 84.22
C GLU I 201 43.32 -9.75 83.89
N ARG I 202 44.64 -9.93 83.78
CA ARG I 202 45.19 -11.23 83.41
C ARG I 202 44.75 -12.32 84.38
N GLU I 203 44.88 -12.07 85.69
CA GLU I 203 44.54 -13.08 86.67
C GLU I 203 43.03 -13.32 86.73
N LEU I 204 42.23 -12.28 86.48
CA LEU I 204 40.78 -12.44 86.51
C LEU I 204 40.29 -13.27 85.33
N GLY I 205 40.87 -13.06 84.15
CA GLY I 205 40.44 -13.79 82.97
C GLY I 205 39.93 -12.88 81.87
N VAL I 206 40.62 -12.86 80.73
CA VAL I 206 40.27 -11.95 79.64
C VAL I 206 40.35 -12.72 78.32
N CYS I 207 39.56 -12.27 77.35
CA CYS I 207 39.68 -12.72 75.97
C CYS I 207 39.81 -11.49 75.08
N VAL I 208 40.92 -11.40 74.37
CA VAL I 208 41.16 -10.29 73.45
C VAL I 208 41.00 -10.80 72.02
N VAL I 209 40.74 -9.85 71.12
CA VAL I 209 40.62 -10.16 69.71
C VAL I 209 41.01 -8.91 68.92
N ASP I 210 42.16 -8.96 68.24
CA ASP I 210 42.64 -7.85 67.42
C ASP I 210 41.92 -7.94 66.09
N ILE I 211 40.71 -7.40 66.04
CA ILE I 211 39.96 -7.34 64.79
C ILE I 211 40.62 -6.28 63.92
N GLY I 212 41.03 -6.69 62.72
CA GLY I 212 41.83 -5.81 61.88
C GLY I 212 41.41 -5.87 60.43
N ALA I 213 42.38 -5.71 59.53
CA ALA I 213 42.04 -5.73 58.11
C ALA I 213 41.67 -7.14 57.65
N GLY I 214 42.51 -8.12 57.98
CA GLY I 214 42.30 -9.47 57.49
C GLY I 214 42.42 -10.56 58.54
N THR I 215 42.64 -10.18 59.81
CA THR I 215 42.89 -11.16 60.86
C THR I 215 42.07 -10.88 62.11
N MET I 216 41.64 -11.96 62.75
CA MET I 216 40.96 -11.94 64.05
C MET I 216 41.82 -12.75 65.01
N ASP I 217 42.79 -12.09 65.63
CA ASP I 217 43.77 -12.75 66.48
C ASP I 217 43.19 -12.90 67.89
N ILE I 218 42.87 -14.13 68.27
CA ILE I 218 42.26 -14.42 69.56
C ILE I 218 43.36 -14.83 70.53
N SER I 219 43.31 -14.29 71.75
CA SER I 219 44.18 -14.71 72.83
C SER I 219 43.34 -14.81 74.09
N ILE I 220 43.46 -15.93 74.80
CA ILE I 220 42.66 -16.21 75.98
C ILE I 220 43.59 -16.30 77.18
N TRP I 221 43.26 -15.55 78.23
CA TRP I 221 44.07 -15.53 79.45
C TRP I 221 43.18 -15.85 80.64
N THR I 222 43.58 -16.86 81.42
CA THR I 222 42.99 -17.12 82.73
C THR I 222 44.10 -17.47 83.69
N GLY I 223 43.97 -17.04 84.94
CA GLY I 223 44.99 -17.32 85.93
C GLY I 223 46.35 -16.73 85.62
N GLY I 224 46.38 -15.62 84.88
CA GLY I 224 47.62 -14.96 84.55
C GLY I 224 48.48 -15.66 83.53
N ALA I 225 47.91 -16.53 82.70
CA ALA I 225 48.66 -17.20 81.65
C ALA I 225 47.78 -17.38 80.42
N LEU I 226 48.37 -17.18 79.25
CA LEU I 226 47.65 -17.39 77.99
C LEU I 226 47.50 -18.89 77.74
N ARG I 227 46.25 -19.34 77.62
CA ARG I 227 45.94 -20.76 77.46
C ARG I 227 45.73 -21.18 76.02
N HIS I 228 45.10 -20.35 75.18
CA HIS I 228 44.76 -20.75 73.83
C HIS I 228 44.94 -19.58 72.87
N THR I 229 45.16 -19.92 71.61
CA THR I 229 45.36 -18.96 70.53
C THR I 229 44.63 -19.45 69.29
N GLU I 230 43.84 -18.57 68.68
CA GLU I 230 43.09 -18.92 67.48
C GLU I 230 43.01 -17.70 66.58
N VAL I 231 43.05 -17.93 65.26
CA VAL I 231 43.01 -16.86 64.28
C VAL I 231 42.00 -17.24 63.20
N PHE I 232 41.23 -16.25 62.76
CA PHE I 232 40.28 -16.40 61.67
C PHE I 232 40.61 -15.42 60.56
N SER I 233 40.16 -15.74 59.35
CA SER I 233 40.48 -14.96 58.16
C SER I 233 39.38 -14.00 57.75
N TYR I 234 38.29 -13.93 58.50
CA TYR I 234 37.20 -12.99 58.23
C TYR I 234 37.34 -11.78 59.13
N ALA I 235 37.55 -10.61 58.53
CA ALA I 235 37.78 -9.40 59.31
C ALA I 235 37.08 -8.19 58.69
N GLY I 236 37.69 -7.02 58.81
CA GLY I 236 37.06 -5.80 58.32
C GLY I 236 36.80 -5.79 56.83
N ASN I 237 37.66 -6.44 56.05
CA ASN I 237 37.45 -6.52 54.61
C ASN I 237 36.28 -7.41 54.23
N ALA I 238 35.76 -8.22 55.16
CA ALA I 238 34.61 -9.06 54.85
C ALA I 238 33.33 -8.23 54.85
N VAL I 239 33.15 -7.37 55.85
CA VAL I 239 31.98 -6.51 55.87
C VAL I 239 32.10 -5.41 54.81
N THR I 240 33.32 -4.97 54.52
CA THR I 240 33.53 -4.02 53.42
C THR I 240 33.01 -4.60 52.11
N SER I 241 33.34 -5.86 51.84
CA SER I 241 32.82 -6.51 50.63
C SER I 241 31.32 -6.69 50.71
N ASP I 242 30.79 -7.00 51.89
CA ASP I 242 29.35 -7.17 52.05
C ASP I 242 28.60 -5.90 51.67
N ILE I 243 29.14 -4.73 52.06
CA ILE I 243 28.52 -3.47 51.69
C ILE I 243 28.58 -3.27 50.18
N ALA I 244 29.74 -3.53 49.59
CA ALA I 244 29.91 -3.34 48.15
C ALA I 244 29.04 -4.31 47.36
N PHE I 245 29.02 -5.59 47.76
CA PHE I 245 28.33 -6.61 46.99
C PHE I 245 26.81 -6.54 47.13
N ALA I 246 26.30 -5.79 48.12
CA ALA I 246 24.86 -5.69 48.32
C ALA I 246 24.26 -4.40 47.79
N PHE I 247 25.07 -3.38 47.52
CA PHE I 247 24.57 -2.09 47.07
C PHE I 247 25.04 -1.70 45.67
N GLY I 248 25.87 -2.52 45.03
CA GLY I 248 26.41 -2.15 43.73
C GLY I 248 27.36 -0.98 43.80
N THR I 249 28.21 -0.93 44.81
CA THR I 249 29.15 0.15 45.07
C THR I 249 30.57 -0.39 44.96
N PRO I 250 31.51 0.38 44.40
CA PRO I 250 32.90 -0.08 44.34
C PRO I 250 33.47 -0.32 45.74
N LEU I 251 34.42 -1.25 45.80
CA LEU I 251 35.08 -1.57 47.07
C LEU I 251 35.75 -0.35 47.67
N SER I 252 36.39 0.47 46.84
CA SER I 252 37.05 1.67 47.34
C SER I 252 36.08 2.61 48.04
N ASP I 253 34.89 2.79 47.47
CA ASP I 253 33.89 3.67 48.08
C ASP I 253 33.13 2.99 49.20
N ALA I 254 32.91 1.68 49.11
CA ALA I 254 32.19 0.97 50.16
C ALA I 254 32.95 1.00 51.48
N GLU I 255 34.28 1.02 51.43
CA GLU I 255 35.07 1.13 52.65
C GLU I 255 34.85 2.49 53.32
N GLU I 256 34.81 3.56 52.51
CA GLU I 256 34.60 4.89 53.08
C GLU I 256 33.23 4.98 53.75
N ILE I 257 32.22 4.33 53.16
CA ILE I 257 30.89 4.28 53.75
C ILE I 257 30.93 3.56 55.08
N LYS I 258 31.82 2.56 55.21
CA LYS I 258 31.96 1.80 56.45
C LYS I 258 32.49 2.68 57.59
N VAL I 259 33.56 3.42 57.34
CA VAL I 259 34.24 4.12 58.44
C VAL I 259 33.44 5.32 58.94
N LYS I 260 32.66 5.96 58.07
CA LYS I 260 31.96 7.18 58.45
C LYS I 260 30.50 6.97 58.84
N TYR I 261 29.84 5.94 58.32
CA TYR I 261 28.42 5.75 58.60
C TYR I 261 28.07 4.32 59.00
N GLY I 262 29.07 3.48 59.29
CA GLY I 262 28.80 2.08 59.61
C GLY I 262 28.32 1.91 61.04
N CYS I 263 27.40 0.95 61.21
CA CYS I 263 26.90 0.61 62.54
C CYS I 263 26.78 -0.91 62.65
N ALA I 264 27.23 -1.45 63.78
CA ALA I 264 27.20 -2.88 64.02
C ALA I 264 25.89 -3.39 64.58
N LEU I 265 24.91 -2.50 64.81
CA LEU I 265 23.62 -2.91 65.35
C LEU I 265 22.53 -2.11 64.65
N SER I 266 21.54 -2.81 64.11
CA SER I 266 20.55 -2.19 63.23
C SER I 266 19.44 -1.44 63.95
N GLU I 267 19.70 -0.95 65.16
CA GLU I 267 18.71 -0.13 65.87
C GLU I 267 19.30 1.14 66.48
N LEU I 268 20.62 1.32 66.46
CA LEU I 268 21.23 2.55 66.96
C LEU I 268 21.19 3.67 65.93
N VAL I 269 20.85 3.39 64.68
CA VAL I 269 20.74 4.40 63.63
C VAL I 269 19.29 4.82 63.50
N SER I 270 19.08 6.11 63.25
CA SER I 270 17.73 6.66 63.11
C SER I 270 17.18 6.41 61.71
N LYS I 271 15.85 6.36 61.62
CA LYS I 271 15.20 6.13 60.33
C LYS I 271 15.34 7.33 59.41
N ASP I 272 15.47 8.55 59.96
CA ASP I 272 15.56 9.76 59.15
C ASP I 272 17.00 10.16 58.82
N ASP I 273 17.92 9.21 58.76
CA ASP I 273 19.29 9.50 58.35
C ASP I 273 19.57 8.78 57.02
N THR I 274 20.22 9.50 56.11
CA THR I 274 20.47 9.00 54.77
C THR I 274 21.90 9.26 54.36
N VAL I 275 22.40 8.43 53.46
CA VAL I 275 23.77 8.51 52.97
C VAL I 275 23.75 8.46 51.45
N ASN I 276 24.77 9.09 50.84
CA ASN I 276 24.91 9.15 49.39
C ASN I 276 25.84 8.01 48.97
N VAL I 277 25.25 6.92 48.51
CA VAL I 277 26.01 5.76 48.02
C VAL I 277 26.14 5.88 46.50
N PRO I 278 27.34 5.76 45.94
CA PRO I 278 27.50 5.89 44.48
C PRO I 278 27.10 4.59 43.79
N SER I 279 27.21 4.61 42.46
CA SER I 279 26.92 3.44 41.63
C SER I 279 28.05 3.23 40.64
N VAL I 280 27.91 2.18 39.82
CA VAL I 280 28.91 1.83 38.82
C VAL I 280 28.24 1.82 37.46
N GLY I 281 29.05 1.98 36.42
CA GLY I 281 28.59 2.00 35.06
C GLY I 281 28.35 3.39 34.49
N GLY I 282 28.09 4.38 35.34
CA GLY I 282 27.68 5.69 34.89
C GLY I 282 26.22 5.97 35.17
N ARG I 283 25.72 5.39 36.24
CA ARG I 283 24.37 5.53 36.74
C ARG I 283 24.32 6.52 37.88
N PRO I 284 23.14 7.07 38.19
CA PRO I 284 23.06 8.11 39.22
C PRO I 284 23.30 7.57 40.63
N SER I 285 23.88 8.43 41.46
CA SER I 285 24.21 8.08 42.84
C SER I 285 22.94 7.98 43.67
N ARG I 286 22.73 6.82 44.28
CA ARG I 286 21.52 6.58 45.07
C ARG I 286 21.66 7.19 46.46
N SER I 287 20.55 7.74 46.96
CA SER I 287 20.45 8.16 48.34
C SER I 287 19.84 7.01 49.13
N LEU I 288 20.60 6.48 50.08
CA LEU I 288 20.21 5.24 50.74
C LEU I 288 20.05 5.43 52.24
N GLN I 289 19.16 4.64 52.82
CA GLN I 289 18.90 4.66 54.25
C GLN I 289 20.13 4.22 55.02
N ARG I 290 20.53 5.03 56.01
CA ARG I 290 21.66 4.63 56.86
C ARG I 290 21.31 3.39 57.68
N GLN I 291 20.02 3.19 57.98
CA GLN I 291 19.58 1.99 58.66
C GLN I 291 19.80 0.75 57.80
N THR I 292 19.47 0.84 56.51
CA THR I 292 19.67 -0.28 55.60
C THR I 292 21.13 -0.69 55.55
N LEU I 293 22.04 0.28 55.60
CA LEU I 293 23.46 -0.03 55.62
C LEU I 293 23.84 -0.84 56.86
N ALA I 294 23.35 -0.41 58.03
CA ALA I 294 23.63 -1.14 59.25
C ALA I 294 22.97 -2.51 59.26
N GLU I 295 21.89 -2.68 58.50
CA GLU I 295 21.23 -3.99 58.41
C GLU I 295 22.08 -4.99 57.66
N VAL I 296 23.07 -4.53 56.90
CA VAL I 296 24.01 -5.44 56.25
C VAL I 296 25.25 -5.67 57.12
N ILE I 297 25.67 -4.66 57.86
CA ILE I 297 26.86 -4.77 58.70
C ILE I 297 26.57 -5.59 59.95
N GLU I 298 25.33 -5.53 60.45
CA GLU I 298 24.98 -6.25 61.68
C GLU I 298 25.15 -7.76 61.58
N PRO I 299 24.61 -8.45 60.56
CA PRO I 299 24.72 -9.92 60.57
C PRO I 299 26.14 -10.44 60.50
N ARG I 300 27.02 -9.79 59.73
CA ARG I 300 28.41 -10.26 59.66
C ARG I 300 29.11 -10.08 60.99
N TYR I 301 28.95 -8.92 61.61
CA TYR I 301 29.59 -8.68 62.91
C TYR I 301 29.04 -9.61 63.97
N THR I 302 27.73 -9.87 63.93
CA THR I 302 27.13 -10.81 64.87
C THR I 302 27.68 -12.22 64.64
N GLU I 303 27.74 -12.64 63.38
CA GLU I 303 28.33 -13.93 63.05
C GLU I 303 29.81 -13.98 63.40
N LEU I 304 30.52 -12.89 63.16
CA LEU I 304 31.95 -12.83 63.50
C LEU I 304 32.16 -13.05 64.99
N MET I 305 31.42 -12.32 65.82
CA MET I 305 31.50 -12.55 67.26
C MET I 305 30.94 -13.93 67.62
N GLY I 306 30.03 -14.45 66.79
CA GLY I 306 29.59 -15.82 66.99
C GLY I 306 30.71 -16.83 66.85
N LEU I 307 31.67 -16.56 65.97
CA LEU I 307 32.82 -17.45 65.81
C LEU I 307 33.69 -17.46 67.06
N VAL I 308 33.94 -16.29 67.65
CA VAL I 308 34.73 -16.24 68.88
C VAL I 308 33.94 -16.83 70.04
N ASN I 309 32.60 -16.79 69.97
CA ASN I 309 31.77 -17.34 71.03
C ASN I 309 32.00 -18.85 71.20
N GLN I 310 31.99 -19.59 70.09
CA GLN I 310 32.23 -21.04 70.18
C GLN I 310 33.65 -21.35 70.64
N THR I 311 34.63 -20.52 70.29
CA THR I 311 36.00 -20.80 70.72
C THR I 311 36.13 -20.67 72.22
N ILE I 312 35.52 -19.64 72.82
CA ILE I 312 35.55 -19.50 74.27
C ILE I 312 34.88 -20.70 74.92
N ASP I 313 33.71 -21.10 74.40
CA ASP I 313 33.00 -22.23 74.97
C ASP I 313 33.82 -23.51 74.88
N ASN I 314 34.49 -23.73 73.75
CA ASN I 314 35.33 -24.92 73.61
C ASN I 314 36.54 -24.86 74.53
N VAL I 315 37.10 -23.67 74.75
CA VAL I 315 38.21 -23.52 75.69
C VAL I 315 37.71 -23.63 77.12
N GLN I 316 36.55 -23.04 77.42
CA GLN I 316 35.98 -23.15 78.75
C GLN I 316 35.73 -24.61 79.12
N ALA I 317 35.25 -25.41 78.16
CA ALA I 317 35.01 -26.82 78.42
C ALA I 317 36.31 -27.54 78.75
N LYS I 318 37.31 -27.44 77.86
CA LYS I 318 38.59 -28.11 78.07
C LYS I 318 39.40 -27.54 79.23
N LEU I 319 38.94 -26.43 79.83
CA LEU I 319 39.66 -25.84 80.96
C LEU I 319 39.13 -26.36 82.29
N ARG I 320 37.82 -26.23 82.52
CA ARG I 320 37.24 -26.75 83.76
C ARG I 320 37.22 -28.27 83.79
N GLU I 321 37.05 -28.93 82.63
CA GLU I 321 37.07 -30.38 82.57
C GLU I 321 38.48 -30.96 82.75
N ASN I 322 39.49 -30.09 82.90
CA ASN I 322 40.86 -30.53 83.10
C ASN I 322 41.47 -29.98 84.39
N GLY I 323 40.78 -29.08 85.09
CA GLY I 323 41.22 -28.62 86.40
C GLY I 323 42.04 -27.36 86.40
N VAL I 324 41.47 -26.25 85.93
CA VAL I 324 42.13 -24.95 85.99
C VAL I 324 41.03 -23.89 85.99
N LYS I 325 41.40 -22.66 86.35
CA LYS I 325 40.45 -21.55 86.31
C LYS I 325 39.87 -21.40 84.92
N HIS I 326 38.54 -21.36 84.83
CA HIS I 326 37.86 -21.40 83.53
C HIS I 326 37.16 -20.10 83.16
N HIS I 327 36.45 -19.45 84.08
CA HIS I 327 35.67 -18.28 83.72
C HIS I 327 36.56 -17.05 83.59
N LEU I 328 36.43 -16.35 82.47
CA LEU I 328 37.11 -15.07 82.24
C LEU I 328 36.30 -13.99 82.93
N ALA I 329 36.86 -13.40 83.98
CA ALA I 329 36.11 -12.43 84.78
C ALA I 329 36.03 -11.08 84.08
N ALA I 330 37.18 -10.51 83.68
CA ALA I 330 37.17 -9.19 83.05
C ALA I 330 36.53 -9.22 81.67
N GLY I 331 36.36 -10.39 81.07
CA GLY I 331 35.59 -10.50 79.84
C GLY I 331 36.35 -10.41 78.54
N VAL I 332 35.72 -9.79 77.54
CA VAL I 332 36.26 -9.72 76.19
C VAL I 332 36.69 -8.28 75.92
N VAL I 333 37.85 -8.12 75.30
CA VAL I 333 38.41 -6.82 74.99
C VAL I 333 38.60 -6.73 73.49
N LEU I 334 37.98 -5.73 72.86
CA LEU I 334 38.09 -5.52 71.43
C LEU I 334 39.18 -4.51 71.14
N THR I 335 39.92 -4.74 70.06
CA THR I 335 40.97 -3.83 69.64
C THR I 335 41.13 -3.93 68.13
N GLY I 336 42.05 -3.13 67.60
CA GLY I 336 42.28 -3.09 66.16
C GLY I 336 41.40 -2.09 65.45
N GLY I 337 41.57 -2.05 64.13
CA GLY I 337 40.87 -1.06 63.33
C GLY I 337 39.37 -1.30 63.30
N ALA I 338 38.95 -2.50 62.92
CA ALA I 338 37.53 -2.79 62.76
C ALA I 338 36.77 -2.82 64.07
N ALA I 339 37.45 -2.67 65.21
CA ALA I 339 36.77 -2.55 66.49
C ALA I 339 36.24 -1.14 66.75
N GLN I 340 36.54 -0.19 65.88
CA GLN I 340 36.13 1.20 66.07
C GLN I 340 34.74 1.51 65.56
N ILE I 341 34.05 0.55 64.92
CA ILE I 341 32.72 0.86 64.41
C ILE I 341 31.78 1.11 65.57
N GLU I 342 30.85 2.04 65.37
CA GLU I 342 29.92 2.40 66.43
C GLU I 342 28.96 1.25 66.67
N GLY I 343 28.92 0.77 67.91
CA GLY I 343 28.07 -0.32 68.30
C GLY I 343 28.73 -1.67 68.43
N VAL I 344 30.06 -1.72 68.55
CA VAL I 344 30.75 -2.98 68.78
C VAL I 344 30.37 -3.55 70.14
N VAL I 345 30.36 -2.69 71.16
CA VAL I 345 30.06 -3.16 72.52
C VAL I 345 28.62 -3.67 72.59
N GLU I 346 27.75 -3.18 71.71
CA GLU I 346 26.35 -3.58 71.75
C GLU I 346 26.15 -4.95 71.11
N CYS I 347 26.70 -5.16 69.91
CA CYS I 347 26.56 -6.46 69.26
C CYS I 347 27.41 -7.52 69.94
N ALA I 348 28.49 -7.13 70.60
CA ALA I 348 29.28 -8.10 71.36
C ALA I 348 28.55 -8.52 72.63
N GLU I 349 28.06 -7.54 73.39
CA GLU I 349 27.26 -7.83 74.58
C GLU I 349 25.96 -8.53 74.26
N ARG I 350 25.63 -8.68 72.97
CA ARG I 350 24.44 -9.43 72.56
C ARG I 350 24.76 -10.91 72.42
N VAL I 351 25.87 -11.22 71.73
CA VAL I 351 26.30 -12.61 71.56
C VAL I 351 26.91 -13.14 72.85
N PHE I 352 27.75 -12.33 73.51
CA PHE I 352 28.25 -12.67 74.83
C PHE I 352 27.37 -12.01 75.88
N ARG I 353 27.58 -12.43 77.13
CA ARG I 353 26.95 -11.77 78.28
C ARG I 353 28.03 -11.48 79.31
N ASN I 354 29.09 -10.80 78.88
CA ASN I 354 30.19 -10.45 79.76
C ASN I 354 30.61 -9.02 79.49
N GLN I 355 31.46 -8.50 80.39
CA GLN I 355 31.96 -7.13 80.31
C GLN I 355 32.83 -6.96 79.07
N VAL I 356 32.37 -6.17 78.11
CA VAL I 356 33.08 -5.91 76.86
C VAL I 356 33.59 -4.48 76.88
N ARG I 357 34.80 -4.27 76.36
CA ARG I 357 35.36 -2.94 76.20
C ARG I 357 36.16 -2.91 74.90
N VAL I 358 36.62 -1.71 74.53
CA VAL I 358 37.34 -1.50 73.27
C VAL I 358 38.73 -0.92 73.54
N GLY I 359 39.49 -1.60 74.40
CA GLY I 359 40.79 -1.14 74.84
C GLY I 359 41.77 -0.68 73.77
N LYS I 360 42.41 0.45 74.01
CA LYS I 360 43.46 1.03 73.18
C LYS I 360 44.79 0.73 73.87
N PRO I 361 45.95 1.04 73.27
CA PRO I 361 47.22 0.85 74.00
C PRO I 361 47.27 1.66 75.29
N LEU I 362 47.99 1.12 76.27
CA LEU I 362 48.06 1.64 77.62
C LEU I 362 49.49 2.02 77.99
N GLU I 363 49.60 2.93 78.96
CA GLU I 363 50.87 3.40 79.53
C GLU I 363 51.89 3.79 78.46
N VAL I 364 51.38 4.41 77.39
CA VAL I 364 52.27 4.93 76.35
C VAL I 364 52.97 6.19 76.88
N SER I 365 54.29 6.23 76.70
CA SER I 365 55.12 7.33 77.18
C SER I 365 55.70 8.08 75.99
N GLY I 366 55.37 9.37 75.88
CA GLY I 366 55.94 10.20 74.84
C GLY I 366 55.42 9.92 73.44
N LEU I 367 55.23 10.99 72.66
CA LEU I 367 54.75 10.89 71.28
C LEU I 367 53.44 10.09 71.23
N THR I 368 52.53 10.44 72.13
CA THR I 368 51.27 9.73 72.27
C THR I 368 50.23 10.14 71.23
N ASP I 369 50.50 11.14 70.39
CA ASP I 369 49.47 11.64 69.49
C ASP I 369 49.25 10.77 68.25
N TYR I 370 50.17 9.86 67.95
CA TYR I 370 50.00 8.95 66.82
C TYR I 370 49.70 7.52 67.23
N VAL I 371 49.74 7.19 68.52
CA VAL I 371 49.56 5.82 68.98
C VAL I 371 48.44 5.70 70.00
N LYS I 372 47.31 6.38 69.76
CA LYS I 372 46.17 6.29 70.66
C LYS I 372 45.12 5.29 70.22
N GLU I 373 44.91 5.12 68.92
CA GLU I 373 43.78 4.34 68.48
C GLU I 373 44.11 2.84 68.51
N PRO I 374 43.09 1.99 68.66
CA PRO I 374 43.35 0.55 68.86
C PRO I 374 44.08 -0.12 67.70
N TYR I 375 44.02 0.44 66.48
CA TYR I 375 44.74 -0.18 65.38
C TYR I 375 46.26 -0.06 65.52
N HIS I 376 46.75 0.57 66.59
CA HIS I 376 48.17 0.66 66.88
C HIS I 376 48.62 -0.34 67.93
N SER I 377 47.69 -1.07 68.55
CA SER I 377 48.04 -1.96 69.65
C SER I 377 49.08 -3.00 69.22
N THR I 378 48.86 -3.65 68.08
CA THR I 378 49.80 -4.66 67.60
C THR I 378 51.19 -4.06 67.39
N ALA I 379 51.26 -2.81 66.93
CA ALA I 379 52.55 -2.18 66.72
C ALA I 379 53.23 -1.86 68.05
N VAL I 380 52.50 -1.22 68.97
CA VAL I 380 53.08 -0.90 70.27
C VAL I 380 53.27 -2.16 71.10
N GLY I 381 52.47 -3.20 70.85
CA GLY I 381 52.68 -4.47 71.51
C GLY I 381 53.99 -5.11 71.16
N LEU I 382 54.46 -4.90 69.93
CA LEU I 382 55.79 -5.37 69.56
C LEU I 382 56.88 -4.68 70.38
N LEU I 383 56.63 -3.44 70.79
CA LEU I 383 57.58 -2.74 71.65
C LEU I 383 57.58 -3.33 73.06
N HIS I 384 56.39 -3.64 73.59
CA HIS I 384 56.31 -4.27 74.91
C HIS I 384 56.98 -5.62 74.93
N TYR I 385 56.82 -6.41 73.86
CA TYR I 385 57.46 -7.72 73.79
C TYR I 385 58.97 -7.60 73.77
N ALA I 386 59.49 -6.53 73.17
CA ALA I 386 60.93 -6.38 72.98
C ALA I 386 61.70 -6.29 74.30
N ARG I 387 61.03 -5.96 75.41
CA ARG I 387 61.72 -5.90 76.69
C ARG I 387 62.32 -7.27 77.03
N ASP I 388 63.65 -7.36 76.96
CA ASP I 388 64.34 -8.63 77.14
C ASP I 388 65.69 -8.37 77.79
N SER I 389 66.02 -9.14 78.82
CA SER I 389 67.29 -8.99 79.52
C SER I 389 67.68 -10.28 80.23
N ASN J 8 51.85 4.62 16.91
CA ASN J 8 51.53 5.14 15.60
C ASN J 8 50.02 5.24 15.39
N ILE J 9 49.53 4.62 14.32
CA ILE J 9 48.12 4.64 13.98
C ILE J 9 47.51 3.30 14.41
N ILE J 10 46.20 3.32 14.63
CA ILE J 10 45.48 2.13 15.11
C ILE J 10 44.12 2.10 14.41
N VAL J 11 43.72 0.90 13.98
CA VAL J 11 42.50 0.72 13.20
C VAL J 11 41.75 -0.51 13.67
N GLY J 12 40.41 -0.42 13.66
CA GLY J 12 39.56 -1.55 13.97
C GLY J 12 38.72 -1.94 12.76
N LEU J 13 38.06 -3.10 12.88
CA LEU J 13 37.28 -3.65 11.77
C LEU J 13 36.22 -4.63 12.26
N ASP J 14 35.07 -4.10 12.70
CA ASP J 14 33.95 -4.93 13.14
C ASP J 14 33.13 -5.35 11.93
N ILE J 15 33.55 -6.44 11.29
CA ILE J 15 32.84 -6.99 10.15
C ILE J 15 31.58 -7.68 10.66
N GLY J 16 30.50 -6.91 10.80
CA GLY J 16 29.28 -7.41 11.39
C GLY J 16 28.42 -8.20 10.42
N THR J 17 27.37 -8.84 10.99
CA THR J 17 26.42 -9.58 10.19
C THR J 17 25.55 -8.66 9.34
N ALA J 18 25.44 -7.39 9.72
CA ALA J 18 24.61 -6.43 9.00
C ALA J 18 25.39 -5.22 8.52
N THR J 19 26.11 -4.55 9.42
CA THR J 19 26.85 -3.34 9.09
C THR J 19 28.32 -3.53 9.43
N VAL J 20 29.19 -3.31 8.46
CA VAL J 20 30.63 -3.34 8.68
C VAL J 20 31.07 -1.99 9.21
N SER J 21 31.85 -2.01 10.29
CA SER J 21 32.39 -0.81 10.91
C SER J 21 33.91 -0.82 10.81
N ALA J 22 34.49 0.36 10.58
CA ALA J 22 35.93 0.49 10.43
C ALA J 22 36.34 1.83 11.05
N LEU J 23 37.08 1.78 12.14
CA LEU J 23 37.49 2.98 12.87
C LEU J 23 39.00 3.12 12.82
N VAL J 24 39.46 4.37 12.74
CA VAL J 24 40.88 4.70 12.68
C VAL J 24 41.21 5.64 13.83
N GLY J 25 42.33 5.39 14.50
CA GLY J 25 42.75 6.24 15.60
C GLY J 25 44.25 6.25 15.73
N GLU J 26 44.74 7.13 16.61
CA GLU J 26 46.16 7.21 16.94
C GLU J 26 46.35 7.04 18.43
N VAL J 27 47.43 6.36 18.80
CA VAL J 27 47.76 6.14 20.21
C VAL J 27 48.47 7.38 20.73
N LEU J 28 47.89 7.99 21.75
CA LEU J 28 48.46 9.18 22.35
C LEU J 28 49.59 8.82 23.32
N PRO J 29 50.62 9.66 23.40
CA PRO J 29 51.77 9.35 24.27
C PRO J 29 51.43 9.14 25.75
N ASP J 30 50.26 9.59 26.22
CA ASP J 30 49.94 9.49 27.64
C ASP J 30 49.13 8.24 27.99
N GLY J 31 48.11 7.89 27.20
CA GLY J 31 47.36 6.69 27.52
C GLY J 31 45.93 6.64 27.06
N GLN J 32 45.63 7.18 25.88
CA GLN J 32 44.26 7.21 25.39
C GLN J 32 44.28 7.15 23.88
N VAL J 33 43.12 6.85 23.30
CA VAL J 33 42.95 6.73 21.86
C VAL J 33 42.06 7.88 21.38
N ASN J 34 42.53 8.61 20.38
CA ASN J 34 41.72 9.63 19.72
C ASN J 34 41.28 9.08 18.37
N ILE J 35 40.00 9.18 18.07
CA ILE J 35 39.46 8.63 16.84
C ILE J 35 39.58 9.67 15.73
N ILE J 36 40.15 9.25 14.60
CA ILE J 36 40.39 10.16 13.49
C ILE J 36 39.43 9.92 12.33
N GLY J 37 38.97 8.68 12.11
CA GLY J 37 38.08 8.39 11.01
C GLY J 37 37.13 7.25 11.30
N ALA J 38 35.87 7.40 10.90
CA ALA J 38 34.85 6.37 11.05
C ALA J 38 34.49 5.80 9.68
N GLY J 39 33.69 4.73 9.72
CA GLY J 39 33.27 4.08 8.48
C GLY J 39 32.21 3.03 8.69
N SER J 40 31.12 3.11 7.91
CA SER J 40 30.02 2.17 8.01
C SER J 40 29.52 1.82 6.62
N SER J 41 28.95 0.61 6.51
CA SER J 41 28.41 0.11 5.24
C SER J 41 27.64 -1.18 5.48
N PRO J 42 26.42 -1.30 4.96
CA PRO J 42 25.68 -2.56 5.08
C PRO J 42 26.44 -3.69 4.39
N SER J 43 26.40 -4.87 5.01
CA SER J 43 27.17 -6.03 4.57
C SER J 43 26.20 -7.10 4.05
N ARG J 44 26.37 -7.47 2.78
CA ARG J 44 25.64 -8.58 2.19
C ARG J 44 26.53 -9.82 2.17
N GLY J 45 25.90 -10.99 2.26
CA GLY J 45 26.65 -12.24 2.29
C GLY J 45 27.27 -12.52 3.65
N MET J 46 26.43 -12.53 4.68
CA MET J 46 26.85 -12.78 6.05
C MET J 46 25.79 -13.57 6.77
N ASP J 47 26.20 -14.57 7.55
CA ASP J 47 25.27 -15.46 8.25
C ASP J 47 25.79 -15.75 9.64
N LYS J 48 25.07 -15.27 10.65
CA LYS J 48 25.31 -15.60 12.06
C LYS J 48 26.76 -15.31 12.45
N GLY J 49 27.23 -14.11 12.11
CA GLY J 49 28.57 -13.70 12.42
C GLY J 49 29.64 -14.27 11.50
N GLY J 50 29.30 -15.28 10.70
CA GLY J 50 30.25 -15.87 9.78
C GLY J 50 29.93 -15.56 8.34
N VAL J 51 30.92 -15.72 7.46
CA VAL J 51 30.75 -15.42 6.04
C VAL J 51 29.89 -16.48 5.38
N ASN J 52 29.17 -16.06 4.34
CA ASN J 52 28.36 -16.97 3.55
C ASN J 52 28.69 -16.81 2.07
N ASP J 53 28.78 -15.56 1.61
CA ASP J 53 29.14 -15.24 0.23
C ASP J 53 30.46 -14.48 0.29
N LEU J 54 31.56 -15.17 -0.05
CA LEU J 54 32.90 -14.60 0.10
C LEU J 54 33.10 -13.35 -0.75
N GLU J 55 32.45 -13.27 -1.91
CA GLU J 55 32.65 -12.13 -2.79
C GLU J 55 32.01 -10.87 -2.22
N SER J 56 30.76 -10.99 -1.75
CA SER J 56 30.01 -9.83 -1.29
C SER J 56 30.66 -9.18 -0.07
N VAL J 57 31.23 -9.98 0.83
CA VAL J 57 31.83 -9.41 2.04
C VAL J 57 33.07 -8.60 1.68
N VAL J 58 33.86 -9.08 0.72
CA VAL J 58 35.03 -8.32 0.28
C VAL J 58 34.62 -6.97 -0.29
N LYS J 59 33.50 -6.95 -1.02
CA LYS J 59 32.95 -5.69 -1.51
C LYS J 59 32.45 -4.82 -0.35
N SER J 60 31.87 -5.45 0.67
CA SER J 60 31.35 -4.70 1.80
C SER J 60 32.46 -4.13 2.67
N VAL J 61 33.55 -4.90 2.83
CA VAL J 61 34.66 -4.41 3.66
C VAL J 61 35.34 -3.23 2.98
N GLN J 62 35.50 -3.29 1.66
CA GLN J 62 36.13 -2.16 0.95
C GLN J 62 35.29 -0.90 1.03
N ARG J 63 33.96 -1.04 1.12
CA ARG J 63 33.10 0.13 1.23
C ARG J 63 33.37 0.89 2.52
N ALA J 64 33.44 0.17 3.65
CA ALA J 64 33.64 0.82 4.93
C ALA J 64 35.05 1.36 5.07
N VAL J 65 36.06 0.57 4.69
CA VAL J 65 37.44 1.01 4.88
C VAL J 65 37.77 2.16 3.94
N ASP J 66 37.12 2.24 2.78
CA ASP J 66 37.40 3.34 1.85
C ASP J 66 36.87 4.65 2.40
N GLN J 67 35.62 4.67 2.86
CA GLN J 67 35.09 5.88 3.48
C GLN J 67 35.83 6.19 4.78
N ALA J 68 36.36 5.18 5.44
CA ALA J 68 37.24 5.40 6.58
C ALA J 68 38.62 5.86 6.12
N GLU J 69 39.09 5.32 4.99
CA GLU J 69 40.35 5.78 4.41
C GLU J 69 40.30 7.26 4.07
N LEU J 70 39.16 7.72 3.53
CA LEU J 70 39.01 9.12 3.17
C LEU J 70 38.96 10.01 4.41
N MET J 71 38.06 9.68 5.35
CA MET J 71 37.84 10.54 6.51
C MET J 71 39.07 10.61 7.42
N ALA J 72 39.99 9.67 7.32
CA ALA J 72 41.22 9.70 8.10
C ALA J 72 42.37 10.34 7.35
N GLU J 73 42.22 10.56 6.05
CA GLU J 73 43.26 11.15 5.18
C GLU J 73 44.57 10.36 5.23
N CYS J 74 44.51 9.09 5.61
CA CYS J 74 45.65 8.18 5.57
C CYS J 74 45.22 6.87 4.92
N GLN J 75 46.19 6.00 4.70
CA GLN J 75 45.94 4.71 4.07
C GLN J 75 45.99 3.60 5.12
N ILE J 76 45.01 2.70 5.04
CA ILE J 76 44.90 1.60 5.99
C ILE J 76 45.88 0.50 5.59
N SER J 77 46.67 0.03 6.56
CA SER J 77 47.65 -1.00 6.28
C SER J 77 47.27 -2.32 6.94
N SER J 78 47.49 -2.42 8.26
CA SER J 78 47.16 -3.61 9.02
C SER J 78 46.04 -3.28 10.00
N VAL J 79 45.12 -4.24 10.18
CA VAL J 79 43.90 -4.01 10.95
C VAL J 79 43.71 -5.12 11.99
N PHE J 80 42.94 -4.81 13.01
CA PHE J 80 42.47 -5.79 13.99
C PHE J 80 40.99 -6.06 13.74
N ILE J 81 40.65 -7.33 13.48
CA ILE J 81 39.31 -7.71 13.08
C ILE J 81 38.63 -8.45 14.24
N SER J 82 37.31 -8.38 14.25
CA SER J 82 36.48 -9.05 15.23
C SER J 82 35.98 -10.39 14.70
N LEU J 83 35.55 -11.25 15.62
CA LEU J 83 35.07 -12.58 15.26
C LEU J 83 34.03 -13.04 16.27
N SER J 84 32.97 -13.67 15.76
CA SER J 84 31.92 -14.20 16.62
C SER J 84 31.23 -15.34 15.88
N GLY J 85 30.31 -16.00 16.56
CA GLY J 85 29.54 -17.10 16.01
C GLY J 85 29.36 -18.20 17.06
N LYS J 86 28.43 -19.10 16.77
CA LYS J 86 28.13 -20.20 17.68
C LYS J 86 29.35 -21.10 17.90
N HIS J 87 30.27 -21.14 16.94
CA HIS J 87 31.45 -21.99 17.04
C HIS J 87 32.42 -21.56 18.13
N ILE J 88 32.22 -20.40 18.74
CA ILE J 88 33.08 -19.94 19.82
C ILE J 88 32.85 -20.80 21.06
N ALA J 89 33.95 -21.23 21.68
CA ALA J 89 33.86 -22.04 22.89
C ALA J 89 34.93 -21.58 23.87
N SER J 90 34.66 -21.80 25.16
CA SER J 90 35.57 -21.40 26.22
C SER J 90 35.97 -22.63 27.03
N ARG J 91 37.26 -22.73 27.34
CA ARG J 91 37.78 -23.84 28.12
C ARG J 91 38.72 -23.32 29.19
N ILE J 92 38.74 -24.02 30.32
CA ILE J 92 39.63 -23.72 31.44
C ILE J 92 40.56 -24.91 31.62
N GLU J 93 41.86 -24.69 31.44
CA GLU J 93 42.87 -25.73 31.51
C GLU J 93 43.82 -25.47 32.65
N LYS J 94 44.27 -26.55 33.30
CA LYS J 94 45.14 -26.46 34.45
C LYS J 94 46.51 -27.04 34.13
N GLY J 95 47.55 -26.46 34.76
CA GLY J 95 48.90 -26.93 34.60
C GLY J 95 49.66 -26.91 35.91
N MET J 96 50.82 -27.55 35.92
CA MET J 96 51.64 -27.66 37.12
C MET J 96 53.09 -27.31 36.79
N GLY J 97 53.88 -27.09 37.83
CA GLY J 97 55.28 -26.75 37.68
C GLY J 97 56.06 -26.71 38.99
N THR J 98 57.35 -27.03 38.94
CA THR J 98 58.18 -27.11 40.13
C THR J 98 58.82 -25.75 40.44
N ILE J 99 58.97 -25.48 41.74
CA ILE J 99 59.59 -24.26 42.25
C ILE J 99 61.07 -24.53 42.51
N SER J 100 61.94 -23.87 41.75
CA SER J 100 63.38 -24.05 41.95
C SER J 100 63.83 -23.41 43.26
N GLU J 101 64.66 -24.14 44.00
CA GLU J 101 65.27 -23.68 45.26
C GLU J 101 64.25 -23.06 46.20
N GLU J 102 63.04 -23.61 46.20
CA GLU J 102 61.94 -23.20 47.09
C GLU J 102 61.65 -21.70 46.98
N GLU J 103 61.99 -21.08 45.85
CA GLU J 103 61.61 -19.70 45.58
C GLU J 103 61.15 -19.60 44.14
N VAL J 104 60.10 -18.83 43.90
CA VAL J 104 59.49 -18.72 42.58
C VAL J 104 60.14 -17.58 41.80
N SER J 105 60.55 -17.88 40.57
CA SER J 105 61.05 -16.89 39.62
C SER J 105 60.10 -16.80 38.43
N GLN J 106 60.40 -15.84 37.54
CA GLN J 106 59.59 -15.68 36.34
C GLN J 106 59.66 -16.92 35.46
N ASP J 107 60.78 -17.64 35.47
CA ASP J 107 60.90 -18.85 34.66
C ASP J 107 59.97 -19.94 35.18
N ASP J 108 59.91 -20.13 36.50
CA ASP J 108 58.99 -21.12 37.07
C ASP J 108 57.55 -20.79 36.74
N MET J 109 57.22 -19.50 36.74
CA MET J 109 55.87 -19.06 36.34
C MET J 109 55.60 -19.39 34.88
N ASP J 110 56.54 -19.05 34.00
CA ASP J 110 56.35 -19.29 32.56
C ASP J 110 56.17 -20.77 32.26
N ARG J 111 56.96 -21.64 32.92
CA ARG J 111 56.80 -23.07 32.70
C ARG J 111 55.39 -23.53 33.07
N ALA J 112 54.87 -23.06 34.21
CA ALA J 112 53.53 -23.45 34.64
C ALA J 112 52.45 -22.91 33.71
N ILE J 113 52.58 -21.65 33.28
CA ILE J 113 51.59 -21.08 32.37
C ILE J 113 51.64 -21.79 31.02
N HIS J 114 52.84 -22.13 30.54
CA HIS J 114 52.99 -22.79 29.24
C HIS J 114 52.35 -24.16 29.22
N THR J 115 52.40 -24.89 30.35
CA THR J 115 51.86 -26.25 30.37
C THR J 115 50.34 -26.26 30.28
N ALA J 116 49.68 -25.27 30.87
CA ALA J 116 48.23 -25.22 30.81
C ALA J 116 47.73 -24.70 29.47
N LYS J 117 48.54 -23.88 28.80
CA LYS J 117 48.14 -23.31 27.52
C LYS J 117 48.15 -24.37 26.42
N SER J 118 49.28 -25.04 26.25
CA SER J 118 49.46 -26.01 25.18
C SER J 118 48.55 -27.22 25.39
N ILE J 119 47.56 -27.40 24.52
CA ILE J 119 46.69 -28.57 24.55
C ILE J 119 46.45 -29.04 23.11
N LYS J 120 45.95 -30.27 22.99
CA LYS J 120 45.58 -30.85 21.70
C LYS J 120 44.07 -30.80 21.54
N ILE J 121 43.61 -29.94 20.61
CA ILE J 121 42.18 -29.75 20.38
C ILE J 121 41.75 -30.29 19.02
N GLY J 122 42.68 -30.66 18.16
CA GLY J 122 42.39 -31.04 16.79
C GLY J 122 42.69 -29.90 15.82
N ASP J 123 42.81 -30.27 14.54
CA ASP J 123 43.16 -29.29 13.52
C ASP J 123 41.96 -28.47 13.04
N GLU J 124 40.74 -28.87 13.39
CA GLU J 124 39.57 -28.10 12.96
C GLU J 124 39.35 -26.86 13.83
N GLN J 125 39.76 -26.91 15.08
CA GLN J 125 39.61 -25.78 16.00
C GLN J 125 40.89 -24.94 16.03
N ARG J 126 40.79 -23.77 16.64
CA ARG J 126 41.92 -22.84 16.70
C ARG J 126 41.79 -21.95 17.93
N ILE J 127 42.90 -21.78 18.64
CA ILE J 127 42.92 -20.95 19.84
C ILE J 127 42.81 -19.48 19.45
N LEU J 128 42.16 -18.70 20.31
CA LEU J 128 41.97 -17.27 20.05
C LEU J 128 42.58 -16.39 21.12
N HIS J 129 42.40 -16.72 22.40
CA HIS J 129 42.93 -15.90 23.48
C HIS J 129 43.47 -16.81 24.58
N VAL J 130 44.57 -16.39 25.20
CA VAL J 130 45.12 -17.06 26.37
C VAL J 130 45.18 -16.03 27.48
N ILE J 131 44.38 -16.23 28.53
CA ILE J 131 44.26 -15.30 29.64
C ILE J 131 44.50 -16.03 30.95
N PRO J 132 45.63 -15.79 31.61
CA PRO J 132 45.88 -16.44 32.91
C PRO J 132 44.89 -15.96 33.97
N GLN J 133 44.41 -16.92 34.77
CA GLN J 133 43.43 -16.71 35.82
C GLN J 133 44.13 -16.85 37.18
N GLU J 134 43.38 -17.29 38.19
CA GLU J 134 43.94 -17.41 39.54
C GLU J 134 45.03 -18.47 39.60
N PHE J 135 46.10 -18.17 40.33
CA PHE J 135 47.17 -19.12 40.52
C PHE J 135 46.82 -20.07 41.68
N THR J 136 47.70 -21.02 41.94
CA THR J 136 47.51 -21.96 43.04
C THR J 136 48.87 -22.59 43.35
N ILE J 137 49.37 -22.37 44.56
CA ILE J 137 50.69 -22.92 44.89
C ILE J 137 50.45 -24.27 45.58
N ASP J 138 51.01 -24.44 46.78
CA ASP J 138 50.81 -25.70 47.51
C ASP J 138 49.37 -25.79 47.97
N TYR J 139 49.02 -25.01 48.99
CA TYR J 139 47.65 -24.93 49.47
C TYR J 139 47.25 -23.48 49.74
N GLN J 140 47.92 -22.52 49.10
CA GLN J 140 47.58 -21.11 49.25
C GLN J 140 46.64 -20.73 48.12
N GLU J 141 45.46 -20.22 48.46
CA GLU J 141 44.38 -20.08 47.51
C GLU J 141 44.35 -18.68 46.91
N GLY J 142 44.10 -18.60 45.60
CA GLY J 142 43.79 -17.34 44.95
C GLY J 142 44.82 -16.23 45.03
N ILE J 143 46.02 -16.44 44.50
CA ILE J 143 47.02 -15.38 44.43
C ILE J 143 47.25 -15.03 42.97
N LYS J 144 47.23 -13.75 42.64
CA LYS J 144 47.48 -13.26 41.29
C LYS J 144 48.92 -12.78 41.18
N ASN J 145 49.67 -13.37 40.25
CA ASN J 145 51.09 -13.13 40.04
C ASN J 145 51.82 -13.29 41.37
N PRO J 146 52.13 -14.52 41.77
CA PRO J 146 52.83 -14.82 43.04
C PRO J 146 54.34 -14.89 42.88
N LEU J 147 54.98 -13.73 42.66
CA LEU J 147 56.42 -13.69 42.49
C LEU J 147 57.14 -13.43 43.81
N GLY J 148 58.19 -14.22 44.06
CA GLY J 148 59.07 -14.07 45.21
C GLY J 148 58.69 -14.82 46.47
N LEU J 149 57.46 -15.29 46.61
CA LEU J 149 57.11 -16.02 47.83
C LEU J 149 57.67 -17.43 47.76
N SER J 150 57.45 -18.22 48.81
CA SER J 150 58.04 -19.54 48.94
C SER J 150 57.01 -20.66 48.83
N GLY J 151 57.48 -21.80 48.33
CA GLY J 151 56.65 -22.97 48.16
C GLY J 151 57.47 -24.07 47.54
N VAL J 152 56.80 -25.13 47.08
CA VAL J 152 57.47 -26.26 46.45
C VAL J 152 56.96 -26.55 45.04
N ARG J 153 55.64 -26.50 44.83
CA ARG J 153 55.09 -26.70 43.50
C ARG J 153 53.77 -25.95 43.39
N MET J 154 53.46 -25.49 42.17
CA MET J 154 52.31 -24.64 41.92
C MET J 154 51.44 -25.23 40.82
N GLU J 155 50.22 -24.71 40.72
CA GLU J 155 49.31 -25.07 39.65
C GLU J 155 48.55 -23.83 39.22
N VAL J 156 48.12 -23.81 37.95
CA VAL J 156 47.50 -22.63 37.36
C VAL J 156 46.21 -23.02 36.67
N SER J 157 45.27 -22.09 36.67
CA SER J 157 44.04 -22.20 35.89
C SER J 157 44.05 -21.12 34.82
N VAL J 158 43.89 -21.52 33.56
CA VAL J 158 43.93 -20.60 32.43
C VAL J 158 42.62 -20.68 31.66
N HIS J 159 42.10 -19.53 31.25
CA HIS J 159 40.90 -19.47 30.43
C HIS J 159 41.28 -19.42 28.95
N LEU J 160 40.74 -20.35 28.17
CA LEU J 160 41.05 -20.46 26.75
C LEU J 160 39.79 -20.26 25.92
N ILE J 161 39.86 -19.34 24.96
CA ILE J 161 38.79 -19.12 23.99
C ILE J 161 39.23 -19.68 22.64
N SER J 162 38.41 -20.56 22.07
CA SER J 162 38.72 -21.21 20.81
C SER J 162 37.55 -21.05 19.85
N CYS J 163 37.85 -21.16 18.56
CA CYS J 163 36.85 -21.02 17.52
C CYS J 163 37.16 -21.97 16.37
N HIS J 164 36.12 -22.26 15.58
CA HIS J 164 36.30 -23.06 14.38
C HIS J 164 37.24 -22.35 13.42
N ASN J 165 38.27 -23.06 12.95
CA ASN J 165 39.27 -22.43 12.11
C ASN J 165 38.68 -22.01 10.77
N ASP J 166 37.83 -22.85 10.17
CA ASP J 166 37.26 -22.54 8.87
C ASP J 166 36.44 -21.26 8.91
N MET J 167 35.59 -21.10 9.94
CA MET J 167 34.84 -19.86 10.07
C MET J 167 35.76 -18.69 10.36
N ALA J 168 36.91 -18.96 10.98
CA ALA J 168 37.91 -17.93 11.20
C ALA J 168 38.77 -17.71 9.95
N ARG J 169 39.07 -18.80 9.23
CA ARG J 169 39.94 -18.72 8.06
C ARG J 169 39.40 -17.76 7.01
N ASN J 170 38.09 -17.82 6.75
CA ASN J 170 37.49 -17.01 5.69
C ASN J 170 37.51 -15.53 6.01
N ILE J 171 37.38 -15.15 7.29
CA ILE J 171 37.37 -13.74 7.66
C ILE J 171 38.70 -13.07 7.30
N ILE J 172 39.81 -13.76 7.51
CA ILE J 172 41.09 -13.21 7.06
C ILE J 172 41.13 -13.14 5.54
N LYS J 173 40.58 -14.16 4.87
CA LYS J 173 40.57 -14.15 3.40
C LYS J 173 39.85 -12.94 2.85
N ALA J 174 38.75 -12.54 3.48
CA ALA J 174 38.02 -11.35 3.02
C ALA J 174 38.86 -10.09 3.22
N VAL J 175 39.49 -9.96 4.39
CA VAL J 175 40.29 -8.76 4.67
C VAL J 175 41.57 -8.77 3.84
N GLU J 176 42.21 -9.94 3.71
CA GLU J 176 43.45 -10.01 2.94
C GLU J 176 43.24 -9.66 1.47
N ARG J 177 42.08 -10.02 0.91
CA ARG J 177 41.82 -9.72 -0.49
C ARG J 177 41.64 -8.22 -0.73
N CYS J 178 41.40 -7.44 0.31
CA CYS J 178 41.29 -5.99 0.20
C CYS J 178 42.62 -5.29 0.39
N GLY J 179 43.73 -6.00 0.21
CA GLY J 179 45.05 -5.43 0.39
C GLY J 179 45.44 -5.16 1.82
N LEU J 180 44.62 -5.57 2.79
CA LEU J 180 44.90 -5.34 4.19
C LEU J 180 45.40 -6.62 4.85
N LYS J 181 46.15 -6.47 5.94
CA LYS J 181 46.69 -7.59 6.70
C LYS J 181 46.16 -7.56 8.12
N VAL J 182 45.73 -8.71 8.62
CA VAL J 182 45.21 -8.80 9.97
C VAL J 182 46.38 -8.95 10.95
N GLU J 183 46.29 -8.27 12.08
CA GLU J 183 47.30 -8.37 13.12
C GLU J 183 46.97 -9.45 14.13
N GLN J 184 45.73 -9.47 14.61
CA GLN J 184 45.28 -10.47 15.57
C GLN J 184 43.76 -10.57 15.46
N LEU J 185 43.25 -11.78 15.62
CA LEU J 185 41.82 -12.02 15.69
C LEU J 185 41.35 -11.88 17.13
N VAL J 186 40.22 -11.20 17.32
CA VAL J 186 39.69 -10.91 18.64
C VAL J 186 38.25 -11.39 18.69
N PHE J 187 37.89 -12.10 19.76
CA PHE J 187 36.51 -12.50 19.95
C PHE J 187 35.67 -11.25 20.20
N SER J 188 34.55 -11.15 19.47
CA SER J 188 33.73 -9.94 19.50
C SER J 188 33.29 -9.58 20.91
N GLY J 189 32.74 -10.56 21.64
CA GLY J 189 32.25 -10.29 22.99
C GLY J 189 33.33 -9.76 23.93
N LEU J 190 34.59 -10.13 23.70
CA LEU J 190 35.66 -9.58 24.51
C LEU J 190 35.92 -8.12 24.17
N ALA J 191 35.95 -7.79 22.87
CA ALA J 191 36.10 -6.40 22.47
C ALA J 191 34.88 -5.57 22.88
N SER J 192 33.68 -6.15 22.75
CA SER J 192 32.48 -5.45 23.18
C SER J 192 32.48 -5.20 24.68
N SER J 193 33.23 -5.98 25.45
CA SER J 193 33.37 -5.77 26.89
C SER J 193 34.43 -4.75 27.25
N ASN J 194 35.43 -4.54 26.39
CA ASN J 194 36.56 -3.68 26.72
C ASN J 194 36.24 -2.20 26.66
N ALA J 195 35.05 -1.82 26.15
CA ALA J 195 34.72 -0.40 26.04
C ALA J 195 33.30 -0.12 26.50
N VAL J 196 32.73 -0.97 27.36
CA VAL J 196 31.37 -0.78 27.87
C VAL J 196 31.43 -0.92 29.38
N ILE J 197 32.55 -1.43 29.89
CA ILE J 197 32.74 -1.72 31.31
C ILE J 197 33.79 -0.77 31.86
N THR J 198 33.52 -0.23 33.05
CA THR J 198 34.56 0.45 33.80
C THR J 198 35.19 -0.54 34.78
N GLU J 199 36.46 -0.28 35.13
CA GLU J 199 37.24 -1.23 35.91
C GLU J 199 36.53 -1.66 37.19
N ASP J 200 35.82 -0.73 37.83
CA ASP J 200 35.07 -1.07 39.04
C ASP J 200 34.04 -2.18 38.79
N GLU J 201 33.50 -2.25 37.57
CA GLU J 201 32.49 -3.27 37.26
C GLU J 201 33.09 -4.66 37.29
N ARG J 202 34.33 -4.82 36.82
CA ARG J 202 34.95 -6.14 36.80
C ARG J 202 35.06 -6.75 38.19
N GLU J 203 35.46 -5.95 39.18
CA GLU J 203 35.62 -6.48 40.53
C GLU J 203 34.29 -6.88 41.16
N LEU J 204 33.21 -6.20 40.79
CA LEU J 204 31.90 -6.52 41.35
C LEU J 204 31.18 -7.65 40.62
N GLY J 205 31.47 -7.84 39.34
CA GLY J 205 30.81 -8.89 38.58
C GLY J 205 29.82 -8.37 37.56
N VAL J 206 30.13 -8.55 36.27
CA VAL J 206 29.28 -8.07 35.19
C VAL J 206 29.15 -9.13 34.11
N CYS J 207 28.05 -9.04 33.37
CA CYS J 207 27.79 -9.89 32.21
C CYS J 207 27.39 -9.01 31.04
N VAL J 208 28.23 -8.95 30.01
CA VAL J 208 27.88 -8.22 28.79
C VAL J 208 27.15 -9.15 27.86
N VAL J 209 26.49 -8.59 26.85
CA VAL J 209 25.79 -9.38 25.85
C VAL J 209 25.56 -8.53 24.61
N ASP J 210 26.46 -8.64 23.63
CA ASP J 210 26.35 -7.86 22.41
C ASP J 210 25.27 -8.50 21.55
N ILE J 211 24.04 -8.02 21.70
CA ILE J 211 22.93 -8.51 20.90
C ILE J 211 23.02 -7.77 19.56
N GLY J 212 23.61 -8.43 18.57
CA GLY J 212 23.81 -7.88 17.26
C GLY J 212 22.72 -8.27 16.28
N ALA J 213 23.07 -8.32 15.01
CA ALA J 213 22.15 -8.73 13.96
C ALA J 213 22.25 -10.21 13.62
N GLY J 214 23.01 -10.99 14.39
CA GLY J 214 23.19 -12.39 14.06
C GLY J 214 23.68 -13.21 15.23
N THR J 215 24.51 -12.62 16.08
CA THR J 215 25.11 -13.33 17.20
C THR J 215 24.82 -12.61 18.50
N MET J 216 24.58 -13.38 19.55
CA MET J 216 24.40 -12.88 20.91
C MET J 216 25.69 -13.21 21.68
N ASP J 217 26.62 -12.26 21.68
CA ASP J 217 27.95 -12.47 22.22
C ASP J 217 27.96 -12.16 23.71
N ILE J 218 27.98 -13.20 24.53
CA ILE J 218 27.90 -13.09 25.99
C ILE J 218 29.28 -13.26 26.58
N SER J 219 29.65 -12.39 27.52
CA SER J 219 30.89 -12.49 28.26
C SER J 219 30.60 -12.21 29.73
N ILE J 220 31.12 -13.06 30.61
CA ILE J 220 30.84 -12.99 32.04
C ILE J 220 32.14 -12.68 32.77
N TRP J 221 32.10 -11.67 33.64
CA TRP J 221 33.26 -11.24 34.42
C TRP J 221 32.88 -11.25 35.90
N THR J 222 33.72 -11.89 36.72
CA THR J 222 33.63 -11.80 38.17
C THR J 222 35.03 -11.70 38.74
N GLY J 223 35.19 -10.87 39.77
CA GLY J 223 36.49 -10.70 40.39
C GLY J 223 37.55 -10.10 39.50
N GLY J 224 37.16 -9.37 38.46
CA GLY J 224 38.11 -8.74 37.58
C GLY J 224 38.76 -9.67 36.57
N ALA J 225 38.13 -10.80 36.27
CA ALA J 225 38.67 -11.74 35.30
C ALA J 225 37.54 -12.30 34.44
N LEU J 226 37.88 -12.68 33.21
CA LEU J 226 36.92 -13.27 32.29
C LEU J 226 36.66 -14.72 32.70
N ARG J 227 35.43 -15.02 33.08
CA ARG J 227 35.07 -16.32 33.64
C ARG J 227 34.42 -17.25 32.62
N HIS J 228 33.51 -16.75 31.78
CA HIS J 228 32.83 -17.59 30.80
C HIS J 228 32.61 -16.80 29.51
N THR J 229 32.41 -17.54 28.42
CA THR J 229 32.13 -16.97 27.11
C THR J 229 31.13 -17.85 26.38
N GLU J 230 30.02 -17.25 25.92
CA GLU J 230 28.97 -17.98 25.21
C GLU J 230 28.38 -17.08 24.13
N VAL J 231 28.00 -17.70 23.01
CA VAL J 231 27.41 -16.99 21.87
C VAL J 231 26.25 -17.82 21.32
N PHE J 232 25.14 -17.15 21.03
CA PHE J 232 23.97 -17.75 20.41
C PHE J 232 23.71 -17.10 19.06
N SER J 233 23.23 -17.90 18.11
CA SER J 233 22.89 -17.41 16.77
C SER J 233 21.51 -16.78 16.70
N TYR J 234 20.81 -16.62 17.82
CA TYR J 234 19.48 -16.05 17.87
C TYR J 234 19.61 -14.62 18.38
N ALA J 235 19.62 -13.66 17.46
CA ALA J 235 19.71 -12.26 17.86
C ALA J 235 18.79 -11.38 17.04
N GLY J 236 19.29 -10.25 16.58
CA GLY J 236 18.57 -9.27 15.78
C GLY J 236 17.60 -9.88 14.80
N ASN J 237 18.16 -10.64 13.85
CA ASN J 237 17.41 -11.16 12.71
C ASN J 237 16.26 -12.05 13.12
N ALA J 238 16.32 -12.66 14.31
CA ALA J 238 15.24 -13.55 14.75
C ALA J 238 13.92 -12.79 14.87
N VAL J 239 13.93 -11.68 15.61
CA VAL J 239 12.69 -10.93 15.81
C VAL J 239 12.24 -10.27 14.51
N THR J 240 13.18 -9.94 13.61
CA THR J 240 12.81 -9.40 12.31
C THR J 240 11.95 -10.39 11.53
N SER J 241 12.37 -11.65 11.47
CA SER J 241 11.59 -12.67 10.77
C SER J 241 10.25 -12.93 11.45
N ASP J 242 10.21 -12.83 12.78
CA ASP J 242 8.96 -13.09 13.50
C ASP J 242 7.88 -12.10 13.10
N ILE J 243 8.23 -10.83 12.98
CA ILE J 243 7.26 -9.81 12.57
C ILE J 243 6.72 -10.14 11.18
N ALA J 244 7.60 -10.53 10.26
CA ALA J 244 7.19 -10.86 8.90
C ALA J 244 6.30 -12.08 8.85
N PHE J 245 6.52 -13.05 9.74
CA PHE J 245 5.78 -14.30 9.66
C PHE J 245 4.35 -14.14 10.19
N ALA J 246 4.13 -13.22 11.11
CA ALA J 246 2.83 -13.07 11.75
C ALA J 246 1.94 -12.02 11.10
N PHE J 247 2.49 -11.19 10.21
CA PHE J 247 1.73 -10.11 9.60
C PHE J 247 1.64 -10.22 8.08
N GLY J 248 2.29 -11.21 7.47
CA GLY J 248 2.28 -11.30 6.02
C GLY J 248 3.06 -10.20 5.34
N THR J 249 4.14 -9.73 5.96
CA THR J 249 4.99 -8.64 5.50
C THR J 249 6.31 -9.16 4.96
N PRO J 250 6.87 -8.53 3.94
CA PRO J 250 8.23 -8.89 3.52
C PRO J 250 9.26 -8.46 4.55
N LEU J 251 10.39 -9.15 4.54
CA LEU J 251 11.46 -8.89 5.50
C LEU J 251 11.96 -7.45 5.40
N SER J 252 12.23 -6.99 4.18
CA SER J 252 12.76 -5.64 4.00
C SER J 252 11.81 -4.60 4.58
N ASP J 253 10.52 -4.89 4.62
CA ASP J 253 9.55 -3.98 5.21
C ASP J 253 9.36 -4.24 6.69
N ALA J 254 9.36 -5.51 7.09
CA ALA J 254 9.22 -5.84 8.51
C ALA J 254 10.40 -5.32 9.33
N GLU J 255 11.60 -5.30 8.74
CA GLU J 255 12.76 -4.77 9.45
C GLU J 255 12.59 -3.28 9.74
N GLU J 256 12.19 -2.50 8.72
CA GLU J 256 12.01 -1.07 8.93
C GLU J 256 10.87 -0.80 9.90
N ILE J 257 9.84 -1.64 9.89
CA ILE J 257 8.75 -1.50 10.85
C ILE J 257 9.25 -1.77 12.26
N LYS J 258 10.13 -2.76 12.40
CA LYS J 258 10.73 -3.06 13.70
C LYS J 258 11.53 -1.87 14.22
N VAL J 259 12.33 -1.25 13.36
CA VAL J 259 13.24 -0.19 13.78
C VAL J 259 12.48 1.07 14.19
N LYS J 260 11.28 1.30 13.64
CA LYS J 260 10.58 2.55 13.85
C LYS J 260 9.39 2.46 14.80
N TYR J 261 8.85 1.26 15.05
CA TYR J 261 7.69 1.12 15.91
C TYR J 261 7.83 -0.01 16.94
N GLY J 262 8.99 -0.64 17.04
CA GLY J 262 9.12 -1.79 17.90
C GLY J 262 9.23 -1.43 19.38
N CYS J 263 8.73 -2.34 20.21
CA CYS J 263 8.78 -2.22 21.66
C CYS J 263 9.01 -3.59 22.27
N ALA J 264 9.87 -3.65 23.29
CA ALA J 264 10.19 -4.93 23.91
C ALA J 264 9.16 -5.35 24.97
N LEU J 265 8.29 -4.45 25.39
CA LEU J 265 7.20 -4.76 26.31
C LEU J 265 5.89 -4.29 25.70
N SER J 266 4.91 -5.18 25.64
CA SER J 266 3.62 -4.88 25.01
C SER J 266 2.73 -4.02 25.90
N GLU J 267 3.30 -3.32 26.89
CA GLU J 267 2.55 -2.43 27.74
C GLU J 267 3.04 -0.99 27.71
N LEU J 268 4.27 -0.74 27.23
CA LEU J 268 4.77 0.62 27.16
C LEU J 268 4.16 1.39 25.99
N VAL J 269 3.60 0.69 25.01
CA VAL J 269 2.96 1.32 23.86
C VAL J 269 1.50 1.56 24.19
N SER J 270 0.97 2.66 23.67
CA SER J 270 -0.43 2.98 23.89
C SER J 270 -1.32 2.24 22.90
N LYS J 271 -2.59 2.08 23.28
CA LYS J 271 -3.57 1.43 22.42
C LYS J 271 -4.05 2.33 21.30
N ASP J 272 -3.59 3.59 21.25
CA ASP J 272 -3.97 4.52 20.21
C ASP J 272 -2.94 4.61 19.08
N ASP J 273 -1.69 4.27 19.34
CA ASP J 273 -0.68 4.23 18.30
C ASP J 273 -1.01 3.15 17.29
N THR J 274 -0.74 3.41 16.02
CA THR J 274 -1.03 2.45 14.96
C THR J 274 0.02 2.57 13.87
N VAL J 275 0.08 1.54 13.03
CA VAL J 275 1.07 1.45 11.96
C VAL J 275 0.35 1.29 10.64
N ASN J 276 1.11 1.40 9.56
CA ASN J 276 0.64 1.14 8.20
C ASN J 276 1.51 0.05 7.60
N VAL J 277 1.34 -1.18 8.08
CA VAL J 277 2.18 -2.29 7.65
C VAL J 277 1.81 -2.68 6.22
N PRO J 278 2.78 -2.74 5.30
CA PRO J 278 2.46 -3.15 3.93
C PRO J 278 2.03 -4.62 3.86
N SER J 279 1.19 -4.91 2.88
CA SER J 279 0.68 -6.25 2.68
C SER J 279 1.63 -7.04 1.79
N VAL J 280 1.15 -8.17 1.25
CA VAL J 280 1.98 -9.06 0.44
C VAL J 280 2.29 -8.44 -0.92
N GLY J 281 3.02 -7.33 -0.92
CA GLY J 281 3.49 -6.73 -2.15
C GLY J 281 2.51 -5.77 -2.81
N GLY J 282 1.76 -6.27 -3.78
CA GLY J 282 0.91 -5.43 -4.61
C GLY J 282 -0.22 -4.74 -3.89
N ARG J 283 -1.07 -5.51 -3.22
CA ARG J 283 -2.24 -4.95 -2.57
C ARG J 283 -1.83 -3.92 -1.52
N PRO J 284 -2.69 -2.93 -1.23
CA PRO J 284 -2.28 -1.84 -0.34
C PRO J 284 -2.08 -2.30 1.09
N SER J 285 -1.52 -1.40 1.90
CA SER J 285 -1.09 -1.72 3.24
C SER J 285 -2.28 -1.87 4.19
N ARG J 286 -2.00 -2.40 5.38
CA ARG J 286 -2.99 -2.56 6.43
C ARG J 286 -2.68 -1.61 7.58
N SER J 287 -3.74 -1.12 8.22
CA SER J 287 -3.60 -0.23 9.38
C SER J 287 -3.68 -1.11 10.63
N LEU J 288 -2.51 -1.49 11.13
CA LEU J 288 -2.41 -2.41 12.26
C LEU J 288 -2.10 -1.64 13.54
N GLN J 289 -2.33 -2.30 14.66
CA GLN J 289 -2.08 -1.71 15.97
C GLN J 289 -0.60 -1.80 16.32
N ARG J 290 -0.06 -0.71 16.86
CA ARG J 290 1.34 -0.72 17.29
C ARG J 290 1.53 -1.62 18.51
N GLN J 291 0.50 -1.78 19.33
CA GLN J 291 0.59 -2.70 20.46
C GLN J 291 0.67 -4.14 20.00
N THR J 292 -0.07 -4.49 18.94
CA THR J 292 -0.03 -5.84 18.41
C THR J 292 1.37 -6.19 17.91
N LEU J 293 2.09 -5.20 17.36
CA LEU J 293 3.46 -5.44 16.91
C LEU J 293 4.37 -5.76 18.09
N ALA J 294 4.26 -4.99 19.17
CA ALA J 294 5.09 -5.24 20.35
C ALA J 294 4.73 -6.56 21.02
N GLU J 295 3.50 -7.04 20.83
CA GLU J 295 3.11 -8.33 21.38
C GLU J 295 3.83 -9.50 20.72
N VAL J 296 4.49 -9.27 19.58
CA VAL J 296 5.26 -10.30 18.90
C VAL J 296 6.73 -10.11 19.26
N ILE J 297 7.14 -8.86 19.46
CA ILE J 297 8.53 -8.57 19.78
C ILE J 297 8.83 -8.92 21.23
N GLU J 298 7.85 -8.79 22.12
CA GLU J 298 8.06 -9.10 23.53
C GLU J 298 8.48 -10.54 23.77
N PRO J 299 7.76 -11.56 23.28
CA PRO J 299 8.17 -12.94 23.60
C PRO J 299 9.55 -13.30 23.08
N ARG J 300 9.98 -12.74 21.96
CA ARG J 300 11.30 -13.06 21.42
C ARG J 300 12.39 -12.48 22.32
N TYR J 301 12.26 -11.19 22.66
CA TYR J 301 13.23 -10.57 23.56
C TYR J 301 13.20 -11.23 24.94
N THR J 302 12.02 -11.64 25.38
CA THR J 302 11.91 -12.36 26.65
C THR J 302 12.64 -13.69 26.59
N GLU J 303 12.53 -14.39 25.46
CA GLU J 303 13.26 -15.64 25.29
C GLU J 303 14.76 -15.39 25.13
N LEU J 304 15.13 -14.34 24.42
CA LEU J 304 16.55 -14.03 24.21
C LEU J 304 17.27 -13.82 25.54
N MET J 305 16.64 -13.11 26.46
CA MET J 305 17.25 -12.91 27.78
C MET J 305 17.23 -14.19 28.61
N GLY J 306 16.22 -15.05 28.40
CA GLY J 306 16.17 -16.31 29.11
C GLY J 306 17.38 -17.19 28.84
N LEU J 307 17.90 -17.15 27.61
CA LEU J 307 19.13 -17.87 27.30
C LEU J 307 20.31 -17.30 28.06
N VAL J 308 20.36 -15.97 28.23
CA VAL J 308 21.41 -15.35 29.02
C VAL J 308 21.25 -15.70 30.48
N ASN J 309 20.01 -15.66 30.99
CA ASN J 309 19.76 -15.98 32.39
C ASN J 309 20.17 -17.41 32.71
N GLN J 310 19.80 -18.35 31.84
CA GLN J 310 20.17 -19.75 32.05
C GLN J 310 21.69 -19.91 32.03
N THR J 311 22.38 -19.18 31.16
CA THR J 311 23.84 -19.23 31.12
C THR J 311 24.43 -18.71 32.42
N ILE J 312 23.89 -17.60 32.95
CA ILE J 312 24.38 -17.05 34.21
C ILE J 312 24.23 -18.07 35.33
N ASP J 313 23.06 -18.72 35.41
CA ASP J 313 22.83 -19.68 36.49
C ASP J 313 23.76 -20.87 36.40
N ASN J 314 24.00 -21.38 35.18
CA ASN J 314 24.87 -22.54 35.02
C ASN J 314 26.33 -22.17 35.27
N VAL J 315 26.73 -20.93 34.97
CA VAL J 315 28.09 -20.51 35.27
C VAL J 315 28.24 -20.18 36.75
N GLN J 316 27.25 -19.51 37.34
CA GLN J 316 27.32 -19.17 38.76
C GLN J 316 27.35 -20.42 39.63
N ALA J 317 26.66 -21.49 39.22
CA ALA J 317 26.68 -22.72 40.00
C ALA J 317 28.08 -23.31 40.07
N LYS J 318 28.72 -23.51 38.92
CA LYS J 318 30.09 -24.00 38.92
C LYS J 318 31.05 -22.98 39.52
N LEU J 319 30.73 -21.69 39.42
CA LEU J 319 31.61 -20.67 39.95
C LEU J 319 31.57 -20.59 41.47
N ARG J 320 30.44 -20.94 42.09
CA ARG J 320 30.38 -20.93 43.54
C ARG J 320 30.84 -22.25 44.16
N GLU J 321 30.59 -23.37 43.49
CA GLU J 321 31.09 -24.66 43.96
C GLU J 321 32.55 -24.89 43.57
N ASN J 322 33.40 -23.86 43.74
CA ASN J 322 34.78 -23.88 43.27
C ASN J 322 35.61 -22.75 43.88
N GLY J 323 35.21 -22.18 45.01
CA GLY J 323 35.87 -21.05 45.64
C GLY J 323 36.25 -19.85 44.79
N VAL J 324 35.27 -19.07 44.34
CA VAL J 324 35.53 -17.79 43.70
C VAL J 324 34.23 -17.00 43.69
N LYS J 325 34.33 -15.69 43.49
CA LYS J 325 33.18 -14.78 43.54
C LYS J 325 32.06 -15.25 42.63
N HIS J 326 30.89 -15.49 43.21
CA HIS J 326 29.81 -16.14 42.49
C HIS J 326 28.72 -15.20 42.00
N HIS J 327 28.59 -14.01 42.58
CA HIS J 327 27.52 -13.10 42.19
C HIS J 327 28.08 -11.96 41.36
N LEU J 328 27.27 -11.47 40.43
CA LEU J 328 27.58 -10.31 39.60
C LEU J 328 26.76 -9.14 40.13
N ALA J 329 27.43 -8.27 40.90
CA ALA J 329 26.74 -7.20 41.61
C ALA J 329 26.29 -6.09 40.67
N ALA J 330 27.18 -5.63 39.79
CA ALA J 330 26.84 -4.54 38.89
C ALA J 330 25.85 -4.96 37.80
N GLY J 331 25.45 -6.22 37.76
CA GLY J 331 24.38 -6.65 36.89
C GLY J 331 24.82 -6.91 35.45
N VAL J 332 23.89 -6.65 34.53
CA VAL J 332 24.04 -6.97 33.13
C VAL J 332 24.03 -5.68 32.32
N VAL J 333 24.86 -5.63 31.28
CA VAL J 333 24.95 -4.48 30.39
C VAL J 333 24.61 -4.96 28.99
N LEU J 334 23.52 -4.42 28.44
CA LEU J 334 23.07 -4.76 27.10
C LEU J 334 23.76 -3.84 26.10
N THR J 335 24.14 -4.40 24.96
CA THR J 335 24.83 -3.64 23.92
C THR J 335 24.47 -4.23 22.56
N GLY J 336 25.01 -3.63 21.50
CA GLY J 336 24.71 -4.04 20.14
C GLY J 336 23.59 -3.24 19.54
N GLY J 337 23.19 -3.65 18.33
CA GLY J 337 22.17 -2.91 17.61
C GLY J 337 20.79 -3.12 18.19
N ALA J 338 20.40 -4.38 18.36
CA ALA J 338 19.05 -4.71 18.84
C ALA J 338 18.83 -4.29 20.29
N ALA J 339 19.85 -3.80 20.98
CA ALA J 339 19.68 -3.24 22.32
C ALA J 339 19.13 -1.83 22.31
N GLN J 340 18.82 -1.28 21.13
CA GLN J 340 18.31 0.08 21.00
C GLN J 340 16.80 0.17 20.98
N ILE J 341 16.10 -0.96 20.83
CA ILE J 341 14.64 -0.92 20.74
C ILE J 341 14.07 -0.44 22.06
N GLU J 342 12.88 0.15 22.01
CA GLU J 342 12.29 0.73 23.20
C GLU J 342 11.84 -0.36 24.16
N GLY J 343 12.31 -0.28 25.42
CA GLY J 343 11.88 -1.19 26.46
C GLY J 343 12.75 -2.41 26.68
N VAL J 344 14.01 -2.38 26.25
CA VAL J 344 14.89 -3.54 26.45
C VAL J 344 15.13 -3.77 27.94
N VAL J 345 15.57 -2.72 28.65
CA VAL J 345 15.92 -2.86 30.07
C VAL J 345 14.70 -3.25 30.89
N GLU J 346 13.51 -2.86 30.46
CA GLU J 346 12.31 -3.16 31.23
C GLU J 346 11.92 -4.63 31.13
N CYS J 347 12.00 -5.21 29.93
CA CYS J 347 11.72 -6.62 29.78
C CYS J 347 12.92 -7.49 30.12
N ALA J 348 14.06 -6.88 30.43
CA ALA J 348 15.22 -7.60 30.95
C ALA J 348 15.19 -7.67 32.47
N GLU J 349 14.78 -6.58 33.13
CA GLU J 349 14.61 -6.60 34.57
C GLU J 349 13.50 -7.54 35.02
N ARG J 350 12.59 -7.91 34.11
CA ARG J 350 11.54 -8.86 34.43
C ARG J 350 12.04 -10.29 34.34
N VAL J 351 13.03 -10.53 33.48
CA VAL J 351 13.58 -11.86 33.30
C VAL J 351 14.79 -12.06 34.22
N PHE J 352 15.57 -11.01 34.45
CA PHE J 352 16.70 -11.07 35.34
C PHE J 352 16.27 -10.59 36.74
N ARG J 353 17.23 -10.57 37.66
CA ARG J 353 16.99 -10.12 39.02
C ARG J 353 18.07 -9.17 39.49
N ASN J 354 18.93 -8.72 38.59
CA ASN J 354 20.05 -7.84 38.89
C ASN J 354 19.90 -6.53 38.13
N GLN J 355 20.89 -5.65 38.32
CA GLN J 355 20.90 -4.35 37.66
C GLN J 355 21.07 -4.52 36.15
N VAL J 356 20.35 -3.71 35.39
CA VAL J 356 20.36 -3.80 33.92
C VAL J 356 20.51 -2.40 33.36
N ARG J 357 21.38 -2.25 32.36
CA ARG J 357 21.57 -0.99 31.66
C ARG J 357 21.91 -1.29 30.21
N VAL J 358 21.91 -0.24 29.40
CA VAL J 358 22.29 -0.33 27.99
C VAL J 358 23.59 0.45 27.80
N GLY J 359 24.69 -0.28 27.62
CA GLY J 359 26.01 0.34 27.58
C GLY J 359 26.39 0.81 26.18
N LYS J 360 26.96 2.01 26.14
CA LYS J 360 27.53 2.62 24.96
C LYS J 360 29.05 2.71 25.11
N PRO J 361 29.79 2.90 24.01
CA PRO J 361 31.25 3.03 24.13
C PRO J 361 31.64 4.15 25.07
N LEU J 362 32.63 3.88 25.91
CA LEU J 362 33.12 4.82 26.92
C LEU J 362 34.57 5.19 26.62
N GLU J 363 35.03 6.22 27.33
CA GLU J 363 36.39 6.76 27.21
C GLU J 363 36.80 6.92 25.74
N VAL J 364 36.05 7.76 25.05
CA VAL J 364 36.30 8.07 23.65
C VAL J 364 36.62 9.55 23.54
N SER J 365 37.51 9.87 22.60
CA SER J 365 37.96 11.25 22.40
C SER J 365 38.07 11.53 20.90
N GLY J 366 37.57 12.70 20.51
CA GLY J 366 37.62 13.15 19.14
C GLY J 366 36.63 12.42 18.25
N LEU J 367 35.88 13.17 17.44
CA LEU J 367 34.87 12.60 16.55
C LEU J 367 33.93 11.66 17.30
N THR J 368 33.56 12.07 18.52
CA THR J 368 32.67 11.29 19.38
C THR J 368 31.22 11.38 18.95
N ASP J 369 30.96 11.83 17.72
CA ASP J 369 29.61 11.92 17.18
C ASP J 369 29.24 10.70 16.35
N TYR J 370 30.21 10.07 15.69
CA TYR J 370 29.97 8.85 14.94
C TYR J 370 30.33 7.60 15.73
N VAL J 371 30.66 7.76 17.01
CA VAL J 371 30.99 6.63 17.87
C VAL J 371 30.25 6.84 19.19
N LYS J 372 28.93 6.80 19.15
CA LYS J 372 28.13 7.00 20.35
C LYS J 372 27.17 5.86 20.65
N GLU J 373 26.54 5.29 19.61
CA GLU J 373 25.52 4.28 19.75
C GLU J 373 26.13 2.90 20.03
N PRO J 374 25.37 2.01 20.69
CA PRO J 374 25.96 0.73 21.13
C PRO J 374 26.47 -0.17 20.02
N TYR J 375 25.95 -0.06 18.79
CA TYR J 375 26.38 -0.99 17.75
C TYR J 375 27.83 -0.78 17.34
N HIS J 376 28.48 0.31 17.79
CA HIS J 376 29.88 0.55 17.53
C HIS J 376 30.80 -0.06 18.59
N SER J 377 30.24 -0.64 19.65
CA SER J 377 31.04 -1.14 20.77
C SER J 377 32.06 -2.16 20.30
N THR J 378 31.63 -3.15 19.51
CA THR J 378 32.54 -4.18 19.02
C THR J 378 33.68 -3.57 18.22
N ALA J 379 33.43 -2.48 17.50
CA ALA J 379 34.47 -1.83 16.73
C ALA J 379 35.43 -1.07 17.65
N VAL J 380 34.89 -0.30 18.59
CA VAL J 380 35.75 0.49 19.47
C VAL J 380 36.50 -0.41 20.44
N GLY J 381 35.96 -1.59 20.74
CA GLY J 381 36.69 -2.54 21.56
C GLY J 381 37.94 -3.07 20.87
N LEU J 382 37.90 -3.17 19.54
CA LEU J 382 39.09 -3.53 18.79
C LEU J 382 40.18 -2.49 18.96
N LEU J 383 39.80 -1.21 19.10
CA LEU J 383 40.78 -0.17 19.35
C LEU J 383 41.38 -0.31 20.75
N HIS J 384 40.53 -0.64 21.74
CA HIS J 384 41.02 -0.84 23.10
C HIS J 384 42.00 -2.01 23.16
N TYR J 385 41.61 -3.15 22.56
CA TYR J 385 42.47 -4.33 22.60
C TYR J 385 43.78 -4.08 21.87
N ALA J 386 43.73 -3.45 20.69
CA ALA J 386 44.92 -3.19 19.91
C ALA J 386 45.87 -2.23 20.61
N ARG J 387 45.39 -1.50 21.63
CA ARG J 387 46.27 -0.60 22.37
C ARG J 387 47.30 -1.37 23.19
N ASP J 388 46.92 -2.54 23.71
CA ASP J 388 47.83 -3.31 24.54
C ASP J 388 48.98 -3.86 23.68
N SER J 389 50.20 -3.67 24.17
CA SER J 389 51.40 -4.11 23.47
C SER J 389 52.64 -3.89 24.33
N ASN K 8 -53.95 43.63 -10.43
CA ASN K 8 -54.87 42.77 -11.17
C ASN K 8 -54.21 42.18 -12.42
N ILE K 9 -53.54 43.03 -13.19
CA ILE K 9 -52.89 42.63 -14.43
C ILE K 9 -51.39 42.86 -14.31
N ILE K 10 -50.61 41.96 -14.89
CA ILE K 10 -49.15 42.00 -14.84
C ILE K 10 -48.64 41.87 -16.27
N VAL K 11 -47.63 42.66 -16.62
CA VAL K 11 -47.15 42.73 -18.00
C VAL K 11 -45.62 42.79 -18.00
N GLY K 12 -45.00 42.00 -18.86
CA GLY K 12 -43.57 42.06 -19.09
C GLY K 12 -43.24 42.71 -20.43
N LEU K 13 -41.94 42.96 -20.63
CA LEU K 13 -41.49 43.62 -21.86
C LEU K 13 -39.98 43.41 -22.00
N ASP K 14 -39.60 42.28 -22.60
CA ASP K 14 -38.19 41.98 -22.88
C ASP K 14 -37.85 42.54 -24.25
N ILE K 15 -37.39 43.79 -24.28
CA ILE K 15 -36.97 44.41 -25.54
C ILE K 15 -35.58 43.91 -25.88
N GLY K 16 -35.51 42.78 -26.60
CA GLY K 16 -34.25 42.17 -26.90
C GLY K 16 -33.57 42.76 -28.12
N THR K 17 -32.30 42.36 -28.31
CA THR K 17 -31.53 42.85 -29.44
C THR K 17 -32.04 42.32 -30.78
N ALA K 18 -32.72 41.18 -30.77
CA ALA K 18 -33.27 40.59 -31.99
C ALA K 18 -34.79 40.52 -31.96
N THR K 19 -35.37 39.91 -30.94
CA THR K 19 -36.81 39.76 -30.81
C THR K 19 -37.30 40.44 -29.53
N VAL K 20 -38.47 41.06 -29.61
CA VAL K 20 -39.10 41.71 -28.46
C VAL K 20 -40.22 40.81 -27.97
N SER K 21 -40.15 40.41 -26.71
CA SER K 21 -41.17 39.59 -26.08
C SER K 21 -42.02 40.46 -25.15
N ALA K 22 -43.31 40.17 -25.11
CA ALA K 22 -44.26 40.95 -24.29
C ALA K 22 -45.32 39.99 -23.78
N LEU K 23 -45.32 39.74 -22.47
CA LEU K 23 -46.21 38.79 -21.84
C LEU K 23 -47.17 39.53 -20.91
N VAL K 24 -48.39 39.00 -20.80
CA VAL K 24 -49.43 39.56 -19.93
C VAL K 24 -49.91 38.48 -18.98
N GLY K 25 -50.18 38.86 -17.73
CA GLY K 25 -50.66 37.93 -16.74
C GLY K 25 -51.48 38.62 -15.68
N GLU K 26 -52.16 37.80 -14.86
CA GLU K 26 -52.98 38.28 -13.76
C GLU K 26 -52.48 37.70 -12.44
N VAL K 27 -52.60 38.50 -11.38
CA VAL K 27 -52.13 38.08 -10.06
C VAL K 27 -53.17 37.16 -9.42
N LEU K 28 -52.78 35.93 -9.15
CA LEU K 28 -53.64 34.97 -8.48
C LEU K 28 -53.57 35.12 -6.96
N PRO K 29 -54.65 34.80 -6.24
CA PRO K 29 -54.62 34.97 -4.78
C PRO K 29 -53.54 34.18 -4.07
N ASP K 30 -53.25 32.95 -4.52
CA ASP K 30 -52.25 32.13 -3.84
C ASP K 30 -50.83 32.62 -4.09
N GLY K 31 -50.53 33.08 -5.30
CA GLY K 31 -49.22 33.60 -5.61
C GLY K 31 -48.71 33.18 -6.97
N GLN K 32 -48.99 31.93 -7.37
CA GLN K 32 -48.60 31.49 -8.70
C GLN K 32 -49.28 32.34 -9.77
N VAL K 33 -48.48 32.86 -10.69
CA VAL K 33 -48.98 33.77 -11.71
C VAL K 33 -49.38 32.99 -12.96
N ASN K 34 -50.57 33.29 -13.47
CA ASN K 34 -51.06 32.70 -14.70
C ASN K 34 -50.98 33.72 -15.84
N ILE K 35 -50.50 33.27 -16.98
CA ILE K 35 -50.28 34.12 -18.13
C ILE K 35 -51.58 34.19 -18.95
N ILE K 36 -51.95 35.40 -19.37
CA ILE K 36 -53.21 35.60 -20.09
C ILE K 36 -52.94 35.72 -21.58
N GLY K 37 -51.80 36.32 -21.95
CA GLY K 37 -51.50 36.51 -23.35
C GLY K 37 -50.05 36.80 -23.63
N ALA K 38 -49.54 36.26 -24.74
CA ALA K 38 -48.16 36.47 -25.16
C ALA K 38 -48.11 37.43 -26.35
N GLY K 39 -46.90 37.69 -26.84
CA GLY K 39 -46.70 38.58 -27.95
C GLY K 39 -45.24 38.67 -28.34
N SER K 40 -44.94 38.52 -29.62
CA SER K 40 -43.56 38.53 -30.09
C SER K 40 -43.48 39.19 -31.45
N SER K 41 -42.31 39.79 -31.72
CA SER K 41 -42.03 40.45 -32.98
C SER K 41 -40.53 40.69 -33.08
N PRO K 42 -39.92 40.41 -34.22
CA PRO K 42 -38.48 40.67 -34.36
C PRO K 42 -38.20 42.16 -34.24
N SER K 43 -37.11 42.49 -33.55
CA SER K 43 -36.78 43.88 -33.25
C SER K 43 -35.66 44.33 -34.17
N ARG K 44 -35.97 45.34 -34.97
CA ARG K 44 -34.96 46.03 -35.76
C ARG K 44 -34.67 47.37 -35.09
N GLY K 45 -33.42 47.80 -35.20
CA GLY K 45 -32.99 49.00 -34.51
C GLY K 45 -32.43 48.75 -33.13
N MET K 46 -31.80 47.59 -32.92
CA MET K 46 -31.18 47.23 -31.66
C MET K 46 -29.79 46.69 -31.96
N ASP K 47 -28.83 46.97 -31.08
CA ASP K 47 -27.47 46.49 -31.26
C ASP K 47 -26.76 46.47 -29.93
N LYS K 48 -26.19 45.31 -29.58
CA LYS K 48 -25.40 45.12 -28.36
C LYS K 48 -26.20 45.56 -27.12
N GLY K 49 -27.46 45.14 -27.08
CA GLY K 49 -28.34 45.41 -25.97
C GLY K 49 -28.75 46.84 -25.76
N GLY K 50 -28.26 47.77 -26.59
CA GLY K 50 -28.61 49.17 -26.48
C GLY K 50 -29.34 49.67 -27.72
N VAL K 51 -29.96 50.83 -27.58
CA VAL K 51 -30.73 51.42 -28.67
C VAL K 51 -29.76 52.05 -29.68
N ASN K 52 -30.02 51.82 -30.96
CA ASN K 52 -29.24 52.42 -32.03
C ASN K 52 -30.09 53.08 -33.12
N ASP K 53 -31.37 52.73 -33.23
CA ASP K 53 -32.27 53.34 -34.20
C ASP K 53 -33.65 53.40 -33.54
N LEU K 54 -33.97 54.56 -32.98
CA LEU K 54 -35.15 54.69 -32.12
C LEU K 54 -36.44 54.43 -32.90
N GLU K 55 -36.52 54.89 -34.15
CA GLU K 55 -37.77 54.76 -34.89
C GLU K 55 -38.09 53.30 -35.21
N SER K 56 -37.07 52.47 -35.40
CA SER K 56 -37.31 51.08 -35.74
C SER K 56 -37.68 50.26 -34.51
N VAL K 57 -37.08 50.56 -33.35
CA VAL K 57 -37.41 49.80 -32.14
C VAL K 57 -38.78 50.18 -31.59
N VAL K 58 -39.18 51.44 -31.76
CA VAL K 58 -40.52 51.85 -31.31
C VAL K 58 -41.60 51.07 -32.04
N LYS K 59 -41.41 50.86 -33.34
CA LYS K 59 -42.34 50.02 -34.09
C LYS K 59 -42.28 48.58 -33.62
N SER K 60 -41.08 48.07 -33.32
CA SER K 60 -40.93 46.69 -32.90
C SER K 60 -41.52 46.46 -31.52
N VAL K 61 -41.28 47.37 -30.58
CA VAL K 61 -41.83 47.22 -29.24
C VAL K 61 -43.35 47.36 -29.28
N GLN K 62 -43.87 48.20 -30.18
CA GLN K 62 -45.31 48.33 -30.31
C GLN K 62 -45.92 47.12 -31.04
N ARG K 63 -45.17 46.55 -31.99
CA ARG K 63 -45.68 45.41 -32.73
C ARG K 63 -46.01 44.25 -31.80
N ALA K 64 -45.20 44.04 -30.77
CA ALA K 64 -45.44 42.96 -29.82
C ALA K 64 -46.55 43.31 -28.84
N VAL K 65 -46.65 44.57 -28.43
CA VAL K 65 -47.66 44.93 -27.43
C VAL K 65 -49.07 44.86 -28.00
N ASP K 66 -49.24 45.03 -29.32
CA ASP K 66 -50.56 44.87 -29.90
C ASP K 66 -50.95 43.39 -29.97
N GLN K 67 -49.99 42.52 -30.27
CA GLN K 67 -50.27 41.10 -30.30
C GLN K 67 -50.64 40.58 -28.92
N ALA K 68 -50.12 41.22 -27.87
CA ALA K 68 -50.52 40.87 -26.51
C ALA K 68 -51.87 41.50 -26.13
N GLU K 69 -52.18 42.68 -26.68
CA GLU K 69 -53.43 43.34 -26.35
C GLU K 69 -54.64 42.53 -26.80
N LEU K 70 -54.51 41.78 -27.89
CA LEU K 70 -55.64 40.99 -28.38
C LEU K 70 -55.65 39.56 -27.82
N MET K 71 -54.48 38.93 -27.69
CA MET K 71 -54.44 37.58 -27.17
C MET K 71 -54.73 37.52 -25.66
N ALA K 72 -54.95 38.67 -25.04
CA ALA K 72 -55.31 38.73 -23.63
C ALA K 72 -56.59 39.53 -23.41
N GLU K 73 -57.19 40.07 -24.46
CA GLU K 73 -58.47 40.78 -24.40
C GLU K 73 -58.45 41.85 -23.31
N CYS K 74 -57.37 42.62 -23.27
CA CYS K 74 -57.23 43.69 -22.29
C CYS K 74 -56.21 44.69 -22.79
N GLN K 75 -56.35 45.94 -22.35
CA GLN K 75 -55.46 47.02 -22.75
C GLN K 75 -54.29 47.12 -21.79
N ILE K 76 -53.09 47.23 -22.33
CA ILE K 76 -51.86 47.35 -21.54
C ILE K 76 -51.65 48.83 -21.22
N SER K 77 -51.26 49.11 -19.98
CA SER K 77 -51.09 50.49 -19.54
C SER K 77 -49.75 50.74 -18.86
N SER K 78 -49.26 49.79 -18.08
CA SER K 78 -47.98 49.91 -17.40
C SER K 78 -47.19 48.61 -17.58
N VAL K 79 -45.88 48.74 -17.75
CA VAL K 79 -45.04 47.60 -18.09
C VAL K 79 -43.76 47.63 -17.27
N PHE K 80 -43.19 46.45 -17.06
CA PHE K 80 -41.83 46.31 -16.54
C PHE K 80 -40.92 45.90 -17.70
N ILE K 81 -39.87 46.68 -17.92
CA ILE K 81 -38.99 46.49 -19.06
C ILE K 81 -37.65 45.97 -18.57
N SER K 82 -37.01 45.15 -19.40
CA SER K 82 -35.68 44.65 -19.11
C SER K 82 -34.63 45.61 -19.65
N LEU K 83 -33.40 45.43 -19.19
CA LEU K 83 -32.30 46.29 -19.62
C LEU K 83 -30.98 45.53 -19.47
N SER K 84 -30.11 45.69 -20.46
CA SER K 84 -28.80 45.05 -20.46
C SER K 84 -27.82 45.96 -21.20
N GLY K 85 -26.58 45.54 -21.25
CA GLY K 85 -25.53 46.29 -21.91
C GLY K 85 -24.25 46.22 -21.12
N LYS K 86 -23.14 46.52 -21.80
CA LYS K 86 -21.83 46.51 -21.14
C LYS K 86 -21.77 47.49 -19.97
N HIS K 87 -22.64 48.50 -19.95
CA HIS K 87 -22.63 49.51 -18.91
C HIS K 87 -23.12 48.99 -17.56
N ILE K 88 -23.67 47.77 -17.51
CA ILE K 88 -24.16 47.23 -16.25
C ILE K 88 -22.98 46.96 -15.31
N ALA K 89 -23.08 47.44 -14.08
CA ALA K 89 -22.02 47.29 -13.09
C ALA K 89 -22.62 46.89 -11.76
N SER K 90 -21.79 46.29 -10.91
CA SER K 90 -22.20 45.81 -9.60
C SER K 90 -21.32 46.42 -8.51
N ARG K 91 -21.95 46.75 -7.38
CA ARG K 91 -21.25 47.36 -6.25
C ARG K 91 -21.66 46.67 -4.95
N ILE K 92 -20.75 46.69 -3.98
CA ILE K 92 -21.01 46.13 -2.65
C ILE K 92 -20.70 47.22 -1.63
N GLU K 93 -21.73 47.68 -0.90
CA GLU K 93 -21.56 48.74 0.08
C GLU K 93 -22.31 48.41 1.36
N LYS K 94 -21.66 48.65 2.49
CA LYS K 94 -22.21 48.36 3.81
C LYS K 94 -22.84 49.61 4.44
N GLY K 95 -23.71 49.36 5.42
CA GLY K 95 -24.41 50.41 6.15
C GLY K 95 -24.71 49.96 7.56
N MET K 96 -25.26 50.88 8.35
CA MET K 96 -25.54 50.60 9.76
C MET K 96 -26.81 51.30 10.20
N GLY K 97 -27.34 50.85 11.35
CA GLY K 97 -28.53 51.43 11.92
C GLY K 97 -28.89 50.93 13.31
N THR K 98 -29.55 51.77 14.10
CA THR K 98 -29.98 51.39 15.44
C THR K 98 -31.25 50.56 15.39
N ILE K 99 -31.41 49.70 16.40
CA ILE K 99 -32.60 48.87 16.54
C ILE K 99 -33.49 49.44 17.65
N SER K 100 -34.48 50.24 17.27
CA SER K 100 -35.33 50.88 18.26
C SER K 100 -36.16 49.84 19.01
N GLU K 101 -36.32 50.07 20.32
CA GLU K 101 -37.08 49.20 21.21
C GLU K 101 -36.68 47.73 21.09
N GLU K 102 -35.37 47.50 20.85
CA GLU K 102 -34.75 46.18 20.83
C GLU K 102 -35.60 45.15 20.08
N GLU K 103 -36.25 45.57 19.00
CA GLU K 103 -37.06 44.66 18.19
C GLU K 103 -36.80 44.96 16.72
N VAL K 104 -36.41 43.92 15.99
CA VAL K 104 -35.98 44.07 14.60
C VAL K 104 -37.19 44.25 13.70
N SER K 105 -37.81 45.43 13.75
CA SER K 105 -38.86 45.70 12.79
C SER K 105 -38.25 46.01 11.44
N GLN K 106 -39.03 45.80 10.39
CA GLN K 106 -38.54 46.12 9.05
C GLN K 106 -38.29 47.62 8.91
N ASP K 107 -39.07 48.45 9.59
CA ASP K 107 -38.81 49.89 9.61
C ASP K 107 -37.44 50.17 10.24
N ASP K 108 -37.04 49.37 11.24
CA ASP K 108 -35.69 49.47 11.76
C ASP K 108 -34.70 48.90 10.77
N MET K 109 -35.11 47.88 10.03
CA MET K 109 -34.29 47.31 8.97
C MET K 109 -34.18 48.27 7.79
N ASP K 110 -35.13 49.20 7.67
CA ASP K 110 -35.10 50.16 6.57
C ASP K 110 -33.99 51.17 6.75
N ARG K 111 -33.63 51.48 8.00
CA ARG K 111 -32.51 52.41 8.22
C ARG K 111 -31.20 51.78 7.80
N ALA K 112 -30.97 50.52 8.18
CA ALA K 112 -29.71 49.86 7.84
C ALA K 112 -29.54 49.72 6.34
N ILE K 113 -30.64 49.46 5.62
CA ILE K 113 -30.58 49.37 4.17
C ILE K 113 -30.41 50.76 3.56
N HIS K 114 -31.13 51.75 4.11
CA HIS K 114 -31.09 53.10 3.57
C HIS K 114 -29.68 53.70 3.60
N THR K 115 -28.93 53.46 4.68
CA THR K 115 -27.60 54.03 4.79
C THR K 115 -26.64 53.44 3.76
N ALA K 116 -26.66 52.12 3.58
CA ALA K 116 -25.76 51.50 2.62
C ALA K 116 -26.08 51.90 1.18
N LYS K 117 -27.32 52.30 0.91
CA LYS K 117 -27.71 52.66 -0.45
C LYS K 117 -27.32 54.09 -0.80
N SER K 118 -27.39 55.00 0.17
CA SER K 118 -27.11 56.41 -0.07
C SER K 118 -25.60 56.60 -0.19
N ILE K 119 -25.11 56.70 -1.43
CA ILE K 119 -23.70 56.94 -1.70
C ILE K 119 -23.60 57.96 -2.83
N LYS K 120 -22.36 58.37 -3.11
CA LYS K 120 -22.06 59.27 -4.22
C LYS K 120 -21.51 58.48 -5.39
N ILE K 121 -22.22 58.51 -6.51
CA ILE K 121 -21.84 57.77 -7.70
C ILE K 121 -21.66 58.67 -8.91
N GLY K 122 -22.29 59.83 -8.94
CA GLY K 122 -22.32 60.69 -10.10
C GLY K 122 -23.65 60.61 -10.84
N ASP K 123 -23.76 61.44 -11.87
CA ASP K 123 -25.00 61.50 -12.63
C ASP K 123 -25.01 60.50 -13.77
N GLU K 124 -23.83 60.19 -14.32
CA GLU K 124 -23.74 59.24 -15.42
C GLU K 124 -24.19 57.84 -15.01
N GLN K 125 -24.10 57.51 -13.72
CA GLN K 125 -24.50 56.19 -13.23
C GLN K 125 -25.86 56.27 -12.56
N ARG K 126 -26.69 55.24 -12.80
CA ARG K 126 -28.03 55.17 -12.26
C ARG K 126 -28.21 53.85 -11.51
N ILE K 127 -28.65 53.94 -10.26
CA ILE K 127 -28.88 52.74 -9.45
C ILE K 127 -30.07 51.97 -10.00
N LEU K 128 -29.97 50.64 -10.00
CA LEU K 128 -30.99 49.79 -10.59
C LEU K 128 -31.61 48.80 -9.61
N HIS K 129 -30.81 48.21 -8.73
CA HIS K 129 -31.31 47.22 -7.78
C HIS K 129 -30.60 47.37 -6.45
N VAL K 130 -31.34 47.18 -5.36
CA VAL K 130 -30.79 47.17 -4.02
C VAL K 130 -31.02 45.79 -3.41
N ILE K 131 -29.95 45.01 -3.32
CA ILE K 131 -30.06 43.61 -2.91
C ILE K 131 -29.33 43.42 -1.59
N PRO K 132 -30.05 43.26 -0.47
CA PRO K 132 -29.39 42.95 0.80
C PRO K 132 -28.78 41.56 0.75
N GLN K 133 -27.47 41.47 0.98
CA GLN K 133 -26.78 40.19 0.96
C GLN K 133 -26.84 39.55 2.34
N GLU K 134 -25.71 39.01 2.82
CA GLU K 134 -25.67 38.42 4.13
C GLU K 134 -25.68 39.51 5.20
N PHE K 135 -26.57 39.36 6.18
CA PHE K 135 -26.66 40.30 7.28
C PHE K 135 -25.57 40.04 8.32
N THR K 136 -25.44 40.96 9.27
CA THR K 136 -24.54 40.83 10.41
C THR K 136 -25.08 41.70 11.52
N ILE K 137 -24.93 41.24 12.76
CA ILE K 137 -25.59 41.90 13.88
C ILE K 137 -24.59 42.27 14.99
N ASP K 138 -24.02 41.28 15.67
CA ASP K 138 -23.06 41.55 16.74
C ASP K 138 -21.97 40.48 16.73
N TYR K 139 -20.90 40.75 15.98
CA TYR K 139 -19.70 39.91 15.87
C TYR K 139 -19.94 38.66 15.05
N GLN K 140 -21.20 38.36 14.73
CA GLN K 140 -21.55 37.22 13.90
C GLN K 140 -22.07 37.66 12.53
N GLU K 141 -21.40 37.24 11.47
CA GLU K 141 -21.78 37.56 10.10
C GLU K 141 -22.39 36.33 9.44
N GLY K 142 -22.88 36.53 8.23
CA GLY K 142 -23.52 35.48 7.45
C GLY K 142 -24.88 35.03 7.95
N ILE K 143 -25.64 35.93 8.56
CA ILE K 143 -27.05 35.70 8.90
C ILE K 143 -27.85 36.26 7.74
N LYS K 144 -29.06 35.74 7.49
CA LYS K 144 -29.79 36.12 6.29
C LYS K 144 -30.93 37.11 6.55
N ASN K 145 -31.94 36.73 7.33
CA ASN K 145 -33.09 37.61 7.57
C ASN K 145 -33.64 37.40 8.98
N PRO K 146 -32.91 37.86 9.99
CA PRO K 146 -33.41 37.75 11.36
C PRO K 146 -34.37 38.87 11.71
N LEU K 147 -35.44 38.53 12.45
CA LEU K 147 -36.51 39.46 12.83
C LEU K 147 -36.95 39.15 14.26
N GLY K 148 -36.10 39.47 15.23
CA GLY K 148 -36.44 39.18 16.61
C GLY K 148 -35.28 38.59 17.40
N LEU K 149 -34.07 38.89 16.96
CA LEU K 149 -32.85 38.35 17.54
C LEU K 149 -32.24 39.39 18.49
N SER K 150 -31.18 38.99 19.20
CA SER K 150 -30.57 39.84 20.21
C SER K 150 -29.35 40.55 19.65
N GLY K 151 -29.39 41.87 19.64
CA GLY K 151 -28.29 42.71 19.23
C GLY K 151 -28.44 44.08 19.84
N VAL K 152 -27.48 44.96 19.51
CA VAL K 152 -27.55 46.36 19.93
C VAL K 152 -27.45 47.32 18.77
N ARG K 153 -26.99 46.86 17.61
CA ARG K 153 -26.86 47.59 16.35
C ARG K 153 -26.47 46.56 15.30
N MET K 154 -26.81 46.83 14.04
CA MET K 154 -26.62 45.83 13.00
C MET K 154 -26.09 46.48 11.73
N GLU K 155 -25.31 45.70 10.97
CA GLU K 155 -24.70 46.14 9.73
C GLU K 155 -25.18 45.27 8.58
N VAL K 156 -25.34 45.88 7.41
CA VAL K 156 -25.78 45.17 6.22
C VAL K 156 -24.67 45.29 5.18
N SER K 157 -24.66 44.36 4.23
CA SER K 157 -23.73 44.38 3.09
C SER K 157 -24.58 44.26 1.83
N VAL K 158 -25.03 45.40 1.31
CA VAL K 158 -25.97 45.41 0.20
C VAL K 158 -25.23 45.24 -1.12
N HIS K 159 -25.91 44.59 -2.08
CA HIS K 159 -25.42 44.44 -3.44
C HIS K 159 -26.13 45.44 -4.34
N LEU K 160 -25.36 46.25 -5.05
CA LEU K 160 -25.89 47.35 -5.85
C LEU K 160 -25.69 47.07 -7.34
N ILE K 161 -26.78 47.14 -8.09
CA ILE K 161 -26.74 47.02 -9.55
C ILE K 161 -26.90 48.42 -10.13
N SER K 162 -26.01 48.77 -11.05
CA SER K 162 -26.01 50.11 -11.65
C SER K 162 -25.81 49.99 -13.15
N CYS K 163 -26.34 50.99 -13.87
CA CYS K 163 -26.27 51.04 -15.32
C CYS K 163 -26.06 52.48 -15.75
N HIS K 164 -25.63 52.65 -17.01
CA HIS K 164 -25.51 53.99 -17.56
C HIS K 164 -26.89 54.63 -17.65
N ASN K 165 -27.01 55.85 -17.13
CA ASN K 165 -28.31 56.50 -17.06
C ASN K 165 -28.86 56.78 -18.45
N ASP K 166 -28.03 57.38 -19.32
CA ASP K 166 -28.47 57.75 -20.66
C ASP K 166 -28.93 56.52 -21.45
N MET K 167 -28.13 55.45 -21.40
CA MET K 167 -28.50 54.22 -22.10
C MET K 167 -29.80 53.62 -21.58
N ALA K 168 -30.21 53.98 -20.36
CA ALA K 168 -31.50 53.54 -19.85
C ALA K 168 -32.62 54.48 -20.32
N ARG K 169 -32.32 55.77 -20.42
CA ARG K 169 -33.30 56.75 -20.90
C ARG K 169 -33.80 56.41 -22.29
N ASN K 170 -32.91 55.87 -23.15
CA ASN K 170 -33.31 55.55 -24.52
C ASN K 170 -34.39 54.49 -24.55
N ILE K 171 -34.20 53.41 -23.78
CA ILE K 171 -35.21 52.34 -23.72
C ILE K 171 -36.50 52.87 -23.13
N ILE K 172 -36.41 53.74 -22.12
CA ILE K 172 -37.60 54.35 -21.55
C ILE K 172 -38.31 55.22 -22.59
N LYS K 173 -37.55 56.02 -23.33
CA LYS K 173 -38.13 56.89 -24.35
C LYS K 173 -38.91 56.08 -25.38
N ALA K 174 -38.41 54.89 -25.73
CA ALA K 174 -39.11 54.06 -26.72
C ALA K 174 -40.46 53.59 -26.18
N VAL K 175 -40.49 53.08 -24.95
CA VAL K 175 -41.73 52.57 -24.40
C VAL K 175 -42.73 53.69 -24.14
N GLU K 176 -42.22 54.84 -23.65
CA GLU K 176 -43.11 55.96 -23.36
C GLU K 176 -43.75 56.52 -24.63
N ARG K 177 -43.09 56.36 -25.77
CA ARG K 177 -43.62 56.81 -27.05
C ARG K 177 -44.73 55.93 -27.57
N CYS K 178 -45.01 54.80 -26.91
CA CYS K 178 -46.09 53.90 -27.27
C CYS K 178 -47.32 54.06 -26.37
N GLY K 179 -47.39 55.16 -25.63
CA GLY K 179 -48.48 55.40 -24.71
C GLY K 179 -48.38 54.66 -23.40
N LEU K 180 -47.29 53.95 -23.16
CA LEU K 180 -47.11 53.17 -21.95
C LEU K 180 -46.24 53.94 -20.97
N LYS K 181 -46.41 53.65 -19.69
CA LYS K 181 -45.58 54.21 -18.63
C LYS K 181 -44.75 53.09 -18.01
N VAL K 182 -43.44 53.32 -17.91
CA VAL K 182 -42.57 52.34 -17.29
C VAL K 182 -42.59 52.54 -15.77
N GLU K 183 -42.79 51.46 -15.04
CA GLU K 183 -42.80 51.50 -13.58
C GLU K 183 -41.42 51.23 -13.00
N GLN K 184 -40.74 50.17 -13.46
CA GLN K 184 -39.42 49.84 -12.96
C GLN K 184 -38.62 49.10 -14.02
N LEU K 185 -37.30 49.31 -13.98
CA LEU K 185 -36.35 48.63 -14.85
C LEU K 185 -35.76 47.41 -14.13
N VAL K 186 -35.53 46.34 -14.89
CA VAL K 186 -35.03 45.08 -14.34
C VAL K 186 -33.84 44.63 -15.18
N PHE K 187 -32.76 44.27 -14.51
CA PHE K 187 -31.60 43.73 -15.21
C PHE K 187 -31.97 42.40 -15.87
N SER K 188 -31.57 42.24 -17.13
CA SER K 188 -31.96 41.07 -17.91
C SER K 188 -31.50 39.78 -17.24
N GLY K 189 -30.22 39.70 -16.87
CA GLY K 189 -29.70 38.49 -16.26
C GLY K 189 -30.34 38.17 -14.92
N LEU K 190 -30.81 39.18 -14.20
CA LEU K 190 -31.52 38.93 -12.95
C LEU K 190 -32.89 38.31 -13.21
N ALA K 191 -33.61 38.85 -14.19
CA ALA K 191 -34.88 38.24 -14.59
C ALA K 191 -34.64 36.88 -15.25
N SER K 192 -33.60 36.79 -16.08
CA SER K 192 -33.23 35.51 -16.67
C SER K 192 -32.84 34.49 -15.62
N SER K 193 -32.59 34.91 -14.38
CA SER K 193 -32.25 34.02 -13.29
C SER K 193 -33.43 33.71 -12.39
N ASN K 194 -34.37 34.66 -12.24
CA ASN K 194 -35.52 34.43 -11.37
C ASN K 194 -36.46 33.37 -11.91
N ALA K 195 -36.40 33.07 -13.20
CA ALA K 195 -37.33 32.14 -13.84
C ALA K 195 -36.68 30.85 -14.30
N VAL K 196 -35.40 30.64 -14.02
CA VAL K 196 -34.71 29.43 -14.47
C VAL K 196 -34.09 28.71 -13.28
N ILE K 197 -34.00 29.39 -12.14
CA ILE K 197 -33.26 28.90 -10.98
C ILE K 197 -34.24 28.38 -9.94
N THR K 198 -33.87 27.29 -9.29
CA THR K 198 -34.57 26.79 -8.11
C THR K 198 -33.83 27.25 -6.85
N GLU K 199 -34.60 27.45 -5.78
CA GLU K 199 -34.01 27.85 -4.50
C GLU K 199 -32.99 26.83 -4.02
N ASP K 200 -33.20 25.55 -4.33
CA ASP K 200 -32.20 24.53 -4.01
C ASP K 200 -30.87 24.86 -4.68
N GLU K 201 -30.91 25.17 -5.97
CA GLU K 201 -29.71 25.54 -6.70
C GLU K 201 -29.10 26.83 -6.16
N ARG K 202 -29.95 27.76 -5.70
CA ARG K 202 -29.49 29.06 -5.23
C ARG K 202 -28.47 28.95 -4.11
N GLU K 203 -28.77 28.16 -3.07
CA GLU K 203 -27.89 28.11 -1.90
C GLU K 203 -26.60 27.35 -2.17
N LEU K 204 -26.66 26.30 -3.00
CA LEU K 204 -25.45 25.53 -3.27
C LEU K 204 -24.47 26.31 -4.14
N GLY K 205 -24.96 27.07 -5.13
CA GLY K 205 -24.08 27.83 -5.99
C GLY K 205 -24.15 27.53 -7.47
N VAL K 206 -24.60 28.53 -8.25
CA VAL K 206 -24.79 28.41 -9.68
C VAL K 206 -24.35 29.70 -10.36
N CYS K 207 -24.00 29.60 -11.64
CA CYS K 207 -23.75 30.75 -12.50
C CYS K 207 -24.62 30.63 -13.74
N VAL K 208 -25.50 31.61 -13.93
CA VAL K 208 -26.37 31.66 -15.10
C VAL K 208 -25.87 32.72 -16.07
N VAL K 209 -26.22 32.54 -17.35
CA VAL K 209 -25.82 33.48 -18.39
C VAL K 209 -26.83 33.49 -19.54
N ASP K 210 -27.53 34.61 -19.70
CA ASP K 210 -28.51 34.77 -20.77
C ASP K 210 -27.78 35.18 -22.05
N ILE K 211 -27.27 34.16 -22.75
CA ILE K 211 -26.65 34.41 -24.06
C ILE K 211 -27.74 34.67 -25.09
N GLY K 212 -27.63 35.79 -25.78
CA GLY K 212 -28.69 36.23 -26.67
C GLY K 212 -28.19 36.77 -27.99
N ALA K 213 -28.90 37.77 -28.54
CA ALA K 213 -28.49 38.33 -29.82
C ALA K 213 -27.25 39.20 -29.69
N GLY K 214 -27.26 40.13 -28.74
CA GLY K 214 -26.17 41.07 -28.63
C GLY K 214 -25.60 41.27 -27.24
N THR K 215 -26.15 40.59 -26.24
CA THR K 215 -25.69 40.75 -24.87
C THR K 215 -25.57 39.38 -24.22
N MET K 216 -24.54 39.22 -23.39
CA MET K 216 -24.26 37.99 -22.66
C MET K 216 -24.27 38.30 -21.17
N ASP K 217 -25.45 38.23 -20.56
CA ASP K 217 -25.69 38.67 -19.19
C ASP K 217 -25.35 37.56 -18.20
N ILE K 218 -24.26 37.73 -17.45
CA ILE K 218 -23.81 36.75 -16.47
C ILE K 218 -24.26 37.16 -15.07
N SER K 219 -24.76 36.18 -14.31
CA SER K 219 -25.13 36.39 -12.91
C SER K 219 -24.65 35.19 -12.09
N ILE K 220 -24.00 35.47 -10.96
CA ILE K 220 -23.39 34.44 -10.11
C ILE K 220 -24.08 34.46 -8.76
N TRP K 221 -24.50 33.28 -8.30
CA TRP K 221 -25.19 33.10 -7.02
C TRP K 221 -24.44 32.09 -6.17
N THR K 222 -24.13 32.47 -4.93
CA THR K 222 -23.64 31.53 -3.93
C THR K 222 -24.34 31.81 -2.61
N GLY K 223 -24.63 30.75 -1.87
CA GLY K 223 -25.28 30.89 -0.56
C GLY K 223 -26.64 31.54 -0.61
N GLY K 224 -27.36 31.42 -1.72
CA GLY K 224 -28.68 32.00 -1.80
C GLY K 224 -28.70 33.50 -1.94
N ALA K 225 -27.60 34.10 -2.42
CA ALA K 225 -27.52 35.55 -2.58
C ALA K 225 -26.76 35.88 -3.85
N LEU K 226 -27.19 36.94 -4.52
CA LEU K 226 -26.51 37.41 -5.74
C LEU K 226 -25.15 37.99 -5.38
N ARG K 227 -24.08 37.42 -5.94
CA ARG K 227 -22.73 37.82 -5.61
C ARG K 227 -22.14 38.85 -6.56
N HIS K 228 -22.31 38.67 -7.87
CA HIS K 228 -21.66 39.55 -8.83
C HIS K 228 -22.53 39.66 -10.08
N THR K 229 -22.31 40.73 -10.83
CA THR K 229 -23.02 40.98 -12.08
C THR K 229 -22.05 41.50 -13.12
N GLU K 230 -22.05 40.86 -14.30
CA GLU K 230 -21.17 41.24 -15.39
C GLU K 230 -21.89 40.97 -16.71
N VAL K 231 -21.66 41.85 -17.69
CA VAL K 231 -22.30 41.76 -18.99
C VAL K 231 -21.25 41.92 -20.07
N PHE K 232 -21.38 41.15 -21.14
CA PHE K 232 -20.51 41.26 -22.31
C PHE K 232 -21.36 41.59 -23.54
N SER K 233 -20.72 42.19 -24.53
CA SER K 233 -21.40 42.64 -25.74
C SER K 233 -21.24 41.68 -26.90
N TYR K 234 -20.56 40.56 -26.70
CA TYR K 234 -20.39 39.53 -27.71
C TYR K 234 -21.39 38.41 -27.45
N ALA K 235 -22.29 38.17 -28.40
CA ALA K 235 -23.33 37.18 -28.21
C ALA K 235 -23.58 36.38 -29.48
N GLY K 236 -24.83 35.99 -29.72
CA GLY K 236 -25.15 35.17 -30.88
C GLY K 236 -24.82 35.83 -32.20
N ASN K 237 -24.93 37.17 -32.26
CA ASN K 237 -24.60 37.87 -33.50
C ASN K 237 -23.11 37.86 -33.80
N ALA K 238 -22.26 37.49 -32.83
CA ALA K 238 -20.83 37.40 -33.09
C ALA K 238 -20.47 36.14 -33.86
N VAL K 239 -21.03 35.00 -33.45
CA VAL K 239 -20.78 33.76 -34.18
C VAL K 239 -21.52 33.76 -35.50
N THR K 240 -22.68 34.41 -35.56
CA THR K 240 -23.39 34.57 -36.83
C THR K 240 -22.52 35.28 -37.85
N SER K 241 -21.84 36.35 -37.43
CA SER K 241 -20.95 37.07 -38.33
C SER K 241 -19.74 36.22 -38.72
N ASP K 242 -19.22 35.42 -37.78
CA ASP K 242 -18.06 34.59 -38.07
C ASP K 242 -18.32 33.62 -39.21
N ILE K 243 -19.53 33.05 -39.24
CA ILE K 243 -19.89 32.12 -40.31
C ILE K 243 -19.93 32.83 -41.65
N ALA K 244 -20.54 34.02 -41.68
CA ALA K 244 -20.67 34.77 -42.92
C ALA K 244 -19.31 35.20 -43.46
N PHE K 245 -18.44 35.74 -42.60
CA PHE K 245 -17.18 36.30 -43.04
C PHE K 245 -16.14 35.24 -43.41
N ALA K 246 -16.36 33.98 -43.04
CA ALA K 246 -15.39 32.93 -43.34
C ALA K 246 -15.78 32.08 -44.54
N PHE K 247 -17.05 32.14 -44.96
CA PHE K 247 -17.54 31.33 -46.07
C PHE K 247 -18.02 32.16 -47.25
N GLY K 248 -17.97 33.49 -47.16
CA GLY K 248 -18.50 34.32 -48.22
C GLY K 248 -20.00 34.23 -48.35
N THR K 249 -20.71 34.22 -47.22
CA THR K 249 -22.15 34.04 -47.14
C THR K 249 -22.82 35.29 -46.61
N PRO K 250 -23.98 35.69 -47.16
CA PRO K 250 -24.71 36.81 -46.58
C PRO K 250 -25.12 36.53 -45.14
N LEU K 251 -25.25 37.61 -44.36
CA LEU K 251 -25.66 37.46 -42.96
C LEU K 251 -27.03 36.79 -42.86
N SER K 252 -27.94 37.13 -43.78
CA SER K 252 -29.28 36.52 -43.76
C SER K 252 -29.20 35.00 -43.89
N ASP K 253 -28.33 34.51 -44.77
CA ASP K 253 -28.22 33.06 -44.94
C ASP K 253 -27.34 32.42 -43.88
N ALA K 254 -26.31 33.13 -43.41
CA ALA K 254 -25.42 32.57 -42.40
C ALA K 254 -26.17 32.34 -41.08
N GLU K 255 -27.17 33.16 -40.78
CA GLU K 255 -27.97 32.94 -39.58
C GLU K 255 -28.79 31.68 -39.71
N GLU K 256 -29.41 31.45 -40.88
CA GLU K 256 -30.25 30.27 -41.06
C GLU K 256 -29.44 28.99 -40.95
N ILE K 257 -28.23 28.98 -41.52
CA ILE K 257 -27.37 27.81 -41.43
C ILE K 257 -26.93 27.56 -39.99
N LYS K 258 -26.77 28.63 -39.21
CA LYS K 258 -26.30 28.47 -37.83
C LYS K 258 -27.33 27.77 -36.95
N VAL K 259 -28.59 28.21 -36.97
CA VAL K 259 -29.56 27.59 -36.07
C VAL K 259 -29.98 26.21 -36.54
N LYS K 260 -29.87 25.91 -37.84
CA LYS K 260 -30.35 24.63 -38.36
C LYS K 260 -29.26 23.56 -38.42
N TYR K 261 -28.00 23.95 -38.61
CA TYR K 261 -26.92 22.98 -38.74
C TYR K 261 -25.71 23.32 -37.86
N GLY K 262 -25.84 24.27 -36.95
CA GLY K 262 -24.71 24.69 -36.15
C GLY K 262 -24.42 23.73 -35.01
N CYS K 263 -23.14 23.56 -34.72
CA CYS K 263 -22.69 22.75 -33.62
C CYS K 263 -21.55 23.45 -32.89
N ALA K 264 -21.60 23.46 -31.57
CA ALA K 264 -20.60 24.13 -30.76
C ALA K 264 -19.36 23.27 -30.52
N LEU K 265 -19.31 22.05 -31.04
CA LEU K 265 -18.18 21.17 -30.88
C LEU K 265 -17.92 20.45 -32.20
N SER K 266 -16.69 20.54 -32.70
CA SER K 266 -16.36 20.07 -34.04
C SER K 266 -16.13 18.56 -34.09
N GLU K 267 -16.73 17.82 -33.16
CA GLU K 267 -16.64 16.36 -33.16
C GLU K 267 -17.97 15.66 -32.97
N LEU K 268 -19.04 16.39 -32.63
CA LEU K 268 -20.37 15.80 -32.52
C LEU K 268 -21.07 15.66 -33.87
N VAL K 269 -20.53 16.28 -34.92
CA VAL K 269 -21.09 16.20 -36.26
C VAL K 269 -20.37 15.12 -37.04
N SER K 270 -21.11 14.38 -37.85
CA SER K 270 -20.51 13.31 -38.64
C SER K 270 -19.87 13.87 -39.90
N LYS K 271 -18.85 13.17 -40.40
CA LYS K 271 -18.18 13.56 -41.62
C LYS K 271 -19.06 13.38 -42.85
N ASP K 272 -20.05 12.49 -42.78
CA ASP K 272 -20.97 12.24 -43.89
C ASP K 272 -22.17 13.19 -43.87
N ASP K 273 -22.02 14.38 -43.29
CA ASP K 273 -23.05 15.40 -43.27
C ASP K 273 -22.61 16.59 -44.11
N THR K 274 -23.52 17.10 -44.93
CA THR K 274 -23.22 18.19 -45.83
C THR K 274 -24.33 19.22 -45.78
N VAL K 275 -23.96 20.48 -46.03
CA VAL K 275 -24.90 21.59 -46.03
C VAL K 275 -24.68 22.43 -47.27
N ASN K 276 -25.75 23.05 -47.75
CA ASN K 276 -25.70 23.91 -48.94
C ASN K 276 -25.57 25.35 -48.48
N VAL K 277 -24.35 25.87 -48.49
CA VAL K 277 -24.07 27.25 -48.13
C VAL K 277 -24.04 28.09 -49.40
N PRO K 278 -24.80 29.18 -49.48
CA PRO K 278 -24.84 29.98 -50.71
C PRO K 278 -23.60 30.85 -50.85
N SER K 279 -23.56 31.59 -51.96
CA SER K 279 -22.48 32.51 -52.28
C SER K 279 -23.06 33.86 -52.68
N VAL K 280 -22.17 34.79 -53.02
CA VAL K 280 -22.55 36.15 -53.39
C VAL K 280 -22.04 36.42 -54.79
N GLY K 281 -22.65 37.42 -55.43
CA GLY K 281 -22.30 37.80 -56.78
C GLY K 281 -23.19 37.20 -57.85
N GLY K 282 -23.81 36.07 -57.58
CA GLY K 282 -24.54 35.33 -58.60
C GLY K 282 -23.83 34.05 -58.99
N ARG K 283 -23.12 33.47 -58.02
CA ARG K 283 -22.37 32.25 -58.16
C ARG K 283 -23.16 31.07 -57.60
N PRO K 284 -22.83 29.84 -58.01
CA PRO K 284 -23.60 28.68 -57.56
C PRO K 284 -23.39 28.38 -56.08
N SER K 285 -24.43 27.83 -55.47
CA SER K 285 -24.42 27.50 -54.04
C SER K 285 -23.46 26.37 -53.75
N ARG K 286 -22.52 26.62 -52.84
CA ARG K 286 -21.49 25.64 -52.52
C ARG K 286 -22.03 24.58 -51.57
N SER K 287 -21.63 23.33 -51.79
CA SER K 287 -21.92 22.25 -50.87
C SER K 287 -20.74 22.10 -49.92
N LEU K 288 -20.97 22.33 -48.63
CA LEU K 288 -19.90 22.38 -47.65
C LEU K 288 -20.13 21.34 -46.55
N GLN K 289 -19.02 20.85 -46.00
CA GLN K 289 -19.08 19.90 -44.90
C GLN K 289 -19.68 20.55 -43.66
N ARG K 290 -20.65 19.88 -43.05
CA ARG K 290 -21.24 20.40 -41.82
C ARG K 290 -20.21 20.44 -40.70
N GLN K 291 -19.22 19.55 -40.75
CA GLN K 291 -18.13 19.60 -39.78
C GLN K 291 -17.31 20.89 -39.93
N THR K 292 -17.04 21.29 -41.17
CA THR K 292 -16.31 22.53 -41.40
C THR K 292 -17.04 23.73 -40.83
N LEU K 293 -18.38 23.72 -40.93
CA LEU K 293 -19.18 24.79 -40.34
C LEU K 293 -19.02 24.83 -38.82
N ALA K 294 -19.08 23.67 -38.18
CA ALA K 294 -18.93 23.61 -36.73
C ALA K 294 -17.51 24.01 -36.30
N GLU K 295 -16.52 23.85 -37.17
CA GLU K 295 -15.16 24.26 -36.84
C GLU K 295 -15.01 25.77 -36.77
N VAL K 296 -15.98 26.52 -37.29
CA VAL K 296 -15.97 27.97 -37.12
C VAL K 296 -16.75 28.38 -35.88
N ILE K 297 -17.81 27.64 -35.55
CA ILE K 297 -18.64 27.96 -34.40
C ILE K 297 -17.96 27.55 -33.09
N GLU K 298 -17.17 26.48 -33.11
CA GLU K 298 -16.56 25.98 -31.88
C GLU K 298 -15.59 26.98 -31.24
N PRO K 299 -14.61 27.57 -31.94
CA PRO K 299 -13.67 28.45 -31.24
C PRO K 299 -14.32 29.68 -30.65
N ARG K 300 -15.30 30.27 -31.33
CA ARG K 300 -15.97 31.45 -30.81
C ARG K 300 -16.77 31.12 -29.56
N TYR K 301 -17.52 30.02 -29.58
CA TYR K 301 -18.30 29.63 -28.40
C TYR K 301 -17.38 29.29 -27.23
N THR K 302 -16.25 28.62 -27.52
CA THR K 302 -15.28 28.34 -26.46
C THR K 302 -14.70 29.62 -25.89
N GLU K 303 -14.35 30.56 -26.76
CA GLU K 303 -13.87 31.86 -26.29
C GLU K 303 -14.93 32.59 -25.48
N LEU K 304 -16.20 32.51 -25.92
CA LEU K 304 -17.29 33.13 -25.18
C LEU K 304 -17.40 32.52 -23.79
N MET K 305 -17.41 31.19 -23.71
CA MET K 305 -17.46 30.52 -22.42
C MET K 305 -16.20 30.78 -21.61
N GLY K 306 -15.08 31.04 -22.28
CA GLY K 306 -13.88 31.43 -21.57
C GLY K 306 -14.06 32.71 -20.77
N LEU K 307 -14.89 33.63 -21.28
CA LEU K 307 -15.21 34.84 -20.53
C LEU K 307 -15.98 34.50 -19.26
N VAL K 308 -16.86 33.50 -19.31
CA VAL K 308 -17.58 33.07 -18.11
C VAL K 308 -16.60 32.47 -17.10
N ASN K 309 -15.59 31.76 -17.59
CA ASN K 309 -14.58 31.21 -16.70
C ASN K 309 -13.77 32.32 -16.04
N GLN K 310 -13.35 33.32 -16.81
CA GLN K 310 -12.57 34.41 -16.25
C GLN K 310 -13.36 35.25 -15.25
N THR K 311 -14.66 35.44 -15.46
CA THR K 311 -15.44 36.22 -14.51
C THR K 311 -15.64 35.48 -13.20
N ILE K 312 -15.98 34.18 -13.26
CA ILE K 312 -16.11 33.41 -12.01
C ILE K 312 -14.77 33.34 -11.31
N ASP K 313 -13.68 33.15 -12.06
CA ASP K 313 -12.36 33.05 -11.46
C ASP K 313 -12.01 34.30 -10.67
N ASN K 314 -12.31 35.48 -11.22
CA ASN K 314 -12.11 36.71 -10.47
C ASN K 314 -13.07 36.80 -9.30
N VAL K 315 -14.29 36.26 -9.47
CA VAL K 315 -15.24 36.21 -8.37
C VAL K 315 -14.82 35.18 -7.36
N GLN K 316 -14.30 34.04 -7.82
CA GLN K 316 -13.83 32.99 -6.91
C GLN K 316 -12.71 33.51 -6.02
N ALA K 317 -11.78 34.28 -6.59
CA ALA K 317 -10.68 34.84 -5.81
C ALA K 317 -11.19 35.83 -4.76
N LYS K 318 -11.96 36.83 -5.19
CA LYS K 318 -12.46 37.86 -4.28
C LYS K 318 -13.48 37.32 -3.29
N LEU K 319 -13.88 36.05 -3.40
CA LEU K 319 -14.85 35.47 -2.49
C LEU K 319 -14.18 34.77 -1.31
N ARG K 320 -13.26 33.84 -1.58
CA ARG K 320 -12.56 33.16 -0.49
C ARG K 320 -11.63 34.11 0.25
N GLU K 321 -11.05 35.08 -0.45
CA GLU K 321 -10.15 36.04 0.19
C GLU K 321 -10.90 37.02 1.09
N ASN K 322 -12.22 36.94 1.15
CA ASN K 322 -13.03 37.79 2.02
C ASN K 322 -13.94 37.00 2.97
N GLY K 323 -14.05 35.68 2.81
CA GLY K 323 -14.78 34.86 3.74
C GLY K 323 -16.24 34.64 3.38
N VAL K 324 -16.50 33.96 2.25
CA VAL K 324 -17.84 33.65 1.78
C VAL K 324 -17.80 32.36 0.95
N LYS K 325 -18.99 31.87 0.61
CA LYS K 325 -19.17 30.64 -0.15
C LYS K 325 -18.35 30.62 -1.43
N HIS K 326 -17.75 29.46 -1.71
CA HIS K 326 -16.77 29.29 -2.79
C HIS K 326 -17.26 28.50 -4.00
N HIS K 327 -17.36 27.19 -3.87
CA HIS K 327 -17.64 26.33 -5.02
C HIS K 327 -19.09 26.40 -5.45
N LEU K 328 -19.30 26.62 -6.74
CA LEU K 328 -20.62 26.52 -7.36
C LEU K 328 -20.87 25.03 -7.60
N ALA K 329 -21.82 24.45 -6.86
CA ALA K 329 -21.99 23.01 -6.91
C ALA K 329 -22.70 22.57 -8.19
N ALA K 330 -23.89 23.13 -8.46
CA ALA K 330 -24.62 22.74 -9.66
C ALA K 330 -23.98 23.26 -10.94
N GLY K 331 -23.02 24.18 -10.84
CA GLY K 331 -22.30 24.59 -12.03
C GLY K 331 -22.89 25.78 -12.74
N VAL K 332 -22.81 25.77 -14.06
CA VAL K 332 -23.24 26.88 -14.91
C VAL K 332 -24.52 26.48 -15.63
N VAL K 333 -25.45 27.42 -15.74
CA VAL K 333 -26.73 27.19 -16.41
C VAL K 333 -26.81 28.16 -17.58
N LEU K 334 -26.98 27.61 -18.79
CA LEU K 334 -27.07 28.41 -20.01
C LEU K 334 -28.54 28.69 -20.34
N THR K 335 -28.81 29.88 -20.85
CA THR K 335 -30.16 30.27 -21.22
C THR K 335 -30.07 31.24 -22.39
N GLY K 336 -31.22 31.67 -22.88
CA GLY K 336 -31.27 32.58 -24.02
C GLY K 336 -31.34 31.85 -25.34
N GLY K 337 -31.38 32.66 -26.40
CA GLY K 337 -31.55 32.10 -27.74
C GLY K 337 -30.35 31.28 -28.19
N ALA K 338 -29.15 31.85 -28.10
CA ALA K 338 -27.96 31.18 -28.60
C ALA K 338 -27.55 29.98 -27.76
N ALA K 339 -28.26 29.70 -26.67
CA ALA K 339 -28.01 28.49 -25.90
C ALA K 339 -28.64 27.24 -26.52
N GLN K 340 -29.42 27.41 -27.60
CA GLN K 340 -30.12 26.30 -28.22
C GLN K 340 -29.27 25.53 -29.23
N ILE K 341 -28.06 25.99 -29.52
CA ILE K 341 -27.24 25.30 -30.52
C ILE K 341 -26.82 23.94 -30.01
N GLU K 342 -26.67 23.00 -30.94
CA GLU K 342 -26.28 21.64 -30.58
C GLU K 342 -24.84 21.64 -30.10
N GLY K 343 -24.62 21.16 -28.88
CA GLY K 343 -23.30 21.05 -28.32
C GLY K 343 -22.91 22.13 -27.34
N VAL K 344 -23.87 22.88 -26.79
CA VAL K 344 -23.55 23.86 -25.76
C VAL K 344 -23.02 23.16 -24.52
N VAL K 345 -23.67 22.07 -24.10
CA VAL K 345 -23.27 21.35 -22.91
C VAL K 345 -21.86 20.77 -23.06
N GLU K 346 -21.46 20.48 -24.29
CA GLU K 346 -20.16 19.86 -24.53
C GLU K 346 -19.02 20.87 -24.51
N CYS K 347 -19.15 21.96 -25.25
CA CYS K 347 -18.10 22.98 -25.26
C CYS K 347 -18.05 23.78 -23.96
N ALA K 348 -19.15 23.87 -23.23
CA ALA K 348 -19.11 24.54 -21.93
C ALA K 348 -18.39 23.67 -20.91
N GLU K 349 -18.77 22.40 -20.81
CA GLU K 349 -18.12 21.46 -19.90
C GLU K 349 -16.64 21.27 -20.24
N ARG K 350 -16.16 21.84 -21.34
CA ARG K 350 -14.76 21.74 -21.72
C ARG K 350 -13.91 22.85 -21.09
N VAL K 351 -14.38 24.10 -21.16
CA VAL K 351 -13.58 25.21 -20.64
C VAL K 351 -13.59 25.21 -19.11
N PHE K 352 -14.76 25.12 -18.49
CA PHE K 352 -14.84 24.84 -17.07
C PHE K 352 -15.18 23.37 -16.88
N ARG K 353 -15.06 22.90 -15.64
CA ARG K 353 -15.34 21.49 -15.37
C ARG K 353 -16.40 21.33 -14.30
N ASN K 354 -17.59 21.87 -14.58
CA ASN K 354 -18.74 21.70 -13.71
C ASN K 354 -19.92 21.27 -14.57
N GLN K 355 -20.93 20.71 -13.91
CA GLN K 355 -22.10 20.23 -14.63
C GLN K 355 -22.89 21.40 -15.19
N VAL K 356 -22.96 21.48 -16.52
CA VAL K 356 -23.64 22.56 -17.22
C VAL K 356 -24.95 22.04 -17.78
N ARG K 357 -25.98 22.89 -17.78
CA ARG K 357 -27.28 22.54 -18.32
C ARG K 357 -27.85 23.74 -19.06
N VAL K 358 -28.98 23.53 -19.72
CA VAL K 358 -29.61 24.56 -20.57
C VAL K 358 -31.02 24.85 -20.08
N GLY K 359 -31.14 25.23 -18.80
CA GLY K 359 -32.41 25.45 -18.14
C GLY K 359 -33.41 26.33 -18.89
N LYS K 360 -34.66 25.89 -18.92
CA LYS K 360 -35.77 26.62 -19.51
C LYS K 360 -36.59 27.30 -18.41
N PRO K 361 -37.59 28.11 -18.77
CA PRO K 361 -38.47 28.69 -17.75
C PRO K 361 -39.19 27.61 -16.96
N LEU K 362 -39.46 27.91 -15.69
CA LEU K 362 -40.00 26.96 -14.74
C LEU K 362 -41.35 27.44 -14.18
N GLU K 363 -42.15 26.46 -13.76
CA GLU K 363 -43.45 26.71 -13.10
C GLU K 363 -44.31 27.66 -13.92
N VAL K 364 -44.26 27.52 -15.24
CA VAL K 364 -45.15 28.29 -16.11
C VAL K 364 -46.57 27.74 -15.98
N SER K 365 -47.53 28.63 -15.75
CA SER K 365 -48.92 28.25 -15.52
C SER K 365 -49.77 28.80 -16.66
N GLY K 366 -50.41 27.91 -17.41
CA GLY K 366 -51.29 28.31 -18.50
C GLY K 366 -50.54 28.85 -19.70
N LEU K 367 -51.02 28.50 -20.90
CA LEU K 367 -50.41 28.96 -22.16
C LEU K 367 -48.91 28.64 -22.16
N THR K 368 -48.60 27.41 -21.78
CA THR K 368 -47.22 26.96 -21.67
C THR K 368 -46.58 26.64 -23.02
N ASP K 369 -47.34 26.70 -24.11
CA ASP K 369 -46.82 26.30 -25.41
C ASP K 369 -45.94 27.38 -26.04
N TYR K 370 -46.02 28.62 -25.56
CA TYR K 370 -45.16 29.69 -26.03
C TYR K 370 -44.11 30.08 -25.02
N VAL K 371 -44.13 29.52 -23.82
CA VAL K 371 -43.21 29.92 -22.76
C VAL K 371 -42.44 28.67 -22.34
N LYS K 372 -42.06 27.87 -23.32
CA LYS K 372 -41.28 26.65 -23.09
C LYS K 372 -39.80 26.83 -23.40
N GLU K 373 -39.47 27.61 -24.43
CA GLU K 373 -38.10 27.68 -24.91
C GLU K 373 -37.27 28.67 -24.09
N PRO K 374 -35.96 28.46 -24.00
CA PRO K 374 -35.14 29.29 -23.11
C PRO K 374 -35.07 30.77 -23.48
N TYR K 375 -35.30 31.13 -24.74
CA TYR K 375 -35.23 32.54 -25.11
C TYR K 375 -36.39 33.37 -24.54
N HIS K 376 -37.28 32.75 -23.76
CA HIS K 376 -38.36 33.46 -23.09
C HIS K 376 -38.07 33.74 -21.62
N SER K 377 -36.94 33.23 -21.11
CA SER K 377 -36.64 33.34 -19.68
C SER K 377 -36.60 34.79 -19.21
N THR K 378 -35.90 35.65 -19.95
CA THR K 378 -35.82 37.06 -19.58
C THR K 378 -37.21 37.69 -19.51
N ALA K 379 -38.12 37.27 -20.38
CA ALA K 379 -39.46 37.84 -20.38
C ALA K 379 -40.24 37.42 -19.14
N VAL K 380 -40.26 36.11 -18.84
CA VAL K 380 -41.00 35.65 -17.66
C VAL K 380 -40.32 36.07 -16.38
N GLY K 381 -39.01 36.31 -16.41
CA GLY K 381 -38.35 36.85 -15.25
C GLY K 381 -38.87 38.22 -14.89
N LEU K 382 -39.27 39.00 -15.90
CA LEU K 382 -39.94 40.27 -15.63
C LEU K 382 -41.28 40.03 -14.94
N LEU K 383 -41.95 38.92 -15.26
CA LEU K 383 -43.20 38.58 -14.59
C LEU K 383 -42.95 38.10 -13.17
N HIS K 384 -41.92 37.27 -12.97
CA HIS K 384 -41.60 36.81 -11.62
C HIS K 384 -41.22 37.96 -10.72
N TYR K 385 -40.42 38.90 -11.23
CA TYR K 385 -40.04 40.08 -10.45
C TYR K 385 -41.26 40.95 -10.18
N ALA K 386 -42.13 41.10 -11.17
CA ALA K 386 -43.28 41.99 -11.05
C ALA K 386 -44.30 41.49 -10.05
N ARG K 387 -44.31 40.19 -9.76
CA ARG K 387 -45.26 39.63 -8.80
C ARG K 387 -45.07 40.24 -7.42
N ASP K 388 -43.83 40.42 -7.00
CA ASP K 388 -43.51 40.88 -5.66
C ASP K 388 -44.10 42.27 -5.39
N SER K 389 -45.32 42.30 -4.86
CA SER K 389 -46.04 43.53 -4.54
C SER K 389 -46.08 44.49 -5.72
N ASN L 8 -40.43 61.79 -63.55
CA ASN L 8 -41.14 60.85 -64.41
C ASN L 8 -40.18 59.93 -65.14
N ILE L 9 -39.38 60.53 -66.04
CA ILE L 9 -38.41 59.80 -66.84
C ILE L 9 -37.04 60.02 -66.21
N ILE L 10 -36.11 59.11 -66.49
CA ILE L 10 -34.77 59.14 -65.91
C ILE L 10 -33.76 58.79 -67.00
N VAL L 11 -32.63 59.51 -67.00
CA VAL L 11 -31.65 59.42 -68.07
C VAL L 11 -30.24 59.39 -67.47
N GLY L 12 -29.35 58.63 -68.11
CA GLY L 12 -27.96 58.61 -67.76
C GLY L 12 -27.09 59.17 -68.88
N LEU L 13 -25.82 59.41 -68.55
CA LEU L 13 -24.89 60.01 -69.51
C LEU L 13 -23.44 59.72 -69.14
N ASP L 14 -22.95 58.54 -69.52
CA ASP L 14 -21.55 58.16 -69.28
C ASP L 14 -20.70 58.71 -70.41
N ILE L 15 -20.26 59.96 -70.27
CA ILE L 15 -19.38 60.59 -71.26
C ILE L 15 -18.00 59.97 -71.10
N GLY L 16 -17.75 58.86 -71.79
CA GLY L 16 -16.52 58.12 -71.60
C GLY L 16 -15.35 58.69 -72.38
N THR L 17 -14.17 58.14 -72.07
CA THR L 17 -12.95 58.53 -72.76
C THR L 17 -12.89 57.96 -74.18
N ALA L 18 -13.67 56.92 -74.47
CA ALA L 18 -13.68 56.30 -75.80
C ALA L 18 -15.07 56.28 -76.41
N THR L 19 -16.06 55.75 -75.68
CA THR L 19 -17.42 55.64 -76.18
C THR L 19 -18.37 56.34 -75.22
N VAL L 20 -19.17 57.27 -75.74
CA VAL L 20 -20.19 57.94 -74.94
C VAL L 20 -21.44 57.05 -74.93
N SER L 21 -21.98 56.83 -73.74
CA SER L 21 -23.19 56.06 -73.55
C SER L 21 -24.28 56.96 -73.00
N ALA L 22 -25.51 56.75 -73.46
CA ALA L 22 -26.65 57.57 -73.03
C ALA L 22 -27.86 56.65 -72.99
N LEU L 23 -28.37 56.40 -71.80
CA LEU L 23 -29.49 55.48 -71.59
C LEU L 23 -30.69 56.24 -71.06
N VAL L 24 -31.88 55.82 -71.48
CA VAL L 24 -33.13 56.41 -71.06
C VAL L 24 -33.99 55.30 -70.49
N GLY L 25 -34.63 55.57 -69.34
CA GLY L 25 -35.44 54.54 -68.73
C GLY L 25 -36.58 55.12 -67.91
N GLU L 26 -37.43 54.21 -67.42
CA GLU L 26 -38.53 54.55 -66.53
C GLU L 26 -38.38 53.73 -65.25
N VAL L 27 -38.63 54.36 -64.11
CA VAL L 27 -38.55 53.69 -62.82
C VAL L 27 -39.85 52.96 -62.52
N LEU L 28 -39.77 51.65 -62.39
CA LEU L 28 -40.94 50.87 -62.00
C LEU L 28 -41.13 50.93 -60.49
N PRO L 29 -42.38 50.89 -60.02
CA PRO L 29 -42.67 51.01 -58.58
C PRO L 29 -41.87 50.07 -57.67
N ASP L 30 -41.26 49.04 -58.24
CA ASP L 30 -40.51 48.06 -57.45
C ASP L 30 -39.01 48.38 -57.41
N GLY L 31 -38.64 49.63 -57.66
CA GLY L 31 -37.23 50.00 -57.66
C GLY L 31 -36.55 49.70 -58.97
N GLN L 32 -36.73 48.47 -59.47
CA GLN L 32 -36.08 48.04 -60.70
C GLN L 32 -36.50 48.96 -61.84
N VAL L 33 -35.52 49.43 -62.62
CA VAL L 33 -35.71 50.42 -63.67
C VAL L 33 -35.68 49.73 -65.02
N ASN L 34 -36.66 50.04 -65.86
CA ASN L 34 -36.71 49.51 -67.22
C ASN L 34 -36.20 50.54 -68.21
N ILE L 35 -35.31 50.12 -69.09
CA ILE L 35 -34.69 50.99 -70.08
C ILE L 35 -35.54 50.98 -71.34
N ILE L 36 -35.79 52.18 -71.89
CA ILE L 36 -36.67 52.36 -73.03
C ILE L 36 -35.85 52.54 -74.29
N GLY L 37 -34.66 53.15 -74.16
CA GLY L 37 -33.81 53.42 -75.29
C GLY L 37 -32.34 53.40 -74.95
N ALA L 38 -31.51 52.87 -75.84
CA ALA L 38 -30.06 52.87 -75.65
C ALA L 38 -29.42 53.85 -76.61
N GLY L 39 -28.12 54.07 -76.41
CA GLY L 39 -27.38 54.98 -77.24
C GLY L 39 -25.88 54.94 -77.01
N SER L 40 -25.12 54.79 -78.10
CA SER L 40 -23.67 54.70 -78.03
C SER L 40 -23.08 55.51 -79.17
N SER L 41 -21.85 56.00 -78.96
CA SER L 41 -21.16 56.80 -79.95
C SER L 41 -19.70 56.98 -79.56
N PRO L 42 -18.76 56.73 -80.46
CA PRO L 42 -17.35 57.00 -80.16
C PRO L 42 -17.14 58.48 -79.86
N SER L 43 -16.27 58.75 -78.89
CA SER L 43 -16.05 60.11 -78.39
C SER L 43 -14.66 60.56 -78.79
N ARG L 44 -14.62 61.64 -79.57
CA ARG L 44 -13.36 62.29 -79.93
C ARG L 44 -13.15 63.53 -79.06
N GLY L 45 -11.88 63.85 -78.81
CA GLY L 45 -11.54 64.97 -77.97
C GLY L 45 -11.76 64.66 -76.50
N MET L 46 -11.13 63.60 -76.02
CA MET L 46 -11.29 63.16 -74.65
C MET L 46 -9.95 62.62 -74.15
N ASP L 47 -9.58 62.98 -72.93
CA ASP L 47 -8.28 62.59 -72.36
C ASP L 47 -8.47 62.23 -70.90
N LYS L 48 -8.27 60.96 -70.57
CA LYS L 48 -8.25 60.46 -69.18
C LYS L 48 -9.51 60.89 -68.43
N GLY L 49 -10.66 60.65 -69.05
CA GLY L 49 -11.94 60.94 -68.43
C GLY L 49 -12.34 62.40 -68.44
N GLY L 50 -11.43 63.32 -68.75
CA GLY L 50 -11.78 64.72 -68.78
C GLY L 50 -11.78 65.29 -70.18
N VAL L 51 -12.44 66.45 -70.36
CA VAL L 51 -12.54 67.05 -71.68
C VAL L 51 -11.18 67.61 -72.09
N ASN L 52 -10.91 67.59 -73.40
CA ASN L 52 -9.68 68.14 -73.93
C ASN L 52 -9.97 69.14 -75.05
N ASP L 53 -10.81 68.73 -76.01
CA ASP L 53 -11.24 69.59 -77.10
C ASP L 53 -12.75 69.71 -77.02
N LEU L 54 -13.24 70.87 -76.59
CA LEU L 54 -14.66 71.05 -76.32
C LEU L 54 -15.53 70.80 -77.55
N GLU L 55 -15.01 71.07 -78.74
CA GLU L 55 -15.83 70.92 -79.94
C GLU L 55 -16.13 69.45 -80.24
N SER L 56 -15.11 68.60 -80.20
CA SER L 56 -15.31 67.20 -80.57
C SER L 56 -16.23 66.47 -79.60
N VAL L 57 -16.13 66.77 -78.31
CA VAL L 57 -16.94 66.03 -77.33
C VAL L 57 -18.41 66.39 -77.46
N VAL L 58 -18.72 67.67 -77.68
CA VAL L 58 -20.12 68.08 -77.84
C VAL L 58 -20.73 67.42 -79.07
N LYS L 59 -19.95 67.29 -80.14
CA LYS L 59 -20.43 66.57 -81.32
C LYS L 59 -20.62 65.10 -81.03
N SER L 60 -19.74 64.51 -80.22
CA SER L 60 -19.86 63.09 -79.89
C SER L 60 -21.02 62.84 -78.94
N VAL L 61 -21.25 63.75 -78.00
CA VAL L 61 -22.35 63.57 -77.06
C VAL L 61 -23.69 63.71 -77.78
N GLN L 62 -23.78 64.61 -78.75
CA GLN L 62 -25.03 64.75 -79.50
C GLN L 62 -25.37 63.49 -80.29
N ARG L 63 -24.37 62.74 -80.73
CA ARG L 63 -24.64 61.52 -81.48
C ARG L 63 -25.37 60.49 -80.61
N ALA L 64 -24.86 60.27 -79.39
CA ALA L 64 -25.45 59.25 -78.53
C ALA L 64 -26.81 59.69 -78.01
N VAL L 65 -26.94 60.95 -77.58
CA VAL L 65 -28.20 61.41 -77.03
C VAL L 65 -29.28 61.49 -78.10
N ASP L 66 -28.90 61.71 -79.36
CA ASP L 66 -29.89 61.76 -80.43
C ASP L 66 -30.45 60.37 -80.73
N GLN L 67 -29.57 59.38 -80.90
CA GLN L 67 -30.03 58.02 -81.13
C GLN L 67 -30.74 57.44 -79.91
N ALA L 68 -30.39 57.91 -78.70
CA ALA L 68 -31.14 57.51 -77.53
C ALA L 68 -32.50 58.19 -77.47
N GLU L 69 -32.56 59.45 -77.90
CA GLU L 69 -33.84 60.16 -77.99
C GLU L 69 -34.79 59.45 -78.95
N LEU L 70 -34.25 58.95 -80.08
CA LEU L 70 -35.09 58.30 -81.07
C LEU L 70 -35.67 57.00 -80.55
N MET L 71 -34.84 56.11 -80.03
CA MET L 71 -35.31 54.79 -79.60
C MET L 71 -36.27 54.86 -78.42
N ALA L 72 -36.28 55.97 -77.68
CA ALA L 72 -37.22 56.15 -76.58
C ALA L 72 -38.48 56.88 -76.99
N GLU L 73 -38.49 57.49 -78.18
CA GLU L 73 -39.62 58.28 -78.67
C GLU L 73 -40.00 59.41 -77.73
N CYS L 74 -39.06 59.85 -76.89
CA CYS L 74 -39.25 61.01 -76.03
C CYS L 74 -38.02 61.90 -76.16
N GLN L 75 -38.09 63.10 -75.60
CA GLN L 75 -37.00 64.06 -75.67
C GLN L 75 -36.33 64.21 -74.31
N ILE L 76 -35.00 64.27 -74.33
CA ILE L 76 -34.20 64.35 -73.12
C ILE L 76 -34.24 65.79 -72.60
N SER L 77 -34.50 65.95 -71.30
CA SER L 77 -34.56 67.29 -70.70
C SER L 77 -33.39 67.52 -69.77
N SER L 78 -33.43 66.93 -68.58
CA SER L 78 -32.36 67.04 -67.60
C SER L 78 -31.71 65.68 -67.42
N VAL L 79 -30.38 65.68 -67.22
CA VAL L 79 -29.61 64.44 -67.25
C VAL L 79 -28.74 64.33 -66.00
N PHE L 80 -28.36 63.09 -65.70
CA PHE L 80 -27.37 62.76 -64.68
C PHE L 80 -26.09 62.31 -65.39
N ILE L 81 -25.00 63.01 -65.13
CA ILE L 81 -23.74 62.79 -65.83
C ILE L 81 -22.73 62.14 -64.89
N SER L 82 -21.82 61.38 -65.47
CA SER L 82 -20.74 60.73 -64.74
C SER L 82 -19.47 61.56 -64.83
N LEU L 83 -18.55 61.31 -63.90
CA LEU L 83 -17.29 62.04 -63.84
C LEU L 83 -16.21 61.15 -63.24
N SER L 84 -15.02 61.24 -63.80
CA SER L 84 -13.87 60.47 -63.32
C SER L 84 -12.60 61.24 -63.65
N GLY L 85 -11.47 60.69 -63.19
CA GLY L 85 -10.18 61.32 -63.44
C GLY L 85 -9.24 61.25 -62.26
N LYS L 86 -7.96 61.54 -62.50
CA LYS L 86 -6.96 61.50 -61.44
C LYS L 86 -7.28 62.48 -60.32
N HIS L 87 -8.02 63.55 -60.64
CA HIS L 87 -8.33 64.58 -59.66
C HIS L 87 -9.31 64.11 -58.58
N ILE L 88 -9.92 62.92 -58.75
CA ILE L 88 -10.85 62.43 -57.74
C ILE L 88 -10.07 62.06 -56.48
N ALA L 89 -10.49 62.58 -55.34
CA ALA L 89 -9.85 62.31 -54.07
C ALA L 89 -10.91 62.15 -52.99
N SER L 90 -10.55 61.43 -51.94
CA SER L 90 -11.45 61.17 -50.82
C SER L 90 -10.81 61.68 -49.53
N ARG L 91 -11.62 62.35 -48.71
CA ARG L 91 -11.18 62.88 -47.43
C ARG L 91 -12.19 62.52 -46.37
N ILE L 92 -11.71 62.30 -45.16
CA ILE L 92 -12.55 61.99 -44.00
C ILE L 92 -12.40 63.13 -43.00
N GLU L 93 -13.47 63.88 -42.79
CA GLU L 93 -13.46 65.04 -41.91
C GLU L 93 -14.47 64.84 -40.78
N LYS L 94 -14.13 65.34 -39.61
CA LYS L 94 -14.95 65.18 -38.42
C LYS L 94 -15.52 66.53 -37.98
N GLY L 95 -16.71 66.48 -37.37
CA GLY L 95 -17.36 67.68 -36.87
C GLY L 95 -18.01 67.42 -35.52
N MET L 96 -18.43 68.50 -34.87
CA MET L 96 -19.03 68.43 -33.55
C MET L 96 -20.31 69.24 -33.52
N GLY L 97 -21.10 69.04 -32.46
CA GLY L 97 -22.37 69.73 -32.31
C GLY L 97 -23.07 69.53 -30.98
N THR L 98 -23.81 70.55 -30.54
CA THR L 98 -24.49 70.54 -29.25
C THR L 98 -25.89 69.94 -29.36
N ILE L 99 -26.33 69.29 -28.28
CA ILE L 99 -27.65 68.68 -28.20
C ILE L 99 -28.64 69.67 -27.63
N SER L 100 -29.57 70.14 -28.45
CA SER L 100 -30.63 71.02 -27.97
C SER L 100 -31.60 70.18 -27.15
N GLU L 101 -32.09 70.74 -26.04
CA GLU L 101 -33.09 70.11 -25.16
C GLU L 101 -32.69 68.67 -24.78
N GLU L 102 -31.38 68.46 -24.64
CA GLU L 102 -30.76 67.20 -24.19
C GLU L 102 -31.20 65.96 -24.97
N GLU L 103 -31.99 66.13 -26.02
CA GLU L 103 -32.28 65.06 -26.96
C GLU L 103 -32.24 65.65 -28.36
N VAL L 104 -31.96 64.82 -29.33
CA VAL L 104 -31.67 65.29 -30.68
C VAL L 104 -32.93 65.39 -31.52
N SER L 105 -32.99 66.45 -32.32
CA SER L 105 -33.95 66.65 -33.38
C SER L 105 -33.21 66.55 -34.70
N GLN L 106 -33.96 66.59 -35.81
CA GLN L 106 -33.31 66.53 -37.11
C GLN L 106 -32.37 67.71 -37.32
N ASP L 107 -32.65 68.86 -36.68
CA ASP L 107 -31.79 70.03 -36.81
C ASP L 107 -30.42 69.80 -36.16
N ASP L 108 -30.39 69.19 -34.97
CA ASP L 108 -29.11 68.91 -34.31
C ASP L 108 -28.22 68.02 -35.18
N MET L 109 -28.81 67.08 -35.91
CA MET L 109 -28.03 66.24 -36.81
C MET L 109 -27.37 67.06 -37.90
N ASP L 110 -28.16 67.89 -38.59
CA ASP L 110 -27.65 68.64 -39.74
C ASP L 110 -26.52 69.59 -39.35
N ARG L 111 -26.66 70.28 -38.21
CA ARG L 111 -25.60 71.18 -37.76
C ARG L 111 -24.28 70.45 -37.58
N ALA L 112 -24.32 69.25 -37.00
CA ALA L 112 -23.09 68.48 -36.82
C ALA L 112 -22.47 68.10 -38.16
N ILE L 113 -23.30 67.71 -39.13
CA ILE L 113 -22.78 67.42 -40.47
C ILE L 113 -22.22 68.68 -41.11
N HIS L 114 -22.90 69.82 -40.90
CA HIS L 114 -22.47 71.06 -41.50
C HIS L 114 -21.07 71.45 -41.03
N THR L 115 -20.74 71.16 -39.77
CA THR L 115 -19.42 71.47 -39.26
C THR L 115 -18.36 70.55 -39.87
N ALA L 116 -18.72 69.29 -40.11
CA ALA L 116 -17.77 68.35 -40.71
C ALA L 116 -17.67 68.53 -42.21
N LYS L 117 -18.76 69.00 -42.84
CA LYS L 117 -18.75 69.19 -44.29
C LYS L 117 -17.92 70.40 -44.69
N SER L 118 -18.22 71.56 -44.10
CA SER L 118 -17.54 72.80 -44.44
C SER L 118 -16.07 72.72 -44.04
N ILE L 119 -15.18 72.69 -45.04
CA ILE L 119 -13.74 72.71 -44.82
C ILE L 119 -13.10 73.64 -45.83
N LYS L 120 -11.82 73.96 -45.61
CA LYS L 120 -11.05 74.84 -46.48
C LYS L 120 -10.21 74.04 -47.46
N ILE L 121 -10.69 73.92 -48.69
CA ILE L 121 -10.00 73.16 -49.73
C ILE L 121 -9.42 74.05 -50.82
N GLY L 122 -9.84 75.31 -50.90
CA GLY L 122 -9.39 76.16 -51.97
C GLY L 122 -10.37 76.21 -53.13
N ASP L 123 -10.18 77.21 -54.00
CA ASP L 123 -11.03 77.37 -55.16
C ASP L 123 -10.64 76.41 -56.28
N GLU L 124 -9.49 75.74 -56.17
CA GLU L 124 -9.06 74.79 -57.18
C GLU L 124 -9.80 73.46 -57.07
N GLN L 125 -10.20 73.08 -55.86
CA GLN L 125 -10.96 71.86 -55.64
C GLN L 125 -12.45 72.16 -55.56
N ARG L 126 -13.25 71.11 -55.60
CA ARG L 126 -14.71 71.25 -55.53
C ARG L 126 -15.29 69.96 -55.00
N ILE L 127 -16.22 70.08 -54.06
CA ILE L 127 -16.84 68.90 -53.46
C ILE L 127 -17.78 68.24 -54.46
N LEU L 128 -17.84 66.91 -54.41
CA LEU L 128 -18.67 66.13 -55.32
C LEU L 128 -19.71 65.29 -54.59
N HIS L 129 -19.34 64.64 -53.49
CA HIS L 129 -20.26 63.81 -52.72
C HIS L 129 -20.01 64.03 -51.24
N VAL L 130 -21.08 64.03 -50.46
CA VAL L 130 -21.03 64.08 -49.01
C VAL L 130 -21.74 62.85 -48.49
N ILE L 131 -21.01 61.97 -47.82
CA ILE L 131 -21.53 60.71 -47.33
C ILE L 131 -21.33 60.65 -45.82
N PRO L 132 -22.37 60.92 -45.03
CA PRO L 132 -22.24 60.78 -43.59
C PRO L 132 -22.14 59.32 -43.19
N GLN L 133 -21.22 59.03 -42.26
CA GLN L 133 -20.99 57.70 -41.77
C GLN L 133 -21.46 57.61 -40.31
N GLU L 134 -20.82 56.76 -39.52
CA GLU L 134 -21.25 56.55 -38.14
C GLU L 134 -21.12 57.83 -37.31
N PHE L 135 -22.14 58.07 -36.50
CA PHE L 135 -22.16 59.20 -35.58
C PHE L 135 -21.40 58.82 -34.32
N THR L 136 -21.33 59.73 -33.34
CA THR L 136 -20.65 59.41 -32.09
C THR L 136 -21.21 60.31 -30.98
N ILE L 137 -21.91 59.69 -30.03
CA ILE L 137 -22.49 60.37 -28.88
C ILE L 137 -21.73 59.90 -27.64
N ASP L 138 -21.17 60.86 -26.90
CA ASP L 138 -20.44 60.66 -25.65
C ASP L 138 -19.91 59.24 -25.40
N TYR L 139 -18.78 58.91 -26.03
CA TYR L 139 -18.08 57.63 -25.83
C TYR L 139 -18.91 56.41 -26.17
N GLN L 140 -19.95 56.55 -27.00
CA GLN L 140 -20.71 55.40 -27.48
C GLN L 140 -20.24 55.07 -28.89
N GLU L 141 -19.80 53.83 -29.10
CA GLU L 141 -19.16 53.45 -30.34
C GLU L 141 -20.20 52.87 -31.31
N GLY L 142 -20.05 53.21 -32.58
CA GLY L 142 -20.90 52.65 -33.62
C GLY L 142 -22.35 53.05 -33.45
N ILE L 143 -22.77 54.14 -34.08
CA ILE L 143 -24.17 54.54 -34.02
C ILE L 143 -24.56 55.16 -35.37
N LYS L 144 -25.71 54.75 -35.89
CA LYS L 144 -26.25 55.27 -37.15
C LYS L 144 -27.64 55.83 -36.89
N ASN L 145 -27.90 57.02 -37.43
CA ASN L 145 -29.14 57.76 -37.22
C ASN L 145 -29.48 57.75 -35.74
N PRO L 146 -28.87 58.63 -34.95
CA PRO L 146 -29.17 58.68 -33.51
C PRO L 146 -30.27 59.67 -33.19
N LEU L 147 -31.49 59.38 -33.65
CA LEU L 147 -32.64 60.26 -33.43
C LEU L 147 -33.34 59.91 -32.12
N GLY L 148 -33.62 60.93 -31.31
CA GLY L 148 -34.31 60.75 -30.06
C GLY L 148 -33.43 60.39 -28.88
N LEU L 149 -32.18 60.03 -29.12
CA LEU L 149 -31.29 59.59 -28.07
C LEU L 149 -30.87 60.78 -27.19
N SER L 150 -30.13 60.48 -26.13
CA SER L 150 -29.73 61.48 -25.16
C SER L 150 -28.21 61.66 -25.17
N GLY L 151 -27.78 62.87 -24.85
CA GLY L 151 -26.37 63.18 -24.81
C GLY L 151 -26.15 64.65 -24.50
N VAL L 152 -24.91 65.09 -24.68
CA VAL L 152 -24.54 66.48 -24.43
C VAL L 152 -23.90 67.11 -25.66
N ARG L 153 -23.07 66.34 -26.36
CA ARG L 153 -22.36 66.83 -27.54
C ARG L 153 -22.15 65.67 -28.50
N MET L 154 -22.00 66.02 -29.79
CA MET L 154 -21.95 65.04 -30.86
C MET L 154 -20.63 65.10 -31.61
N GLU L 155 -20.36 64.05 -32.36
CA GLU L 155 -19.23 63.99 -33.28
C GLU L 155 -19.70 63.19 -34.49
N VAL L 156 -19.20 63.56 -35.68
CA VAL L 156 -19.63 62.92 -36.91
C VAL L 156 -18.40 62.64 -37.76
N SER L 157 -18.45 61.53 -38.50
CA SER L 157 -17.47 61.23 -39.54
C SER L 157 -18.18 61.23 -40.89
N VAL L 158 -17.70 62.05 -41.81
CA VAL L 158 -18.30 62.18 -43.13
C VAL L 158 -17.25 61.83 -44.19
N HIS L 159 -17.68 61.09 -45.21
CA HIS L 159 -16.82 60.78 -46.34
C HIS L 159 -17.04 61.82 -47.44
N LEU L 160 -15.95 62.45 -47.87
CA LEU L 160 -16.00 63.51 -48.86
C LEU L 160 -15.23 63.09 -50.10
N ILE L 161 -15.89 63.14 -51.26
CA ILE L 161 -15.26 62.92 -52.54
C ILE L 161 -15.16 64.26 -53.25
N SER L 162 -13.96 64.63 -53.67
CA SER L 162 -13.70 65.93 -54.28
C SER L 162 -13.00 65.74 -55.61
N CYS L 163 -13.13 66.75 -56.47
CA CYS L 163 -12.54 66.72 -57.80
C CYS L 163 -12.09 68.12 -58.18
N HIS L 164 -11.18 68.16 -59.16
CA HIS L 164 -10.76 69.44 -59.73
C HIS L 164 -11.96 70.13 -60.35
N ASN L 165 -12.18 71.40 -59.98
CA ASN L 165 -13.37 72.10 -60.45
C ASN L 165 -13.35 72.29 -61.96
N ASP L 166 -12.18 72.62 -62.51
CA ASP L 166 -12.09 72.88 -63.95
C ASP L 166 -12.50 71.65 -64.76
N MET L 167 -12.02 70.47 -64.37
CA MET L 167 -12.39 69.25 -65.08
C MET L 167 -13.89 68.95 -64.94
N ALA L 168 -14.51 69.42 -63.86
CA ALA L 168 -15.95 69.24 -63.71
C ALA L 168 -16.72 70.28 -64.50
N ARG L 169 -16.20 71.51 -64.58
CA ARG L 169 -16.88 72.56 -65.34
C ARG L 169 -17.00 72.19 -66.82
N ASN L 170 -15.94 71.57 -67.37
CA ASN L 170 -15.95 71.23 -68.79
C ASN L 170 -17.00 70.18 -69.10
N ILE L 171 -17.19 69.22 -68.20
CA ILE L 171 -18.22 68.20 -68.42
C ILE L 171 -19.61 68.83 -68.43
N ILE L 172 -19.85 69.77 -67.50
CA ILE L 172 -21.11 70.50 -67.52
C ILE L 172 -21.17 71.41 -68.75
N LYS L 173 -20.06 72.05 -69.10
CA LYS L 173 -20.03 72.93 -70.26
C LYS L 173 -20.41 72.18 -71.53
N ALA L 174 -19.92 70.95 -71.68
CA ALA L 174 -20.26 70.16 -72.87
C ALA L 174 -21.74 69.81 -72.89
N VAL L 175 -22.28 69.38 -71.75
CA VAL L 175 -23.69 68.95 -71.71
C VAL L 175 -24.62 70.15 -71.84
N GLU L 176 -24.30 71.27 -71.19
CA GLU L 176 -25.16 72.45 -71.29
C GLU L 176 -25.21 72.97 -72.72
N ARG L 177 -24.12 72.84 -73.46
CA ARG L 177 -24.11 73.26 -74.87
C ARG L 177 -24.97 72.35 -75.74
N CYS L 178 -25.34 71.17 -75.24
CA CYS L 178 -26.19 70.24 -75.95
C CYS L 178 -27.67 70.45 -75.64
N GLY L 179 -28.04 71.63 -75.15
CA GLY L 179 -29.42 71.91 -74.80
C GLY L 179 -29.93 71.18 -73.59
N LEU L 180 -29.07 70.45 -72.89
CA LEU L 180 -29.46 69.68 -71.72
C LEU L 180 -29.01 70.37 -70.43
N LYS L 181 -29.70 70.05 -69.34
CA LYS L 181 -29.38 70.58 -68.02
C LYS L 181 -28.97 69.40 -67.13
N VAL L 182 -27.87 69.56 -66.41
CA VAL L 182 -27.39 68.52 -65.53
C VAL L 182 -28.11 68.62 -64.19
N GLU L 183 -28.47 67.46 -63.63
CA GLU L 183 -29.10 67.42 -62.32
C GLU L 183 -28.09 67.28 -61.20
N GLN L 184 -27.17 66.33 -61.33
CA GLN L 184 -26.13 66.09 -60.33
C GLN L 184 -24.96 65.39 -61.00
N LEU L 185 -23.75 65.71 -60.57
CA LEU L 185 -22.56 65.01 -61.01
C LEU L 185 -22.31 63.82 -60.09
N VAL L 186 -21.94 62.69 -60.69
CA VAL L 186 -21.76 61.45 -59.96
C VAL L 186 -20.39 60.89 -60.29
N PHE L 187 -19.65 60.46 -59.26
CA PHE L 187 -18.38 59.81 -59.48
C PHE L 187 -18.60 58.48 -60.19
N SER L 188 -17.81 58.24 -61.25
CA SER L 188 -18.01 57.06 -62.09
C SER L 188 -17.92 55.77 -61.26
N GLY L 189 -16.85 55.63 -60.47
CA GLY L 189 -16.68 54.42 -59.68
C GLY L 189 -17.81 54.17 -58.70
N LEU L 190 -18.46 55.23 -58.23
CA LEU L 190 -19.61 55.05 -57.35
C LEU L 190 -20.81 54.51 -58.12
N ALA L 191 -21.07 55.06 -59.30
CA ALA L 191 -22.15 54.54 -60.13
C ALA L 191 -21.83 53.13 -60.62
N SER L 192 -20.57 52.89 -61.01
CA SER L 192 -20.18 51.55 -61.41
C SER L 192 -20.27 50.56 -60.25
N SER L 193 -20.17 51.05 -59.02
CA SER L 193 -20.38 50.19 -57.86
C SER L 193 -21.84 50.08 -57.47
N ASN L 194 -22.65 51.08 -57.82
CA ASN L 194 -24.05 51.12 -57.41
C ASN L 194 -24.92 50.19 -58.25
N ALA L 195 -24.39 49.61 -59.33
CA ALA L 195 -25.20 48.74 -60.18
C ALA L 195 -24.48 47.46 -60.57
N VAL L 196 -23.50 47.02 -59.79
CA VAL L 196 -22.76 45.79 -60.05
C VAL L 196 -22.70 45.01 -58.75
N ILE L 197 -23.03 45.68 -57.64
CA ILE L 197 -22.94 45.12 -56.30
C ILE L 197 -24.34 44.94 -55.74
N THR L 198 -24.58 43.80 -55.11
CA THR L 198 -25.77 43.61 -54.30
C THR L 198 -25.47 43.98 -52.85
N GLU L 199 -26.49 44.44 -52.13
CA GLU L 199 -26.29 44.93 -50.78
C GLU L 199 -25.63 43.87 -49.89
N ASP L 200 -25.95 42.60 -50.09
CA ASP L 200 -25.30 41.54 -49.33
C ASP L 200 -23.80 41.59 -49.50
N GLU L 201 -23.32 41.99 -50.68
CA GLU L 201 -21.89 42.10 -50.90
C GLU L 201 -21.31 43.29 -50.14
N ARG L 202 -22.04 44.39 -50.05
CA ARG L 202 -21.54 45.59 -49.37
C ARG L 202 -21.23 45.31 -47.91
N GLU L 203 -22.12 44.59 -47.22
CA GLU L 203 -21.89 44.31 -45.80
C GLU L 203 -20.70 43.38 -45.61
N LEU L 204 -20.42 42.53 -46.60
CA LEU L 204 -19.29 41.62 -46.51
C LEU L 204 -17.98 42.27 -46.93
N GLY L 205 -18.04 43.27 -47.80
CA GLY L 205 -16.84 43.95 -48.24
C GLY L 205 -16.47 43.65 -49.68
N VAL L 206 -16.53 44.66 -50.55
CA VAL L 206 -16.23 44.49 -51.96
C VAL L 206 -15.35 45.64 -52.42
N CYS L 207 -14.55 45.38 -53.46
CA CYS L 207 -13.77 46.40 -54.14
C CYS L 207 -14.05 46.29 -55.63
N VAL L 208 -14.76 47.25 -56.19
CA VAL L 208 -14.99 47.30 -57.62
C VAL L 208 -13.88 48.11 -58.26
N VAL L 209 -13.76 47.98 -59.58
CA VAL L 209 -12.76 48.71 -60.33
C VAL L 209 -13.20 48.78 -61.79
N ASP L 210 -13.79 49.90 -62.18
CA ASP L 210 -14.26 50.09 -63.56
C ASP L 210 -13.04 50.39 -64.41
N ILE L 211 -12.45 49.33 -64.99
CA ILE L 211 -11.30 49.48 -65.87
C ILE L 211 -11.87 49.90 -67.22
N GLY L 212 -11.89 51.19 -67.49
CA GLY L 212 -12.41 51.72 -68.73
C GLY L 212 -11.33 51.99 -69.75
N ALA L 213 -11.60 52.91 -70.65
CA ALA L 213 -10.63 53.34 -71.66
C ALA L 213 -9.91 54.62 -71.23
N GLY L 214 -9.33 54.64 -70.03
CA GLY L 214 -8.70 55.86 -69.58
C GLY L 214 -8.62 56.02 -68.07
N THR L 215 -9.63 55.56 -67.35
CA THR L 215 -9.67 55.73 -65.91
C THR L 215 -9.88 54.38 -65.23
N MET L 216 -9.20 54.18 -64.12
CA MET L 216 -9.36 53.00 -63.26
C MET L 216 -10.08 53.47 -62.00
N ASP L 217 -11.40 53.36 -62.01
CA ASP L 217 -12.24 53.89 -60.94
C ASP L 217 -12.39 52.83 -59.85
N ILE L 218 -11.69 53.02 -58.74
CA ILE L 218 -11.66 52.05 -57.64
C ILE L 218 -12.59 52.55 -56.53
N SER L 219 -13.40 51.64 -56.00
CA SER L 219 -14.27 51.94 -54.87
C SER L 219 -14.19 50.80 -53.87
N ILE L 220 -13.99 51.14 -52.59
CA ILE L 220 -13.82 50.15 -51.54
C ILE L 220 -14.97 50.28 -50.55
N TRP L 221 -15.62 49.17 -50.26
CA TRP L 221 -16.75 49.12 -49.34
C TRP L 221 -16.50 48.08 -48.27
N THR L 222 -16.69 48.46 -47.00
CA THR L 222 -16.70 47.52 -45.89
C THR L 222 -17.83 47.90 -44.94
N GLY L 223 -18.51 46.89 -44.40
CA GLY L 223 -19.62 47.14 -43.50
C GLY L 223 -20.79 47.87 -44.12
N GLY L 224 -20.95 47.79 -45.44
CA GLY L 224 -22.05 48.45 -46.10
C GLY L 224 -21.89 49.95 -46.29
N ALA L 225 -20.66 50.45 -46.28
CA ALA L 225 -20.42 51.88 -46.43
C ALA L 225 -19.20 52.09 -47.33
N LEU L 226 -19.21 53.21 -48.05
CA LEU L 226 -18.09 53.57 -48.91
C LEU L 226 -16.93 54.07 -48.05
N ARG L 227 -15.81 53.35 -48.09
CA ARG L 227 -14.67 53.63 -47.22
C ARG L 227 -13.57 54.42 -47.90
N HIS L 228 -13.25 54.11 -49.16
CA HIS L 228 -12.18 54.81 -49.86
C HIS L 228 -12.57 55.02 -51.32
N THR L 229 -11.91 55.99 -51.94
CA THR L 229 -12.12 56.32 -53.35
C THR L 229 -10.79 56.69 -53.97
N GLU L 230 -10.41 55.98 -55.03
CA GLU L 230 -9.15 56.26 -55.72
C GLU L 230 -9.34 55.98 -57.20
N VAL L 231 -8.66 56.76 -58.04
CA VAL L 231 -8.74 56.64 -59.49
C VAL L 231 -7.35 56.75 -60.08
N PHE L 232 -7.03 55.87 -61.02
CA PHE L 232 -5.79 55.93 -61.79
C PHE L 232 -6.11 56.12 -63.27
N SER L 233 -5.27 56.91 -63.95
CA SER L 233 -5.41 57.00 -65.40
C SER L 233 -4.67 55.87 -66.11
N TYR L 234 -4.58 54.72 -65.45
CA TYR L 234 -3.91 53.52 -65.95
C TYR L 234 -5.02 52.54 -66.30
N ALA L 235 -5.46 52.54 -67.55
CA ALA L 235 -6.50 51.60 -67.92
C ALA L 235 -6.32 51.02 -69.33
N GLY L 236 -7.43 50.95 -70.05
CA GLY L 236 -7.53 50.44 -71.41
C GLY L 236 -6.42 50.81 -72.38
N ASN L 237 -6.29 52.12 -72.61
CA ASN L 237 -5.43 52.63 -73.67
C ASN L 237 -3.97 52.25 -73.48
N ALA L 238 -3.56 51.96 -72.24
CA ALA L 238 -2.18 51.59 -71.99
C ALA L 238 -1.80 50.31 -72.74
N VAL L 239 -2.59 49.25 -72.57
CA VAL L 239 -2.27 47.98 -73.23
C VAL L 239 -2.46 48.11 -74.74
N THR L 240 -3.37 48.96 -75.19
CA THR L 240 -3.48 49.23 -76.63
C THR L 240 -2.18 49.79 -77.17
N SER L 241 -1.62 50.79 -76.47
CA SER L 241 -0.35 51.38 -76.88
C SER L 241 0.80 50.40 -76.76
N ASP L 242 0.74 49.50 -75.78
CA ASP L 242 1.82 48.54 -75.58
C ASP L 242 1.99 47.63 -76.80
N ILE L 243 0.88 47.14 -77.35
CA ILE L 243 0.94 46.28 -78.53
C ILE L 243 1.54 47.05 -79.71
N ALA L 244 1.09 48.29 -79.91
CA ALA L 244 1.58 49.09 -81.03
C ALA L 244 3.05 49.43 -80.88
N PHE L 245 3.53 49.66 -79.66
CA PHE L 245 4.91 50.08 -79.47
C PHE L 245 5.90 48.94 -79.64
N ALA L 246 5.47 47.70 -79.35
CA ALA L 246 6.36 46.55 -79.40
C ALA L 246 6.28 45.77 -80.71
N PHE L 247 5.29 46.03 -81.55
CA PHE L 247 5.09 45.26 -82.77
C PHE L 247 5.19 46.08 -84.05
N GLY L 248 5.34 47.39 -83.96
CA GLY L 248 5.37 48.20 -85.17
C GLY L 248 4.05 48.28 -85.89
N THR L 249 2.93 48.28 -85.16
CA THR L 249 1.56 48.30 -85.63
C THR L 249 0.94 49.67 -85.40
N PRO L 250 0.09 50.17 -86.30
CA PRO L 250 -0.63 51.41 -86.01
C PRO L 250 -1.70 51.21 -84.95
N LEU L 251 -2.04 52.32 -84.29
CA LEU L 251 -3.00 52.29 -83.18
C LEU L 251 -4.35 51.73 -83.60
N SER L 252 -4.86 52.20 -84.75
CA SER L 252 -6.20 51.81 -85.19
C SER L 252 -6.33 50.30 -85.38
N ASP L 253 -5.25 49.63 -85.77
CA ASP L 253 -5.30 48.18 -85.95
C ASP L 253 -4.88 47.42 -84.70
N ALA L 254 -3.90 47.93 -83.96
CA ALA L 254 -3.44 47.25 -82.75
C ALA L 254 -4.57 47.14 -81.72
N GLU L 255 -5.47 48.13 -81.69
CA GLU L 255 -6.63 48.03 -80.81
C GLU L 255 -7.52 46.85 -81.20
N GLU L 256 -7.75 46.68 -82.50
CA GLU L 256 -8.59 45.58 -82.96
C GLU L 256 -8.00 44.22 -82.60
N ILE L 257 -6.66 44.13 -82.59
CA ILE L 257 -6.00 42.88 -82.21
C ILE L 257 -6.24 42.58 -80.74
N LYS L 258 -6.20 43.61 -79.88
CA LYS L 258 -6.45 43.41 -78.46
C LYS L 258 -7.86 42.91 -78.21
N VAL L 259 -8.85 43.53 -78.86
CA VAL L 259 -10.24 43.21 -78.59
C VAL L 259 -10.60 41.82 -79.09
N LYS L 260 -9.94 41.35 -80.15
CA LYS L 260 -10.33 40.10 -80.79
C LYS L 260 -9.39 38.93 -80.54
N TYR L 261 -8.14 39.20 -80.13
CA TYR L 261 -7.17 38.14 -79.90
C TYR L 261 -6.40 38.29 -78.60
N GLY L 262 -6.71 39.29 -77.78
CA GLY L 262 -5.94 39.52 -76.58
C GLY L 262 -6.28 38.55 -75.47
N CYS L 263 -5.28 38.27 -74.63
CA CYS L 263 -5.45 37.43 -73.45
C CYS L 263 -4.59 37.99 -72.33
N ALA L 264 -5.15 38.02 -71.12
CA ALA L 264 -4.45 38.59 -69.97
C ALA L 264 -3.47 37.63 -69.33
N LEU L 265 -3.52 36.35 -69.69
CA LEU L 265 -2.57 35.35 -69.19
C LEU L 265 -1.94 34.65 -70.39
N SER L 266 -0.61 34.68 -70.46
CA SER L 266 0.13 34.13 -71.60
C SER L 266 0.24 32.61 -71.57
N GLU L 267 -0.60 31.92 -70.80
CA GLU L 267 -0.58 30.46 -70.76
C GLU L 267 -1.90 29.82 -71.15
N LEU L 268 -3.00 30.57 -71.15
CA LEU L 268 -4.29 30.02 -71.54
C LEU L 268 -4.42 29.83 -73.05
N VAL L 269 -3.55 30.48 -73.82
CA VAL L 269 -3.56 30.36 -75.28
C VAL L 269 -2.70 29.18 -75.69
N SER L 270 -3.00 28.62 -76.85
CA SER L 270 -2.24 27.51 -77.41
C SER L 270 -1.24 28.02 -78.43
N LYS L 271 -0.12 27.30 -78.55
CA LYS L 271 0.96 27.72 -79.45
C LYS L 271 0.59 27.57 -80.92
N ASP L 272 -0.54 26.94 -81.25
CA ASP L 272 -0.97 26.84 -82.63
C ASP L 272 -1.74 28.08 -83.08
N ASP L 273 -2.23 28.89 -82.14
CA ASP L 273 -2.99 30.08 -82.51
C ASP L 273 -2.06 31.15 -83.07
N THR L 274 -2.47 31.75 -84.19
CA THR L 274 -1.70 32.81 -84.84
C THR L 274 -2.66 33.88 -85.33
N VAL L 275 -2.18 35.13 -85.31
CA VAL L 275 -2.98 36.27 -85.74
C VAL L 275 -2.22 37.01 -86.84
N ASN L 276 -2.98 37.72 -87.67
CA ASN L 276 -2.43 38.46 -88.82
C ASN L 276 -2.30 39.92 -88.41
N VAL L 277 -1.12 40.29 -87.95
CA VAL L 277 -0.84 41.67 -87.55
C VAL L 277 -0.35 42.43 -88.78
N PRO L 278 -1.05 43.47 -89.23
CA PRO L 278 -0.55 44.26 -90.36
C PRO L 278 0.34 45.41 -89.92
N SER L 279 1.55 45.45 -90.45
CA SER L 279 2.46 46.55 -90.12
C SER L 279 1.97 47.84 -90.76
N VAL L 280 2.69 48.93 -90.49
CA VAL L 280 2.32 50.22 -91.04
C VAL L 280 2.33 50.16 -92.57
N GLY L 281 1.47 50.98 -93.18
CA GLY L 281 1.21 50.93 -94.62
C GLY L 281 2.43 50.89 -95.51
N GLY L 282 2.50 49.89 -96.38
CA GLY L 282 3.63 49.72 -97.27
C GLY L 282 4.33 48.40 -97.07
N ARG L 283 4.91 48.21 -95.89
CA ARG L 283 5.55 46.95 -95.55
C ARG L 283 4.49 45.85 -95.44
N PRO L 284 4.85 44.61 -95.81
CA PRO L 284 3.85 43.54 -95.87
C PRO L 284 3.29 43.18 -94.50
N SER L 285 2.10 42.61 -94.51
CA SER L 285 1.45 42.17 -93.29
C SER L 285 2.12 40.90 -92.78
N ARG L 286 2.57 40.93 -91.53
CA ARG L 286 3.28 39.81 -90.94
C ARG L 286 2.33 38.94 -90.12
N SER L 287 2.76 37.70 -89.89
CA SER L 287 1.99 36.74 -89.10
C SER L 287 2.74 36.49 -87.79
N LEU L 288 2.11 36.87 -86.69
CA LEU L 288 2.69 36.70 -85.36
C LEU L 288 1.89 35.69 -84.55
N GLN L 289 2.55 35.10 -83.57
CA GLN L 289 1.92 34.10 -82.71
C GLN L 289 1.03 34.78 -81.68
N ARG L 290 -0.14 34.18 -81.45
CA ARG L 290 -1.08 34.74 -80.48
C ARG L 290 -0.54 34.71 -79.07
N GLN L 291 0.35 33.76 -78.77
CA GLN L 291 0.95 33.71 -77.43
C GLN L 291 1.88 34.89 -77.22
N THR L 292 2.65 35.28 -78.25
CA THR L 292 3.53 36.44 -78.12
C THR L 292 2.72 37.70 -77.86
N LEU L 293 1.52 37.80 -78.43
CA LEU L 293 0.66 38.95 -78.16
C LEU L 293 0.23 38.98 -76.70
N ALA L 294 -0.20 37.82 -76.18
CA ALA L 294 -0.61 37.74 -74.78
C ALA L 294 0.58 37.97 -73.83
N GLU L 295 1.79 37.68 -74.28
CA GLU L 295 2.98 37.93 -73.46
C GLU L 295 3.25 39.41 -73.24
N VAL L 296 2.60 40.29 -74.01
CA VAL L 296 2.73 41.72 -73.84
C VAL L 296 1.55 42.23 -73.02
N ILE L 297 0.40 41.58 -73.19
CA ILE L 297 -0.81 42.01 -72.50
C ILE L 297 -0.77 41.59 -71.02
N GLU L 298 -0.17 40.43 -70.72
CA GLU L 298 -0.13 39.96 -69.34
C GLU L 298 0.59 40.91 -68.40
N PRO L 299 1.82 41.37 -68.68
CA PRO L 299 2.49 42.26 -67.72
C PRO L 299 1.74 43.55 -67.46
N ARG L 300 1.02 44.06 -68.45
CA ARG L 300 0.27 45.30 -68.26
C ARG L 300 -0.91 45.09 -67.31
N TYR L 301 -1.70 44.04 -67.56
CA TYR L 301 -2.83 43.75 -66.68
C TYR L 301 -2.38 43.36 -65.29
N THR L 302 -1.24 42.66 -65.18
CA THR L 302 -0.72 42.30 -63.87
C THR L 302 -0.32 43.53 -63.07
N GLU L 303 0.27 44.52 -63.74
CA GLU L 303 0.59 45.78 -63.07
C GLU L 303 -0.68 46.56 -62.77
N LEU L 304 -1.66 46.49 -63.67
CA LEU L 304 -2.92 47.21 -63.46
C LEU L 304 -3.58 46.79 -62.15
N MET L 305 -3.58 45.48 -61.88
CA MET L 305 -4.15 44.98 -60.61
C MET L 305 -3.24 45.29 -59.43
N GLY L 306 -1.93 45.36 -59.66
CA GLY L 306 -1.01 45.68 -58.56
C GLY L 306 -1.29 47.01 -57.92
N LEU L 307 -1.72 47.99 -58.71
CA LEU L 307 -2.12 49.27 -58.15
C LEU L 307 -3.39 49.11 -57.31
N VAL L 308 -4.30 48.25 -57.74
CA VAL L 308 -5.50 47.99 -56.95
C VAL L 308 -5.15 47.25 -55.67
N ASN L 309 -4.28 46.23 -55.77
CA ASN L 309 -3.90 45.45 -54.60
C ASN L 309 -3.23 46.33 -53.55
N GLN L 310 -2.28 47.17 -53.98
CA GLN L 310 -1.61 48.06 -53.04
C GLN L 310 -2.58 49.05 -52.42
N THR L 311 -3.57 49.50 -53.19
CA THR L 311 -4.59 50.39 -52.64
C THR L 311 -5.37 49.70 -51.54
N ILE L 312 -5.72 48.42 -51.75
CA ILE L 312 -6.43 47.66 -50.72
C ILE L 312 -5.59 47.58 -49.46
N ASP L 313 -4.29 47.30 -49.61
CA ASP L 313 -3.42 47.15 -48.44
C ASP L 313 -3.32 48.44 -47.64
N ASN L 314 -3.20 49.58 -48.32
CA ASN L 314 -3.09 50.85 -47.61
C ASN L 314 -4.41 51.24 -46.95
N VAL L 315 -5.54 50.85 -47.53
CA VAL L 315 -6.82 51.15 -46.91
C VAL L 315 -7.11 50.18 -45.76
N GLN L 316 -6.80 48.89 -45.96
CA GLN L 316 -7.02 47.91 -44.90
C GLN L 316 -6.16 48.19 -43.68
N ALA L 317 -4.94 48.72 -43.88
CA ALA L 317 -4.07 49.04 -42.75
C ALA L 317 -4.68 50.12 -41.88
N LYS L 318 -5.05 51.26 -42.49
CA LYS L 318 -5.70 52.32 -41.73
C LYS L 318 -7.06 51.88 -41.22
N LEU L 319 -7.72 50.95 -41.91
CA LEU L 319 -9.03 50.47 -41.50
C LEU L 319 -8.95 49.54 -40.31
N ARG L 320 -7.83 48.82 -40.15
CA ARG L 320 -7.69 47.91 -39.02
C ARG L 320 -7.14 48.61 -37.78
N GLU L 321 -6.23 49.57 -37.96
CA GLU L 321 -5.71 50.35 -36.84
C GLU L 321 -6.64 51.51 -36.45
N ASN L 322 -7.94 51.25 -36.33
CA ASN L 322 -8.91 52.31 -36.11
C ASN L 322 -10.29 51.71 -35.80
N GLY L 323 -10.30 50.47 -35.33
CA GLY L 323 -11.51 49.71 -35.07
C GLY L 323 -12.67 49.82 -36.03
N VAL L 324 -12.60 49.12 -37.16
CA VAL L 324 -13.73 48.99 -38.07
C VAL L 324 -13.45 47.81 -38.99
N LYS L 325 -14.51 47.28 -39.61
CA LYS L 325 -14.41 46.09 -40.45
C LYS L 325 -13.35 46.25 -41.53
N HIS L 326 -12.34 45.38 -41.48
CA HIS L 326 -11.15 45.49 -42.32
C HIS L 326 -11.08 44.49 -43.46
N HIS L 327 -11.90 43.44 -43.44
CA HIS L 327 -11.76 42.34 -44.39
C HIS L 327 -12.69 42.51 -45.59
N LEU L 328 -12.20 42.01 -46.73
CA LEU L 328 -12.95 42.03 -47.99
C LEU L 328 -13.46 40.62 -48.24
N ALA L 329 -14.70 40.34 -47.86
CA ALA L 329 -15.21 38.98 -47.98
C ALA L 329 -15.59 38.63 -49.41
N ALA L 330 -16.41 39.46 -50.05
CA ALA L 330 -16.85 39.18 -51.42
C ALA L 330 -15.77 39.42 -52.46
N GLY L 331 -14.59 39.90 -52.07
CA GLY L 331 -13.48 40.00 -52.99
C GLY L 331 -13.55 41.24 -53.89
N VAL L 332 -13.03 41.06 -55.11
CA VAL L 332 -12.87 42.15 -56.07
C VAL L 332 -13.77 41.86 -57.27
N VAL L 333 -14.37 42.91 -57.82
CA VAL L 333 -15.26 42.81 -58.96
C VAL L 333 -14.70 43.69 -60.06
N LEU L 334 -14.32 43.08 -61.18
CA LEU L 334 -13.84 43.82 -62.35
C LEU L 334 -15.03 44.25 -63.20
N THR L 335 -14.94 45.46 -63.75
CA THR L 335 -15.99 45.99 -64.60
C THR L 335 -15.34 46.92 -65.62
N GLY L 336 -16.16 47.45 -66.52
CA GLY L 336 -15.66 48.29 -67.58
C GLY L 336 -15.36 47.52 -68.85
N GLY L 337 -14.80 48.22 -69.83
CA GLY L 337 -14.54 47.61 -71.11
C GLY L 337 -13.37 46.64 -71.07
N ALA L 338 -12.23 47.10 -70.56
CA ALA L 338 -11.02 46.29 -70.54
C ALA L 338 -11.12 45.09 -69.61
N ALA L 339 -12.20 44.97 -68.84
CA ALA L 339 -12.43 43.77 -68.04
C ALA L 339 -13.01 42.62 -68.86
N GLN L 340 -13.17 42.81 -70.17
CA GLN L 340 -13.75 41.79 -71.04
C GLN L 340 -12.69 40.89 -71.69
N ILE L 341 -11.41 41.25 -71.60
CA ILE L 341 -10.37 40.45 -72.25
C ILE L 341 -10.30 39.08 -71.60
N GLU L 342 -9.87 38.10 -72.38
CA GLU L 342 -9.83 36.72 -71.91
C GLU L 342 -8.72 36.55 -70.87
N GLY L 343 -9.09 36.01 -69.72
CA GLY L 343 -8.12 35.75 -68.68
C GLY L 343 -7.99 36.80 -67.61
N VAL L 344 -8.99 37.68 -67.46
CA VAL L 344 -8.94 38.70 -66.41
C VAL L 344 -8.94 38.04 -65.03
N VAL L 345 -9.89 37.14 -64.79
CA VAL L 345 -10.00 36.49 -63.49
C VAL L 345 -8.76 35.67 -63.19
N GLU L 346 -8.08 35.17 -64.23
CA GLU L 346 -6.93 34.29 -64.00
C GLU L 346 -5.72 35.08 -63.49
N CYS L 347 -5.43 36.22 -64.10
CA CYS L 347 -4.31 37.05 -63.66
C CYS L 347 -4.69 38.02 -62.54
N ALA L 348 -5.97 38.12 -62.19
CA ALA L 348 -6.37 38.92 -61.04
C ALA L 348 -6.46 38.08 -59.77
N GLU L 349 -7.03 36.88 -59.85
CA GLU L 349 -7.05 35.99 -58.69
C GLU L 349 -5.65 35.55 -58.29
N ARG L 350 -4.66 35.68 -59.19
CA ARG L 350 -3.30 35.31 -58.87
C ARG L 350 -2.59 36.39 -58.06
N VAL L 351 -2.98 37.65 -58.25
CA VAL L 351 -2.36 38.80 -57.59
C VAL L 351 -3.17 39.15 -56.33
N PHE L 352 -4.48 38.95 -56.39
CA PHE L 352 -5.33 39.21 -55.24
C PHE L 352 -5.52 37.95 -54.42
N ARG L 353 -5.90 38.15 -53.15
CA ARG L 353 -6.06 37.02 -52.24
C ARG L 353 -7.41 36.34 -52.43
N ASN L 354 -8.50 37.06 -52.14
CA ASN L 354 -9.83 36.50 -52.23
C ASN L 354 -10.27 36.31 -53.68
N GLN L 355 -11.48 35.77 -53.85
CA GLN L 355 -12.05 35.48 -55.15
C GLN L 355 -12.39 36.73 -55.94
N VAL L 356 -12.31 36.60 -57.26
CA VAL L 356 -12.46 37.70 -58.21
C VAL L 356 -13.46 37.29 -59.28
N ARG L 357 -14.31 38.24 -59.69
CA ARG L 357 -15.30 38.02 -60.72
C ARG L 357 -15.42 39.26 -61.59
N VAL L 358 -16.13 39.11 -62.71
CA VAL L 358 -16.40 40.21 -63.63
C VAL L 358 -17.89 40.52 -63.58
N GLY L 359 -18.23 41.65 -62.97
CA GLY L 359 -19.62 42.00 -62.73
C GLY L 359 -20.26 42.73 -63.90
N LYS L 360 -21.50 42.35 -64.20
CA LYS L 360 -22.34 42.98 -65.19
C LYS L 360 -23.47 43.74 -64.51
N PRO L 361 -24.13 44.66 -65.21
CA PRO L 361 -25.22 45.43 -64.59
C PRO L 361 -26.30 44.52 -64.01
N LEU L 362 -26.77 44.88 -62.82
CA LEU L 362 -27.76 44.11 -62.09
C LEU L 362 -29.05 44.90 -61.93
N GLU L 363 -30.09 44.17 -61.51
CA GLU L 363 -31.45 44.67 -61.27
C GLU L 363 -31.92 45.63 -62.37
N VAL L 364 -31.89 45.12 -63.59
CA VAL L 364 -32.37 45.83 -64.77
C VAL L 364 -33.45 44.99 -65.43
N SER L 365 -34.42 45.66 -66.06
CA SER L 365 -35.54 44.97 -66.70
C SER L 365 -35.85 45.63 -68.04
N GLY L 366 -36.12 44.81 -69.04
CA GLY L 366 -36.51 45.32 -70.34
C GLY L 366 -35.35 45.91 -71.12
N LEU L 367 -35.28 45.59 -72.41
CA LEU L 367 -34.21 46.04 -73.28
C LEU L 367 -32.85 45.69 -72.67
N THR L 368 -32.78 44.51 -72.07
CA THR L 368 -31.57 44.01 -71.43
C THR L 368 -30.55 43.49 -72.43
N ASP L 369 -30.70 43.84 -73.71
CA ASP L 369 -29.78 43.42 -74.76
C ASP L 369 -28.69 44.45 -75.04
N TYR L 370 -28.98 45.73 -74.84
CA TYR L 370 -27.98 46.78 -74.96
C TYR L 370 -27.38 47.13 -73.60
N VAL L 371 -27.66 46.31 -72.59
CA VAL L 371 -27.10 46.44 -71.24
C VAL L 371 -26.65 45.02 -70.91
N LYS L 372 -25.68 44.54 -71.67
CA LYS L 372 -25.16 43.18 -71.57
C LYS L 372 -23.68 43.16 -71.22
N GLU L 373 -22.88 43.99 -71.86
CA GLU L 373 -21.46 44.03 -71.59
C GLU L 373 -21.19 44.91 -70.37
N PRO L 374 -20.12 44.63 -69.63
CA PRO L 374 -19.87 45.39 -68.38
C PRO L 374 -19.64 46.87 -68.60
N TYR L 375 -19.20 47.29 -69.79
CA TYR L 375 -18.90 48.69 -70.03
C TYR L 375 -20.14 49.59 -69.99
N HIS L 376 -21.33 49.02 -69.87
CA HIS L 376 -22.56 49.79 -69.69
C HIS L 376 -22.83 50.11 -68.23
N SER L 377 -22.04 49.57 -67.31
CA SER L 377 -22.31 49.73 -65.88
C SER L 377 -22.34 51.20 -65.47
N THR L 378 -21.33 51.97 -65.88
CA THR L 378 -21.27 53.38 -65.51
C THR L 378 -22.50 54.13 -65.99
N ALA L 379 -23.07 53.75 -67.14
CA ALA L 379 -24.27 54.40 -67.61
C ALA L 379 -25.48 53.96 -66.79
N VAL L 380 -25.64 52.66 -66.57
CA VAL L 380 -26.79 52.18 -65.82
C VAL L 380 -26.65 52.54 -64.34
N GLY L 381 -25.43 52.72 -63.86
CA GLY L 381 -25.25 53.19 -62.49
C GLY L 381 -25.75 54.60 -62.29
N LEU L 382 -25.65 55.43 -63.33
CA LEU L 382 -26.22 56.77 -63.27
C LEU L 382 -27.74 56.71 -63.14
N LEU L 383 -28.36 55.71 -63.79
CA LEU L 383 -29.80 55.53 -63.65
C LEU L 383 -30.14 55.05 -62.24
N HIS L 384 -29.34 54.15 -61.69
CA HIS L 384 -29.55 53.67 -60.33
C HIS L 384 -29.44 54.81 -59.32
N TYR L 385 -28.38 55.62 -59.45
CA TYR L 385 -28.16 56.72 -58.51
C TYR L 385 -29.30 57.73 -58.60
N ALA L 386 -29.70 58.10 -59.81
CA ALA L 386 -30.76 59.09 -59.96
C ALA L 386 -32.10 58.58 -59.45
N ARG L 387 -32.28 57.26 -59.39
CA ARG L 387 -33.49 56.66 -58.83
C ARG L 387 -33.51 56.73 -57.30
N ASP L 388 -32.57 57.45 -56.69
CA ASP L 388 -32.48 57.56 -55.24
C ASP L 388 -32.87 58.97 -54.82
N SER L 389 -33.71 59.08 -53.80
CA SER L 389 -34.15 60.37 -53.30
C SER L 389 -34.23 60.37 -51.78
N ASN M 8 -7.54 -83.63 58.74
CA ASN M 8 -8.25 -84.32 57.68
C ASN M 8 -7.69 -83.92 56.32
N ILE M 9 -7.96 -82.67 55.92
CA ILE M 9 -7.53 -82.14 54.64
C ILE M 9 -6.60 -80.96 54.89
N ILE M 10 -5.55 -80.83 54.08
CA ILE M 10 -4.57 -79.77 54.23
C ILE M 10 -4.39 -79.09 52.87
N VAL M 11 -4.22 -77.78 52.89
CA VAL M 11 -4.19 -76.97 51.67
C VAL M 11 -3.11 -75.91 51.80
N GLY M 12 -2.33 -75.73 50.73
CA GLY M 12 -1.37 -74.66 50.64
C GLY M 12 -1.86 -73.53 49.75
N LEU M 13 -1.10 -72.44 49.75
CA LEU M 13 -1.48 -71.24 49.01
C LEU M 13 -0.22 -70.38 48.84
N ASP M 14 0.54 -70.65 47.78
CA ASP M 14 1.74 -69.87 47.47
C ASP M 14 1.33 -68.68 46.62
N ILE M 15 1.04 -67.57 47.29
CA ILE M 15 0.67 -66.33 46.60
C ILE M 15 1.97 -65.74 46.08
N GLY M 16 2.38 -66.16 44.87
CA GLY M 16 3.64 -65.72 44.31
C GLY M 16 3.52 -64.42 43.54
N THR M 17 4.68 -63.85 43.23
CA THR M 17 4.72 -62.58 42.50
C THR M 17 4.30 -62.73 41.04
N ALA M 18 4.43 -63.92 40.46
CA ALA M 18 4.03 -64.14 39.07
C ALA M 18 2.89 -65.14 38.97
N THR M 19 3.03 -66.33 39.52
CA THR M 19 1.98 -67.35 39.48
C THR M 19 1.59 -67.71 40.91
N VAL M 20 0.30 -67.98 41.11
CA VAL M 20 -0.24 -68.39 42.40
C VAL M 20 -0.49 -69.89 42.36
N SER M 21 0.16 -70.62 43.27
CA SER M 21 0.00 -72.07 43.38
C SER M 21 -0.87 -72.41 44.59
N ALA M 22 -1.69 -73.45 44.44
CA ALA M 22 -2.60 -73.87 45.50
C ALA M 22 -2.72 -75.38 45.42
N LEU M 23 -2.16 -76.08 46.41
CA LEU M 23 -2.16 -77.54 46.43
C LEU M 23 -3.01 -78.06 47.58
N VAL M 24 -3.62 -79.22 47.36
CA VAL M 24 -4.43 -79.89 48.36
C VAL M 24 -3.88 -81.30 48.56
N GLY M 25 -3.88 -81.75 49.82
CA GLY M 25 -3.42 -83.09 50.12
C GLY M 25 -4.09 -83.60 51.38
N GLU M 26 -3.97 -84.91 51.59
CA GLU M 26 -4.56 -85.60 52.73
C GLU M 26 -3.49 -86.26 53.57
N VAL M 27 -3.66 -86.21 54.88
CA VAL M 27 -2.69 -86.77 55.81
C VAL M 27 -2.89 -88.27 55.94
N LEU M 28 -1.87 -89.04 55.56
CA LEU M 28 -1.87 -90.47 55.74
C LEU M 28 -1.36 -90.74 57.16
N PRO M 29 -1.80 -91.83 57.80
CA PRO M 29 -1.43 -92.05 59.21
C PRO M 29 0.07 -92.08 59.50
N ASP M 30 0.92 -92.55 58.58
CA ASP M 30 2.35 -92.61 58.90
C ASP M 30 2.96 -91.22 58.95
N GLY M 31 2.51 -90.30 58.10
CA GLY M 31 3.02 -88.95 58.10
C GLY M 31 3.20 -88.35 56.72
N GLN M 32 3.60 -89.16 55.74
CA GLN M 32 3.76 -88.67 54.38
C GLN M 32 2.44 -88.15 53.85
N VAL M 33 2.45 -86.91 53.36
CA VAL M 33 1.26 -86.27 52.79
C VAL M 33 1.29 -86.47 51.29
N ASN M 34 0.21 -86.99 50.73
CA ASN M 34 0.05 -87.12 49.29
C ASN M 34 -0.95 -86.08 48.81
N ILE M 35 -0.63 -85.44 47.70
CA ILE M 35 -1.45 -84.35 47.18
C ILE M 35 -2.56 -84.93 46.31
N ILE M 36 -3.77 -84.42 46.51
CA ILE M 36 -4.96 -84.91 45.82
C ILE M 36 -5.30 -84.00 44.65
N GLY M 37 -4.93 -82.72 44.74
CA GLY M 37 -5.23 -81.78 43.68
C GLY M 37 -4.36 -80.55 43.70
N ALA M 38 -3.98 -80.09 42.51
CA ALA M 38 -3.14 -78.92 42.32
C ALA M 38 -3.95 -77.76 41.78
N GLY M 39 -3.26 -76.64 41.52
CA GLY M 39 -3.89 -75.44 41.02
C GLY M 39 -2.92 -74.31 40.75
N SER M 40 -3.02 -73.71 39.56
CA SER M 40 -2.12 -72.65 39.15
C SER M 40 -2.88 -71.62 38.33
N SER M 41 -2.43 -70.37 38.41
CA SER M 41 -3.00 -69.26 37.66
C SER M 41 -2.07 -68.07 37.71
N PRO M 42 -1.82 -67.39 36.59
CA PRO M 42 -0.96 -66.20 36.62
C PRO M 42 -1.56 -65.11 37.50
N SER M 43 -0.71 -64.46 38.28
CA SER M 43 -1.15 -63.46 39.25
C SER M 43 -0.83 -62.07 38.71
N ARG M 44 -1.86 -61.27 38.54
CA ARG M 44 -1.72 -59.86 38.17
C ARG M 44 -1.95 -58.99 39.40
N GLY M 45 -1.22 -57.89 39.49
CA GLY M 45 -1.37 -56.98 40.61
C GLY M 45 -0.51 -57.25 41.82
N MET M 46 0.69 -57.77 41.64
CA MET M 46 1.60 -58.03 42.74
C MET M 46 2.98 -57.48 42.43
N ASP M 47 3.70 -57.09 43.49
CA ASP M 47 5.02 -56.55 43.33
C ASP M 47 5.83 -56.79 44.60
N LYS M 48 7.00 -57.41 44.44
CA LYS M 48 7.95 -57.64 45.53
C LYS M 48 7.29 -58.35 46.71
N GLY M 49 6.55 -59.41 46.41
CA GLY M 49 5.94 -60.25 47.43
C GLY M 49 4.81 -59.61 48.22
N GLY M 50 4.46 -58.36 47.94
CA GLY M 50 3.39 -57.69 48.63
C GLY M 50 2.24 -57.36 47.69
N VAL M 51 1.11 -57.00 48.26
CA VAL M 51 -0.07 -56.69 47.48
C VAL M 51 0.10 -55.31 46.84
N ASN M 52 -0.30 -55.20 45.58
CA ASN M 52 -0.21 -53.95 44.84
C ASN M 52 -1.53 -53.55 44.18
N ASP M 53 -2.42 -54.50 43.92
CA ASP M 53 -3.74 -54.20 43.37
C ASP M 53 -4.69 -55.26 43.95
N LEU M 54 -5.40 -54.88 45.01
CA LEU M 54 -6.15 -55.87 45.80
C LEU M 54 -7.23 -56.55 44.97
N GLU M 55 -7.91 -55.82 44.09
CA GLU M 55 -9.01 -56.42 43.34
C GLU M 55 -8.48 -57.47 42.36
N SER M 56 -7.27 -57.29 41.84
CA SER M 56 -6.70 -58.24 40.89
C SER M 56 -6.16 -59.49 41.56
N VAL M 57 -5.58 -59.37 42.76
CA VAL M 57 -5.06 -60.55 43.44
C VAL M 57 -6.19 -61.42 43.96
N VAL M 58 -7.30 -60.81 44.38
CA VAL M 58 -8.45 -61.60 44.83
C VAL M 58 -8.96 -62.49 43.71
N LYS M 59 -9.00 -61.96 42.49
CA LYS M 59 -9.36 -62.78 41.34
C LYS M 59 -8.33 -63.87 41.11
N SER M 60 -7.04 -63.54 41.29
CA SER M 60 -5.98 -64.52 41.03
C SER M 60 -5.99 -65.65 42.06
N VAL M 61 -6.15 -65.33 43.34
CA VAL M 61 -6.16 -66.37 44.36
C VAL M 61 -7.40 -67.26 44.21
N GLN M 62 -8.52 -66.68 43.78
CA GLN M 62 -9.73 -67.48 43.59
C GLN M 62 -9.63 -68.37 42.36
N ARG M 63 -8.93 -67.91 41.32
CA ARG M 63 -8.78 -68.73 40.11
C ARG M 63 -8.06 -70.04 40.42
N ALA M 64 -7.02 -69.98 41.25
CA ALA M 64 -6.27 -71.19 41.57
C ALA M 64 -7.01 -72.05 42.60
N VAL M 65 -7.66 -71.42 43.58
CA VAL M 65 -8.36 -72.19 44.60
C VAL M 65 -9.61 -72.85 44.02
N ASP M 66 -10.19 -72.26 42.98
CA ASP M 66 -11.35 -72.86 42.34
C ASP M 66 -10.95 -74.04 41.45
N GLN M 67 -9.86 -73.89 40.69
CA GLN M 67 -9.38 -75.01 39.87
C GLN M 67 -8.85 -76.15 40.74
N ALA M 68 -8.37 -75.83 41.94
CA ALA M 68 -7.98 -76.86 42.88
C ALA M 68 -9.20 -77.48 43.55
N GLU M 69 -10.27 -76.69 43.71
CA GLU M 69 -11.51 -77.19 44.30
C GLU M 69 -12.12 -78.31 43.46
N LEU M 70 -11.86 -78.31 42.15
CA LEU M 70 -12.40 -79.32 41.26
C LEU M 70 -11.49 -80.53 41.12
N MET M 71 -10.17 -80.32 41.07
CA MET M 71 -9.23 -81.41 40.94
C MET M 71 -9.13 -82.26 42.21
N ALA M 72 -9.86 -81.90 43.26
CA ALA M 72 -9.86 -82.65 44.51
C ALA M 72 -11.25 -83.10 44.96
N GLU M 73 -12.30 -82.73 44.22
CA GLU M 73 -13.67 -83.15 44.52
C GLU M 73 -14.04 -82.88 45.98
N CYS M 74 -13.72 -81.67 46.44
CA CYS M 74 -14.01 -81.29 47.82
C CYS M 74 -14.04 -79.78 47.92
N GLN M 75 -14.78 -79.29 48.91
CA GLN M 75 -14.91 -77.86 49.16
C GLN M 75 -13.80 -77.41 50.09
N ILE M 76 -13.15 -76.32 49.72
CA ILE M 76 -12.04 -75.76 50.48
C ILE M 76 -12.54 -74.80 51.54
N SER M 77 -11.95 -74.86 52.73
CA SER M 77 -12.39 -74.02 53.83
C SER M 77 -11.25 -73.28 54.55
N SER M 78 -10.10 -73.91 54.70
CA SER M 78 -8.98 -73.30 55.38
C SER M 78 -7.70 -73.52 54.58
N VAL M 79 -6.81 -72.52 54.63
CA VAL M 79 -5.60 -72.52 53.81
C VAL M 79 -4.41 -72.10 54.66
N PHE M 80 -3.23 -72.59 54.28
CA PHE M 80 -1.95 -72.11 54.80
C PHE M 80 -1.29 -71.29 53.70
N ILE M 81 -1.01 -70.02 54.00
CA ILE M 81 -0.51 -69.09 53.00
C ILE M 81 0.95 -68.74 53.29
N SER M 82 1.69 -68.47 52.23
CA SER M 82 3.07 -68.04 52.33
C SER M 82 3.15 -66.52 52.43
N LEU M 83 4.33 -66.03 52.79
CA LEU M 83 4.55 -64.60 52.93
C LEU M 83 6.02 -64.29 52.73
N SER M 84 6.29 -63.21 52.01
CA SER M 84 7.65 -62.77 51.74
C SER M 84 7.65 -61.25 51.62
N GLY M 85 8.82 -60.68 51.43
CA GLY M 85 8.98 -59.25 51.28
C GLY M 85 10.22 -58.76 52.01
N LYS M 86 10.68 -57.58 51.62
CA LYS M 86 11.84 -56.96 52.25
C LYS M 86 11.66 -56.76 53.75
N HIS M 87 10.41 -56.68 54.22
CA HIS M 87 10.12 -56.43 55.62
C HIS M 87 10.45 -57.61 56.52
N ILE M 88 10.78 -58.78 55.96
CA ILE M 88 11.10 -59.95 56.77
C ILE M 88 12.40 -59.71 57.52
N ALA M 89 12.38 -59.96 58.83
CA ALA M 89 13.54 -59.76 59.69
C ALA M 89 13.68 -60.95 60.62
N SER M 90 14.90 -61.13 61.14
CA SER M 90 15.22 -62.25 62.02
C SER M 90 15.75 -61.73 63.34
N ARG M 91 15.35 -62.38 64.43
CA ARG M 91 15.78 -61.99 65.76
C ARG M 91 16.17 -63.22 66.57
N ILE M 92 17.12 -63.03 67.49
CA ILE M 92 17.57 -64.08 68.40
C ILE M 92 17.47 -63.55 69.82
N GLU M 93 16.66 -64.19 70.64
CA GLU M 93 16.42 -63.75 72.02
C GLU M 93 16.56 -64.94 72.96
N LYS M 94 17.25 -64.72 74.08
CA LYS M 94 17.45 -65.77 75.07
C LYS M 94 16.43 -65.66 76.19
N GLY M 95 16.22 -66.79 76.87
CA GLY M 95 15.27 -66.87 77.97
C GLY M 95 15.68 -67.91 78.97
N MET M 96 14.92 -68.00 80.07
CA MET M 96 15.20 -68.93 81.15
C MET M 96 13.89 -69.44 81.73
N GLY M 97 13.99 -70.54 82.47
CA GLY M 97 12.84 -71.13 83.12
C GLY M 97 13.20 -72.28 84.04
N THR M 98 12.40 -72.50 85.07
CA THR M 98 12.64 -73.61 86.00
C THR M 98 12.16 -74.92 85.39
N ILE M 99 12.80 -76.00 85.81
CA ILE M 99 12.43 -77.36 85.40
C ILE M 99 11.70 -78.01 86.57
N SER M 100 10.47 -78.46 86.33
CA SER M 100 9.67 -79.05 87.38
C SER M 100 10.30 -80.34 87.90
N GLU M 101 11.20 -80.19 88.88
CA GLU M 101 11.89 -81.30 89.53
C GLU M 101 12.54 -82.28 88.55
N GLU M 102 13.76 -81.95 88.09
CA GLU M 102 14.58 -82.85 87.28
C GLU M 102 13.80 -83.57 86.19
N GLU M 103 12.85 -82.87 85.54
CA GLU M 103 12.01 -83.48 84.53
C GLU M 103 11.90 -82.55 83.33
N VAL M 104 12.70 -82.81 82.29
CA VAL M 104 12.67 -81.98 81.10
C VAL M 104 11.45 -82.41 80.27
N SER M 105 10.26 -82.16 80.82
CA SER M 105 9.02 -82.43 80.12
C SER M 105 8.71 -81.32 79.11
N GLN M 106 7.82 -81.64 78.17
CA GLN M 106 7.40 -80.64 77.19
C GLN M 106 6.74 -79.45 77.87
N ASP M 107 6.02 -79.68 78.98
CA ASP M 107 5.47 -78.57 79.75
C ASP M 107 6.58 -77.71 80.34
N ASP M 108 7.70 -78.33 80.73
CA ASP M 108 8.85 -77.56 81.18
C ASP M 108 9.58 -76.94 79.99
N MET M 109 9.61 -77.65 78.86
CA MET M 109 10.34 -77.15 77.69
C MET M 109 9.60 -76.00 77.01
N ASP M 110 8.27 -75.98 77.08
CA ASP M 110 7.51 -74.91 76.46
C ASP M 110 7.49 -73.63 77.29
N ARG M 111 7.61 -73.75 78.62
CA ARG M 111 7.58 -72.57 79.48
C ARG M 111 8.81 -71.69 79.28
N ALA M 112 10.00 -72.30 79.21
CA ALA M 112 11.22 -71.54 79.04
C ALA M 112 11.25 -70.80 77.71
N ILE M 113 10.66 -71.38 76.66
CA ILE M 113 10.65 -70.74 75.35
C ILE M 113 9.76 -69.50 75.35
N HIS M 114 8.62 -69.57 76.03
CA HIS M 114 7.69 -68.43 76.08
C HIS M 114 8.37 -67.19 76.64
N THR M 115 9.24 -67.37 77.64
CA THR M 115 9.90 -66.22 78.26
C THR M 115 10.78 -65.49 77.25
N ALA M 116 11.57 -66.24 76.47
CA ALA M 116 12.42 -65.62 75.46
C ALA M 116 11.62 -64.99 74.32
N LYS M 117 10.39 -65.45 74.09
CA LYS M 117 9.61 -64.94 72.96
C LYS M 117 8.90 -63.64 73.28
N SER M 118 8.44 -63.43 74.51
CA SER M 118 7.66 -62.26 74.88
C SER M 118 8.60 -61.05 74.99
N ILE M 119 8.60 -60.20 73.97
CA ILE M 119 9.40 -58.98 73.95
C ILE M 119 8.56 -57.83 73.43
N LYS M 120 9.12 -56.62 73.51
CA LYS M 120 8.50 -55.41 72.98
C LYS M 120 9.15 -55.07 71.64
N ILE M 121 8.35 -55.04 70.58
CA ILE M 121 8.88 -54.81 69.24
C ILE M 121 8.23 -53.60 68.60
N GLY M 122 7.02 -53.25 69.02
CA GLY M 122 6.26 -52.21 68.36
C GLY M 122 5.13 -52.78 67.52
N ASP M 123 4.39 -51.85 66.89
CA ASP M 123 3.19 -52.22 66.15
C ASP M 123 3.47 -52.57 64.69
N GLU M 124 4.48 -51.95 64.07
CA GLU M 124 4.75 -52.23 62.67
C GLU M 124 5.18 -53.68 62.45
N GLN M 125 5.77 -54.33 63.45
CA GLN M 125 6.26 -55.68 63.31
C GLN M 125 5.32 -56.70 63.93
N ARG M 126 5.16 -57.83 63.24
CA ARG M 126 4.32 -58.94 63.67
C ARG M 126 5.15 -60.21 63.72
N ILE M 127 5.12 -60.90 64.86
CA ILE M 127 5.89 -62.12 65.01
C ILE M 127 5.29 -63.20 64.10
N LEU M 128 6.16 -63.98 63.48
CA LEU M 128 5.72 -64.98 62.50
C LEU M 128 6.14 -66.40 62.85
N HIS M 129 7.36 -66.61 63.33
CA HIS M 129 7.83 -67.94 63.66
C HIS M 129 8.73 -67.88 64.88
N VAL M 130 8.58 -68.87 65.76
CA VAL M 130 9.44 -69.04 66.93
C VAL M 130 10.14 -70.39 66.81
N ILE M 131 11.43 -70.36 66.52
CA ILE M 131 12.19 -71.57 66.23
C ILE M 131 13.26 -71.74 67.31
N PRO M 132 13.11 -72.72 68.20
CA PRO M 132 14.16 -72.98 69.19
C PRO M 132 15.45 -73.44 68.54
N GLN M 133 16.54 -72.73 68.85
CA GLN M 133 17.85 -73.04 68.27
C GLN M 133 18.55 -74.11 69.11
N GLU M 134 19.42 -73.67 70.03
CA GLU M 134 20.16 -74.57 70.90
C GLU M 134 19.78 -74.34 72.35
N PHE M 135 19.46 -75.41 73.06
CA PHE M 135 19.13 -75.39 74.47
C PHE M 135 20.41 -75.39 75.31
N THR M 136 20.25 -75.17 76.62
CA THR M 136 21.37 -75.21 77.55
C THR M 136 20.84 -75.56 78.93
N ILE M 137 21.47 -76.53 79.59
CA ILE M 137 20.97 -77.09 80.86
C ILE M 137 22.08 -77.25 81.89
N ASP M 138 22.39 -76.16 82.61
CA ASP M 138 23.38 -76.19 83.70
C ASP M 138 24.79 -76.47 83.23
N TYR M 139 25.44 -75.46 82.65
CA TYR M 139 26.84 -75.51 82.23
C TYR M 139 27.03 -76.41 81.01
N GLN M 140 25.97 -77.11 80.61
CA GLN M 140 26.00 -77.93 79.40
C GLN M 140 25.37 -77.11 78.29
N GLU M 141 26.19 -76.72 77.31
CA GLU M 141 25.76 -75.90 76.20
C GLU M 141 25.73 -76.74 74.93
N GLY M 142 25.17 -76.17 73.87
CA GLY M 142 25.10 -76.92 72.63
C GLY M 142 24.19 -78.12 72.71
N ILE M 143 23.11 -78.02 73.48
CA ILE M 143 22.12 -79.08 73.63
C ILE M 143 21.08 -78.93 72.54
N LYS M 144 20.48 -80.05 72.14
CA LYS M 144 19.55 -80.07 71.01
C LYS M 144 18.10 -80.23 71.45
N ASN M 145 17.80 -81.21 72.28
CA ASN M 145 16.42 -81.44 72.73
C ASN M 145 16.45 -82.18 74.06
N PRO M 146 16.80 -81.48 75.14
CA PRO M 146 16.81 -82.10 76.47
C PRO M 146 15.46 -82.71 76.81
N LEU M 147 15.35 -84.02 76.62
CA LEU M 147 14.09 -84.74 76.79
C LEU M 147 14.31 -86.02 77.59
N GLY M 148 15.29 -85.99 78.49
CA GLY M 148 15.58 -87.10 79.39
C GLY M 148 16.78 -86.80 80.28
N LEU M 149 17.11 -85.52 80.43
CA LEU M 149 18.26 -85.10 81.22
C LEU M 149 17.81 -84.48 82.54
N SER M 150 18.74 -84.47 83.50
CA SER M 150 18.51 -83.96 84.85
C SER M 150 19.19 -82.60 84.99
N GLY M 151 18.42 -81.58 85.36
CA GLY M 151 18.96 -80.25 85.58
C GLY M 151 18.11 -79.49 86.58
N VAL M 152 18.48 -78.22 86.79
CA VAL M 152 17.74 -77.35 87.69
C VAL M 152 17.21 -76.09 87.01
N ARG M 153 17.68 -75.78 85.81
CA ARG M 153 17.22 -74.68 84.96
C ARG M 153 17.84 -74.79 83.59
N MET M 154 17.16 -74.20 82.62
CA MET M 154 17.59 -74.27 81.23
C MET M 154 17.37 -72.92 80.57
N GLU M 155 18.23 -72.62 79.61
CA GLU M 155 18.16 -71.38 78.85
C GLU M 155 17.97 -71.72 77.39
N VAL M 156 17.16 -70.91 76.71
CA VAL M 156 16.83 -71.12 75.32
C VAL M 156 17.32 -69.92 74.53
N SER M 157 17.59 -70.16 73.24
CA SER M 157 17.97 -69.11 72.30
C SER M 157 17.05 -69.26 71.10
N VAL M 158 15.89 -68.61 71.14
CA VAL M 158 14.89 -68.80 70.10
C VAL M 158 15.24 -67.92 68.90
N HIS M 159 14.86 -68.39 67.72
CA HIS M 159 15.01 -67.63 66.49
C HIS M 159 13.64 -67.06 66.13
N LEU M 160 13.56 -65.75 65.96
CA LEU M 160 12.30 -65.07 65.76
C LEU M 160 12.24 -64.53 64.33
N ILE M 161 11.18 -64.91 63.61
CA ILE M 161 10.90 -64.36 62.29
C ILE M 161 9.76 -63.38 62.43
N SER M 162 9.94 -62.18 61.87
CA SER M 162 8.95 -61.12 61.98
C SER M 162 8.78 -60.44 60.63
N CYS M 163 7.58 -59.89 60.41
CA CYS M 163 7.25 -59.22 59.17
C CYS M 163 6.41 -57.99 59.48
N HIS M 164 6.33 -57.09 58.51
CA HIS M 164 5.49 -55.91 58.65
C HIS M 164 4.02 -56.31 58.73
N ASN M 165 3.31 -55.77 59.72
CA ASN M 165 1.93 -56.15 59.95
C ASN M 165 1.04 -55.74 58.78
N ASP M 166 1.22 -54.50 58.29
CA ASP M 166 0.38 -54.00 57.21
C ASP M 166 0.49 -54.89 55.97
N MET M 167 1.72 -55.25 55.59
CA MET M 167 1.91 -56.14 54.44
C MET M 167 1.30 -57.52 54.68
N ALA M 168 1.08 -57.90 55.94
CA ALA M 168 0.42 -59.17 56.22
C ALA M 168 -1.10 -59.03 56.17
N ARG M 169 -1.63 -57.89 56.61
CA ARG M 169 -3.07 -57.68 56.56
C ARG M 169 -3.59 -57.75 55.13
N ASN M 170 -2.82 -57.24 54.17
CA ASN M 170 -3.24 -57.22 52.78
C ASN M 170 -3.38 -58.65 52.24
N ILE M 171 -2.38 -59.50 52.50
CA ILE M 171 -2.43 -60.87 52.01
C ILE M 171 -3.61 -61.61 52.65
N ILE M 172 -3.86 -61.37 53.94
CA ILE M 172 -5.02 -61.96 54.59
C ILE M 172 -6.31 -61.40 54.00
N LYS M 173 -6.36 -60.08 53.80
CA LYS M 173 -7.56 -59.45 53.24
C LYS M 173 -7.90 -60.03 51.88
N ALA M 174 -6.88 -60.35 51.08
CA ALA M 174 -7.13 -60.94 49.76
C ALA M 174 -7.78 -62.31 49.88
N VAL M 175 -7.23 -63.15 50.75
CA VAL M 175 -7.77 -64.52 50.90
C VAL M 175 -9.14 -64.48 51.54
N GLU M 176 -9.35 -63.58 52.51
CA GLU M 176 -10.64 -63.50 53.18
C GLU M 176 -11.75 -63.08 52.23
N ARG M 177 -11.41 -62.36 51.16
CA ARG M 177 -12.41 -61.96 50.18
C ARG M 177 -12.88 -63.11 49.31
N CYS M 178 -12.24 -64.28 49.43
CA CYS M 178 -12.65 -65.48 48.71
C CYS M 178 -13.40 -66.46 49.58
N GLY M 179 -13.85 -66.04 50.76
CA GLY M 179 -14.55 -66.92 51.67
C GLY M 179 -13.67 -67.86 52.47
N LEU M 180 -12.35 -67.74 52.36
CA LEU M 180 -11.43 -68.63 53.06
C LEU M 180 -10.90 -67.98 54.33
N LYS M 181 -10.53 -68.82 55.29
CA LYS M 181 -9.90 -68.39 56.53
C LYS M 181 -8.46 -68.91 56.56
N VAL M 182 -7.53 -68.03 56.89
CA VAL M 182 -6.12 -68.39 56.96
C VAL M 182 -5.82 -69.05 58.30
N GLU M 183 -5.04 -70.13 58.26
CA GLU M 183 -4.63 -70.82 59.47
C GLU M 183 -3.37 -70.21 60.08
N GLN M 184 -2.32 -70.06 59.28
CA GLN M 184 -1.08 -69.45 59.76
C GLN M 184 -0.32 -68.89 58.57
N LEU M 185 0.45 -67.84 58.83
CA LEU M 185 1.33 -67.26 57.82
C LEU M 185 2.71 -67.89 57.96
N VAL M 186 3.34 -68.19 56.82
CA VAL M 186 4.61 -68.90 56.79
C VAL M 186 5.57 -68.14 55.89
N PHE M 187 6.79 -67.93 56.38
CA PHE M 187 7.83 -67.30 55.58
C PHE M 187 8.16 -68.18 54.38
N SER M 188 8.23 -67.56 53.19
CA SER M 188 8.42 -68.31 51.95
C SER M 188 9.70 -69.13 51.98
N GLY M 189 10.82 -68.51 52.34
CA GLY M 189 12.09 -69.21 52.33
C GLY M 189 12.14 -70.37 53.31
N LEU M 190 11.36 -70.31 54.38
CA LEU M 190 11.30 -71.42 55.32
C LEU M 190 10.58 -72.62 54.72
N ALA M 191 9.43 -72.37 54.06
CA ALA M 191 8.74 -73.44 53.37
C ALA M 191 9.53 -73.93 52.16
N SER M 192 10.17 -73.01 51.43
CA SER M 192 11.03 -73.38 50.32
C SER M 192 12.23 -74.22 50.75
N SER M 193 12.53 -74.28 52.05
CA SER M 193 13.65 -75.08 52.54
C SER M 193 13.23 -76.42 53.10
N ASN M 194 12.04 -76.51 53.70
CA ASN M 194 11.56 -77.77 54.27
C ASN M 194 11.27 -78.81 53.20
N ALA M 195 11.08 -78.39 51.95
CA ALA M 195 10.70 -79.28 50.87
C ALA M 195 11.80 -79.46 49.83
N VAL M 196 12.98 -78.87 50.06
CA VAL M 196 14.09 -79.00 49.13
C VAL M 196 15.36 -79.54 49.79
N ILE M 197 15.45 -79.49 51.12
CA ILE M 197 16.64 -79.88 51.86
C ILE M 197 16.37 -81.22 52.54
N THR M 198 17.40 -82.07 52.57
CA THR M 198 17.34 -83.29 53.37
C THR M 198 17.95 -83.04 54.74
N GLU M 199 17.45 -83.77 55.73
CA GLU M 199 17.91 -83.56 57.11
C GLU M 199 19.42 -83.70 57.25
N ASP M 200 20.03 -84.57 56.44
CA ASP M 200 21.49 -84.69 56.44
C ASP M 200 22.14 -83.35 56.09
N GLU M 201 21.63 -82.68 55.05
CA GLU M 201 22.20 -81.40 54.65
C GLU M 201 22.07 -80.36 55.76
N ARG M 202 20.97 -80.40 56.51
CA ARG M 202 20.73 -79.39 57.55
C ARG M 202 21.87 -79.35 58.55
N GLU M 203 22.32 -80.52 59.03
CA GLU M 203 23.38 -80.55 60.02
C GLU M 203 24.72 -80.13 59.43
N LEU M 204 24.95 -80.43 58.15
CA LEU M 204 26.19 -80.04 57.50
C LEU M 204 26.28 -78.53 57.30
N GLY M 205 25.17 -77.91 56.90
CA GLY M 205 25.13 -76.48 56.68
C GLY M 205 24.78 -76.11 55.25
N VAL M 206 23.62 -75.48 55.07
CA VAL M 206 23.11 -75.12 53.74
C VAL M 206 22.54 -73.71 53.79
N CYS M 207 22.54 -73.04 52.64
CA CYS M 207 21.82 -71.79 52.45
C CYS M 207 20.95 -71.93 51.23
N VAL M 208 19.64 -71.83 51.42
CA VAL M 208 18.70 -71.87 50.31
C VAL M 208 18.16 -70.48 50.05
N VAL M 209 17.72 -70.27 48.82
CA VAL M 209 17.15 -68.99 48.41
C VAL M 209 16.17 -69.23 47.28
N ASP M 210 14.90 -69.00 47.54
CA ASP M 210 13.84 -69.19 46.54
C ASP M 210 13.85 -67.96 45.64
N ILE M 211 14.71 -68.00 44.62
CA ILE M 211 14.72 -66.94 43.62
C ILE M 211 13.49 -67.07 42.74
N GLY M 212 12.73 -65.99 42.64
CA GLY M 212 11.45 -66.03 41.97
C GLY M 212 11.18 -64.82 41.12
N ALA M 213 9.92 -64.42 41.02
CA ALA M 213 9.56 -63.27 40.20
C ALA M 213 9.97 -61.96 40.86
N GLY M 214 9.62 -61.78 42.14
CA GLY M 214 9.86 -60.50 42.77
C GLY M 214 10.52 -60.53 44.14
N THR M 215 10.84 -61.72 44.65
CA THR M 215 11.42 -61.85 45.99
C THR M 215 12.58 -62.82 45.97
N MET M 216 13.60 -62.52 46.77
CA MET M 216 14.78 -63.36 46.93
C MET M 216 14.82 -63.78 48.39
N ASP M 217 14.12 -64.87 48.71
CA ASP M 217 13.93 -65.33 50.08
C ASP M 217 15.11 -66.22 50.47
N ILE M 218 16.00 -65.70 51.32
CA ILE M 218 17.21 -66.42 51.74
C ILE M 218 16.97 -67.06 53.11
N SER M 219 17.41 -68.30 53.26
CA SER M 219 17.38 -69.00 54.55
C SER M 219 18.70 -69.73 54.74
N ILE M 220 19.30 -69.57 55.92
CA ILE M 220 20.61 -70.13 56.23
C ILE M 220 20.44 -71.13 57.36
N TRP M 221 20.98 -72.34 57.16
CA TRP M 221 20.90 -73.41 58.14
C TRP M 221 22.30 -73.93 58.43
N THR M 222 22.65 -74.00 59.71
CA THR M 222 23.86 -74.68 60.17
C THR M 222 23.53 -75.51 61.41
N GLY M 223 24.14 -76.69 61.50
CA GLY M 223 23.90 -77.55 62.64
C GLY M 223 22.48 -78.01 62.80
N GLY M 224 21.72 -78.08 61.70
CA GLY M 224 20.36 -78.54 61.77
C GLY M 224 19.39 -77.55 62.38
N ALA M 225 19.71 -76.26 62.37
CA ALA M 225 18.84 -75.24 62.93
C ALA M 225 18.89 -73.99 62.05
N LEU M 226 17.74 -73.32 61.91
CA LEU M 226 17.66 -72.10 61.15
C LEU M 226 18.40 -70.98 61.88
N ARG M 227 19.42 -70.41 61.24
CA ARG M 227 20.25 -69.40 61.89
C ARG M 227 19.82 -67.98 61.55
N HIS M 228 19.58 -67.69 60.27
CA HIS M 228 19.22 -66.34 59.87
C HIS M 228 18.36 -66.39 58.61
N THR M 229 17.59 -65.33 58.40
CA THR M 229 16.72 -65.20 57.23
C THR M 229 16.77 -63.78 56.70
N GLU M 230 16.92 -63.64 55.39
CA GLU M 230 16.99 -62.34 54.73
C GLU M 230 16.27 -62.41 53.39
N VAL M 231 15.66 -61.29 53.01
CA VAL M 231 14.88 -61.20 51.78
C VAL M 231 15.29 -59.95 51.03
N PHE M 232 15.41 -60.08 49.70
CA PHE M 232 15.71 -58.97 48.83
C PHE M 232 14.59 -58.81 47.80
N SER M 233 14.49 -57.60 47.24
CA SER M 233 13.41 -57.25 46.32
C SER M 233 13.82 -57.33 44.87
N TYR M 234 15.06 -57.73 44.58
CA TYR M 234 15.53 -57.89 43.20
C TYR M 234 15.46 -59.37 42.84
N ALA M 235 14.63 -59.71 41.86
CA ALA M 235 14.44 -61.10 41.48
C ALA M 235 14.34 -61.28 39.97
N GLY M 236 13.51 -62.23 39.54
CA GLY M 236 13.39 -62.53 38.11
C GLY M 236 12.90 -61.36 37.29
N ASN M 237 12.06 -60.50 37.87
CA ASN M 237 11.59 -59.33 37.15
C ASN M 237 12.68 -58.30 36.91
N ALA M 238 13.82 -58.41 37.60
CA ALA M 238 14.92 -57.48 37.37
C ALA M 238 15.67 -57.82 36.09
N VAL M 239 15.99 -59.11 35.89
CA VAL M 239 16.67 -59.52 34.66
C VAL M 239 15.70 -59.47 33.49
N THR M 240 14.42 -59.76 33.71
CA THR M 240 13.42 -59.59 32.66
C THR M 240 13.39 -58.16 32.15
N SER M 241 13.44 -57.19 33.07
CA SER M 241 13.46 -55.78 32.67
C SER M 241 14.76 -55.44 31.93
N ASP M 242 15.88 -56.02 32.35
CA ASP M 242 17.16 -55.73 31.71
C ASP M 242 17.13 -56.09 30.23
N ILE M 243 16.50 -57.20 29.87
CA ILE M 243 16.39 -57.60 28.47
C ILE M 243 15.53 -56.61 27.71
N ALA M 244 14.38 -56.23 28.27
CA ALA M 244 13.46 -55.33 27.59
C ALA M 244 14.06 -53.94 27.43
N PHE M 245 14.64 -53.40 28.50
CA PHE M 245 15.13 -52.02 28.48
C PHE M 245 16.42 -51.85 27.69
N ALA M 246 17.12 -52.94 27.36
CA ALA M 246 18.37 -52.84 26.62
C ALA M 246 18.23 -53.18 25.14
N PHE M 247 17.14 -53.83 24.73
CA PHE M 247 16.95 -54.26 23.35
C PHE M 247 15.76 -53.60 22.67
N GLY M 248 15.01 -52.77 23.37
CA GLY M 248 13.82 -52.16 22.78
C GLY M 248 12.70 -53.16 22.51
N THR M 249 12.49 -54.10 23.43
CA THR M 249 11.50 -55.16 23.31
C THR M 249 10.46 -54.99 24.41
N PRO M 250 9.18 -55.24 24.12
CA PRO M 250 8.16 -55.16 25.18
C PRO M 250 8.44 -56.15 26.30
N LEU M 251 8.01 -55.78 27.50
CA LEU M 251 8.17 -56.66 28.65
C LEU M 251 7.45 -57.99 28.43
N SER M 252 6.27 -57.95 27.81
CA SER M 252 5.52 -59.17 27.54
C SER M 252 6.33 -60.13 26.69
N ASP M 253 7.02 -59.60 25.66
CA ASP M 253 7.81 -60.48 24.80
C ASP M 253 9.18 -60.78 25.41
N ALA M 254 9.77 -59.81 26.12
CA ALA M 254 11.10 -60.01 26.69
C ALA M 254 11.09 -61.14 27.72
N GLU M 255 9.96 -61.37 28.38
CA GLU M 255 9.87 -62.47 29.34
C GLU M 255 10.02 -63.82 28.64
N GLU M 256 9.38 -63.98 27.47
CA GLU M 256 9.44 -65.26 26.77
C GLU M 256 10.84 -65.59 26.27
N ILE M 257 11.58 -64.59 25.75
CA ILE M 257 12.94 -64.85 25.30
C ILE M 257 13.83 -65.24 26.47
N LYS M 258 13.58 -64.68 27.66
CA LYS M 258 14.36 -65.05 28.83
C LYS M 258 14.14 -66.51 29.20
N VAL M 259 12.87 -66.94 29.22
CA VAL M 259 12.55 -68.29 29.67
C VAL M 259 12.98 -69.33 28.64
N LYS M 260 12.97 -68.98 27.36
CA LYS M 260 13.26 -69.94 26.30
C LYS M 260 14.69 -69.91 25.81
N TYR M 261 15.36 -68.76 25.86
CA TYR M 261 16.71 -68.64 25.32
C TYR M 261 17.67 -67.95 26.28
N GLY M 262 17.28 -67.75 27.53
CA GLY M 262 18.13 -67.04 28.48
C GLY M 262 19.25 -67.94 29.01
N CYS M 263 20.41 -67.35 29.23
CA CYS M 263 21.54 -68.05 29.80
C CYS M 263 22.21 -67.16 30.83
N ALA M 264 22.55 -67.76 31.98
CA ALA M 264 23.18 -67.02 33.07
C ALA M 264 24.68 -66.87 32.91
N LEU M 265 25.27 -67.43 31.85
CA LEU M 265 26.69 -67.30 31.60
C LEU M 265 26.90 -67.09 30.10
N SER M 266 27.61 -66.02 29.75
CA SER M 266 27.73 -65.60 28.36
C SER M 266 28.78 -66.39 27.59
N GLU M 267 29.06 -67.62 28.04
CA GLU M 267 30.00 -68.49 27.33
C GLU M 267 29.48 -69.91 27.14
N LEU M 268 28.37 -70.28 27.76
CA LEU M 268 27.76 -71.59 27.53
C LEU M 268 26.94 -71.64 26.26
N VAL M 269 26.64 -70.49 25.66
CA VAL M 269 25.89 -70.42 24.41
C VAL M 269 26.87 -70.30 23.26
N SER M 270 26.56 -70.96 22.15
CA SER M 270 27.41 -70.91 20.98
C SER M 270 27.14 -69.63 20.18
N LYS M 271 28.15 -69.20 19.43
CA LYS M 271 28.00 -68.01 18.59
C LYS M 271 27.04 -68.24 17.44
N ASP M 272 26.81 -69.50 17.04
CA ASP M 272 25.91 -69.82 15.94
C ASP M 272 24.46 -69.98 16.39
N ASP M 273 24.07 -69.31 17.47
CA ASP M 273 22.69 -69.31 17.95
C ASP M 273 22.09 -67.92 17.78
N THR M 274 20.87 -67.86 17.28
CA THR M 274 20.20 -66.59 17.02
C THR M 274 18.77 -66.68 17.50
N VAL M 275 18.22 -65.53 17.89
CA VAL M 275 16.86 -65.45 18.40
C VAL M 275 16.13 -64.31 17.71
N ASN M 276 14.82 -64.46 17.58
CA ASN M 276 13.96 -63.47 16.95
C ASN M 276 13.34 -62.61 18.04
N VAL M 277 13.92 -61.44 18.29
CA VAL M 277 13.40 -60.48 19.26
C VAL M 277 12.54 -59.46 18.52
N PRO M 278 11.32 -59.21 18.95
CA PRO M 278 10.44 -58.25 18.27
C PRO M 278 10.81 -56.82 18.62
N SER M 279 10.07 -55.89 18.01
CA SER M 279 10.25 -54.46 18.24
C SER M 279 8.89 -53.82 18.50
N VAL M 280 8.90 -52.51 18.70
CA VAL M 280 7.70 -51.73 18.99
C VAL M 280 7.57 -50.65 17.92
N GLY M 281 6.35 -50.16 17.74
CA GLY M 281 6.10 -49.12 16.76
C GLY M 281 5.64 -49.62 15.41
N GLY M 282 5.99 -50.84 15.04
CA GLY M 282 5.76 -51.33 13.70
C GLY M 282 7.01 -51.51 12.86
N ARG M 283 8.13 -51.84 13.50
CA ARG M 283 9.37 -52.12 12.81
C ARG M 283 9.56 -53.62 12.69
N PRO M 284 10.38 -54.10 11.75
CA PRO M 284 10.51 -55.55 11.58
C PRO M 284 11.26 -56.17 12.75
N SER M 285 10.90 -57.41 13.05
CA SER M 285 11.51 -58.12 14.16
C SER M 285 12.96 -58.40 13.85
N ARG M 286 13.86 -57.84 14.64
CA ARG M 286 15.29 -57.97 14.40
C ARG M 286 15.81 -59.29 14.97
N SER M 287 16.76 -59.89 14.24
CA SER M 287 17.44 -61.10 14.67
C SER M 287 18.70 -60.74 15.44
N LEU M 288 18.77 -61.17 16.70
CA LEU M 288 19.85 -60.80 17.60
C LEU M 288 20.59 -62.06 18.06
N GLN M 289 21.88 -61.90 18.32
CA GLN M 289 22.71 -63.02 18.76
C GLN M 289 22.24 -63.50 20.13
N ARG M 290 22.04 -64.82 20.24
CA ARG M 290 21.67 -65.39 21.54
C ARG M 290 22.77 -65.19 22.57
N GLN M 291 24.03 -65.10 22.11
CA GLN M 291 25.13 -64.79 23.02
C GLN M 291 24.97 -63.38 23.59
N THR M 292 24.59 -62.43 22.74
CA THR M 292 24.39 -61.05 23.20
C THR M 292 23.30 -61.00 24.27
N LEU M 293 22.26 -61.82 24.14
CA LEU M 293 21.21 -61.87 25.15
C LEU M 293 21.78 -62.33 26.49
N ALA M 294 22.60 -63.38 26.48
CA ALA M 294 23.22 -63.87 27.71
C ALA M 294 24.21 -62.87 28.29
N GLU M 295 24.79 -62.01 27.46
CA GLU M 295 25.73 -61.00 27.96
C GLU M 295 25.04 -59.94 28.81
N VAL M 296 23.72 -59.82 28.70
CA VAL M 296 22.96 -58.92 29.56
C VAL M 296 22.44 -59.64 30.80
N ILE M 297 22.10 -60.93 30.67
CA ILE M 297 21.56 -61.70 31.79
C ILE M 297 22.65 -62.04 32.79
N GLU M 298 23.88 -62.23 32.33
CA GLU M 298 24.97 -62.63 33.23
C GLU M 298 25.24 -61.63 34.34
N PRO M 299 25.39 -60.32 34.09
CA PRO M 299 25.71 -59.41 35.20
C PRO M 299 24.62 -59.31 36.25
N ARG M 300 23.35 -59.39 35.85
CA ARG M 300 22.26 -59.30 36.83
C ARG M 300 22.26 -60.49 37.78
N TYR M 301 22.39 -61.70 37.23
CA TYR M 301 22.42 -62.90 38.07
C TYR M 301 23.67 -62.90 38.97
N THR M 302 24.81 -62.46 38.45
CA THR M 302 26.02 -62.39 39.26
C THR M 302 25.85 -61.44 40.43
N GLU M 303 25.29 -60.25 40.18
CA GLU M 303 25.03 -59.32 41.26
C GLU M 303 24.04 -59.91 42.27
N LEU M 304 23.03 -60.62 41.78
CA LEU M 304 22.04 -61.23 42.67
C LEU M 304 22.70 -62.24 43.61
N MET M 305 23.50 -63.16 43.04
CA MET M 305 24.20 -64.12 43.88
C MET M 305 25.24 -63.45 44.76
N GLY M 306 25.79 -62.31 44.32
CA GLY M 306 26.69 -61.56 45.16
C GLY M 306 26.04 -61.09 46.45
N LEU M 307 24.75 -60.74 46.39
CA LEU M 307 24.03 -60.37 47.60
C LEU M 307 23.90 -61.55 48.56
N VAL M 308 23.66 -62.75 48.03
CA VAL M 308 23.59 -63.92 48.89
C VAL M 308 24.95 -64.26 49.48
N ASN M 309 26.02 -64.07 48.70
CA ASN M 309 27.37 -64.32 49.20
C ASN M 309 27.74 -63.35 50.31
N GLN M 310 27.46 -62.06 50.11
CA GLN M 310 27.76 -61.06 51.14
C GLN M 310 26.98 -61.34 52.42
N THR M 311 25.78 -61.88 52.28
CA THR M 311 25.00 -62.23 53.47
C THR M 311 25.64 -63.38 54.22
N ILE M 312 26.12 -64.40 53.50
CA ILE M 312 26.78 -65.54 54.14
C ILE M 312 28.01 -65.08 54.91
N ASP M 313 28.82 -64.21 54.31
CA ASP M 313 30.04 -63.74 54.99
C ASP M 313 29.71 -63.04 56.30
N ASN M 314 28.69 -62.17 56.29
CA ASN M 314 28.30 -61.49 57.52
C ASN M 314 27.65 -62.46 58.51
N VAL M 315 26.92 -63.45 58.01
CA VAL M 315 26.31 -64.44 58.90
C VAL M 315 27.37 -65.40 59.44
N GLN M 316 28.30 -65.83 58.59
CA GLN M 316 29.38 -66.69 59.05
C GLN M 316 30.22 -65.99 60.12
N ALA M 317 30.47 -64.69 59.93
CA ALA M 317 31.24 -63.93 60.90
C ALA M 317 30.54 -63.89 62.26
N LYS M 318 29.28 -63.46 62.27
CA LYS M 318 28.54 -63.35 63.54
C LYS M 318 28.24 -64.71 64.16
N LEU M 319 28.50 -65.81 63.47
CA LEU M 319 28.26 -67.14 64.01
C LEU M 319 29.50 -67.73 64.67
N ARG M 320 30.62 -67.76 63.94
CA ARG M 320 31.86 -68.28 64.53
C ARG M 320 32.37 -67.36 65.63
N GLU M 321 32.13 -66.06 65.53
CA GLU M 321 32.53 -65.11 66.56
C GLU M 321 31.69 -65.25 67.83
N ASN M 322 30.69 -66.14 67.84
CA ASN M 322 29.85 -66.34 69.01
C ASN M 322 29.82 -67.79 69.50
N GLY M 323 30.40 -68.73 68.76
CA GLY M 323 30.53 -70.10 69.24
C GLY M 323 29.40 -71.03 68.84
N VAL M 324 29.25 -71.27 67.53
CA VAL M 324 28.27 -72.22 67.02
C VAL M 324 28.78 -72.73 65.68
N LYS M 325 28.20 -73.83 65.21
CA LYS M 325 28.56 -74.36 63.90
C LYS M 325 28.33 -73.29 62.84
N HIS M 326 29.38 -72.98 62.08
CA HIS M 326 29.33 -71.86 61.14
C HIS M 326 29.51 -72.28 59.69
N HIS M 327 30.40 -73.23 59.40
CA HIS M 327 30.71 -73.53 58.01
C HIS M 327 29.59 -74.33 57.35
N LEU M 328 29.12 -73.83 56.21
CA LEU M 328 28.12 -74.53 55.39
C LEU M 328 28.80 -75.57 54.53
N ALA M 329 28.58 -76.85 54.83
CA ALA M 329 29.24 -77.91 54.08
C ALA M 329 28.54 -78.19 52.77
N ALA M 330 27.22 -78.43 52.82
CA ALA M 330 26.48 -78.79 51.61
C ALA M 330 26.35 -77.63 50.62
N GLY M 331 26.61 -76.40 51.05
CA GLY M 331 26.66 -75.28 50.12
C GLY M 331 25.35 -74.53 49.93
N VAL M 332 25.12 -74.03 48.72
CA VAL M 332 23.96 -73.21 48.39
C VAL M 332 23.05 -73.98 47.44
N VAL M 333 21.75 -73.91 47.69
CA VAL M 333 20.74 -74.59 46.87
C VAL M 333 19.78 -73.54 46.33
N LEU M 334 19.64 -73.50 45.01
CA LEU M 334 18.73 -72.57 44.35
C LEU M 334 17.38 -73.24 44.08
N THR M 335 16.32 -72.44 44.18
CA THR M 335 14.96 -72.92 43.95
C THR M 335 14.14 -71.79 43.36
N GLY M 336 12.88 -72.08 43.06
CA GLY M 336 12.01 -71.10 42.46
C GLY M 336 12.08 -71.09 40.94
N GLY M 337 11.30 -70.18 40.37
CA GLY M 337 11.19 -70.10 38.92
C GLY M 337 12.48 -69.69 38.25
N ALA M 338 13.07 -68.59 38.71
CA ALA M 338 14.25 -68.02 38.07
C ALA M 338 15.49 -68.90 38.23
N ALA M 339 15.42 -70.01 38.96
CA ALA M 339 16.53 -70.95 39.03
C ALA M 339 16.59 -71.88 37.81
N GLN M 340 15.59 -71.84 36.92
CA GLN M 340 15.55 -72.73 35.77
C GLN M 340 16.33 -72.20 34.57
N ILE M 341 16.84 -70.98 34.64
CA ILE M 341 17.57 -70.41 33.52
C ILE M 341 18.90 -71.16 33.33
N GLU M 342 19.36 -71.21 32.08
CA GLU M 342 20.59 -71.93 31.75
C GLU M 342 21.79 -71.24 32.39
N GLY M 343 22.53 -71.97 33.22
CA GLY M 343 23.74 -71.45 33.80
C GLY M 343 23.66 -70.94 35.23
N VAL M 344 22.65 -71.33 36.00
CA VAL M 344 22.57 -70.90 37.40
C VAL M 344 23.73 -71.48 38.19
N VAL M 345 24.00 -72.78 38.02
CA VAL M 345 25.06 -73.44 38.78
C VAL M 345 26.42 -72.87 38.42
N GLU M 346 26.57 -72.35 37.20
CA GLU M 346 27.87 -71.85 36.76
C GLU M 346 28.18 -70.47 37.32
N CYS M 347 27.22 -69.54 37.20
CA CYS M 347 27.44 -68.20 37.75
C CYS M 347 27.41 -68.21 39.27
N ALA M 348 26.72 -69.18 39.87
CA ALA M 348 26.76 -69.31 41.33
C ALA M 348 28.12 -69.85 41.78
N GLU M 349 28.58 -70.93 41.15
CA GLU M 349 29.91 -71.47 41.44
C GLU M 349 31.03 -70.49 41.14
N ARG M 350 30.72 -69.35 40.54
CA ARG M 350 31.71 -68.34 40.23
C ARG M 350 31.96 -67.40 41.41
N VAL M 351 30.89 -66.89 42.02
CA VAL M 351 31.07 -65.94 43.12
C VAL M 351 31.46 -66.66 44.41
N PHE M 352 30.72 -67.71 44.81
CA PHE M 352 31.14 -68.58 45.89
C PHE M 352 31.70 -69.90 45.34
N ARG M 353 32.25 -70.68 46.25
CA ARG M 353 32.87 -71.98 45.94
C ARG M 353 32.21 -73.06 46.81
N ASN M 354 30.92 -73.28 46.59
CA ASN M 354 30.17 -74.29 47.31
C ASN M 354 29.46 -75.22 46.34
N GLN M 355 29.03 -76.37 46.85
CA GLN M 355 28.36 -77.40 46.04
C GLN M 355 26.98 -76.88 45.63
N VAL M 356 26.97 -76.03 44.60
CA VAL M 356 25.73 -75.45 44.13
C VAL M 356 24.85 -76.55 43.55
N ARG M 357 23.54 -76.44 43.78
CA ARG M 357 22.58 -77.38 43.24
C ARG M 357 21.31 -76.63 42.85
N VAL M 358 20.41 -77.35 42.19
CA VAL M 358 19.15 -76.80 41.70
C VAL M 358 18.01 -77.62 42.30
N GLY M 359 17.99 -77.73 43.62
CA GLY M 359 17.06 -78.58 44.33
C GLY M 359 15.60 -78.48 43.91
N LYS M 360 14.98 -79.63 43.74
CA LYS M 360 13.58 -79.78 43.41
C LYS M 360 12.82 -80.19 44.66
N PRO M 361 11.48 -80.23 44.62
CA PRO M 361 10.74 -80.81 45.75
C PRO M 361 11.05 -82.29 45.89
N LEU M 362 11.02 -82.77 47.14
CA LEU M 362 11.42 -84.13 47.47
C LEU M 362 10.26 -84.91 48.08
N GLU M 363 10.33 -86.24 47.93
CA GLU M 363 9.37 -87.19 48.49
C GLU M 363 7.92 -86.78 48.24
N VAL M 364 7.68 -86.22 47.05
CA VAL M 364 6.30 -85.89 46.66
C VAL M 364 5.56 -87.19 46.36
N SER M 365 4.37 -87.33 46.95
CA SER M 365 3.58 -88.55 46.84
C SER M 365 2.31 -88.25 46.06
N GLY M 366 2.15 -88.91 44.92
CA GLY M 366 0.95 -88.76 44.11
C GLY M 366 0.87 -87.43 43.40
N LEU M 367 0.38 -87.44 42.16
CA LEU M 367 0.20 -86.24 41.36
C LEU M 367 1.52 -85.47 41.26
N THR M 368 2.58 -86.19 40.92
CA THR M 368 3.93 -85.63 40.86
C THR M 368 4.16 -84.79 39.61
N ASP M 369 3.20 -84.75 38.69
CA ASP M 369 3.37 -84.01 37.43
C ASP M 369 3.19 -82.51 37.61
N TYR M 370 2.65 -82.07 38.74
CA TYR M 370 2.55 -80.66 39.07
C TYR M 370 3.57 -80.23 40.12
N VAL M 371 4.34 -81.19 40.64
CA VAL M 371 5.31 -80.92 41.69
C VAL M 371 6.68 -81.39 41.19
N LYS M 372 6.98 -81.10 39.93
CA LYS M 372 8.29 -81.48 39.40
C LYS M 372 9.27 -80.31 39.36
N GLU M 373 8.80 -79.10 38.99
CA GLU M 373 9.74 -78.00 38.78
C GLU M 373 9.97 -77.22 40.06
N PRO M 374 11.15 -76.60 40.19
CA PRO M 374 11.50 -75.92 41.44
C PRO M 374 10.57 -74.77 41.84
N TYR M 375 9.85 -74.17 40.89
CA TYR M 375 8.98 -73.05 41.25
C TYR M 375 7.76 -73.46 42.07
N HIS M 376 7.62 -74.74 42.40
CA HIS M 376 6.54 -75.23 43.26
C HIS M 376 6.99 -75.46 44.69
N SER M 377 8.27 -75.28 45.00
CA SER M 377 8.80 -75.60 46.32
C SER M 377 8.08 -74.81 47.42
N THR M 378 7.90 -73.50 47.23
CA THR M 378 7.23 -72.69 48.24
C THR M 378 5.82 -73.19 48.51
N ALA M 379 5.14 -73.69 47.48
CA ALA M 379 3.78 -74.19 47.66
C ALA M 379 3.77 -75.51 48.43
N VAL M 380 4.62 -76.45 48.03
CA VAL M 380 4.65 -77.75 48.69
C VAL M 380 5.25 -77.64 50.08
N GLY M 381 6.11 -76.64 50.32
CA GLY M 381 6.62 -76.42 51.65
C GLY M 381 5.54 -76.05 52.64
N LEU M 382 4.49 -75.38 52.17
CA LEU M 382 3.35 -75.08 53.03
C LEU M 382 2.64 -76.34 53.50
N LEU M 383 2.66 -77.40 52.68
CA LEU M 383 2.05 -78.66 53.11
C LEU M 383 2.88 -79.33 54.19
N HIS M 384 4.21 -79.32 54.06
CA HIS M 384 5.08 -79.91 55.07
C HIS M 384 4.94 -79.17 56.41
N TYR M 385 4.85 -77.85 56.37
CA TYR M 385 4.72 -77.09 57.61
C TYR M 385 3.38 -77.37 58.29
N ALA M 386 2.30 -77.46 57.52
CA ALA M 386 0.97 -77.58 58.12
C ALA M 386 0.74 -78.92 58.80
N ARG M 387 1.45 -79.98 58.39
CA ARG M 387 1.26 -81.29 59.03
C ARG M 387 1.72 -81.25 60.49
N ASP M 388 0.98 -80.53 61.33
CA ASP M 388 1.36 -80.35 62.72
C ASP M 388 0.52 -81.25 63.59
N SER M 389 1.16 -81.96 64.51
CA SER M 389 0.48 -82.89 65.40
C SER M 389 -0.10 -82.16 66.62
N ASN N 8 -22.17 -39.07 20.91
CA ASN N 8 -22.60 -39.33 19.55
C ASN N 8 -21.56 -38.87 18.53
N ILE N 9 -21.40 -37.55 18.42
CA ILE N 9 -20.46 -36.96 17.48
C ILE N 9 -19.21 -36.52 18.24
N ILE N 10 -18.08 -36.48 17.54
CA ILE N 10 -16.81 -36.08 18.12
C ILE N 10 -16.02 -35.33 17.06
N VAL N 11 -15.44 -34.19 17.45
CA VAL N 11 -14.75 -33.30 16.52
C VAL N 11 -13.49 -32.76 17.16
N GLY N 12 -12.45 -32.57 16.35
CA GLY N 12 -11.22 -31.94 16.78
C GLY N 12 -10.98 -30.62 16.06
N LEU N 13 -9.99 -29.88 16.57
CA LEU N 13 -9.69 -28.55 16.05
C LEU N 13 -8.26 -28.15 16.37
N ASP N 14 -7.30 -28.57 15.54
CA ASP N 14 -5.89 -28.25 15.71
C ASP N 14 -5.60 -26.88 15.10
N ILE N 15 -5.78 -25.83 15.91
CA ILE N 15 -5.47 -24.47 15.48
C ILE N 15 -3.97 -24.31 15.41
N GLY N 16 -3.38 -24.66 14.26
CA GLY N 16 -1.95 -24.62 14.13
C GLY N 16 -1.41 -23.24 13.82
N THR N 17 -0.08 -23.14 13.87
CA THR N 17 0.58 -21.88 13.55
C THR N 17 0.52 -21.58 12.05
N ALA N 18 0.31 -22.59 11.22
CA ALA N 18 0.26 -22.41 9.77
C ALA N 18 -1.04 -22.92 9.16
N THR N 19 -1.41 -24.16 9.45
CA THR N 19 -2.59 -24.78 8.86
C THR N 19 -3.53 -25.25 9.96
N VAL N 20 -4.79 -24.82 9.89
CA VAL N 20 -5.82 -25.27 10.81
C VAL N 20 -6.39 -26.59 10.33
N SER N 21 -6.51 -27.56 11.25
CA SER N 21 -7.06 -28.88 10.95
C SER N 21 -8.36 -29.06 11.71
N ALA N 22 -9.32 -29.73 11.09
CA ALA N 22 -10.64 -29.95 11.69
C ALA N 22 -11.16 -31.31 11.27
N LEU N 23 -11.29 -32.22 12.22
CA LEU N 23 -11.72 -33.59 11.96
C LEU N 23 -13.07 -33.87 12.62
N VAL N 24 -13.87 -34.70 11.97
CA VAL N 24 -15.21 -35.06 12.43
C VAL N 24 -15.26 -36.57 12.58
N GLY N 25 -15.90 -37.05 13.65
CA GLY N 25 -15.98 -38.48 13.89
C GLY N 25 -17.25 -38.89 14.62
N GLU N 26 -17.39 -40.21 14.77
CA GLU N 26 -18.45 -40.87 15.50
C GLU N 26 -17.85 -41.70 16.62
N VAL N 27 -18.57 -41.80 17.73
CA VAL N 27 -18.07 -42.61 18.84
C VAL N 27 -18.32 -44.07 18.47
N LEU N 28 -17.24 -44.81 18.23
CA LEU N 28 -17.30 -46.22 17.87
C LEU N 28 -17.35 -47.08 19.12
N PRO N 29 -18.19 -48.12 19.12
CA PRO N 29 -18.30 -49.01 20.29
C PRO N 29 -17.06 -49.82 20.61
N ASP N 30 -16.64 -50.65 19.66
CA ASP N 30 -15.54 -51.61 19.80
C ASP N 30 -14.31 -51.06 20.51
N GLY N 31 -13.40 -50.43 19.77
CA GLY N 31 -12.20 -49.88 20.38
C GLY N 31 -11.37 -49.02 19.44
N GLN N 32 -12.04 -48.22 18.62
CA GLN N 32 -11.40 -47.40 17.61
C GLN N 32 -12.33 -46.23 17.29
N VAL N 33 -11.81 -45.28 16.50
CA VAL N 33 -12.58 -44.11 16.08
C VAL N 33 -12.75 -44.12 14.57
N ASN N 34 -13.97 -43.87 14.09
CA ASN N 34 -14.23 -43.73 12.66
C ASN N 34 -14.36 -42.25 12.29
N ILE N 35 -13.60 -41.83 11.29
CA ILE N 35 -13.57 -40.43 10.84
C ILE N 35 -14.58 -40.23 9.72
N ILE N 36 -15.40 -39.18 9.83
CA ILE N 36 -16.42 -38.90 8.83
C ILE N 36 -16.06 -37.73 7.94
N GLY N 37 -15.39 -36.70 8.45
CA GLY N 37 -15.07 -35.54 7.64
C GLY N 37 -13.78 -34.87 8.06
N ALA N 38 -12.98 -34.43 7.09
CA ALA N 38 -11.75 -33.69 7.34
C ALA N 38 -11.92 -32.23 6.94
N GLY N 39 -10.93 -31.42 7.28
CA GLY N 39 -10.98 -30.01 6.97
C GLY N 39 -9.65 -29.32 7.21
N SER N 40 -9.16 -28.58 6.22
CA SER N 40 -7.88 -27.91 6.33
C SER N 40 -7.98 -26.52 5.72
N SER N 41 -7.14 -25.61 6.21
CA SER N 41 -7.10 -24.23 5.76
C SER N 41 -5.87 -23.53 6.34
N PRO N 42 -5.08 -22.84 5.53
CA PRO N 42 -3.97 -22.05 6.09
C PRO N 42 -4.49 -21.00 7.06
N SER N 43 -3.70 -20.76 8.11
CA SER N 43 -4.13 -19.91 9.22
C SER N 43 -3.35 -18.60 9.18
N ARG N 44 -4.07 -17.50 9.02
CA ARG N 44 -3.51 -16.16 9.12
C ARG N 44 -3.80 -15.58 10.50
N GLY N 45 -2.88 -14.73 10.97
CA GLY N 45 -3.00 -14.14 12.28
C GLY N 45 -2.65 -15.12 13.40
N MET N 46 -1.46 -15.69 13.32
CA MET N 46 -0.98 -16.66 14.29
C MET N 46 0.51 -16.46 14.48
N ASP N 47 0.96 -16.48 15.73
CA ASP N 47 2.37 -16.25 16.05
C ASP N 47 2.78 -17.22 17.16
N LYS N 48 3.67 -18.15 16.84
CA LYS N 48 4.27 -19.07 17.81
C LYS N 48 3.23 -19.81 18.62
N GLY N 49 2.24 -20.38 17.93
CA GLY N 49 1.21 -21.16 18.57
C GLY N 49 0.12 -20.38 19.26
N GLY N 50 0.29 -19.07 19.47
CA GLY N 50 -0.72 -18.27 20.11
C GLY N 50 -1.41 -17.29 19.17
N VAL N 51 -2.57 -16.78 19.57
CA VAL N 51 -3.31 -15.86 18.72
C VAL N 51 -2.60 -14.51 18.69
N ASN N 52 -2.68 -13.84 17.55
CA ASN N 52 -2.10 -12.50 17.40
C ASN N 52 -3.12 -11.54 16.80
N ASP N 53 -3.78 -11.96 15.73
CA ASP N 53 -4.81 -11.16 15.06
C ASP N 53 -6.13 -11.93 15.16
N LEU N 54 -6.99 -11.49 16.07
CA LEU N 54 -8.24 -12.22 16.33
C LEU N 54 -9.13 -12.30 15.10
N GLU N 55 -9.10 -11.29 14.24
CA GLU N 55 -9.97 -11.29 13.07
C GLU N 55 -9.51 -12.32 12.05
N SER N 56 -8.21 -12.38 11.76
CA SER N 56 -7.72 -13.28 10.72
C SER N 56 -7.94 -14.74 11.10
N VAL N 57 -7.75 -15.08 12.39
CA VAL N 57 -7.88 -16.47 12.80
C VAL N 57 -9.34 -16.91 12.75
N VAL N 58 -10.27 -16.05 13.17
CA VAL N 58 -11.68 -16.43 13.15
C VAL N 58 -12.15 -16.67 11.72
N LYS N 59 -11.71 -15.84 10.76
CA LYS N 59 -12.03 -16.10 9.37
C LYS N 59 -11.32 -17.34 8.84
N SER N 60 -10.08 -17.56 9.26
CA SER N 60 -9.32 -18.71 8.76
C SER N 60 -9.83 -20.01 9.36
N VAL N 61 -10.16 -20.00 10.67
CA VAL N 61 -10.69 -21.21 11.29
C VAL N 61 -12.08 -21.54 10.74
N GLN N 62 -12.86 -20.51 10.39
CA GLN N 62 -14.18 -20.73 9.81
C GLN N 62 -14.08 -21.47 8.47
N ARG N 63 -12.99 -21.28 7.74
CA ARG N 63 -12.81 -21.94 6.45
C ARG N 63 -12.73 -23.46 6.61
N ALA N 64 -11.89 -23.93 7.54
CA ALA N 64 -11.69 -25.36 7.67
C ALA N 64 -12.92 -26.06 8.26
N VAL N 65 -13.52 -25.46 9.28
CA VAL N 65 -14.68 -26.10 9.91
C VAL N 65 -15.88 -26.10 8.98
N ASP N 66 -15.95 -25.15 8.05
CA ASP N 66 -17.05 -25.13 7.09
C ASP N 66 -16.92 -26.26 6.08
N GLN N 67 -15.73 -26.43 5.51
CA GLN N 67 -15.50 -27.53 4.57
C GLN N 67 -15.59 -28.88 5.27
N ALA N 68 -15.33 -28.93 6.58
CA ALA N 68 -15.53 -30.15 7.34
C ALA N 68 -17.02 -30.42 7.55
N GLU N 69 -17.81 -29.36 7.74
CA GLU N 69 -19.25 -29.52 7.87
C GLU N 69 -19.85 -30.17 6.62
N LEU N 70 -19.36 -29.77 5.44
CA LEU N 70 -19.86 -30.34 4.20
C LEU N 70 -19.47 -31.81 4.06
N MET N 71 -18.18 -32.11 4.21
CA MET N 71 -17.70 -33.47 4.01
C MET N 71 -18.24 -34.44 5.06
N ALA N 72 -18.70 -33.93 6.19
CA ALA N 72 -19.29 -34.76 7.24
C ALA N 72 -20.81 -34.85 7.15
N GLU N 73 -21.45 -34.02 6.34
CA GLU N 73 -22.90 -33.97 6.20
C GLU N 73 -23.61 -33.73 7.52
N CYS N 74 -22.93 -33.15 8.50
CA CYS N 74 -23.53 -32.77 9.77
C CYS N 74 -23.09 -31.36 10.13
N GLN N 75 -23.68 -30.81 11.19
CA GLN N 75 -23.37 -29.48 11.65
C GLN N 75 -22.53 -29.56 12.92
N ILE N 76 -21.47 -28.77 12.99
CA ILE N 76 -20.55 -28.81 14.11
C ILE N 76 -21.13 -27.98 15.25
N SER N 77 -21.15 -28.56 16.46
CA SER N 77 -21.70 -27.87 17.62
C SER N 77 -20.60 -27.52 18.63
N SER N 78 -20.12 -28.51 19.37
CA SER N 78 -19.07 -28.32 20.35
C SER N 78 -17.81 -29.06 19.91
N VAL N 79 -16.65 -28.47 20.17
CA VAL N 79 -15.37 -28.98 19.68
C VAL N 79 -14.38 -29.09 20.82
N PHE N 80 -13.37 -29.94 20.61
CA PHE N 80 -12.19 -30.03 21.47
C PHE N 80 -11.04 -29.39 20.72
N ILE N 81 -10.45 -28.36 21.31
CA ILE N 81 -9.42 -27.56 20.64
C ILE N 81 -8.08 -27.85 21.29
N SER N 82 -7.02 -27.69 20.49
CA SER N 82 -5.65 -27.86 20.97
C SER N 82 -5.04 -26.50 21.31
N LEU N 83 -4.00 -26.53 22.13
CA LEU N 83 -3.34 -25.32 22.57
C LEU N 83 -1.87 -25.62 22.86
N SER N 84 -1.00 -24.72 22.45
CA SER N 84 0.43 -24.87 22.69
C SER N 84 1.08 -23.49 22.74
N GLY N 85 2.37 -23.48 23.02
CA GLY N 85 3.12 -22.24 23.12
C GLY N 85 4.14 -22.30 24.24
N LYS N 86 5.09 -21.36 24.25
CA LYS N 86 6.13 -21.36 25.27
C LYS N 86 5.57 -21.25 26.68
N HIS N 87 4.39 -20.68 26.84
CA HIS N 87 3.80 -20.51 28.16
C HIS N 87 3.38 -21.84 28.81
N ILE N 88 3.41 -22.94 28.06
CA ILE N 88 3.05 -24.23 28.62
C ILE N 88 4.13 -24.67 29.60
N ALA N 89 3.71 -25.05 30.82
CA ALA N 89 4.62 -25.49 31.85
C ALA N 89 4.02 -26.66 32.59
N SER N 90 4.89 -27.47 33.19
CA SER N 90 4.49 -28.67 33.91
C SER N 90 4.95 -28.58 35.36
N ARG N 91 4.08 -28.98 36.28
CA ARG N 91 4.37 -28.97 37.71
C ARG N 91 3.97 -30.30 38.33
N ILE N 92 4.73 -30.70 39.35
CA ILE N 92 4.47 -31.91 40.11
C ILE N 92 4.17 -31.50 41.55
N GLU N 93 2.95 -31.73 41.99
CA GLU N 93 2.49 -31.33 43.32
C GLU N 93 2.09 -32.57 44.12
N LYS N 94 2.32 -32.53 45.42
CA LYS N 94 2.02 -33.64 46.31
C LYS N 94 0.89 -33.28 47.27
N GLY N 95 0.14 -34.32 47.68
CA GLY N 95 -0.97 -34.13 48.59
C GLY N 95 -0.99 -35.18 49.67
N MET N 96 -1.83 -34.95 50.68
CA MET N 96 -1.92 -35.80 51.84
C MET N 96 -3.39 -36.12 52.12
N GLY N 97 -3.61 -37.14 52.95
CA GLY N 97 -4.97 -37.50 53.31
C GLY N 97 -5.07 -38.62 54.34
N THR N 98 -6.09 -38.56 55.18
CA THR N 98 -6.31 -39.60 56.18
C THR N 98 -7.18 -40.70 55.59
N ILE N 99 -6.91 -41.94 56.01
CA ILE N 99 -7.64 -43.09 55.51
C ILE N 99 -8.81 -43.39 56.45
N SER N 100 -10.02 -43.25 55.93
CA SER N 100 -11.22 -43.49 56.72
C SER N 100 -11.37 -44.98 57.02
N GLU N 101 -11.81 -45.27 58.25
CA GLU N 101 -12.09 -46.63 58.75
C GLU N 101 -10.91 -47.58 58.57
N GLU N 102 -9.69 -47.05 58.67
CA GLU N 102 -8.45 -47.84 58.74
C GLU N 102 -8.34 -48.87 57.61
N GLU N 103 -8.90 -48.57 56.45
CA GLU N 103 -8.73 -49.43 55.28
C GLU N 103 -8.32 -48.56 54.11
N VAL N 104 -9.25 -48.33 53.17
CA VAL N 104 -9.08 -47.48 51.98
C VAL N 104 -10.44 -47.44 51.28
N SER N 105 -10.96 -46.24 51.06
CA SER N 105 -12.18 -46.07 50.27
C SER N 105 -11.88 -45.23 49.03
N GLN N 106 -12.86 -45.20 48.12
CA GLN N 106 -12.73 -44.40 46.91
C GLN N 106 -12.74 -42.91 47.19
N ASP N 107 -13.45 -42.46 48.22
CA ASP N 107 -13.50 -41.03 48.50
C ASP N 107 -12.15 -40.50 48.96
N ASP N 108 -11.44 -41.27 49.79
CA ASP N 108 -10.10 -40.89 50.23
C ASP N 108 -9.18 -40.70 49.04
N MET N 109 -9.36 -41.49 47.98
CA MET N 109 -8.59 -41.31 46.76
C MET N 109 -8.77 -39.91 46.20
N ASP N 110 -10.03 -39.50 46.03
CA ASP N 110 -10.32 -38.15 45.55
C ASP N 110 -9.85 -37.11 46.54
N ARG N 111 -10.00 -37.40 47.84
CA ARG N 111 -9.59 -36.47 48.88
C ARG N 111 -8.12 -36.11 48.75
N ALA N 112 -7.27 -37.12 48.52
CA ALA N 112 -5.85 -36.87 48.35
C ALA N 112 -5.56 -36.09 47.07
N ILE N 113 -6.29 -36.40 46.00
CA ILE N 113 -6.11 -35.69 44.73
C ILE N 113 -6.50 -34.23 44.87
N HIS N 114 -7.58 -33.94 45.58
CA HIS N 114 -8.08 -32.57 45.67
C HIS N 114 -7.07 -31.65 46.37
N THR N 115 -6.38 -32.15 47.39
CA THR N 115 -5.40 -31.31 48.08
C THR N 115 -4.15 -31.07 47.23
N ALA N 116 -3.74 -32.05 46.43
CA ALA N 116 -2.58 -31.86 45.58
C ALA N 116 -2.92 -31.04 44.35
N LYS N 117 -4.18 -31.09 43.92
CA LYS N 117 -4.61 -30.33 42.74
C LYS N 117 -4.71 -28.85 43.06
N SER N 118 -5.41 -28.49 44.13
CA SER N 118 -5.67 -27.10 44.48
C SER N 118 -4.40 -26.31 44.80
N ILE N 119 -4.06 -25.37 43.90
CA ILE N 119 -2.94 -24.45 44.08
C ILE N 119 -3.40 -23.09 43.57
N LYS N 120 -2.57 -22.06 43.79
CA LYS N 120 -3.00 -20.77 43.26
C LYS N 120 -2.40 -20.48 41.89
N ILE N 121 -1.14 -20.88 41.64
CA ILE N 121 -0.32 -20.57 40.45
C ILE N 121 -0.47 -19.13 39.96
N GLY N 122 -1.47 -18.40 40.46
CA GLY N 122 -1.77 -17.06 40.01
C GLY N 122 -2.90 -17.04 39.01
N ASP N 123 -3.48 -15.85 38.83
CA ASP N 123 -4.57 -15.68 37.88
C ASP N 123 -4.06 -15.55 36.46
N GLU N 124 -2.75 -15.34 36.28
CA GLU N 124 -2.19 -15.22 34.95
C GLU N 124 -2.05 -16.58 34.29
N GLN N 125 -1.82 -17.62 35.09
CA GLN N 125 -1.76 -18.99 34.61
C GLN N 125 -3.11 -19.66 34.79
N ARG N 126 -3.25 -20.85 34.21
CA ARG N 126 -4.49 -21.58 34.28
C ARG N 126 -4.19 -23.07 34.12
N ILE N 127 -4.80 -23.89 34.97
CA ILE N 127 -4.56 -25.32 34.91
C ILE N 127 -5.21 -25.90 33.68
N LEU N 128 -4.56 -26.91 33.09
CA LEU N 128 -5.03 -27.55 31.88
C LEU N 128 -5.27 -29.05 32.06
N HIS N 129 -4.38 -29.74 32.75
CA HIS N 129 -4.49 -31.19 32.93
C HIS N 129 -4.10 -31.56 34.35
N VAL N 130 -4.78 -32.56 34.90
CA VAL N 130 -4.47 -33.14 36.20
C VAL N 130 -4.19 -34.62 35.99
N ILE N 131 -2.96 -35.04 36.25
CA ILE N 131 -2.52 -36.41 36.00
C ILE N 131 -1.95 -36.98 37.30
N PRO N 132 -2.72 -37.83 37.99
CA PRO N 132 -2.18 -38.49 39.18
C PRO N 132 -1.17 -39.58 38.81
N GLN N 133 -0.07 -39.63 39.55
CA GLN N 133 0.97 -40.63 39.33
C GLN N 133 1.01 -41.62 40.50
N GLU N 134 2.19 -42.16 40.78
CA GLU N 134 2.35 -43.16 41.83
C GLU N 134 2.07 -42.59 43.21
N PHE N 135 1.39 -43.39 44.04
CA PHE N 135 1.04 -43.03 45.40
C PHE N 135 2.21 -43.30 46.36
N THR N 136 1.94 -43.07 47.64
CA THR N 136 2.88 -43.38 48.71
C THR N 136 2.06 -43.57 49.97
N ILE N 137 1.96 -44.81 50.43
CA ILE N 137 1.21 -45.16 51.64
C ILE N 137 2.22 -45.59 52.69
N ASP N 138 2.24 -44.88 53.83
CA ASP N 138 3.12 -45.16 54.96
C ASP N 138 4.44 -45.81 54.56
N TYR N 139 5.16 -45.19 53.63
CA TYR N 139 6.51 -45.58 53.19
C TYR N 139 6.51 -46.72 52.19
N GLN N 140 5.39 -46.93 51.49
CA GLN N 140 5.29 -47.91 50.42
C GLN N 140 5.46 -47.21 49.07
N GLU N 141 6.32 -47.78 48.22
CA GLU N 141 6.84 -47.08 47.05
C GLU N 141 5.90 -47.27 45.85
N GLY N 142 5.05 -46.28 45.61
CA GLY N 142 4.25 -46.21 44.39
C GLY N 142 3.24 -47.29 44.11
N ILE N 143 1.97 -47.00 44.39
CA ILE N 143 0.87 -47.89 44.03
C ILE N 143 0.00 -47.16 43.02
N LYS N 144 -0.40 -47.85 41.96
CA LYS N 144 -1.26 -47.24 40.94
C LYS N 144 -2.64 -46.97 41.50
N ASN N 145 -3.28 -47.99 42.07
CA ASN N 145 -4.64 -47.88 42.59
C ASN N 145 -4.79 -48.83 43.77
N PRO N 146 -4.53 -48.34 44.99
CA PRO N 146 -4.62 -49.18 46.19
C PRO N 146 -6.00 -49.17 46.85
N LEU N 147 -7.01 -49.73 46.19
CA LEU N 147 -8.34 -49.79 46.79
C LEU N 147 -8.44 -51.06 47.61
N GLY N 148 -8.92 -50.92 48.85
CA GLY N 148 -9.04 -52.04 49.76
C GLY N 148 -7.80 -52.32 50.56
N LEU N 149 -6.67 -51.69 50.22
CA LEU N 149 -5.41 -51.94 50.89
C LEU N 149 -5.44 -51.31 52.29
N SER N 150 -4.41 -51.59 53.09
CA SER N 150 -4.37 -51.17 54.48
C SER N 150 -3.25 -50.17 54.71
N GLY N 151 -3.48 -49.26 55.65
CA GLY N 151 -2.49 -48.26 55.97
C GLY N 151 -3.03 -47.29 57.00
N VAL N 152 -2.31 -46.17 57.15
CA VAL N 152 -2.69 -45.12 58.07
C VAL N 152 -2.85 -43.78 57.36
N ARG N 153 -1.94 -43.44 56.46
CA ARG N 153 -2.00 -42.20 55.70
C ARG N 153 -1.30 -42.39 54.38
N MET N 154 -1.76 -41.68 53.35
CA MET N 154 -1.20 -41.84 52.01
C MET N 154 -0.80 -40.47 51.45
N GLU N 155 -0.03 -40.51 50.37
CA GLU N 155 0.41 -39.31 49.66
C GLU N 155 0.36 -39.58 48.16
N VAL N 156 0.18 -38.51 47.39
CA VAL N 156 0.02 -38.59 45.94
C VAL N 156 0.96 -37.60 45.27
N SER N 157 1.44 -37.98 44.09
CA SER N 157 2.16 -37.08 43.19
C SER N 157 1.30 -36.93 41.94
N VAL N 158 0.97 -35.69 41.60
CA VAL N 158 0.11 -35.40 40.46
C VAL N 158 0.87 -34.51 39.48
N HIS N 159 0.71 -34.81 38.19
CA HIS N 159 1.32 -34.00 37.14
C HIS N 159 0.31 -32.95 36.69
N LEU N 160 0.74 -31.69 36.70
CA LEU N 160 -0.11 -30.55 36.36
C LEU N 160 0.44 -29.86 35.13
N ILE N 161 -0.41 -29.68 34.12
CA ILE N 161 -0.08 -28.93 32.92
C ILE N 161 -0.80 -27.59 32.99
N SER N 162 -0.03 -26.51 32.86
CA SER N 162 -0.56 -25.17 32.97
C SER N 162 -0.14 -24.34 31.76
N CYS N 163 -0.92 -23.31 31.48
CA CYS N 163 -0.69 -22.43 30.35
C CYS N 163 -1.08 -21.02 30.72
N HIS N 164 -0.56 -20.05 29.95
CA HIS N 164 -0.94 -18.66 30.13
C HIS N 164 -2.44 -18.50 29.87
N ASN N 165 -3.15 -17.90 30.83
CA ASN N 165 -4.59 -17.77 30.70
C ASN N 165 -4.97 -16.87 29.54
N ASP N 166 -4.24 -15.77 29.36
CA ASP N 166 -4.56 -14.84 28.28
C ASP N 166 -4.44 -15.51 26.92
N MET N 167 -3.36 -16.28 26.72
CA MET N 167 -3.20 -17.00 25.46
C MET N 167 -4.25 -18.10 25.29
N ALA N 168 -4.80 -18.60 26.40
CA ALA N 168 -5.87 -19.59 26.32
C ALA N 168 -7.23 -18.93 26.07
N ARG N 169 -7.45 -17.75 26.65
CA ARG N 169 -8.72 -17.05 26.46
C ARG N 169 -8.93 -16.69 24.99
N ASN N 170 -7.87 -16.26 24.30
CA ASN N 170 -8.01 -15.84 22.91
C ASN N 170 -8.36 -17.02 22.02
N ILE N 171 -7.81 -18.20 22.30
CA ILE N 171 -8.13 -19.39 21.52
C ILE N 171 -9.61 -19.73 21.70
N ILE N 172 -10.12 -19.62 22.92
CA ILE N 172 -11.54 -19.82 23.16
C ILE N 172 -12.35 -18.70 22.51
N LYS N 173 -11.87 -17.46 22.62
CA LYS N 173 -12.59 -16.33 22.05
C LYS N 173 -12.77 -16.49 20.55
N ALA N 174 -11.75 -16.98 19.85
CA ALA N 174 -11.85 -17.17 18.41
C ALA N 174 -12.87 -18.25 18.06
N VAL N 175 -12.84 -19.37 18.79
CA VAL N 175 -13.76 -20.47 18.49
C VAL N 175 -15.19 -20.10 18.88
N GLU N 176 -15.37 -19.45 20.03
CA GLU N 176 -16.71 -19.07 20.47
C GLU N 176 -17.36 -18.08 19.51
N ARG N 177 -16.56 -17.20 18.90
CA ARG N 177 -17.12 -16.20 17.98
C ARG N 177 -17.68 -16.82 16.71
N CYS N 178 -17.32 -18.07 16.40
CA CYS N 178 -17.83 -18.76 15.23
C CYS N 178 -19.08 -19.57 15.52
N GLY N 179 -19.83 -19.22 16.56
CA GLY N 179 -21.00 -20.02 16.90
C GLY N 179 -20.68 -21.35 17.52
N LEU N 180 -19.42 -21.60 17.87
CA LEU N 180 -18.97 -22.87 18.41
C LEU N 180 -18.82 -22.78 19.94
N LYS N 181 -18.89 -23.94 20.56
CA LYS N 181 -18.71 -24.06 22.01
C LYS N 181 -17.51 -24.97 22.28
N VAL N 182 -16.63 -24.53 23.17
CA VAL N 182 -15.45 -25.32 23.52
C VAL N 182 -15.82 -26.28 24.64
N GLU N 183 -15.32 -27.51 24.55
CA GLU N 183 -15.55 -28.49 25.62
C GLU N 183 -14.40 -28.52 26.61
N GLN N 184 -13.16 -28.67 26.13
CA GLN N 184 -12.00 -28.71 27.02
C GLN N 184 -10.76 -28.38 26.20
N LEU N 185 -9.83 -27.64 26.82
CA LEU N 185 -8.54 -27.38 26.22
C LEU N 185 -7.54 -28.45 26.63
N VAL N 186 -6.76 -28.91 25.66
CA VAL N 186 -5.78 -29.98 25.87
C VAL N 186 -4.44 -29.52 25.31
N PHE N 187 -3.36 -29.82 26.03
CA PHE N 187 -2.04 -29.50 25.53
C PHE N 187 -1.78 -30.29 24.25
N SER N 188 -1.31 -29.57 23.22
CA SER N 188 -1.15 -30.17 21.89
C SER N 188 -0.22 -31.38 21.92
N GLY N 189 0.95 -31.24 22.55
CA GLY N 189 1.90 -32.34 22.58
C GLY N 189 1.34 -33.60 23.22
N LEU N 190 0.39 -33.45 24.14
CA LEU N 190 -0.25 -34.62 24.73
C LEU N 190 -1.18 -35.30 23.72
N ALA N 191 -1.96 -34.52 22.97
CA ALA N 191 -2.82 -35.09 21.95
C ALA N 191 -1.97 -35.72 20.85
N SER N 192 -0.86 -35.07 20.47
CA SER N 192 0.04 -35.66 19.49
C SER N 192 0.64 -36.97 19.99
N SER N 193 0.68 -37.18 21.30
CA SER N 193 1.13 -38.44 21.85
C SER N 193 0.04 -39.49 21.90
N ASN N 194 -1.23 -39.09 21.95
CA ASN N 194 -2.32 -40.04 22.11
C ASN N 194 -2.63 -40.83 20.85
N ALA N 195 -2.05 -40.46 19.71
CA ALA N 195 -2.33 -41.18 18.47
C ALA N 195 -1.09 -41.42 17.62
N VAL N 196 0.09 -41.44 18.23
CA VAL N 196 1.34 -41.67 17.50
C VAL N 196 2.15 -42.72 18.26
N ILE N 197 1.73 -43.00 19.49
CA ILE N 197 2.45 -43.89 20.39
C ILE N 197 1.64 -45.16 20.60
N THR N 198 2.33 -46.30 20.63
CA THR N 198 1.71 -47.55 21.05
C THR N 198 1.91 -47.77 22.54
N GLU N 199 0.94 -48.48 23.15
CA GLU N 199 0.96 -48.68 24.60
C GLU N 199 2.25 -49.34 25.06
N ASP N 200 2.77 -50.29 24.27
CA ASP N 200 4.04 -50.93 24.62
C ASP N 200 5.17 -49.92 24.72
N GLU N 201 5.11 -48.86 23.92
CA GLU N 201 6.16 -47.84 23.95
C GLU N 201 6.13 -47.05 25.26
N ARG N 202 4.93 -46.81 25.80
CA ARG N 202 4.82 -46.06 27.05
C ARG N 202 5.59 -46.74 28.17
N GLU N 203 5.47 -48.07 28.28
CA GLU N 203 6.11 -48.78 29.36
C GLU N 203 7.63 -48.76 29.25
N LEU N 204 8.17 -48.68 28.03
CA LEU N 204 9.61 -48.64 27.84
C LEU N 204 10.20 -47.24 27.95
N GLY N 205 9.42 -46.20 27.63
CA GLY N 205 9.92 -44.85 27.72
C GLY N 205 10.15 -44.19 26.37
N VAL N 206 9.35 -43.18 26.03
CA VAL N 206 9.44 -42.49 24.75
C VAL N 206 9.34 -40.99 24.98
N CYS N 207 9.89 -40.23 24.04
CA CYS N 207 9.75 -38.78 24.01
C CYS N 207 9.28 -38.37 22.63
N VAL N 208 8.04 -37.89 22.54
CA VAL N 208 7.52 -37.37 21.30
C VAL N 208 7.80 -35.87 21.22
N VAL N 209 7.70 -35.32 20.02
CA VAL N 209 7.91 -33.89 19.83
C VAL N 209 7.30 -33.44 18.51
N ASP N 210 6.17 -32.74 18.58
CA ASP N 210 5.47 -32.25 17.40
C ASP N 210 6.18 -31.00 16.89
N ILE N 211 7.11 -31.20 15.96
CA ILE N 211 7.82 -30.09 15.35
C ILE N 211 6.91 -29.49 14.28
N GLY N 212 6.19 -28.44 14.64
CA GLY N 212 5.26 -27.76 13.76
C GLY N 212 5.89 -26.58 13.07
N ALA N 213 5.05 -25.60 12.73
CA ALA N 213 5.50 -24.37 12.10
C ALA N 213 5.77 -23.25 13.09
N GLY N 214 5.72 -23.54 14.39
CA GLY N 214 5.87 -22.48 15.38
C GLY N 214 6.22 -22.98 16.77
N THR N 215 5.73 -24.15 17.14
CA THR N 215 5.93 -24.69 18.47
C THR N 215 6.54 -26.07 18.41
N MET N 216 7.46 -26.35 19.33
CA MET N 216 8.09 -27.66 19.50
C MET N 216 7.47 -28.30 20.74
N ASP N 217 6.42 -29.08 20.54
CA ASP N 217 5.63 -29.66 21.62
C ASP N 217 6.27 -30.97 22.07
N ILE N 218 6.98 -30.93 23.19
CA ILE N 218 7.72 -32.08 23.70
C ILE N 218 6.93 -32.73 24.82
N SER N 219 6.84 -34.05 24.79
CA SER N 219 6.21 -34.83 25.86
C SER N 219 7.09 -36.02 26.17
N ILE N 220 7.34 -36.25 27.45
CA ILE N 220 8.24 -37.30 27.91
C ILE N 220 7.43 -38.32 28.71
N TRP N 221 7.57 -39.59 28.37
CA TRP N 221 6.86 -40.67 29.04
C TRP N 221 7.85 -41.72 29.51
N THR N 222 7.76 -42.11 30.79
CA THR N 222 8.48 -43.25 31.32
C THR N 222 7.56 -44.02 32.25
N GLY N 223 7.65 -45.34 32.19
CA GLY N 223 6.80 -46.17 33.04
C GLY N 223 5.32 -46.02 32.77
N GLY N 224 4.94 -45.59 31.58
CA GLY N 224 3.54 -45.43 31.25
C GLY N 224 2.88 -44.20 31.80
N ALA N 225 3.66 -43.17 32.16
CA ALA N 225 3.11 -41.94 32.69
C ALA N 225 3.86 -40.75 32.10
N LEU N 226 3.15 -39.64 31.93
CA LEU N 226 3.73 -38.40 31.42
C LEU N 226 4.50 -37.71 32.55
N ARG N 227 5.82 -37.57 32.38
CA ARG N 227 6.67 -37.04 33.43
C ARG N 227 7.04 -35.57 33.24
N HIS N 228 7.29 -35.13 32.01
CA HIS N 228 7.65 -33.74 31.75
C HIS N 228 6.99 -33.24 30.48
N THR N 229 6.86 -31.92 30.40
CA THR N 229 6.27 -31.25 29.25
C THR N 229 7.03 -29.95 29.01
N GLU N 230 7.51 -29.76 27.78
CA GLU N 230 8.30 -28.58 27.43
C GLU N 230 7.93 -28.16 26.01
N VAL N 231 7.97 -26.85 25.76
CA VAL N 231 7.62 -26.28 24.47
C VAL N 231 8.66 -25.23 24.09
N PHE N 232 9.12 -25.28 22.84
CA PHE N 232 10.03 -24.30 22.28
C PHE N 232 9.40 -23.61 21.09
N SER N 233 9.70 -22.31 20.94
CA SER N 233 9.23 -21.53 19.79
C SER N 233 10.12 -21.65 18.56
N TYR N 234 11.12 -22.54 18.58
CA TYR N 234 12.05 -22.72 17.47
C TYR N 234 11.65 -23.98 16.72
N ALA N 235 10.88 -23.80 15.64
CA ALA N 235 10.48 -24.96 14.85
C ALA N 235 10.59 -24.66 13.35
N GLY N 236 9.58 -25.06 12.60
CA GLY N 236 9.51 -24.88 11.16
C GLY N 236 10.03 -23.56 10.64
N ASN N 237 9.35 -22.48 11.05
CA ASN N 237 9.59 -21.17 10.48
C ASN N 237 11.01 -20.67 10.70
N ALA N 238 11.69 -21.16 11.75
CA ALA N 238 13.04 -20.70 12.04
C ALA N 238 14.00 -21.01 10.91
N VAL N 239 14.05 -22.27 10.48
CA VAL N 239 14.94 -22.66 9.39
C VAL N 239 14.48 -22.08 8.05
N THR N 240 13.18 -21.83 7.91
CA THR N 240 12.68 -21.19 6.70
C THR N 240 13.30 -19.81 6.49
N SER N 241 13.33 -18.99 7.54
CA SER N 241 13.90 -17.66 7.40
C SER N 241 15.41 -17.73 7.11
N ASP N 242 16.12 -18.68 7.72
CA ASP N 242 17.55 -18.79 7.49
C ASP N 242 17.86 -19.14 6.04
N ILE N 243 17.08 -20.05 5.45
CA ILE N 243 17.26 -20.35 4.03
C ILE N 243 17.10 -19.08 3.22
N ALA N 244 16.07 -18.28 3.56
CA ALA N 244 15.88 -16.99 2.93
C ALA N 244 17.02 -16.04 3.28
N PHE N 245 17.59 -16.17 4.48
CA PHE N 245 18.61 -15.24 4.92
C PHE N 245 19.94 -15.49 4.25
N ALA N 246 20.23 -16.73 3.87
CA ALA N 246 21.52 -17.08 3.29
C ALA N 246 21.52 -17.07 1.78
N PHE N 247 20.35 -16.99 1.14
CA PHE N 247 20.26 -17.06 -0.31
C PHE N 247 19.66 -15.80 -0.93
N GLY N 248 19.22 -14.84 -0.12
CA GLY N 248 18.58 -13.66 -0.68
C GLY N 248 17.23 -13.93 -1.31
N THR N 249 16.47 -14.87 -0.76
CA THR N 249 15.19 -15.32 -1.27
C THR N 249 14.05 -14.79 -0.40
N PRO N 250 12.89 -14.46 -0.98
CA PRO N 250 11.72 -14.14 -0.16
C PRO N 250 11.17 -15.40 0.50
N LEU N 251 10.44 -15.18 1.61
CA LEU N 251 9.89 -16.30 2.38
C LEU N 251 8.98 -17.17 1.52
N SER N 252 8.11 -16.55 0.72
CA SER N 252 7.16 -17.31 -0.08
C SER N 252 7.85 -18.32 -0.98
N ASP N 253 9.08 -18.04 -1.38
CA ASP N 253 9.85 -18.98 -2.19
C ASP N 253 10.72 -19.90 -1.35
N ALA N 254 11.32 -19.37 -0.28
CA ALA N 254 12.19 -20.19 0.56
C ALA N 254 11.43 -21.34 1.21
N GLU N 255 10.17 -21.13 1.57
CA GLU N 255 9.36 -22.21 2.10
C GLU N 255 9.14 -23.30 1.07
N GLU N 256 8.78 -22.91 -0.16
CA GLU N 256 8.49 -23.89 -1.21
C GLU N 256 9.75 -24.69 -1.56
N ILE N 257 10.92 -24.07 -1.50
CA ILE N 257 12.17 -24.78 -1.77
C ILE N 257 12.41 -25.86 -0.71
N LYS N 258 12.11 -25.54 0.55
CA LYS N 258 12.31 -26.51 1.63
C LYS N 258 11.46 -27.76 1.41
N VAL N 259 10.19 -27.57 1.05
CA VAL N 259 9.25 -28.69 1.00
C VAL N 259 9.61 -29.64 -0.14
N LYS N 260 10.22 -29.14 -1.21
CA LYS N 260 10.48 -29.96 -2.38
C LYS N 260 11.95 -30.32 -2.58
N TYR N 261 12.88 -29.57 -1.99
CA TYR N 261 14.30 -29.83 -2.19
C TYR N 261 15.10 -29.87 -0.89
N GLY N 262 14.46 -29.73 0.27
CA GLY N 262 15.21 -29.66 1.51
C GLY N 262 15.66 -31.03 2.01
N CYS N 263 16.79 -31.03 2.71
CA CYS N 263 17.33 -32.22 3.33
C CYS N 263 17.99 -31.87 4.66
N ALA N 264 17.75 -32.71 5.67
CA ALA N 264 18.27 -32.49 7.01
C ALA N 264 19.69 -32.99 7.22
N LEU N 265 20.26 -33.74 6.27
CA LEU N 265 21.62 -34.24 6.36
C LEU N 265 22.41 -33.79 5.14
N SER N 266 23.54 -33.12 5.37
CA SER N 266 24.36 -32.56 4.31
C SER N 266 25.23 -33.61 3.60
N GLU N 267 24.91 -34.89 3.71
CA GLU N 267 25.63 -35.92 2.97
C GLU N 267 24.74 -36.83 2.12
N LEU N 268 23.44 -36.89 2.37
CA LEU N 268 22.55 -37.74 1.59
C LEU N 268 22.21 -37.17 0.22
N VAL N 269 22.38 -35.87 0.01
CA VAL N 269 22.04 -35.26 -1.27
C VAL N 269 23.26 -35.32 -2.20
N SER N 270 23.01 -35.67 -3.45
CA SER N 270 24.08 -35.77 -4.44
C SER N 270 24.47 -34.39 -4.93
N LYS N 271 25.74 -34.25 -5.33
CA LYS N 271 26.28 -32.94 -5.68
C LYS N 271 25.71 -32.43 -7.00
N ASP N 272 25.40 -33.31 -7.94
CA ASP N 272 24.89 -32.88 -9.23
C ASP N 272 23.42 -32.43 -9.18
N ASP N 273 22.74 -32.63 -8.05
CA ASP N 273 21.39 -32.11 -7.90
C ASP N 273 21.44 -30.59 -7.77
N THR N 274 20.56 -29.91 -8.47
CA THR N 274 20.55 -28.45 -8.52
C THR N 274 19.13 -27.92 -8.31
N VAL N 275 19.06 -26.68 -7.85
CA VAL N 275 17.78 -26.04 -7.56
C VAL N 275 17.54 -24.94 -8.60
N ASN N 276 16.30 -24.46 -8.64
CA ASN N 276 15.90 -23.35 -9.49
C ASN N 276 15.25 -22.31 -8.58
N VAL N 277 16.08 -21.56 -7.87
CA VAL N 277 15.60 -20.59 -6.87
C VAL N 277 15.41 -19.25 -7.54
N PRO N 278 14.21 -18.68 -7.54
CA PRO N 278 14.02 -17.31 -8.02
C PRO N 278 14.49 -16.31 -6.97
N SER N 279 14.61 -15.06 -7.40
CA SER N 279 15.09 -13.98 -6.55
C SER N 279 14.08 -12.84 -6.53
N VAL N 280 14.26 -11.93 -5.58
CA VAL N 280 13.39 -10.76 -5.46
C VAL N 280 13.80 -9.73 -6.50
N GLY N 281 12.82 -9.05 -7.08
CA GLY N 281 13.06 -8.02 -8.06
C GLY N 281 12.94 -8.43 -9.51
N GLY N 282 12.45 -9.63 -9.78
CA GLY N 282 12.29 -10.06 -11.16
C GLY N 282 13.57 -10.41 -11.88
N ARG N 283 14.66 -10.67 -11.14
CA ARG N 283 15.97 -11.06 -11.64
C ARG N 283 16.00 -12.57 -11.87
N PRO N 284 16.76 -13.08 -12.84
CA PRO N 284 16.66 -14.51 -13.17
C PRO N 284 17.20 -15.39 -12.06
N SER N 285 16.84 -16.67 -12.14
CA SER N 285 17.12 -17.62 -11.08
C SER N 285 18.61 -17.89 -10.96
N ARG N 286 19.05 -18.13 -9.73
CA ARG N 286 20.43 -18.50 -9.44
C ARG N 286 20.48 -20.01 -9.24
N SER N 287 20.56 -20.73 -10.35
CA SER N 287 20.57 -22.19 -10.34
C SER N 287 21.63 -22.72 -9.38
N LEU N 288 21.27 -22.82 -8.11
CA LEU N 288 22.20 -23.19 -7.05
C LEU N 288 22.22 -24.70 -6.82
N GLN N 289 23.23 -25.16 -6.11
CA GLN N 289 23.41 -26.57 -5.85
C GLN N 289 22.58 -27.00 -4.64
N ARG N 290 21.88 -28.13 -4.77
CA ARG N 290 20.99 -28.59 -3.70
C ARG N 290 21.76 -28.93 -2.43
N GLN N 291 23.03 -29.29 -2.55
CA GLN N 291 23.83 -29.59 -1.37
C GLN N 291 24.03 -28.35 -0.50
N THR N 292 24.21 -27.19 -1.13
CA THR N 292 24.36 -25.95 -0.37
C THR N 292 23.10 -25.65 0.44
N LEU N 293 21.92 -25.98 -0.11
CA LEU N 293 20.68 -25.78 0.62
C LEU N 293 20.62 -26.66 1.86
N ALA N 294 20.96 -27.95 1.71
CA ALA N 294 20.97 -28.86 2.85
C ALA N 294 22.02 -28.47 3.87
N GLU N 295 23.10 -27.81 3.44
CA GLU N 295 24.13 -27.34 4.36
C GLU N 295 23.63 -26.22 5.26
N VAL N 296 22.49 -25.61 4.96
CA VAL N 296 21.91 -24.57 5.78
C VAL N 296 20.84 -25.20 6.67
N ILE N 297 20.15 -26.21 6.14
CA ILE N 297 19.08 -26.86 6.88
C ILE N 297 19.65 -27.80 7.95
N GLU N 298 20.80 -28.40 7.68
CA GLU N 298 21.40 -29.33 8.65
C GLU N 298 21.71 -28.68 9.99
N PRO N 299 22.42 -27.55 10.07
CA PRO N 299 22.74 -27.00 11.40
C PRO N 299 21.53 -26.66 12.24
N ARG N 300 20.41 -26.25 11.62
CA ARG N 300 19.22 -25.92 12.40
C ARG N 300 18.57 -27.16 12.99
N TYR N 301 18.34 -28.18 12.16
CA TYR N 301 17.72 -29.40 12.68
C TYR N 301 18.61 -30.08 13.72
N THR N 302 19.93 -30.05 13.51
CA THR N 302 20.84 -30.60 14.50
C THR N 302 20.79 -29.79 15.80
N GLU N 303 20.71 -28.46 15.69
CA GLU N 303 20.60 -27.62 16.88
C GLU N 303 19.22 -27.75 17.53
N LEU N 304 18.16 -27.83 16.71
CA LEU N 304 16.81 -27.98 17.25
C LEU N 304 16.68 -29.25 18.09
N MET N 305 17.28 -30.36 17.63
CA MET N 305 17.23 -31.59 18.41
C MET N 305 18.09 -31.48 19.67
N GLY N 306 19.16 -30.68 19.63
CA GLY N 306 19.97 -30.48 20.81
C GLY N 306 19.20 -29.91 21.98
N LEU N 307 18.22 -29.04 21.71
CA LEU N 307 17.35 -28.55 22.76
C LEU N 307 16.50 -29.68 23.34
N VAL N 308 16.05 -30.60 22.49
CA VAL N 308 15.32 -31.76 22.98
C VAL N 308 16.26 -32.67 23.76
N ASN N 309 17.48 -32.88 23.25
CA ASN N 309 18.46 -33.73 23.93
C ASN N 309 18.79 -33.16 25.32
N GLN N 310 19.01 -31.85 25.40
CA GLN N 310 19.30 -31.23 26.69
C GLN N 310 18.13 -31.38 27.64
N THR N 311 16.90 -31.28 27.14
CA THR N 311 15.73 -31.49 27.99
C THR N 311 15.68 -32.92 28.51
N ILE N 312 15.96 -33.91 27.65
CA ILE N 312 15.96 -35.30 28.09
C ILE N 312 17.01 -35.51 29.17
N ASP N 313 18.21 -34.97 28.98
CA ASP N 313 19.28 -35.15 29.96
C ASP N 313 18.92 -34.47 31.28
N ASN N 314 18.34 -33.27 31.22
CA ASN N 314 17.97 -32.57 32.44
C ASN N 314 16.81 -33.24 33.15
N VAL N 315 15.92 -33.88 32.41
CA VAL N 315 14.82 -34.60 33.06
C VAL N 315 15.31 -35.90 33.65
N GLN N 316 16.15 -36.64 32.91
CA GLN N 316 16.68 -37.91 33.42
C GLN N 316 17.54 -37.71 34.65
N ALA N 317 18.27 -36.58 34.72
CA ALA N 317 19.10 -36.32 35.89
C ALA N 317 18.25 -36.13 37.15
N LYS N 318 17.27 -35.23 37.09
CA LYS N 318 16.35 -35.04 38.20
C LYS N 318 15.49 -36.26 38.44
N LEU N 319 15.30 -37.09 37.41
CA LEU N 319 14.46 -38.28 37.52
C LEU N 319 15.12 -39.37 38.37
N ARG N 320 16.45 -39.37 38.44
CA ARG N 320 17.16 -40.36 39.25
C ARG N 320 17.24 -39.92 40.71
N GLU N 321 17.19 -38.61 40.97
CA GLU N 321 17.20 -38.12 42.35
C GLU N 321 15.90 -38.41 43.06
N ASN N 322 14.93 -39.02 42.38
CA ASN N 322 13.61 -39.31 42.93
C ASN N 322 13.20 -40.76 42.64
N GLY N 323 14.19 -41.62 42.40
CA GLY N 323 14.00 -43.01 41.99
C GLY N 323 12.75 -43.39 41.23
N VAL N 324 12.83 -43.37 39.89
CA VAL N 324 11.78 -43.79 38.97
C VAL N 324 12.45 -44.12 37.63
N LYS N 325 11.68 -44.77 36.73
CA LYS N 325 12.21 -45.27 35.47
C LYS N 325 12.96 -44.17 34.72
N HIS N 326 14.26 -44.38 34.51
CA HIS N 326 15.12 -43.30 34.06
C HIS N 326 15.51 -43.34 32.58
N HIS N 327 15.40 -44.48 31.91
CA HIS N 327 15.85 -44.58 30.53
C HIS N 327 14.66 -44.59 29.56
N LEU N 328 14.91 -44.05 28.37
CA LEU N 328 13.93 -44.06 27.28
C LEU N 328 14.36 -45.15 26.30
N ALA N 329 13.73 -46.32 26.41
CA ALA N 329 14.15 -47.46 25.60
C ALA N 329 13.72 -47.31 24.15
N ALA N 330 12.44 -47.00 23.92
CA ALA N 330 11.93 -46.87 22.56
C ALA N 330 12.40 -45.60 21.87
N GLY N 331 13.13 -44.72 22.55
CA GLY N 331 13.74 -43.57 21.91
C GLY N 331 12.76 -42.41 21.70
N VAL N 332 12.99 -41.68 20.62
CA VAL N 332 12.27 -40.45 20.31
C VAL N 332 11.49 -40.63 19.02
N VAL N 333 10.29 -40.06 18.97
CA VAL N 333 9.40 -40.15 17.81
C VAL N 333 9.08 -38.73 17.34
N LEU N 334 9.47 -38.43 16.11
CA LEU N 334 9.17 -37.14 15.50
C LEU N 334 7.80 -37.16 14.85
N THR N 335 7.08 -36.03 14.96
CA THR N 335 5.77 -35.89 14.34
C THR N 335 5.59 -34.42 13.98
N GLY N 336 4.46 -34.11 13.35
CA GLY N 336 4.22 -32.75 12.90
C GLY N 336 4.64 -32.55 11.45
N GLY N 337 4.55 -31.28 11.04
CA GLY N 337 4.85 -30.96 9.66
C GLY N 337 6.34 -31.02 9.35
N ALA N 338 7.15 -30.34 10.15
CA ALA N 338 8.59 -30.26 9.88
C ALA N 338 9.31 -31.59 10.04
N ALA N 339 8.62 -32.65 10.49
CA ALA N 339 9.19 -33.98 10.51
C ALA N 339 9.13 -34.68 9.15
N GLN N 340 8.64 -33.99 8.11
CA GLN N 340 8.49 -34.58 6.79
C GLN N 340 9.70 -34.37 5.90
N ILE N 341 10.63 -33.50 6.27
CA ILE N 341 11.79 -33.24 5.42
C ILE N 341 12.67 -34.48 5.38
N GLU N 342 13.41 -34.62 4.28
CA GLU N 342 14.25 -35.80 4.09
C GLU N 342 15.45 -35.76 5.02
N GLY N 343 15.65 -36.83 5.77
CA GLY N 343 16.79 -36.94 6.65
C GLY N 343 16.57 -36.54 8.09
N VAL N 344 15.31 -36.50 8.56
CA VAL N 344 15.05 -36.17 9.95
C VAL N 344 15.64 -37.23 10.87
N VAL N 345 15.33 -38.50 10.61
CA VAL N 345 15.82 -39.58 11.45
C VAL N 345 17.34 -39.69 11.38
N GLU N 346 17.92 -39.30 10.25
CA GLU N 346 19.37 -39.47 10.05
C GLU N 346 20.17 -38.49 10.90
N CYS N 347 19.75 -37.23 10.95
CA CYS N 347 20.45 -36.25 11.77
C CYS N 347 19.97 -36.27 13.22
N ALA N 348 18.98 -37.12 13.53
CA ALA N 348 18.55 -37.34 14.90
C ALA N 348 19.29 -38.50 15.56
N GLU N 349 19.55 -39.57 14.81
CA GLU N 349 20.33 -40.69 15.33
C GLU N 349 21.76 -40.30 15.70
N ARG N 350 22.26 -39.17 15.17
CA ARG N 350 23.62 -38.77 15.53
C ARG N 350 23.65 -38.06 16.88
N VAL N 351 22.58 -37.38 17.26
CA VAL N 351 22.51 -36.65 18.52
C VAL N 351 21.84 -37.49 19.60
N PHE N 352 20.84 -38.29 19.23
CA PHE N 352 20.14 -39.18 20.14
C PHE N 352 20.77 -40.57 20.05
N ARG N 353 21.13 -41.13 21.21
CA ARG N 353 21.80 -42.41 21.25
C ARG N 353 20.84 -43.59 21.17
N ASN N 354 19.56 -43.35 20.91
CA ASN N 354 18.56 -44.40 20.85
C ASN N 354 17.90 -44.44 19.47
N GLN N 355 16.97 -45.37 19.30
CA GLN N 355 16.24 -45.52 18.06
C GLN N 355 15.32 -44.33 17.84
N VAL N 356 15.20 -43.91 16.57
CA VAL N 356 14.45 -42.73 16.18
C VAL N 356 13.55 -43.10 15.01
N ARG N 357 12.31 -42.61 15.02
CA ARG N 357 11.35 -42.88 13.96
C ARG N 357 10.49 -41.65 13.71
N VAL N 358 9.70 -41.72 12.64
CA VAL N 358 8.75 -40.68 12.25
C VAL N 358 7.34 -41.26 12.41
N GLY N 359 6.62 -40.81 13.43
CA GLY N 359 5.33 -41.37 13.77
C GLY N 359 4.18 -40.75 12.98
N LYS N 360 3.28 -41.60 12.52
CA LYS N 360 2.05 -41.23 11.84
C LYS N 360 0.85 -41.54 12.71
N PRO N 361 -0.31 -40.94 12.43
CA PRO N 361 -1.51 -41.22 13.26
C PRO N 361 -1.84 -42.71 13.33
N LEU N 362 -2.15 -43.16 14.54
CA LEU N 362 -2.47 -44.54 14.84
C LEU N 362 -3.91 -44.64 15.34
N GLU N 363 -4.40 -45.87 15.43
CA GLU N 363 -5.76 -46.18 15.87
C GLU N 363 -6.78 -45.30 15.16
N VAL N 364 -6.77 -45.39 13.83
CA VAL N 364 -7.67 -44.63 12.98
C VAL N 364 -8.49 -45.59 12.12
N SER N 365 -9.72 -45.19 11.83
CA SER N 365 -10.62 -45.97 10.99
C SER N 365 -11.38 -45.04 10.06
N GLY N 366 -11.47 -45.42 8.79
CA GLY N 366 -12.22 -44.66 7.81
C GLY N 366 -11.58 -43.36 7.35
N LEU N 367 -11.61 -43.12 6.03
CA LEU N 367 -11.06 -41.92 5.41
C LEU N 367 -9.61 -41.72 5.83
N THR N 368 -8.86 -42.82 5.88
CA THR N 368 -7.46 -42.79 6.31
C THR N 368 -6.52 -42.25 5.24
N ASP N 369 -7.02 -41.56 4.21
CA ASP N 369 -6.15 -40.98 3.19
C ASP N 369 -5.82 -39.51 3.43
N TYR N 370 -6.74 -38.73 4.01
CA TYR N 370 -6.46 -37.36 4.38
C TYR N 370 -6.08 -37.23 5.85
N VAL N 371 -5.90 -38.37 6.53
CA VAL N 371 -5.50 -38.39 7.93
C VAL N 371 -4.37 -39.41 8.02
N LYS N 372 -3.30 -39.16 7.30
CA LYS N 372 -2.14 -40.06 7.27
C LYS N 372 -0.83 -39.36 7.61
N GLU N 373 -0.64 -38.14 7.13
CA GLU N 373 0.64 -37.46 7.30
C GLU N 373 0.78 -36.94 8.74
N PRO N 374 2.02 -36.82 9.22
CA PRO N 374 2.23 -36.50 10.64
C PRO N 374 1.64 -35.16 11.08
N TYR N 375 1.48 -34.19 10.18
CA TYR N 375 0.96 -32.89 10.62
C TYR N 375 -0.49 -32.95 11.05
N HIS N 376 -1.18 -34.09 10.84
CA HIS N 376 -2.53 -34.29 11.33
C HIS N 376 -2.58 -34.88 12.73
N SER N 377 -1.43 -35.26 13.31
CA SER N 377 -1.42 -35.95 14.59
C SER N 377 -2.09 -35.14 15.69
N THR N 378 -1.73 -33.86 15.80
CA THR N 378 -2.32 -33.02 16.84
C THR N 378 -3.84 -32.98 16.73
N ALA N 379 -4.37 -33.05 15.51
CA ALA N 379 -5.82 -33.05 15.33
C ALA N 379 -6.42 -34.40 15.74
N VAL N 380 -5.80 -35.50 15.29
CA VAL N 380 -6.35 -36.83 15.60
C VAL N 380 -6.19 -37.16 17.08
N GLY N 381 -5.22 -36.55 17.75
CA GLY N 381 -5.12 -36.73 19.20
C GLY N 381 -6.28 -36.12 19.93
N LEU N 382 -6.85 -35.05 19.38
CA LEU N 382 -8.07 -34.46 19.94
C LEU N 382 -9.23 -35.46 19.89
N LEU N 383 -9.28 -36.29 18.85
CA LEU N 383 -10.31 -37.33 18.79
C LEU N 383 -10.07 -38.40 19.84
N HIS N 384 -8.81 -38.80 20.04
CA HIS N 384 -8.48 -39.79 21.06
C HIS N 384 -8.84 -39.28 22.45
N TYR N 385 -8.45 -38.04 22.77
CA TYR N 385 -8.69 -37.51 24.11
C TYR N 385 -10.18 -37.37 24.40
N ALA N 386 -10.94 -36.81 23.45
CA ALA N 386 -12.36 -36.59 23.70
C ALA N 386 -13.14 -37.89 23.83
N ARG N 387 -12.63 -39.00 23.29
CA ARG N 387 -13.27 -40.31 23.44
C ARG N 387 -13.02 -40.86 24.85
N ASP N 388 -13.47 -40.09 25.84
CA ASP N 388 -13.30 -40.44 27.25
C ASP N 388 -14.60 -40.19 28.00
N SER N 389 -15.01 -41.17 28.80
CA SER N 389 -16.22 -41.06 29.59
C SER N 389 -16.04 -41.69 30.97
N ASN O 8 -17.54 3.39 -66.80
CA ASN O 8 -18.03 3.63 -65.45
C ASN O 8 -16.86 3.67 -64.46
N ILE O 9 -16.27 2.50 -64.19
CA ILE O 9 -15.14 2.37 -63.28
C ILE O 9 -13.96 1.81 -64.06
N ILE O 10 -12.77 2.33 -63.80
CA ILE O 10 -11.54 1.95 -64.49
C ILE O 10 -10.48 1.65 -63.45
N VAL O 11 -9.68 0.61 -63.69
CA VAL O 11 -8.75 0.09 -62.70
C VAL O 11 -7.43 -0.33 -63.35
N GLY O 12 -6.32 0.03 -62.70
CA GLY O 12 -5.01 -0.40 -63.10
C GLY O 12 -4.45 -1.48 -62.17
N LEU O 13 -3.28 -2.02 -62.56
CA LEU O 13 -2.65 -3.10 -61.78
C LEU O 13 -1.18 -3.20 -62.19
N ASP O 14 -0.33 -2.42 -61.51
CA ASP O 14 1.12 -2.45 -61.72
C ASP O 14 1.71 -3.52 -60.81
N ILE O 15 1.80 -4.75 -61.32
CA ILE O 15 2.40 -5.86 -60.59
C ILE O 15 3.91 -5.78 -60.68
N GLY O 16 4.53 -5.06 -59.74
CA GLY O 16 5.96 -4.85 -59.78
C GLY O 16 6.76 -5.98 -59.12
N THR O 17 8.07 -5.96 -59.37
CA THR O 17 8.97 -6.97 -58.80
C THR O 17 9.14 -6.81 -57.29
N ALA O 18 8.94 -5.61 -56.76
CA ALA O 18 9.07 -5.35 -55.32
C ALA O 18 7.76 -4.94 -54.69
N THR O 19 7.08 -3.94 -55.25
CA THR O 19 5.81 -3.46 -54.71
C THR O 19 4.72 -3.65 -55.76
N VAL O 20 3.54 -4.02 -55.30
CA VAL O 20 2.37 -4.17 -56.16
C VAL O 20 1.46 -2.97 -55.94
N SER O 21 1.21 -2.22 -56.99
CA SER O 21 0.30 -1.09 -56.94
C SER O 21 -1.01 -1.46 -57.60
N ALA O 22 -2.11 -0.97 -57.04
CA ALA O 22 -3.44 -1.28 -57.57
C ALA O 22 -4.32 -0.06 -57.34
N LEU O 23 -4.68 0.62 -58.42
CA LEU O 23 -5.48 1.83 -58.35
C LEU O 23 -6.81 1.61 -59.04
N VAL O 24 -7.83 2.30 -58.53
CA VAL O 24 -9.19 2.25 -59.06
C VAL O 24 -9.62 3.67 -59.37
N GLY O 25 -10.36 3.84 -60.46
CA GLY O 25 -10.84 5.17 -60.81
C GLY O 25 -12.12 5.11 -61.61
N GLU O 26 -12.75 6.29 -61.73
CA GLU O 26 -13.95 6.46 -62.53
C GLU O 26 -13.71 7.53 -63.57
N VAL O 27 -14.26 7.32 -64.77
CA VAL O 27 -14.10 8.29 -65.85
C VAL O 27 -15.11 9.42 -65.67
N LEU O 28 -14.60 10.64 -65.51
CA LEU O 28 -15.46 11.80 -65.38
C LEU O 28 -15.91 12.29 -66.76
N PRO O 29 -17.07 12.95 -66.84
CA PRO O 29 -17.59 13.36 -68.16
C PRO O 29 -16.64 14.21 -68.98
N ASP O 30 -15.86 15.09 -68.33
CA ASP O 30 -14.95 15.94 -69.08
C ASP O 30 -13.78 15.15 -69.66
N GLY O 31 -13.30 14.16 -68.92
CA GLY O 31 -12.20 13.34 -69.38
C GLY O 31 -11.20 12.99 -68.29
N GLN O 32 -10.99 13.94 -67.37
CA GLN O 32 -10.07 13.73 -66.26
C GLN O 32 -10.52 12.55 -65.41
N VAL O 33 -9.59 11.63 -65.17
CA VAL O 33 -9.87 10.46 -64.35
C VAL O 33 -9.47 10.78 -62.91
N ASN O 34 -10.41 10.56 -61.98
CA ASN O 34 -10.16 10.77 -60.56
C ASN O 34 -10.02 9.43 -59.84
N ILE O 35 -9.09 9.39 -58.90
CA ILE O 35 -8.76 8.17 -58.19
C ILE O 35 -9.77 7.97 -57.05
N ILE O 36 -10.28 6.76 -56.92
CA ILE O 36 -11.28 6.44 -55.91
C ILE O 36 -10.67 5.75 -54.71
N GLY O 37 -9.66 4.90 -54.95
CA GLY O 37 -9.01 4.15 -53.90
C GLY O 37 -7.68 3.57 -54.35
N ALA O 38 -6.69 3.56 -53.47
CA ALA O 38 -5.39 2.99 -53.78
C ALA O 38 -5.22 1.66 -53.05
N GLY O 39 -4.05 1.06 -53.24
CA GLY O 39 -3.73 -0.22 -52.62
C GLY O 39 -2.31 -0.64 -52.96
N SER O 40 -1.56 -1.04 -51.95
CA SER O 40 -0.16 -1.41 -52.14
C SER O 40 0.18 -2.58 -51.24
N SER O 41 1.14 -3.38 -51.69
CA SER O 41 1.59 -4.56 -50.96
C SER O 41 2.91 -5.07 -51.54
N PRO O 42 3.88 -5.42 -50.71
CA PRO O 42 5.13 -5.95 -51.25
C PRO O 42 4.90 -7.29 -51.95
N SER O 43 5.59 -7.47 -53.07
CA SER O 43 5.39 -8.64 -53.91
C SER O 43 6.55 -9.60 -53.72
N ARG O 44 6.23 -10.82 -53.28
CA ARG O 44 7.20 -11.89 -53.21
C ARG O 44 6.98 -12.85 -54.36
N GLY O 45 8.07 -13.39 -54.90
CA GLY O 45 7.99 -14.28 -56.02
C GLY O 45 8.05 -13.61 -57.38
N MET O 46 8.75 -12.48 -57.48
CA MET O 46 8.92 -11.78 -58.74
C MET O 46 10.37 -11.37 -58.92
N ASP O 47 10.84 -11.40 -60.16
CA ASP O 47 12.21 -11.00 -60.47
C ASP O 47 12.29 -10.65 -61.94
N LYS O 48 12.81 -9.45 -62.24
CA LYS O 48 13.02 -8.99 -63.62
C LYS O 48 11.72 -9.05 -64.43
N GLY O 49 10.64 -8.55 -63.83
CA GLY O 49 9.37 -8.46 -64.52
C GLY O 49 8.66 -9.76 -64.80
N GLY O 50 9.24 -10.90 -64.40
CA GLY O 50 8.64 -12.19 -64.66
C GLY O 50 8.24 -12.90 -63.37
N VAL O 51 7.44 -13.95 -63.54
CA VAL O 51 6.93 -14.71 -62.41
C VAL O 51 8.03 -15.59 -61.84
N ASN O 52 8.10 -15.67 -60.52
CA ASN O 52 9.13 -16.47 -59.85
C ASN O 52 8.51 -17.43 -58.85
N ASP O 53 7.34 -17.08 -58.30
CA ASP O 53 6.63 -17.98 -57.39
C ASP O 53 5.14 -17.65 -57.48
N LEU O 54 4.39 -18.46 -58.24
CA LEU O 54 3.01 -18.09 -58.55
C LEU O 54 2.17 -17.91 -57.29
N GLU O 55 2.32 -18.79 -56.31
CA GLU O 55 1.49 -18.65 -55.10
C GLU O 55 1.90 -17.43 -54.30
N SER O 56 3.16 -17.00 -54.40
CA SER O 56 3.59 -15.83 -53.65
C SER O 56 3.08 -14.55 -54.32
N VAL O 57 3.05 -14.50 -55.65
CA VAL O 57 2.49 -13.34 -56.34
C VAL O 57 0.97 -13.35 -56.28
N VAL O 58 0.35 -14.54 -56.36
CA VAL O 58 -1.11 -14.61 -56.27
C VAL O 58 -1.58 -14.07 -54.93
N LYS O 59 -0.86 -14.40 -53.85
CA LYS O 59 -1.18 -13.78 -52.57
C LYS O 59 -0.94 -12.28 -52.62
N SER O 60 0.15 -11.87 -53.29
CA SER O 60 0.49 -10.45 -53.40
C SER O 60 -0.55 -9.71 -54.25
N VAL O 61 -1.02 -10.34 -55.32
CA VAL O 61 -1.99 -9.69 -56.19
C VAL O 61 -3.30 -9.44 -55.43
N GLN O 62 -3.68 -10.37 -54.55
CA GLN O 62 -4.88 -10.17 -53.76
C GLN O 62 -4.68 -9.21 -52.59
N ARG O 63 -3.47 -9.15 -52.03
CA ARG O 63 -3.22 -8.24 -50.90
C ARG O 63 -3.48 -6.79 -51.29
N ALA O 64 -3.05 -6.39 -52.49
CA ALA O 64 -3.25 -5.00 -52.91
C ALA O 64 -4.67 -4.78 -53.42
N VAL O 65 -5.23 -5.74 -54.15
CA VAL O 65 -6.57 -5.55 -54.71
C VAL O 65 -7.63 -5.61 -53.61
N ASP O 66 -7.35 -6.32 -52.51
CA ASP O 66 -8.31 -6.37 -51.42
C ASP O 66 -8.29 -5.07 -50.63
N GLN O 67 -7.10 -4.49 -50.42
CA GLN O 67 -7.01 -3.20 -49.77
C GLN O 67 -7.63 -2.11 -50.64
N ALA O 68 -7.61 -2.30 -51.96
CA ALA O 68 -8.28 -1.38 -52.88
C ALA O 68 -9.78 -1.63 -52.99
N GLU O 69 -10.23 -2.88 -52.86
CA GLU O 69 -11.66 -3.17 -53.00
C GLU O 69 -12.48 -2.49 -51.90
N LEU O 70 -11.93 -2.32 -50.71
CA LEU O 70 -12.68 -1.67 -49.64
C LEU O 70 -12.42 -0.16 -49.60
N MET O 71 -11.20 0.27 -49.90
CA MET O 71 -10.86 1.68 -49.93
C MET O 71 -11.54 2.40 -51.09
N ALA O 72 -12.29 1.64 -51.91
CA ALA O 72 -13.05 2.18 -53.02
C ALA O 72 -14.52 1.83 -52.96
N GLU O 73 -14.95 1.10 -51.93
CA GLU O 73 -16.35 0.72 -51.69
C GLU O 73 -16.99 0.11 -52.94
N CYS O 74 -16.26 -0.79 -53.58
CA CYS O 74 -16.76 -1.47 -54.77
C CYS O 74 -15.96 -2.76 -54.98
N GLN O 75 -16.61 -3.73 -55.60
CA GLN O 75 -15.98 -5.03 -55.88
C GLN O 75 -15.31 -5.01 -57.25
N ILE O 76 -14.09 -5.54 -57.30
CA ILE O 76 -13.28 -5.56 -58.52
C ILE O 76 -13.64 -6.78 -59.34
N SER O 77 -13.76 -6.60 -60.67
CA SER O 77 -14.14 -7.66 -61.59
C SER O 77 -13.22 -7.79 -62.80
N SER O 78 -12.73 -6.67 -63.33
CA SER O 78 -11.83 -6.68 -64.48
C SER O 78 -10.69 -5.72 -64.19
N VAL O 79 -9.49 -6.03 -64.70
CA VAL O 79 -8.29 -5.25 -64.38
C VAL O 79 -7.47 -5.01 -65.63
N PHE O 80 -6.71 -3.91 -65.63
CA PHE O 80 -5.67 -3.62 -66.60
C PHE O 80 -4.32 -3.80 -65.93
N ILE O 81 -3.50 -4.70 -66.48
CA ILE O 81 -2.23 -5.07 -65.88
C ILE O 81 -1.07 -4.58 -66.74
N SER O 82 0.04 -4.27 -66.09
CA SER O 82 1.28 -3.90 -66.76
C SER O 82 2.13 -5.14 -67.02
N LEU O 83 3.16 -4.99 -67.86
CA LEU O 83 4.03 -6.09 -68.22
C LEU O 83 5.39 -5.55 -68.63
N SER O 84 6.45 -6.25 -68.20
CA SER O 84 7.82 -5.85 -68.52
C SER O 84 8.69 -7.10 -68.65
N GLY O 85 9.94 -6.89 -68.98
CA GLY O 85 10.92 -7.96 -69.12
C GLY O 85 11.83 -7.74 -70.31
N LYS O 86 12.97 -8.42 -70.28
CA LYS O 86 13.92 -8.36 -71.39
C LYS O 86 13.29 -8.81 -72.70
N HIS O 87 12.24 -9.64 -72.64
CA HIS O 87 11.61 -10.19 -73.83
C HIS O 87 10.82 -9.15 -74.63
N ILE O 88 10.62 -7.94 -74.09
CA ILE O 88 9.87 -6.93 -74.83
C ILE O 88 10.69 -6.49 -76.04
N ALA O 89 10.04 -6.43 -77.18
CA ALA O 89 10.71 -6.03 -78.42
C ALA O 89 9.82 -5.05 -79.17
N SER O 90 10.46 -4.27 -80.04
CA SER O 90 9.78 -3.26 -80.83
C SER O 90 10.08 -3.51 -82.30
N ARG O 91 9.07 -3.33 -83.14
CA ARG O 91 9.20 -3.54 -84.57
C ARG O 91 8.57 -2.37 -85.32
N ILE O 92 9.10 -2.12 -86.52
CA ILE O 92 8.58 -1.08 -87.39
C ILE O 92 8.26 -1.73 -88.72
N GLU O 93 6.98 -1.74 -89.08
CA GLU O 93 6.52 -2.35 -90.32
C GLU O 93 5.58 -1.39 -91.02
N LYS O 94 5.78 -1.19 -92.30
CA LYS O 94 4.95 -0.29 -93.07
C LYS O 94 3.85 -1.05 -93.81
N GLY O 95 2.79 -0.33 -94.15
CA GLY O 95 1.68 -0.91 -94.88
C GLY O 95 1.01 0.14 -95.73
N MET O 96 0.05 -0.32 -96.53
CA MET O 96 -0.66 0.55 -97.44
C MET O 96 -2.09 0.05 -97.58
N GLY O 97 -2.94 0.90 -98.15
CA GLY O 97 -4.35 0.59 -98.31
C GLY O 97 -4.98 1.61 -99.21
N THR O 98 -6.08 1.20 -99.83
CA THR O 98 -6.75 2.09 -100.76
C THR O 98 -7.46 3.20 -100.00
N ILE O 99 -7.55 4.36 -100.63
CA ILE O 99 -8.26 5.50 -100.06
C ILE O 99 -9.58 5.58 -100.82
N SER O 100 -10.56 4.82 -100.35
CA SER O 100 -11.85 4.72 -101.00
C SER O 100 -12.60 6.05 -100.88
N GLU O 101 -13.36 6.39 -101.92
CA GLU O 101 -14.11 7.66 -102.05
C GLU O 101 -13.21 8.86 -101.73
N GLU O 102 -11.94 8.75 -102.11
CA GLU O 102 -10.95 9.82 -102.04
C GLU O 102 -11.00 10.64 -100.74
N GLU O 103 -11.35 10.01 -99.63
CA GLU O 103 -11.45 10.70 -98.35
C GLU O 103 -10.96 9.81 -97.22
N VAL O 104 -10.10 10.36 -96.36
CA VAL O 104 -9.49 9.59 -95.28
C VAL O 104 -10.51 9.32 -94.17
N SER O 105 -11.45 8.43 -94.45
CA SER O 105 -12.39 8.02 -93.43
C SER O 105 -11.71 7.08 -92.43
N GLN O 106 -12.29 6.98 -91.22
CA GLN O 106 -11.71 6.12 -90.19
C GLN O 106 -11.64 4.67 -90.64
N ASP O 107 -12.59 4.23 -91.46
CA ASP O 107 -12.52 2.89 -92.03
C ASP O 107 -11.26 2.72 -92.88
N ASP O 108 -10.78 3.80 -93.49
CA ASP O 108 -9.53 3.74 -94.23
C ASP O 108 -8.33 3.60 -93.30
N MET O 109 -8.37 4.17 -92.09
CA MET O 109 -7.25 3.94 -91.18
C MET O 109 -7.25 2.51 -90.67
N ASP O 110 -8.43 1.88 -90.57
CA ASP O 110 -8.46 0.50 -90.10
C ASP O 110 -8.06 -0.46 -91.20
N ARG O 111 -8.31 -0.11 -92.46
CA ARG O 111 -7.92 -0.96 -93.57
C ARG O 111 -6.40 -0.94 -93.76
N ALA O 112 -5.81 0.26 -93.78
CA ALA O 112 -4.38 0.40 -94.02
C ALA O 112 -3.52 -0.15 -92.88
N ILE O 113 -3.97 0.04 -91.63
CA ILE O 113 -3.18 -0.43 -90.49
C ILE O 113 -3.20 -1.94 -90.40
N HIS O 114 -4.33 -2.57 -90.73
CA HIS O 114 -4.44 -4.02 -90.66
C HIS O 114 -3.36 -4.68 -91.52
N THR O 115 -3.06 -4.10 -92.68
CA THR O 115 -2.03 -4.67 -93.55
C THR O 115 -0.65 -4.59 -92.91
N ALA O 116 -0.30 -3.43 -92.35
CA ALA O 116 1.01 -3.28 -91.71
C ALA O 116 1.13 -4.10 -90.44
N LYS O 117 0.01 -4.40 -89.77
CA LYS O 117 0.07 -5.12 -88.51
C LYS O 117 0.18 -6.63 -88.71
N SER O 118 -0.44 -7.17 -89.75
CA SER O 118 -0.46 -8.61 -89.99
C SER O 118 0.90 -9.08 -90.48
N ILE O 119 1.68 -9.69 -89.60
CA ILE O 119 2.98 -10.24 -89.93
C ILE O 119 3.12 -11.61 -89.28
N LYS O 120 4.21 -12.30 -89.59
CA LYS O 120 4.52 -13.60 -89.02
C LYS O 120 5.59 -13.41 -87.95
N ILE O 121 5.26 -13.77 -86.70
CA ILE O 121 6.16 -13.58 -85.58
C ILE O 121 6.45 -14.92 -84.92
N GLY O 122 5.54 -15.87 -85.03
CA GLY O 122 5.67 -17.13 -84.31
C GLY O 122 4.76 -17.20 -83.10
N ASP O 123 4.85 -18.34 -82.41
CA ASP O 123 4.00 -18.58 -81.25
C ASP O 123 4.63 -18.05 -79.97
N GLU O 124 5.96 -18.05 -79.89
CA GLU O 124 6.63 -17.54 -78.70
C GLU O 124 6.40 -16.04 -78.52
N GLN O 125 6.14 -15.32 -79.61
CA GLN O 125 5.95 -13.88 -79.56
C GLN O 125 4.47 -13.52 -79.61
N ARG O 126 4.09 -12.53 -78.79
CA ARG O 126 2.72 -12.06 -78.71
C ARG O 126 2.69 -10.55 -78.93
N ILE O 127 1.87 -10.11 -79.86
CA ILE O 127 1.76 -8.68 -80.16
C ILE O 127 1.07 -7.98 -78.99
N LEU O 128 1.56 -6.79 -78.66
CA LEU O 128 1.09 -6.05 -77.49
C LEU O 128 0.52 -4.68 -77.81
N HIS O 129 1.13 -3.93 -78.72
CA HIS O 129 0.67 -2.58 -79.05
C HIS O 129 0.84 -2.31 -80.53
N VAL O 130 -0.13 -1.62 -81.10
CA VAL O 130 -0.09 -1.14 -82.47
C VAL O 130 -0.15 0.38 -82.40
N ILE O 131 0.98 1.03 -82.64
CA ILE O 131 1.13 2.47 -82.45
C ILE O 131 1.36 3.10 -83.82
N PRO O 132 0.39 3.80 -84.38
CA PRO O 132 0.60 4.53 -85.64
C PRO O 132 1.61 5.65 -85.44
N GLN O 133 2.67 5.64 -86.24
CA GLN O 133 3.71 6.65 -86.14
C GLN O 133 3.36 7.87 -86.97
N GLU O 134 3.89 7.93 -88.18
CA GLU O 134 3.64 9.02 -89.11
C GLU O 134 2.92 8.49 -90.35
N PHE O 135 1.83 9.15 -90.72
CA PHE O 135 1.16 8.80 -91.96
C PHE O 135 1.87 9.45 -93.14
N THR O 136 1.54 8.98 -94.35
CA THR O 136 2.01 9.62 -95.56
C THR O 136 1.07 9.27 -96.71
N ILE O 137 0.62 10.29 -97.44
CA ILE O 137 -0.33 10.13 -98.53
C ILE O 137 0.15 10.96 -99.71
N ASP O 138 0.44 10.29 -100.82
CA ASP O 138 0.85 10.91 -102.07
C ASP O 138 2.13 11.73 -101.91
N TYR O 139 3.22 10.98 -101.73
CA TYR O 139 4.60 11.48 -101.76
C TYR O 139 5.01 12.45 -100.65
N GLN O 140 4.06 12.99 -99.90
CA GLN O 140 4.36 13.88 -98.78
C GLN O 140 4.11 13.16 -97.45
N GLU O 141 5.15 13.05 -96.63
CA GLU O 141 5.13 12.32 -95.37
C GLU O 141 5.11 13.27 -94.18
N GLY O 142 5.04 12.67 -92.99
CA GLY O 142 5.01 13.39 -91.74
C GLY O 142 3.75 14.15 -91.41
N ILE O 143 2.60 13.67 -91.84
CA ILE O 143 1.33 14.21 -91.39
C ILE O 143 0.86 13.37 -90.21
N LYS O 144 0.27 14.01 -89.20
CA LYS O 144 -0.18 13.33 -88.00
C LYS O 144 -1.69 13.44 -87.89
N ASN O 145 -2.36 12.28 -87.91
CA ASN O 145 -3.81 12.15 -87.85
C ASN O 145 -4.50 13.06 -88.86
N PRO O 146 -4.42 12.77 -90.15
CA PRO O 146 -5.15 13.58 -91.14
C PRO O 146 -6.60 13.13 -91.22
N LEU O 147 -7.54 14.09 -91.12
CA LEU O 147 -8.97 13.80 -91.05
C LEU O 147 -9.74 14.80 -91.93
N GLY O 148 -9.67 14.58 -93.24
CA GLY O 148 -10.37 15.43 -94.17
C GLY O 148 -9.58 15.79 -95.41
N LEU O 149 -8.59 14.98 -95.74
CA LEU O 149 -7.75 15.23 -96.90
C LEU O 149 -8.13 14.31 -98.05
N SER O 150 -7.82 14.76 -99.26
CA SER O 150 -8.11 14.04 -100.50
C SER O 150 -6.82 13.49 -101.07
N GLY O 151 -6.78 12.18 -101.32
CA GLY O 151 -5.60 11.59 -101.93
C GLY O 151 -5.96 10.37 -102.74
N VAL O 152 -4.94 9.77 -103.36
CA VAL O 152 -5.11 8.59 -104.19
C VAL O 152 -4.19 7.46 -103.74
N ARG O 153 -3.63 7.56 -102.54
CA ARG O 153 -2.75 6.52 -102.03
C ARG O 153 -2.51 6.77 -100.54
N MET O 154 -2.24 5.68 -99.81
CA MET O 154 -2.11 5.74 -98.36
C MET O 154 -0.97 4.83 -97.92
N GLU O 155 0.03 5.39 -97.24
CA GLU O 155 1.14 4.62 -96.71
C GLU O 155 1.27 4.93 -95.22
N VAL O 156 1.45 3.90 -94.40
CA VAL O 156 1.61 4.06 -92.96
C VAL O 156 2.87 3.33 -92.51
N SER O 157 3.41 3.75 -91.36
CA SER O 157 4.55 3.10 -90.73
C SER O 157 4.22 2.87 -89.25
N VAL O 158 3.61 1.73 -88.92
CA VAL O 158 3.14 1.48 -87.57
C VAL O 158 4.28 0.98 -86.69
N HIS O 159 4.17 1.26 -85.39
CA HIS O 159 5.11 0.78 -84.39
C HIS O 159 4.49 -0.39 -83.63
N LEU O 160 5.20 -1.51 -83.58
CA LEU O 160 4.70 -2.75 -83.01
C LEU O 160 5.50 -3.10 -81.76
N ILE O 161 4.79 -3.30 -80.65
CA ILE O 161 5.38 -3.79 -79.40
C ILE O 161 5.02 -5.25 -79.23
N SER O 162 6.02 -6.08 -78.96
CA SER O 162 5.82 -7.53 -78.84
C SER O 162 6.58 -8.05 -77.64
N CYS O 163 6.10 -9.17 -77.10
CA CYS O 163 6.71 -9.78 -75.92
C CYS O 163 6.68 -11.29 -76.06
N HIS O 164 7.52 -11.96 -75.26
CA HIS O 164 7.50 -13.41 -75.20
C HIS O 164 6.17 -13.87 -74.63
N ASN O 165 5.54 -14.83 -75.31
CA ASN O 165 4.20 -15.25 -74.93
C ASN O 165 4.18 -15.85 -73.53
N ASP O 166 5.14 -16.75 -73.23
CA ASP O 166 5.15 -17.46 -71.96
C ASP O 166 5.19 -16.50 -70.77
N MET O 167 6.07 -15.50 -70.82
CA MET O 167 6.14 -14.55 -69.72
C MET O 167 4.86 -13.75 -69.55
N ALA O 168 4.02 -13.68 -70.58
CA ALA O 168 2.73 -13.00 -70.44
C ALA O 168 1.65 -13.93 -69.88
N ARG O 169 1.64 -15.20 -70.27
CA ARG O 169 0.66 -16.14 -69.75
C ARG O 169 0.76 -16.28 -68.23
N ASN O 170 1.97 -16.25 -67.69
CA ASN O 170 2.15 -16.43 -66.25
C ASN O 170 1.51 -15.30 -65.46
N ILE O 171 1.75 -14.05 -65.87
CA ILE O 171 1.16 -12.91 -65.17
C ILE O 171 -0.36 -12.95 -65.26
N ILE O 172 -0.89 -13.34 -66.42
CA ILE O 172 -2.34 -13.49 -66.56
C ILE O 172 -2.85 -14.59 -65.64
N LYS O 173 -2.13 -15.72 -65.60
CA LYS O 173 -2.53 -16.85 -64.75
C LYS O 173 -2.62 -16.42 -63.29
N ALA O 174 -1.72 -15.53 -62.85
CA ALA O 174 -1.75 -15.06 -61.46
C ALA O 174 -3.04 -14.29 -61.17
N VAL O 175 -3.40 -13.36 -62.05
CA VAL O 175 -4.59 -12.54 -61.83
C VAL O 175 -5.85 -13.39 -61.98
N GLU O 176 -5.84 -14.33 -62.93
CA GLU O 176 -7.03 -15.15 -63.17
C GLU O 176 -7.38 -16.03 -61.98
N ARG O 177 -6.39 -16.40 -61.17
CA ARG O 177 -6.66 -17.22 -59.99
C ARG O 177 -7.28 -16.44 -58.84
N CYS O 178 -7.42 -15.12 -58.96
CA CYS O 178 -8.05 -14.30 -57.94
C CYS O 178 -9.48 -13.91 -58.32
N GLY O 179 -10.06 -14.58 -59.31
CA GLY O 179 -11.39 -14.26 -59.78
C GLY O 179 -11.48 -13.06 -60.69
N LEU O 180 -10.36 -12.46 -61.08
CA LEU O 180 -10.35 -11.29 -61.93
C LEU O 180 -10.05 -11.67 -63.38
N LYS O 181 -10.55 -10.87 -64.30
CA LYS O 181 -10.28 -11.03 -65.72
C LYS O 181 -9.47 -9.84 -66.22
N VAL O 182 -8.42 -10.12 -66.98
CA VAL O 182 -7.58 -9.05 -67.53
C VAL O 182 -8.23 -8.53 -68.80
N GLU O 183 -8.23 -7.21 -68.96
CA GLU O 183 -8.82 -6.58 -70.14
C GLU O 183 -7.81 -6.51 -71.29
N GLN O 184 -6.66 -5.90 -71.04
CA GLN O 184 -5.58 -5.78 -72.01
C GLN O 184 -4.27 -5.57 -71.25
N LEU O 185 -3.18 -6.01 -71.87
CA LEU O 185 -1.84 -5.81 -71.32
C LEU O 185 -1.23 -4.53 -71.86
N VAL O 186 -0.50 -3.83 -70.99
CA VAL O 186 0.07 -2.53 -71.31
C VAL O 186 1.56 -2.56 -70.95
N PHE O 187 2.40 -2.13 -71.89
CA PHE O 187 3.83 -2.02 -71.62
C PHE O 187 4.11 -0.99 -70.54
N SER O 188 4.92 -1.37 -69.56
CA SER O 188 5.21 -0.49 -68.43
C SER O 188 5.85 0.81 -68.88
N GLY O 189 6.90 0.72 -69.70
CA GLY O 189 7.60 1.93 -70.12
C GLY O 189 6.74 2.88 -70.93
N LEU O 190 5.74 2.34 -71.64
CA LEU O 190 4.79 3.21 -72.33
C LEU O 190 3.88 3.90 -71.33
N ALA O 191 3.37 3.15 -70.35
CA ALA O 191 2.57 3.75 -69.28
C ALA O 191 3.42 4.66 -68.40
N SER O 192 4.68 4.28 -68.16
CA SER O 192 5.59 5.14 -67.41
C SER O 192 5.84 6.46 -68.12
N SER O 193 5.50 6.55 -69.41
CA SER O 193 5.64 7.79 -70.17
C SER O 193 4.31 8.53 -70.33
N ASN O 194 3.19 7.80 -70.37
CA ASN O 194 1.89 8.43 -70.52
C ASN O 194 1.51 9.30 -69.34
N ALA O 195 2.12 9.08 -68.17
CA ALA O 195 1.79 9.80 -66.96
C ALA O 195 2.93 10.69 -66.46
N VAL O 196 4.02 10.79 -67.21
CA VAL O 196 5.15 11.60 -66.81
C VAL O 196 5.52 12.64 -67.86
N ILE O 197 5.08 12.48 -69.11
CA ILE O 197 5.47 13.36 -70.20
C ILE O 197 4.31 14.27 -70.54
N THR O 198 4.62 15.54 -70.83
CA THR O 198 3.66 16.50 -71.34
C THR O 198 3.72 16.53 -72.86
N GLU O 199 2.59 16.92 -73.48
CA GLU O 199 2.50 16.95 -74.93
C GLU O 199 3.61 17.78 -75.56
N ASP O 200 4.06 18.84 -74.87
CA ASP O 200 5.19 19.62 -75.36
C ASP O 200 6.44 18.77 -75.51
N GLU O 201 6.73 17.94 -74.51
CA GLU O 201 7.95 17.13 -74.53
C GLU O 201 7.94 16.13 -75.69
N ARG O 202 6.77 15.55 -76.01
CA ARG O 202 6.72 14.52 -77.05
C ARG O 202 7.27 15.03 -78.37
N GLU O 203 6.84 16.22 -78.79
CA GLU O 203 7.34 16.76 -80.05
C GLU O 203 8.80 17.16 -79.96
N LEU O 204 9.25 17.58 -78.77
CA LEU O 204 10.64 17.97 -78.60
C LEU O 204 11.57 16.78 -78.70
N GLY O 205 11.21 15.66 -78.09
CA GLY O 205 12.03 14.47 -78.11
C GLY O 205 12.46 14.07 -76.71
N VAL O 206 11.99 12.92 -76.23
CA VAL O 206 12.25 12.49 -74.86
C VAL O 206 12.61 11.01 -74.85
N CYS O 207 13.36 10.62 -73.84
CA CYS O 207 13.60 9.22 -73.51
C CYS O 207 13.26 9.03 -72.03
N VAL O 208 12.28 8.18 -71.75
CA VAL O 208 11.92 7.89 -70.38
C VAL O 208 12.47 6.51 -70.04
N VAL O 209 12.68 6.30 -68.75
CA VAL O 209 13.23 5.03 -68.29
C VAL O 209 12.78 4.73 -66.87
N ASP O 210 11.93 3.71 -66.71
CA ASP O 210 11.41 3.31 -65.41
C ASP O 210 12.44 2.40 -64.73
N ILE O 211 13.41 3.02 -64.08
CA ILE O 211 14.37 2.27 -63.28
C ILE O 211 13.68 1.83 -61.99
N GLY O 212 13.72 0.52 -61.73
CA GLY O 212 12.98 -0.01 -60.60
C GLY O 212 13.68 -1.12 -59.87
N ALA O 213 12.90 -2.07 -59.33
CA ALA O 213 13.50 -3.18 -58.60
C ALA O 213 14.15 -4.16 -59.56
N GLY O 214 13.44 -4.57 -60.61
CA GLY O 214 13.99 -5.59 -61.48
C GLY O 214 13.93 -5.35 -62.98
N THR O 215 13.33 -4.24 -63.41
CA THR O 215 13.25 -3.94 -64.84
C THR O 215 13.53 -2.47 -65.04
N MET O 216 14.22 -2.15 -66.14
CA MET O 216 14.55 -0.79 -66.54
C MET O 216 13.93 -0.55 -67.91
N ASP O 217 12.68 -0.08 -67.92
CA ASP O 217 11.88 0.06 -69.13
C ASP O 217 12.19 1.38 -69.83
N ILE O 218 12.86 1.32 -70.98
CA ILE O 218 13.25 2.50 -71.75
C ILE O 218 12.22 2.71 -72.86
N SER O 219 11.82 3.97 -73.06
CA SER O 219 10.94 4.35 -74.15
C SER O 219 11.46 5.64 -74.76
N ILE O 220 11.56 5.68 -76.09
CA ILE O 220 12.12 6.80 -76.83
C ILE O 220 11.03 7.45 -77.67
N TRP O 221 10.90 8.77 -77.54
CA TRP O 221 9.90 9.54 -78.27
C TRP O 221 10.59 10.68 -79.01
N THR O 222 10.34 10.79 -80.32
CA THR O 222 10.72 11.97 -81.08
C THR O 222 9.58 12.34 -82.00
N GLY O 223 9.36 13.63 -82.18
CA GLY O 223 8.30 14.11 -83.05
C GLY O 223 6.90 13.70 -82.63
N GLY O 224 6.69 13.47 -81.34
CA GLY O 224 5.37 13.11 -80.87
C GLY O 224 4.93 11.69 -81.19
N ALA O 225 5.87 10.79 -81.42
CA ALA O 225 5.57 9.40 -81.74
C ALA O 225 6.57 8.48 -81.06
N LEU O 226 6.09 7.32 -80.61
CA LEU O 226 6.96 6.34 -79.97
C LEU O 226 7.90 5.74 -81.02
N ARG O 227 9.21 5.92 -80.81
CA ARG O 227 10.20 5.49 -81.78
C ARG O 227 10.81 4.13 -81.49
N HIS O 228 11.15 3.86 -80.22
CA HIS O 228 11.82 2.62 -79.87
C HIS O 228 11.42 2.19 -78.47
N THR O 229 11.59 0.91 -78.20
CA THR O 229 11.30 0.33 -76.90
C THR O 229 12.39 -0.67 -76.54
N GLU O 230 12.96 -0.52 -75.34
CA GLU O 230 14.02 -1.41 -74.89
C GLU O 230 13.93 -1.57 -73.39
N VAL O 231 14.21 -2.78 -72.89
CA VAL O 231 14.17 -3.10 -71.47
C VAL O 231 15.41 -3.90 -71.12
N PHE O 232 15.98 -3.60 -69.95
CA PHE O 232 17.12 -4.34 -69.41
C PHE O 232 16.74 -4.96 -68.07
N SER O 233 17.45 -6.02 -67.71
CA SER O 233 17.16 -6.78 -66.51
C SER O 233 18.05 -6.41 -65.33
N TYR O 234 18.91 -5.41 -65.51
CA TYR O 234 19.76 -4.91 -64.44
C TYR O 234 19.10 -3.66 -63.85
N ALA O 235 18.72 -3.72 -62.58
CA ALA O 235 18.01 -2.58 -62.00
C ALA O 235 18.44 -2.26 -60.57
N GLY O 236 17.49 -1.76 -59.77
CA GLY O 236 17.81 -1.35 -58.41
C GLY O 236 18.27 -2.49 -57.52
N ASN O 237 17.76 -3.70 -57.76
CA ASN O 237 18.18 -4.85 -56.98
C ASN O 237 19.62 -5.26 -57.26
N ALA O 238 20.22 -4.76 -58.34
CA ALA O 238 21.62 -5.08 -58.63
C ALA O 238 22.55 -4.28 -57.72
N VAL O 239 22.30 -2.98 -57.56
CA VAL O 239 23.10 -2.21 -56.63
C VAL O 239 22.76 -2.57 -55.20
N THR O 240 21.50 -2.95 -54.93
CA THR O 240 21.13 -3.44 -53.61
C THR O 240 21.95 -4.68 -53.27
N SER O 241 22.06 -5.62 -54.21
CA SER O 241 22.91 -6.79 -54.01
C SER O 241 24.38 -6.40 -53.96
N ASP O 242 24.78 -5.43 -54.78
CA ASP O 242 26.17 -4.98 -54.80
C ASP O 242 26.61 -4.46 -53.44
N ILE O 243 25.72 -3.76 -52.74
CA ILE O 243 26.03 -3.25 -51.41
C ILE O 243 26.26 -4.41 -50.44
N ALA O 244 25.39 -5.42 -50.50
CA ALA O 244 25.49 -6.55 -49.59
C ALA O 244 26.77 -7.34 -49.81
N PHE O 245 27.10 -7.61 -51.07
CA PHE O 245 28.24 -8.49 -51.38
C PHE O 245 29.59 -7.83 -51.16
N ALA O 246 29.64 -6.51 -50.99
CA ALA O 246 30.91 -5.83 -50.78
C ALA O 246 31.20 -5.48 -49.33
N PHE O 247 30.17 -5.46 -48.46
CA PHE O 247 30.35 -5.11 -47.07
C PHE O 247 29.92 -6.21 -46.10
N GLY O 248 29.44 -7.35 -46.59
CA GLY O 248 28.99 -8.39 -45.69
C GLY O 248 27.71 -8.05 -44.94
N THR O 249 26.72 -7.49 -45.64
CA THR O 249 25.47 -7.07 -45.02
C THR O 249 24.29 -7.89 -45.52
N PRO O 250 23.36 -8.26 -44.65
CA PRO O 250 22.16 -8.98 -45.11
C PRO O 250 21.35 -8.15 -46.10
N LEU O 251 20.64 -8.86 -46.98
CA LEU O 251 19.82 -8.20 -47.98
C LEU O 251 18.77 -7.29 -47.35
N SER O 252 18.13 -7.74 -46.27
CA SER O 252 17.11 -6.92 -45.61
C SER O 252 17.67 -5.59 -45.14
N ASP O 253 18.87 -5.61 -44.54
CA ASP O 253 19.47 -4.38 -44.02
C ASP O 253 20.19 -3.58 -45.11
N ALA O 254 20.77 -4.26 -46.11
CA ALA O 254 21.48 -3.55 -47.16
C ALA O 254 20.56 -2.65 -47.96
N GLU O 255 19.29 -3.03 -48.12
CA GLU O 255 18.34 -2.18 -48.82
C GLU O 255 18.06 -0.89 -48.06
N GLU O 256 17.91 -0.97 -46.73
CA GLU O 256 17.60 0.22 -45.94
C GLU O 256 18.72 1.24 -45.99
N ILE O 257 19.98 0.78 -45.92
CA ILE O 257 21.09 1.72 -46.02
C ILE O 257 21.14 2.35 -47.40
N LYS O 258 20.70 1.62 -48.43
CA LYS O 258 20.63 2.19 -49.77
C LYS O 258 19.61 3.30 -49.85
N VAL O 259 18.41 3.07 -49.31
CA VAL O 259 17.33 4.03 -49.44
C VAL O 259 17.57 5.25 -48.56
N LYS O 260 18.26 5.07 -47.43
CA LYS O 260 18.44 6.14 -46.46
C LYS O 260 19.74 6.90 -46.61
N TYR O 261 20.81 6.24 -47.09
CA TYR O 261 22.12 6.87 -47.17
C TYR O 261 22.79 6.68 -48.52
N GLY O 262 22.07 6.19 -49.52
CA GLY O 262 22.68 5.92 -50.82
C GLY O 262 22.84 7.19 -51.63
N CYS O 263 23.93 7.26 -52.39
CA CYS O 263 24.20 8.36 -53.29
C CYS O 263 24.75 7.80 -54.60
N ALA O 264 24.25 8.33 -55.71
CA ALA O 264 24.65 7.85 -57.03
C ALA O 264 25.95 8.48 -57.51
N LEU O 265 26.56 9.39 -56.74
CA LEU O 265 27.81 10.02 -57.10
C LEU O 265 28.67 10.14 -55.85
N SER O 266 29.91 9.65 -55.92
CA SER O 266 30.75 9.51 -54.74
C SER O 266 31.42 10.82 -54.34
N GLU O 267 30.81 11.96 -54.67
CA GLU O 267 31.35 13.26 -54.26
C GLU O 267 30.30 14.20 -53.66
N LEU O 268 29.01 13.85 -53.70
CA LEU O 268 27.98 14.67 -53.06
C LEU O 268 27.92 14.44 -51.55
N VAL O 269 28.55 13.39 -51.05
CA VAL O 269 28.57 13.09 -49.62
C VAL O 269 29.88 13.58 -49.03
N SER O 270 29.81 14.11 -47.81
CA SER O 270 31.00 14.58 -47.14
C SER O 270 31.75 13.41 -46.50
N LYS O 271 33.06 13.60 -46.31
CA LYS O 271 33.87 12.56 -45.69
C LYS O 271 33.51 12.36 -44.22
N ASP O 272 32.90 13.37 -43.59
CA ASP O 272 32.50 13.30 -42.19
C ASP O 272 31.12 12.66 -42.01
N ASP O 273 30.74 11.75 -42.90
CA ASP O 273 29.47 11.03 -42.82
C ASP O 273 29.74 9.57 -42.50
N THR O 274 28.99 9.03 -41.54
CA THR O 274 29.17 7.65 -41.12
C THR O 274 27.79 7.01 -40.94
N VAL O 275 27.74 5.70 -41.19
CA VAL O 275 26.50 4.93 -41.07
C VAL O 275 26.80 3.63 -40.34
N ASN O 276 25.79 3.09 -39.67
CA ASN O 276 25.93 1.83 -38.93
C ASN O 276 25.43 0.72 -39.84
N VAL O 277 26.38 0.05 -40.48
CA VAL O 277 26.10 -1.10 -41.34
C VAL O 277 26.31 -2.38 -40.52
N PRO O 278 25.35 -3.29 -40.48
CA PRO O 278 25.47 -4.48 -39.64
C PRO O 278 26.38 -5.54 -40.27
N SER O 279 26.55 -6.64 -39.53
CA SER O 279 27.33 -7.78 -39.96
C SER O 279 26.53 -9.05 -39.69
N VAL O 280 27.12 -10.20 -40.02
CA VAL O 280 26.47 -11.50 -39.87
C VAL O 280 27.35 -12.38 -39.00
N GLY O 281 26.72 -13.42 -38.42
CA GLY O 281 27.40 -14.37 -37.58
C GLY O 281 27.28 -14.10 -36.09
N GLY O 282 27.05 -12.86 -35.70
CA GLY O 282 27.14 -12.48 -34.30
C GLY O 282 28.38 -11.63 -34.11
N ARG O 283 28.67 -10.87 -35.15
CA ARG O 283 29.80 -9.97 -35.29
C ARG O 283 29.40 -8.54 -34.94
N PRO O 284 30.35 -7.70 -34.53
CA PRO O 284 29.98 -6.32 -34.18
C PRO O 284 29.74 -5.48 -35.42
N SER O 285 28.74 -4.60 -35.34
CA SER O 285 28.42 -3.71 -36.45
C SER O 285 29.42 -2.57 -36.48
N ARG O 286 30.21 -2.49 -37.57
CA ARG O 286 31.17 -1.42 -37.71
C ARG O 286 30.52 -0.17 -38.29
N SER O 287 31.02 0.99 -37.88
CA SER O 287 30.58 2.26 -38.45
C SER O 287 31.45 2.56 -39.66
N LEU O 288 30.83 2.67 -40.83
CA LEU O 288 31.53 2.75 -42.10
C LEU O 288 31.23 4.07 -42.79
N GLN O 289 32.19 4.52 -43.60
CA GLN O 289 32.06 5.79 -44.30
C GLN O 289 30.90 5.75 -45.28
N ARG O 290 30.04 6.77 -45.20
CA ARG O 290 28.95 6.88 -46.17
C ARG O 290 29.49 7.15 -47.56
N GLN O 291 30.66 7.79 -47.66
CA GLN O 291 31.29 7.99 -48.96
C GLN O 291 31.68 6.66 -49.60
N THR O 292 32.23 5.74 -48.79
CA THR O 292 32.57 4.42 -49.31
C THR O 292 31.34 3.70 -49.85
N LEU O 293 30.19 3.90 -49.20
CA LEU O 293 28.95 3.31 -49.69
C LEU O 293 28.59 3.85 -51.06
N ALA O 294 28.70 5.17 -51.24
CA ALA O 294 28.43 5.77 -52.55
C ALA O 294 29.46 5.36 -53.59
N GLU O 295 30.67 4.99 -53.17
CA GLU O 295 31.69 4.54 -54.13
C GLU O 295 31.33 3.19 -54.74
N VAL O 296 30.42 2.44 -54.12
CA VAL O 296 29.94 1.20 -54.71
C VAL O 296 28.69 1.43 -55.54
N ILE O 297 27.83 2.37 -55.12
CA ILE O 297 26.59 2.65 -55.85
C ILE O 297 26.87 3.42 -57.13
N GLU O 298 27.91 4.25 -57.15
CA GLU O 298 28.19 5.07 -58.33
C GLU O 298 28.50 4.26 -59.58
N PRO O 299 29.41 3.26 -59.56
CA PRO O 299 29.70 2.55 -60.82
C PRO O 299 28.51 1.80 -61.37
N ARG O 300 27.66 1.23 -60.50
CA ARG O 300 26.50 0.49 -60.97
C ARG O 300 25.51 1.40 -61.68
N TYR O 301 25.21 2.56 -61.08
CA TYR O 301 24.28 3.50 -61.71
C TYR O 301 24.84 4.05 -63.01
N THR O 302 26.15 4.34 -63.03
CA THR O 302 26.77 4.83 -64.26
C THR O 302 26.70 3.80 -65.37
N GLU O 303 27.03 2.54 -65.06
CA GLU O 303 26.93 1.48 -66.05
C GLU O 303 25.48 1.28 -66.49
N LEU O 304 24.53 1.38 -65.55
CA LEU O 304 23.13 1.21 -65.88
C LEU O 304 22.68 2.24 -66.91
N MET O 305 23.00 3.52 -66.65
CA MET O 305 22.66 4.56 -67.61
C MET O 305 23.46 4.44 -68.88
N GLY O 306 24.65 3.83 -68.80
CA GLY O 306 25.43 3.57 -70.01
C GLY O 306 24.70 2.70 -71.02
N LEU O 307 23.90 1.74 -70.53
CA LEU O 307 23.08 0.94 -71.44
C LEU O 307 22.04 1.81 -72.13
N VAL O 308 21.46 2.78 -71.40
CA VAL O 308 20.51 3.70 -72.01
C VAL O 308 21.23 4.61 -73.00
N ASN O 309 22.46 4.99 -72.69
CA ASN O 309 23.23 5.84 -73.59
C ASN O 309 23.52 5.12 -74.90
N GLN O 310 23.98 3.88 -74.82
CA GLN O 310 24.25 3.11 -76.04
C GLN O 310 22.99 2.87 -76.84
N THR O 311 21.84 2.73 -76.17
CA THR O 311 20.58 2.54 -76.89
C THR O 311 20.18 3.82 -77.63
N ILE O 312 20.33 4.98 -76.99
CA ILE O 312 20.01 6.24 -77.63
C ILE O 312 20.87 6.45 -78.87
N ASP O 313 22.18 6.20 -78.74
CA ASP O 313 23.09 6.40 -79.87
C ASP O 313 22.73 5.50 -81.04
N ASN O 314 22.41 4.23 -80.78
CA ASN O 314 22.05 3.32 -81.85
C ASN O 314 20.71 3.67 -82.48
N VAL O 315 19.76 4.17 -81.68
CA VAL O 315 18.49 4.62 -82.24
C VAL O 315 18.65 5.94 -82.99
N GLN O 316 19.47 6.84 -82.44
CA GLN O 316 19.73 8.11 -83.10
C GLN O 316 20.35 7.89 -84.47
N ALA O 317 21.27 6.93 -84.59
CA ALA O 317 21.89 6.64 -85.87
C ALA O 317 20.86 6.16 -86.89
N LYS O 318 20.10 5.11 -86.54
CA LYS O 318 19.11 4.56 -87.46
C LYS O 318 17.94 5.50 -87.70
N LEU O 319 17.87 6.63 -86.98
CA LEU O 319 16.80 7.60 -87.17
C LEU O 319 17.17 8.66 -88.20
N ARG O 320 18.32 9.32 -88.02
CA ARG O 320 18.76 10.30 -89.00
C ARG O 320 19.14 9.65 -90.32
N GLU O 321 19.67 8.43 -90.26
CA GLU O 321 20.07 7.68 -91.45
C GLU O 321 18.85 7.21 -92.26
N ASN O 322 17.65 7.47 -91.78
CA ASN O 322 16.42 7.13 -92.49
C ASN O 322 15.55 8.35 -92.75
N GLY O 323 15.88 9.50 -92.17
CA GLY O 323 15.19 10.74 -92.45
C GLY O 323 14.03 11.07 -91.54
N VAL O 324 14.32 11.24 -90.24
CA VAL O 324 13.33 11.65 -89.25
C VAL O 324 14.10 12.43 -88.19
N LYS O 325 13.36 13.22 -87.39
CA LYS O 325 13.98 13.94 -86.29
C LYS O 325 14.61 12.96 -85.31
N HIS O 326 15.90 13.12 -85.04
CA HIS O 326 16.65 12.19 -84.21
C HIS O 326 17.17 12.79 -82.91
N HIS O 327 17.38 14.11 -82.86
CA HIS O 327 17.96 14.73 -81.68
C HIS O 327 16.94 14.79 -80.54
N LEU O 328 17.34 14.31 -79.36
CA LEU O 328 16.49 14.39 -78.18
C LEU O 328 16.59 15.78 -77.58
N ALA O 329 15.54 16.58 -77.72
CA ALA O 329 15.58 17.95 -77.21
C ALA O 329 15.30 17.99 -75.72
N ALA O 330 14.16 17.43 -75.29
CA ALA O 330 13.80 17.46 -73.87
C ALA O 330 14.68 16.55 -73.03
N GLY O 331 15.38 15.61 -73.66
CA GLY O 331 16.36 14.80 -72.94
C GLY O 331 15.81 13.51 -72.37
N VAL O 332 16.35 13.11 -71.22
CA VAL O 332 15.99 11.86 -70.56
C VAL O 332 15.25 12.20 -69.28
N VAL O 333 14.19 11.44 -68.99
CA VAL O 333 13.38 11.63 -67.79
C VAL O 333 13.42 10.33 -67.00
N LEU O 334 13.83 10.43 -65.74
CA LEU O 334 13.91 9.27 -64.86
C LEU O 334 12.64 9.12 -64.03
N THR O 335 12.24 7.88 -63.81
CA THR O 335 11.06 7.56 -63.03
C THR O 335 11.27 6.21 -62.37
N GLY O 336 10.29 5.77 -61.58
CA GLY O 336 10.39 4.52 -60.87
C GLY O 336 11.01 4.67 -59.50
N GLY O 337 11.11 3.52 -58.82
CA GLY O 337 11.58 3.53 -57.43
C GLY O 337 13.05 3.91 -57.31
N ALA O 338 13.92 3.23 -58.06
CA ALA O 338 15.36 3.44 -57.91
C ALA O 338 15.83 4.79 -58.43
N ALA O 339 14.94 5.60 -59.01
CA ALA O 339 15.28 6.96 -59.41
C ALA O 339 15.23 7.95 -58.26
N GLN O 340 14.78 7.53 -57.07
CA GLN O 340 14.63 8.45 -55.95
C GLN O 340 15.91 8.66 -55.16
N ILE O 341 16.98 7.91 -55.45
CA ILE O 341 18.20 8.07 -54.68
C ILE O 341 18.82 9.43 -54.99
N GLU O 342 19.45 10.02 -53.97
CA GLU O 342 20.04 11.35 -54.12
C GLU O 342 21.24 11.29 -55.06
N GLY O 343 21.19 12.09 -56.11
CA GLY O 343 22.28 12.17 -57.06
C GLY O 343 22.07 11.43 -58.37
N VAL O 344 20.82 11.06 -58.70
CA VAL O 344 20.54 10.46 -60.00
C VAL O 344 20.81 11.48 -61.10
N VAL O 345 20.35 12.71 -60.91
CA VAL O 345 20.50 13.74 -61.93
C VAL O 345 21.96 14.07 -62.18
N GLU O 346 22.82 13.89 -61.18
CA GLU O 346 24.23 14.25 -61.35
C GLU O 346 24.98 13.18 -62.13
N CYS O 347 24.81 11.92 -61.77
CA CYS O 347 25.48 10.84 -62.49
C CYS O 347 24.88 10.63 -63.88
N ALA O 348 23.64 11.07 -64.10
CA ALA O 348 23.03 10.96 -65.42
C ALA O 348 23.66 11.92 -66.42
N GLU O 349 23.81 13.20 -66.04
CA GLU O 349 24.41 14.17 -66.96
C GLU O 349 25.84 13.83 -67.35
N ARG O 350 26.47 12.85 -66.71
CA ARG O 350 27.85 12.49 -67.03
C ARG O 350 27.98 11.42 -68.10
N VAL O 351 27.21 10.33 -68.00
CA VAL O 351 27.39 9.21 -68.93
C VAL O 351 26.85 9.57 -70.32
N PHE O 352 25.63 10.09 -70.40
CA PHE O 352 25.14 10.69 -71.62
C PHE O 352 25.27 12.21 -71.50
N ARG O 353 25.02 12.91 -72.61
CA ARG O 353 25.23 14.35 -72.57
C ARG O 353 23.99 15.15 -72.93
N ASN O 354 22.89 14.91 -72.21
CA ASN O 354 21.69 15.72 -72.33
C ASN O 354 21.13 15.96 -70.94
N GLN O 355 20.27 16.96 -70.80
CA GLN O 355 19.69 17.28 -69.50
C GLN O 355 18.73 16.19 -69.05
N VAL O 356 18.53 16.10 -67.73
CA VAL O 356 17.72 15.05 -67.11
C VAL O 356 16.91 15.60 -65.96
N ARG O 357 15.73 15.00 -65.76
CA ARG O 357 14.85 15.31 -64.64
C ARG O 357 14.30 14.00 -64.10
N VAL O 358 13.57 14.10 -62.99
CA VAL O 358 13.05 12.93 -62.29
C VAL O 358 11.54 13.00 -62.22
N GLY O 359 10.89 13.11 -63.37
CA GLY O 359 9.46 13.31 -63.46
C GLY O 359 8.59 12.41 -62.61
N LYS O 360 7.61 13.02 -61.95
CA LYS O 360 6.62 12.36 -61.12
C LYS O 360 5.31 12.23 -61.89
N PRO O 361 4.30 11.55 -61.34
CA PRO O 361 3.00 11.55 -62.00
C PRO O 361 2.45 12.97 -62.11
N LEU O 362 1.69 13.20 -63.19
CA LEU O 362 1.23 14.54 -63.51
C LEU O 362 -0.30 14.60 -63.54
N GLU O 363 -0.82 15.79 -63.26
CA GLU O 363 -2.26 16.07 -63.32
C GLU O 363 -3.10 15.01 -62.60
N VAL O 364 -2.59 14.54 -61.47
CA VAL O 364 -3.36 13.61 -60.64
C VAL O 364 -4.50 14.37 -59.98
N SER O 365 -5.71 13.83 -60.09
CA SER O 365 -6.91 14.50 -59.62
C SER O 365 -7.49 13.74 -58.43
N GLY O 366 -7.57 14.42 -57.28
CA GLY O 366 -8.14 13.87 -56.07
C GLY O 366 -7.27 12.83 -55.41
N LEU O 367 -7.21 12.88 -54.07
CA LEU O 367 -6.44 11.93 -53.27
C LEU O 367 -5.00 11.88 -53.78
N THR O 368 -4.39 13.07 -53.91
CA THR O 368 -3.06 13.18 -54.47
C THR O 368 -1.97 12.72 -53.51
N ASP O 369 -2.34 12.35 -52.28
CA ASP O 369 -1.38 11.95 -51.26
C ASP O 369 -0.88 10.53 -51.43
N TYR O 370 -1.53 9.72 -52.27
CA TYR O 370 -1.06 8.36 -52.54
C TYR O 370 -0.38 8.23 -53.90
N VAL O 371 -0.39 9.28 -54.72
CA VAL O 371 0.12 9.21 -56.08
C VAL O 371 1.18 10.31 -56.24
N LYS O 372 2.08 10.42 -55.27
CA LYS O 372 3.13 11.43 -55.37
C LYS O 372 4.45 10.87 -55.88
N GLU O 373 4.82 9.70 -55.48
CA GLU O 373 6.18 9.27 -55.77
C GLU O 373 6.29 8.63 -57.15
N PRO O 374 7.49 8.69 -57.75
CA PRO O 374 7.64 8.19 -59.13
C PRO O 374 7.39 6.71 -59.27
N TYR O 375 7.52 5.91 -58.20
CA TYR O 375 7.24 4.49 -58.34
C TYR O 375 5.75 4.22 -58.53
N HIS O 376 4.92 5.26 -58.60
CA HIS O 376 3.49 5.14 -58.87
C HIS O 376 3.17 5.43 -60.32
N SER O 377 4.16 5.89 -61.11
CA SER O 377 3.91 6.29 -62.49
C SER O 377 3.38 5.12 -63.31
N THR O 378 4.01 3.95 -63.20
CA THR O 378 3.57 2.79 -63.95
C THR O 378 2.13 2.41 -63.63
N ALA O 379 1.72 2.59 -62.37
CA ALA O 379 0.36 2.24 -61.97
C ALA O 379 -0.66 3.20 -62.57
N VAL O 380 -0.40 4.52 -62.43
CA VAL O 380 -1.34 5.50 -62.95
C VAL O 380 -1.32 5.52 -64.47
N GLY O 381 -0.22 5.10 -65.09
CA GLY O 381 -0.20 4.97 -66.54
C GLY O 381 -1.17 3.93 -67.05
N LEU O 382 -1.39 2.87 -66.28
CA LEU O 382 -2.40 1.89 -66.65
C LEU O 382 -3.80 2.50 -66.66
N LEU O 383 -4.04 3.47 -65.78
CA LEU O 383 -5.31 4.18 -65.76
C LEU O 383 -5.41 5.13 -66.96
N HIS O 384 -4.31 5.80 -67.30
CA HIS O 384 -4.30 6.71 -68.44
C HIS O 384 -4.60 5.99 -69.74
N TYR O 385 -4.00 4.81 -69.95
CA TYR O 385 -4.21 4.08 -71.18
C TYR O 385 -5.65 3.56 -71.30
N ALA O 386 -6.18 2.98 -70.23
CA ALA O 386 -7.48 2.33 -70.33
C ALA O 386 -8.62 3.33 -70.49
N ARG O 387 -8.45 4.58 -70.01
CA ARG O 387 -9.50 5.58 -70.19
C ARG O 387 -9.72 5.96 -71.65
N ASP O 388 -8.98 5.35 -72.57
CA ASP O 388 -9.01 5.71 -73.99
C ASP O 388 -9.86 4.70 -74.75
N SER O 389 -10.71 5.21 -75.63
CA SER O 389 -11.59 4.37 -76.43
C SER O 389 -12.00 5.08 -77.71
N ASN P 8 8.09 -37.36 -31.46
CA ASN P 8 8.17 -37.33 -30.00
C ASN P 8 9.58 -36.98 -29.53
N ILE P 9 10.45 -37.98 -29.43
CA ILE P 9 11.81 -37.79 -28.97
C ILE P 9 12.73 -37.82 -30.18
N ILE P 10 13.90 -37.19 -30.05
CA ILE P 10 14.88 -37.09 -31.12
C ILE P 10 16.28 -37.22 -30.51
N VAL P 11 17.15 -37.98 -31.19
CA VAL P 11 18.47 -38.30 -30.67
C VAL P 11 19.49 -38.12 -31.79
N GLY P 12 20.67 -37.62 -31.43
CA GLY P 12 21.80 -37.53 -32.35
C GLY P 12 22.95 -38.40 -31.88
N LEU P 13 23.93 -38.57 -32.76
CA LEU P 13 25.05 -39.48 -32.51
C LEU P 13 26.25 -39.03 -33.36
N ASP P 14 27.03 -38.09 -32.82
CA ASP P 14 28.26 -37.66 -33.48
C ASP P 14 29.35 -38.66 -33.11
N ILE P 15 29.40 -39.74 -33.87
CA ILE P 15 30.43 -40.77 -33.69
C ILE P 15 31.73 -40.20 -34.22
N GLY P 16 32.47 -39.51 -33.36
CA GLY P 16 33.68 -38.83 -33.79
C GLY P 16 34.89 -39.74 -33.83
N THR P 17 35.96 -39.21 -34.42
CA THR P 17 37.23 -39.94 -34.47
C THR P 17 37.91 -39.99 -33.11
N ALA P 18 37.55 -39.08 -32.20
CA ALA P 18 38.16 -39.04 -30.88
C ALA P 18 37.13 -39.14 -29.77
N THR P 19 36.09 -38.31 -29.79
CA THR P 19 35.06 -38.30 -28.76
C THR P 19 33.69 -38.52 -29.39
N VAL P 20 32.98 -39.52 -28.91
CA VAL P 20 31.61 -39.78 -29.35
C VAL P 20 30.64 -38.91 -28.55
N SER P 21 29.74 -38.25 -29.27
CA SER P 21 28.72 -37.39 -28.67
C SER P 21 27.33 -37.93 -28.98
N ALA P 22 26.43 -37.80 -28.01
CA ALA P 22 25.06 -38.30 -28.16
C ALA P 22 24.13 -37.34 -27.42
N LEU P 23 23.26 -36.65 -28.18
CA LEU P 23 22.36 -35.66 -27.63
C LEU P 23 20.92 -36.12 -27.83
N VAL P 24 20.07 -35.84 -26.83
CA VAL P 24 18.67 -36.25 -26.85
C VAL P 24 17.78 -35.02 -26.65
N GLY P 25 16.68 -34.98 -27.41
CA GLY P 25 15.72 -33.88 -27.30
C GLY P 25 14.34 -34.39 -27.65
N GLU P 26 13.35 -33.52 -27.45
CA GLU P 26 11.98 -33.82 -27.83
C GLU P 26 11.45 -32.76 -28.78
N VAL P 27 10.69 -33.19 -29.79
CA VAL P 27 10.07 -32.25 -30.72
C VAL P 27 8.77 -31.76 -30.11
N LEU P 28 8.71 -30.52 -29.81
CA LEU P 28 7.60 -29.75 -29.27
C LEU P 28 6.69 -29.26 -30.38
N PRO P 29 5.38 -29.14 -30.11
CA PRO P 29 4.46 -28.63 -31.13
C PRO P 29 4.85 -27.24 -31.62
N ASP P 30 5.74 -26.53 -30.90
CA ASP P 30 6.20 -25.21 -31.25
C ASP P 30 7.50 -25.23 -32.04
N GLY P 31 8.18 -26.37 -32.08
CA GLY P 31 9.41 -26.52 -32.86
C GLY P 31 10.72 -26.37 -32.11
N GLN P 32 10.83 -25.30 -31.33
CA GLN P 32 12.06 -24.94 -30.60
C GLN P 32 12.60 -26.14 -29.85
N VAL P 33 13.48 -26.91 -30.51
CA VAL P 33 13.98 -28.15 -29.91
C VAL P 33 14.72 -27.86 -28.60
N ASN P 34 14.31 -28.56 -27.55
CA ASN P 34 14.96 -28.53 -26.25
C ASN P 34 15.73 -29.83 -26.05
N ILE P 35 16.97 -29.72 -25.58
CA ILE P 35 17.81 -30.89 -25.38
C ILE P 35 17.53 -31.44 -23.98
N ILE P 36 17.37 -32.76 -23.89
CA ILE P 36 16.99 -33.41 -22.65
C ILE P 36 18.20 -34.09 -22.01
N GLY P 37 19.09 -34.61 -22.85
CA GLY P 37 20.24 -35.33 -22.33
C GLY P 37 21.48 -35.24 -23.20
N ALA P 38 22.64 -35.10 -22.57
CA ALA P 38 23.93 -35.06 -23.24
C ALA P 38 24.69 -36.35 -22.96
N GLY P 39 25.80 -36.52 -23.68
CA GLY P 39 26.61 -37.71 -23.53
C GLY P 39 27.95 -37.62 -24.24
N SER P 40 29.03 -37.93 -23.53
CA SER P 40 30.37 -37.86 -24.10
C SER P 40 31.16 -39.07 -23.66
N SER P 41 32.11 -39.48 -24.50
CA SER P 41 32.96 -40.63 -24.25
C SER P 41 34.09 -40.70 -25.27
N PRO P 42 35.34 -40.86 -24.83
CA PRO P 42 36.41 -41.09 -25.80
C PRO P 42 36.15 -42.36 -26.59
N SER P 43 36.48 -42.33 -27.88
CA SER P 43 36.15 -43.41 -28.79
C SER P 43 37.42 -44.13 -29.20
N ARG P 44 37.48 -45.42 -28.91
CA ARG P 44 38.55 -46.30 -29.36
C ARG P 44 38.08 -47.07 -30.57
N GLY P 45 39.02 -47.41 -31.45
CA GLY P 45 38.71 -48.11 -32.67
C GLY P 45 38.06 -47.20 -33.69
N MET P 46 38.73 -46.08 -33.99
CA MET P 46 38.24 -45.09 -34.93
C MET P 46 39.42 -44.52 -35.69
N ASP P 47 39.27 -44.39 -37.00
CA ASP P 47 40.36 -43.92 -37.85
C ASP P 47 39.77 -42.98 -38.91
N LYS P 48 40.11 -41.70 -38.81
CA LYS P 48 39.79 -40.71 -39.84
C LYS P 48 38.30 -40.75 -40.17
N GLY P 49 37.48 -40.69 -39.13
CA GLY P 49 36.04 -40.69 -39.27
C GLY P 49 35.41 -42.03 -39.56
N GLY P 50 36.20 -43.04 -39.90
CA GLY P 50 35.65 -44.35 -40.21
C GLY P 50 35.99 -45.41 -39.16
N VAL P 51 35.25 -46.52 -39.19
CA VAL P 51 35.45 -47.59 -38.22
C VAL P 51 36.75 -48.32 -38.53
N ASN P 52 37.39 -48.83 -37.49
CA ASN P 52 38.60 -49.62 -37.67
C ASN P 52 38.50 -50.94 -36.91
N ASP P 53 38.14 -50.87 -35.62
CA ASP P 53 37.95 -52.04 -34.78
C ASP P 53 36.50 -52.01 -34.32
N LEU P 54 35.67 -52.89 -34.90
CA LEU P 54 34.23 -52.85 -34.63
C LEU P 54 33.93 -53.06 -33.15
N GLU P 55 34.77 -53.82 -32.44
CA GLU P 55 34.51 -54.09 -31.02
C GLU P 55 34.71 -52.83 -30.19
N SER P 56 35.79 -52.09 -30.44
CA SER P 56 36.07 -50.91 -29.62
C SER P 56 35.00 -49.84 -29.78
N VAL P 57 34.48 -49.66 -31.01
CA VAL P 57 33.51 -48.59 -31.24
C VAL P 57 32.17 -48.89 -30.59
N VAL P 58 31.70 -50.15 -30.67
CA VAL P 58 30.44 -50.49 -30.03
C VAL P 58 30.53 -50.29 -28.53
N LYS P 59 31.70 -50.59 -27.96
CA LYS P 59 31.94 -50.29 -26.55
C LYS P 59 31.96 -48.78 -26.33
N SER P 60 32.49 -48.03 -27.29
CA SER P 60 32.54 -46.58 -27.18
C SER P 60 31.16 -45.96 -27.35
N VAL P 61 30.35 -46.51 -28.25
CA VAL P 61 29.01 -45.99 -28.47
C VAL P 61 28.13 -46.24 -27.24
N GLN P 62 28.29 -47.40 -26.60
CA GLN P 62 27.51 -47.73 -25.41
C GLN P 62 27.80 -46.78 -24.25
N ARG P 63 29.01 -46.25 -24.17
CA ARG P 63 29.35 -45.36 -23.06
C ARG P 63 28.52 -44.09 -23.09
N ALA P 64 28.46 -43.42 -24.25
CA ALA P 64 27.76 -42.14 -24.33
C ALA P 64 26.25 -42.32 -24.28
N VAL P 65 25.70 -43.31 -25.00
CA VAL P 65 24.26 -43.45 -25.06
C VAL P 65 23.70 -43.88 -23.71
N ASP P 66 24.50 -44.60 -22.91
CA ASP P 66 24.04 -44.98 -21.57
C ASP P 66 24.01 -43.76 -20.66
N GLN P 67 25.08 -42.97 -20.66
CA GLN P 67 25.10 -41.74 -19.88
C GLN P 67 24.06 -40.75 -20.40
N ALA P 68 23.75 -40.81 -21.69
CA ALA P 68 22.66 -39.99 -22.23
C ALA P 68 21.31 -40.55 -21.81
N GLU P 69 21.18 -41.89 -21.76
CA GLU P 69 19.96 -42.50 -21.27
C GLU P 69 19.69 -42.10 -19.83
N LEU P 70 20.75 -42.05 -19.01
CA LEU P 70 20.58 -41.66 -17.61
C LEU P 70 20.22 -40.19 -17.48
N MET P 71 21.01 -39.30 -18.10
CA MET P 71 20.80 -37.87 -17.95
C MET P 71 19.50 -37.41 -18.59
N ALA P 72 18.94 -38.19 -19.52
CA ALA P 72 17.65 -37.87 -20.12
C ALA P 72 16.49 -38.58 -19.43
N GLU P 73 16.78 -39.56 -18.59
CA GLU P 73 15.79 -40.34 -17.85
C GLU P 73 14.73 -40.99 -18.75
N CYS P 74 15.06 -41.21 -20.02
CA CYS P 74 14.22 -41.96 -20.95
C CYS P 74 15.10 -42.97 -21.67
N GLN P 75 14.48 -43.85 -22.45
CA GLN P 75 15.19 -44.88 -23.17
C GLN P 75 15.27 -44.51 -24.64
N ILE P 76 16.47 -44.63 -25.20
CA ILE P 76 16.73 -44.26 -26.60
C ILE P 76 16.33 -45.42 -27.51
N SER P 77 15.59 -45.10 -28.57
CA SER P 77 15.12 -46.10 -29.52
C SER P 77 15.82 -45.96 -30.86
N SER P 78 15.48 -44.95 -31.65
CA SER P 78 16.08 -44.71 -32.96
C SER P 78 16.91 -43.43 -32.93
N VAL P 79 18.02 -43.45 -33.68
CA VAL P 79 18.99 -42.37 -33.64
C VAL P 79 19.33 -41.91 -35.05
N PHE P 80 19.80 -40.67 -35.15
CA PHE P 80 20.35 -40.11 -36.38
C PHE P 80 21.86 -39.98 -36.20
N ILE P 81 22.61 -40.61 -37.10
CA ILE P 81 24.07 -40.70 -36.98
C ILE P 81 24.73 -39.81 -38.02
N SER P 82 25.94 -39.36 -37.70
CA SER P 82 26.77 -38.55 -38.58
C SER P 82 27.76 -39.44 -39.32
N LEU P 83 28.32 -38.91 -40.41
CA LEU P 83 29.23 -39.66 -41.25
C LEU P 83 30.24 -38.73 -41.90
N SER P 84 31.49 -39.19 -41.97
CA SER P 84 32.57 -38.44 -42.62
C SER P 84 33.61 -39.42 -43.13
N GLY P 85 34.60 -38.89 -43.83
CA GLY P 85 35.68 -39.66 -44.39
C GLY P 85 36.02 -39.15 -45.77
N LYS P 86 37.20 -39.55 -46.26
CA LYS P 86 37.65 -39.10 -47.58
C LYS P 86 36.69 -39.54 -48.68
N HIS P 87 35.92 -40.60 -48.46
CA HIS P 87 35.00 -41.10 -49.47
C HIS P 87 33.83 -40.17 -49.74
N ILE P 88 33.66 -39.11 -48.95
CA ILE P 88 32.58 -38.17 -49.19
C ILE P 88 32.87 -37.40 -50.47
N ALA P 89 31.91 -37.40 -51.39
CA ALA P 89 32.06 -36.72 -52.67
C ALA P 89 30.76 -36.05 -53.05
N SER P 90 30.87 -34.99 -53.85
CA SER P 90 29.72 -34.22 -54.32
C SER P 90 29.69 -34.22 -55.84
N ARG P 91 28.49 -34.41 -56.39
CA ARG P 91 28.27 -34.41 -57.82
C ARG P 91 27.08 -33.53 -58.15
N ILE P 92 27.15 -32.84 -59.28
CA ILE P 92 26.05 -32.04 -59.79
C ILE P 92 25.66 -32.59 -61.15
N GLU P 93 24.49 -33.20 -61.23
CA GLU P 93 24.00 -33.82 -62.46
C GLU P 93 22.69 -33.16 -62.84
N LYS P 94 22.46 -33.01 -64.15
CA LYS P 94 21.25 -32.36 -64.64
C LYS P 94 20.35 -33.36 -65.34
N GLY P 95 19.04 -33.12 -65.25
CA GLY P 95 18.07 -33.96 -65.90
C GLY P 95 16.97 -33.11 -66.51
N MET P 96 16.17 -33.75 -67.36
CA MET P 96 15.10 -33.06 -68.06
C MET P 96 13.81 -33.86 -67.94
N GLY P 97 12.72 -33.20 -68.34
CA GLY P 97 11.39 -33.79 -68.27
C GLY P 97 10.39 -32.90 -68.97
N THR P 98 9.34 -33.49 -69.53
CA THR P 98 8.36 -32.74 -70.28
C THR P 98 7.30 -32.12 -69.38
N ILE P 99 6.82 -30.95 -69.79
CA ILE P 99 5.77 -30.25 -69.08
C ILE P 99 4.47 -30.72 -69.70
N SER P 100 3.67 -31.46 -68.93
CA SER P 100 2.45 -32.05 -69.45
C SER P 100 1.40 -30.99 -69.71
N GLU P 101 0.76 -31.09 -70.89
CA GLU P 101 -0.34 -30.20 -71.28
C GLU P 101 0.03 -28.73 -71.12
N GLU P 102 1.30 -28.40 -71.38
CA GLU P 102 1.80 -27.03 -71.34
C GLU P 102 1.51 -26.34 -70.00
N GLU P 103 1.37 -27.13 -68.96
CA GLU P 103 1.22 -26.63 -67.60
C GLU P 103 2.14 -27.44 -66.70
N VAL P 104 2.54 -26.85 -65.58
CA VAL P 104 3.42 -27.53 -64.66
C VAL P 104 2.55 -28.31 -63.70
N SER P 105 2.82 -29.60 -63.57
CA SER P 105 2.14 -30.42 -62.58
C SER P 105 3.14 -30.79 -61.51
N GLN P 106 2.61 -31.32 -60.40
CA GLN P 106 3.51 -31.74 -59.34
C GLN P 106 4.36 -32.92 -59.79
N ASP P 107 3.82 -33.75 -60.69
CA ASP P 107 4.53 -34.91 -61.21
C ASP P 107 5.70 -34.49 -62.11
N ASP P 108 5.49 -33.49 -62.96
CA ASP P 108 6.56 -33.04 -63.86
C ASP P 108 7.81 -32.62 -63.09
N MET P 109 7.64 -31.98 -61.94
CA MET P 109 8.80 -31.67 -61.10
C MET P 109 9.46 -32.95 -60.62
N ASP P 110 8.66 -33.88 -60.09
CA ASP P 110 9.22 -35.12 -59.57
C ASP P 110 9.92 -35.91 -60.67
N ARG P 111 9.33 -35.97 -61.87
CA ARG P 111 9.99 -36.65 -62.98
C ARG P 111 11.34 -35.99 -63.27
N ALA P 112 11.38 -34.66 -63.26
CA ALA P 112 12.64 -33.96 -63.48
C ALA P 112 13.63 -34.28 -62.37
N ILE P 113 13.16 -34.31 -61.12
CA ILE P 113 14.01 -34.75 -60.02
C ILE P 113 14.36 -36.23 -60.19
N HIS P 114 13.36 -37.04 -60.56
CA HIS P 114 13.60 -38.47 -60.74
C HIS P 114 14.56 -38.73 -61.88
N THR P 115 14.57 -37.88 -62.91
CA THR P 115 15.52 -38.04 -64.02
C THR P 115 16.94 -37.68 -63.59
N ALA P 116 17.10 -36.78 -62.63
CA ALA P 116 18.41 -36.34 -62.16
C ALA P 116 19.03 -37.18 -61.03
N LYS P 117 18.23 -37.83 -60.18
CA LYS P 117 18.78 -38.46 -58.96
C LYS P 117 19.52 -39.78 -59.17
N SER P 118 18.81 -40.82 -59.64
CA SER P 118 19.35 -42.17 -59.79
C SER P 118 20.42 -42.23 -60.87
N ILE P 119 21.66 -42.56 -60.50
CA ILE P 119 22.73 -42.64 -61.47
C ILE P 119 23.53 -43.92 -61.26
N LYS P 120 24.45 -44.17 -62.19
CA LYS P 120 25.32 -45.33 -62.17
C LYS P 120 26.60 -44.95 -61.44
N ILE P 121 26.64 -45.31 -60.15
CA ILE P 121 27.75 -44.94 -59.27
C ILE P 121 28.61 -46.13 -58.89
N GLY P 122 28.16 -47.35 -59.15
CA GLY P 122 28.84 -48.54 -58.71
C GLY P 122 28.25 -49.09 -57.43
N ASP P 123 28.56 -50.35 -57.15
CA ASP P 123 28.02 -50.97 -55.95
C ASP P 123 28.81 -50.59 -54.70
N GLU P 124 30.00 -50.04 -54.87
CA GLU P 124 30.82 -49.64 -53.74
C GLU P 124 30.38 -48.29 -53.17
N GLN P 125 29.83 -47.42 -54.01
CA GLN P 125 29.36 -46.11 -53.56
C GLN P 125 27.85 -46.15 -53.28
N ARG P 126 27.37 -45.11 -52.60
CA ARG P 126 25.96 -45.03 -52.24
C ARG P 126 25.58 -43.58 -52.01
N ILE P 127 24.42 -43.19 -52.56
CA ILE P 127 23.93 -41.81 -52.42
C ILE P 127 23.49 -41.54 -50.99
N LEU P 128 23.70 -40.30 -50.55
CA LEU P 128 23.35 -39.88 -49.19
C LEU P 128 22.33 -38.76 -49.15
N HIS P 129 22.48 -37.76 -50.02
CA HIS P 129 21.59 -36.60 -50.01
C HIS P 129 21.24 -36.22 -51.43
N VAL P 130 20.00 -35.78 -51.63
CA VAL P 130 19.54 -35.25 -52.90
C VAL P 130 19.04 -33.84 -52.63
N ILE P 131 19.71 -32.85 -53.21
CA ILE P 131 19.42 -31.45 -52.97
C ILE P 131 19.10 -30.79 -54.31
N PRO P 132 17.83 -30.56 -54.62
CA PRO P 132 17.49 -29.83 -55.84
C PRO P 132 17.88 -28.37 -55.71
N GLN P 133 18.44 -27.82 -56.79
CA GLN P 133 18.85 -26.43 -56.84
C GLN P 133 17.90 -25.68 -57.79
N GLU P 134 18.39 -24.62 -58.41
CA GLU P 134 17.55 -23.82 -59.30
C GLU P 134 17.13 -24.64 -60.52
N PHE P 135 15.88 -24.47 -60.91
CA PHE P 135 15.34 -25.15 -62.09
C PHE P 135 15.75 -24.37 -63.34
N THR P 136 15.33 -24.85 -64.51
CA THR P 136 15.65 -24.14 -65.74
C THR P 136 14.61 -24.51 -66.79
N ILE P 137 13.77 -23.54 -67.16
CA ILE P 137 12.72 -23.69 -68.15
C ILE P 137 13.08 -22.84 -69.35
N ASP P 138 13.14 -23.46 -70.54
CA ASP P 138 13.43 -22.84 -71.83
C ASP P 138 14.13 -21.49 -71.78
N TYR P 139 15.38 -21.47 -71.29
CA TYR P 139 16.22 -20.27 -71.28
C TYR P 139 15.78 -19.23 -70.26
N GLN P 140 15.08 -19.63 -69.20
CA GLN P 140 14.73 -18.67 -68.16
C GLN P 140 15.77 -18.77 -67.07
N GLU P 141 16.40 -17.62 -66.76
CA GLU P 141 17.60 -17.56 -65.95
C GLU P 141 17.40 -18.09 -64.54
N GLY P 142 17.34 -19.41 -64.42
CA GLY P 142 17.29 -20.03 -63.11
C GLY P 142 16.05 -19.66 -62.33
N ILE P 143 15.09 -20.57 -62.31
CA ILE P 143 13.88 -20.41 -61.51
C ILE P 143 14.02 -21.40 -60.37
N LYS P 144 13.73 -20.95 -59.15
CA LYS P 144 13.94 -21.84 -58.02
C LYS P 144 12.67 -22.57 -57.60
N ASN P 145 11.53 -21.89 -57.66
CA ASN P 145 10.24 -22.48 -57.29
C ASN P 145 9.33 -22.24 -58.47
N PRO P 146 9.37 -23.11 -59.49
CA PRO P 146 8.52 -22.93 -60.66
C PRO P 146 7.18 -23.66 -60.52
N LEU P 147 6.40 -23.23 -59.53
CA LEU P 147 5.08 -23.78 -59.27
C LEU P 147 4.03 -22.93 -59.95
N GLY P 148 3.13 -23.59 -60.69
CA GLY P 148 2.00 -22.94 -61.31
C GLY P 148 2.23 -22.27 -62.65
N LEU P 149 3.48 -22.01 -63.04
CA LEU P 149 3.75 -21.28 -64.27
C LEU P 149 3.57 -22.19 -65.50
N SER P 150 3.75 -21.61 -66.68
CA SER P 150 3.53 -22.29 -67.94
C SER P 150 4.84 -22.44 -68.72
N GLY P 151 4.91 -23.48 -69.53
CA GLY P 151 6.10 -23.76 -70.32
C GLY P 151 5.90 -25.01 -71.14
N VAL P 152 7.01 -25.53 -71.68
CA VAL P 152 6.98 -26.73 -72.50
C VAL P 152 7.90 -27.83 -71.98
N ARG P 153 9.12 -27.48 -71.55
CA ARG P 153 10.02 -28.47 -70.98
C ARG P 153 10.94 -27.78 -69.98
N MET P 154 11.37 -28.55 -68.98
CA MET P 154 12.12 -28.01 -67.85
C MET P 154 13.42 -28.79 -67.64
N GLU P 155 14.33 -28.21 -66.87
CA GLU P 155 15.59 -28.83 -66.51
C GLU P 155 15.93 -28.52 -65.06
N VAL P 156 16.67 -29.43 -64.41
CA VAL P 156 17.02 -29.30 -63.01
C VAL P 156 18.50 -29.59 -62.82
N SER P 157 19.10 -28.89 -61.86
CA SER P 157 20.43 -29.20 -61.36
C SER P 157 20.29 -29.64 -59.90
N VAL P 158 20.80 -30.83 -59.58
CA VAL P 158 20.64 -31.41 -58.24
C VAL P 158 22.02 -31.67 -57.65
N HIS P 159 22.15 -31.41 -56.34
CA HIS P 159 23.37 -31.70 -55.60
C HIS P 159 23.27 -33.08 -54.98
N LEU P 160 24.27 -33.93 -55.24
CA LEU P 160 24.31 -35.31 -54.77
C LEU P 160 25.51 -35.52 -53.87
N ILE P 161 25.28 -36.06 -52.67
CA ILE P 161 26.33 -36.44 -51.74
C ILE P 161 26.43 -37.95 -51.70
N SER P 162 27.64 -38.48 -51.95
CA SER P 162 27.87 -39.92 -51.97
C SER P 162 29.07 -40.27 -51.11
N CYS P 163 29.09 -41.53 -50.63
CA CYS P 163 30.17 -42.02 -49.78
C CYS P 163 30.38 -43.50 -50.08
N HIS P 164 31.54 -44.00 -49.65
CA HIS P 164 31.83 -45.43 -49.74
C HIS P 164 30.79 -46.21 -48.92
N ASN P 165 30.17 -47.20 -49.57
CA ASN P 165 29.10 -47.94 -48.91
C ASN P 165 29.62 -48.78 -47.75
N ASP P 166 30.78 -49.42 -47.94
CA ASP P 166 31.32 -50.29 -46.90
C ASP P 166 31.59 -49.51 -45.62
N MET P 167 32.21 -48.33 -45.73
CA MET P 167 32.43 -47.50 -44.55
C MET P 167 31.12 -46.97 -43.98
N ALA P 168 30.08 -46.85 -44.80
CA ALA P 168 28.77 -46.44 -44.27
C ALA P 168 28.02 -47.62 -43.65
N ARG P 169 28.14 -48.80 -44.26
CA ARG P 169 27.48 -49.98 -43.70
C ARG P 169 28.00 -50.31 -42.31
N ASN P 170 29.32 -50.23 -42.12
CA ASN P 170 29.90 -50.60 -40.83
C ASN P 170 29.48 -49.65 -39.72
N ILE P 171 29.32 -48.37 -40.04
CA ILE P 171 28.84 -47.41 -39.03
C ILE P 171 27.42 -47.79 -38.61
N ILE P 172 26.59 -48.22 -39.55
CA ILE P 172 25.26 -48.71 -39.21
C ILE P 172 25.36 -50.00 -38.41
N LYS P 173 26.27 -50.90 -38.80
CA LYS P 173 26.42 -52.17 -38.09
C LYS P 173 26.80 -51.96 -36.63
N ALA P 174 27.65 -50.96 -36.35
CA ALA P 174 28.04 -50.68 -34.97
C ALA P 174 26.84 -50.26 -34.13
N VAL P 175 25.99 -49.38 -34.67
CA VAL P 175 24.83 -48.92 -33.93
C VAL P 175 23.82 -50.05 -33.77
N GLU P 176 23.65 -50.85 -34.83
CA GLU P 176 22.70 -51.97 -34.77
C GLU P 176 23.08 -52.97 -33.68
N ARG P 177 24.39 -53.15 -33.44
CA ARG P 177 24.83 -54.07 -32.39
C ARG P 177 24.48 -53.56 -31.00
N CYS P 178 24.20 -52.26 -30.86
CA CYS P 178 23.82 -51.67 -29.59
C CYS P 178 22.30 -51.65 -29.37
N GLY P 179 21.57 -52.49 -30.08
CA GLY P 179 20.12 -52.54 -29.94
C GLY P 179 19.38 -51.34 -30.52
N LEU P 180 20.09 -50.45 -31.21
CA LEU P 180 19.48 -49.25 -31.79
C LEU P 180 19.30 -49.42 -33.29
N LYS P 181 18.34 -48.66 -33.83
CA LYS P 181 18.06 -48.65 -35.26
C LYS P 181 18.31 -47.25 -35.82
N VAL P 182 19.04 -47.18 -36.93
CA VAL P 182 19.35 -45.91 -37.56
C VAL P 182 18.22 -45.53 -38.50
N GLU P 183 17.86 -44.24 -38.50
CA GLU P 183 16.83 -43.74 -39.41
C GLU P 183 17.42 -43.23 -40.70
N GLN P 184 18.46 -42.39 -40.62
CA GLN P 184 19.10 -41.85 -41.80
C GLN P 184 20.53 -41.42 -41.45
N LEU P 185 21.42 -41.59 -42.41
CA LEU P 185 22.80 -41.14 -42.29
C LEU P 185 22.91 -39.72 -42.82
N VAL P 186 23.66 -38.89 -42.10
CA VAL P 186 23.79 -37.47 -42.41
C VAL P 186 25.27 -37.12 -42.50
N PHE P 187 25.65 -36.39 -43.54
CA PHE P 187 27.01 -35.91 -43.68
C PHE P 187 27.35 -34.92 -42.57
N SER P 188 28.49 -35.16 -41.91
CA SER P 188 28.88 -34.35 -40.75
C SER P 188 28.97 -32.87 -41.11
N GLY P 189 29.69 -32.55 -42.18
CA GLY P 189 29.84 -31.15 -42.57
C GLY P 189 28.51 -30.48 -42.87
N LEU P 190 27.53 -31.25 -43.32
CA LEU P 190 26.20 -30.70 -43.52
C LEU P 190 25.52 -30.42 -42.18
N ALA P 191 25.61 -31.37 -41.25
CA ALA P 191 25.10 -31.15 -39.91
C ALA P 191 25.91 -30.08 -39.18
N SER P 192 27.23 -30.10 -39.36
CA SER P 192 28.06 -29.05 -38.76
C SER P 192 27.74 -27.68 -39.32
N SER P 193 27.21 -27.61 -40.54
CA SER P 193 26.76 -26.35 -41.12
C SER P 193 25.32 -26.01 -40.74
N ASN P 194 24.51 -27.01 -40.40
CA ASN P 194 23.09 -26.79 -40.15
C ASN P 194 22.81 -26.14 -38.79
N ALA P 195 23.81 -26.01 -37.92
CA ALA P 195 23.59 -25.41 -36.62
C ALA P 195 24.68 -24.42 -36.23
N VAL P 196 25.38 -23.85 -37.20
CA VAL P 196 26.43 -22.86 -36.94
C VAL P 196 26.19 -21.67 -37.86
N ILE P 197 25.29 -21.85 -38.82
CA ILE P 197 25.01 -20.83 -39.83
C ILE P 197 23.62 -20.27 -39.59
N THR P 198 23.49 -18.94 -39.66
CA THR P 198 22.21 -18.28 -39.71
C THR P 198 21.80 -18.05 -41.15
N GLU P 199 20.49 -18.02 -41.39
CA GLU P 199 19.98 -17.89 -42.76
C GLU P 199 20.56 -16.67 -43.46
N ASP P 200 20.75 -15.57 -42.72
CA ASP P 200 21.36 -14.38 -43.30
C ASP P 200 22.75 -14.68 -43.84
N GLU P 201 23.49 -15.59 -43.20
CA GLU P 201 24.84 -15.92 -43.68
C GLU P 201 24.79 -16.67 -45.01
N ARG P 202 23.77 -17.52 -45.19
CA ARG P 202 23.69 -18.34 -46.40
C ARG P 202 23.60 -17.50 -47.67
N GLU P 203 22.80 -16.44 -47.66
CA GLU P 203 22.58 -15.67 -48.88
C GLU P 203 23.84 -14.94 -49.34
N LEU P 204 24.71 -14.53 -48.41
CA LEU P 204 25.95 -13.86 -48.80
C LEU P 204 27.06 -14.83 -49.15
N GLY P 205 27.03 -16.06 -48.62
CA GLY P 205 28.07 -17.00 -48.96
C GLY P 205 29.01 -17.34 -47.82
N VAL P 206 28.98 -18.60 -47.37
CA VAL P 206 29.80 -19.07 -46.26
C VAL P 206 30.42 -20.40 -46.64
N CYS P 207 31.58 -20.69 -46.06
CA CYS P 207 32.24 -21.98 -46.18
C CYS P 207 32.59 -22.44 -44.78
N VAL P 208 31.92 -23.48 -44.30
CA VAL P 208 32.22 -24.05 -43.01
C VAL P 208 33.25 -25.16 -43.15
N VAL P 209 33.86 -25.52 -42.03
CA VAL P 209 34.85 -26.60 -42.00
C VAL P 209 34.99 -27.12 -40.57
N ASP P 210 34.47 -28.31 -40.33
CA ASP P 210 34.50 -28.94 -38.99
C ASP P 210 35.91 -29.46 -38.74
N ILE P 211 36.70 -28.67 -38.04
CA ILE P 211 38.07 -29.08 -37.70
C ILE P 211 37.96 -30.06 -36.53
N GLY P 212 37.95 -31.34 -36.83
CA GLY P 212 37.83 -32.39 -35.84
C GLY P 212 39.18 -32.96 -35.45
N ALA P 213 39.17 -34.23 -35.03
CA ALA P 213 40.39 -34.96 -34.72
C ALA P 213 40.86 -35.83 -35.87
N GLY P 214 40.22 -35.76 -37.04
CA GLY P 214 40.54 -36.67 -38.11
C GLY P 214 40.06 -36.24 -39.48
N THR P 215 38.94 -35.53 -39.52
CA THR P 215 38.31 -35.14 -40.79
C THR P 215 38.17 -33.63 -40.86
N MET P 216 38.41 -33.09 -42.05
CA MET P 216 38.24 -31.68 -42.38
C MET P 216 36.98 -31.61 -43.22
N ASP P 217 35.83 -31.43 -42.57
CA ASP P 217 34.55 -31.47 -43.27
C ASP P 217 34.22 -30.07 -43.78
N ILE P 218 34.46 -29.83 -45.06
CA ILE P 218 34.26 -28.52 -45.66
C ILE P 218 32.97 -28.55 -46.48
N SER P 219 32.16 -27.50 -46.31
CA SER P 219 30.92 -27.32 -47.08
C SER P 219 30.86 -25.85 -47.50
N ILE P 220 30.54 -25.62 -48.77
CA ILE P 220 30.51 -24.28 -49.34
C ILE P 220 29.09 -23.90 -49.71
N TRP P 221 28.66 -22.73 -49.24
CA TRP P 221 27.32 -22.22 -49.49
C TRP P 221 27.43 -20.83 -50.09
N THR P 222 26.72 -20.59 -51.20
CA THR P 222 26.53 -19.24 -51.72
C THR P 222 25.08 -19.14 -52.21
N GLY P 223 24.47 -17.98 -51.97
CA GLY P 223 23.10 -17.77 -52.39
C GLY P 223 22.08 -18.68 -51.71
N GLY P 224 22.39 -19.20 -50.54
CA GLY P 224 21.46 -20.04 -49.81
C GLY P 224 21.31 -21.46 -50.32
N ALA P 225 22.31 -22.00 -51.02
CA ALA P 225 22.24 -23.37 -51.51
C ALA P 225 23.58 -24.05 -51.33
N LEU P 226 23.54 -25.36 -51.11
CA LEU P 226 24.75 -26.17 -50.98
C LEU P 226 25.33 -26.44 -52.35
N ARG P 227 26.52 -25.89 -52.62
CA ARG P 227 27.12 -25.98 -53.95
C ARG P 227 28.24 -27.01 -54.02
N HIS P 228 29.05 -27.15 -52.98
CA HIS P 228 30.13 -28.13 -52.99
C HIS P 228 30.24 -28.79 -51.62
N THR P 229 30.76 -30.02 -51.62
CA THR P 229 30.96 -30.80 -50.41
C THR P 229 32.24 -31.61 -50.57
N GLU P 230 33.16 -31.46 -49.63
CA GLU P 230 34.44 -32.14 -49.67
C GLU P 230 34.89 -32.46 -48.25
N VAL P 231 35.70 -33.50 -48.11
CA VAL P 231 36.23 -33.89 -46.82
C VAL P 231 37.72 -34.15 -46.99
N PHE P 232 38.52 -33.60 -46.09
CA PHE P 232 39.95 -33.81 -46.04
C PHE P 232 40.31 -34.46 -44.71
N SER P 233 41.32 -35.31 -44.74
CA SER P 233 41.81 -35.84 -43.48
C SER P 233 42.77 -34.83 -42.85
N TYR P 234 43.33 -35.18 -41.69
CA TYR P 234 44.23 -34.31 -40.95
C TYR P 234 43.63 -33.01 -40.48
N ALA P 235 43.27 -33.04 -39.20
CA ALA P 235 42.72 -31.96 -38.41
C ALA P 235 43.46 -32.10 -37.08
N GLY P 236 42.75 -32.16 -35.96
CA GLY P 236 43.36 -32.34 -34.65
C GLY P 236 44.59 -33.25 -34.60
N ASN P 237 44.42 -34.53 -34.96
CA ASN P 237 45.47 -35.51 -34.77
C ASN P 237 46.74 -35.19 -35.55
N ALA P 238 46.62 -34.44 -36.65
CA ALA P 238 47.80 -34.13 -37.46
C ALA P 238 48.82 -33.31 -36.68
N VAL P 239 48.37 -32.18 -36.12
CA VAL P 239 49.28 -31.33 -35.35
C VAL P 239 49.68 -32.00 -34.05
N THR P 240 48.82 -32.87 -33.50
CA THR P 240 49.19 -33.64 -32.32
C THR P 240 50.42 -34.49 -32.59
N SER P 241 50.43 -35.22 -33.70
CA SER P 241 51.59 -36.04 -34.05
C SER P 241 52.81 -35.18 -34.36
N ASP P 242 52.61 -33.99 -34.94
CA ASP P 242 53.75 -33.13 -35.28
C ASP P 242 54.52 -32.72 -34.03
N ILE P 243 53.80 -32.35 -32.97
CA ILE P 243 54.44 -31.96 -31.72
C ILE P 243 55.24 -33.13 -31.15
N ALA P 244 54.63 -34.32 -31.14
CA ALA P 244 55.29 -35.49 -30.56
C ALA P 244 56.52 -35.92 -31.34
N PHE P 245 56.47 -35.82 -32.68
CA PHE P 245 57.60 -36.30 -33.47
C PHE P 245 58.78 -35.34 -33.44
N ALA P 246 58.54 -34.05 -33.24
CA ALA P 246 59.61 -33.07 -33.29
C ALA P 246 60.21 -32.80 -31.91
N PHE P 247 59.58 -33.28 -30.84
CA PHE P 247 60.05 -33.04 -29.48
C PHE P 247 60.40 -34.32 -28.73
N GLY P 248 60.18 -35.50 -29.33
CA GLY P 248 60.43 -36.74 -28.64
C GLY P 248 59.48 -37.02 -27.49
N THR P 249 58.23 -36.62 -27.62
CA THR P 249 57.19 -36.74 -26.61
C THR P 249 56.21 -37.85 -27.01
N PRO P 250 55.66 -38.59 -26.05
CA PRO P 250 54.60 -39.54 -26.39
C PRO P 250 53.32 -38.82 -26.78
N LEU P 251 52.49 -39.50 -27.56
CA LEU P 251 51.24 -38.92 -28.05
C LEU P 251 50.33 -38.52 -26.90
N SER P 252 50.18 -39.40 -25.91
CA SER P 252 49.29 -39.12 -24.79
C SER P 252 49.68 -37.83 -24.06
N ASP P 253 50.97 -37.49 -24.08
CA ASP P 253 51.44 -36.26 -23.44
C ASP P 253 51.46 -35.08 -24.41
N ALA P 254 51.82 -35.31 -25.67
CA ALA P 254 51.88 -34.23 -26.66
C ALA P 254 50.51 -33.61 -26.90
N GLU P 255 49.45 -34.40 -26.82
CA GLU P 255 48.10 -33.84 -26.98
C GLU P 255 47.78 -32.86 -25.86
N GLU P 256 48.09 -33.23 -24.62
CA GLU P 256 47.78 -32.35 -23.49
C GLU P 256 48.53 -31.03 -23.59
N ILE P 257 49.75 -31.06 -24.13
CA ILE P 257 50.48 -29.82 -24.36
C ILE P 257 49.78 -28.99 -25.44
N LYS P 258 49.29 -29.67 -26.48
CA LYS P 258 48.57 -28.98 -27.55
C LYS P 258 47.31 -28.31 -27.05
N VAL P 259 46.53 -29.00 -26.21
CA VAL P 259 45.20 -28.50 -25.86
C VAL P 259 45.29 -27.24 -25.01
N LYS P 260 46.28 -27.14 -24.13
CA LYS P 260 46.35 -26.00 -23.22
C LYS P 260 47.54 -25.07 -23.45
N TYR P 261 48.54 -25.48 -24.23
CA TYR P 261 49.71 -24.63 -24.43
C TYR P 261 49.97 -24.36 -25.91
N GLY P 262 49.11 -24.86 -26.80
CA GLY P 262 49.31 -24.67 -28.21
C GLY P 262 48.85 -23.30 -28.68
N CYS P 263 49.51 -22.82 -29.74
CA CYS P 263 49.13 -21.57 -30.37
C CYS P 263 49.31 -21.72 -31.87
N ALA P 264 48.33 -21.22 -32.64
CA ALA P 264 48.36 -21.36 -34.09
C ALA P 264 49.21 -20.29 -34.77
N LEU P 265 49.59 -19.24 -34.06
CA LEU P 265 50.47 -18.20 -34.59
C LEU P 265 51.67 -18.03 -33.67
N SER P 266 52.87 -18.15 -34.24
CA SER P 266 54.11 -18.08 -33.47
C SER P 266 54.50 -16.66 -33.09
N GLU P 267 53.54 -15.73 -33.05
CA GLU P 267 53.81 -14.35 -32.68
C GLU P 267 53.06 -13.88 -31.45
N LEU P 268 52.00 -14.57 -31.05
CA LEU P 268 51.23 -14.18 -29.87
C LEU P 268 51.88 -14.61 -28.56
N VAL P 269 52.82 -15.55 -28.58
CA VAL P 269 53.45 -16.05 -27.37
C VAL P 269 54.62 -15.17 -26.97
N SER P 270 54.69 -14.82 -25.69
CA SER P 270 55.83 -14.09 -25.16
C SER P 270 57.02 -15.00 -24.97
N LYS P 271 58.22 -14.45 -25.15
CA LYS P 271 59.44 -15.23 -25.05
C LYS P 271 59.75 -15.72 -23.64
N ASP P 272 58.94 -15.35 -22.64
CA ASP P 272 59.15 -15.85 -21.28
C ASP P 272 58.32 -17.08 -20.96
N ASP P 273 57.27 -17.36 -21.74
CA ASP P 273 56.46 -18.55 -21.53
C ASP P 273 57.27 -19.80 -21.83
N THR P 274 57.13 -20.81 -20.96
CA THR P 274 57.84 -22.07 -21.11
C THR P 274 56.91 -23.21 -20.77
N VAL P 275 57.11 -24.35 -21.44
CA VAL P 275 56.29 -25.53 -21.26
C VAL P 275 57.18 -26.67 -20.79
N ASN P 276 56.56 -27.68 -20.18
CA ASN P 276 57.25 -28.87 -19.69
C ASN P 276 56.90 -30.04 -20.61
N VAL P 277 57.83 -30.39 -21.48
CA VAL P 277 57.66 -31.49 -22.44
C VAL P 277 58.29 -32.73 -21.85
N PRO P 278 57.52 -33.75 -21.44
CA PRO P 278 58.11 -34.97 -20.92
C PRO P 278 58.76 -35.78 -22.04
N SER P 279 59.88 -36.42 -21.72
CA SER P 279 60.61 -37.22 -22.68
C SER P 279 59.98 -38.62 -22.75
N VAL P 280 60.63 -39.53 -23.47
CA VAL P 280 60.06 -40.83 -23.79
C VAL P 280 60.86 -41.93 -23.07
N GLY P 281 60.15 -42.76 -22.31
CA GLY P 281 60.76 -43.90 -21.66
C GLY P 281 61.52 -43.59 -20.39
N GLY P 282 60.87 -42.95 -19.42
CA GLY P 282 61.47 -42.66 -18.14
C GLY P 282 62.66 -41.71 -18.22
N ARG P 283 62.87 -41.12 -19.38
CA ARG P 283 63.98 -40.21 -19.61
C ARG P 283 63.72 -38.86 -18.93
N PRO P 284 64.77 -38.06 -18.74
CA PRO P 284 64.59 -36.76 -18.07
C PRO P 284 63.66 -35.83 -18.85
N SER P 285 62.55 -35.47 -18.23
CA SER P 285 61.60 -34.55 -18.84
C SER P 285 62.19 -33.15 -18.89
N ARG P 286 62.10 -32.50 -20.04
CA ARG P 286 62.71 -31.19 -20.26
C ARG P 286 61.65 -30.11 -20.37
N SER P 287 62.09 -28.87 -20.19
CA SER P 287 61.24 -27.70 -20.30
C SER P 287 61.75 -26.84 -21.45
N LEU P 288 60.91 -26.67 -22.48
CA LEU P 288 61.29 -25.92 -23.68
C LEU P 288 60.47 -24.65 -23.78
N GLN P 289 60.84 -23.83 -24.77
CA GLN P 289 60.16 -22.56 -24.99
C GLN P 289 58.76 -22.79 -25.55
N ARG P 290 57.77 -22.09 -24.97
CA ARG P 290 56.41 -22.17 -25.50
C ARG P 290 56.32 -21.63 -26.91
N GLN P 291 57.23 -20.72 -27.27
CA GLN P 291 57.25 -20.20 -28.64
C GLN P 291 57.70 -21.29 -29.61
N THR P 292 58.66 -22.13 -29.20
CA THR P 292 59.09 -23.23 -30.05
C THR P 292 57.96 -24.22 -30.30
N LEU P 293 57.08 -24.42 -29.33
CA LEU P 293 55.93 -25.29 -29.54
C LEU P 293 54.99 -24.70 -30.58
N ALA P 294 54.69 -23.41 -30.46
CA ALA P 294 53.86 -22.73 -31.45
C ALA P 294 54.55 -22.64 -32.80
N GLU P 295 55.88 -22.67 -32.82
CA GLU P 295 56.64 -22.64 -34.07
C GLU P 295 56.43 -23.89 -34.91
N VAL P 296 55.88 -24.95 -34.33
CA VAL P 296 55.60 -26.20 -35.04
C VAL P 296 54.13 -26.22 -35.44
N ILE P 297 53.28 -25.63 -34.60
CA ILE P 297 51.84 -25.63 -34.85
C ILE P 297 51.46 -24.67 -35.97
N GLU P 298 52.22 -23.57 -36.12
CA GLU P 298 51.90 -22.59 -37.16
C GLU P 298 51.92 -23.18 -38.57
N PRO P 299 52.98 -23.86 -39.03
CA PRO P 299 52.97 -24.35 -40.42
C PRO P 299 51.87 -25.35 -40.72
N ARG P 300 51.47 -26.17 -39.75
CA ARG P 300 50.40 -27.14 -40.00
C ARG P 300 49.05 -26.45 -40.19
N TYR P 301 48.69 -25.54 -39.28
CA TYR P 301 47.43 -24.82 -39.42
C TYR P 301 47.45 -23.94 -40.66
N THR P 302 48.61 -23.36 -41.00
CA THR P 302 48.69 -22.56 -42.21
C THR P 302 48.45 -23.40 -43.46
N GLU P 303 48.99 -24.61 -43.50
CA GLU P 303 48.73 -25.48 -44.64
C GLU P 303 47.29 -25.99 -44.63
N LEU P 304 46.76 -26.30 -43.45
CA LEU P 304 45.37 -26.77 -43.37
C LEU P 304 44.42 -25.74 -43.95
N MET P 305 44.64 -24.46 -43.67
CA MET P 305 43.81 -23.42 -44.25
C MET P 305 44.10 -23.25 -45.73
N GLY P 306 45.35 -23.48 -46.15
CA GLY P 306 45.69 -23.40 -47.55
C GLY P 306 44.93 -24.41 -48.39
N LEU P 307 44.69 -25.59 -47.84
CA LEU P 307 43.87 -26.59 -48.53
C LEU P 307 42.43 -26.12 -48.65
N VAL P 308 41.92 -25.43 -47.63
CA VAL P 308 40.57 -24.88 -47.71
C VAL P 308 40.52 -23.73 -48.72
N ASN P 309 41.50 -22.84 -48.66
CA ASN P 309 41.54 -21.71 -49.59
C ASN P 309 41.65 -22.20 -51.03
N GLN P 310 42.53 -23.18 -51.26
CA GLN P 310 42.68 -23.75 -52.60
C GLN P 310 41.37 -24.40 -53.06
N THR P 311 40.64 -25.02 -52.13
CA THR P 311 39.33 -25.56 -52.48
C THR P 311 38.36 -24.45 -52.87
N ILE P 312 38.39 -23.32 -52.15
CA ILE P 312 37.53 -22.19 -52.48
C ILE P 312 37.80 -21.70 -53.89
N ASP P 313 39.07 -21.58 -54.26
CA ASP P 313 39.41 -21.07 -55.58
C ASP P 313 38.90 -21.98 -56.68
N ASN P 314 39.04 -23.29 -56.51
CA ASN P 314 38.58 -24.23 -57.52
C ASN P 314 37.05 -24.28 -57.61
N VAL P 315 36.36 -24.05 -56.49
CA VAL P 315 34.90 -24.02 -56.53
C VAL P 315 34.40 -22.71 -57.12
N GLN P 316 35.02 -21.59 -56.74
CA GLN P 316 34.62 -20.30 -57.29
C GLN P 316 34.86 -20.23 -58.78
N ALA P 317 35.91 -20.88 -59.28
CA ALA P 317 36.21 -20.86 -60.72
C ALA P 317 35.09 -21.52 -61.52
N LYS P 318 34.70 -22.74 -61.15
CA LYS P 318 33.62 -23.44 -61.85
C LYS P 318 32.30 -22.70 -61.71
N LEU P 319 32.14 -21.90 -60.66
CA LEU P 319 30.92 -21.13 -60.44
C LEU P 319 30.79 -19.97 -61.42
N ARG P 320 31.87 -19.57 -62.07
CA ARG P 320 31.81 -18.49 -63.06
C ARG P 320 31.37 -18.97 -64.43
N GLU P 321 31.68 -20.21 -64.79
CA GLU P 321 31.33 -20.74 -66.12
C GLU P 321 29.83 -21.06 -66.15
N ASN P 322 29.06 -20.14 -66.74
CA ASN P 322 27.61 -20.19 -66.78
C ASN P 322 26.97 -20.42 -65.40
N GLY P 323 27.68 -20.07 -64.33
CA GLY P 323 27.22 -20.35 -62.99
C GLY P 323 26.43 -19.20 -62.39
N VAL P 324 26.04 -19.40 -61.13
CA VAL P 324 25.36 -18.38 -60.35
C VAL P 324 26.32 -17.59 -59.47
N LYS P 325 25.88 -17.26 -58.26
CA LYS P 325 26.65 -16.42 -57.33
C LYS P 325 28.06 -16.95 -57.15
N HIS P 326 29.05 -16.06 -57.33
CA HIS P 326 30.45 -16.45 -57.39
C HIS P 326 31.23 -16.22 -56.10
N HIS P 327 30.83 -15.25 -55.27
CA HIS P 327 31.61 -14.94 -54.09
C HIS P 327 30.89 -15.34 -52.81
N LEU P 328 31.69 -15.66 -51.79
CA LEU P 328 31.23 -15.95 -50.43
C LEU P 328 31.54 -14.73 -49.58
N ALA P 329 30.53 -13.90 -49.32
CA ALA P 329 30.76 -12.63 -48.63
C ALA P 329 31.05 -12.83 -47.15
N ALA P 330 30.25 -13.66 -46.47
CA ALA P 330 30.41 -13.86 -45.04
C ALA P 330 31.66 -14.65 -44.68
N GLY P 331 32.42 -15.13 -45.66
CA GLY P 331 33.71 -15.73 -45.37
C GLY P 331 33.62 -17.17 -44.89
N VAL P 332 34.57 -17.53 -44.03
CA VAL P 332 34.75 -18.89 -43.54
C VAL P 332 34.46 -18.94 -42.05
N VAL P 333 33.82 -20.02 -41.62
CA VAL P 333 33.46 -20.22 -40.21
C VAL P 333 34.12 -21.50 -39.74
N LEU P 334 35.01 -21.38 -38.76
CA LEU P 334 35.70 -22.52 -38.18
C LEU P 334 34.88 -23.12 -37.05
N THR P 335 34.86 -24.46 -36.97
CA THR P 335 34.17 -25.17 -35.91
C THR P 335 34.89 -26.49 -35.67
N GLY P 336 34.38 -27.26 -34.71
CA GLY P 336 35.00 -28.51 -34.33
C GLY P 336 35.95 -28.35 -33.15
N GLY P 337 36.61 -29.46 -32.83
CA GLY P 337 37.49 -29.47 -31.66
C GLY P 337 38.78 -28.72 -31.86
N ALA P 338 39.54 -29.05 -32.90
CA ALA P 338 40.84 -28.43 -33.11
C ALA P 338 40.74 -26.97 -33.52
N ALA P 339 39.53 -26.45 -33.73
CA ALA P 339 39.33 -25.03 -33.96
C ALA P 339 39.36 -24.22 -32.66
N GLN P 340 39.62 -24.87 -31.52
CA GLN P 340 39.63 -24.23 -30.22
C GLN P 340 41.01 -23.70 -29.83
N ILE P 341 42.07 -24.07 -30.56
CA ILE P 341 43.40 -23.64 -30.21
C ILE P 341 43.53 -22.13 -30.38
N GLU P 342 44.43 -21.53 -29.61
CA GLU P 342 44.61 -20.08 -29.63
C GLU P 342 45.28 -19.66 -30.93
N GLY P 343 44.69 -18.68 -31.61
CA GLY P 343 45.24 -18.14 -32.82
C GLY P 343 44.72 -18.71 -34.12
N VAL P 344 43.55 -19.37 -34.10
CA VAL P 344 42.97 -19.88 -35.34
C VAL P 344 42.61 -18.73 -36.27
N VAL P 345 41.90 -17.73 -35.75
CA VAL P 345 41.45 -16.61 -36.57
C VAL P 345 42.62 -15.83 -37.14
N GLU P 346 43.75 -15.83 -36.44
CA GLU P 346 44.89 -15.03 -36.90
C GLU P 346 45.57 -15.69 -38.10
N CYS P 347 45.80 -17.00 -38.04
CA CYS P 347 46.43 -17.71 -39.15
C CYS P 347 45.44 -18.16 -40.21
N ALA P 348 44.13 -17.95 -40.00
CA ALA P 348 43.15 -18.21 -41.05
C ALA P 348 42.92 -16.97 -41.90
N GLU P 349 42.83 -15.79 -41.27
CA GLU P 349 42.75 -14.53 -41.99
C GLU P 349 44.01 -14.25 -42.80
N ARG P 350 45.09 -14.97 -42.55
CA ARG P 350 46.35 -14.74 -43.24
C ARG P 350 46.40 -15.35 -44.63
N VAL P 351 45.68 -16.43 -44.89
CA VAL P 351 45.80 -17.15 -46.16
C VAL P 351 44.76 -16.71 -47.17
N PHE P 352 43.48 -16.56 -46.79
CA PHE P 352 42.49 -16.07 -47.73
C PHE P 352 42.11 -14.61 -47.54
N ARG P 353 42.47 -14.00 -46.41
CA ARG P 353 42.18 -12.58 -46.14
C ARG P 353 40.68 -12.27 -46.24
N ASN P 354 39.87 -13.17 -45.72
CA ASN P 354 38.41 -13.02 -45.74
C ASN P 354 37.87 -12.95 -44.31
N GLN P 355 36.55 -12.84 -44.19
CA GLN P 355 35.93 -12.78 -42.88
C GLN P 355 36.08 -14.13 -42.19
N VAL P 356 36.44 -14.12 -40.92
CA VAL P 356 36.71 -15.34 -40.16
C VAL P 356 36.09 -15.22 -38.77
N ARG P 357 35.45 -16.30 -38.34
CA ARG P 357 34.93 -16.40 -36.98
C ARG P 357 35.06 -17.86 -36.54
N VAL P 358 34.85 -18.09 -35.26
CA VAL P 358 34.81 -19.43 -34.70
C VAL P 358 33.36 -19.67 -34.28
N GLY P 359 32.65 -20.48 -35.05
CA GLY P 359 31.23 -20.63 -34.85
C GLY P 359 30.91 -21.66 -33.78
N LYS P 360 29.99 -21.30 -32.91
CA LYS P 360 29.46 -22.16 -31.88
C LYS P 360 28.00 -22.50 -32.17
N PRO P 361 27.47 -23.58 -31.60
CA PRO P 361 26.06 -23.92 -31.84
C PRO P 361 25.14 -22.79 -31.42
N LEU P 362 24.14 -22.52 -32.26
CA LEU P 362 23.17 -21.47 -32.04
C LEU P 362 21.78 -22.08 -31.84
N GLU P 363 20.85 -21.24 -31.38
CA GLU P 363 19.47 -21.64 -31.12
C GLU P 363 19.41 -22.93 -30.31
N VAL P 364 19.93 -22.87 -29.10
CA VAL P 364 19.97 -24.01 -28.18
C VAL P 364 19.15 -23.66 -26.95
N SER P 365 18.46 -24.66 -26.40
CA SER P 365 17.62 -24.50 -25.23
C SER P 365 17.83 -25.69 -24.30
N GLY P 366 17.95 -25.42 -23.01
CA GLY P 366 18.16 -26.46 -22.03
C GLY P 366 19.57 -27.01 -22.07
N LEU P 367 20.16 -27.24 -20.90
CA LEU P 367 21.53 -27.77 -20.81
C LEU P 367 22.51 -26.94 -21.62
N THR P 368 22.34 -25.61 -21.57
CA THR P 368 23.18 -24.71 -22.36
C THR P 368 24.59 -24.54 -21.81
N ASP P 369 25.01 -25.37 -20.87
CA ASP P 369 26.38 -25.32 -20.36
C ASP P 369 27.28 -26.40 -20.97
N TYR P 370 26.73 -27.58 -21.26
CA TYR P 370 27.47 -28.66 -21.89
C TYR P 370 27.25 -28.74 -23.39
N VAL P 371 26.61 -27.72 -23.98
CA VAL P 371 26.42 -27.65 -25.42
C VAL P 371 26.79 -26.21 -25.78
N LYS P 372 28.04 -25.86 -25.49
CA LYS P 372 28.56 -24.52 -25.70
C LYS P 372 29.80 -24.49 -26.59
N GLU P 373 30.72 -25.43 -26.40
CA GLU P 373 31.97 -25.40 -27.16
C GLU P 373 31.76 -25.90 -28.58
N PRO P 374 32.59 -25.45 -29.53
CA PRO P 374 32.34 -25.77 -30.95
C PRO P 374 32.37 -27.26 -31.28
N TYR P 375 33.08 -28.08 -30.50
CA TYR P 375 33.16 -29.50 -30.84
C TYR P 375 31.81 -30.22 -30.72
N HIS P 376 30.78 -29.53 -30.24
CA HIS P 376 29.43 -30.06 -30.17
C HIS P 376 28.63 -29.81 -31.45
N SER P 377 29.20 -29.07 -32.41
CA SER P 377 28.45 -28.64 -33.58
C SER P 377 27.91 -29.82 -34.38
N THR P 378 28.78 -30.81 -34.67
CA THR P 378 28.35 -31.96 -35.45
C THR P 378 27.20 -32.70 -34.80
N ALA P 379 27.17 -32.76 -33.47
CA ALA P 379 26.09 -33.46 -32.77
C ALA P 379 24.79 -32.67 -32.84
N VAL P 380 24.85 -31.37 -32.55
CA VAL P 380 23.63 -30.56 -32.53
C VAL P 380 23.06 -30.37 -33.93
N GLY P 381 23.88 -30.46 -34.97
CA GLY P 381 23.36 -30.41 -36.33
C GLY P 381 22.51 -31.62 -36.68
N LEU P 382 22.82 -32.78 -36.10
CA LEU P 382 21.98 -33.96 -36.30
C LEU P 382 20.58 -33.73 -35.75
N LEU P 383 20.45 -32.98 -34.64
CA LEU P 383 19.13 -32.67 -34.11
C LEU P 383 18.38 -31.72 -35.03
N HIS P 384 19.08 -30.73 -35.60
CA HIS P 384 18.44 -29.81 -36.54
C HIS P 384 17.93 -30.53 -37.77
N TYR P 385 18.75 -31.40 -38.36
CA TYR P 385 18.33 -32.11 -39.57
C TYR P 385 17.18 -33.06 -39.28
N ALA P 386 17.29 -33.84 -38.21
CA ALA P 386 16.23 -34.79 -37.86
C ALA P 386 14.95 -34.10 -37.44
N ARG P 387 15.01 -32.81 -37.07
CA ARG P 387 13.80 -32.09 -36.70
C ARG P 387 12.91 -31.84 -37.89
N ASP P 388 13.48 -31.80 -39.09
CA ASP P 388 12.72 -31.50 -40.31
C ASP P 388 12.47 -32.78 -41.08
N SER P 389 11.22 -32.97 -41.50
CA SER P 389 10.81 -34.15 -42.26
C SER P 389 9.36 -34.01 -42.70
N UNK Q 30 -24.64 10.71 56.18
CA UNK Q 30 -25.85 11.53 56.28
C UNK Q 30 -27.10 10.72 55.94
N UNK Q 31 -28.24 11.40 55.90
CA UNK Q 31 -29.54 10.78 55.66
C UNK Q 31 -30.25 11.47 54.52
N UNK Q 32 -29.55 11.59 53.39
CA UNK Q 32 -30.13 12.14 52.16
C UNK Q 32 -29.30 11.70 50.97
N UNK Q 33 -28.13 11.11 51.24
CA UNK Q 33 -27.28 10.56 50.21
C UNK Q 33 -27.73 9.15 49.83
N UNK Q 34 -27.37 8.75 48.61
CA UNK Q 34 -27.71 7.42 48.09
C UNK Q 34 -26.93 6.36 48.86
N UNK Q 35 -27.66 5.43 49.48
CA UNK Q 35 -27.08 4.41 50.37
C UNK Q 35 -26.89 3.08 49.63
N UNK Q 36 -25.93 3.07 48.73
CA UNK Q 36 -25.53 1.86 48.02
C UNK Q 36 -24.30 1.32 48.75
N UNK Q 37 -24.56 0.42 49.70
CA UNK Q 37 -23.52 -0.22 50.51
C UNK Q 37 -22.38 -0.79 49.67
N UNK R 30 18.95 14.63 -34.00
CA UNK R 30 17.52 14.93 -33.83
C UNK R 30 17.33 16.36 -33.31
N UNK R 31 16.08 16.72 -33.04
CA UNK R 31 15.71 18.07 -32.62
C UNK R 31 14.90 18.04 -31.33
N UNK R 32 15.42 17.34 -30.33
CA UNK R 32 14.80 17.31 -29.01
C UNK R 32 15.83 16.86 -27.98
N UNK R 33 17.01 16.49 -28.46
CA UNK R 33 18.11 16.09 -27.60
C UNK R 33 18.80 17.31 -27.02
N UNK R 34 19.41 17.13 -25.84
CA UNK R 34 20.16 18.21 -25.23
C UNK R 34 21.42 18.43 -26.07
N UNK R 35 21.57 19.63 -26.62
CA UNK R 35 22.67 19.90 -27.56
C UNK R 35 23.79 20.67 -26.85
N UNK R 36 24.44 19.99 -25.90
CA UNK R 36 25.68 20.52 -25.36
C UNK R 36 26.81 19.68 -25.96
N UNK R 37 27.18 20.01 -27.19
CA UNK R 37 28.25 19.33 -27.91
C UNK R 37 29.58 19.40 -27.16
#